data_7O7S
#
_entry.id   7O7S
#
_cell.length_a   1.00
_cell.length_b   1.00
_cell.length_c   1.00
_cell.angle_alpha   90.00
_cell.angle_beta   90.00
_cell.angle_gamma   90.00
#
_symmetry.space_group_name_H-M   'P 1'
#
loop_
_entity.id
_entity.type
_entity.pdbx_description
1 polymer Alpha-2-macroglobulin
2 branched 2-acetamido-2-deoxy-beta-D-glucopyranose-(1-4)-2-acetamido-2-deoxy-beta-D-glucopyranose
3 branched beta-D-mannopyranose-(1-4)-2-acetamido-2-deoxy-beta-D-glucopyranose-(1-4)-2-acetamido-2-deoxy-beta-D-glucopyranose
4 branched alpha-D-mannopyranose-(1-6)-beta-D-mannopyranose-(1-4)-2-acetamido-2-deoxy-beta-D-glucopyranose-(1-4)-2-acetamido-2-deoxy-beta-D-glucopyranose
5 non-polymer 2-acetamido-2-deoxy-beta-D-glucopyranose
#
_entity_poly.entity_id   1
_entity_poly.type   'polypeptide(L)'
_entity_poly.pdbx_seq_one_letter_code
;MGKNKLLHPSLVLLLLVLLPTDASVSGKPQYMVLVPSLLHTETTEKGCVLLSYLNETVTVSASLESVRGNRSLFTDLEAE
NDVLHCVAFAVPKSSSNEEVMFLTVQVKGPTQEFKKRTTVMVKNEDSLVFVQTDKSIYKPGQTVKFRVVSMDENFHPLNE
LIPLVYIQDPKGNRIAQWQSFQLEGGLKQFSFPLSSEPFQGSYKVVVQKKSGGRTEHPFTVEEFVLPKFEVQVTVPKIIT
ILEEEMNVSVCGLYTYGKPVPGHVTVSICRKYSDASDCHGEDSQAFCEKFSGQLNSHGCFYQQVKTKVFQLKRKEYEMKL
HTEAQIQEEGTVVELTGRQSSEITRTITKLSFVKVDSHFRQGIPFFGQVRLVDGKGVPIPNKVIFIRGNEANYYSNATTD
EHGLVQFSINTTNVMGTSLTVRVNYKDRSPCYGYQWVSEEHEEAHHTAYLVFSPSKSFVHLEPMSHELPCGHTQTVQAHY
ILNGGTLLGLKKLSFYYLIMAKGGIVRTGTHGLLVKQEDMKGHFSISIPVKSDIAPVARLLIYAVLPTGDVIGDSAKYDV
ENCLANKVDLSFSPSQSLPASHAHLRVTAAPQSVCALRAVDQSVLLMKPDAELSASSVYNLLPEKDLTGFPGPLNDQDNE
DCINRHNVYINGITYTPVSSTNEKDMYSFLEDMGLKAFTNSKIRKPKMCPQLQQYEMHGPEGLRVGFYESDVMGRGHARL
VHVEEPHTETVRKYFPETWIWDLVVVNSAGVAEVGVTVPDTITEWKAGAFCLSEDAGLGISSTASLRAFQPFFVELTMPY
SVIRGEAFTLKATVLNYLPKCIRVSVQLEASPAFLAVPVEKEQAPHCICANGRQTVSWAVTPKSLGNVNFTVSAEALESQ
ELCGTEVPSVPEHGRKDTVIKPLLVEPEGLEKETTFNSLLCPSGGEVSEELSLKLPPNVVEESARASVSVLGDILGSAMQ
NTQNLLQMPYGCGEQNMVLFAPNIYVLDYLNETQQLTPEIKSKAIGYLNTGYQRQLNYKHYDGSYSTFGERYGRNQGNTW
LTAFVLKTFAQARAYIFIDEAHITQALIWLSQRQKDNGCFRSSGSLLNNAIKGGVEDEVTLSAYITIALLEIPLTVTHPV
VRNALFCLESAWKTAQEGDHGSHVYTKALLAYAFALAGNQDKRKEVLKSLNEEAVKKDNSVHWERPQKPKAPVGHFYEPQ
APSAEVEMTSYVLLAYLTAQPAPTSEDLTSATNIVKWITKQQNAQGGFSSTQDTVVALHALSKYGAATFTRTGKAAQVTI
QSSGTFSSKFQVDNNNRLLLQQVSLPELPGEYSMKVTGEGCVYLQTSLKYNILPEKEEFPFALGVQTLPQTCDEPKAHTS
FQISLSVSYTGSRSASNMAIVDVKMVSGFIPLKPTVKMLERSNHVSRTEVSSNHVLIYLDKVSNQTLSLFFTVLQDVPVR
DLKPAIVKVYDYYETDEFAIAEYNAPCSKDLGNA
;
_entity_poly.pdbx_strand_id   A,B,C,D
#
loop_
_chem_comp.id
_chem_comp.type
_chem_comp.name
_chem_comp.formula
BMA D-saccharide, beta linking beta-D-mannopyranose 'C6 H12 O6'
MAN D-saccharide, alpha linking alpha-D-mannopyranose 'C6 H12 O6'
NAG D-saccharide, beta linking 2-acetamido-2-deoxy-beta-D-glucopyranose 'C8 H15 N O6'
#
# COMPACT_ATOMS: atom_id res chain seq x y z
N LYS A 28 -21.97 -28.75 -50.31
CA LYS A 28 -22.75 -27.53 -50.30
C LYS A 28 -22.20 -26.58 -51.36
N PRO A 29 -23.06 -25.81 -52.04
CA PRO A 29 -22.58 -25.06 -53.18
C PRO A 29 -21.95 -23.73 -52.77
N GLN A 30 -21.02 -23.24 -53.58
CA GLN A 30 -20.05 -22.26 -53.14
C GLN A 30 -19.98 -21.05 -54.05
N TYR A 31 -19.20 -20.07 -53.57
CA TYR A 31 -19.15 -18.72 -54.11
C TYR A 31 -17.99 -18.03 -53.42
N MET A 32 -17.36 -17.10 -54.10
CA MET A 32 -16.26 -16.38 -53.48
C MET A 32 -15.94 -15.11 -54.27
N VAL A 33 -15.94 -13.96 -53.59
CA VAL A 33 -15.75 -12.65 -54.22
C VAL A 33 -14.57 -11.98 -53.54
N LEU A 34 -13.65 -11.42 -54.33
CA LEU A 34 -12.42 -10.84 -53.80
C LEU A 34 -12.30 -9.40 -54.28
N VAL A 35 -12.18 -8.48 -53.33
CA VAL A 35 -12.26 -7.05 -53.57
C VAL A 35 -11.23 -6.34 -52.71
N PRO A 36 -10.35 -5.51 -53.27
CA PRO A 36 -9.59 -4.57 -52.43
C PRO A 36 -10.51 -3.51 -51.85
N SER A 37 -10.25 -3.12 -50.60
CA SER A 37 -11.15 -2.22 -49.89
C SER A 37 -10.96 -0.76 -50.26
N LEU A 38 -9.76 -0.35 -50.61
CA LEU A 38 -9.60 0.88 -51.35
C LEU A 38 -10.49 0.78 -52.57
N LEU A 39 -11.20 1.85 -52.86
CA LEU A 39 -11.87 2.00 -54.12
C LEU A 39 -11.42 3.31 -54.76
N HIS A 40 -10.86 3.20 -55.94
CA HIS A 40 -10.40 4.33 -56.72
C HIS A 40 -11.56 4.84 -57.57
N THR A 41 -11.29 5.83 -58.43
CA THR A 41 -12.30 6.35 -59.35
C THR A 41 -11.66 6.64 -60.69
N GLU A 42 -12.51 6.92 -61.66
CA GLU A 42 -12.09 7.41 -62.96
C GLU A 42 -11.24 6.39 -63.73
N THR A 43 -11.33 5.14 -63.34
CA THR A 43 -10.89 4.02 -64.17
C THR A 43 -11.57 2.80 -63.59
N THR A 44 -11.37 1.66 -64.24
CA THR A 44 -12.17 0.53 -63.84
C THR A 44 -11.69 0.00 -62.51
N GLU A 45 -12.47 -0.92 -61.97
CA GLU A 45 -12.21 -1.54 -60.68
C GLU A 45 -12.40 -3.03 -60.86
N LYS A 46 -11.36 -3.70 -61.32
CA LYS A 46 -11.39 -5.10 -61.64
C LYS A 46 -11.14 -5.88 -60.35
N GLY A 47 -12.16 -6.61 -59.90
CA GLY A 47 -11.99 -7.63 -58.88
C GLY A 47 -12.54 -8.95 -59.38
N CYS A 48 -12.11 -10.05 -58.74
CA CYS A 48 -12.33 -11.38 -59.27
C CYS A 48 -13.23 -12.18 -58.34
N VAL A 49 -14.02 -13.09 -58.94
CA VAL A 49 -15.11 -13.76 -58.26
C VAL A 49 -15.19 -15.21 -58.75
N LEU A 50 -15.25 -16.13 -57.79
CA LEU A 50 -15.46 -17.55 -58.06
C LEU A 50 -16.86 -17.97 -57.64
N LEU A 51 -17.47 -18.78 -58.50
CA LEU A 51 -18.71 -19.48 -58.21
C LEU A 51 -18.55 -20.90 -58.74
N SER A 52 -19.51 -21.76 -58.38
CA SER A 52 -19.56 -23.13 -58.86
C SER A 52 -20.84 -23.77 -58.34
N TYR A 53 -21.05 -25.05 -58.62
CA TYR A 53 -21.93 -25.82 -57.74
C TYR A 53 -23.39 -25.44 -57.72
N LEU A 54 -24.20 -26.01 -58.61
CA LEU A 54 -25.61 -26.15 -58.28
C LEU A 54 -26.44 -24.87 -58.32
N ASN A 55 -26.99 -24.56 -59.49
CA ASN A 55 -27.92 -23.40 -59.64
C ASN A 55 -27.26 -22.07 -60.00
N GLU A 56 -26.31 -22.04 -60.96
CA GLU A 56 -25.77 -20.80 -61.50
C GLU A 56 -26.86 -19.82 -61.96
N THR A 57 -28.14 -20.09 -61.66
CA THR A 57 -29.20 -19.09 -61.75
C THR A 57 -28.99 -18.05 -60.66
N VAL A 58 -27.90 -17.31 -60.77
CA VAL A 58 -27.34 -16.49 -59.72
C VAL A 58 -26.81 -15.24 -60.40
N THR A 59 -26.73 -14.15 -59.64
CA THR A 59 -25.90 -13.03 -60.02
C THR A 59 -25.23 -12.50 -58.76
N VAL A 60 -23.93 -12.52 -58.77
CA VAL A 60 -23.15 -11.86 -57.73
C VAL A 60 -23.16 -10.36 -58.01
N SER A 61 -22.77 -9.56 -57.02
CA SER A 61 -22.78 -8.11 -57.20
C SER A 61 -21.79 -7.47 -56.24
N ALA A 62 -21.16 -6.38 -56.68
CA ALA A 62 -20.47 -5.45 -55.82
C ALA A 62 -21.27 -4.16 -55.77
N SER A 63 -22.29 -4.12 -54.91
CA SER A 63 -23.16 -2.94 -54.81
C SER A 63 -22.52 -1.89 -53.91
N LEU A 64 -23.11 -0.70 -53.93
CA LEU A 64 -22.50 0.50 -53.38
C LEU A 64 -23.60 1.45 -52.88
N GLU A 65 -23.77 1.50 -51.57
CA GLU A 65 -24.53 2.55 -50.91
C GLU A 65 -23.64 3.24 -49.88
N SER A 66 -23.54 4.56 -50.02
CA SER A 66 -22.53 5.33 -49.30
C SER A 66 -22.99 5.59 -47.87
N VAL A 67 -22.31 6.53 -47.24
CA VAL A 67 -22.16 6.56 -45.81
C VAL A 67 -22.95 7.70 -45.19
N ARG A 68 -23.22 8.75 -45.94
CA ARG A 68 -24.08 9.83 -45.46
C ARG A 68 -24.87 10.41 -46.61
N GLY A 69 -26.08 10.85 -46.30
CA GLY A 69 -26.99 11.33 -47.33
C GLY A 69 -27.51 10.18 -48.15
N ASN A 70 -27.36 10.31 -49.48
CA ASN A 70 -27.83 9.28 -50.45
C ASN A 70 -27.10 9.36 -51.79
N ARG A 71 -26.51 8.25 -52.27
CA ARG A 71 -25.80 8.10 -53.52
C ARG A 71 -25.65 6.59 -53.65
N SER A 72 -25.39 6.12 -54.87
CA SER A 72 -25.15 4.70 -55.01
C SER A 72 -24.54 4.42 -56.37
N LEU A 73 -23.86 3.28 -56.47
CA LEU A 73 -23.37 2.75 -57.73
C LEU A 73 -23.85 1.30 -57.77
N PHE A 74 -25.09 1.10 -58.15
CA PHE A 74 -25.61 -0.25 -58.33
C PHE A 74 -25.16 -0.80 -59.67
N THR A 75 -24.81 -2.08 -59.68
CA THR A 75 -24.33 -2.75 -60.87
C THR A 75 -24.50 -4.24 -60.63
N ASP A 76 -24.56 -5.01 -61.72
CA ASP A 76 -24.82 -6.44 -61.68
C ASP A 76 -23.62 -7.21 -62.24
N LEU A 77 -23.48 -8.48 -61.82
CA LEU A 77 -22.42 -9.36 -62.29
C LEU A 77 -22.96 -10.77 -62.42
N GLU A 78 -22.60 -11.43 -63.51
CA GLU A 78 -23.11 -12.75 -63.84
C GLU A 78 -22.69 -13.79 -62.81
N ALA A 79 -23.11 -15.02 -63.08
CA ALA A 79 -22.75 -16.18 -62.28
C ALA A 79 -22.83 -17.43 -63.14
N GLU A 80 -21.69 -17.91 -63.63
CA GLU A 80 -21.56 -19.27 -64.14
C GLU A 80 -20.53 -20.02 -63.31
N ASN A 81 -20.65 -21.34 -63.31
CA ASN A 81 -19.88 -22.15 -62.39
C ASN A 81 -18.40 -22.13 -62.72
N ASP A 82 -17.59 -22.17 -61.66
CA ASP A 82 -16.14 -22.39 -61.68
C ASP A 82 -15.40 -21.73 -62.83
N VAL A 83 -15.77 -20.49 -63.14
CA VAL A 83 -15.00 -19.65 -64.05
C VAL A 83 -14.74 -18.34 -63.32
N LEU A 84 -13.49 -17.89 -63.32
CA LEU A 84 -13.10 -16.66 -62.62
C LEU A 84 -13.23 -15.47 -63.57
N HIS A 85 -14.46 -15.22 -64.00
CA HIS A 85 -14.76 -14.06 -64.84
C HIS A 85 -14.86 -12.83 -63.94
N CYS A 86 -13.94 -11.89 -64.13
CA CYS A 86 -13.74 -10.78 -63.19
C CYS A 86 -14.39 -9.52 -63.75
N VAL A 87 -15.47 -9.05 -63.10
CA VAL A 87 -16.09 -7.77 -63.45
C VAL A 87 -15.06 -6.67 -63.31
N ALA A 88 -15.21 -5.64 -64.12
CA ALA A 88 -14.42 -4.42 -64.00
C ALA A 88 -15.40 -3.26 -63.91
N PHE A 89 -15.91 -3.00 -62.71
CA PHE A 89 -16.76 -1.85 -62.45
C PHE A 89 -15.87 -0.63 -62.20
N ALA A 90 -16.51 0.50 -61.89
CA ALA A 90 -15.78 1.75 -61.76
C ALA A 90 -16.61 2.74 -60.96
N VAL A 91 -15.97 3.82 -60.54
CA VAL A 91 -16.60 4.84 -59.70
C VAL A 91 -16.20 6.22 -60.19
N PRO A 92 -17.13 7.20 -60.11
CA PRO A 92 -16.75 8.60 -60.35
C PRO A 92 -16.56 9.38 -59.07
N LYS A 93 -16.21 10.65 -59.23
CA LYS A 93 -15.90 11.52 -58.11
C LYS A 93 -17.12 11.71 -57.20
N SER A 94 -16.93 12.49 -56.15
CA SER A 94 -17.90 12.71 -55.10
C SER A 94 -17.86 14.18 -54.70
N SER A 95 -18.63 14.52 -53.67
CA SER A 95 -18.54 15.85 -53.09
C SER A 95 -17.24 16.01 -52.31
N SER A 96 -17.06 15.19 -51.29
CA SER A 96 -15.92 15.30 -50.40
C SER A 96 -14.81 14.39 -50.90
N ASN A 97 -13.57 14.71 -50.51
CA ASN A 97 -12.40 14.07 -51.08
C ASN A 97 -12.35 12.57 -50.81
N GLU A 98 -12.19 12.19 -49.54
CA GLU A 98 -11.90 10.81 -49.15
C GLU A 98 -13.02 10.28 -48.28
N GLU A 99 -14.08 9.79 -48.91
CA GLU A 99 -15.23 9.25 -48.21
C GLU A 99 -14.93 7.80 -47.87
N VAL A 100 -15.89 7.18 -47.21
CA VAL A 100 -15.95 5.74 -47.10
C VAL A 100 -17.21 5.28 -47.83
N MET A 101 -17.28 3.98 -48.08
CA MET A 101 -18.50 3.41 -48.61
C MET A 101 -18.61 1.96 -48.19
N PHE A 102 -19.82 1.45 -48.20
CA PHE A 102 -20.08 0.04 -47.96
C PHE A 102 -20.07 -0.69 -49.30
N LEU A 103 -19.56 -1.92 -49.30
CA LEU A 103 -19.61 -2.80 -50.47
C LEU A 103 -20.46 -3.99 -50.06
N THR A 104 -21.73 -3.96 -50.45
CA THR A 104 -22.70 -4.98 -50.05
C THR A 104 -22.79 -5.99 -51.20
N VAL A 105 -22.48 -7.24 -50.91
CA VAL A 105 -22.50 -8.29 -51.92
C VAL A 105 -23.86 -8.94 -51.92
N GLN A 106 -24.33 -9.30 -53.11
CA GLN A 106 -25.68 -9.81 -53.31
C GLN A 106 -25.58 -10.96 -54.32
N VAL A 107 -25.41 -12.18 -53.80
CA VAL A 107 -25.53 -13.41 -54.57
C VAL A 107 -26.88 -14.03 -54.26
N LYS A 108 -27.74 -14.14 -55.27
CA LYS A 108 -29.09 -14.65 -55.11
C LYS A 108 -29.30 -15.77 -56.12
N GLY A 109 -29.14 -17.00 -55.66
CA GLY A 109 -29.55 -18.15 -56.42
C GLY A 109 -31.06 -18.28 -56.45
N PRO A 110 -31.59 -19.42 -56.96
CA PRO A 110 -33.03 -19.53 -57.22
C PRO A 110 -34.04 -19.75 -56.10
N THR A 111 -33.61 -20.21 -54.93
CA THR A 111 -34.62 -20.53 -53.93
C THR A 111 -34.42 -19.85 -52.58
N GLN A 112 -33.19 -19.46 -52.22
CA GLN A 112 -32.89 -18.95 -50.90
C GLN A 112 -32.27 -17.56 -51.01
N GLU A 113 -32.48 -16.73 -49.96
CA GLU A 113 -32.03 -15.35 -49.93
C GLU A 113 -30.64 -15.27 -49.33
N PHE A 114 -29.85 -14.31 -49.81
CA PHE A 114 -28.44 -14.27 -49.43
C PHE A 114 -27.81 -12.96 -49.89
N LYS A 115 -27.02 -12.35 -49.00
CA LYS A 115 -26.22 -11.16 -49.31
C LYS A 115 -25.15 -11.04 -48.21
N LYS A 116 -24.47 -9.88 -48.15
CA LYS A 116 -23.80 -9.41 -46.92
C LYS A 116 -23.22 -8.03 -47.18
N ARG A 117 -23.10 -7.25 -46.10
CA ARG A 117 -22.52 -5.92 -46.06
C ARG A 117 -21.11 -5.94 -45.48
N THR A 118 -20.34 -4.92 -45.84
CA THR A 118 -19.10 -4.59 -45.15
C THR A 118 -18.97 -3.07 -45.18
N THR A 119 -17.77 -2.57 -44.90
CA THR A 119 -17.43 -1.17 -45.03
C THR A 119 -16.12 -1.07 -45.80
N VAL A 120 -16.05 -0.14 -46.74
CA VAL A 120 -15.04 -0.16 -47.80
C VAL A 120 -14.52 1.25 -48.05
N MET A 121 -13.28 1.32 -48.52
CA MET A 121 -12.60 2.59 -48.68
C MET A 121 -12.80 3.11 -50.09
N VAL A 122 -13.22 4.37 -50.17
CA VAL A 122 -13.33 5.10 -51.43
C VAL A 122 -12.45 6.33 -51.36
N LYS A 123 -12.30 7.02 -52.48
CA LYS A 123 -11.59 8.28 -52.50
C LYS A 123 -11.85 9.03 -53.80
N ASN A 124 -12.28 10.28 -53.72
CA ASN A 124 -12.09 11.18 -54.86
C ASN A 124 -10.60 11.30 -55.00
N GLU A 125 -10.04 10.50 -55.91
CA GLU A 125 -8.61 10.12 -55.78
C GLU A 125 -7.76 11.26 -56.31
N ASP A 126 -6.51 11.36 -55.85
CA ASP A 126 -5.58 12.13 -56.62
C ASP A 126 -5.15 11.31 -57.80
N SER A 127 -4.79 12.00 -58.85
CA SER A 127 -3.97 11.38 -59.85
C SER A 127 -2.55 11.26 -59.29
N LEU A 128 -1.64 10.79 -60.12
CA LEU A 128 -0.21 10.89 -59.83
C LEU A 128 0.37 11.79 -60.90
N VAL A 129 0.55 13.05 -60.54
CA VAL A 129 0.79 14.11 -61.49
C VAL A 129 2.04 14.84 -61.07
N PHE A 130 2.76 15.31 -62.06
CA PHE A 130 4.16 15.56 -61.86
C PHE A 130 4.70 16.37 -63.03
N VAL A 131 6.02 16.49 -63.09
CA VAL A 131 6.67 17.39 -64.08
C VAL A 131 8.08 16.86 -64.36
N GLN A 132 8.48 16.77 -65.64
CA GLN A 132 9.89 16.76 -65.93
C GLN A 132 10.14 18.06 -66.69
N THR A 133 11.17 18.80 -66.26
CA THR A 133 11.37 20.18 -66.69
C THR A 133 12.46 20.26 -67.72
N ASP A 134 12.68 21.48 -68.21
CA ASP A 134 13.67 21.67 -69.27
C ASP A 134 15.07 21.37 -68.78
N LYS A 135 15.45 21.95 -67.65
CA LYS A 135 16.84 21.99 -67.25
C LYS A 135 16.91 22.04 -65.74
N SER A 136 18.14 21.93 -65.22
CA SER A 136 18.40 21.75 -63.79
C SER A 136 19.00 22.98 -63.12
N ILE A 137 19.29 24.04 -63.87
CA ILE A 137 19.44 25.40 -63.32
C ILE A 137 19.48 26.37 -64.51
N TYR A 138 18.91 27.55 -64.31
CA TYR A 138 18.64 28.51 -65.38
C TYR A 138 19.23 29.86 -64.99
N LYS A 139 19.86 30.56 -65.98
CA LYS A 139 20.54 31.82 -65.66
C LYS A 139 19.58 33.00 -65.73
N PRO A 140 19.89 34.10 -65.06
CA PRO A 140 19.05 35.31 -65.18
C PRO A 140 18.92 35.77 -66.62
N GLY A 141 17.69 36.02 -67.05
CA GLY A 141 17.38 36.46 -68.39
C GLY A 141 16.90 35.37 -69.31
N GLN A 142 17.08 34.11 -68.93
CA GLN A 142 16.66 32.97 -69.74
C GLN A 142 15.15 32.74 -69.58
N THR A 143 14.66 31.57 -69.99
CA THR A 143 13.34 31.12 -69.61
C THR A 143 13.47 29.85 -68.79
N VAL A 144 12.32 29.31 -68.43
CA VAL A 144 12.23 28.04 -67.72
C VAL A 144 10.92 27.39 -68.13
N LYS A 145 11.00 26.13 -68.57
CA LYS A 145 9.91 25.48 -69.29
C LYS A 145 9.83 24.03 -68.86
N PHE A 146 8.68 23.40 -69.09
CA PHE A 146 8.45 22.04 -68.65
C PHE A 146 7.22 21.49 -69.35
N ARG A 147 6.84 20.29 -68.94
CA ARG A 147 5.63 19.63 -69.39
C ARG A 147 5.08 18.81 -68.22
N VAL A 148 3.91 18.21 -68.41
CA VAL A 148 3.08 17.76 -67.30
C VAL A 148 2.28 16.53 -67.75
N VAL A 149 1.84 15.75 -66.77
CA VAL A 149 1.26 14.43 -67.00
C VAL A 149 0.36 14.10 -65.83
N SER A 150 -0.61 13.21 -66.06
CA SER A 150 -1.47 12.71 -65.01
C SER A 150 -1.99 11.33 -65.40
N MET A 151 -2.52 10.60 -64.41
CA MET A 151 -2.90 9.20 -64.59
C MET A 151 -4.09 8.84 -63.71
N ASP A 152 -4.59 7.63 -63.92
CA ASP A 152 -5.53 6.89 -63.08
C ASP A 152 -4.79 5.64 -62.61
N GLU A 153 -5.49 4.68 -61.99
CA GLU A 153 -4.83 3.45 -61.58
C GLU A 153 -4.19 2.80 -62.79
N ASN A 154 -5.00 2.36 -63.72
CA ASN A 154 -4.50 2.08 -65.06
C ASN A 154 -3.73 3.30 -65.57
N PHE A 155 -2.76 3.07 -66.44
CA PHE A 155 -1.96 4.12 -67.03
C PHE A 155 -2.15 4.22 -68.53
N HIS A 156 -3.39 4.03 -68.99
CA HIS A 156 -3.86 4.67 -70.20
C HIS A 156 -3.97 6.15 -69.83
N PRO A 157 -3.08 7.04 -70.34
CA PRO A 157 -2.97 8.38 -69.74
C PRO A 157 -4.24 9.23 -69.81
N LEU A 158 -4.66 9.71 -68.65
CA LEU A 158 -5.93 10.42 -68.47
C LEU A 158 -5.85 11.86 -68.94
N ASN A 159 -7.03 12.42 -69.24
CA ASN A 159 -7.19 13.83 -69.59
C ASN A 159 -8.29 14.43 -68.73
N GLU A 160 -7.97 15.51 -68.02
CA GLU A 160 -8.96 16.20 -67.22
C GLU A 160 -8.58 17.68 -67.09
N LEU A 161 -9.54 18.46 -66.62
CA LEU A 161 -9.41 19.89 -66.40
C LEU A 161 -8.47 20.17 -65.24
N ILE A 162 -7.76 21.29 -65.34
CA ILE A 162 -6.63 21.59 -64.46
C ILE A 162 -6.83 22.99 -63.87
N PRO A 163 -6.88 23.15 -62.54
CA PRO A 163 -7.11 24.50 -62.01
C PRO A 163 -5.95 25.45 -62.21
N LEU A 164 -4.71 24.97 -62.17
CA LEU A 164 -3.60 25.91 -62.02
C LEU A 164 -2.26 25.22 -62.17
N VAL A 165 -1.26 25.99 -62.59
CA VAL A 165 0.16 25.66 -62.45
C VAL A 165 0.86 27.00 -62.28
N TYR A 166 1.48 27.21 -61.12
CA TYR A 166 2.19 28.46 -60.89
C TYR A 166 3.55 28.23 -60.27
N ILE A 167 4.31 29.32 -60.29
CA ILE A 167 5.70 29.35 -59.87
C ILE A 167 5.81 30.43 -58.81
N GLN A 168 6.49 30.11 -57.72
CA GLN A 168 6.72 31.06 -56.63
C GLN A 168 8.15 31.56 -56.69
N ASP A 169 8.35 32.74 -56.12
CA ASP A 169 9.65 33.36 -55.99
C ASP A 169 10.23 32.66 -54.76
N PRO A 170 11.39 33.03 -54.25
CA PRO A 170 11.86 32.39 -53.00
C PRO A 170 11.06 32.74 -51.75
N LYS A 171 9.97 33.49 -51.91
CA LYS A 171 9.44 34.30 -50.78
C LYS A 171 8.04 33.82 -50.39
N GLY A 172 7.16 33.66 -51.37
CA GLY A 172 5.72 33.75 -51.19
C GLY A 172 5.15 34.63 -52.28
N ASN A 173 5.79 34.62 -53.44
CA ASN A 173 5.59 35.63 -54.46
C ASN A 173 5.48 34.97 -55.83
N ARG A 174 4.41 35.29 -56.54
CA ARG A 174 4.06 34.62 -57.80
C ARG A 174 4.60 35.42 -58.97
N ILE A 175 5.78 35.02 -59.45
CA ILE A 175 6.39 35.69 -60.60
C ILE A 175 5.49 35.62 -61.82
N ALA A 176 4.68 34.58 -61.93
CA ALA A 176 4.01 34.26 -63.18
C ALA A 176 2.87 33.31 -62.87
N GLN A 177 2.04 33.04 -63.87
CA GLN A 177 0.90 32.16 -63.62
C GLN A 177 0.28 31.70 -64.93
N TRP A 178 -0.10 30.43 -64.94
CA TRP A 178 -0.82 29.80 -66.03
C TRP A 178 -1.93 29.01 -65.36
N GLN A 179 -3.15 29.18 -65.84
CA GLN A 179 -4.30 28.82 -65.03
C GLN A 179 -5.45 28.26 -65.85
N SER A 180 -6.19 27.33 -65.23
CA SER A 180 -7.50 26.86 -65.67
C SER A 180 -7.47 26.29 -67.09
N PHE A 181 -6.76 25.16 -67.24
CA PHE A 181 -6.66 24.49 -68.53
C PHE A 181 -6.93 23.00 -68.44
N GLN A 182 -6.70 22.30 -69.55
CA GLN A 182 -7.11 20.91 -69.71
C GLN A 182 -6.07 20.18 -70.54
N LEU A 183 -6.28 18.88 -70.73
CA LEU A 183 -5.34 18.02 -71.44
C LEU A 183 -5.92 17.51 -72.75
N GLU A 184 -5.02 17.25 -73.69
CA GLU A 184 -5.35 16.79 -75.04
C GLU A 184 -4.58 15.54 -75.42
N GLY A 185 -3.39 15.34 -74.84
CA GLY A 185 -2.69 14.07 -74.91
C GLY A 185 -2.37 13.65 -73.50
N GLY A 186 -3.21 14.08 -72.56
CA GLY A 186 -2.87 13.98 -71.16
C GLY A 186 -1.75 14.90 -70.76
N LEU A 187 -1.43 15.89 -71.60
CA LEU A 187 -0.18 16.62 -71.50
C LEU A 187 -0.45 18.10 -71.74
N LYS A 188 0.62 18.88 -71.61
CA LYS A 188 0.70 20.26 -72.09
C LYS A 188 2.11 20.75 -71.89
N GLN A 189 2.55 21.69 -72.73
CA GLN A 189 3.84 22.33 -72.56
C GLN A 189 3.67 23.82 -72.30
N PHE A 190 4.56 24.34 -71.46
CA PHE A 190 4.53 25.72 -71.01
C PHE A 190 5.93 26.28 -71.18
N SER A 191 6.10 27.53 -70.76
CA SER A 191 7.41 28.13 -70.59
C SER A 191 7.33 29.14 -69.47
N PHE A 192 8.47 29.72 -69.13
CA PHE A 192 8.42 30.96 -68.39
C PHE A 192 9.72 31.72 -68.60
N PRO A 193 9.70 32.94 -69.14
CA PRO A 193 10.93 33.71 -69.27
C PRO A 193 11.47 34.17 -67.92
N LEU A 194 12.61 34.87 -67.98
CA LEU A 194 13.25 35.48 -66.83
C LEU A 194 13.60 36.93 -67.12
N SER A 195 13.31 37.81 -66.17
CA SER A 195 13.56 39.24 -66.38
C SER A 195 15.06 39.49 -66.23
N SER A 196 15.45 40.77 -66.21
CA SER A 196 16.86 41.12 -66.30
C SER A 196 17.58 40.94 -64.97
N GLU A 197 17.14 41.64 -63.93
CA GLU A 197 17.75 41.56 -62.59
C GLU A 197 16.72 41.17 -61.52
N PRO A 198 15.99 40.04 -61.70
CA PRO A 198 15.16 39.53 -60.61
C PRO A 198 15.96 38.65 -59.66
N PHE A 199 15.26 37.94 -58.77
CA PHE A 199 15.87 37.20 -57.67
C PHE A 199 16.70 36.05 -58.21
N GLN A 200 17.28 35.25 -57.30
CA GLN A 200 18.16 34.16 -57.69
C GLN A 200 18.04 33.02 -56.68
N GLY A 201 18.21 31.80 -57.20
CA GLY A 201 18.17 30.61 -56.37
C GLY A 201 16.88 29.85 -56.48
N SER A 202 16.13 29.87 -55.39
CA SER A 202 15.03 28.93 -55.17
C SER A 202 13.83 29.46 -55.91
N TYR A 203 13.66 28.94 -57.12
CA TYR A 203 12.51 29.28 -57.94
C TYR A 203 11.49 28.15 -57.82
N LYS A 204 10.67 28.25 -56.78
CA LYS A 204 9.78 27.18 -56.39
C LYS A 204 8.63 27.07 -57.37
N VAL A 205 8.25 25.84 -57.70
CA VAL A 205 7.21 25.58 -58.68
C VAL A 205 6.29 24.49 -58.16
N VAL A 206 4.98 24.65 -58.42
CA VAL A 206 3.93 24.01 -57.64
C VAL A 206 2.69 23.84 -58.49
N VAL A 207 1.84 22.91 -58.08
CA VAL A 207 0.46 22.80 -58.52
C VAL A 207 -0.35 22.17 -57.38
N GLN A 208 -1.65 22.45 -57.38
CA GLN A 208 -2.59 21.78 -56.50
C GLN A 208 -3.68 21.12 -57.32
N LYS A 209 -4.38 20.21 -56.66
CA LYS A 209 -5.52 19.52 -57.20
C LYS A 209 -6.78 20.12 -56.59
N LYS A 210 -7.83 20.21 -57.39
CA LYS A 210 -8.98 21.05 -57.06
C LYS A 210 -9.73 20.61 -55.81
N SER A 211 -9.43 19.44 -55.25
CA SER A 211 -9.89 19.16 -53.91
C SER A 211 -9.00 19.84 -52.88
N GLY A 212 -7.74 20.07 -53.23
CA GLY A 212 -6.80 20.79 -52.39
C GLY A 212 -5.49 20.07 -52.19
N GLY A 213 -5.32 18.92 -52.85
CA GLY A 213 -4.10 18.18 -52.72
C GLY A 213 -3.00 18.83 -53.54
N ARG A 214 -1.86 19.05 -52.91
CA ARG A 214 -0.83 19.91 -53.44
C ARG A 214 0.46 19.15 -53.61
N THR A 215 1.26 19.64 -54.54
CA THR A 215 2.45 18.97 -55.01
C THR A 215 3.54 19.99 -55.22
N GLU A 216 4.74 19.49 -55.49
CA GLU A 216 5.89 20.31 -55.76
C GLU A 216 6.67 19.77 -56.94
N HIS A 217 7.43 20.66 -57.51
CA HIS A 217 8.66 20.31 -58.19
C HIS A 217 9.39 21.63 -58.40
N PRO A 218 10.04 22.12 -57.41
CA PRO A 218 10.81 23.36 -57.58
C PRO A 218 12.10 23.15 -58.34
N PHE A 219 12.88 24.21 -58.45
CA PHE A 219 14.19 24.12 -59.07
C PHE A 219 15.02 25.30 -58.62
N THR A 220 16.18 25.46 -59.24
CA THR A 220 17.25 26.33 -58.78
C THR A 220 17.63 27.34 -59.85
N VAL A 221 18.20 28.46 -59.41
CA VAL A 221 18.55 29.56 -60.30
C VAL A 221 19.79 30.27 -59.78
N GLU A 222 20.87 30.23 -60.55
CA GLU A 222 22.02 31.09 -60.27
C GLU A 222 23.05 30.92 -61.37
N GLU A 223 24.08 31.78 -61.33
CA GLU A 223 25.05 31.93 -62.40
C GLU A 223 26.33 31.15 -62.12
N PHE A 224 27.09 30.89 -63.19
CA PHE A 224 28.26 30.01 -63.17
C PHE A 224 28.90 30.00 -64.55
N VAL A 225 30.18 29.64 -64.59
CA VAL A 225 30.73 29.05 -65.80
C VAL A 225 30.29 27.59 -65.87
N LEU A 226 30.13 27.10 -67.07
CA LEU A 226 29.65 25.72 -67.13
C LEU A 226 30.75 24.76 -66.69
N PRO A 227 30.40 23.56 -66.24
CA PRO A 227 31.40 22.52 -66.04
C PRO A 227 31.66 21.75 -67.32
N LYS A 228 32.74 20.97 -67.28
CA LYS A 228 33.17 20.18 -68.42
C LYS A 228 33.56 18.77 -68.03
N PHE A 229 33.40 18.36 -66.77
CA PHE A 229 33.87 17.04 -66.38
C PHE A 229 33.21 16.54 -65.10
N GLU A 230 32.39 15.51 -65.22
CA GLU A 230 31.83 14.81 -64.07
C GLU A 230 32.83 13.75 -63.63
N VAL A 231 32.92 13.58 -62.33
CA VAL A 231 33.74 12.54 -61.74
C VAL A 231 33.05 12.05 -60.47
N GLN A 232 33.28 10.78 -60.19
CA GLN A 232 32.70 10.06 -59.06
C GLN A 232 33.54 8.80 -58.95
N VAL A 233 34.15 8.61 -57.80
CA VAL A 233 35.29 7.71 -57.72
C VAL A 233 34.90 6.52 -56.87
N THR A 234 35.85 5.65 -56.62
CA THR A 234 35.55 4.28 -56.17
C THR A 234 36.17 4.12 -54.79
N VAL A 235 35.42 4.54 -53.77
CA VAL A 235 35.92 4.70 -52.42
C VAL A 235 34.87 4.12 -51.49
N PRO A 236 35.17 3.77 -50.24
CA PRO A 236 34.14 3.14 -49.43
C PRO A 236 32.98 4.05 -49.11
N LYS A 237 32.04 4.02 -50.06
CA LYS A 237 30.60 4.25 -49.82
C LYS A 237 30.10 3.40 -48.64
N ILE A 238 30.77 2.28 -48.34
CA ILE A 238 30.47 1.52 -47.14
C ILE A 238 31.76 1.02 -46.53
N ILE A 239 32.05 1.46 -45.31
CA ILE A 239 33.03 0.85 -44.45
C ILE A 239 32.26 0.28 -43.26
N THR A 240 32.94 -0.42 -42.37
CA THR A 240 32.30 -0.96 -41.17
C THR A 240 33.36 -1.11 -40.10
N ILE A 241 33.10 -1.98 -39.11
CA ILE A 241 34.01 -2.15 -37.99
C ILE A 241 35.40 -2.57 -38.46
N LEU A 242 35.49 -3.75 -39.07
CA LEU A 242 36.76 -4.48 -39.10
C LEU A 242 37.62 -4.02 -40.27
N GLU A 243 38.42 -2.97 -40.03
CA GLU A 243 39.45 -2.56 -40.96
C GLU A 243 40.69 -2.11 -40.22
N GLU A 244 41.85 -2.36 -40.82
CA GLU A 244 43.10 -1.74 -40.44
C GLU A 244 43.59 -0.74 -41.47
N GLU A 245 42.99 -0.72 -42.66
CA GLU A 245 43.34 0.26 -43.67
C GLU A 245 42.21 0.31 -44.69
N MET A 246 42.47 0.99 -45.82
CA MET A 246 41.41 1.27 -46.77
C MET A 246 42.00 1.44 -48.17
N ASN A 247 41.61 0.53 -49.06
CA ASN A 247 42.00 0.67 -50.49
C ASN A 247 41.14 1.82 -51.03
N VAL A 248 41.74 2.95 -51.35
CA VAL A 248 41.03 4.16 -51.75
C VAL A 248 41.56 4.62 -53.10
N SER A 249 40.69 5.28 -53.86
CA SER A 249 40.98 5.59 -55.26
C SER A 249 40.29 6.88 -55.65
N VAL A 250 40.85 7.56 -56.65
CA VAL A 250 40.22 8.73 -57.25
C VAL A 250 40.33 8.59 -58.76
N CYS A 251 39.31 8.01 -59.38
CA CYS A 251 39.22 7.83 -60.84
C CYS A 251 37.90 8.39 -61.34
N GLY A 252 37.97 9.26 -62.34
CA GLY A 252 36.78 9.83 -62.97
C GLY A 252 37.08 10.26 -64.40
N LEU A 253 36.03 10.62 -65.14
CA LEU A 253 36.15 10.94 -66.55
C LEU A 253 36.07 12.45 -66.79
N TYR A 254 36.33 12.83 -68.04
CA TYR A 254 36.35 14.21 -68.51
C TYR A 254 35.30 14.36 -69.61
N THR A 255 35.32 15.52 -70.28
CA THR A 255 34.69 15.61 -71.59
C THR A 255 35.07 14.40 -72.41
N TYR A 256 34.10 13.75 -73.04
CA TYR A 256 34.39 12.67 -73.98
C TYR A 256 34.96 11.44 -73.31
N GLY A 257 35.16 11.46 -71.99
CA GLY A 257 36.12 10.57 -71.40
C GLY A 257 37.55 10.96 -71.71
N LYS A 258 37.82 12.24 -71.91
CA LYS A 258 39.18 12.71 -72.14
C LYS A 258 39.94 12.63 -70.83
N PRO A 259 41.24 12.90 -70.85
CA PRO A 259 42.01 13.03 -69.60
C PRO A 259 42.17 14.48 -69.15
N VAL A 260 42.74 14.62 -67.96
CA VAL A 260 43.21 15.91 -67.46
C VAL A 260 44.28 15.64 -66.39
N PRO A 261 45.58 16.00 -66.62
CA PRO A 261 46.58 15.86 -65.54
C PRO A 261 46.52 17.02 -64.55
N GLY A 262 47.48 17.04 -63.62
CA GLY A 262 47.62 18.13 -62.66
C GLY A 262 47.79 17.66 -61.24
N HIS A 263 46.82 17.99 -60.39
CA HIS A 263 46.87 17.74 -58.95
C HIS A 263 45.50 17.23 -58.53
N VAL A 264 45.46 16.10 -57.84
CA VAL A 264 44.25 15.56 -57.24
C VAL A 264 44.37 15.67 -55.74
N THR A 265 43.30 16.17 -55.11
CA THR A 265 43.25 16.41 -53.68
C THR A 265 41.84 16.10 -53.20
N VAL A 266 41.74 15.41 -52.07
CA VAL A 266 40.46 14.89 -51.58
C VAL A 266 40.30 15.25 -50.12
N SER A 267 39.06 15.49 -49.73
CA SER A 267 38.68 15.62 -48.33
C SER A 267 38.13 14.28 -47.88
N ILE A 268 38.68 13.80 -46.78
CA ILE A 268 38.34 12.53 -46.17
C ILE A 268 38.19 12.79 -44.68
N CYS A 269 36.95 12.97 -44.23
CA CYS A 269 36.70 13.51 -42.89
C CYS A 269 35.63 12.75 -42.12
N ARG A 270 35.98 12.45 -40.88
CA ARG A 270 35.07 12.00 -39.86
C ARG A 270 34.27 13.17 -39.30
N LYS A 271 33.29 12.85 -38.45
CA LYS A 271 32.53 13.84 -37.71
C LYS A 271 32.27 13.38 -36.28
N TYR A 272 32.04 14.36 -35.39
CA TYR A 272 31.44 14.15 -34.07
C TYR A 272 32.45 13.53 -33.09
N SER A 273 33.66 14.09 -33.08
CA SER A 273 34.71 13.66 -32.17
C SER A 273 34.48 14.28 -30.79
N ASP A 274 35.51 14.25 -29.93
CA ASP A 274 35.39 14.66 -28.54
C ASP A 274 34.83 16.07 -28.37
N ALA A 275 35.17 16.99 -29.27
CA ALA A 275 34.76 18.38 -29.11
C ALA A 275 33.24 18.51 -29.14
N SER A 276 32.71 19.35 -28.24
CA SER A 276 31.28 19.49 -28.04
C SER A 276 30.57 20.24 -29.17
N ASP A 277 31.29 20.72 -30.18
CA ASP A 277 30.73 21.37 -31.38
C ASP A 277 29.74 22.50 -31.03
N CYS A 278 30.08 23.28 -30.01
CA CYS A 278 29.18 24.32 -29.52
C CYS A 278 29.97 25.44 -28.86
N HIS A 279 30.10 26.55 -29.57
CA HIS A 279 30.54 27.86 -29.12
C HIS A 279 32.04 27.98 -28.95
N GLY A 280 32.81 26.89 -29.06
CA GLY A 280 34.26 27.01 -29.04
C GLY A 280 35.00 25.97 -29.85
N GLU A 281 34.27 25.16 -30.61
CA GLU A 281 34.78 23.87 -31.07
C GLU A 281 34.81 23.76 -32.58
N ASP A 282 35.79 23.00 -33.07
CA ASP A 282 35.87 22.55 -34.46
C ASP A 282 35.11 21.23 -34.53
N SER A 283 33.85 21.28 -34.96
CA SER A 283 32.98 20.09 -34.92
C SER A 283 33.53 18.95 -35.77
N GLN A 284 34.27 19.29 -36.82
CA GLN A 284 34.99 18.32 -37.62
C GLN A 284 35.78 17.35 -36.76
N ALA A 285 35.54 16.07 -36.96
CA ALA A 285 36.34 15.02 -36.34
C ALA A 285 37.48 14.65 -37.29
N PHE A 286 38.09 13.49 -37.06
CA PHE A 286 39.33 13.10 -37.71
C PHE A 286 39.23 13.21 -39.23
N CYS A 287 40.34 13.62 -39.83
CA CYS A 287 40.36 14.02 -41.22
C CYS A 287 41.69 13.64 -41.81
N GLU A 288 41.69 13.45 -43.12
CA GLU A 288 42.92 13.41 -43.88
C GLU A 288 42.75 14.25 -45.14
N LYS A 289 43.87 14.59 -45.77
CA LYS A 289 43.88 15.26 -47.06
C LYS A 289 44.83 14.45 -47.92
N PHE A 290 44.33 13.35 -48.47
CA PHE A 290 45.13 12.49 -49.34
C PHE A 290 44.99 12.99 -50.76
N SER A 291 46.12 13.10 -51.45
CA SER A 291 46.21 13.79 -52.73
C SER A 291 47.13 13.06 -53.68
N GLY A 292 47.35 13.67 -54.84
CA GLY A 292 48.32 13.18 -55.79
C GLY A 292 48.33 14.08 -57.01
N GLN A 293 49.17 13.72 -57.97
CA GLN A 293 49.16 14.31 -59.30
C GLN A 293 48.49 13.29 -60.22
N LEU A 294 47.26 13.60 -60.64
CA LEU A 294 46.58 12.75 -61.60
C LEU A 294 47.39 12.59 -62.87
N ASN A 295 47.68 11.33 -63.20
CA ASN A 295 48.36 11.02 -64.46
C ASN A 295 47.64 11.65 -65.64
N SER A 296 48.44 12.14 -66.58
CA SER A 296 47.88 12.57 -67.86
C SER A 296 47.17 11.42 -68.55
N HIS A 297 47.67 10.20 -68.36
CA HIS A 297 47.08 9.00 -68.95
C HIS A 297 46.29 8.26 -67.87
N GLY A 298 45.11 8.77 -67.55
CA GLY A 298 44.12 8.02 -66.78
C GLY A 298 43.72 8.60 -65.44
N CYS A 299 43.82 7.79 -64.39
CA CYS A 299 43.31 8.10 -63.06
C CYS A 299 44.42 7.99 -62.04
N PHE A 300 44.12 8.42 -60.81
CA PHE A 300 45.04 8.36 -59.68
C PHE A 300 44.40 7.54 -58.57
N TYR A 301 45.22 6.75 -57.88
CA TYR A 301 44.79 5.91 -56.79
C TYR A 301 45.67 6.20 -55.57
N GLN A 302 45.20 5.78 -54.39
CA GLN A 302 45.92 6.11 -53.17
C GLN A 302 45.55 5.17 -52.02
N GLN A 303 46.58 4.46 -51.53
CA GLN A 303 46.38 3.51 -50.41
C GLN A 303 46.44 4.26 -49.07
N VAL A 304 45.30 4.38 -48.40
CA VAL A 304 45.18 5.10 -47.15
C VAL A 304 44.94 4.09 -46.04
N LYS A 305 44.82 4.59 -44.82
CA LYS A 305 44.59 3.77 -43.63
C LYS A 305 43.27 4.16 -42.97
N THR A 306 42.88 3.37 -41.97
CA THR A 306 41.75 3.67 -41.10
C THR A 306 42.20 3.83 -39.65
N LYS A 307 43.49 4.06 -39.42
CA LYS A 307 44.04 4.06 -38.07
C LYS A 307 43.68 5.33 -37.31
N VAL A 308 43.93 6.50 -37.93
CA VAL A 308 43.83 7.76 -37.23
C VAL A 308 42.41 8.00 -36.74
N PHE A 309 41.42 7.45 -37.40
CA PHE A 309 40.07 7.99 -37.36
C PHE A 309 39.15 7.26 -36.39
N GLN A 310 39.62 6.19 -35.76
CA GLN A 310 38.85 5.48 -34.73
C GLN A 310 37.52 5.00 -35.31
N LEU A 311 37.66 3.97 -36.12
CA LEU A 311 36.52 3.26 -36.66
C LEU A 311 35.84 2.46 -35.55
N LYS A 312 35.30 3.18 -34.57
CA LYS A 312 35.08 2.65 -33.23
C LYS A 312 33.73 3.17 -32.71
N ARG A 313 33.50 3.00 -31.41
CA ARG A 313 32.18 3.15 -30.80
C ARG A 313 31.55 4.53 -30.96
N LYS A 314 32.08 5.52 -30.24
CA LYS A 314 31.47 6.84 -30.19
C LYS A 314 32.10 7.72 -31.26
N GLU A 315 32.09 7.15 -32.45
CA GLU A 315 32.86 7.65 -33.58
C GLU A 315 31.95 7.57 -34.78
N TYR A 316 31.19 8.64 -35.01
CA TYR A 316 30.03 8.62 -35.87
C TYR A 316 30.46 8.69 -37.32
N GLU A 317 29.48 8.70 -38.22
CA GLU A 317 29.69 8.48 -39.65
C GLU A 317 30.70 9.47 -40.24
N MET A 318 31.25 9.09 -41.38
CA MET A 318 32.42 9.71 -41.98
C MET A 318 32.00 10.34 -43.30
N LYS A 319 32.38 11.61 -43.53
CA LYS A 319 32.01 12.32 -44.74
C LYS A 319 33.24 12.86 -45.44
N LEU A 320 33.36 12.51 -46.71
CA LEU A 320 34.61 12.57 -47.44
C LEU A 320 34.23 13.11 -48.80
N HIS A 321 34.94 14.11 -49.27
CA HIS A 321 34.53 14.80 -50.47
C HIS A 321 35.77 15.12 -51.26
N THR A 322 35.68 15.03 -52.56
CA THR A 322 36.84 14.96 -53.43
C THR A 322 36.76 16.03 -54.49
N GLU A 323 37.92 16.54 -54.85
CA GLU A 323 38.04 17.87 -55.42
C GLU A 323 39.14 17.86 -56.46
N ALA A 324 38.79 18.17 -57.71
CA ALA A 324 39.69 17.99 -58.83
C ALA A 324 40.46 19.28 -59.10
N GLN A 325 41.66 19.39 -58.52
CA GLN A 325 42.52 20.54 -58.80
C GLN A 325 43.14 20.38 -60.19
N ILE A 326 42.28 20.55 -61.20
CA ILE A 326 42.72 20.58 -62.59
C ILE A 326 43.77 21.65 -62.77
N GLN A 327 44.96 21.25 -63.24
CA GLN A 327 46.02 22.23 -63.43
C GLN A 327 45.66 23.16 -64.57
N GLU A 328 46.12 24.42 -64.44
CA GLU A 328 45.93 25.52 -65.37
C GLU A 328 44.49 25.70 -65.88
N GLU A 329 43.49 25.19 -65.14
CA GLU A 329 42.09 25.48 -65.38
C GLU A 329 41.37 25.95 -64.12
N GLY A 330 41.76 25.44 -62.95
CA GLY A 330 41.41 26.05 -61.69
C GLY A 330 40.01 25.78 -61.18
N THR A 331 39.14 25.17 -61.97
CA THR A 331 37.76 24.97 -61.54
C THR A 331 37.66 23.76 -60.63
N VAL A 332 36.97 23.92 -59.51
CA VAL A 332 36.75 22.81 -58.59
C VAL A 332 35.42 22.99 -57.90
N VAL A 333 34.55 21.99 -58.01
CA VAL A 333 33.43 21.80 -57.11
C VAL A 333 33.39 20.31 -56.90
N GLU A 334 32.51 19.84 -56.01
CA GLU A 334 32.47 18.44 -55.62
C GLU A 334 31.04 17.92 -55.65
N LEU A 335 30.86 16.76 -56.30
CA LEU A 335 29.59 16.06 -56.43
C LEU A 335 29.37 15.28 -55.13
N THR A 336 28.50 15.78 -54.25
CA THR A 336 28.35 15.22 -52.91
C THR A 336 27.64 13.85 -52.94
N GLY A 337 28.34 12.82 -53.43
CA GLY A 337 27.85 11.45 -53.39
C GLY A 337 28.48 10.70 -52.23
N ARG A 338 28.11 9.43 -52.07
CA ARG A 338 28.54 8.63 -50.92
C ARG A 338 28.21 9.34 -49.60
N GLN A 339 26.91 9.46 -49.33
CA GLN A 339 26.45 10.28 -48.21
C GLN A 339 26.05 9.50 -46.96
N SER A 340 25.48 8.30 -47.12
CA SER A 340 24.75 7.62 -46.06
C SER A 340 25.24 6.19 -45.81
N SER A 341 26.54 6.02 -45.59
CA SER A 341 27.18 4.70 -45.54
C SER A 341 26.56 3.77 -44.50
N GLU A 342 26.94 2.50 -44.59
CA GLU A 342 26.42 1.43 -43.73
C GLU A 342 27.56 0.89 -42.87
N ILE A 343 27.81 1.58 -41.76
CA ILE A 343 28.65 1.05 -40.69
C ILE A 343 27.77 0.61 -39.55
N THR A 344 28.08 -0.53 -38.96
CA THR A 344 27.54 -0.87 -37.66
C THR A 344 28.49 -1.79 -36.93
N ARG A 345 28.38 -1.77 -35.61
CA ARG A 345 28.87 -2.81 -34.70
C ARG A 345 28.63 -4.20 -35.25
N THR A 346 27.48 -4.37 -35.90
CA THR A 346 27.03 -5.66 -36.38
C THR A 346 27.89 -6.06 -37.56
N ILE A 347 28.53 -7.22 -37.45
CA ILE A 347 29.32 -7.81 -38.52
C ILE A 347 28.88 -9.28 -38.50
N THR A 348 29.45 -10.08 -39.40
CA THR A 348 28.95 -11.43 -39.65
C THR A 348 27.47 -11.38 -40.01
N LYS A 349 27.19 -10.68 -41.10
CA LYS A 349 25.86 -10.18 -41.41
C LYS A 349 25.16 -11.12 -42.40
N LEU A 350 24.67 -12.23 -41.87
CA LEU A 350 24.06 -13.22 -42.76
C LEU A 350 22.69 -12.70 -43.17
N SER A 351 21.96 -13.50 -43.94
CA SER A 351 20.67 -13.08 -44.41
C SER A 351 19.75 -14.27 -44.59
N PHE A 352 18.50 -14.12 -44.13
CA PHE A 352 17.42 -14.86 -44.74
C PHE A 352 17.15 -14.27 -46.12
N VAL A 353 16.83 -15.14 -47.08
CA VAL A 353 16.36 -14.67 -48.38
C VAL A 353 15.04 -15.35 -48.69
N LYS A 354 15.06 -16.66 -48.86
CA LYS A 354 13.88 -17.40 -49.31
C LYS A 354 13.19 -18.02 -48.11
N VAL A 355 12.91 -17.16 -47.15
CA VAL A 355 12.42 -17.60 -45.86
C VAL A 355 10.98 -18.07 -46.00
N ASP A 356 10.48 -18.72 -44.96
CA ASP A 356 9.08 -19.07 -44.85
C ASP A 356 8.50 -18.39 -43.63
N SER A 357 7.36 -17.75 -43.82
CA SER A 357 6.61 -17.11 -42.76
C SER A 357 5.48 -17.99 -42.24
N HIS A 358 5.50 -19.28 -42.56
CA HIS A 358 4.61 -20.24 -41.96
C HIS A 358 5.37 -21.55 -41.81
N PHE A 359 4.66 -22.56 -41.31
CA PHE A 359 5.17 -23.90 -41.05
C PHE A 359 3.96 -24.70 -40.60
N ARG A 360 3.97 -25.99 -40.89
CA ARG A 360 2.79 -26.81 -40.66
C ARG A 360 3.23 -28.23 -40.36
N GLN A 361 2.25 -29.13 -40.21
CA GLN A 361 2.47 -30.45 -39.65
C GLN A 361 2.35 -31.55 -40.69
N GLY A 362 2.51 -31.23 -41.97
CA GLY A 362 2.54 -32.24 -43.00
C GLY A 362 3.55 -31.86 -44.05
N ILE A 363 4.60 -31.16 -43.62
CA ILE A 363 5.36 -30.33 -44.54
C ILE A 363 6.85 -30.31 -44.21
N PRO A 364 7.73 -30.22 -45.21
CA PRO A 364 9.04 -29.59 -44.98
C PRO A 364 8.97 -28.12 -45.32
N PHE A 365 9.36 -27.25 -44.41
CA PHE A 365 9.66 -25.86 -44.75
C PHE A 365 11.16 -25.66 -44.59
N PHE A 366 11.81 -25.28 -45.68
CA PHE A 366 13.26 -25.28 -45.79
C PHE A 366 13.72 -23.88 -46.14
N GLY A 367 14.38 -23.23 -45.18
CA GLY A 367 14.85 -21.88 -45.38
C GLY A 367 16.14 -21.83 -46.16
N GLN A 368 16.08 -21.49 -47.43
CA GLN A 368 17.31 -21.34 -48.20
C GLN A 368 17.99 -20.07 -47.72
N VAL A 369 18.77 -20.19 -46.65
CA VAL A 369 19.16 -19.04 -45.84
C VAL A 369 20.54 -18.55 -46.27
N ARG A 370 20.56 -17.35 -46.82
CA ARG A 370 21.77 -16.68 -47.30
C ARG A 370 22.74 -16.45 -46.14
N LEU A 371 23.98 -16.16 -46.50
CA LEU A 371 24.88 -15.50 -45.58
C LEU A 371 25.87 -14.69 -46.41
N VAL A 372 26.04 -13.43 -46.03
CA VAL A 372 27.03 -12.54 -46.59
C VAL A 372 27.59 -11.73 -45.42
N ASP A 373 28.51 -10.80 -45.68
CA ASP A 373 28.90 -9.85 -44.65
C ASP A 373 29.75 -8.74 -45.23
N GLY A 374 29.67 -7.56 -44.60
CA GLY A 374 30.71 -6.56 -44.70
C GLY A 374 30.86 -5.91 -46.05
N LYS A 375 31.97 -6.22 -46.73
CA LYS A 375 32.18 -5.70 -48.11
C LYS A 375 31.10 -6.28 -49.02
N GLY A 376 30.52 -7.42 -48.64
CA GLY A 376 29.45 -8.01 -49.42
C GLY A 376 29.79 -9.38 -49.99
N VAL A 377 30.59 -10.15 -49.26
CA VAL A 377 30.96 -11.50 -49.69
C VAL A 377 30.96 -12.42 -48.46
N PRO A 378 30.57 -13.69 -48.58
CA PRO A 378 30.80 -14.65 -47.48
C PRO A 378 32.13 -15.39 -47.58
N ILE A 379 32.60 -15.87 -46.43
CA ILE A 379 33.78 -16.73 -46.37
C ILE A 379 33.48 -18.00 -47.16
N PRO A 380 34.45 -18.58 -47.87
CA PRO A 380 34.22 -19.93 -48.39
C PRO A 380 34.13 -20.93 -47.26
N ASN A 381 32.91 -21.42 -47.00
CA ASN A 381 32.65 -22.49 -46.06
C ASN A 381 33.14 -22.13 -44.65
N LYS A 382 32.51 -21.10 -44.09
CA LYS A 382 32.55 -20.84 -42.66
C LYS A 382 31.36 -21.58 -42.06
N VAL A 383 31.70 -22.58 -41.23
CA VAL A 383 30.70 -23.49 -40.61
C VAL A 383 29.77 -22.69 -39.71
N ILE A 384 28.54 -23.18 -39.51
CA ILE A 384 27.53 -22.41 -38.81
C ILE A 384 26.62 -23.34 -38.00
N PHE A 385 25.59 -22.75 -37.41
CA PHE A 385 24.73 -23.38 -36.43
C PHE A 385 23.30 -23.11 -36.89
N ILE A 386 22.58 -24.18 -37.26
CA ILE A 386 21.13 -24.05 -37.59
C ILE A 386 20.32 -24.61 -36.43
N ARG A 387 19.88 -23.75 -35.49
CA ARG A 387 19.18 -24.26 -34.29
C ARG A 387 17.67 -24.40 -34.53
N GLY A 388 17.18 -25.65 -34.46
CA GLY A 388 15.80 -25.97 -34.18
C GLY A 388 15.43 -25.64 -32.74
N ASN A 389 14.14 -25.30 -32.55
CA ASN A 389 13.63 -24.82 -31.27
C ASN A 389 12.22 -25.38 -31.07
N GLU A 390 12.07 -26.24 -30.07
CA GLU A 390 10.89 -27.08 -29.78
C GLU A 390 10.80 -28.28 -30.70
N ALA A 391 11.70 -28.28 -31.69
CA ALA A 391 12.20 -29.51 -32.36
C ALA A 391 13.61 -29.82 -31.86
N ASN A 392 14.30 -28.80 -31.33
CA ASN A 392 15.73 -28.88 -31.09
C ASN A 392 16.39 -29.60 -32.25
N TYR A 393 15.81 -29.41 -33.46
CA TYR A 393 16.35 -30.01 -34.70
C TYR A 393 17.53 -29.14 -35.12
N TYR A 394 18.56 -29.10 -34.27
CA TYR A 394 19.72 -28.27 -34.51
C TYR A 394 20.65 -28.99 -35.47
N SER A 395 21.22 -28.23 -36.40
CA SER A 395 22.08 -28.74 -37.45
C SER A 395 23.25 -27.79 -37.59
N ASN A 396 24.39 -28.40 -37.96
CA ASN A 396 25.60 -27.61 -38.29
C ASN A 396 25.61 -27.53 -39.81
N ALA A 397 26.05 -26.41 -40.38
CA ALA A 397 26.03 -26.17 -41.81
C ALA A 397 27.14 -25.18 -42.10
N THR A 398 27.25 -24.75 -43.35
CA THR A 398 28.27 -23.80 -43.74
C THR A 398 27.77 -22.99 -44.91
N THR A 399 28.66 -22.17 -45.47
CA THR A 399 28.32 -21.30 -46.58
C THR A 399 28.46 -22.06 -47.89
N ASP A 400 27.48 -21.86 -48.78
CA ASP A 400 27.67 -22.12 -50.19
C ASP A 400 28.41 -20.91 -50.77
N GLU A 401 28.48 -20.78 -52.09
CA GLU A 401 29.13 -19.60 -52.65
C GLU A 401 28.39 -18.32 -52.29
N HIS A 402 27.08 -18.41 -52.09
CA HIS A 402 26.26 -17.29 -51.65
C HIS A 402 26.05 -17.28 -50.15
N GLY A 403 26.48 -18.31 -49.44
CA GLY A 403 26.10 -18.51 -48.05
C GLY A 403 24.75 -19.15 -47.87
N LEU A 404 24.07 -19.50 -48.95
CA LEU A 404 22.78 -20.17 -48.84
C LEU A 404 22.94 -21.53 -48.20
N VAL A 405 21.95 -21.88 -47.39
CA VAL A 405 21.84 -23.21 -46.82
C VAL A 405 20.40 -23.64 -47.00
N GLN A 406 20.20 -24.75 -47.70
CA GLN A 406 18.85 -25.29 -47.88
C GLN A 406 18.51 -26.22 -46.72
N PHE A 407 18.61 -25.70 -45.50
CA PHE A 407 18.26 -26.52 -44.31
C PHE A 407 16.75 -26.67 -44.22
N SER A 408 16.27 -27.86 -43.87
CA SER A 408 14.80 -28.05 -43.66
C SER A 408 14.57 -28.65 -42.29
N ILE A 409 13.69 -28.04 -41.50
CA ILE A 409 13.35 -28.58 -40.15
C ILE A 409 11.95 -29.19 -40.25
N ASN A 410 11.83 -30.48 -39.94
CA ASN A 410 10.48 -31.11 -39.94
C ASN A 410 9.71 -30.54 -38.76
N THR A 411 8.52 -29.99 -39.02
CA THR A 411 7.73 -29.37 -37.93
C THR A 411 6.79 -30.39 -37.29
N THR A 412 7.32 -31.53 -36.84
CA THR A 412 6.47 -32.49 -36.09
C THR A 412 6.53 -32.05 -34.63
N ASN A 413 6.15 -30.81 -34.34
CA ASN A 413 6.28 -30.28 -32.96
C ASN A 413 4.97 -29.62 -32.54
N VAL A 414 5.01 -28.32 -32.21
CA VAL A 414 3.80 -27.62 -31.69
C VAL A 414 3.75 -26.21 -32.27
N MET A 415 2.99 -25.32 -31.64
CA MET A 415 2.50 -24.12 -32.32
C MET A 415 3.45 -22.94 -32.22
N GLY A 416 3.68 -22.43 -31.01
CA GLY A 416 4.39 -21.19 -30.87
C GLY A 416 5.88 -21.35 -30.90
N THR A 417 6.51 -20.89 -31.97
CA THR A 417 7.92 -21.15 -32.19
C THR A 417 8.76 -19.98 -31.72
N SER A 418 10.07 -20.18 -31.78
CA SER A 418 11.02 -19.09 -31.65
C SER A 418 12.30 -19.59 -32.31
N LEU A 419 12.58 -19.09 -33.50
CA LEU A 419 13.63 -19.66 -34.32
C LEU A 419 14.96 -19.05 -33.93
N THR A 420 16.00 -19.43 -34.65
CA THR A 420 17.32 -18.89 -34.39
C THR A 420 18.31 -19.38 -35.44
N VAL A 421 19.30 -18.54 -35.72
CA VAL A 421 20.31 -18.75 -36.74
C VAL A 421 21.60 -18.05 -36.31
N ARG A 422 22.69 -18.80 -36.16
CA ARG A 422 23.96 -18.18 -35.78
C ARG A 422 25.14 -18.94 -36.38
N VAL A 423 26.25 -18.21 -36.52
CA VAL A 423 27.59 -18.77 -36.49
C VAL A 423 28.24 -18.59 -35.13
N ASN A 424 27.62 -17.83 -34.24
CA ASN A 424 28.10 -17.52 -32.90
C ASN A 424 27.01 -17.89 -31.91
N TYR A 425 27.09 -17.40 -30.68
CA TYR A 425 26.23 -17.81 -29.59
C TYR A 425 25.34 -16.67 -29.12
N LYS A 426 24.63 -16.88 -28.00
CA LYS A 426 23.70 -15.91 -27.45
C LYS A 426 24.41 -14.86 -26.60
N ASP A 427 25.47 -14.25 -27.15
CA ASP A 427 26.21 -13.20 -26.48
C ASP A 427 27.29 -12.68 -27.41
N ARG A 428 27.63 -11.40 -27.25
CA ARG A 428 28.64 -10.76 -28.10
C ARG A 428 29.99 -11.27 -27.61
N SER A 429 30.39 -12.43 -28.13
CA SER A 429 31.37 -13.32 -27.51
C SER A 429 32.63 -12.63 -27.00
N PRO A 430 33.31 -11.77 -27.77
CA PRO A 430 34.31 -10.88 -27.17
C PRO A 430 33.73 -9.54 -26.77
N CYS A 431 33.99 -9.11 -25.53
CA CYS A 431 33.81 -7.73 -25.09
C CYS A 431 32.35 -7.27 -25.25
N TYR A 432 31.49 -7.91 -24.46
CA TYR A 432 30.05 -7.65 -24.52
C TYR A 432 29.63 -6.60 -23.50
N GLY A 433 29.85 -6.88 -22.21
CA GLY A 433 29.40 -6.00 -21.15
C GLY A 433 30.46 -5.04 -20.64
N TYR A 434 30.89 -4.11 -21.49
CA TYR A 434 31.95 -3.17 -21.17
C TYR A 434 31.58 -1.71 -21.31
N GLN A 435 30.51 -1.37 -22.04
CA GLN A 435 30.05 -0.02 -22.31
C GLN A 435 31.00 0.76 -23.23
N TRP A 436 32.10 0.13 -23.68
CA TRP A 436 33.10 0.81 -24.48
C TRP A 436 33.62 -0.07 -25.61
N VAL A 437 32.87 -1.10 -25.98
CA VAL A 437 33.24 -1.98 -27.08
C VAL A 437 31.99 -2.17 -27.95
N SER A 438 32.15 -1.94 -29.25
CA SER A 438 31.04 -1.60 -30.13
C SER A 438 31.06 -2.43 -31.41
N GLU A 439 31.22 -3.74 -31.25
CA GLU A 439 31.17 -4.70 -32.35
C GLU A 439 30.07 -5.69 -32.00
N GLU A 440 29.54 -6.36 -33.03
CA GLU A 440 28.44 -7.27 -32.80
C GLU A 440 28.40 -8.29 -33.93
N HIS A 441 27.90 -9.47 -33.58
CA HIS A 441 27.52 -10.47 -34.56
C HIS A 441 26.05 -10.30 -34.86
N GLU A 442 25.73 -10.23 -36.15
CA GLU A 442 24.37 -10.06 -36.60
C GLU A 442 23.48 -11.17 -36.07
N GLU A 443 22.31 -10.79 -35.56
CA GLU A 443 21.30 -11.74 -35.08
C GLU A 443 20.25 -11.83 -36.17
N ALA A 444 20.56 -12.61 -37.19
CA ALA A 444 19.55 -13.01 -38.15
C ALA A 444 18.48 -13.74 -37.38
N HIS A 445 17.23 -13.43 -37.65
CA HIS A 445 16.12 -14.03 -36.97
C HIS A 445 14.94 -14.11 -37.92
N HIS A 446 14.07 -15.08 -37.68
CA HIS A 446 12.81 -15.17 -38.36
C HIS A 446 11.79 -15.80 -37.45
N THR A 447 10.53 -15.46 -37.66
CA THR A 447 9.42 -16.19 -37.09
C THR A 447 8.39 -16.40 -38.18
N ALA A 448 7.79 -17.57 -38.13
CA ALA A 448 6.72 -17.97 -39.02
C ALA A 448 5.48 -18.23 -38.17
N TYR A 449 4.32 -18.33 -38.84
CA TYR A 449 3.06 -18.58 -38.15
C TYR A 449 2.21 -19.53 -38.97
N LEU A 450 1.58 -20.47 -38.28
CA LEU A 450 0.87 -21.57 -38.90
C LEU A 450 -0.62 -21.25 -38.99
N VAL A 451 -1.40 -22.22 -39.44
CA VAL A 451 -2.79 -22.03 -39.80
C VAL A 451 -3.67 -23.01 -39.03
N PHE A 452 -4.84 -22.54 -38.61
CA PHE A 452 -5.87 -23.46 -38.13
C PHE A 452 -6.41 -24.26 -39.32
N SER A 453 -6.78 -25.51 -39.08
CA SER A 453 -7.39 -26.34 -40.11
C SER A 453 -8.15 -27.51 -39.48
N PRO A 454 -9.44 -27.34 -39.16
CA PRO A 454 -10.26 -28.50 -38.80
C PRO A 454 -10.53 -29.42 -39.97
N SER A 455 -10.32 -28.95 -41.20
CA SER A 455 -10.27 -29.79 -42.38
C SER A 455 -8.88 -30.33 -42.64
N LYS A 456 -7.86 -29.72 -42.03
CA LYS A 456 -6.56 -30.29 -41.75
C LYS A 456 -5.63 -30.37 -42.96
N SER A 457 -6.10 -30.08 -44.17
CA SER A 457 -5.20 -30.00 -45.32
C SER A 457 -4.57 -28.62 -45.36
N PHE A 458 -3.54 -28.47 -46.19
CA PHE A 458 -2.81 -27.20 -46.26
C PHE A 458 -1.75 -27.27 -47.36
N VAL A 459 -1.07 -26.15 -47.60
CA VAL A 459 -0.07 -26.00 -48.63
C VAL A 459 0.73 -24.74 -48.37
N HIS A 460 2.01 -24.82 -48.66
CA HIS A 460 2.83 -23.66 -48.95
C HIS A 460 3.43 -23.83 -50.33
N LEU A 461 3.60 -22.72 -51.02
CA LEU A 461 4.26 -22.69 -52.31
C LEU A 461 5.63 -22.03 -52.14
N GLU A 462 6.65 -22.67 -52.67
CA GLU A 462 7.99 -22.13 -52.63
C GLU A 462 8.07 -20.83 -53.44
N PRO A 463 8.32 -19.67 -52.81
CA PRO A 463 8.45 -18.43 -53.59
C PRO A 463 9.84 -18.34 -54.19
N MET A 464 9.94 -18.43 -55.50
CA MET A 464 11.24 -18.47 -56.14
C MET A 464 11.87 -17.09 -56.02
N SER A 465 12.36 -16.80 -54.82
CA SER A 465 12.61 -15.43 -54.39
C SER A 465 14.04 -15.04 -54.71
N HIS A 466 14.18 -14.14 -55.66
CA HIS A 466 15.47 -13.54 -56.03
C HIS A 466 15.17 -12.35 -56.94
N GLU A 467 16.21 -11.80 -57.55
CA GLU A 467 16.01 -10.76 -58.55
C GLU A 467 15.13 -11.27 -59.69
N LEU A 468 14.13 -10.47 -60.08
CA LEU A 468 12.98 -10.96 -60.84
C LEU A 468 12.99 -10.31 -62.24
N PRO A 469 13.32 -11.03 -63.32
CA PRO A 469 13.27 -10.41 -64.65
C PRO A 469 11.83 -10.18 -65.10
N CYS A 470 11.67 -9.25 -66.06
CA CYS A 470 10.37 -8.92 -66.62
C CYS A 470 10.37 -9.20 -68.11
N GLY A 471 9.16 -9.22 -68.69
CA GLY A 471 9.02 -9.78 -70.01
C GLY A 471 9.30 -11.27 -70.06
N HIS A 472 9.22 -11.94 -68.91
CA HIS A 472 9.50 -13.36 -68.77
C HIS A 472 8.34 -13.96 -67.98
N THR A 473 8.52 -15.19 -67.56
CA THR A 473 7.81 -15.77 -66.42
C THR A 473 8.86 -16.53 -65.61
N GLN A 474 8.39 -17.32 -64.65
CA GLN A 474 9.34 -18.20 -64.00
C GLN A 474 8.58 -19.31 -63.29
N THR A 475 9.32 -20.37 -62.98
CA THR A 475 8.74 -21.57 -62.40
C THR A 475 8.26 -21.29 -60.99
N VAL A 476 7.04 -21.75 -60.70
CA VAL A 476 6.50 -21.72 -59.35
C VAL A 476 5.98 -23.13 -59.09
N GLN A 477 6.83 -24.00 -58.57
CA GLN A 477 6.35 -25.31 -58.17
C GLN A 477 5.57 -25.19 -56.88
N ALA A 478 4.64 -26.10 -56.67
CA ALA A 478 3.77 -26.08 -55.51
C ALA A 478 3.62 -27.50 -55.00
N HIS A 479 2.97 -27.62 -53.84
CA HIS A 479 2.87 -28.89 -53.12
C HIS A 479 1.42 -29.00 -52.67
N TYR A 480 0.73 -30.06 -53.08
CA TYR A 480 -0.68 -30.22 -52.78
C TYR A 480 -0.86 -31.39 -51.84
N ILE A 481 -1.42 -31.09 -50.67
CA ILE A 481 -1.37 -31.93 -49.50
C ILE A 481 -2.79 -31.92 -48.96
N LEU A 482 -3.45 -33.06 -49.04
CA LEU A 482 -4.91 -33.13 -48.96
C LEU A 482 -5.35 -34.22 -48.00
N ASN A 483 -5.74 -33.81 -46.79
CA ASN A 483 -6.63 -34.63 -46.00
C ASN A 483 -7.91 -34.86 -46.75
N GLY A 484 -8.53 -36.00 -46.54
CA GLY A 484 -9.94 -36.14 -46.84
C GLY A 484 -10.23 -36.16 -48.32
N GLY A 485 -9.99 -35.04 -48.99
CA GLY A 485 -10.35 -34.96 -50.39
C GLY A 485 -11.85 -35.12 -50.55
N THR A 486 -12.25 -35.65 -51.70
CA THR A 486 -13.67 -35.92 -51.91
C THR A 486 -14.11 -37.08 -51.04
N LEU A 487 -14.49 -36.77 -49.80
CA LEU A 487 -15.08 -37.76 -48.92
C LEU A 487 -16.29 -38.38 -49.58
N LEU A 488 -17.23 -37.53 -50.00
CA LEU A 488 -18.26 -37.87 -50.96
C LEU A 488 -18.12 -37.00 -52.21
N GLY A 489 -18.08 -35.68 -52.04
CA GLY A 489 -17.45 -34.74 -52.95
C GLY A 489 -17.54 -34.97 -54.43
N LEU A 490 -16.43 -34.68 -55.12
CA LEU A 490 -16.31 -34.81 -56.56
C LEU A 490 -14.91 -35.22 -56.92
N LYS A 491 -14.77 -35.84 -58.09
CA LYS A 491 -13.46 -36.30 -58.51
C LYS A 491 -12.62 -35.19 -59.15
N LYS A 492 -13.11 -33.95 -59.14
CA LYS A 492 -12.41 -32.84 -59.78
C LYS A 492 -12.18 -31.72 -58.78
N LEU A 493 -10.94 -31.24 -58.72
CA LEU A 493 -10.59 -30.04 -57.98
C LEU A 493 -9.83 -29.09 -58.89
N SER A 494 -10.12 -27.80 -58.74
CA SER A 494 -9.33 -26.73 -59.35
C SER A 494 -8.54 -26.05 -58.25
N PHE A 495 -7.47 -25.37 -58.66
CA PHE A 495 -6.57 -24.68 -57.75
C PHE A 495 -6.46 -23.22 -58.18
N TYR A 496 -7.38 -22.39 -57.69
CA TYR A 496 -7.54 -21.01 -58.14
C TYR A 496 -6.49 -20.12 -57.51
N TYR A 497 -6.06 -19.10 -58.26
CA TYR A 497 -5.04 -18.19 -57.80
C TYR A 497 -5.24 -16.80 -58.41
N LEU A 498 -4.73 -15.78 -57.72
CA LEU A 498 -4.94 -14.37 -58.07
C LEU A 498 -3.63 -13.60 -58.03
N ILE A 499 -3.63 -12.46 -58.72
CA ILE A 499 -2.51 -11.51 -58.71
C ILE A 499 -3.09 -10.10 -58.74
N MET A 500 -2.96 -9.37 -57.63
CA MET A 500 -3.18 -7.94 -57.61
C MET A 500 -1.87 -7.18 -57.65
N ALA A 501 -1.95 -5.96 -58.18
CA ALA A 501 -0.80 -5.09 -58.19
C ALA A 501 -1.28 -3.69 -58.53
N LYS A 502 -0.54 -2.70 -58.02
CA LYS A 502 -0.99 -1.32 -58.09
C LYS A 502 -2.36 -1.16 -57.46
N GLY A 503 -2.63 -1.99 -56.46
CA GLY A 503 -3.81 -1.87 -55.64
C GLY A 503 -5.12 -2.18 -56.29
N GLY A 504 -5.23 -3.33 -56.95
CA GLY A 504 -6.51 -3.79 -57.45
C GLY A 504 -6.64 -5.29 -57.46
N ILE A 505 -7.06 -5.83 -58.60
CA ILE A 505 -6.86 -7.23 -58.94
C ILE A 505 -6.47 -7.21 -60.41
N VAL A 506 -5.18 -7.28 -60.68
CA VAL A 506 -4.60 -6.82 -61.95
C VAL A 506 -4.64 -7.94 -62.98
N ARG A 507 -4.74 -9.18 -62.54
CA ARG A 507 -4.78 -10.33 -63.44
C ARG A 507 -5.71 -11.38 -62.87
N THR A 508 -5.85 -12.46 -63.62
CA THR A 508 -6.67 -13.61 -63.24
C THR A 508 -5.89 -14.85 -63.66
N GLY A 509 -6.53 -15.99 -63.61
CA GLY A 509 -5.88 -17.25 -63.91
C GLY A 509 -6.45 -18.37 -63.06
N THR A 510 -6.16 -19.60 -63.49
CA THR A 510 -6.62 -20.79 -62.81
C THR A 510 -5.95 -22.02 -63.42
N HIS A 511 -5.76 -23.03 -62.58
CA HIS A 511 -5.05 -24.26 -62.95
C HIS A 511 -5.50 -25.36 -62.01
N GLY A 512 -5.48 -26.60 -62.50
CA GLY A 512 -5.69 -27.72 -61.61
C GLY A 512 -5.77 -29.04 -62.33
N LEU A 513 -6.04 -30.07 -61.52
CA LEU A 513 -6.11 -31.45 -61.99
C LEU A 513 -7.19 -32.16 -61.17
N LEU A 514 -7.69 -33.27 -61.72
CA LEU A 514 -8.67 -34.07 -61.01
C LEU A 514 -8.05 -34.65 -59.76
N VAL A 515 -8.91 -35.10 -58.85
CA VAL A 515 -8.45 -35.46 -57.51
C VAL A 515 -8.13 -36.95 -57.46
N LYS A 516 -6.95 -37.27 -56.96
CA LYS A 516 -6.65 -38.64 -56.58
C LYS A 516 -7.55 -39.03 -55.41
N GLN A 517 -7.80 -40.34 -55.27
CA GLN A 517 -8.81 -40.80 -54.34
C GLN A 517 -8.48 -40.48 -52.88
N GLU A 518 -7.38 -41.04 -52.36
CA GLU A 518 -7.14 -41.04 -50.92
C GLU A 518 -5.66 -40.78 -50.58
N ASP A 519 -4.97 -39.98 -51.40
CA ASP A 519 -3.59 -39.61 -51.09
C ASP A 519 -3.36 -38.18 -51.55
N MET A 520 -2.10 -37.76 -51.49
CA MET A 520 -1.67 -36.36 -51.47
C MET A 520 -0.47 -36.14 -52.39
N LYS A 521 -0.61 -36.54 -53.65
CA LYS A 521 0.47 -36.50 -54.64
C LYS A 521 1.17 -35.14 -54.67
N GLY A 522 2.41 -35.15 -55.14
CA GLY A 522 3.35 -34.09 -54.80
C GLY A 522 3.21 -32.73 -55.45
N HIS A 523 3.47 -32.61 -56.75
CA HIS A 523 3.78 -31.31 -57.36
C HIS A 523 2.86 -30.97 -58.52
N PHE A 524 2.59 -29.67 -58.67
CA PHE A 524 2.20 -29.08 -59.95
C PHE A 524 2.64 -27.62 -59.93
N SER A 525 3.27 -27.17 -61.03
CA SER A 525 3.83 -25.84 -61.12
C SER A 525 2.88 -24.89 -61.84
N ILE A 526 3.09 -23.59 -61.61
CA ILE A 526 2.20 -22.53 -62.06
C ILE A 526 3.05 -21.32 -62.41
N SER A 527 2.50 -20.44 -63.25
CA SER A 527 3.14 -19.17 -63.56
C SER A 527 2.18 -18.33 -64.38
N ILE A 528 2.57 -17.07 -64.58
CA ILE A 528 1.74 -16.04 -65.21
C ILE A 528 2.67 -15.18 -66.04
N PRO A 529 2.18 -14.32 -66.94
CA PRO A 529 3.09 -13.44 -67.66
C PRO A 529 3.61 -12.36 -66.75
N VAL A 530 4.71 -11.75 -67.16
CA VAL A 530 5.33 -10.70 -66.37
C VAL A 530 5.67 -9.51 -67.26
N LYS A 531 4.87 -9.30 -68.31
CA LYS A 531 5.21 -8.24 -69.25
C LYS A 531 5.16 -6.86 -68.60
N SER A 532 3.94 -6.33 -68.38
CA SER A 532 3.75 -5.03 -67.74
C SER A 532 2.26 -4.67 -67.69
N ASP A 533 1.95 -3.40 -67.41
CA ASP A 533 0.62 -2.99 -66.92
C ASP A 533 0.32 -3.75 -65.63
N ILE A 534 1.36 -3.86 -64.81
CA ILE A 534 1.28 -4.54 -63.53
C ILE A 534 2.51 -4.12 -62.74
N ALA A 535 2.31 -3.84 -61.46
CA ALA A 535 3.21 -2.95 -60.73
C ALA A 535 4.48 -3.67 -60.29
N PRO A 536 5.47 -2.92 -59.79
CA PRO A 536 6.59 -3.53 -59.06
C PRO A 536 6.22 -4.28 -57.78
N VAL A 537 4.93 -4.40 -57.45
CA VAL A 537 4.48 -5.44 -56.54
C VAL A 537 4.05 -6.66 -57.34
N ALA A 538 4.30 -7.86 -56.80
CA ALA A 538 3.56 -9.06 -57.18
C ALA A 538 3.34 -9.89 -55.93
N ARG A 539 2.17 -9.71 -55.33
CA ARG A 539 1.67 -10.63 -54.33
C ARG A 539 0.99 -11.78 -55.05
N LEU A 540 1.13 -12.99 -54.51
CA LEU A 540 0.33 -14.13 -54.96
C LEU A 540 -0.38 -14.79 -53.79
N LEU A 541 -1.51 -15.41 -54.12
CA LEU A 541 -2.11 -16.42 -53.29
C LEU A 541 -2.69 -17.46 -54.22
N ILE A 542 -3.18 -18.55 -53.65
CA ILE A 542 -3.71 -19.62 -54.47
C ILE A 542 -4.46 -20.60 -53.58
N TYR A 543 -5.55 -21.16 -54.09
CA TYR A 543 -6.56 -21.77 -53.25
C TYR A 543 -7.47 -22.61 -54.13
N ALA A 544 -8.00 -23.72 -53.57
CA ALA A 544 -8.59 -24.79 -54.34
C ALA A 544 -10.05 -25.00 -53.98
N VAL A 545 -10.88 -25.27 -55.00
CA VAL A 545 -12.34 -25.10 -54.90
C VAL A 545 -12.96 -26.44 -54.51
N LEU A 546 -13.43 -26.53 -53.27
CA LEU A 546 -14.13 -27.73 -52.77
C LEU A 546 -15.46 -27.36 -52.13
N PRO A 547 -16.55 -28.08 -52.40
CA PRO A 547 -17.87 -27.67 -51.87
C PRO A 547 -18.16 -28.10 -50.45
N THR A 548 -17.16 -28.60 -49.72
CA THR A 548 -17.44 -29.28 -48.45
C THR A 548 -18.10 -28.40 -47.40
N GLY A 549 -17.58 -27.21 -47.17
CA GLY A 549 -17.85 -26.48 -45.95
C GLY A 549 -16.63 -25.77 -45.38
N ASP A 550 -15.49 -25.86 -46.04
CA ASP A 550 -14.25 -25.18 -45.67
C ASP A 550 -13.26 -25.35 -46.81
N VAL A 551 -12.37 -24.39 -46.93
CA VAL A 551 -11.45 -24.34 -48.06
C VAL A 551 -10.40 -23.30 -47.74
N ILE A 552 -9.21 -23.45 -48.33
CA ILE A 552 -8.02 -22.78 -47.86
C ILE A 552 -7.16 -22.37 -49.03
N GLY A 553 -6.10 -21.63 -48.72
CA GLY A 553 -5.12 -21.18 -49.68
C GLY A 553 -3.87 -20.79 -48.93
N ASP A 554 -3.03 -20.00 -49.59
CA ASP A 554 -1.83 -19.52 -48.95
C ASP A 554 -1.21 -18.34 -49.70
N SER A 555 -0.89 -17.27 -48.96
CA SER A 555 -0.41 -16.01 -49.52
C SER A 555 1.03 -16.14 -50.03
N ALA A 556 1.60 -15.04 -50.50
CA ALA A 556 2.90 -15.05 -51.15
C ALA A 556 3.40 -13.62 -51.28
N LYS A 557 4.46 -13.45 -52.07
CA LYS A 557 5.01 -12.15 -52.41
C LYS A 557 6.04 -12.34 -53.50
N TYR A 558 6.09 -11.40 -54.42
CA TYR A 558 7.09 -11.39 -55.46
C TYR A 558 7.45 -9.96 -55.77
N ASP A 559 8.74 -9.66 -55.66
CA ASP A 559 9.22 -8.30 -55.80
C ASP A 559 9.43 -8.01 -57.28
N VAL A 560 8.43 -7.42 -57.90
CA VAL A 560 8.56 -7.01 -59.28
C VAL A 560 9.36 -5.73 -59.34
N GLU A 561 10.04 -5.53 -60.47
CA GLU A 561 10.94 -4.42 -60.69
C GLU A 561 10.30 -3.49 -61.71
N ASN A 562 11.04 -2.46 -62.10
CA ASN A 562 10.53 -1.45 -63.02
C ASN A 562 10.34 -2.09 -64.39
N CYS A 563 9.08 -2.32 -64.77
CA CYS A 563 8.80 -2.81 -66.11
C CYS A 563 7.54 -2.12 -66.62
N LEU A 564 7.57 -1.77 -67.90
CA LEU A 564 6.77 -0.70 -68.47
C LEU A 564 5.83 -1.23 -69.55
N ALA A 565 4.53 -1.01 -69.36
CA ALA A 565 3.47 -1.32 -70.30
C ALA A 565 3.85 -0.93 -71.72
N ASN A 566 4.59 0.16 -71.84
CA ASN A 566 5.19 0.57 -73.15
C ASN A 566 6.72 0.62 -73.02
N LYS A 567 7.41 -0.43 -73.48
CA LYS A 567 8.90 -0.41 -73.47
C LYS A 567 9.37 0.50 -74.61
N VAL A 568 10.13 1.54 -74.28
CA VAL A 568 10.35 2.63 -75.20
C VAL A 568 11.82 2.96 -75.14
N ASP A 569 12.34 3.52 -76.22
CA ASP A 569 13.77 3.53 -76.46
C ASP A 569 14.17 4.83 -77.14
N LEU A 570 15.38 4.83 -77.67
CA LEU A 570 16.01 5.98 -78.27
C LEU A 570 16.83 5.50 -79.44
N SER A 571 17.23 6.42 -80.29
CA SER A 571 18.30 6.16 -81.24
C SER A 571 18.83 7.50 -81.72
N PHE A 572 20.09 7.50 -82.19
CA PHE A 572 20.82 8.76 -82.33
C PHE A 572 22.00 8.71 -83.29
N SER A 573 22.15 9.77 -84.08
CA SER A 573 23.33 9.97 -84.90
C SER A 573 24.53 10.29 -84.01
N PRO A 574 25.76 10.26 -84.56
CA PRO A 574 26.93 10.46 -83.71
C PRO A 574 27.24 11.94 -83.52
N SER A 575 27.40 12.31 -82.26
CA SER A 575 28.09 13.54 -81.93
C SER A 575 29.47 13.54 -82.57
N GLN A 576 29.91 14.72 -82.98
CA GLN A 576 31.05 14.78 -83.88
C GLN A 576 31.44 16.24 -84.10
N SER A 577 32.50 16.42 -84.88
CA SER A 577 33.12 17.73 -85.07
C SER A 577 32.49 18.47 -86.24
N LEU A 578 33.12 19.59 -86.62
CA LEU A 578 32.85 20.32 -87.85
C LEU A 578 31.37 20.63 -87.98
N PRO A 579 30.86 21.71 -87.28
CA PRO A 579 29.42 21.97 -86.93
C PRO A 579 28.41 21.84 -88.09
N ALA A 580 28.83 21.22 -89.20
CA ALA A 580 27.90 20.97 -90.32
C ALA A 580 26.61 20.37 -89.75
N SER A 581 25.53 21.15 -89.77
CA SER A 581 24.34 20.92 -88.90
C SER A 581 23.92 19.45 -88.78
N HIS A 582 23.79 18.70 -89.88
CA HIS A 582 23.24 17.32 -89.80
C HIS A 582 23.48 16.63 -88.45
N ALA A 583 22.42 16.44 -87.65
CA ALA A 583 22.38 15.32 -86.72
C ALA A 583 21.01 14.68 -86.87
N HIS A 584 20.82 13.51 -86.24
CA HIS A 584 19.54 12.81 -86.40
C HIS A 584 19.20 12.01 -85.16
N LEU A 585 17.92 12.10 -84.81
CA LEU A 585 17.44 11.90 -83.46
C LEU A 585 16.13 11.12 -83.51
N ARG A 586 16.00 10.15 -82.60
CA ARG A 586 15.14 9.01 -82.87
C ARG A 586 14.75 8.27 -81.60
N VAL A 587 13.58 7.64 -81.67
CA VAL A 587 13.01 6.89 -80.58
C VAL A 587 12.24 5.71 -81.16
N THR A 588 12.19 4.63 -80.40
CA THR A 588 11.27 3.53 -80.64
C THR A 588 10.30 3.47 -79.47
N ALA A 589 9.06 3.87 -79.71
CA ALA A 589 8.00 3.83 -78.71
C ALA A 589 6.82 3.06 -79.28
N ALA A 590 5.70 3.08 -78.56
CA ALA A 590 4.51 2.36 -78.98
C ALA A 590 3.97 2.92 -80.30
N PRO A 591 3.21 2.12 -81.04
CA PRO A 591 2.93 2.49 -82.43
C PRO A 591 1.96 3.64 -82.59
N GLN A 592 1.38 4.13 -81.49
CA GLN A 592 0.45 5.25 -81.53
C GLN A 592 0.75 6.10 -80.29
N SER A 593 1.68 7.04 -80.44
CA SER A 593 2.30 7.64 -79.26
C SER A 593 2.95 8.98 -79.56
N VAL A 594 3.47 9.59 -78.51
CA VAL A 594 4.08 10.92 -78.55
C VAL A 594 4.97 11.06 -77.33
N CYS A 595 6.14 11.70 -77.52
CA CYS A 595 7.29 11.50 -76.64
C CYS A 595 7.90 12.79 -76.13
N ALA A 596 8.38 12.73 -74.88
CA ALA A 596 9.30 13.74 -74.35
C ALA A 596 10.67 13.65 -75.02
N LEU A 597 11.41 14.76 -74.95
CA LEU A 597 12.72 14.87 -75.62
C LEU A 597 13.72 15.58 -74.73
N ARG A 598 13.81 15.18 -73.46
CA ARG A 598 14.69 15.92 -72.57
C ARG A 598 16.14 15.64 -72.96
N ALA A 599 16.62 16.40 -73.95
CA ALA A 599 18.00 16.31 -74.40
C ALA A 599 18.85 17.25 -73.58
N VAL A 600 19.30 16.80 -72.43
CA VAL A 600 19.93 17.67 -71.44
C VAL A 600 21.44 17.59 -71.63
N ASP A 601 22.00 18.69 -72.12
CA ASP A 601 23.39 19.01 -71.82
C ASP A 601 23.53 18.88 -70.32
N GLN A 602 24.28 17.89 -69.84
CA GLN A 602 24.30 17.64 -68.40
C GLN A 602 25.44 18.37 -67.68
N SER A 603 25.68 19.64 -67.99
CA SER A 603 26.84 20.33 -67.42
C SER A 603 26.46 20.88 -66.05
N VAL A 604 25.58 21.88 -66.01
CA VAL A 604 25.08 22.26 -64.69
C VAL A 604 23.96 21.34 -64.25
N LEU A 605 23.81 20.23 -64.97
CA LEU A 605 23.23 18.97 -64.44
C LEU A 605 24.31 18.16 -63.73
N LEU A 606 25.58 18.51 -63.91
CA LEU A 606 26.63 18.15 -62.95
C LEU A 606 26.53 19.07 -61.75
N MET A 607 26.19 20.34 -61.98
CA MET A 607 26.12 21.30 -60.88
C MET A 607 25.07 20.90 -59.85
N LYS A 608 23.82 20.71 -60.29
CA LYS A 608 22.92 19.83 -59.58
C LYS A 608 22.29 18.91 -60.60
N PRO A 609 22.29 17.61 -60.41
CA PRO A 609 21.53 16.75 -61.31
C PRO A 609 20.05 16.99 -61.26
N ASP A 610 19.36 16.23 -62.09
CA ASP A 610 17.92 16.16 -62.07
C ASP A 610 17.47 15.60 -60.73
N ALA A 611 16.17 15.55 -60.51
CA ALA A 611 15.64 14.96 -59.29
C ALA A 611 14.35 14.25 -59.63
N GLU A 612 14.16 13.10 -58.98
CA GLU A 612 13.07 12.15 -59.21
C GLU A 612 12.71 12.03 -60.68
N LEU A 613 13.71 11.68 -61.48
CA LEU A 613 13.52 11.33 -62.88
C LEU A 613 14.10 9.94 -63.11
N SER A 614 13.23 8.94 -63.10
CA SER A 614 13.58 7.57 -63.45
C SER A 614 12.32 6.74 -63.32
N ALA A 615 12.41 5.48 -63.75
CA ALA A 615 11.30 4.55 -63.63
C ALA A 615 10.86 4.41 -62.18
N SER A 616 11.79 3.97 -61.34
CA SER A 616 11.51 3.87 -59.91
C SER A 616 11.12 5.21 -59.34
N SER A 617 11.58 6.32 -59.94
CA SER A 617 11.28 7.66 -59.44
C SER A 617 9.78 7.87 -59.45
N VAL A 618 9.21 7.85 -60.64
CA VAL A 618 7.78 8.11 -60.79
C VAL A 618 6.98 7.00 -60.13
N TYR A 619 7.51 5.77 -60.17
CA TYR A 619 6.85 4.64 -59.54
C TYR A 619 6.74 4.82 -58.04
N ASN A 620 7.70 5.52 -57.44
CA ASN A 620 7.62 5.78 -56.02
C ASN A 620 6.84 7.03 -55.75
N LEU A 621 6.85 7.97 -56.70
CA LEU A 621 5.94 9.10 -56.67
C LEU A 621 4.51 8.63 -56.86
N LEU A 622 4.33 7.39 -57.27
CA LEU A 622 3.04 6.75 -57.10
C LEU A 622 2.56 6.90 -55.67
N PRO A 623 1.33 7.26 -55.47
CA PRO A 623 0.67 6.98 -54.19
C PRO A 623 -0.15 5.72 -54.21
N GLU A 624 -0.64 5.35 -53.04
CA GLU A 624 -1.39 4.12 -52.85
C GLU A 624 -0.61 2.95 -53.43
N LYS A 625 0.71 2.99 -53.22
CA LYS A 625 1.63 2.04 -53.84
C LYS A 625 1.39 0.62 -53.33
N ASP A 626 1.62 0.38 -52.05
CA ASP A 626 1.32 -0.89 -51.42
C ASP A 626 -0.10 -0.84 -50.88
N LEU A 627 -1.07 -1.11 -51.75
CA LEU A 627 -2.44 -1.31 -51.26
C LEU A 627 -2.42 -2.52 -50.35
N THR A 628 -2.81 -2.32 -49.11
CA THR A 628 -2.65 -3.37 -48.14
C THR A 628 -3.37 -3.05 -46.85
N GLY A 629 -3.58 -4.08 -46.04
CA GLY A 629 -4.17 -3.92 -44.74
C GLY A 629 -5.55 -3.31 -44.78
N PHE A 630 -6.11 -3.12 -43.61
CA PHE A 630 -7.12 -2.11 -43.44
C PHE A 630 -6.42 -0.75 -43.41
N PRO A 631 -6.74 0.18 -44.31
CA PRO A 631 -6.23 1.53 -44.13
C PRO A 631 -6.75 2.21 -42.89
N GLY A 632 -6.40 3.48 -42.76
CA GLY A 632 -6.70 4.26 -41.58
C GLY A 632 -8.17 4.31 -41.21
N PRO A 633 -8.99 4.94 -42.06
CA PRO A 633 -10.32 5.39 -41.59
C PRO A 633 -11.23 4.28 -41.09
N LEU A 634 -11.42 3.26 -41.90
CA LEU A 634 -12.04 2.02 -41.48
C LEU A 634 -11.45 1.49 -40.19
N ASN A 635 -12.27 0.77 -39.44
CA ASN A 635 -11.79 0.08 -38.25
C ASN A 635 -11.42 -1.37 -38.59
N ASP A 636 -12.40 -2.19 -38.93
CA ASP A 636 -12.15 -3.58 -39.30
C ASP A 636 -13.45 -4.19 -39.80
N GLN A 637 -13.45 -5.50 -39.96
CA GLN A 637 -14.66 -6.30 -40.16
C GLN A 637 -14.71 -7.37 -39.08
N ASP A 638 -15.50 -7.14 -38.04
CA ASP A 638 -15.58 -8.07 -36.91
C ASP A 638 -16.69 -9.09 -37.09
N ASN A 639 -16.35 -10.34 -36.81
CA ASN A 639 -17.28 -11.45 -36.86
C ASN A 639 -18.02 -11.54 -35.54
N GLU A 640 -18.99 -12.44 -35.49
CA GLU A 640 -19.67 -12.79 -34.25
C GLU A 640 -19.88 -14.28 -34.07
N ASP A 641 -19.65 -15.09 -35.10
CA ASP A 641 -19.86 -16.52 -35.01
C ASP A 641 -18.90 -17.15 -34.02
N CYS A 642 -19.44 -17.72 -32.95
CA CYS A 642 -18.68 -18.14 -31.80
C CYS A 642 -19.18 -19.47 -31.25
N ILE A 643 -18.26 -20.34 -30.82
CA ILE A 643 -18.58 -21.67 -30.29
C ILE A 643 -18.35 -21.67 -28.79
N ASN A 644 -18.61 -20.55 -28.14
CA ASN A 644 -18.03 -20.26 -26.84
C ASN A 644 -18.60 -21.19 -25.76
N ARG A 645 -17.88 -22.25 -25.47
CA ARG A 645 -18.07 -22.96 -24.22
C ARG A 645 -17.48 -22.13 -23.09
N HIS A 646 -17.88 -22.47 -21.85
CA HIS A 646 -17.24 -21.86 -20.68
C HIS A 646 -15.73 -22.09 -20.68
N ASN A 647 -15.26 -23.18 -21.26
CA ASN A 647 -13.84 -23.51 -21.39
C ASN A 647 -13.72 -24.50 -22.55
N VAL A 648 -12.50 -24.64 -23.07
CA VAL A 648 -12.29 -25.28 -24.38
C VAL A 648 -12.84 -26.70 -24.45
N TYR A 649 -12.99 -27.36 -23.30
CA TYR A 649 -13.32 -28.79 -23.24
C TYR A 649 -12.23 -29.59 -23.97
N ILE A 650 -11.04 -29.63 -23.38
CA ILE A 650 -10.00 -30.59 -23.75
C ILE A 650 -9.95 -31.58 -22.58
N ASN A 651 -10.74 -32.65 -22.68
CA ASN A 651 -10.62 -33.74 -21.70
C ASN A 651 -9.52 -34.67 -22.15
N GLY A 652 -8.38 -34.60 -21.48
CA GLY A 652 -7.17 -35.21 -21.96
C GLY A 652 -6.04 -34.95 -21.00
N ILE A 653 -4.89 -34.49 -21.51
CA ILE A 653 -3.76 -34.23 -20.63
C ILE A 653 -4.10 -33.15 -19.62
N THR A 654 -4.82 -32.11 -20.05
CA THR A 654 -5.06 -30.96 -19.20
C THR A 654 -6.46 -30.37 -19.37
N TYR A 655 -6.80 -29.55 -18.38
CA TYR A 655 -7.98 -28.71 -18.36
C TYR A 655 -7.57 -27.30 -18.81
N THR A 656 -7.40 -27.13 -20.13
CA THR A 656 -7.14 -25.79 -20.62
C THR A 656 -8.46 -25.02 -20.47
N PRO A 657 -8.48 -23.84 -19.85
CA PRO A 657 -9.68 -23.00 -19.95
C PRO A 657 -9.79 -22.40 -21.33
N VAL A 658 -10.66 -21.41 -21.52
CA VAL A 658 -10.76 -20.75 -22.82
C VAL A 658 -9.38 -20.21 -23.15
N SER A 659 -8.69 -20.91 -24.05
CA SER A 659 -7.26 -20.76 -24.26
C SER A 659 -7.03 -20.28 -25.70
N SER A 660 -6.75 -18.99 -25.85
CA SER A 660 -6.65 -18.36 -27.16
C SER A 660 -5.36 -18.75 -27.88
N THR A 661 -5.12 -18.13 -29.02
CA THR A 661 -3.95 -18.44 -29.82
C THR A 661 -3.59 -17.28 -30.74
N ASN A 662 -2.45 -17.43 -31.39
CA ASN A 662 -2.08 -16.67 -32.57
C ASN A 662 -1.50 -17.67 -33.56
N GLU A 663 -2.38 -18.30 -34.33
CA GLU A 663 -2.01 -18.94 -35.58
C GLU A 663 -2.47 -18.06 -36.72
N LYS A 664 -1.76 -18.15 -37.83
CA LYS A 664 -2.12 -17.39 -39.02
C LYS A 664 -3.55 -17.75 -39.44
N ASP A 665 -4.14 -16.87 -40.24
CA ASP A 665 -5.46 -17.09 -40.82
C ASP A 665 -5.40 -16.82 -42.31
N MET A 666 -6.47 -17.21 -43.01
CA MET A 666 -6.59 -16.84 -44.41
C MET A 666 -7.32 -15.53 -44.54
N TYR A 667 -8.08 -15.17 -43.52
CA TYR A 667 -8.36 -13.77 -43.25
C TYR A 667 -7.06 -13.00 -43.29
N SER A 668 -6.04 -13.56 -42.65
CA SER A 668 -4.74 -12.92 -42.58
C SER A 668 -3.94 -13.09 -43.86
N PHE A 669 -4.11 -14.20 -44.59
CA PHE A 669 -3.52 -14.28 -45.91
C PHE A 669 -4.05 -13.16 -46.78
N LEU A 670 -5.35 -12.91 -46.68
CA LEU A 670 -6.01 -11.97 -47.56
C LEU A 670 -5.76 -10.53 -47.16
N GLU A 671 -5.53 -10.25 -45.89
CA GLU A 671 -5.21 -8.90 -45.47
C GLU A 671 -3.71 -8.63 -45.45
N ASP A 672 -2.88 -9.66 -45.50
CA ASP A 672 -1.48 -9.46 -45.84
C ASP A 672 -1.34 -9.15 -47.31
N MET A 673 -1.93 -10.02 -48.12
CA MET A 673 -2.35 -9.67 -49.46
C MET A 673 -2.95 -8.27 -49.44
N GLY A 674 -3.91 -8.07 -48.56
CA GLY A 674 -4.53 -6.78 -48.33
C GLY A 674 -6.02 -6.73 -48.60
N LEU A 675 -6.50 -7.36 -49.64
CA LEU A 675 -7.87 -7.17 -50.07
C LEU A 675 -8.80 -7.95 -49.17
N LYS A 676 -10.07 -8.01 -49.54
CA LYS A 676 -11.12 -8.54 -48.69
C LYS A 676 -12.04 -9.41 -49.55
N ALA A 677 -12.91 -10.15 -48.87
CA ALA A 677 -13.80 -11.07 -49.56
C ALA A 677 -15.04 -11.32 -48.70
N PHE A 678 -16.01 -12.01 -49.29
CA PHE A 678 -17.27 -12.34 -48.65
C PHE A 678 -17.56 -13.82 -48.81
N THR A 679 -17.65 -14.55 -47.69
CA THR A 679 -18.19 -15.90 -47.67
C THR A 679 -18.77 -16.17 -46.29
N ASN A 680 -19.38 -17.34 -46.14
CA ASN A 680 -19.82 -17.86 -44.85
C ASN A 680 -19.07 -19.12 -44.46
N SER A 681 -17.96 -19.42 -45.10
CA SER A 681 -17.22 -20.65 -44.87
C SER A 681 -16.40 -20.50 -43.58
N LYS A 682 -15.48 -21.45 -43.38
CA LYS A 682 -14.55 -21.42 -42.26
C LYS A 682 -13.23 -20.82 -42.76
N ILE A 683 -13.04 -19.52 -42.51
CA ILE A 683 -11.74 -18.89 -42.67
C ILE A 683 -11.37 -18.21 -41.37
N ARG A 684 -12.17 -17.23 -40.99
CA ARG A 684 -11.96 -16.55 -39.72
C ARG A 684 -12.02 -17.58 -38.60
N LYS A 685 -10.88 -17.77 -37.94
CA LYS A 685 -10.80 -18.75 -36.86
C LYS A 685 -11.87 -18.48 -35.81
N PRO A 686 -12.28 -19.49 -35.10
CA PRO A 686 -13.50 -19.36 -34.29
C PRO A 686 -13.25 -18.71 -32.94
N LYS A 687 -12.28 -17.80 -32.87
CA LYS A 687 -12.12 -16.84 -31.74
C LYS A 687 -13.42 -16.72 -30.92
N MET A 688 -13.37 -17.08 -29.63
CA MET A 688 -14.60 -17.12 -28.78
C MET A 688 -15.35 -15.78 -28.68
N CYS A 689 -16.66 -15.90 -28.43
CA CYS A 689 -17.56 -14.89 -27.92
C CYS A 689 -17.11 -14.61 -26.50
N PRO A 690 -16.53 -13.45 -26.24
CA PRO A 690 -15.67 -13.32 -25.07
C PRO A 690 -16.46 -13.30 -23.77
N GLN A 691 -15.76 -13.07 -22.67
CA GLN A 691 -16.36 -12.93 -21.36
C GLN A 691 -17.61 -12.06 -21.37
N LEU A 692 -18.70 -12.58 -20.77
CA LEU A 692 -19.95 -11.86 -20.59
C LEU A 692 -20.30 -11.64 -19.11
N GLN A 693 -20.31 -12.70 -18.29
CA GLN A 693 -20.49 -12.50 -16.87
C GLN A 693 -19.24 -11.85 -16.28
N GLN A 694 -19.38 -10.60 -15.87
CA GLN A 694 -18.24 -9.78 -15.47
C GLN A 694 -18.62 -8.96 -14.25
N TYR A 695 -17.64 -8.26 -13.70
CA TYR A 695 -17.88 -7.32 -12.62
C TYR A 695 -18.73 -6.15 -13.11
N THR A 730 35.29 30.17 -88.25
CA THR A 730 34.97 28.95 -88.99
C THR A 730 33.80 28.20 -88.35
N VAL A 731 33.66 28.31 -87.03
CA VAL A 731 32.60 27.66 -86.28
C VAL A 731 32.10 28.64 -85.23
N ARG A 732 30.77 28.68 -85.05
CA ARG A 732 30.13 29.67 -84.18
C ARG A 732 29.04 28.97 -83.35
N LYS A 733 29.21 29.03 -82.02
CA LYS A 733 28.30 28.47 -81.02
C LYS A 733 26.83 28.65 -81.38
N TYR A 734 26.06 27.56 -81.30
CA TYR A 734 24.61 27.63 -81.28
C TYR A 734 24.15 27.53 -79.83
N PHE A 735 22.87 27.51 -79.58
CA PHE A 735 22.53 28.03 -78.27
C PHE A 735 22.67 26.96 -77.20
N PRO A 736 23.26 27.29 -76.07
CA PRO A 736 23.67 26.23 -75.16
C PRO A 736 22.52 25.73 -74.34
N GLU A 737 22.84 24.78 -73.48
CA GLU A 737 22.01 24.29 -72.39
C GLU A 737 20.85 23.46 -72.89
N THR A 738 20.44 23.75 -74.11
CA THR A 738 19.09 23.41 -74.62
C THR A 738 19.25 22.86 -76.04
N TRP A 739 19.09 21.54 -76.18
CA TRP A 739 19.18 20.90 -77.47
C TRP A 739 17.82 20.44 -77.97
N ILE A 740 17.13 19.63 -77.20
CA ILE A 740 15.85 19.05 -77.57
C ILE A 740 15.00 19.05 -76.32
N TRP A 741 13.76 19.46 -76.48
CA TRP A 741 12.70 19.14 -75.53
C TRP A 741 11.38 19.55 -76.14
N ASP A 742 10.59 18.59 -76.61
CA ASP A 742 9.38 18.94 -77.33
C ASP A 742 8.45 17.74 -77.28
N LEU A 743 7.45 17.74 -78.16
CA LEU A 743 6.71 16.54 -78.46
C LEU A 743 6.91 16.19 -79.92
N VAL A 744 7.17 14.91 -80.17
CA VAL A 744 7.34 14.39 -81.51
C VAL A 744 6.53 13.11 -81.60
N VAL A 745 6.63 12.47 -82.74
CA VAL A 745 5.64 11.51 -83.20
C VAL A 745 6.32 10.17 -83.45
N VAL A 746 5.79 9.14 -82.84
CA VAL A 746 6.08 7.77 -83.23
C VAL A 746 4.79 7.23 -83.81
N ASN A 747 4.81 7.01 -85.12
CA ASN A 747 3.76 6.28 -85.79
C ASN A 747 3.99 4.80 -85.51
N SER A 748 3.38 3.93 -86.29
CA SER A 748 3.64 2.51 -86.14
C SER A 748 5.06 2.09 -86.55
N ALA A 749 5.96 3.04 -86.91
CA ALA A 749 7.36 2.69 -87.18
C ALA A 749 8.37 3.72 -86.66
N GLY A 750 7.97 4.67 -85.80
CA GLY A 750 8.92 5.50 -85.09
C GLY A 750 8.97 6.94 -85.58
N VAL A 751 9.68 7.78 -84.82
CA VAL A 751 9.98 9.13 -85.25
C VAL A 751 11.19 9.12 -86.19
N ALA A 752 11.37 10.22 -86.90
CA ALA A 752 12.64 10.51 -87.57
C ALA A 752 12.91 11.99 -87.34
N GLU A 753 13.53 12.31 -86.21
CA GLU A 753 13.82 13.67 -85.83
C GLU A 753 15.27 13.99 -86.18
N VAL A 754 15.52 15.22 -86.58
CA VAL A 754 16.80 15.59 -87.22
C VAL A 754 17.48 16.63 -86.34
N GLY A 755 18.57 16.22 -85.71
CA GLY A 755 19.40 17.11 -84.94
C GLY A 755 20.31 17.94 -85.82
N VAL A 756 21.08 18.79 -85.16
CA VAL A 756 22.02 19.71 -85.81
C VAL A 756 23.11 20.06 -84.79
N THR A 757 24.30 20.40 -85.29
CA THR A 757 25.40 20.73 -84.41
C THR A 757 25.20 22.09 -83.77
N VAL A 758 25.24 22.12 -82.45
CA VAL A 758 25.53 23.32 -81.67
C VAL A 758 27.04 23.25 -81.38
N PRO A 759 27.88 24.07 -82.03
CA PRO A 759 29.32 24.00 -81.79
C PRO A 759 29.80 24.73 -80.55
N ASP A 760 31.14 24.80 -80.40
CA ASP A 760 31.78 25.56 -79.33
C ASP A 760 31.38 25.03 -77.96
N THR A 761 31.09 23.74 -77.91
CA THR A 761 30.58 23.10 -76.70
C THR A 761 31.05 21.67 -76.71
N ILE A 762 31.78 21.31 -75.67
CA ILE A 762 32.46 20.02 -75.56
C ILE A 762 31.94 19.39 -74.29
N THR A 763 30.87 18.61 -74.42
CA THR A 763 30.03 18.28 -73.28
C THR A 763 29.15 17.06 -73.58
N GLU A 764 28.74 16.40 -72.50
CA GLU A 764 27.70 15.39 -72.53
C GLU A 764 26.36 16.05 -72.85
N TRP A 765 25.49 15.31 -73.54
CA TRP A 765 24.12 15.74 -73.80
C TRP A 765 23.21 14.58 -73.51
N LYS A 766 22.86 14.44 -72.25
CA LYS A 766 22.11 13.27 -71.83
C LYS A 766 20.66 13.38 -72.29
N ALA A 767 20.08 12.22 -72.61
CA ALA A 767 18.70 12.15 -73.08
C ALA A 767 17.80 11.52 -72.01
N GLY A 768 17.33 12.35 -71.09
CA GLY A 768 16.13 11.99 -70.35
C GLY A 768 14.95 11.90 -71.30
N ALA A 769 13.93 11.14 -70.90
CA ALA A 769 12.90 10.84 -71.88
C ALA A 769 11.64 10.26 -71.26
N PHE A 770 10.54 10.34 -72.03
CA PHE A 770 9.24 9.82 -71.65
C PHE A 770 8.30 9.90 -72.85
N CYS A 771 7.22 9.11 -72.82
CA CYS A 771 6.19 9.18 -73.85
C CYS A 771 4.86 8.71 -73.25
N LEU A 772 3.77 9.08 -73.92
CA LEU A 772 2.43 8.68 -73.47
C LEU A 772 1.40 8.86 -74.59
N SER A 773 0.44 7.95 -74.58
CA SER A 773 -0.78 7.97 -75.38
C SER A 773 -1.59 6.75 -74.97
N GLU A 774 -2.77 6.54 -75.58
CA GLU A 774 -3.75 5.57 -75.10
C GLU A 774 -3.22 4.15 -74.92
N ASP A 775 -2.77 3.49 -76.00
CA ASP A 775 -2.74 2.02 -76.01
C ASP A 775 -1.73 1.46 -75.02
N ALA A 776 -0.45 1.82 -75.16
CA ALA A 776 0.61 1.07 -74.51
C ALA A 776 1.02 1.62 -73.15
N GLY A 777 0.76 2.89 -72.90
CA GLY A 777 0.98 3.50 -71.59
C GLY A 777 2.32 4.20 -71.48
N LEU A 778 2.70 4.47 -70.22
CA LEU A 778 3.93 5.18 -69.91
C LEU A 778 5.16 4.32 -70.26
N GLY A 779 6.36 4.81 -69.94
CA GLY A 779 7.58 4.23 -70.45
C GLY A 779 8.81 4.94 -69.92
N ILE A 780 9.97 4.32 -70.13
CA ILE A 780 11.26 4.93 -69.87
C ILE A 780 12.12 4.77 -71.11
N SER A 781 12.70 5.88 -71.56
CA SER A 781 13.86 5.86 -72.44
C SER A 781 14.95 6.60 -71.69
N SER A 782 16.10 6.61 -72.34
CA SER A 782 17.36 6.89 -71.62
C SER A 782 18.27 7.58 -72.62
N THR A 783 19.51 7.78 -72.20
CA THR A 783 20.34 8.84 -72.72
C THR A 783 20.81 8.58 -74.14
N ALA A 784 21.28 9.65 -74.76
CA ALA A 784 22.13 9.63 -75.93
C ALA A 784 23.08 10.77 -75.65
N SER A 785 24.14 10.47 -74.93
CA SER A 785 25.07 11.50 -74.47
C SER A 785 25.97 11.84 -75.64
N LEU A 786 25.63 12.93 -76.33
CA LEU A 786 26.36 13.31 -77.54
C LEU A 786 27.70 13.96 -77.15
N ARG A 787 28.59 13.13 -76.60
CA ARG A 787 29.92 13.60 -76.23
C ARG A 787 30.68 13.90 -77.51
N ALA A 788 30.46 15.09 -78.04
CA ALA A 788 30.96 15.45 -79.37
C ALA A 788 32.49 15.42 -79.39
N PHE A 789 33.03 15.50 -80.60
CA PHE A 789 34.45 15.37 -80.87
C PHE A 789 34.89 16.59 -81.66
N GLN A 790 36.16 16.95 -81.54
CA GLN A 790 36.75 17.99 -82.37
C GLN A 790 38.27 17.81 -82.30
N PRO A 791 38.98 17.70 -83.42
CA PRO A 791 40.45 17.60 -83.32
C PRO A 791 41.08 18.88 -82.79
N PHE A 792 40.68 20.02 -83.32
CA PHE A 792 41.17 21.33 -82.89
C PHE A 792 39.98 22.06 -82.30
N PHE A 793 39.88 22.08 -80.98
CA PHE A 793 38.86 22.84 -80.28
C PHE A 793 39.53 23.89 -79.42
N VAL A 794 39.07 25.13 -79.57
CA VAL A 794 39.63 26.27 -78.86
C VAL A 794 38.86 26.37 -77.53
N GLU A 795 39.44 25.78 -76.48
CA GLU A 795 38.79 25.70 -75.16
C GLU A 795 39.05 27.02 -74.43
N LEU A 796 38.25 28.03 -74.77
CA LEU A 796 38.38 29.32 -74.11
C LEU A 796 37.83 29.21 -72.70
N THR A 797 38.70 29.40 -71.71
CA THR A 797 38.36 29.28 -70.30
C THR A 797 38.29 30.68 -69.72
N MET A 798 37.10 31.08 -69.29
CA MET A 798 36.86 32.44 -68.82
C MET A 798 35.77 32.38 -67.74
N PRO A 799 35.72 33.38 -66.87
CA PRO A 799 34.69 33.41 -65.83
C PRO A 799 33.33 33.70 -66.43
N TYR A 800 32.33 33.70 -65.55
CA TYR A 800 30.95 33.95 -65.97
C TYR A 800 30.45 35.34 -65.63
N SER A 801 30.92 35.94 -64.52
CA SER A 801 30.54 37.29 -64.14
C SER A 801 31.79 38.07 -63.75
N VAL A 802 32.01 39.20 -64.41
CA VAL A 802 33.09 40.12 -64.08
C VAL A 802 32.54 41.54 -64.16
N ILE A 803 33.43 42.49 -63.93
CA ILE A 803 33.09 43.90 -63.74
C ILE A 803 33.82 44.71 -64.81
N ARG A 804 33.24 45.86 -65.17
CA ARG A 804 33.90 46.75 -66.12
C ARG A 804 35.20 47.31 -65.56
N GLY A 805 35.16 47.82 -64.34
CA GLY A 805 36.31 48.49 -63.73
C GLY A 805 37.61 47.69 -63.66
N GLU A 806 37.64 46.63 -62.85
CA GLU A 806 38.88 45.92 -62.61
C GLU A 806 39.13 44.88 -63.70
N ALA A 807 40.26 44.19 -63.59
CA ALA A 807 40.72 43.22 -64.57
C ALA A 807 40.58 41.80 -64.01
N PHE A 808 40.12 40.89 -64.87
CA PHE A 808 40.06 39.47 -64.58
C PHE A 808 41.03 38.73 -65.49
N THR A 809 41.66 37.68 -64.98
CA THR A 809 42.55 36.89 -65.81
C THR A 809 41.75 36.09 -66.82
N LEU A 810 42.21 36.11 -68.05
CA LEU A 810 41.59 35.37 -69.14
C LEU A 810 42.66 34.42 -69.68
N LYS A 811 42.78 33.28 -69.03
CA LYS A 811 43.76 32.26 -69.40
C LYS A 811 43.17 31.36 -70.47
N ALA A 812 44.01 30.94 -71.41
CA ALA A 812 43.58 30.34 -72.67
C ALA A 812 44.17 28.93 -72.82
N THR A 813 43.50 27.93 -72.27
CA THR A 813 43.96 26.56 -72.43
C THR A 813 43.56 26.04 -73.81
N VAL A 814 44.46 25.29 -74.43
CA VAL A 814 44.30 24.83 -75.80
C VAL A 814 44.89 23.45 -75.93
N LEU A 815 44.04 22.44 -76.15
CA LEU A 815 44.43 21.04 -76.11
C LEU A 815 44.69 20.50 -77.50
N ASN A 816 45.82 19.81 -77.65
CA ASN A 816 46.13 19.03 -78.84
C ASN A 816 45.95 17.57 -78.50
N TYR A 817 44.91 16.97 -79.06
CA TYR A 817 44.68 15.52 -78.97
C TYR A 817 45.13 14.82 -80.24
N LEU A 818 46.25 15.31 -80.79
CA LEU A 818 46.89 14.81 -81.99
C LEU A 818 48.33 14.43 -81.67
N PRO A 819 48.80 13.21 -81.99
CA PRO A 819 50.23 12.93 -81.79
C PRO A 819 51.14 13.85 -82.56
N LYS A 820 50.67 14.37 -83.71
CA LYS A 820 51.39 15.46 -84.35
C LYS A 820 51.49 16.63 -83.39
N CYS A 821 52.73 17.00 -83.08
CA CYS A 821 53.01 17.95 -82.02
C CYS A 821 53.08 19.32 -82.68
N ILE A 822 51.92 19.93 -82.85
CA ILE A 822 51.77 21.15 -83.62
C ILE A 822 51.94 22.34 -82.69
N ARG A 823 52.73 23.32 -83.13
CA ARG A 823 52.81 24.60 -82.44
C ARG A 823 51.43 25.24 -82.38
N VAL A 824 51.26 26.15 -81.42
CA VAL A 824 50.00 26.87 -81.21
C VAL A 824 50.23 28.36 -81.45
N SER A 825 49.51 28.90 -82.43
CA SER A 825 49.40 30.34 -82.62
C SER A 825 48.12 30.76 -81.90
N VAL A 826 48.27 31.47 -80.79
CA VAL A 826 47.17 31.77 -79.88
C VAL A 826 46.98 33.28 -79.82
N GLN A 827 45.81 33.74 -80.25
CA GLN A 827 45.42 35.15 -80.14
C GLN A 827 43.90 35.19 -80.13
N LEU A 828 43.35 36.41 -80.10
CA LEU A 828 41.91 36.63 -80.00
C LEU A 828 41.47 37.60 -81.08
N GLU A 829 40.51 37.17 -81.90
CA GLU A 829 39.61 38.12 -82.52
C GLU A 829 38.71 38.65 -81.42
N ALA A 830 38.41 39.94 -81.46
CA ALA A 830 37.78 40.62 -80.34
C ALA A 830 36.49 41.32 -80.75
N SER A 831 35.49 41.21 -79.89
CA SER A 831 34.29 42.00 -80.02
C SER A 831 34.58 43.40 -79.47
N PRO A 832 33.69 44.39 -79.65
CA PRO A 832 34.12 45.78 -79.51
C PRO A 832 34.47 46.20 -78.08
N ALA A 833 33.91 45.55 -77.06
CA ALA A 833 33.80 46.16 -75.73
C ALA A 833 34.70 45.49 -74.68
N PHE A 834 35.95 45.21 -75.03
CA PHE A 834 36.95 44.89 -74.00
C PHE A 834 38.33 45.34 -74.45
N LEU A 835 39.23 45.49 -73.48
CA LEU A 835 40.59 45.98 -73.68
C LEU A 835 41.55 44.98 -73.04
N ALA A 836 42.73 44.81 -73.65
CA ALA A 836 43.72 43.87 -73.13
C ALA A 836 45.09 44.20 -73.68
N VAL A 837 46.11 44.04 -72.83
CA VAL A 837 47.52 44.23 -73.21
C VAL A 837 48.28 42.99 -72.70
N PRO A 838 48.72 42.06 -73.57
CA PRO A 838 49.26 40.79 -73.05
C PRO A 838 50.59 40.95 -72.32
N VAL A 839 51.10 39.85 -71.76
CA VAL A 839 52.28 39.88 -70.90
C VAL A 839 53.40 39.02 -71.46
N GLU A 840 53.05 37.97 -72.20
CA GLU A 840 54.01 37.00 -72.74
C GLU A 840 53.94 36.98 -74.26
N LYS A 841 53.90 38.17 -74.85
CA LYS A 841 53.90 38.30 -76.31
C LYS A 841 55.30 38.19 -76.92
N GLU A 842 56.34 37.94 -76.10
CA GLU A 842 57.71 37.94 -76.60
C GLU A 842 58.16 36.55 -77.04
N GLN A 843 57.87 35.51 -76.25
CA GLN A 843 58.30 34.16 -76.58
C GLN A 843 57.24 33.47 -77.43
N ALA A 844 57.65 32.40 -78.11
CA ALA A 844 56.81 31.60 -78.99
C ALA A 844 56.59 30.20 -78.41
N PRO A 845 55.35 29.73 -78.23
CA PRO A 845 55.15 28.29 -78.00
C PRO A 845 55.74 27.47 -79.15
N HIS A 846 56.05 26.21 -78.85
CA HIS A 846 56.76 25.33 -79.77
C HIS A 846 55.90 24.18 -80.26
N CYS A 847 55.28 23.43 -79.35
CA CYS A 847 54.46 22.30 -79.75
C CYS A 847 53.71 21.74 -78.55
N ILE A 848 52.60 21.05 -78.85
CA ILE A 848 51.87 20.25 -77.88
C ILE A 848 51.34 19.01 -78.61
N CYS A 849 51.81 17.84 -78.20
CA CYS A 849 51.47 16.59 -78.86
C CYS A 849 50.09 16.14 -78.41
N ALA A 850 49.74 14.89 -78.74
CA ALA A 850 48.48 14.30 -78.31
C ALA A 850 48.30 14.42 -76.81
N ASN A 851 47.22 15.10 -76.42
CA ASN A 851 46.80 15.35 -75.05
C ASN A 851 47.61 16.45 -74.38
N GLY A 852 48.66 16.94 -75.01
CA GLY A 852 49.35 18.13 -74.53
C GLY A 852 48.51 19.36 -74.81
N ARG A 853 48.52 20.29 -73.86
CA ARG A 853 47.78 21.53 -74.01
C ARG A 853 48.62 22.71 -73.53
N GLN A 854 48.63 23.76 -74.36
CA GLN A 854 49.38 24.96 -74.10
C GLN A 854 48.47 25.98 -73.43
N THR A 855 49.08 27.06 -72.94
CA THR A 855 48.31 28.16 -72.38
C THR A 855 49.05 29.47 -72.50
N VAL A 856 48.27 30.51 -72.79
CA VAL A 856 48.64 31.89 -72.58
C VAL A 856 47.51 32.52 -71.78
N SER A 857 47.56 33.84 -71.60
CA SER A 857 46.48 34.49 -70.88
C SER A 857 46.27 35.90 -71.38
N TRP A 858 45.14 36.46 -70.94
CA TRP A 858 44.73 37.82 -71.27
C TRP A 858 44.22 38.47 -70.00
N ALA A 859 44.60 39.72 -69.78
CA ALA A 859 44.06 40.52 -68.69
C ALA A 859 42.91 41.34 -69.26
N VAL A 860 41.96 40.63 -69.87
CA VAL A 860 40.90 41.26 -70.66
C VAL A 860 39.84 41.78 -69.70
N THR A 861 39.08 42.77 -70.16
CA THR A 861 38.22 43.57 -69.28
C THR A 861 37.01 44.05 -70.07
N PRO A 862 35.84 43.42 -69.91
CA PRO A 862 34.66 43.88 -70.64
C PRO A 862 34.21 45.27 -70.23
N LYS A 863 34.35 46.22 -71.13
CA LYS A 863 33.82 47.57 -70.92
C LYS A 863 32.36 47.69 -71.36
N SER A 864 31.67 46.58 -71.58
CA SER A 864 30.29 46.61 -72.01
C SER A 864 29.34 46.70 -70.82
N LEU A 865 28.05 46.61 -71.13
CA LEU A 865 27.04 46.16 -70.20
C LEU A 865 26.19 45.16 -70.96
N GLY A 866 26.13 43.92 -70.44
CA GLY A 866 25.50 42.83 -71.15
C GLY A 866 26.51 41.96 -71.87
N ASN A 867 25.96 40.91 -72.50
CA ASN A 867 26.80 39.86 -73.13
C ASN A 867 27.55 40.27 -74.40
N VAL A 868 28.51 41.20 -74.32
CA VAL A 868 29.39 41.43 -75.46
C VAL A 868 30.23 40.17 -75.61
N ASN A 869 29.83 39.36 -76.61
CA ASN A 869 30.41 38.01 -76.82
C ASN A 869 31.92 37.93 -76.69
N PHE A 870 32.39 36.74 -76.30
CA PHE A 870 33.82 36.58 -76.06
C PHE A 870 34.37 35.54 -77.02
N THR A 871 35.33 35.97 -77.81
CA THR A 871 35.69 35.35 -79.08
C THR A 871 37.18 35.08 -79.11
N VAL A 872 37.57 34.00 -79.76
CA VAL A 872 38.94 33.51 -79.72
C VAL A 872 39.40 33.19 -81.14
N SER A 873 40.70 32.94 -81.26
CA SER A 873 41.34 32.66 -82.52
C SER A 873 42.43 31.62 -82.28
N ALA A 874 42.29 30.46 -82.90
CA ALA A 874 43.22 29.35 -82.68
C ALA A 874 43.19 28.46 -83.91
N GLU A 875 44.37 28.22 -84.51
CA GLU A 875 44.49 27.40 -85.70
C GLU A 875 45.72 26.52 -85.61
N ALA A 876 45.70 25.40 -86.33
CA ALA A 876 46.87 24.56 -86.47
C ALA A 876 47.83 25.18 -87.48
N LEU A 877 49.10 24.79 -87.39
CA LEU A 877 50.19 25.45 -88.09
C LEU A 877 51.12 24.42 -88.72
N GLU A 878 51.80 24.84 -89.77
CA GLU A 878 52.55 23.96 -90.66
C GLU A 878 54.00 24.41 -90.78
N SER A 879 54.86 23.47 -91.20
CA SER A 879 56.25 23.74 -91.57
C SER A 879 57.01 24.40 -90.42
N GLN A 880 57.00 23.77 -89.25
CA GLN A 880 57.57 24.30 -88.02
C GLN A 880 58.28 23.20 -87.26
N GLU A 881 59.10 22.42 -87.97
CA GLU A 881 59.72 21.22 -87.42
C GLU A 881 60.97 21.57 -86.61
N LEU A 882 60.76 22.37 -85.56
CA LEU A 882 61.79 22.69 -84.59
C LEU A 882 61.55 22.02 -83.25
N CYS A 883 60.29 21.89 -82.84
CA CYS A 883 59.98 21.27 -81.56
C CYS A 883 60.10 19.76 -81.66
N GLY A 884 59.95 19.20 -82.86
CA GLY A 884 60.05 17.77 -83.07
C GLY A 884 60.39 17.41 -84.50
N THR A 885 60.07 16.19 -84.91
CA THR A 885 60.49 15.70 -86.22
C THR A 885 59.65 16.30 -87.34
N GLU A 886 58.34 16.05 -87.30
CA GLU A 886 57.42 16.47 -88.35
C GLU A 886 56.16 17.04 -87.73
N VAL A 887 55.49 17.89 -88.49
CA VAL A 887 54.24 18.52 -88.08
C VAL A 887 53.33 18.62 -89.29
N PRO A 888 52.64 17.53 -89.68
CA PRO A 888 51.71 17.64 -90.82
C PRO A 888 50.61 18.68 -90.60
N SER A 889 49.88 18.57 -89.50
CA SER A 889 48.93 19.59 -89.06
C SER A 889 47.87 19.86 -90.12
N VAL A 890 47.09 18.80 -90.37
CA VAL A 890 45.97 18.84 -91.30
C VAL A 890 44.70 18.40 -90.59
N PRO A 891 44.08 19.28 -89.81
CA PRO A 891 42.69 19.03 -89.43
C PRO A 891 41.76 19.16 -90.62
N GLU A 892 40.46 19.05 -90.38
CA GLU A 892 39.50 19.13 -91.48
C GLU A 892 39.53 20.53 -92.09
N HIS A 893 38.74 20.70 -93.17
CA HIS A 893 38.71 21.94 -93.95
C HIS A 893 38.58 23.20 -93.09
N GLY A 894 37.92 23.11 -91.95
CA GLY A 894 37.80 24.23 -91.04
C GLY A 894 39.03 24.41 -90.17
N ARG A 895 40.09 24.99 -90.72
CA ARG A 895 41.40 24.98 -90.08
C ARG A 895 41.60 26.07 -89.03
N LYS A 896 40.54 26.65 -88.47
CA LYS A 896 40.66 27.62 -87.38
C LYS A 896 39.43 27.51 -86.49
N ASP A 897 39.59 26.93 -85.29
CA ASP A 897 38.47 26.75 -84.38
C ASP A 897 38.24 28.05 -83.62
N THR A 898 36.98 28.47 -83.57
CA THR A 898 36.56 29.77 -83.03
C THR A 898 35.40 29.53 -82.09
N VAL A 899 35.41 30.19 -80.93
CA VAL A 899 34.37 30.06 -79.93
C VAL A 899 33.99 31.46 -79.46
N ILE A 900 32.76 31.88 -79.78
CA ILE A 900 32.24 33.19 -79.41
C ILE A 900 31.23 32.99 -78.29
N LYS A 901 31.46 33.64 -77.14
CA LYS A 901 30.71 33.31 -75.95
C LYS A 901 30.23 34.49 -75.12
N PRO A 902 29.04 34.42 -74.54
CA PRO A 902 28.54 35.54 -73.76
C PRO A 902 29.11 35.55 -72.35
N LEU A 903 28.93 36.68 -71.71
CA LEU A 903 29.02 36.79 -70.26
C LEU A 903 28.54 38.17 -69.87
N LEU A 904 27.75 38.25 -68.81
CA LEU A 904 27.11 39.49 -68.39
C LEU A 904 28.05 40.26 -67.47
N VAL A 905 28.73 41.29 -67.99
CA VAL A 905 29.60 42.15 -67.18
C VAL A 905 28.73 43.01 -66.30
N GLU A 906 29.01 43.01 -65.03
CA GLU A 906 28.19 43.69 -64.06
C GLU A 906 28.67 45.13 -63.87
N PRO A 907 27.80 46.04 -63.46
CA PRO A 907 28.28 47.34 -62.98
C PRO A 907 29.32 47.21 -61.88
N GLU A 908 30.38 47.99 -62.04
CA GLU A 908 31.36 48.16 -60.99
C GLU A 908 30.74 48.92 -59.81
N GLY A 909 31.57 49.12 -58.79
CA GLY A 909 31.16 49.89 -57.63
C GLY A 909 30.11 49.18 -56.81
N LEU A 910 29.70 49.83 -55.73
CA LEU A 910 28.80 49.23 -54.76
C LEU A 910 27.37 49.41 -55.26
N GLU A 911 26.98 48.56 -56.20
CA GLU A 911 25.59 48.42 -56.56
C GLU A 911 24.75 48.26 -55.30
N LYS A 912 23.94 49.27 -55.04
CA LYS A 912 23.16 49.36 -53.78
C LYS A 912 21.79 49.93 -54.14
N GLU A 913 20.87 49.87 -53.19
CA GLU A 913 19.44 49.81 -53.43
C GLU A 913 18.75 51.11 -53.08
N THR A 914 17.46 51.11 -53.40
CA THR A 914 16.51 52.04 -52.83
C THR A 914 15.13 51.43 -52.98
N THR A 915 14.31 51.63 -51.96
CA THR A 915 12.93 51.20 -52.00
C THR A 915 12.05 52.27 -51.36
N PHE A 916 10.78 52.25 -51.74
CA PHE A 916 9.86 53.33 -51.47
C PHE A 916 8.45 52.78 -51.55
N ASN A 917 7.68 53.02 -50.51
CA ASN A 917 6.44 52.29 -50.29
C ASN A 917 5.26 53.17 -50.62
N SER A 918 4.08 52.57 -50.47
CA SER A 918 2.84 53.18 -50.90
C SER A 918 1.69 52.29 -50.46
N LEU A 919 0.52 52.90 -50.35
CA LEU A 919 -0.75 52.20 -50.25
C LEU A 919 -1.81 53.17 -50.71
N LEU A 920 -2.65 52.73 -51.63
CA LEU A 920 -3.62 53.59 -52.26
C LEU A 920 -4.85 52.73 -52.56
N CYS A 921 -5.80 52.75 -51.64
CA CYS A 921 -6.98 51.89 -51.71
C CYS A 921 -8.23 52.76 -51.83
N PRO A 922 -8.71 53.03 -53.04
CA PRO A 922 -10.00 53.73 -53.16
C PRO A 922 -11.14 52.87 -52.66
N SER A 923 -12.20 53.54 -52.19
CA SER A 923 -13.43 52.88 -51.76
C SER A 923 -14.58 53.69 -52.36
N GLY A 924 -15.03 53.24 -53.52
CA GLY A 924 -16.01 53.98 -54.29
C GLY A 924 -15.45 55.12 -55.09
N GLY A 925 -14.13 55.33 -55.08
CA GLY A 925 -13.51 56.45 -55.76
C GLY A 925 -12.15 56.12 -56.30
N GLU A 926 -11.19 57.03 -56.08
CA GLU A 926 -9.86 56.93 -56.65
C GLU A 926 -8.85 57.39 -55.61
N VAL A 927 -7.63 56.85 -55.73
CA VAL A 927 -6.50 57.27 -54.93
C VAL A 927 -5.32 57.40 -55.89
N SER A 928 -4.34 58.21 -55.49
CA SER A 928 -3.23 58.53 -56.36
C SER A 928 -2.02 58.89 -55.50
N GLU A 929 -0.88 58.98 -56.17
CA GLU A 929 0.34 59.45 -55.53
C GLU A 929 1.32 59.80 -56.64
N GLU A 930 2.43 60.39 -56.23
CA GLU A 930 3.53 60.74 -57.11
C GLU A 930 4.79 60.44 -56.35
N LEU A 931 5.79 59.97 -57.07
CA LEU A 931 7.08 59.68 -56.45
C LEU A 931 8.17 60.07 -57.41
N SER A 932 9.13 60.82 -56.89
CA SER A 932 10.18 61.41 -57.68
C SER A 932 11.49 61.29 -56.93
N LEU A 933 12.46 60.66 -57.58
CA LEU A 933 13.61 60.10 -56.90
C LEU A 933 14.84 60.38 -57.75
N LYS A 934 15.66 61.29 -57.27
CA LYS A 934 16.94 61.60 -57.86
C LYS A 934 17.90 61.64 -56.68
N LEU A 935 18.55 60.51 -56.43
CA LEU A 935 19.65 60.45 -55.47
C LEU A 935 20.83 59.72 -56.10
N PRO A 936 21.40 60.26 -57.20
CA PRO A 936 22.71 59.81 -57.65
C PRO A 936 23.81 60.74 -57.17
N PRO A 937 24.26 60.64 -55.92
CA PRO A 937 25.46 61.40 -55.53
C PRO A 937 26.72 60.72 -56.06
N ASN A 938 27.29 61.29 -57.12
CA ASN A 938 28.52 60.77 -57.70
C ASN A 938 28.33 59.33 -58.21
N VAL A 939 27.53 59.18 -59.25
CA VAL A 939 27.29 57.88 -59.87
C VAL A 939 28.04 57.81 -61.19
N VAL A 940 28.02 56.62 -61.79
CA VAL A 940 28.66 56.34 -63.06
C VAL A 940 27.55 56.14 -64.09
N GLU A 941 27.93 56.16 -65.38
CA GLU A 941 26.98 56.33 -66.48
C GLU A 941 25.85 55.32 -66.43
N GLU A 942 24.66 55.79 -66.83
CA GLU A 942 23.44 55.00 -66.81
C GLU A 942 23.23 54.33 -65.46
N SER A 943 23.25 55.12 -64.39
CA SER A 943 22.92 54.60 -63.07
C SER A 943 21.45 54.18 -62.97
N ALA A 944 20.62 54.48 -63.97
CA ALA A 944 19.22 54.09 -64.02
C ALA A 944 18.99 52.60 -63.91
N ARG A 945 18.44 52.14 -62.78
CA ARG A 945 17.76 50.86 -62.72
C ARG A 945 16.94 50.78 -61.45
N ALA A 946 15.61 50.70 -61.61
CA ALA A 946 14.70 50.62 -60.47
C ALA A 946 13.28 50.40 -60.97
N SER A 947 12.39 50.04 -60.04
CA SER A 947 11.12 49.46 -60.42
C SER A 947 10.21 49.32 -59.21
N VAL A 948 8.95 48.97 -59.47
CA VAL A 948 7.98 48.54 -58.45
C VAL A 948 7.22 47.33 -58.99
N SER A 949 6.18 46.93 -58.27
CA SER A 949 5.12 46.04 -58.74
C SER A 949 4.06 45.97 -57.65
N VAL A 950 2.92 45.36 -57.97
CA VAL A 950 1.71 45.49 -57.17
C VAL A 950 1.27 44.15 -56.62
N LEU A 951 0.64 44.14 -55.44
CA LEU A 951 0.15 42.83 -54.92
C LEU A 951 -0.85 43.00 -53.78
N GLY A 952 -1.57 41.92 -53.44
CA GLY A 952 -2.48 41.96 -52.28
C GLY A 952 -1.96 41.02 -51.21
N ASP A 953 -1.15 41.56 -50.30
CA ASP A 953 -0.14 40.80 -49.55
C ASP A 953 -0.76 39.92 -48.46
N ILE A 954 -1.90 39.28 -48.76
CA ILE A 954 -2.64 38.52 -47.76
C ILE A 954 -2.28 37.04 -47.70
N LEU A 955 -1.73 36.45 -48.77
CA LEU A 955 -1.51 35.02 -48.83
C LEU A 955 -0.15 34.64 -49.42
N GLY A 956 0.87 35.47 -49.27
CA GLY A 956 2.19 35.11 -49.75
C GLY A 956 2.74 33.87 -49.11
N SER A 957 2.63 33.75 -47.79
CA SER A 957 2.94 32.50 -47.10
C SER A 957 1.91 32.17 -46.04
N ALA A 958 0.77 32.86 -46.04
CA ALA A 958 -0.36 32.49 -45.20
C ALA A 958 -0.72 31.02 -45.33
N MET A 959 -0.72 30.49 -46.56
CA MET A 959 -1.16 29.14 -46.85
C MET A 959 -0.55 28.12 -45.89
N GLN A 960 0.78 28.09 -45.86
CA GLN A 960 1.50 27.00 -45.19
C GLN A 960 1.17 26.97 -43.71
N ASN A 961 1.52 28.04 -43.00
CA ASN A 961 1.33 28.10 -41.56
C ASN A 961 -0.13 27.94 -41.19
N THR A 962 -0.98 28.71 -41.87
CA THR A 962 -2.36 28.84 -41.44
C THR A 962 -3.11 27.54 -41.65
N GLN A 963 -2.68 26.75 -42.63
CA GLN A 963 -3.16 25.38 -42.69
C GLN A 963 -2.44 24.50 -41.68
N ASN A 964 -1.18 24.81 -41.38
CA ASN A 964 -0.36 23.97 -40.51
C ASN A 964 -0.98 23.81 -39.15
N LEU A 965 -1.57 24.86 -38.62
CA LEU A 965 -1.97 24.88 -37.21
C LEU A 965 -3.46 24.55 -37.07
N LEU A 966 -3.73 23.42 -36.43
CA LEU A 966 -5.04 23.03 -35.93
C LEU A 966 -4.81 21.86 -35.00
N GLN A 967 -5.15 22.01 -33.72
CA GLN A 967 -4.87 20.94 -32.77
C GLN A 967 -5.88 21.00 -31.64
N MET A 968 -5.84 19.96 -30.81
CA MET A 968 -6.82 19.58 -29.82
C MET A 968 -6.23 19.76 -28.42
N PRO A 969 -6.97 20.24 -27.42
CA PRO A 969 -6.31 20.77 -26.22
C PRO A 969 -5.71 19.71 -25.31
N TYR A 970 -4.43 19.89 -25.00
CA TYR A 970 -3.70 19.00 -24.11
C TYR A 970 -2.62 19.79 -23.39
N GLY A 971 -2.53 19.56 -22.08
CA GLY A 971 -1.59 20.24 -21.21
C GLY A 971 -2.28 20.81 -19.99
N CYS A 972 -1.49 21.56 -19.21
CA CYS A 972 -2.04 22.31 -18.09
C CYS A 972 -2.99 23.38 -18.61
N GLY A 973 -3.65 24.08 -17.68
CA GLY A 973 -4.56 25.13 -18.08
C GLY A 973 -3.90 26.16 -18.99
N GLU A 974 -2.65 26.48 -18.71
CA GLU A 974 -1.93 27.42 -19.56
C GLU A 974 -1.64 26.82 -20.92
N GLN A 975 -0.98 25.66 -20.95
CA GLN A 975 -0.75 24.99 -22.21
C GLN A 975 -2.06 24.56 -22.86
N ASN A 976 -3.10 24.33 -22.06
CA ASN A 976 -4.42 24.09 -22.64
C ASN A 976 -4.83 25.29 -23.47
N MET A 977 -4.67 26.47 -22.91
CA MET A 977 -5.00 27.66 -23.66
C MET A 977 -4.04 27.86 -24.83
N VAL A 978 -2.82 27.34 -24.74
CA VAL A 978 -1.91 27.46 -25.88
C VAL A 978 -2.41 26.63 -27.05
N LEU A 979 -2.85 25.40 -26.78
CA LEU A 979 -3.50 24.63 -27.84
C LEU A 979 -4.77 25.32 -28.32
N PHE A 980 -5.57 25.82 -27.38
CA PHE A 980 -6.80 26.52 -27.66
C PHE A 980 -6.63 27.73 -28.55
N ALA A 981 -5.57 28.47 -28.37
CA ALA A 981 -5.57 29.87 -28.70
C ALA A 981 -5.51 30.16 -30.19
N PRO A 982 -4.41 29.83 -30.87
CA PRO A 982 -4.25 30.29 -32.26
C PRO A 982 -5.28 29.69 -33.19
N ASN A 983 -5.97 28.63 -32.76
CA ASN A 983 -7.13 28.09 -33.44
C ASN A 983 -8.04 29.20 -33.95
N ILE A 984 -8.51 30.02 -33.02
CA ILE A 984 -9.57 30.97 -33.33
C ILE A 984 -9.01 32.14 -34.12
N TYR A 985 -7.78 32.51 -33.84
CA TYR A 985 -7.22 33.67 -34.48
C TYR A 985 -6.94 33.35 -35.94
N VAL A 986 -6.39 32.19 -36.23
CA VAL A 986 -6.23 31.84 -37.62
C VAL A 986 -7.58 31.50 -38.24
N LEU A 987 -8.58 31.15 -37.43
CA LEU A 987 -9.88 30.87 -38.02
C LEU A 987 -10.44 32.13 -38.65
N ASP A 988 -10.48 33.20 -37.85
CA ASP A 988 -10.88 34.49 -38.41
C ASP A 988 -9.94 34.91 -39.51
N TYR A 989 -8.67 34.54 -39.39
CA TYR A 989 -7.71 34.85 -40.44
C TYR A 989 -8.14 34.25 -41.74
N LEU A 990 -8.47 32.97 -41.70
CA LEU A 990 -8.95 32.26 -42.88
C LEU A 990 -10.21 32.94 -43.42
N ASN A 991 -11.15 33.26 -42.51
CA ASN A 991 -12.45 33.82 -42.92
C ASN A 991 -12.28 35.15 -43.65
N GLU A 992 -11.21 35.88 -43.35
CA GLU A 992 -10.97 37.20 -43.99
C GLU A 992 -10.08 37.00 -45.20
N THR A 993 -8.91 36.36 -45.03
CA THR A 993 -8.04 36.03 -46.16
C THR A 993 -8.79 35.33 -47.28
N GLN A 994 -9.97 34.79 -46.99
CA GLN A 994 -10.94 34.18 -47.90
C GLN A 994 -10.60 32.73 -48.26
N GLN A 995 -9.42 32.22 -47.92
CA GLN A 995 -9.03 30.85 -48.28
C GLN A 995 -9.45 29.91 -47.15
N LEU A 996 -10.57 29.20 -47.36
CA LEU A 996 -11.12 28.25 -46.41
C LEU A 996 -11.30 26.88 -47.05
N THR A 997 -11.34 25.86 -46.20
CA THR A 997 -11.77 24.51 -46.57
C THR A 997 -12.71 23.96 -45.49
N PRO A 998 -14.04 24.18 -45.59
CA PRO A 998 -14.88 24.26 -44.38
C PRO A 998 -14.83 23.11 -43.37
N GLU A 999 -14.54 21.87 -43.77
CA GLU A 999 -14.46 20.84 -42.73
C GLU A 999 -13.29 21.10 -41.78
N ILE A 1000 -12.30 21.86 -42.26
CA ILE A 1000 -11.26 22.40 -41.39
C ILE A 1000 -11.89 23.10 -40.20
N LYS A 1001 -12.90 23.93 -40.48
CA LYS A 1001 -13.52 24.74 -39.40
C LYS A 1001 -14.51 23.89 -38.63
N SER A 1002 -15.13 22.88 -39.26
CA SER A 1002 -15.99 22.00 -38.47
C SER A 1002 -15.19 21.27 -37.39
N LYS A 1003 -14.02 20.75 -37.74
CA LYS A 1003 -13.21 20.12 -36.71
C LYS A 1003 -12.57 21.16 -35.81
N ALA A 1004 -12.37 22.38 -36.30
CA ALA A 1004 -11.93 23.45 -35.41
C ALA A 1004 -13.06 23.95 -34.51
N ILE A 1005 -14.32 23.72 -34.91
CA ILE A 1005 -15.45 23.94 -34.02
C ILE A 1005 -15.42 22.91 -32.90
N GLY A 1006 -15.12 21.67 -33.27
CA GLY A 1006 -14.71 20.69 -32.29
C GLY A 1006 -13.66 21.23 -31.32
N TYR A 1007 -12.60 21.85 -31.86
CA TYR A 1007 -11.55 22.40 -31.00
C TYR A 1007 -12.11 23.46 -30.08
N LEU A 1008 -12.95 24.36 -30.61
CA LEU A 1008 -13.55 25.40 -29.80
C LEU A 1008 -14.23 24.81 -28.59
N ASN A 1009 -15.19 23.92 -28.82
CA ASN A 1009 -16.01 23.50 -27.70
C ASN A 1009 -15.27 22.55 -26.78
N THR A 1010 -14.31 21.80 -27.31
CA THR A 1010 -13.60 20.88 -26.45
C THR A 1010 -12.59 21.61 -25.57
N GLY A 1011 -11.88 22.60 -26.11
CA GLY A 1011 -11.03 23.42 -25.27
C GLY A 1011 -11.82 24.28 -24.32
N TYR A 1012 -12.96 24.78 -24.80
CA TYR A 1012 -13.94 25.46 -23.96
C TYR A 1012 -14.26 24.64 -22.72
N GLN A 1013 -14.64 23.38 -22.91
CA GLN A 1013 -15.11 22.61 -21.76
C GLN A 1013 -13.99 21.99 -20.95
N ARG A 1014 -12.87 21.63 -21.58
CA ARG A 1014 -11.75 21.08 -20.82
C ARG A 1014 -10.96 22.19 -20.14
N GLN A 1015 -11.21 23.45 -20.51
CA GLN A 1015 -10.78 24.58 -19.69
C GLN A 1015 -11.80 24.89 -18.60
N LEU A 1016 -13.10 24.75 -18.93
CA LEU A 1016 -14.16 24.92 -17.94
C LEU A 1016 -13.98 24.00 -16.75
N ASN A 1017 -13.48 22.79 -16.99
CA ASN A 1017 -13.34 21.82 -15.91
C ASN A 1017 -12.12 22.09 -15.02
N TYR A 1018 -11.45 23.27 -15.14
CA TYR A 1018 -10.28 23.62 -14.34
C TYR A 1018 -10.38 25.01 -13.70
N LYS A 1019 -11.49 25.72 -13.84
CA LYS A 1019 -11.56 27.10 -13.36
C LYS A 1019 -11.70 27.13 -11.83
N HIS A 1020 -11.79 28.34 -11.27
CA HIS A 1020 -12.17 28.53 -9.87
C HIS A 1020 -13.69 28.58 -9.76
N TYR A 1021 -14.17 28.43 -8.53
CA TYR A 1021 -15.60 28.59 -8.30
C TYR A 1021 -16.04 30.02 -8.53
N ASP A 1022 -15.13 30.98 -8.41
CA ASP A 1022 -15.51 32.38 -8.50
C ASP A 1022 -15.60 32.83 -9.95
N GLY A 1023 -14.70 32.34 -10.80
CA GLY A 1023 -14.63 32.76 -12.19
C GLY A 1023 -13.20 32.91 -12.66
N SER A 1024 -12.29 33.21 -11.74
CA SER A 1024 -10.88 33.24 -12.10
C SER A 1024 -10.39 31.84 -12.37
N TYR A 1025 -9.11 31.73 -12.67
CA TYR A 1025 -8.51 30.46 -13.06
C TYR A 1025 -7.22 30.24 -12.29
N SER A 1026 -6.95 28.96 -12.03
CA SER A 1026 -5.68 28.49 -11.51
C SER A 1026 -5.17 27.38 -12.42
N THR A 1027 -4.15 26.66 -11.96
CA THR A 1027 -3.50 25.65 -12.78
C THR A 1027 -4.03 24.25 -12.52
N PHE A 1028 -4.36 23.91 -11.28
CA PHE A 1028 -4.67 22.55 -10.90
C PHE A 1028 -6.14 22.37 -10.50
N GLY A 1029 -6.57 23.08 -9.48
CA GLY A 1029 -7.98 23.28 -9.20
C GLY A 1029 -8.86 22.07 -8.98
N GLU A 1030 -9.71 21.79 -9.97
CA GLU A 1030 -10.99 21.09 -9.82
C GLU A 1030 -10.91 19.79 -9.02
N ARG A 1031 -12.01 19.47 -8.33
CA ARG A 1031 -12.20 18.34 -7.40
C ARG A 1031 -11.57 18.62 -6.05
N TYR A 1032 -10.80 19.70 -5.89
CA TYR A 1032 -10.28 20.16 -4.62
C TYR A 1032 -10.12 21.67 -4.70
N GLY A 1033 -10.11 22.31 -3.53
CA GLY A 1033 -10.07 23.76 -3.46
C GLY A 1033 -8.83 24.32 -2.79
N ARG A 1034 -7.71 23.63 -2.92
CA ARG A 1034 -6.46 24.00 -2.21
C ARG A 1034 -5.52 24.75 -3.14
N ASN A 1035 -5.94 25.94 -3.59
CA ASN A 1035 -5.09 26.80 -4.42
C ASN A 1035 -5.79 28.14 -4.62
N GLN A 1036 -5.09 29.05 -5.30
CA GLN A 1036 -5.63 30.34 -5.73
C GLN A 1036 -5.21 30.59 -7.18
N GLY A 1037 -5.77 31.66 -7.78
CA GLY A 1037 -5.70 31.88 -9.21
C GLY A 1037 -4.63 32.88 -9.62
N ASN A 1038 -4.71 33.28 -10.90
CA ASN A 1038 -3.72 34.22 -11.45
C ASN A 1038 -4.32 34.95 -12.66
N THR A 1039 -3.62 36.02 -13.05
CA THR A 1039 -4.27 37.09 -13.81
C THR A 1039 -4.12 36.93 -15.32
N TRP A 1040 -2.88 36.99 -15.82
CA TRP A 1040 -2.66 37.08 -17.28
C TRP A 1040 -3.33 35.92 -18.00
N LEU A 1041 -3.29 34.76 -17.35
CA LEU A 1041 -4.16 33.64 -17.62
C LEU A 1041 -5.58 34.07 -17.92
N THR A 1042 -6.20 34.64 -16.90
CA THR A 1042 -7.61 34.98 -16.95
C THR A 1042 -7.91 36.10 -17.97
N ALA A 1043 -6.93 36.97 -18.25
CA ALA A 1043 -7.16 38.11 -19.15
C ALA A 1043 -7.08 37.69 -20.61
N PHE A 1044 -6.03 36.95 -20.94
CA PHE A 1044 -5.97 36.23 -22.19
C PHE A 1044 -7.27 35.44 -22.40
N VAL A 1045 -7.77 34.80 -21.35
CA VAL A 1045 -9.04 34.06 -21.51
C VAL A 1045 -10.16 35.01 -21.89
N LEU A 1046 -10.15 36.23 -21.36
CA LEU A 1046 -11.26 37.14 -21.63
C LEU A 1046 -11.25 37.57 -23.09
N LYS A 1047 -10.08 38.01 -23.57
CA LYS A 1047 -9.96 38.40 -24.98
C LYS A 1047 -10.36 37.26 -25.92
N THR A 1048 -9.89 36.08 -25.60
CA THR A 1048 -10.15 34.97 -26.49
C THR A 1048 -11.57 34.44 -26.33
N PHE A 1049 -12.19 34.69 -25.18
CA PHE A 1049 -13.62 34.42 -25.05
C PHE A 1049 -14.45 35.41 -25.86
N ALA A 1050 -13.93 36.62 -26.03
CA ALA A 1050 -14.60 37.55 -26.95
C ALA A 1050 -14.62 36.97 -28.34
N GLN A 1051 -13.46 36.53 -28.82
CA GLN A 1051 -13.46 35.88 -30.12
C GLN A 1051 -14.28 34.58 -30.09
N ALA A 1052 -14.41 33.94 -28.93
CA ALA A 1052 -15.20 32.72 -28.82
C ALA A 1052 -16.66 32.99 -29.13
N ARG A 1053 -17.24 34.00 -28.48
CA ARG A 1053 -18.58 34.41 -28.84
C ARG A 1053 -18.62 34.91 -30.27
N ALA A 1054 -17.50 35.42 -30.78
CA ALA A 1054 -17.41 35.74 -32.19
C ALA A 1054 -17.52 34.49 -33.07
N TYR A 1055 -17.60 33.31 -32.45
CA TYR A 1055 -17.74 32.03 -33.19
C TYR A 1055 -18.89 31.20 -32.63
N ILE A 1056 -19.12 31.23 -31.30
CA ILE A 1056 -20.13 30.36 -30.72
C ILE A 1056 -21.12 31.13 -29.87
N PHE A 1057 -22.05 30.41 -29.25
CA PHE A 1057 -22.66 30.86 -28.01
C PHE A 1057 -21.80 30.36 -26.87
N ILE A 1058 -20.96 31.23 -26.37
CA ILE A 1058 -20.18 31.03 -25.16
C ILE A 1058 -20.96 31.79 -24.09
N ASP A 1059 -21.66 31.02 -23.25
CA ASP A 1059 -22.53 31.60 -22.18
C ASP A 1059 -21.72 32.57 -21.31
N GLU A 1060 -22.37 33.64 -20.87
CA GLU A 1060 -21.70 34.93 -20.60
C GLU A 1060 -21.20 35.08 -19.17
N ALA A 1061 -21.70 34.24 -18.25
CA ALA A 1061 -21.30 34.33 -16.86
C ALA A 1061 -19.79 34.23 -16.70
N HIS A 1062 -19.11 33.50 -17.58
CA HIS A 1062 -17.69 33.25 -17.37
C HIS A 1062 -16.87 34.50 -17.63
N ILE A 1063 -17.08 35.15 -18.78
CA ILE A 1063 -16.36 36.40 -19.04
C ILE A 1063 -16.69 37.40 -17.96
N THR A 1064 -17.96 37.47 -17.56
CA THR A 1064 -18.31 38.54 -16.65
C THR A 1064 -17.83 38.28 -15.23
N GLN A 1065 -17.61 37.01 -14.86
CA GLN A 1065 -17.10 36.73 -13.53
C GLN A 1065 -15.59 36.85 -13.47
N ALA A 1066 -14.90 36.46 -14.54
CA ALA A 1066 -13.48 36.79 -14.63
C ALA A 1066 -13.29 38.30 -14.63
N LEU A 1067 -14.26 39.02 -15.18
CA LEU A 1067 -14.27 40.46 -15.19
C LEU A 1067 -14.56 41.05 -13.80
N ILE A 1068 -15.34 40.35 -12.96
CA ILE A 1068 -15.45 40.84 -11.58
C ILE A 1068 -14.14 40.58 -10.85
N TRP A 1069 -13.46 39.47 -11.14
CA TRP A 1069 -12.18 39.25 -10.45
C TRP A 1069 -11.15 40.29 -10.88
N LEU A 1070 -11.22 40.74 -12.14
CA LEU A 1070 -10.44 41.90 -12.58
C LEU A 1070 -10.69 43.06 -11.64
N SER A 1071 -11.92 43.56 -11.65
CA SER A 1071 -12.20 44.79 -10.91
C SER A 1071 -12.03 44.60 -9.41
N GLN A 1072 -12.07 43.35 -8.93
CA GLN A 1072 -11.87 43.08 -7.51
C GLN A 1072 -10.42 43.24 -7.11
N ARG A 1073 -9.52 42.65 -7.91
CA ARG A 1073 -8.09 42.86 -7.69
C ARG A 1073 -7.56 44.07 -8.45
N GLN A 1074 -8.43 45.02 -8.78
CA GLN A 1074 -8.01 46.35 -9.16
C GLN A 1074 -7.90 47.22 -7.91
N LYS A 1075 -7.10 48.28 -8.05
CA LYS A 1075 -6.70 49.10 -6.92
C LYS A 1075 -6.90 50.58 -7.27
N ASP A 1076 -6.38 51.45 -6.41
CA ASP A 1076 -6.77 52.86 -6.41
C ASP A 1076 -5.91 53.69 -7.35
N ASN A 1077 -4.60 53.66 -7.12
CA ASN A 1077 -3.62 54.54 -7.81
C ASN A 1077 -2.56 53.64 -8.45
N GLY A 1078 -2.11 52.62 -7.71
CA GLY A 1078 -1.60 51.43 -8.33
C GLY A 1078 -2.72 50.72 -9.07
N CYS A 1079 -2.34 49.96 -10.09
CA CYS A 1079 -3.27 49.28 -10.97
C CYS A 1079 -3.58 47.90 -10.41
N PHE A 1080 -4.10 47.01 -11.24
CA PHE A 1080 -4.17 45.58 -10.95
C PHE A 1080 -2.93 45.06 -10.27
N ARG A 1081 -3.10 44.18 -9.29
CA ARG A 1081 -1.99 43.58 -8.58
C ARG A 1081 -1.58 42.27 -9.26
N SER A 1082 -0.34 42.21 -9.72
CA SER A 1082 0.19 40.99 -10.31
C SER A 1082 0.45 39.99 -9.20
N SER A 1083 -0.55 39.17 -8.89
CA SER A 1083 -0.42 38.09 -7.93
C SER A 1083 0.41 36.98 -8.58
N GLY A 1084 1.71 37.22 -8.65
CA GLY A 1084 2.61 36.28 -9.31
C GLY A 1084 2.56 34.90 -8.71
N SER A 1085 1.94 34.00 -9.45
CA SER A 1085 1.73 32.61 -9.06
C SER A 1085 1.82 31.72 -10.28
N LEU A 1086 2.64 32.13 -11.24
CA LEU A 1086 2.65 31.58 -12.59
C LEU A 1086 2.90 30.07 -12.60
N LEU A 1087 2.43 29.44 -13.66
CA LEU A 1087 2.86 28.08 -14.00
C LEU A 1087 4.18 28.09 -14.77
N ASN A 1088 4.41 29.14 -15.54
CA ASN A 1088 5.60 29.23 -16.38
C ASN A 1088 5.68 30.62 -16.99
N ASN A 1089 6.86 31.21 -16.92
CA ASN A 1089 7.03 32.60 -17.34
C ASN A 1089 7.09 32.72 -18.85
N ALA A 1090 7.97 31.98 -19.50
CA ALA A 1090 8.20 32.14 -20.92
C ALA A 1090 7.04 31.64 -21.77
N ILE A 1091 6.02 31.01 -21.17
CA ILE A 1091 4.77 30.71 -21.87
C ILE A 1091 4.16 31.99 -22.44
N LYS A 1092 4.46 33.13 -21.83
CA LYS A 1092 4.03 34.45 -22.26
C LYS A 1092 5.25 35.25 -22.69
N GLY A 1093 4.97 36.27 -23.48
CA GLY A 1093 5.98 37.25 -23.82
C GLY A 1093 6.14 38.36 -22.83
N GLY A 1094 6.20 38.06 -21.53
CA GLY A 1094 6.34 39.06 -20.50
C GLY A 1094 7.78 39.47 -20.22
N VAL A 1095 7.94 40.77 -20.01
CA VAL A 1095 9.17 41.37 -19.48
C VAL A 1095 9.07 41.65 -17.98
N GLU A 1096 7.98 41.22 -17.33
CA GLU A 1096 7.77 41.14 -15.88
C GLU A 1096 7.44 42.50 -15.23
N ASP A 1097 7.43 43.59 -15.98
CA ASP A 1097 6.98 44.86 -15.42
C ASP A 1097 5.47 44.82 -15.21
N GLU A 1098 5.03 44.41 -14.02
CA GLU A 1098 3.59 44.23 -13.79
C GLU A 1098 2.80 45.53 -13.89
N VAL A 1099 3.47 46.67 -13.91
CA VAL A 1099 2.85 47.87 -14.45
C VAL A 1099 2.38 47.58 -15.86
N THR A 1100 3.26 46.99 -16.67
CA THR A 1100 2.88 46.66 -18.02
C THR A 1100 2.01 45.40 -18.09
N LEU A 1101 1.91 44.60 -17.03
CA LEU A 1101 0.91 43.53 -17.01
C LEU A 1101 -0.46 44.12 -16.78
N SER A 1102 -0.54 45.12 -15.89
CA SER A 1102 -1.75 45.92 -15.81
C SER A 1102 -2.06 46.52 -17.17
N ALA A 1103 -1.02 46.94 -17.89
CA ALA A 1103 -1.21 47.50 -19.22
C ALA A 1103 -1.79 46.46 -20.18
N TYR A 1104 -1.26 45.24 -20.16
CA TYR A 1104 -1.83 44.17 -20.98
C TYR A 1104 -3.30 43.99 -20.65
N ILE A 1105 -3.61 43.85 -19.36
CA ILE A 1105 -4.96 43.46 -18.99
C ILE A 1105 -5.91 44.57 -19.37
N THR A 1106 -5.47 45.82 -19.26
CA THR A 1106 -6.37 46.90 -19.62
C THR A 1106 -6.57 46.97 -21.12
N ILE A 1107 -5.53 46.74 -21.92
CA ILE A 1107 -5.77 46.81 -23.36
C ILE A 1107 -6.65 45.66 -23.80
N ALA A 1108 -6.43 44.49 -23.23
CA ALA A 1108 -7.22 43.32 -23.60
C ALA A 1108 -8.64 43.46 -23.11
N LEU A 1109 -8.84 44.26 -22.07
CA LEU A 1109 -10.18 44.64 -21.68
C LEU A 1109 -10.75 45.60 -22.71
N LEU A 1110 -10.10 46.75 -22.88
CA LEU A 1110 -10.44 47.85 -23.77
C LEU A 1110 -10.95 47.39 -25.13
N GLU A 1111 -10.25 46.42 -25.73
CA GLU A 1111 -10.66 45.92 -27.04
C GLU A 1111 -11.89 45.02 -26.98
N ILE A 1112 -12.61 44.98 -25.86
CA ILE A 1112 -13.94 44.39 -25.76
C ILE A 1112 -14.92 45.45 -26.22
N PRO A 1113 -16.15 45.10 -26.64
CA PRO A 1113 -17.22 46.11 -26.66
C PRO A 1113 -17.31 46.84 -25.33
N LEU A 1114 -16.98 48.14 -25.32
CA LEU A 1114 -16.82 48.87 -24.07
C LEU A 1114 -17.02 50.37 -24.25
N THR A 1115 -17.32 51.02 -23.12
CA THR A 1115 -17.30 52.46 -23.05
C THR A 1115 -15.97 52.90 -22.46
N VAL A 1116 -15.40 53.98 -22.99
CA VAL A 1116 -14.22 54.56 -22.37
C VAL A 1116 -14.56 55.14 -21.00
N THR A 1117 -15.83 55.43 -20.74
CA THR A 1117 -16.27 55.98 -19.46
C THR A 1117 -16.78 54.93 -18.48
N HIS A 1118 -16.55 53.64 -18.74
CA HIS A 1118 -16.98 52.60 -17.81
C HIS A 1118 -16.25 52.82 -16.49
N PRO A 1119 -16.81 52.43 -15.35
CA PRO A 1119 -16.13 52.71 -14.07
C PRO A 1119 -14.73 52.13 -13.94
N VAL A 1120 -14.65 50.82 -14.09
CA VAL A 1120 -13.39 50.18 -13.77
C VAL A 1120 -12.36 50.57 -14.80
N VAL A 1121 -12.80 50.85 -16.04
CA VAL A 1121 -11.85 51.32 -17.01
C VAL A 1121 -11.46 52.73 -16.68
N ARG A 1122 -12.34 53.49 -16.02
CA ARG A 1122 -11.91 54.82 -15.60
C ARG A 1122 -10.74 54.72 -14.63
N ASN A 1123 -10.79 53.74 -13.72
CA ASN A 1123 -9.61 53.45 -12.91
C ASN A 1123 -8.45 53.09 -13.80
N ALA A 1124 -8.72 52.24 -14.78
CA ALA A 1124 -7.70 51.81 -15.71
C ALA A 1124 -7.10 52.97 -16.47
N LEU A 1125 -7.89 53.98 -16.74
CA LEU A 1125 -7.47 55.04 -17.64
C LEU A 1125 -6.69 56.09 -16.90
N PHE A 1126 -7.00 56.30 -15.62
CA PHE A 1126 -6.10 57.08 -14.79
C PHE A 1126 -4.77 56.35 -14.65
N CYS A 1127 -4.84 55.03 -14.45
CA CYS A 1127 -3.63 54.21 -14.53
C CYS A 1127 -2.90 54.43 -15.83
N LEU A 1128 -3.66 54.48 -16.92
CA LEU A 1128 -3.05 54.55 -18.24
C LEU A 1128 -2.27 55.83 -18.38
N GLU A 1129 -2.89 56.95 -18.06
CA GLU A 1129 -2.21 58.23 -18.24
C GLU A 1129 -1.00 58.34 -17.32
N SER A 1130 -1.12 57.90 -16.08
CA SER A 1130 0.00 58.06 -15.16
C SER A 1130 1.18 57.20 -15.58
N ALA A 1131 0.95 55.89 -15.65
CA ALA A 1131 1.99 54.97 -16.07
C ALA A 1131 2.48 55.32 -17.47
N TRP A 1132 1.60 55.88 -18.29
CA TRP A 1132 1.98 56.35 -19.61
C TRP A 1132 3.06 57.40 -19.53
N LYS A 1133 2.73 58.52 -18.90
CA LYS A 1133 3.64 59.64 -18.94
C LYS A 1133 4.96 59.27 -18.27
N THR A 1134 4.87 58.49 -17.19
CA THR A 1134 6.10 58.17 -16.46
C THR A 1134 7.00 57.28 -17.30
N ALA A 1135 6.43 56.33 -18.05
CA ALA A 1135 7.28 55.54 -18.93
C ALA A 1135 7.65 56.29 -20.20
N GLN A 1136 6.83 57.27 -20.58
CA GLN A 1136 6.96 57.93 -21.86
C GLN A 1136 8.09 58.94 -21.81
N GLU A 1137 8.05 59.82 -20.83
CA GLU A 1137 9.17 60.72 -20.59
C GLU A 1137 10.42 59.96 -20.21
N GLY A 1138 10.28 58.73 -19.73
CA GLY A 1138 11.44 57.97 -19.32
C GLY A 1138 12.38 57.72 -20.49
N ASP A 1139 13.61 58.21 -20.34
CA ASP A 1139 14.66 57.86 -21.29
C ASP A 1139 14.93 56.36 -21.27
N HIS A 1140 14.56 55.68 -20.20
CA HIS A 1140 14.64 54.23 -20.11
C HIS A 1140 13.37 53.73 -19.45
N GLY A 1141 12.40 53.33 -20.28
CA GLY A 1141 11.12 52.83 -19.81
C GLY A 1141 10.73 51.57 -20.56
N SER A 1142 11.73 50.75 -20.87
CA SER A 1142 11.72 49.63 -21.81
C SER A 1142 11.84 50.09 -23.26
N HIS A 1143 11.72 51.39 -23.54
CA HIS A 1143 12.07 52.05 -24.80
C HIS A 1143 11.18 51.72 -26.00
N VAL A 1144 10.47 50.61 -25.97
CA VAL A 1144 9.56 50.24 -27.05
C VAL A 1144 8.31 49.57 -26.50
N TYR A 1145 8.53 48.57 -25.64
CA TYR A 1145 7.53 47.59 -25.23
C TYR A 1145 6.29 48.27 -24.64
N THR A 1146 6.48 48.90 -23.48
CA THR A 1146 5.40 49.59 -22.81
C THR A 1146 4.85 50.70 -23.69
N LYS A 1147 5.72 51.31 -24.49
CA LYS A 1147 5.32 52.46 -25.31
C LYS A 1147 4.30 52.07 -26.35
N ALA A 1148 4.59 51.03 -27.12
CA ALA A 1148 3.62 50.60 -28.11
C ALA A 1148 2.35 50.05 -27.47
N LEU A 1149 2.46 49.44 -26.28
CA LEU A 1149 1.22 49.05 -25.60
C LEU A 1149 0.39 50.28 -25.26
N LEU A 1150 1.06 51.37 -24.89
CA LEU A 1150 0.36 52.62 -24.60
C LEU A 1150 -0.30 53.15 -25.85
N ALA A 1151 0.39 53.06 -26.98
CA ALA A 1151 -0.21 53.44 -28.26
C ALA A 1151 -1.53 52.73 -28.47
N TYR A 1152 -1.53 51.39 -28.37
CA TYR A 1152 -2.76 50.67 -28.69
C TYR A 1152 -3.87 50.96 -27.68
N ALA A 1153 -3.51 51.15 -26.40
CA ALA A 1153 -4.56 51.40 -25.42
C ALA A 1153 -5.17 52.79 -25.60
N PHE A 1154 -4.33 53.82 -25.75
CA PHE A 1154 -4.85 55.16 -25.93
C PHE A 1154 -5.55 55.31 -27.27
N ALA A 1155 -5.20 54.46 -28.23
CA ALA A 1155 -6.05 54.30 -29.39
C ALA A 1155 -7.44 53.83 -28.96
N LEU A 1156 -7.50 52.77 -28.15
CA LEU A 1156 -8.80 52.20 -27.77
C LEU A 1156 -9.68 53.21 -27.06
N ALA A 1157 -9.09 54.19 -26.37
CA ALA A 1157 -9.93 55.28 -25.85
C ALA A 1157 -10.52 56.09 -26.98
N GLY A 1158 -9.67 56.66 -27.82
CA GLY A 1158 -10.06 57.72 -28.72
C GLY A 1158 -9.07 58.86 -28.69
N ASN A 1159 -7.99 58.70 -27.93
CA ASN A 1159 -7.00 59.74 -27.74
C ASN A 1159 -6.11 59.72 -28.97
N GLN A 1160 -6.40 60.61 -29.91
CA GLN A 1160 -5.70 60.56 -31.18
C GLN A 1160 -4.26 61.03 -31.03
N ASP A 1161 -4.07 62.29 -30.65
CA ASP A 1161 -2.75 62.91 -30.72
C ASP A 1161 -1.76 62.26 -29.77
N LYS A 1162 -2.22 61.86 -28.59
CA LYS A 1162 -1.33 61.21 -27.65
C LYS A 1162 -0.85 59.90 -28.23
N ARG A 1163 -1.79 59.13 -28.78
CA ARG A 1163 -1.48 57.87 -29.45
C ARG A 1163 -0.53 58.12 -30.63
N LYS A 1164 -0.75 59.21 -31.36
CA LYS A 1164 0.14 59.57 -32.46
C LYS A 1164 1.55 59.72 -31.95
N GLU A 1165 1.74 60.60 -30.99
CA GLU A 1165 3.10 60.94 -30.61
C GLU A 1165 3.80 59.79 -29.92
N VAL A 1166 3.07 58.85 -29.32
CA VAL A 1166 3.76 57.65 -28.84
C VAL A 1166 4.26 56.84 -30.03
N LEU A 1167 3.45 56.72 -31.09
CA LEU A 1167 4.01 56.06 -32.28
C LEU A 1167 5.14 56.88 -32.89
N LYS A 1168 5.16 58.20 -32.69
CA LYS A 1168 6.23 59.01 -33.26
C LYS A 1168 7.53 58.87 -32.49
N SER A 1169 7.48 59.00 -31.18
CA SER A 1169 8.66 58.73 -30.37
C SER A 1169 9.12 57.28 -30.53
N LEU A 1170 8.22 56.36 -30.89
CA LEU A 1170 8.66 55.02 -31.28
C LEU A 1170 9.27 55.05 -32.70
N ASN A 1171 8.86 56.00 -33.54
CA ASN A 1171 9.51 56.20 -34.83
C ASN A 1171 10.90 56.76 -34.67
N GLU A 1172 11.18 57.35 -33.50
CA GLU A 1172 12.35 58.19 -33.30
C GLU A 1172 13.64 57.51 -33.74
N GLU A 1173 13.97 56.37 -33.14
CA GLU A 1173 15.20 55.69 -33.48
C GLU A 1173 15.12 55.10 -34.88
N ALA A 1174 16.27 54.63 -35.38
CA ALA A 1174 16.37 53.94 -36.65
C ALA A 1174 16.61 52.46 -36.41
N VAL A 1175 15.56 51.67 -36.56
CA VAL A 1175 15.65 50.24 -36.88
C VAL A 1175 15.16 50.19 -38.32
N LYS A 1176 15.44 51.27 -39.06
CA LYS A 1176 14.80 51.51 -40.35
C LYS A 1176 15.50 50.69 -41.44
N LYS A 1177 14.98 49.48 -41.69
CA LYS A 1177 15.61 48.46 -42.52
C LYS A 1177 15.33 48.70 -44.00
N ASP A 1178 15.80 47.77 -44.83
CA ASP A 1178 15.77 47.97 -46.29
C ASP A 1178 14.34 48.01 -46.82
N ASN A 1179 13.63 46.88 -46.74
CA ASN A 1179 12.41 46.67 -47.51
C ASN A 1179 11.21 46.33 -46.64
N SER A 1180 11.35 46.43 -45.34
CA SER A 1180 10.28 46.19 -44.37
C SER A 1180 10.58 47.12 -43.21
N VAL A 1181 9.99 46.84 -42.05
CA VAL A 1181 10.26 47.64 -40.85
C VAL A 1181 10.13 46.77 -39.61
N HIS A 1182 10.79 47.23 -38.54
CA HIS A 1182 10.66 46.60 -37.23
C HIS A 1182 11.34 47.51 -36.20
N TRP A 1183 11.42 47.02 -34.97
CA TRP A 1183 11.97 47.69 -33.79
C TRP A 1183 13.12 46.84 -33.27
N GLU A 1184 13.72 47.28 -32.17
CA GLU A 1184 14.62 46.43 -31.42
C GLU A 1184 14.56 46.82 -29.95
N ARG A 1185 14.43 45.79 -29.10
CA ARG A 1185 14.86 45.89 -27.71
C ARG A 1185 16.37 46.09 -27.83
N PRO A 1186 17.07 46.60 -26.82
CA PRO A 1186 18.33 47.29 -27.11
C PRO A 1186 19.52 46.39 -27.46
N GLN A 1187 19.29 45.37 -28.29
CA GLN A 1187 20.27 44.45 -28.86
C GLN A 1187 20.94 43.52 -27.84
N LYS A 1188 20.73 43.76 -26.53
CA LYS A 1188 21.05 42.88 -25.41
C LYS A 1188 20.22 43.41 -24.24
N PRO A 1189 19.35 42.61 -23.60
CA PRO A 1189 18.90 43.01 -22.27
C PRO A 1189 20.08 43.08 -21.32
N LYS A 1190 20.17 44.20 -20.60
CA LYS A 1190 21.42 44.56 -19.91
C LYS A 1190 21.83 43.52 -18.89
N ALA A 1191 21.00 43.29 -17.88
CA ALA A 1191 21.38 42.42 -16.79
C ALA A 1191 21.56 40.99 -17.30
N PRO A 1192 22.20 40.12 -16.51
CA PRO A 1192 22.33 38.73 -16.93
C PRO A 1192 20.97 38.08 -17.13
N VAL A 1193 20.85 37.29 -18.20
CA VAL A 1193 19.56 36.77 -18.61
C VAL A 1193 19.78 35.53 -19.47
N GLY A 1194 19.00 34.49 -19.19
CA GLY A 1194 18.86 33.37 -20.11
C GLY A 1194 19.82 32.21 -19.93
N HIS A 1195 20.86 32.18 -20.77
CA HIS A 1195 22.03 31.24 -20.71
C HIS A 1195 21.70 29.80 -21.14
N PHE A 1196 20.42 29.49 -21.42
CA PHE A 1196 19.94 28.48 -22.36
C PHE A 1196 18.46 28.18 -22.07
N TYR A 1197 17.82 27.50 -23.02
CA TYR A 1197 16.55 26.80 -22.85
C TYR A 1197 15.40 27.74 -22.46
N GLU A 1198 15.48 29.01 -22.85
CA GLU A 1198 14.37 29.97 -22.77
C GLU A 1198 13.76 30.07 -21.36
N PRO A 1199 14.49 30.62 -20.40
CA PRO A 1199 13.89 30.90 -19.09
C PRO A 1199 13.38 32.32 -19.03
N GLN A 1200 12.13 32.52 -18.61
CA GLN A 1200 11.57 33.83 -18.31
C GLN A 1200 11.28 34.67 -19.56
N ALA A 1201 11.66 34.18 -20.76
CA ALA A 1201 11.78 35.10 -21.88
C ALA A 1201 11.71 34.43 -23.25
N PRO A 1202 10.59 34.53 -23.96
CA PRO A 1202 10.61 34.33 -25.42
C PRO A 1202 11.20 35.49 -26.22
N SER A 1203 11.97 36.38 -25.59
CA SER A 1203 12.88 37.41 -26.09
C SER A 1203 12.23 38.74 -26.43
N ALA A 1204 10.90 38.88 -26.38
CA ALA A 1204 10.20 40.17 -26.40
C ALA A 1204 10.68 41.08 -27.52
N GLU A 1205 10.38 40.68 -28.77
CA GLU A 1205 10.90 41.38 -29.94
C GLU A 1205 9.88 41.60 -31.05
N VAL A 1206 8.66 41.09 -30.92
CA VAL A 1206 7.73 41.03 -32.04
C VAL A 1206 6.36 41.57 -31.69
N GLU A 1207 5.79 41.06 -30.58
CA GLU A 1207 4.42 41.39 -30.19
C GLU A 1207 4.17 42.89 -30.26
N MET A 1208 5.16 43.65 -29.84
CA MET A 1208 5.25 45.06 -30.13
C MET A 1208 4.85 45.36 -31.57
N THR A 1209 5.53 44.77 -32.53
CA THR A 1209 5.25 45.11 -33.92
C THR A 1209 3.85 44.66 -34.28
N SER A 1210 3.39 43.58 -33.67
CA SER A 1210 1.99 43.21 -33.76
C SER A 1210 1.15 44.30 -33.16
N TYR A 1211 1.52 44.71 -31.95
CA TYR A 1211 0.78 45.74 -31.29
C TYR A 1211 0.95 47.06 -32.02
N VAL A 1212 2.02 47.22 -32.80
CA VAL A 1212 2.10 48.38 -33.66
C VAL A 1212 1.15 48.21 -34.83
N LEU A 1213 0.98 46.98 -35.28
CA LEU A 1213 -0.04 46.72 -36.31
C LEU A 1213 -1.44 46.77 -35.70
N LEU A 1214 -1.54 46.79 -34.36
CA LEU A 1214 -2.77 47.17 -33.68
C LEU A 1214 -2.83 48.67 -33.41
N ALA A 1215 -1.72 49.38 -33.59
CA ALA A 1215 -1.60 50.77 -33.16
C ALA A 1215 -1.92 51.73 -34.29
N TYR A 1216 -1.23 51.56 -35.42
CA TYR A 1216 -1.41 52.47 -36.55
C TYR A 1216 -2.85 52.54 -37.01
N LEU A 1217 -3.62 51.48 -36.80
CA LEU A 1217 -4.80 51.23 -37.61
C LEU A 1217 -6.12 51.27 -36.86
N THR A 1218 -6.21 50.65 -35.69
CA THR A 1218 -7.50 50.17 -35.21
C THR A 1218 -8.38 51.36 -34.83
N ALA A 1219 -8.92 52.03 -35.85
CA ALA A 1219 -9.94 53.05 -35.69
C ALA A 1219 -11.23 52.53 -36.30
N GLN A 1220 -12.36 52.92 -35.72
CA GLN A 1220 -13.64 52.38 -36.20
C GLN A 1220 -13.90 52.68 -37.68
N PRO A 1221 -13.92 53.94 -38.14
CA PRO A 1221 -14.39 54.16 -39.52
C PRO A 1221 -13.39 53.74 -40.58
N ALA A 1222 -12.28 54.48 -40.70
CA ALA A 1222 -11.15 54.17 -41.56
C ALA A 1222 -10.06 55.21 -41.35
N PRO A 1223 -8.81 54.82 -41.09
CA PRO A 1223 -7.70 55.77 -41.19
C PRO A 1223 -7.09 55.96 -42.56
N THR A 1224 -5.93 56.60 -42.54
CA THR A 1224 -5.22 57.14 -43.67
C THR A 1224 -4.39 56.05 -44.32
N SER A 1225 -3.37 56.43 -45.10
CA SER A 1225 -2.61 55.55 -45.98
C SER A 1225 -1.17 55.33 -45.55
N GLU A 1226 -0.49 56.36 -45.06
CA GLU A 1226 0.95 56.24 -44.82
C GLU A 1226 1.21 55.41 -43.58
N ASP A 1227 0.36 55.61 -42.58
CA ASP A 1227 0.22 54.66 -41.47
C ASP A 1227 0.17 53.25 -41.99
N LEU A 1228 -0.55 53.04 -43.09
CA LEU A 1228 -0.73 51.69 -43.60
C LEU A 1228 0.47 51.22 -44.39
N THR A 1229 1.24 52.11 -45.00
CA THR A 1229 2.48 51.68 -45.64
C THR A 1229 3.46 51.18 -44.59
N SER A 1230 3.57 51.92 -43.48
CA SER A 1230 4.35 51.44 -42.35
C SER A 1230 3.81 50.11 -41.83
N ALA A 1231 2.50 50.05 -41.62
CA ALA A 1231 1.83 48.83 -41.19
C ALA A 1231 2.12 47.68 -42.14
N THR A 1232 2.24 47.98 -43.42
CA THR A 1232 2.44 46.94 -44.41
C THR A 1232 3.85 46.40 -44.31
N ASN A 1233 4.82 47.29 -44.11
CA ASN A 1233 6.18 46.80 -43.94
C ASN A 1233 6.29 45.91 -42.71
N ILE A 1234 5.56 46.23 -41.64
CA ILE A 1234 5.58 45.28 -40.51
C ILE A 1234 4.80 43.99 -40.84
N VAL A 1235 3.81 44.03 -41.73
CA VAL A 1235 3.21 42.77 -42.20
C VAL A 1235 4.25 41.93 -42.93
N LYS A 1236 5.13 42.58 -43.69
CA LYS A 1236 6.16 41.83 -44.40
C LYS A 1236 7.18 41.26 -43.41
N TRP A 1237 7.47 42.00 -42.33
CA TRP A 1237 8.32 41.44 -41.28
C TRP A 1237 7.69 40.18 -40.67
N ILE A 1238 6.36 40.19 -40.47
CA ILE A 1238 5.67 38.97 -40.05
C ILE A 1238 5.99 37.85 -41.02
N THR A 1239 5.60 38.04 -42.27
CA THR A 1239 5.58 36.91 -43.19
C THR A 1239 6.97 36.35 -43.41
N LYS A 1240 8.00 37.20 -43.29
CA LYS A 1240 9.35 36.65 -43.42
C LYS A 1240 9.79 35.93 -42.15
N GLN A 1241 9.56 36.49 -40.96
CA GLN A 1241 10.11 35.85 -39.78
C GLN A 1241 9.26 34.68 -39.27
N GLN A 1242 8.35 34.16 -40.08
CA GLN A 1242 7.65 32.92 -39.75
C GLN A 1242 8.41 31.70 -40.27
N ASN A 1243 8.38 30.63 -39.48
CA ASN A 1243 9.10 29.39 -39.78
C ASN A 1243 8.15 28.30 -40.27
N ALA A 1244 8.74 27.25 -40.85
CA ALA A 1244 7.98 26.26 -41.61
C ALA A 1244 7.00 25.47 -40.75
N GLN A 1245 7.31 25.24 -39.47
CA GLN A 1245 6.44 24.41 -38.63
C GLN A 1245 5.06 25.01 -38.43
N GLY A 1246 4.90 26.31 -38.64
CA GLY A 1246 3.69 27.00 -38.28
C GLY A 1246 3.81 27.71 -36.94
N GLY A 1247 2.87 28.61 -36.70
CA GLY A 1247 2.93 29.44 -35.51
C GLY A 1247 4.03 30.49 -35.59
N PHE A 1248 4.56 30.84 -34.42
CA PHE A 1248 5.75 31.67 -34.30
C PHE A 1248 6.52 31.18 -33.08
N SER A 1249 7.59 31.90 -32.72
CA SER A 1249 8.46 31.46 -31.64
C SER A 1249 7.75 31.33 -30.30
N SER A 1250 6.60 31.96 -30.13
CA SER A 1250 5.70 31.63 -29.04
C SER A 1250 4.33 31.39 -29.62
N THR A 1251 3.31 31.34 -28.78
CA THR A 1251 1.92 31.26 -29.23
C THR A 1251 1.17 32.58 -29.03
N GLN A 1252 1.53 33.33 -27.98
CA GLN A 1252 0.94 34.64 -27.76
C GLN A 1252 1.34 35.59 -28.88
N ASP A 1253 2.60 35.53 -29.30
CA ASP A 1253 3.07 36.36 -30.40
C ASP A 1253 2.31 36.04 -31.68
N THR A 1254 2.07 34.75 -31.92
CA THR A 1254 1.27 34.32 -33.06
C THR A 1254 -0.11 34.93 -32.98
N VAL A 1255 -0.70 34.91 -31.79
CA VAL A 1255 -2.09 35.32 -31.61
C VAL A 1255 -2.22 36.79 -31.95
N VAL A 1256 -1.24 37.58 -31.52
CA VAL A 1256 -1.32 39.02 -31.71
C VAL A 1256 -1.00 39.41 -33.15
N ALA A 1257 0.03 38.80 -33.74
CA ALA A 1257 0.24 38.97 -35.17
C ALA A 1257 -1.02 38.61 -35.94
N LEU A 1258 -1.69 37.55 -35.50
CA LEU A 1258 -2.84 37.05 -36.25
C LEU A 1258 -3.96 38.08 -36.29
N HIS A 1259 -4.52 38.43 -35.13
CA HIS A 1259 -5.54 39.49 -35.11
C HIS A 1259 -5.09 40.75 -35.81
N ALA A 1260 -3.83 41.14 -35.59
CA ALA A 1260 -3.35 42.40 -36.12
C ALA A 1260 -3.36 42.40 -37.63
N LEU A 1261 -2.73 41.40 -38.22
CA LEU A 1261 -2.74 41.21 -39.65
C LEU A 1261 -4.14 40.97 -40.16
N SER A 1262 -5.02 40.39 -39.35
CA SER A 1262 -6.38 40.13 -39.81
C SER A 1262 -7.10 41.42 -40.10
N LYS A 1263 -6.92 42.39 -39.24
CA LYS A 1263 -7.58 43.66 -39.47
C LYS A 1263 -6.80 44.54 -40.41
N TYR A 1264 -5.49 44.31 -40.53
CA TYR A 1264 -4.79 44.82 -41.70
C TYR A 1264 -5.50 44.38 -42.94
N GLY A 1265 -5.95 43.14 -42.95
CA GLY A 1265 -6.63 42.59 -44.10
C GLY A 1265 -7.97 43.25 -44.25
N ALA A 1266 -8.74 43.28 -43.17
CA ALA A 1266 -10.08 43.83 -43.19
C ALA A 1266 -10.09 45.27 -43.67
N ALA A 1267 -8.96 45.96 -43.56
CA ALA A 1267 -8.76 47.21 -44.29
C ALA A 1267 -8.35 46.95 -45.73
N THR A 1268 -7.20 46.30 -45.91
CA THR A 1268 -6.65 46.06 -47.24
C THR A 1268 -7.46 45.00 -47.98
N PHE A 1269 -7.50 43.78 -47.44
CA PHE A 1269 -8.33 42.76 -48.04
C PHE A 1269 -9.78 43.24 -47.96
N THR A 1270 -10.32 43.59 -49.10
CA THR A 1270 -11.70 44.02 -49.24
C THR A 1270 -12.44 42.89 -49.94
N ARG A 1271 -12.98 41.98 -49.11
CA ARG A 1271 -13.64 40.75 -49.61
C ARG A 1271 -14.25 40.97 -50.99
N THR A 1272 -15.07 42.02 -51.15
CA THR A 1272 -15.69 42.14 -52.46
C THR A 1272 -15.00 43.16 -53.35
N GLY A 1273 -14.10 43.98 -52.83
CA GLY A 1273 -13.47 45.00 -53.63
C GLY A 1273 -12.54 44.43 -54.66
N LYS A 1274 -12.98 44.48 -55.92
CA LYS A 1274 -12.37 43.71 -56.99
C LYS A 1274 -12.11 44.47 -58.26
N ALA A 1275 -12.90 45.50 -58.58
CA ALA A 1275 -12.96 45.98 -59.95
C ALA A 1275 -12.10 47.22 -60.11
N ALA A 1276 -10.95 47.23 -59.45
CA ALA A 1276 -10.09 48.40 -59.43
C ALA A 1276 -9.26 48.51 -60.70
N GLN A 1277 -8.65 49.67 -60.87
CA GLN A 1277 -7.92 49.97 -62.09
C GLN A 1277 -7.13 51.26 -61.87
N VAL A 1278 -6.10 51.46 -62.70
CA VAL A 1278 -4.99 52.34 -62.35
C VAL A 1278 -4.62 53.28 -63.48
N THR A 1279 -3.59 54.08 -63.21
CA THR A 1279 -2.68 54.58 -64.22
C THR A 1279 -1.41 55.06 -63.53
N ILE A 1280 -0.31 54.86 -64.22
CA ILE A 1280 0.95 55.52 -63.91
C ILE A 1280 1.22 56.50 -65.04
N GLN A 1281 1.78 57.65 -64.70
CA GLN A 1281 2.20 58.59 -65.72
C GLN A 1281 3.45 59.34 -65.26
N SER A 1282 4.29 59.67 -66.23
CA SER A 1282 5.37 60.62 -66.06
C SER A 1282 5.32 61.56 -67.26
N SER A 1283 5.95 62.73 -67.12
CA SER A 1283 5.79 63.78 -68.13
C SER A 1283 6.37 63.36 -69.48
N GLY A 1284 7.24 62.35 -69.50
CA GLY A 1284 7.72 61.78 -70.73
C GLY A 1284 6.85 60.64 -71.25
N THR A 1285 5.54 60.75 -71.01
CA THR A 1285 4.50 59.83 -71.49
C THR A 1285 4.87 58.35 -71.42
N PHE A 1286 5.43 57.90 -70.29
CA PHE A 1286 5.61 56.47 -70.04
C PHE A 1286 4.40 55.98 -69.26
N SER A 1287 3.23 56.16 -69.86
CA SER A 1287 2.00 55.85 -69.18
C SER A 1287 1.85 54.34 -69.00
N SER A 1288 2.20 53.85 -67.81
CA SER A 1288 2.18 52.43 -67.52
C SER A 1288 0.85 52.07 -66.89
N LYS A 1289 0.57 50.77 -66.80
CA LYS A 1289 -0.80 50.34 -66.58
C LYS A 1289 -0.87 48.85 -66.31
N PHE A 1290 -1.67 48.47 -65.31
CA PHE A 1290 -2.17 47.10 -65.12
C PHE A 1290 -3.48 47.18 -64.35
N GLN A 1291 -4.06 46.02 -64.05
CA GLN A 1291 -5.14 45.90 -63.07
C GLN A 1291 -4.74 44.84 -62.06
N VAL A 1292 -5.21 45.02 -60.83
CA VAL A 1292 -5.24 43.98 -59.82
C VAL A 1292 -6.70 43.56 -59.65
N ASP A 1293 -6.89 42.26 -59.43
CA ASP A 1293 -8.21 41.69 -59.19
C ASP A 1293 -7.98 40.28 -58.66
N ASN A 1294 -9.07 39.55 -58.40
CA ASN A 1294 -8.91 38.21 -57.86
C ASN A 1294 -8.21 37.29 -58.83
N ASN A 1295 -8.35 37.55 -60.14
CA ASN A 1295 -7.65 36.74 -61.12
C ASN A 1295 -6.15 37.02 -61.10
N ASN A 1296 -5.73 38.08 -60.43
CA ASN A 1296 -4.33 38.35 -60.15
C ASN A 1296 -4.18 38.72 -58.68
N ARG A 1297 -4.98 38.01 -57.86
CA ARG A 1297 -5.16 38.32 -56.44
C ARG A 1297 -3.84 38.55 -55.74
N LEU A 1298 -3.04 37.52 -55.69
CA LEU A 1298 -1.73 37.57 -55.05
C LEU A 1298 -0.65 37.91 -56.04
N LEU A 1299 -1.02 38.40 -57.20
CA LEU A 1299 -0.08 38.45 -58.30
C LEU A 1299 0.82 39.67 -58.23
N LEU A 1300 1.88 39.64 -59.03
CA LEU A 1300 2.91 40.67 -59.07
C LEU A 1300 2.95 41.27 -60.47
N GLN A 1301 2.92 42.60 -60.54
CA GLN A 1301 2.95 43.32 -61.82
C GLN A 1301 4.36 43.85 -62.03
N GLN A 1302 5.23 43.00 -62.57
CA GLN A 1302 6.66 43.28 -62.63
C GLN A 1302 6.89 44.46 -63.55
N VAL A 1303 7.05 45.65 -62.95
CA VAL A 1303 6.96 46.91 -63.68
C VAL A 1303 8.14 47.81 -63.32
N SER A 1304 8.98 48.08 -64.31
CA SER A 1304 10.05 49.06 -64.21
C SER A 1304 9.88 50.11 -65.31
N LEU A 1305 10.70 51.15 -65.23
CA LEU A 1305 10.42 52.39 -65.92
C LEU A 1305 11.71 53.00 -66.46
N PRO A 1306 11.65 53.90 -67.44
CA PRO A 1306 12.89 54.34 -68.11
C PRO A 1306 13.70 55.37 -67.36
N GLU A 1307 13.06 56.33 -66.69
CA GLU A 1307 13.76 57.54 -66.26
C GLU A 1307 14.83 57.22 -65.24
N LEU A 1308 16.05 57.64 -65.54
CA LEU A 1308 17.10 57.66 -64.52
C LEU A 1308 16.65 58.37 -63.24
N PRO A 1309 15.87 59.44 -63.29
CA PRO A 1309 15.19 59.92 -62.09
C PRO A 1309 13.80 59.33 -61.95
N GLY A 1310 13.14 59.68 -60.85
CA GLY A 1310 11.74 59.38 -60.67
C GLY A 1310 10.90 60.59 -60.99
N GLU A 1311 9.93 60.44 -61.88
CA GLU A 1311 8.89 61.44 -62.09
C GLU A 1311 7.54 60.77 -62.30
N TYR A 1312 7.19 59.80 -61.46
CA TYR A 1312 6.14 58.85 -61.79
C TYR A 1312 4.95 59.02 -60.87
N SER A 1313 3.76 58.99 -61.47
CA SER A 1313 2.52 59.46 -60.87
C SER A 1313 1.58 58.30 -60.63
N MET A 1314 1.45 57.92 -59.38
CA MET A 1314 0.56 56.83 -59.04
C MET A 1314 -0.89 57.30 -59.16
N LYS A 1315 -1.69 56.51 -59.87
CA LYS A 1315 -3.14 56.66 -59.85
C LYS A 1315 -3.78 55.29 -59.77
N VAL A 1316 -4.73 55.14 -58.87
CA VAL A 1316 -5.44 53.87 -58.67
C VAL A 1316 -6.89 54.15 -58.31
N THR A 1317 -7.77 53.35 -58.89
CA THR A 1317 -9.20 53.60 -58.84
C THR A 1317 -9.94 52.33 -58.49
N GLY A 1318 -11.02 52.48 -57.75
CA GLY A 1318 -12.03 51.44 -57.64
C GLY A 1318 -11.94 50.69 -56.33
N GLU A 1319 -11.98 49.36 -56.41
CA GLU A 1319 -12.16 48.49 -55.26
C GLU A 1319 -11.15 47.36 -55.33
N GLY A 1320 -10.52 47.07 -54.20
CA GLY A 1320 -9.39 46.16 -54.12
C GLY A 1320 -8.12 46.88 -53.70
N CYS A 1321 -7.75 46.76 -52.43
CA CYS A 1321 -6.58 47.47 -51.95
C CYS A 1321 -5.30 46.78 -52.41
N VAL A 1322 -4.26 47.57 -52.61
CA VAL A 1322 -3.06 47.14 -53.30
C VAL A 1322 -1.85 47.29 -52.41
N TYR A 1323 -0.67 47.05 -52.97
CA TYR A 1323 0.58 47.20 -52.25
C TYR A 1323 1.70 47.21 -53.27
N LEU A 1324 2.50 48.28 -53.28
CA LEU A 1324 3.73 48.34 -54.05
C LEU A 1324 4.88 48.74 -53.16
N GLN A 1325 6.08 48.66 -53.72
CA GLN A 1325 7.23 49.32 -53.15
C GLN A 1325 8.27 49.38 -54.27
N THR A 1326 9.21 50.29 -54.14
CA THR A 1326 10.26 50.42 -55.14
C THR A 1326 11.30 49.35 -54.94
N SER A 1327 11.84 48.88 -56.05
CA SER A 1327 13.13 48.23 -56.09
C SER A 1327 14.04 49.10 -56.93
N LEU A 1328 15.26 49.28 -56.47
CA LEU A 1328 16.27 50.04 -57.17
C LEU A 1328 17.63 49.40 -56.96
N LYS A 1329 18.57 49.75 -57.84
CA LYS A 1329 19.99 49.54 -57.58
C LYS A 1329 20.75 50.78 -58.03
N TYR A 1330 21.91 51.01 -57.43
CA TYR A 1330 22.75 52.14 -57.82
C TYR A 1330 24.14 52.01 -57.24
N ASN A 1331 25.09 52.73 -57.86
CA ASN A 1331 26.50 52.76 -57.48
C ASN A 1331 26.94 54.19 -57.19
N ILE A 1332 27.82 54.34 -56.20
CA ILE A 1332 28.42 55.63 -55.86
C ILE A 1332 29.89 55.41 -55.52
N LEU A 1333 30.55 56.45 -54.97
CA LEU A 1333 31.95 56.46 -54.57
C LEU A 1333 32.93 56.38 -55.75
N PRO A 1334 32.98 57.41 -56.59
CA PRO A 1334 34.21 57.72 -57.34
C PRO A 1334 35.08 58.77 -56.67
N GLU A 1335 34.76 59.14 -55.43
CA GLU A 1335 35.33 60.29 -54.72
C GLU A 1335 35.87 59.82 -53.39
N LYS A 1336 36.13 60.74 -52.46
CA LYS A 1336 36.52 60.41 -51.09
C LYS A 1336 37.90 59.74 -51.08
N GLU A 1337 38.85 60.32 -51.81
CA GLU A 1337 40.26 59.89 -51.80
C GLU A 1337 41.09 61.16 -51.59
N LYS B 28 26.85 34.28 41.13
CA LYS B 28 26.59 32.90 41.44
C LYS B 28 27.88 32.13 41.72
N PRO B 29 27.79 30.93 42.29
CA PRO B 29 28.97 30.05 42.33
C PRO B 29 29.18 29.39 40.98
N GLN B 30 30.39 29.53 40.45
CA GLN B 30 30.69 29.18 39.07
C GLN B 30 31.91 28.28 39.00
N TYR B 31 31.82 27.24 38.16
CA TYR B 31 32.85 26.25 37.98
C TYR B 31 32.78 25.70 36.57
N MET B 32 33.94 25.48 35.96
CA MET B 32 33.99 24.88 34.63
C MET B 32 35.19 23.95 34.59
N VAL B 33 34.99 22.75 34.04
CA VAL B 33 35.83 21.59 34.31
C VAL B 33 36.17 20.92 32.98
N LEU B 34 37.31 21.27 32.40
CA LEU B 34 37.63 20.90 31.03
C LEU B 34 38.42 19.60 30.97
N VAL B 35 37.92 18.65 30.20
CA VAL B 35 38.50 17.31 30.11
C VAL B 35 38.45 16.82 28.67
N PRO B 36 39.62 16.69 27.98
CA PRO B 36 39.83 15.94 26.68
C PRO B 36 39.09 14.59 26.73
N SER B 37 38.21 14.34 25.76
CA SER B 37 37.08 13.46 26.00
C SER B 37 37.31 11.99 25.64
N LEU B 38 38.53 11.61 25.27
CA LEU B 38 38.94 10.21 25.39
C LEU B 38 39.99 10.10 26.47
N LEU B 39 40.02 8.94 27.10
CA LEU B 39 40.87 8.67 28.25
C LEU B 39 41.96 7.72 27.80
N HIS B 40 43.13 8.27 27.48
CA HIS B 40 44.27 7.49 27.00
C HIS B 40 45.07 7.01 28.20
N THR B 41 45.40 5.71 28.22
CA THR B 41 46.00 5.08 29.38
C THR B 41 47.52 5.01 29.27
N GLU B 42 48.12 4.52 30.35
CA GLU B 42 49.58 4.45 30.55
C GLU B 42 50.27 5.77 30.21
N THR B 43 49.60 6.87 30.52
CA THR B 43 50.24 8.18 30.50
C THR B 43 49.27 9.15 31.15
N THR B 44 49.78 10.35 31.42
CA THR B 44 49.04 11.30 32.23
C THR B 44 47.76 11.73 31.52
N GLU B 45 46.90 12.39 32.30
CA GLU B 45 45.59 12.82 31.86
C GLU B 45 45.37 14.21 32.44
N LYS B 46 45.67 15.24 31.65
CA LYS B 46 45.73 16.61 32.11
C LYS B 46 44.51 17.36 31.58
N GLY B 47 43.40 17.27 32.32
CA GLY B 47 42.19 18.04 32.04
C GLY B 47 42.14 19.26 32.94
N CYS B 48 41.90 20.42 32.34
CA CYS B 48 41.98 21.69 33.05
C CYS B 48 40.61 22.08 33.60
N VAL B 49 40.62 23.02 34.55
CA VAL B 49 39.44 23.26 35.38
C VAL B 49 39.52 24.67 35.96
N LEU B 50 38.34 25.29 36.10
CA LEU B 50 38.19 26.64 36.61
C LEU B 50 37.26 26.67 37.82
N LEU B 51 37.45 27.70 38.64
CA LEU B 51 36.50 28.09 39.66
C LEU B 51 36.37 29.60 39.61
N SER B 52 35.21 30.10 40.04
CA SER B 52 35.08 31.55 40.08
C SER B 52 33.87 31.97 40.90
N TYR B 53 34.04 33.09 41.59
CA TYR B 53 33.04 34.00 42.15
C TYR B 53 32.41 33.52 43.46
N LEU B 54 32.55 32.24 43.84
CA LEU B 54 31.86 31.83 45.09
C LEU B 54 32.28 30.42 45.53
N ASN B 55 32.67 30.27 46.80
CA ASN B 55 32.98 28.94 47.37
C ASN B 55 34.38 28.46 46.97
N GLU B 56 35.44 29.17 47.38
CA GLU B 56 36.79 28.68 47.16
C GLU B 56 37.12 27.49 48.04
N THR B 57 36.36 27.28 49.12
CA THR B 57 36.51 26.12 49.98
C THR B 57 35.74 24.96 49.34
N VAL B 58 36.31 24.43 48.25
CA VAL B 58 35.61 23.51 47.37
C VAL B 58 36.59 22.47 46.87
N THR B 59 36.05 21.30 46.53
CA THR B 59 36.84 20.11 46.19
C THR B 59 36.35 19.56 44.86
N VAL B 60 36.89 20.08 43.76
CA VAL B 60 36.56 19.50 42.47
C VAL B 60 37.15 18.10 42.40
N SER B 61 36.40 17.18 41.81
CA SER B 61 36.84 15.78 41.78
C SER B 61 36.09 15.03 40.70
N ALA B 62 36.83 14.60 39.67
CA ALA B 62 36.26 13.75 38.62
C ALA B 62 36.33 12.30 39.07
N SER B 63 35.17 11.73 39.41
CA SER B 63 35.06 10.33 39.77
C SER B 63 34.78 9.53 38.49
N LEU B 64 35.62 8.53 38.24
CA LEU B 64 35.74 7.89 36.94
C LEU B 64 35.39 6.41 37.12
N GLU B 65 34.08 6.13 37.10
CA GLU B 65 33.63 4.78 37.49
C GLU B 65 32.97 3.93 36.41
N SER B 66 33.25 2.63 36.40
CA SER B 66 32.57 1.68 35.55
C SER B 66 31.59 0.95 36.46
N VAL B 67 30.48 1.65 36.75
CA VAL B 67 29.48 1.20 37.77
C VAL B 67 29.01 -0.24 37.58
N ARG B 68 29.00 -0.74 36.35
CA ARG B 68 28.73 -2.16 36.16
C ARG B 68 29.85 -2.96 36.83
N GLY B 69 29.45 -3.86 37.72
CA GLY B 69 30.39 -4.29 38.74
C GLY B 69 30.72 -3.04 39.53
N ASN B 70 31.99 -2.56 39.42
CA ASN B 70 32.35 -1.26 40.04
C ASN B 70 33.80 -0.81 39.89
N ARG B 71 34.13 0.06 38.91
CA ARG B 71 35.43 0.68 38.91
C ARG B 71 35.27 2.09 39.45
N SER B 72 36.39 2.69 39.84
CA SER B 72 36.38 4.10 40.18
C SER B 72 37.82 4.60 40.19
N LEU B 73 38.19 5.41 39.20
CA LEU B 73 39.49 6.09 39.18
C LEU B 73 39.24 7.56 39.56
N PHE B 74 39.09 7.80 40.86
CA PHE B 74 38.80 9.15 41.33
C PHE B 74 39.87 10.14 40.89
N THR B 75 39.42 11.33 40.51
CA THR B 75 40.28 12.50 40.31
C THR B 75 39.85 13.52 41.36
N ASP B 76 40.79 14.33 41.83
CA ASP B 76 40.52 15.27 42.92
C ASP B 76 41.48 16.44 42.86
N LEU B 77 40.97 17.61 43.21
CA LEU B 77 41.81 18.81 43.28
C LEU B 77 41.05 19.88 44.07
N GLU B 78 41.80 20.85 44.58
CA GLU B 78 41.24 22.05 45.19
C GLU B 78 41.95 23.26 44.65
N ALA B 79 41.25 24.39 44.59
CA ALA B 79 41.83 25.62 44.07
C ALA B 79 41.00 26.79 44.57
N GLU B 80 41.36 27.97 44.09
CA GLU B 80 40.76 29.24 44.49
C GLU B 80 39.87 29.76 43.37
N ASN B 81 39.05 30.75 43.70
CA ASN B 81 38.19 31.36 42.70
C ASN B 81 39.02 32.11 41.68
N ASP B 82 38.52 32.08 40.44
CA ASP B 82 39.02 32.94 39.37
C ASP B 82 40.46 32.57 38.98
N VAL B 83 40.77 31.29 39.05
CA VAL B 83 42.05 30.77 38.58
C VAL B 83 41.79 29.44 37.90
N LEU B 84 42.65 29.11 36.92
CA LEU B 84 42.55 27.88 36.15
C LEU B 84 43.76 26.99 36.45
N HIS B 85 43.50 25.70 36.58
CA HIS B 85 44.53 24.73 36.95
C HIS B 85 44.10 23.37 36.39
N CYS B 86 45.03 22.41 36.43
CA CYS B 86 44.88 21.17 35.66
C CYS B 86 45.41 20.00 36.48
N VAL B 87 44.63 18.92 36.56
CA VAL B 87 45.03 17.71 37.28
C VAL B 87 45.51 16.68 36.26
N ALA B 88 46.77 16.28 36.37
CA ALA B 88 47.42 15.41 35.39
C ALA B 88 47.43 13.96 35.87
N PHE B 89 46.24 13.42 36.15
CA PHE B 89 46.13 12.03 36.56
C PHE B 89 46.29 11.12 35.33
N ALA B 90 45.99 9.83 35.52
CA ALA B 90 46.16 8.86 34.45
C ALA B 90 45.13 7.74 34.57
N VAL B 91 45.25 6.74 33.70
CA VAL B 91 44.30 5.63 33.61
C VAL B 91 45.08 4.34 33.37
N PRO B 92 44.63 3.19 33.92
CA PRO B 92 45.33 1.92 33.64
C PRO B 92 44.70 1.13 32.52
N LYS B 93 45.32 0.01 32.15
CA LYS B 93 44.64 -1.00 31.35
C LYS B 93 43.36 -1.42 32.05
N SER B 94 42.44 -1.98 31.27
CA SER B 94 41.04 -2.02 31.64
C SER B 94 40.49 -3.44 31.54
N SER B 95 39.19 -3.53 31.80
CA SER B 95 38.46 -4.78 31.59
C SER B 95 38.59 -5.24 30.15
N SER B 96 38.11 -4.42 29.22
CA SER B 96 38.14 -4.67 27.78
C SER B 96 38.98 -3.58 27.11
N ASN B 97 38.96 -3.57 25.79
CA ASN B 97 39.77 -2.58 25.06
C ASN B 97 39.20 -1.17 25.22
N GLU B 98 37.98 -0.95 24.73
CA GLU B 98 37.45 0.38 24.50
C GLU B 98 36.03 0.44 25.03
N GLU B 99 35.75 1.41 25.90
CA GLU B 99 34.65 1.28 26.84
C GLU B 99 34.07 2.65 27.17
N VAL B 100 32.77 2.68 27.33
CA VAL B 100 32.06 3.90 27.71
C VAL B 100 32.33 4.17 29.19
N MET B 101 32.43 5.45 29.52
CA MET B 101 32.89 5.88 30.84
C MET B 101 32.08 7.07 31.29
N PHE B 102 31.22 6.91 32.29
CA PHE B 102 30.42 8.03 32.77
C PHE B 102 31.22 8.74 33.86
N LEU B 103 32.05 9.72 33.47
CA LEU B 103 32.90 10.45 34.41
C LEU B 103 32.05 11.52 35.09
N THR B 104 31.83 11.36 36.39
CA THR B 104 31.02 12.28 37.19
C THR B 104 31.95 13.17 38.00
N VAL B 105 31.78 14.48 37.86
CA VAL B 105 32.58 15.46 38.59
C VAL B 105 31.84 15.85 39.87
N GLN B 106 32.58 15.96 40.96
CA GLN B 106 32.05 16.31 42.27
C GLN B 106 32.81 17.53 42.79
N VAL B 107 32.06 18.56 43.15
CA VAL B 107 32.61 19.82 43.66
C VAL B 107 31.93 20.08 45.01
N LYS B 108 32.67 19.83 46.10
CA LYS B 108 32.12 19.88 47.45
C LYS B 108 32.52 21.19 48.12
N GLY B 109 31.67 22.20 47.98
CA GLY B 109 31.89 23.48 48.59
C GLY B 109 31.59 23.44 50.08
N PRO B 110 31.41 24.59 50.75
CA PRO B 110 30.97 24.58 52.15
C PRO B 110 29.47 24.84 52.39
N THR B 111 28.78 25.48 51.45
CA THR B 111 27.33 25.77 51.59
C THR B 111 26.55 25.32 50.35
N GLN B 112 27.26 24.88 49.31
CA GLN B 112 26.57 24.55 48.03
C GLN B 112 27.00 23.16 47.54
N GLU B 113 26.03 22.30 47.20
CA GLU B 113 26.37 21.00 46.65
C GLU B 113 26.03 20.96 45.16
N PHE B 114 26.50 19.91 44.49
CA PHE B 114 26.32 19.78 43.05
C PHE B 114 26.73 18.38 42.61
N LYS B 115 26.05 17.85 41.59
CA LYS B 115 26.33 16.52 41.08
C LYS B 115 25.78 16.41 39.65
N LYS B 116 26.58 15.81 38.77
CA LYS B 116 26.31 15.85 37.33
C LYS B 116 27.21 14.84 36.63
N ARG B 117 26.61 14.00 35.78
CA ARG B 117 27.30 12.91 35.10
C ARG B 117 27.55 13.27 33.63
N THR B 118 28.11 12.30 32.91
CA THR B 118 28.25 12.37 31.46
C THR B 118 28.53 10.96 30.95
N THR B 119 29.01 10.85 29.71
CA THR B 119 29.60 9.63 29.17
C THR B 119 30.95 9.99 28.54
N VAL B 120 31.94 9.10 28.72
CA VAL B 120 33.32 9.35 28.28
C VAL B 120 33.88 8.01 27.80
N MET B 121 35.03 8.08 27.10
CA MET B 121 35.62 6.93 26.43
C MET B 121 37.07 6.73 26.84
N VAL B 122 37.42 5.43 26.94
CA VAL B 122 38.77 4.92 27.29
C VAL B 122 39.07 3.75 26.35
N LYS B 123 40.23 3.77 25.69
CA LYS B 123 40.62 2.59 24.90
C LYS B 123 41.93 2.11 25.50
N ASN B 124 42.08 0.81 25.74
CA ASN B 124 43.42 0.37 26.22
C ASN B 124 44.34 0.94 25.15
N GLU B 125 45.39 1.66 25.53
CA GLU B 125 46.16 2.36 24.48
C GLU B 125 46.61 1.35 23.42
N ASP B 126 46.24 1.62 22.17
CA ASP B 126 46.69 0.75 21.06
C ASP B 126 47.71 1.61 20.32
N SER B 127 48.98 1.21 20.35
CA SER B 127 50.07 2.15 20.12
C SER B 127 50.12 2.47 18.65
N LEU B 128 51.24 3.01 18.22
CA LEU B 128 51.65 2.97 16.83
C LEU B 128 53.01 2.31 16.78
N VAL B 129 53.14 1.30 15.95
CA VAL B 129 54.42 0.66 15.69
C VAL B 129 54.54 0.49 14.19
N PHE B 130 55.72 0.07 13.76
CA PHE B 130 55.98 -0.05 12.34
C PHE B 130 57.30 -0.75 12.08
N VAL B 131 57.72 -0.71 10.83
CA VAL B 131 59.07 -1.04 10.45
C VAL B 131 59.53 -0.05 9.39
N GLN B 132 60.78 0.33 9.48
CA GLN B 132 61.52 0.85 8.34
C GLN B 132 62.48 -0.24 7.90
N THR B 133 62.14 -0.90 6.80
CA THR B 133 63.07 -1.84 6.22
C THR B 133 64.35 -1.14 5.80
N ASP B 134 65.36 -1.95 5.47
CA ASP B 134 66.69 -1.42 5.20
C ASP B 134 66.67 -0.45 4.03
N LYS B 135 66.29 -0.93 2.85
CA LYS B 135 66.52 -0.22 1.60
C LYS B 135 65.31 -0.40 0.69
N SER B 136 65.34 0.24 -0.48
CA SER B 136 64.26 0.06 -1.45
C SER B 136 64.20 -1.37 -1.97
N ILE B 137 65.20 -1.78 -2.73
CA ILE B 137 65.13 -2.98 -3.57
C ILE B 137 66.34 -3.86 -3.25
N TYR B 138 66.09 -5.14 -3.00
CA TYR B 138 67.03 -6.05 -2.38
C TYR B 138 67.48 -7.14 -3.35
N LYS B 139 68.70 -7.63 -3.13
CA LYS B 139 69.20 -8.84 -3.79
C LYS B 139 69.09 -10.02 -2.83
N PRO B 140 69.22 -11.25 -3.32
CA PRO B 140 69.25 -12.40 -2.39
C PRO B 140 70.61 -12.55 -1.76
N GLY B 141 70.67 -13.43 -0.76
CA GLY B 141 71.88 -13.68 -0.01
C GLY B 141 72.09 -12.75 1.16
N GLN B 142 71.13 -11.89 1.47
CA GLN B 142 71.34 -10.77 2.36
C GLN B 142 70.60 -10.97 3.68
N THR B 143 71.06 -10.28 4.71
CA THR B 143 70.41 -10.29 6.00
C THR B 143 69.34 -9.21 6.02
N VAL B 144 68.08 -9.63 6.07
CA VAL B 144 66.98 -8.69 6.27
C VAL B 144 67.03 -8.23 7.72
N LYS B 145 67.46 -6.98 7.92
CA LYS B 145 67.57 -6.34 9.22
C LYS B 145 66.55 -5.22 9.26
N PHE B 146 65.90 -5.04 10.41
CA PHE B 146 64.86 -4.01 10.53
C PHE B 146 64.73 -3.60 11.98
N ARG B 147 63.76 -2.72 12.28
CA ARG B 147 63.46 -2.25 13.63
C ARG B 147 61.98 -1.90 13.74
N VAL B 148 61.58 -1.45 14.93
CA VAL B 148 60.19 -1.16 15.26
C VAL B 148 60.14 -0.34 16.56
N VAL B 149 59.06 0.43 16.73
CA VAL B 149 58.95 1.47 17.75
C VAL B 149 57.56 1.36 18.37
N SER B 150 57.40 1.93 19.56
CA SER B 150 56.08 2.12 20.14
C SER B 150 56.17 3.18 21.25
N MET B 151 55.14 4.02 21.37
CA MET B 151 55.09 5.04 22.42
C MET B 151 53.66 5.19 22.95
N ASP B 152 53.57 5.66 24.20
CA ASP B 152 52.30 6.08 24.80
C ASP B 152 52.01 7.51 24.35
N GLU B 153 50.85 8.04 24.77
CA GLU B 153 50.37 9.28 24.17
C GLU B 153 51.29 10.45 24.48
N ASN B 154 51.70 10.60 25.72
CA ASN B 154 52.93 11.35 25.94
C ASN B 154 54.05 10.55 25.30
N PHE B 155 54.57 11.06 24.19
CA PHE B 155 55.49 10.26 23.39
C PHE B 155 56.85 10.12 24.01
N HIS B 156 57.04 10.53 25.25
CA HIS B 156 58.08 9.91 26.04
C HIS B 156 57.91 8.41 25.92
N PRO B 157 58.79 7.71 25.19
CA PRO B 157 58.44 6.39 24.68
C PRO B 157 58.28 5.37 25.80
N LEU B 158 57.86 4.16 25.42
CA LEU B 158 57.31 3.17 26.34
C LEU B 158 57.90 1.79 26.06
N ASN B 159 58.81 1.36 26.93
CA ASN B 159 59.28 -0.02 26.91
C ASN B 159 58.15 -0.93 27.33
N GLU B 160 57.83 -1.91 26.49
CA GLU B 160 56.64 -2.72 26.72
C GLU B 160 56.80 -4.07 26.05
N LEU B 161 56.11 -5.06 26.60
CA LEU B 161 56.18 -6.43 26.10
C LEU B 161 55.65 -6.56 24.68
N ILE B 162 56.15 -7.57 23.98
CA ILE B 162 55.87 -7.79 22.55
C ILE B 162 55.40 -9.23 22.34
N PRO B 163 54.18 -9.47 21.85
CA PRO B 163 53.81 -10.85 21.51
C PRO B 163 54.70 -11.52 20.49
N LEU B 164 54.94 -10.88 19.36
CA LEU B 164 55.53 -11.57 18.22
C LEU B 164 56.22 -10.58 17.30
N VAL B 165 57.29 -11.05 16.65
CA VAL B 165 58.03 -10.26 15.68
C VAL B 165 58.47 -11.17 14.54
N TYR B 166 57.73 -11.17 13.42
CA TYR B 166 57.95 -12.17 12.38
C TYR B 166 57.75 -11.60 10.99
N ILE B 167 57.96 -12.47 10.01
CA ILE B 167 57.78 -12.19 8.59
C ILE B 167 56.92 -13.30 7.99
N GLN B 168 55.93 -12.90 7.20
CA GLN B 168 55.14 -13.83 6.40
C GLN B 168 55.66 -13.90 4.97
N ASP B 169 56.00 -15.12 4.55
CA ASP B 169 56.39 -15.49 3.19
C ASP B 169 55.22 -15.23 2.23
N PRO B 170 55.45 -14.81 0.94
CA PRO B 170 54.32 -14.33 0.11
C PRO B 170 53.13 -15.25 -0.03
N LYS B 171 53.37 -16.54 0.15
CA LYS B 171 52.43 -17.57 -0.29
C LYS B 171 51.43 -17.93 0.80
N GLY B 172 51.15 -16.99 1.70
CA GLY B 172 50.33 -17.32 2.85
C GLY B 172 51.06 -18.15 3.87
N ASN B 173 52.32 -17.83 4.14
CA ASN B 173 53.21 -18.66 4.94
C ASN B 173 54.34 -17.80 5.49
N ARG B 174 55.17 -18.40 6.34
CA ARG B 174 56.16 -17.69 7.14
C ARG B 174 57.55 -18.26 6.89
N ILE B 175 58.55 -17.41 7.12
CA ILE B 175 59.94 -17.77 6.83
C ILE B 175 60.88 -17.54 8.01
N ALA B 176 60.57 -16.64 8.93
CA ALA B 176 61.49 -16.26 9.98
C ALA B 176 60.68 -15.72 11.14
N GLN B 177 61.34 -15.54 12.29
CA GLN B 177 60.60 -15.07 13.45
C GLN B 177 61.55 -14.66 14.56
N TRP B 178 61.14 -13.62 15.26
CA TRP B 178 61.50 -13.34 16.63
C TRP B 178 60.20 -13.32 17.43
N GLN B 179 60.27 -13.51 18.73
CA GLN B 179 59.03 -13.61 19.46
C GLN B 179 59.25 -13.43 20.96
N SER B 180 58.26 -12.83 21.61
CA SER B 180 58.10 -12.87 23.06
C SER B 180 59.27 -12.20 23.78
N PHE B 181 59.73 -11.09 23.24
CA PHE B 181 60.66 -10.20 23.93
C PHE B 181 59.94 -8.90 24.28
N GLN B 182 60.70 -7.93 24.77
CA GLN B 182 60.15 -6.64 25.17
C GLN B 182 61.23 -5.59 24.91
N LEU B 183 60.80 -4.37 24.64
CA LEU B 183 61.73 -3.28 24.41
C LEU B 183 62.38 -2.88 25.73
N GLU B 184 63.69 -2.71 25.71
CA GLU B 184 64.43 -2.14 26.83
C GLU B 184 65.04 -0.80 26.48
N GLY B 185 65.46 -0.61 25.24
CA GLY B 185 65.82 0.69 24.73
C GLY B 185 64.70 1.27 23.90
N GLY B 186 63.48 0.78 24.11
CA GLY B 186 62.38 1.17 23.25
C GLY B 186 62.54 0.74 21.82
N LEU B 187 63.43 -0.19 21.53
CA LEU B 187 63.77 -0.53 20.17
C LEU B 187 64.37 -1.93 20.12
N LYS B 188 64.65 -2.38 18.91
CA LYS B 188 65.41 -3.61 18.69
C LYS B 188 65.72 -3.71 17.21
N GLN B 189 66.89 -4.26 16.91
CA GLN B 189 67.30 -4.54 15.54
C GLN B 189 67.58 -6.03 15.37
N PHE B 190 67.47 -6.46 14.12
CA PHE B 190 67.27 -7.85 13.77
C PHE B 190 68.14 -8.17 12.55
N SER B 191 68.05 -9.42 12.10
CA SER B 191 68.81 -9.87 10.93
C SER B 191 68.38 -11.28 10.53
N PHE B 192 68.39 -11.57 9.25
CA PHE B 192 67.99 -12.90 8.79
C PHE B 192 68.60 -13.09 7.42
N PRO B 193 69.87 -13.57 7.35
CA PRO B 193 70.48 -13.86 6.05
C PRO B 193 69.62 -14.72 5.15
N LEU B 194 69.16 -14.10 4.08
CA LEU B 194 68.43 -14.73 3.02
C LEU B 194 69.38 -15.59 2.19
N SER B 195 68.82 -16.57 1.48
CA SER B 195 69.64 -17.44 0.66
C SER B 195 70.08 -16.70 -0.60
N SER B 196 70.87 -17.38 -1.43
CA SER B 196 71.24 -16.85 -2.73
C SER B 196 70.28 -17.26 -3.83
N GLU B 197 69.48 -18.31 -3.60
CA GLU B 197 68.40 -18.71 -4.50
C GLU B 197 67.06 -18.81 -3.77
N PRO B 198 66.63 -17.72 -3.09
CA PRO B 198 65.32 -17.76 -2.45
C PRO B 198 64.24 -17.28 -3.41
N PHE B 199 63.01 -17.15 -2.92
CA PHE B 199 61.94 -16.56 -3.72
C PHE B 199 62.21 -15.07 -3.94
N GLN B 200 61.37 -14.45 -4.78
CA GLN B 200 61.42 -13.02 -5.06
C GLN B 200 60.01 -12.44 -4.99
N GLY B 201 59.95 -11.11 -5.09
CA GLY B 201 58.69 -10.40 -5.13
C GLY B 201 58.45 -9.59 -3.88
N SER B 202 57.26 -9.74 -3.30
CA SER B 202 56.80 -8.89 -2.21
C SER B 202 56.95 -9.63 -0.88
N TYR B 203 57.22 -8.87 0.17
CA TYR B 203 57.67 -9.38 1.45
C TYR B 203 57.12 -8.48 2.54
N LYS B 204 57.02 -9.01 3.76
CA LYS B 204 56.27 -8.32 4.81
C LYS B 204 56.80 -8.72 6.19
N VAL B 205 57.34 -7.74 6.92
CA VAL B 205 57.71 -7.90 8.31
C VAL B 205 56.48 -7.53 9.13
N VAL B 206 55.63 -8.51 9.38
CA VAL B 206 54.35 -8.27 10.04
C VAL B 206 54.49 -8.44 11.54
N VAL B 207 53.69 -7.69 12.29
CA VAL B 207 53.82 -7.61 13.75
C VAL B 207 52.45 -7.33 14.34
N GLN B 208 52.15 -7.95 15.47
CA GLN B 208 50.88 -7.82 16.17
C GLN B 208 51.08 -7.28 17.57
N LYS B 209 50.10 -6.52 18.07
CA LYS B 209 50.05 -6.03 19.43
C LYS B 209 49.03 -6.85 20.21
N LYS B 210 49.34 -7.12 21.48
CA LYS B 210 48.80 -8.26 22.23
C LYS B 210 47.28 -8.39 22.18
N SER B 211 46.55 -7.30 22.02
CA SER B 211 45.11 -7.32 22.07
C SER B 211 44.48 -7.56 20.70
N GLY B 212 45.17 -8.32 19.84
CA GLY B 212 44.70 -8.68 18.53
C GLY B 212 45.12 -7.74 17.43
N GLY B 213 45.35 -6.47 17.76
CA GLY B 213 45.70 -5.51 16.72
C GLY B 213 47.00 -5.88 16.04
N ARG B 214 46.92 -6.07 14.73
CA ARG B 214 48.07 -6.42 13.90
C ARG B 214 47.99 -5.59 12.63
N THR B 215 49.15 -5.30 12.08
CA THR B 215 49.30 -4.55 10.85
C THR B 215 50.66 -4.85 10.27
N GLU B 216 51.04 -4.09 9.24
CA GLU B 216 52.10 -4.52 8.35
C GLU B 216 53.01 -3.37 7.95
N HIS B 217 54.06 -3.74 7.24
CA HIS B 217 54.93 -2.89 6.45
C HIS B 217 55.52 -3.80 5.38
N PRO B 218 54.80 -4.02 4.28
CA PRO B 218 55.37 -4.83 3.20
C PRO B 218 56.62 -4.22 2.61
N PHE B 219 57.31 -5.04 1.83
CA PHE B 219 58.53 -4.67 1.12
C PHE B 219 58.84 -5.77 0.13
N THR B 220 60.03 -5.72 -0.46
CA THR B 220 60.33 -6.48 -1.66
C THR B 220 61.71 -7.11 -1.63
N VAL B 221 61.88 -8.14 -2.45
CA VAL B 221 63.16 -8.63 -2.93
C VAL B 221 62.92 -9.17 -4.33
N GLU B 222 63.63 -8.62 -5.30
CA GLU B 222 63.55 -9.08 -6.69
C GLU B 222 64.99 -9.18 -7.21
N GLU B 223 65.13 -9.41 -8.52
CA GLU B 223 66.42 -9.26 -9.19
C GLU B 223 66.33 -8.20 -10.28
N PHE B 224 67.44 -7.51 -10.49
CA PHE B 224 67.55 -6.38 -11.42
C PHE B 224 69.04 -6.09 -11.57
N VAL B 225 69.38 -5.00 -12.27
CA VAL B 225 70.76 -4.56 -12.43
C VAL B 225 70.84 -3.12 -11.98
N LEU B 226 71.98 -2.74 -11.48
CA LEU B 226 72.00 -1.53 -10.68
C LEU B 226 72.03 -0.29 -11.56
N PRO B 227 71.60 0.87 -11.03
CA PRO B 227 71.84 2.14 -11.72
C PRO B 227 73.11 2.81 -11.24
N LYS B 228 73.70 3.59 -12.16
CA LYS B 228 74.81 4.48 -11.85
C LYS B 228 74.36 5.94 -11.75
N PHE B 229 73.04 6.17 -11.68
CA PHE B 229 72.49 7.52 -11.66
C PHE B 229 70.99 7.44 -11.41
N GLU B 230 70.39 8.61 -11.33
CA GLU B 230 68.95 8.78 -11.48
C GLU B 230 68.72 10.14 -12.11
N VAL B 231 67.70 10.23 -12.96
CA VAL B 231 67.25 11.50 -13.48
C VAL B 231 65.75 11.62 -13.28
N GLN B 232 65.19 12.75 -13.71
CA GLN B 232 63.82 13.07 -13.36
C GLN B 232 63.20 13.95 -14.43
N VAL B 233 61.87 14.05 -14.38
CA VAL B 233 61.10 14.79 -15.36
C VAL B 233 61.11 16.27 -15.06
N THR B 234 60.70 17.06 -16.05
CA THR B 234 60.06 18.34 -15.82
C THR B 234 58.75 18.31 -16.60
N VAL B 235 57.65 18.67 -15.95
CA VAL B 235 56.32 18.43 -16.51
C VAL B 235 55.29 19.09 -15.61
N PRO B 236 54.15 19.54 -16.12
CA PRO B 236 53.09 19.93 -15.20
C PRO B 236 52.49 18.73 -14.51
N LYS B 237 52.41 18.82 -13.20
CA LYS B 237 51.38 18.09 -12.51
C LYS B 237 50.01 18.67 -12.78
N ILE B 238 49.92 19.87 -13.34
CA ILE B 238 48.63 20.48 -13.63
C ILE B 238 48.69 21.19 -14.98
N ILE B 239 48.17 20.52 -16.00
CA ILE B 239 47.72 21.15 -17.23
C ILE B 239 46.21 21.26 -17.12
N THR B 240 45.65 22.32 -17.67
CA THR B 240 44.23 22.64 -17.54
C THR B 240 43.57 22.72 -18.92
N ILE B 241 42.35 23.25 -18.91
CA ILE B 241 41.54 23.36 -20.12
C ILE B 241 42.26 24.20 -21.17
N LEU B 242 42.48 25.47 -20.88
CA LEU B 242 42.82 26.44 -21.91
C LEU B 242 44.31 26.36 -22.21
N GLU B 243 44.68 25.26 -22.85
CA GLU B 243 46.07 24.89 -23.02
C GLU B 243 46.28 24.35 -24.42
N GLU B 244 47.27 24.92 -25.10
CA GLU B 244 47.65 24.49 -26.44
C GLU B 244 48.99 23.78 -26.47
N GLU B 245 49.77 23.93 -25.39
CA GLU B 245 51.10 23.31 -25.29
C GLU B 245 51.28 22.86 -23.84
N MET B 246 52.45 22.33 -23.52
CA MET B 246 52.75 21.84 -22.17
C MET B 246 54.21 22.08 -21.87
N ASN B 247 54.45 22.90 -20.83
CA ASN B 247 55.85 23.17 -20.38
C ASN B 247 56.40 21.89 -19.76
N VAL B 248 57.09 21.09 -20.56
CA VAL B 248 57.62 19.80 -20.13
C VAL B 248 59.07 19.72 -20.56
N SER B 249 59.88 19.05 -19.73
CA SER B 249 61.29 18.92 -20.00
C SER B 249 61.83 17.75 -19.18
N VAL B 250 63.15 17.58 -19.25
CA VAL B 250 63.82 16.40 -18.74
C VAL B 250 65.04 16.89 -17.98
N CYS B 251 64.95 16.92 -16.67
CA CYS B 251 66.01 17.46 -15.82
C CYS B 251 66.20 16.58 -14.60
N GLY B 252 67.44 16.11 -14.39
CA GLY B 252 67.73 15.15 -13.35
C GLY B 252 69.19 15.20 -12.95
N LEU B 253 69.55 14.29 -12.04
CA LEU B 253 70.87 14.29 -11.40
C LEU B 253 71.76 13.21 -12.02
N TYR B 254 72.95 13.08 -11.42
CA TYR B 254 73.96 12.11 -11.80
C TYR B 254 74.80 11.85 -10.56
N THR B 255 75.79 10.98 -10.70
CA THR B 255 76.86 10.83 -9.71
C THR B 255 77.38 12.19 -9.29
N TYR B 256 77.26 12.48 -8.00
CA TYR B 256 77.46 13.82 -7.47
C TYR B 256 76.67 14.87 -8.25
N GLY B 257 75.47 14.53 -8.70
CA GLY B 257 74.65 15.50 -9.41
C GLY B 257 75.26 16.00 -10.69
N LYS B 258 76.23 15.28 -11.23
CA LYS B 258 77.07 15.77 -12.31
C LYS B 258 76.30 15.74 -13.63
N PRO B 259 76.93 16.11 -14.74
CA PRO B 259 76.35 15.84 -16.06
C PRO B 259 76.71 14.47 -16.58
N VAL B 260 75.72 13.84 -17.22
CA VAL B 260 75.89 12.56 -17.90
C VAL B 260 75.61 12.76 -19.39
N PRO B 261 76.33 12.08 -20.30
CA PRO B 261 75.92 12.06 -21.70
C PRO B 261 75.10 10.82 -22.02
N GLY B 262 74.24 10.96 -23.03
CA GLY B 262 73.33 9.87 -23.38
C GLY B 262 72.25 10.33 -24.34
N HIS B 263 71.08 9.69 -24.20
CA HIS B 263 69.94 9.95 -25.08
C HIS B 263 68.65 9.87 -24.26
N VAL B 264 67.68 10.69 -24.64
CA VAL B 264 66.48 10.95 -23.85
C VAL B 264 65.26 10.38 -24.57
N THR B 265 64.17 10.23 -23.82
CA THR B 265 62.91 9.86 -24.43
C THR B 265 61.80 9.94 -23.40
N VAL B 266 60.63 10.39 -23.84
CA VAL B 266 59.41 10.41 -23.04
C VAL B 266 58.57 9.20 -23.38
N SER B 267 57.65 8.88 -22.48
CA SER B 267 56.51 8.02 -22.78
C SER B 267 55.28 8.88 -22.53
N ILE B 268 54.85 9.60 -23.56
CA ILE B 268 53.67 10.46 -23.47
C ILE B 268 52.41 9.73 -23.90
N CYS B 269 51.33 9.94 -23.15
CA CYS B 269 50.09 9.22 -23.43
C CYS B 269 48.92 9.78 -22.62
N ARG B 270 47.80 9.90 -23.32
CA ARG B 270 46.45 10.09 -22.81
C ARG B 270 45.79 8.73 -22.59
N LYS B 271 44.68 8.75 -21.84
CA LYS B 271 43.91 7.54 -21.54
C LYS B 271 42.52 7.60 -22.16
N TYR B 272 41.95 6.41 -22.38
CA TYR B 272 40.51 6.22 -22.49
C TYR B 272 39.93 6.82 -23.76
N SER B 273 40.58 6.57 -24.89
CA SER B 273 39.97 6.86 -26.18
C SER B 273 38.99 5.74 -26.51
N ASP B 274 38.55 5.67 -27.77
CA ASP B 274 37.40 4.85 -28.09
C ASP B 274 37.74 3.36 -28.25
N ALA B 275 39.02 3.00 -28.30
CA ALA B 275 39.41 1.60 -28.46
C ALA B 275 38.90 0.75 -27.29
N SER B 276 38.77 -0.56 -27.55
CA SER B 276 38.02 -1.45 -26.66
C SER B 276 38.84 -1.99 -25.49
N ASP B 277 40.13 -1.67 -25.40
CA ASP B 277 41.07 -2.27 -24.43
C ASP B 277 40.98 -3.80 -24.44
N CYS B 278 40.61 -4.37 -25.57
CA CYS B 278 40.32 -5.79 -25.72
C CYS B 278 40.06 -6.05 -27.19
N HIS B 279 40.26 -7.29 -27.61
CA HIS B 279 40.16 -7.68 -29.01
C HIS B 279 41.19 -6.92 -29.86
N GLY B 280 42.44 -6.91 -29.40
CA GLY B 280 43.51 -6.23 -30.10
C GLY B 280 43.55 -4.74 -29.91
N GLU B 281 42.97 -4.23 -28.82
CA GLU B 281 42.77 -2.80 -28.63
C GLU B 281 43.24 -2.37 -27.24
N ASP B 282 43.47 -1.07 -27.08
CA ASP B 282 44.08 -0.52 -25.86
C ASP B 282 43.30 0.72 -25.44
N SER B 283 43.08 0.86 -24.13
CA SER B 283 42.37 2.03 -23.61
C SER B 283 43.14 3.33 -23.80
N GLN B 284 44.44 3.25 -24.07
CA GLN B 284 45.27 4.44 -24.19
C GLN B 284 44.73 5.36 -25.27
N ALA B 285 44.52 6.62 -24.89
CA ALA B 285 44.21 7.68 -25.83
C ALA B 285 45.52 8.20 -26.41
N PHE B 286 45.48 9.41 -26.98
CA PHE B 286 46.57 9.98 -27.76
C PHE B 286 47.92 9.86 -27.06
N CYS B 287 48.97 9.80 -27.86
CA CYS B 287 50.33 9.53 -27.39
C CYS B 287 51.29 10.06 -28.44
N GLU B 288 52.03 11.11 -28.09
CA GLU B 288 53.01 11.67 -29.00
C GLU B 288 54.35 10.96 -28.82
N LYS B 289 55.41 11.49 -29.44
CA LYS B 289 56.72 10.84 -29.45
C LYS B 289 57.79 11.93 -29.51
N PHE B 290 58.58 12.07 -28.45
CA PHE B 290 59.66 13.05 -28.40
C PHE B 290 60.89 12.45 -27.72
N SER B 291 61.87 12.08 -28.53
CA SER B 291 63.21 11.72 -28.07
C SER B 291 64.11 12.95 -28.15
N GLY B 292 65.41 12.74 -28.02
CA GLY B 292 66.37 13.81 -28.21
C GLY B 292 67.75 13.39 -27.80
N GLN B 293 68.70 14.29 -28.09
CA GLN B 293 70.07 14.15 -27.62
C GLN B 293 70.13 14.67 -26.18
N LEU B 294 71.14 14.21 -25.44
CA LEU B 294 71.39 14.73 -24.10
C LEU B 294 72.42 15.84 -24.19
N ASN B 295 72.03 17.04 -23.77
CA ASN B 295 72.92 18.18 -23.84
C ASN B 295 74.11 18.00 -22.91
N SER B 296 75.18 18.74 -23.18
CA SER B 296 76.38 18.68 -22.36
C SER B 296 76.31 19.59 -21.15
N HIS B 297 75.30 20.46 -21.05
CA HIS B 297 75.12 21.35 -19.92
C HIS B 297 73.67 21.33 -19.44
N GLY B 298 73.52 21.18 -18.13
CA GLY B 298 72.21 21.36 -17.52
C GLY B 298 71.32 20.15 -17.74
N CYS B 299 70.22 20.38 -18.45
CA CYS B 299 69.14 19.40 -18.56
C CYS B 299 68.63 19.42 -19.99
N PHE B 300 67.77 18.45 -20.32
CA PHE B 300 67.19 18.32 -21.65
C PHE B 300 65.75 18.78 -21.62
N TYR B 301 65.37 19.57 -22.64
CA TYR B 301 64.05 20.17 -22.73
C TYR B 301 63.38 19.74 -24.02
N GLN B 302 62.15 19.21 -23.90
CA GLN B 302 61.31 18.98 -25.07
C GLN B 302 59.86 19.29 -24.70
N GLN B 303 59.32 20.33 -25.36
CA GLN B 303 57.93 20.79 -25.10
C GLN B 303 56.97 20.20 -26.12
N VAL B 304 55.71 20.63 -26.15
CA VAL B 304 54.69 19.95 -26.94
C VAL B 304 53.61 20.88 -27.47
N LYS B 305 52.60 20.29 -28.10
CA LYS B 305 51.30 20.87 -28.37
C LYS B 305 50.24 20.04 -27.66
N THR B 306 49.09 20.65 -27.38
CA THR B 306 47.98 19.97 -26.71
C THR B 306 46.64 20.21 -27.39
N LYS B 307 46.64 20.40 -28.71
CA LYS B 307 45.40 20.38 -29.49
C LYS B 307 45.10 18.97 -29.95
N VAL B 308 46.12 18.27 -30.43
CA VAL B 308 46.00 16.89 -30.89
C VAL B 308 45.41 15.98 -29.83
N PHE B 309 45.52 16.34 -28.56
CA PHE B 309 45.08 15.48 -27.48
C PHE B 309 43.58 15.58 -27.20
N GLN B 310 42.92 16.65 -27.64
CA GLN B 310 41.48 16.80 -27.46
C GLN B 310 41.10 16.74 -25.98
N LEU B 311 41.44 17.83 -25.34
CA LEU B 311 41.49 17.98 -23.90
C LEU B 311 40.08 18.10 -23.34
N LYS B 312 39.21 17.14 -23.68
CA LYS B 312 37.77 17.40 -23.73
C LYS B 312 36.94 16.35 -22.98
N ARG B 313 35.61 16.36 -23.20
CA ARG B 313 34.61 15.67 -22.38
C ARG B 313 35.04 14.28 -21.93
N LYS B 314 35.32 13.40 -22.88
CA LYS B 314 35.55 11.99 -22.59
C LYS B 314 36.82 11.49 -23.24
N GLU B 315 37.89 12.25 -23.06
CA GLU B 315 39.24 11.74 -23.22
C GLU B 315 39.96 12.03 -21.91
N TYR B 316 40.31 10.97 -21.18
CA TYR B 316 40.60 11.06 -19.77
C TYR B 316 42.08 11.40 -19.54
N GLU B 317 42.43 11.56 -18.27
CA GLU B 317 43.68 12.19 -17.82
C GLU B 317 44.93 11.57 -18.45
N MET B 318 46.04 12.29 -18.34
CA MET B 318 47.28 11.96 -19.03
C MET B 318 48.18 11.15 -18.10
N LYS B 319 48.66 10.01 -18.59
CA LYS B 319 49.53 9.13 -17.83
C LYS B 319 50.75 8.74 -18.66
N LEU B 320 51.91 8.91 -18.05
CA LEU B 320 53.15 9.02 -18.80
C LEU B 320 54.28 8.49 -17.96
N HIS B 321 55.41 8.24 -18.63
CA HIS B 321 56.69 7.97 -18.00
C HIS B 321 57.69 8.57 -18.97
N THR B 322 58.94 8.61 -18.57
CA THR B 322 60.01 9.05 -19.46
C THR B 322 61.28 8.34 -19.06
N GLU B 323 62.02 7.87 -20.04
CA GLU B 323 63.10 6.92 -19.82
C GLU B 323 64.19 7.24 -20.81
N ALA B 324 65.43 7.03 -20.38
CA ALA B 324 66.58 7.52 -21.09
C ALA B 324 67.75 6.56 -20.93
N GLN B 325 68.62 6.57 -21.92
CA GLN B 325 69.83 5.74 -21.93
C GLN B 325 71.00 6.58 -21.46
N ILE B 326 71.96 5.91 -20.82
CA ILE B 326 73.31 6.45 -20.71
C ILE B 326 74.21 5.69 -21.67
N GLN B 327 74.85 6.43 -22.58
CA GLN B 327 75.66 5.81 -23.63
C GLN B 327 76.76 4.95 -23.01
N GLU B 328 77.26 4.02 -23.82
CA GLU B 328 78.19 2.94 -23.48
C GLU B 328 77.76 2.10 -22.28
N GLU B 329 76.49 2.21 -21.83
CA GLU B 329 75.96 1.36 -20.77
C GLU B 329 74.55 0.85 -21.04
N GLY B 330 73.73 1.53 -21.85
CA GLY B 330 72.48 0.94 -22.31
C GLY B 330 71.43 0.76 -21.24
N THR B 331 70.90 1.86 -20.71
CA THR B 331 70.01 1.82 -19.55
C THR B 331 68.57 2.17 -19.89
N VAL B 332 67.66 1.52 -19.18
CA VAL B 332 66.24 1.86 -19.16
C VAL B 332 65.91 2.43 -17.79
N VAL B 333 65.17 3.53 -17.77
CA VAL B 333 64.88 4.25 -16.53
C VAL B 333 63.39 4.57 -16.51
N GLU B 334 62.58 3.69 -15.93
CA GLU B 334 61.15 3.91 -15.80
C GLU B 334 60.82 4.63 -14.50
N LEU B 335 59.83 5.53 -14.57
CA LEU B 335 59.28 6.20 -13.38
C LEU B 335 57.85 6.59 -13.69
N THR B 336 56.94 6.29 -12.76
CA THR B 336 55.50 6.56 -12.93
C THR B 336 55.11 7.68 -11.99
N GLY B 337 54.94 8.89 -12.50
CA GLY B 337 54.73 10.04 -11.63
C GLY B 337 54.20 11.25 -12.37
N ARG B 338 53.94 12.32 -11.60
CA ARG B 338 53.28 13.52 -12.10
C ARG B 338 52.04 13.16 -12.90
N GLN B 339 51.22 12.28 -12.32
CA GLN B 339 50.37 11.41 -13.12
C GLN B 339 48.90 11.71 -12.90
N SER B 340 48.54 12.16 -11.71
CA SER B 340 47.14 12.37 -11.33
C SER B 340 46.65 13.76 -11.70
N SER B 341 47.16 14.32 -12.79
CA SER B 341 47.10 15.75 -13.03
C SER B 341 45.67 16.26 -13.14
N GLU B 342 45.55 17.58 -12.98
CA GLU B 342 44.25 18.26 -12.95
C GLU B 342 43.96 18.90 -14.31
N ILE B 343 43.64 18.05 -15.28
CA ILE B 343 43.05 18.54 -16.52
C ILE B 343 41.62 18.82 -16.12
N THR B 344 41.38 20.04 -15.67
CA THR B 344 40.26 20.35 -14.81
C THR B 344 39.02 20.74 -15.61
N ARG B 345 37.92 20.90 -14.89
CA ARG B 345 36.71 21.49 -15.45
C ARG B 345 36.54 22.93 -14.99
N THR B 346 36.90 23.21 -13.74
CA THR B 346 36.74 24.54 -13.17
C THR B 346 37.95 25.39 -13.48
N ILE B 347 37.72 26.51 -14.15
CA ILE B 347 38.73 27.54 -14.38
C ILE B 347 38.26 28.77 -13.61
N THR B 348 39.18 29.72 -13.44
CA THR B 348 38.92 30.92 -12.65
C THR B 348 38.58 30.51 -11.21
N LYS B 349 39.30 29.49 -10.78
CA LYS B 349 39.13 28.87 -9.48
C LYS B 349 39.74 29.78 -8.43
N LEU B 350 38.91 30.60 -7.81
CA LEU B 350 39.28 31.41 -6.66
C LEU B 350 39.32 30.53 -5.43
N SER B 351 39.34 31.17 -4.27
CA SER B 351 38.94 30.55 -3.00
C SER B 351 39.00 31.64 -1.92
N PHE B 352 38.54 31.28 -0.72
CA PHE B 352 38.75 32.05 0.49
C PHE B 352 40.00 31.55 1.20
N VAL B 353 40.56 32.41 2.07
CA VAL B 353 41.64 32.01 2.96
C VAL B 353 41.24 32.36 4.39
N LYS B 354 40.85 33.61 4.62
CA LYS B 354 40.50 34.10 5.94
C LYS B 354 38.99 34.17 6.03
N VAL B 355 38.38 33.10 6.53
CA VAL B 355 36.94 33.06 6.76
C VAL B 355 36.66 33.83 8.03
N ASP B 356 35.44 34.33 8.13
CA ASP B 356 34.83 34.64 9.41
C ASP B 356 33.74 33.61 9.61
N SER B 357 34.04 32.60 10.40
CA SER B 357 33.22 31.40 10.46
C SER B 357 31.78 31.66 10.89
N HIS B 358 31.50 32.82 11.49
CA HIS B 358 30.21 33.08 12.09
C HIS B 358 29.81 34.54 11.85
N PHE B 359 28.51 34.80 11.97
CA PHE B 359 27.94 36.12 11.74
C PHE B 359 26.90 36.41 12.80
N ARG B 360 26.93 37.63 13.34
CA ARG B 360 26.09 38.00 14.46
C ARG B 360 25.64 39.45 14.32
N GLN B 361 24.57 39.79 15.02
CA GLN B 361 23.85 41.05 14.82
C GLN B 361 24.51 42.24 15.49
N GLY B 362 25.65 42.05 16.15
CA GLY B 362 26.27 43.12 16.90
C GLY B 362 27.76 43.21 16.69
N ILE B 363 28.22 42.93 15.48
CA ILE B 363 29.64 42.72 15.25
C ILE B 363 30.07 43.09 13.83
N PRO B 364 31.29 43.59 13.63
CA PRO B 364 31.90 43.52 12.29
C PRO B 364 32.68 42.25 12.08
N PHE B 365 32.42 41.54 10.99
CA PHE B 365 33.27 40.46 10.53
C PHE B 365 33.67 40.74 9.09
N PHE B 366 34.94 40.50 8.79
CA PHE B 366 35.52 40.92 7.51
C PHE B 366 36.75 40.06 7.29
N GLY B 367 36.69 39.21 6.26
CA GLY B 367 37.71 38.23 6.01
C GLY B 367 38.48 38.55 4.75
N GLN B 368 39.80 38.49 4.87
CA GLN B 368 40.65 38.49 3.68
C GLN B 368 40.18 37.42 2.71
N VAL B 369 40.13 37.78 1.43
CA VAL B 369 39.81 36.83 0.39
C VAL B 369 40.75 37.10 -0.76
N ARG B 370 41.66 36.18 -1.00
CA ARG B 370 42.52 36.18 -2.16
C ARG B 370 41.75 35.63 -3.36
N LEU B 371 42.46 35.44 -4.46
CA LEU B 371 41.90 34.77 -5.63
C LEU B 371 43.04 34.45 -6.56
N VAL B 372 43.11 33.19 -6.99
CA VAL B 372 44.10 32.71 -7.94
C VAL B 372 43.28 31.82 -8.86
N ASP B 373 43.93 31.08 -9.75
CA ASP B 373 43.28 29.94 -10.41
C ASP B 373 44.31 29.14 -11.17
N GLY B 374 43.89 27.94 -11.58
CA GLY B 374 44.57 27.18 -12.61
C GLY B 374 46.04 26.90 -12.36
N LYS B 375 46.89 27.58 -13.12
CA LYS B 375 48.33 27.40 -12.98
C LYS B 375 48.79 27.71 -11.57
N GLY B 376 48.18 28.71 -10.94
CA GLY B 376 48.34 28.93 -9.52
C GLY B 376 49.13 30.15 -9.12
N VAL B 377 49.02 31.23 -9.89
CA VAL B 377 49.61 32.53 -9.50
C VAL B 377 48.59 33.63 -9.82
N PRO B 378 48.31 34.57 -8.90
CA PRO B 378 47.20 35.52 -9.13
C PRO B 378 47.50 36.54 -10.22
N ILE B 379 46.43 37.04 -10.86
CA ILE B 379 46.53 38.16 -11.82
C ILE B 379 46.64 39.47 -11.03
N PRO B 380 47.17 40.54 -11.62
CA PRO B 380 46.93 41.86 -11.05
C PRO B 380 45.63 42.48 -11.53
N ASN B 381 44.85 42.96 -10.57
CA ASN B 381 43.76 43.91 -10.78
C ASN B 381 42.72 43.35 -11.76
N LYS B 382 42.01 42.34 -11.27
CA LYS B 382 40.90 41.72 -12.00
C LYS B 382 39.67 41.76 -11.12
N VAL B 383 38.53 42.05 -11.73
CA VAL B 383 37.37 42.51 -10.99
C VAL B 383 36.68 41.35 -10.29
N ILE B 384 35.74 41.69 -9.42
CA ILE B 384 34.83 40.74 -8.81
C ILE B 384 33.41 41.27 -8.90
N PHE B 385 32.52 40.56 -8.17
CA PHE B 385 31.10 40.95 -7.96
C PHE B 385 30.82 40.48 -6.52
N ILE B 386 30.16 41.26 -5.66
CA ILE B 386 29.95 40.99 -4.24
C ILE B 386 28.46 40.88 -3.98
N ARG B 387 28.08 39.91 -3.16
CA ARG B 387 26.67 39.72 -2.82
C ARG B 387 26.54 39.05 -1.46
N GLY B 388 25.71 39.62 -0.62
CA GLY B 388 25.18 38.97 0.55
C GLY B 388 23.67 39.08 0.55
N ASN B 389 23.01 38.13 1.20
CA ASN B 389 21.58 37.91 1.06
C ASN B 389 20.88 37.93 2.41
N GLU B 390 19.65 38.47 2.43
CA GLU B 390 18.97 38.91 3.67
C GLU B 390 19.67 40.17 4.15
N ALA B 391 21.00 40.20 4.06
CA ALA B 391 21.72 41.47 4.31
C ALA B 391 21.66 42.16 2.95
N ASN B 392 21.14 41.40 1.99
CA ASN B 392 20.80 41.81 0.64
C ASN B 392 21.84 42.80 0.12
N TYR B 393 23.09 42.44 0.38
CA TYR B 393 24.23 43.30 0.13
C TYR B 393 24.63 43.21 -1.34
N TYR B 394 25.33 44.23 -1.82
CA TYR B 394 25.66 44.38 -3.22
C TYR B 394 26.87 45.30 -3.32
N SER B 395 27.91 44.86 -4.02
CA SER B 395 29.12 45.66 -4.12
C SER B 395 30.04 45.06 -5.19
N ASN B 396 31.18 45.70 -5.39
CA ASN B 396 32.16 45.24 -6.40
C ASN B 396 33.57 45.56 -5.92
N ALA B 397 34.56 44.76 -6.34
CA ALA B 397 35.96 44.99 -6.00
C ALA B 397 36.81 44.42 -7.13
N THR B 398 38.13 44.51 -6.94
CA THR B 398 39.08 43.94 -7.89
C THR B 398 40.28 43.45 -7.11
N THR B 399 41.23 42.87 -7.84
CA THR B 399 42.31 42.15 -7.19
C THR B 399 43.45 43.10 -6.82
N ASP B 400 44.03 42.86 -5.65
CA ASP B 400 45.34 43.41 -5.32
C ASP B 400 46.38 42.53 -5.98
N GLU B 401 47.64 42.63 -5.54
CA GLU B 401 48.70 41.77 -6.06
C GLU B 401 48.31 40.30 -6.03
N HIS B 402 47.54 39.89 -5.02
CA HIS B 402 47.10 38.52 -4.86
C HIS B 402 45.61 38.40 -4.62
N GLY B 403 44.81 39.34 -5.09
CA GLY B 403 43.37 39.25 -4.96
C GLY B 403 42.85 39.50 -3.57
N LEU B 404 43.73 39.76 -2.62
CA LEU B 404 43.37 39.83 -1.21
C LEU B 404 42.37 40.95 -0.98
N VAL B 405 41.22 40.60 -0.41
CA VAL B 405 40.23 41.60 -0.04
C VAL B 405 39.55 41.20 1.25
N GLN B 406 39.29 42.21 2.06
CA GLN B 406 38.87 42.08 3.44
C GLN B 406 37.53 42.76 3.59
N PHE B 407 36.63 42.41 2.67
CA PHE B 407 35.28 42.96 2.61
C PHE B 407 34.63 42.98 3.99
N SER B 408 33.80 43.99 4.23
CA SER B 408 33.13 44.12 5.55
C SER B 408 31.63 44.36 5.37
N ILE B 409 30.79 43.80 6.26
CA ILE B 409 29.31 43.92 6.14
C ILE B 409 28.72 44.37 7.48
N ASN B 410 27.53 45.01 7.45
CA ASN B 410 26.83 45.42 8.70
C ASN B 410 25.71 44.40 8.94
N THR B 411 25.56 43.89 10.17
CA THR B 411 24.59 42.79 10.40
C THR B 411 23.42 43.14 11.32
N THR B 412 22.19 42.83 10.90
CA THR B 412 20.93 43.05 11.68
C THR B 412 19.90 42.39 10.76
N ASN B 413 19.90 41.06 10.67
CA ASN B 413 19.15 40.39 9.61
C ASN B 413 18.75 39.01 10.09
N VAL B 414 17.97 38.32 9.26
CA VAL B 414 17.40 37.03 9.65
C VAL B 414 18.51 35.99 9.88
N MET B 415 18.10 34.87 10.48
CA MET B 415 19.05 33.97 11.13
C MET B 415 19.99 33.25 10.16
N GLY B 416 19.74 33.31 8.85
CA GLY B 416 20.53 32.55 7.90
C GLY B 416 21.28 33.40 6.90
N THR B 417 22.60 33.45 7.01
CA THR B 417 23.44 34.08 6.00
C THR B 417 23.75 33.10 4.88
N SER B 418 23.87 33.61 3.67
CA SER B 418 24.29 32.82 2.53
C SER B 418 24.88 33.79 1.51
N LEU B 419 26.19 33.73 1.36
CA LEU B 419 26.95 34.74 0.63
C LEU B 419 27.25 34.23 -0.77
N THR B 420 27.69 35.15 -1.62
CA THR B 420 28.08 34.77 -2.97
C THR B 420 28.84 35.93 -3.60
N VAL B 421 29.81 35.56 -4.44
CA VAL B 421 30.78 36.49 -5.01
C VAL B 421 31.24 35.86 -6.31
N ARG B 422 31.36 36.68 -7.36
CA ARG B 422 31.71 36.17 -8.67
C ARG B 422 32.53 37.20 -9.44
N VAL B 423 32.95 36.80 -10.63
CA VAL B 423 33.43 37.73 -11.66
C VAL B 423 32.77 37.48 -13.01
N ASN B 424 32.14 36.32 -13.22
CA ASN B 424 31.19 36.10 -14.31
C ASN B 424 29.93 35.53 -13.66
N TYR B 425 28.95 35.08 -14.45
CA TYR B 425 27.64 34.77 -13.92
C TYR B 425 27.48 33.27 -13.61
N LYS B 426 26.38 32.97 -12.92
CA LYS B 426 25.92 31.64 -12.58
C LYS B 426 25.45 30.90 -13.83
N ASP B 427 26.39 30.36 -14.60
CA ASP B 427 26.14 29.28 -15.56
C ASP B 427 27.45 28.83 -16.19
N ARG B 428 27.50 27.58 -16.66
CA ARG B 428 28.52 27.18 -17.64
C ARG B 428 28.07 27.83 -18.95
N SER B 429 28.51 29.07 -19.14
CA SER B 429 27.91 29.94 -20.14
C SER B 429 28.04 29.43 -21.58
N PRO B 430 29.24 29.13 -22.13
CA PRO B 430 29.25 28.34 -23.36
C PRO B 430 28.80 26.90 -23.18
N CYS B 431 27.59 26.60 -23.67
CA CYS B 431 27.17 25.24 -24.02
C CYS B 431 27.18 24.30 -22.80
N TYR B 432 26.26 24.55 -21.87
CA TYR B 432 25.96 23.58 -20.82
C TYR B 432 24.70 22.78 -21.08
N GLY B 433 23.87 23.19 -22.03
CA GLY B 433 22.70 22.43 -22.41
C GLY B 433 22.95 21.49 -23.57
N TYR B 434 24.11 20.82 -23.52
CA TYR B 434 24.50 19.85 -24.54
C TYR B 434 25.05 18.56 -23.97
N GLN B 435 25.42 18.51 -22.68
CA GLN B 435 25.75 17.32 -21.89
C GLN B 435 27.09 16.69 -22.27
N TRP B 436 27.78 17.19 -23.28
CA TRP B 436 28.95 16.54 -23.87
C TRP B 436 30.10 17.51 -23.99
N VAL B 437 30.40 18.21 -22.89
CA VAL B 437 31.39 19.30 -22.87
C VAL B 437 32.46 18.99 -21.84
N SER B 438 33.38 19.94 -21.70
CA SER B 438 34.50 19.80 -20.77
C SER B 438 34.84 21.19 -20.25
N GLU B 439 34.21 21.56 -19.13
CA GLU B 439 34.36 22.91 -18.58
C GLU B 439 33.61 22.99 -17.26
N GLU B 440 33.96 24.00 -16.48
CA GLU B 440 33.17 24.50 -15.37
C GLU B 440 33.80 25.81 -14.93
N HIS B 441 33.18 26.48 -13.97
CA HIS B 441 33.81 27.59 -13.27
C HIS B 441 33.35 27.62 -11.83
N GLU B 442 34.17 28.20 -10.97
CA GLU B 442 33.97 28.10 -9.55
C GLU B 442 32.77 28.92 -9.11
N GLU B 443 32.38 28.71 -7.86
CA GLU B 443 31.47 29.61 -7.16
C GLU B 443 31.94 29.69 -5.71
N ALA B 444 32.55 30.82 -5.34
CA ALA B 444 32.93 31.08 -3.95
C ALA B 444 31.75 30.87 -3.04
N HIS B 445 31.86 29.90 -2.14
CA HIS B 445 30.75 29.49 -1.30
C HIS B 445 31.24 29.33 0.13
N HIS B 446 30.46 29.88 1.05
CA HIS B 446 30.81 29.88 2.46
C HIS B 446 29.54 30.14 3.26
N THR B 447 29.40 29.40 4.35
CA THR B 447 28.30 29.57 5.27
C THR B 447 28.87 29.86 6.64
N ALA B 448 28.16 30.72 7.35
CA ALA B 448 28.46 31.05 8.72
C ALA B 448 27.17 31.01 9.51
N TYR B 449 27.23 30.46 10.71
CA TYR B 449 26.08 30.42 11.61
C TYR B 449 26.30 31.41 12.74
N LEU B 450 25.23 31.69 13.47
CA LEU B 450 25.20 32.77 14.45
C LEU B 450 25.15 32.21 15.84
N VAL B 451 25.75 32.95 16.78
CA VAL B 451 25.64 32.56 18.18
C VAL B 451 24.19 32.54 18.60
N PHE B 452 23.85 31.59 19.45
CA PHE B 452 22.64 31.68 20.25
C PHE B 452 23.01 32.28 21.60
N SER B 453 22.88 33.60 21.72
CA SER B 453 23.39 34.34 22.88
C SER B 453 22.25 35.11 23.53
N PRO B 454 21.51 34.50 24.45
CA PRO B 454 20.61 35.31 25.29
C PRO B 454 21.34 36.36 26.10
N SER B 455 22.63 36.15 26.37
CA SER B 455 23.47 37.21 26.93
C SER B 455 23.48 38.42 26.01
N LYS B 456 23.45 38.19 24.70
CA LYS B 456 23.72 39.19 23.67
C LYS B 456 25.18 39.61 23.65
N SER B 457 26.07 38.70 24.04
CA SER B 457 27.50 38.88 23.87
C SER B 457 28.10 37.60 23.30
N PHE B 458 29.30 37.76 22.76
CA PHE B 458 30.02 36.70 22.05
C PHE B 458 31.40 37.26 21.76
N VAL B 459 32.20 36.51 20.99
CA VAL B 459 33.55 36.94 20.62
C VAL B 459 33.79 36.57 19.17
N HIS B 460 34.51 37.44 18.47
CA HIS B 460 35.14 37.13 17.20
C HIS B 460 36.63 37.38 17.33
N LEU B 461 37.40 36.82 16.40
CA LEU B 461 38.85 36.87 16.43
C LEU B 461 39.39 37.50 15.16
N GLU B 462 40.68 37.80 15.18
CA GLU B 462 41.45 38.03 13.97
C GLU B 462 42.59 37.02 13.94
N PRO B 463 42.30 35.75 13.69
CA PRO B 463 43.34 34.73 13.74
C PRO B 463 44.33 34.86 12.60
N MET B 464 45.51 34.29 12.81
CA MET B 464 46.52 34.19 11.75
C MET B 464 46.35 32.84 11.09
N SER B 465 45.26 32.71 10.36
CA SER B 465 44.83 31.43 9.83
C SER B 465 45.62 31.11 8.56
N HIS B 466 46.91 30.91 8.76
CA HIS B 466 47.81 30.49 7.70
C HIS B 466 49.10 30.03 8.38
N GLU B 467 50.12 29.77 7.57
CA GLU B 467 51.33 29.03 7.96
C GLU B 467 51.91 29.51 9.29
N LEU B 468 52.23 28.54 10.15
CA LEU B 468 52.58 28.77 11.55
C LEU B 468 54.07 28.52 11.80
N PRO B 469 54.85 29.45 12.36
CA PRO B 469 56.23 29.12 12.77
C PRO B 469 56.29 28.60 14.21
N CYS B 470 56.99 27.49 14.40
CA CYS B 470 57.17 26.89 15.72
C CYS B 470 58.62 26.99 16.13
N GLY B 471 58.84 26.77 17.43
CA GLY B 471 60.03 27.33 18.04
C GLY B 471 60.02 28.84 17.97
N HIS B 472 58.84 29.44 17.84
CA HIS B 472 58.64 30.86 17.62
C HIS B 472 57.44 31.26 18.46
N THR B 473 56.96 32.48 18.24
CA THR B 473 55.62 32.84 18.67
C THR B 473 55.24 34.12 17.94
N GLN B 474 53.93 34.30 17.78
CA GLN B 474 53.40 35.45 17.05
C GLN B 474 52.17 35.96 17.79
N THR B 475 52.01 37.28 17.77
CA THR B 475 50.91 37.90 18.48
C THR B 475 49.68 37.96 17.59
N VAL B 476 48.53 37.79 18.20
CA VAL B 476 47.24 37.83 17.54
C VAL B 476 46.31 38.66 18.39
N GLN B 477 45.41 39.38 17.75
CA GLN B 477 44.34 40.10 18.42
C GLN B 477 43.04 39.34 18.23
N ALA B 478 42.02 39.79 18.96
CA ALA B 478 40.68 39.25 18.82
C ALA B 478 39.72 40.28 19.38
N HIS B 479 38.43 40.03 19.17
CA HIS B 479 37.42 41.08 19.31
C HIS B 479 36.23 40.54 20.07
N TYR B 480 35.98 41.15 21.21
CA TYR B 480 34.98 40.73 22.19
C TYR B 480 33.95 41.82 22.35
N ILE B 481 32.98 41.55 23.21
CA ILE B 481 31.89 42.47 23.50
C ILE B 481 31.27 42.07 24.82
N LEU B 482 30.55 43.01 25.41
CA LEU B 482 29.94 42.81 26.72
C LEU B 482 28.56 43.45 26.71
N ASN B 483 27.52 42.61 26.69
CA ASN B 483 26.16 43.11 26.80
C ASN B 483 25.96 43.82 28.12
N GLY B 484 25.79 45.14 28.07
CA GLY B 484 25.58 45.92 29.27
C GLY B 484 26.73 45.87 30.24
N GLY B 485 27.90 45.42 29.78
CA GLY B 485 29.02 45.16 30.67
C GLY B 485 28.61 44.29 31.83
N THR B 486 29.11 44.62 33.01
CA THR B 486 28.65 43.98 34.24
C THR B 486 27.24 44.46 34.54
N LEU B 487 26.24 43.64 34.20
CA LEU B 487 24.85 43.98 34.49
C LEU B 487 24.67 44.29 35.97
N LEU B 488 24.98 43.31 36.83
CA LEU B 488 25.39 43.60 38.20
C LEU B 488 26.82 43.14 38.43
N GLY B 489 27.08 41.84 38.29
CA GLY B 489 28.40 41.23 38.35
C GLY B 489 29.37 41.80 39.35
N LEU B 490 30.59 42.02 38.88
CA LEU B 490 31.62 42.76 39.59
C LEU B 490 32.34 43.62 38.55
N LYS B 491 33.51 44.13 38.90
CA LYS B 491 34.15 45.12 38.05
C LYS B 491 34.59 44.52 36.73
N LYS B 492 35.58 43.65 36.78
CA LYS B 492 36.31 43.23 35.58
C LYS B 492 36.42 41.71 35.51
N LEU B 493 37.06 41.23 34.46
CA LEU B 493 37.14 39.81 34.15
C LEU B 493 38.52 39.47 33.63
N SER B 494 38.81 38.18 33.63
CA SER B 494 39.94 37.61 32.94
C SER B 494 39.43 36.67 31.86
N PHE B 495 40.11 36.67 30.73
CA PHE B 495 39.78 35.80 29.62
C PHE B 495 40.75 34.62 29.60
N TYR B 496 40.20 33.44 29.35
CA TYR B 496 40.87 32.17 29.62
C TYR B 496 40.97 31.39 28.34
N TYR B 497 42.04 30.62 28.17
CA TYR B 497 42.23 29.82 26.98
C TYR B 497 42.97 28.54 27.30
N LEU B 498 42.72 27.53 26.47
CA LEU B 498 43.40 26.25 26.51
C LEU B 498 44.09 26.01 25.18
N ILE B 499 45.41 25.91 25.21
CA ILE B 499 46.18 25.45 24.07
C ILE B 499 46.12 23.93 24.12
N MET B 500 45.38 23.31 23.19
CA MET B 500 45.04 21.91 23.23
C MET B 500 46.04 21.08 22.41
N ALA B 501 46.00 19.77 22.64
CA ALA B 501 46.95 18.87 21.97
C ALA B 501 46.39 17.47 21.92
N LYS B 502 46.16 16.96 20.70
CA LYS B 502 45.90 15.53 20.47
C LYS B 502 44.61 15.07 21.14
N GLY B 503 43.66 15.97 21.34
CA GLY B 503 42.59 15.63 22.24
C GLY B 503 43.10 15.44 23.64
N GLY B 504 44.07 16.24 24.03
CA GLY B 504 44.58 16.32 25.39
C GLY B 504 44.72 17.78 25.74
N ILE B 505 45.72 18.10 26.56
CA ILE B 505 46.03 19.49 26.89
C ILE B 505 47.53 19.61 27.01
N VAL B 506 48.10 20.54 26.23
CA VAL B 506 49.52 20.85 26.29
C VAL B 506 49.80 21.99 27.26
N ARG B 507 48.91 22.99 27.35
CA ARG B 507 49.14 24.17 28.19
C ARG B 507 47.82 24.65 28.77
N THR B 508 47.91 25.72 29.58
CA THR B 508 46.75 26.28 30.25
C THR B 508 47.05 27.74 30.58
N GLY B 509 46.15 28.66 30.22
CA GLY B 509 46.47 30.07 30.29
C GLY B 509 45.25 30.97 30.36
N THR B 510 45.51 32.21 30.74
CA THR B 510 44.46 33.20 30.96
C THR B 510 45.10 34.58 31.07
N HIS B 511 44.27 35.61 30.97
CA HIS B 511 44.74 36.99 30.96
C HIS B 511 43.54 37.92 31.04
N GLY B 512 43.69 39.03 31.78
CA GLY B 512 42.65 40.03 31.88
C GLY B 512 43.25 41.43 31.99
N LEU B 513 42.37 42.39 32.26
CA LEU B 513 42.74 43.79 32.38
C LEU B 513 41.52 44.57 32.85
N LEU B 514 41.73 45.78 33.35
CA LEU B 514 40.64 46.58 33.88
C LEU B 514 39.66 46.96 32.77
N VAL B 515 38.37 46.72 33.02
CA VAL B 515 37.31 47.05 32.09
C VAL B 515 36.85 48.49 32.24
N LYS B 516 36.01 48.95 31.33
CA LYS B 516 35.15 50.11 31.57
C LYS B 516 33.94 49.65 32.36
N GLN B 517 33.16 50.62 32.85
CA GLN B 517 32.17 50.31 33.88
C GLN B 517 31.07 49.39 33.37
N GLU B 518 30.50 49.70 32.19
CA GLU B 518 29.44 48.87 31.63
C GLU B 518 29.59 48.70 30.11
N ASP B 519 30.81 48.78 29.58
CA ASP B 519 31.02 48.93 28.14
C ASP B 519 31.46 47.63 27.47
N MET B 520 31.27 47.60 26.16
CA MET B 520 31.51 46.45 25.28
C MET B 520 32.82 46.56 24.49
N LYS B 521 33.97 46.42 25.13
CA LYS B 521 35.23 46.68 24.45
C LYS B 521 35.61 45.53 23.52
N GLY B 522 36.62 45.78 22.67
CA GLY B 522 37.07 44.82 21.68
C GLY B 522 38.56 44.57 21.55
N HIS B 523 39.41 45.45 22.05
CA HIS B 523 40.85 45.35 21.82
C HIS B 523 41.54 44.48 22.87
N PHE B 524 42.34 43.54 22.39
CA PHE B 524 43.16 42.67 23.23
C PHE B 524 44.05 41.83 22.32
N SER B 525 45.31 41.61 22.73
CA SER B 525 46.29 40.84 21.97
C SER B 525 46.73 39.60 22.72
N ILE B 526 47.22 38.60 22.00
CA ILE B 526 47.71 37.35 22.58
C ILE B 526 48.80 36.76 21.69
N SER B 527 49.88 36.32 22.32
CA SER B 527 50.90 35.49 21.68
C SER B 527 51.28 34.41 22.68
N ILE B 528 51.21 33.15 22.26
CA ILE B 528 51.34 32.05 23.21
C ILE B 528 52.21 30.95 22.61
N PRO B 529 52.94 30.21 23.43
CA PRO B 529 54.18 29.61 22.97
C PRO B 529 53.96 28.50 21.96
N VAL B 530 54.97 28.36 21.10
CA VAL B 530 54.89 27.48 19.95
C VAL B 530 56.11 26.57 19.93
N LYS B 531 56.64 26.26 21.11
CA LYS B 531 57.85 25.46 21.16
C LYS B 531 57.62 24.04 20.63
N SER B 532 56.77 23.27 21.32
CA SER B 532 56.46 21.89 21.00
C SER B 532 55.49 21.37 22.04
N ASP B 533 55.36 20.05 22.15
CA ASP B 533 54.59 19.36 23.19
C ASP B 533 53.12 19.39 22.83
N ILE B 534 52.78 19.79 21.60
CA ILE B 534 51.43 20.05 21.17
C ILE B 534 51.21 19.31 19.86
N ALA B 535 49.95 18.98 19.57
CA ALA B 535 49.58 18.37 18.32
C ALA B 535 49.93 19.30 17.16
N PRO B 536 49.84 18.83 15.91
CA PRO B 536 50.08 19.72 14.77
C PRO B 536 48.89 20.59 14.42
N VAL B 537 47.97 20.78 15.36
CA VAL B 537 46.98 21.85 15.31
C VAL B 537 47.21 22.78 16.49
N ALA B 538 46.98 24.08 16.27
CA ALA B 538 46.69 25.01 17.36
C ALA B 538 45.19 25.23 17.42
N ARG B 539 44.51 24.18 17.86
CA ARG B 539 43.05 24.15 18.02
C ARG B 539 42.69 24.95 19.27
N LEU B 540 42.93 26.25 19.22
CA LEU B 540 42.74 27.09 20.38
C LEU B 540 41.29 27.48 20.56
N LEU B 541 40.91 27.69 21.82
CA LEU B 541 39.74 28.48 22.14
C LEU B 541 40.10 29.33 23.35
N ILE B 542 39.82 30.62 23.23
CA ILE B 542 39.97 31.56 24.32
C ILE B 542 38.59 32.03 24.73
N TYR B 543 38.22 31.75 25.96
CA TYR B 543 36.86 31.88 26.46
C TYR B 543 36.87 32.70 27.74
N ALA B 544 35.80 33.45 27.95
CA ALA B 544 35.53 34.13 29.20
C ALA B 544 34.23 33.59 29.78
N VAL B 545 33.90 34.04 30.99
CA VAL B 545 32.76 33.53 31.70
C VAL B 545 32.44 34.50 32.81
N LEU B 546 31.19 34.49 33.26
CA LEU B 546 30.63 35.52 34.11
C LEU B 546 29.97 34.92 35.34
N PRO B 547 29.69 35.72 36.37
CA PRO B 547 29.02 35.18 37.56
C PRO B 547 27.54 34.89 37.36
N THR B 548 26.95 35.24 36.21
CA THR B 548 25.51 35.27 36.04
C THR B 548 24.98 34.03 35.32
N GLY B 549 25.55 32.87 35.55
CA GLY B 549 25.12 31.69 34.82
C GLY B 549 25.38 31.78 33.34
N ASP B 550 26.42 32.51 32.93
CA ASP B 550 26.67 32.84 31.53
C ASP B 550 28.11 32.54 31.18
N VAL B 551 28.33 32.29 29.89
CA VAL B 551 29.60 31.80 29.39
C VAL B 551 29.67 32.02 27.89
N ILE B 552 30.85 32.40 27.38
CA ILE B 552 31.10 32.45 25.94
C ILE B 552 32.56 32.12 25.69
N GLY B 553 32.84 31.79 24.44
CA GLY B 553 34.22 31.63 24.00
C GLY B 553 34.21 31.25 22.54
N ASP B 554 35.33 31.53 21.89
CA ASP B 554 35.46 31.36 20.45
C ASP B 554 36.54 30.33 20.13
N SER B 555 36.12 29.22 19.52
CA SER B 555 37.05 28.18 19.10
C SER B 555 37.93 28.70 17.97
N ALA B 556 38.98 27.94 17.69
CA ALA B 556 39.93 28.29 16.63
C ALA B 556 40.54 27.00 16.14
N LYS B 557 41.44 27.15 15.16
CA LYS B 557 42.08 26.02 14.53
C LYS B 557 43.18 26.54 13.65
N TYR B 558 44.32 25.87 13.68
CA TYR B 558 45.48 26.31 12.95
C TYR B 558 46.25 25.11 12.46
N ASP B 559 47.06 25.33 11.42
CA ASP B 559 47.97 24.30 10.97
C ASP B 559 49.27 24.46 11.72
N VAL B 560 49.35 23.96 12.94
CA VAL B 560 50.63 23.91 13.59
C VAL B 560 51.45 22.90 12.79
N GLU B 561 52.28 23.41 11.89
CA GLU B 561 53.08 22.57 11.02
C GLU B 561 54.09 21.83 11.88
N ASN B 562 54.83 20.91 11.28
CA ASN B 562 55.59 19.91 12.04
C ASN B 562 56.52 20.48 13.09
N CYS B 563 56.34 20.07 14.34
CA CYS B 563 57.20 20.53 15.42
C CYS B 563 57.34 19.42 16.44
N LEU B 564 58.57 19.26 16.97
CA LEU B 564 58.94 18.12 17.78
C LEU B 564 59.38 18.54 19.17
N ALA B 565 58.92 17.77 20.16
CA ALA B 565 59.38 17.93 21.54
C ALA B 565 60.89 17.90 21.62
N ASN B 566 61.51 17.10 20.77
CA ASN B 566 62.93 17.19 20.51
C ASN B 566 63.09 17.27 19.01
N LYS B 567 63.33 18.47 18.51
CA LYS B 567 63.86 18.56 17.16
C LYS B 567 65.21 17.88 17.13
N VAL B 568 65.60 17.41 15.96
CA VAL B 568 66.84 16.67 15.80
C VAL B 568 67.16 16.61 14.33
N ASP B 569 68.45 16.49 14.03
CA ASP B 569 68.94 16.40 12.68
C ASP B 569 70.05 15.37 12.66
N LEU B 570 70.49 15.06 11.45
CA LEU B 570 71.81 14.51 11.22
C LEU B 570 72.58 15.49 10.38
N SER B 571 73.90 15.40 10.46
CA SER B 571 74.77 16.05 9.51
C SER B 571 76.09 15.30 9.52
N PHE B 572 77.10 15.93 8.95
CA PHE B 572 78.35 15.29 8.64
C PHE B 572 79.33 16.37 8.23
N SER B 573 80.59 16.18 8.57
CA SER B 573 81.61 16.98 7.90
C SER B 573 81.53 16.68 6.40
N PRO B 574 81.88 17.66 5.52
CA PRO B 574 81.55 17.54 4.09
C PRO B 574 82.01 16.23 3.43
N SER B 575 81.39 15.87 2.31
CA SER B 575 81.49 14.52 1.78
C SER B 575 82.89 14.29 1.19
N GLN B 576 83.05 13.14 0.52
CA GLN B 576 84.36 12.54 0.31
C GLN B 576 84.43 11.95 -1.09
N SER B 577 85.51 11.22 -1.33
CA SER B 577 85.85 10.63 -2.61
C SER B 577 85.83 9.09 -2.50
N LEU B 578 86.28 8.41 -3.56
CA LEU B 578 86.08 6.96 -3.64
C LEU B 578 86.85 6.19 -2.57
N PRO B 579 88.19 6.18 -2.54
CA PRO B 579 88.87 5.53 -1.41
C PRO B 579 88.90 6.31 -0.12
N ALA B 580 88.24 7.47 -0.04
CA ALA B 580 88.27 8.28 1.17
C ALA B 580 87.45 7.62 2.27
N SER B 581 87.95 6.49 2.79
CA SER B 581 87.17 5.66 3.69
C SER B 581 86.71 6.42 4.93
N HIS B 582 87.48 7.43 5.34
CA HIS B 582 87.17 8.19 6.55
C HIS B 582 85.81 8.85 6.47
N ALA B 583 84.98 8.64 7.49
CA ALA B 583 83.65 9.22 7.53
C ALA B 583 83.22 9.45 8.98
N HIS B 584 82.08 10.12 9.14
CA HIS B 584 81.60 10.58 10.42
C HIS B 584 80.09 10.82 10.35
N LEU B 585 79.53 11.27 11.48
CA LEU B 585 78.14 11.69 11.60
C LEU B 585 78.09 12.98 12.40
N ARG B 586 76.94 13.67 12.34
CA ARG B 586 76.62 14.72 13.30
C ARG B 586 75.11 14.72 13.51
N VAL B 587 74.65 14.06 14.57
CA VAL B 587 73.26 14.14 15.03
C VAL B 587 73.25 14.83 16.38
N THR B 588 72.28 15.71 16.58
CA THR B 588 72.11 16.44 17.83
C THR B 588 70.65 16.34 18.23
N ALA B 589 70.41 15.67 19.34
CA ALA B 589 69.07 15.37 19.80
C ALA B 589 69.04 15.58 21.30
N ALA B 590 68.02 15.04 21.96
CA ALA B 590 67.99 15.04 23.41
C ALA B 590 69.28 14.45 23.97
N PRO B 591 69.68 14.84 25.18
CA PRO B 591 71.05 14.60 25.61
C PRO B 591 71.29 13.23 26.22
N GLN B 592 70.23 12.47 26.49
CA GLN B 592 70.35 11.09 26.99
C GLN B 592 69.30 10.30 26.20
N SER B 593 69.71 9.75 25.06
CA SER B 593 68.70 9.37 24.09
C SER B 593 69.18 8.40 23.03
N VAL B 594 68.30 7.47 22.67
CA VAL B 594 68.57 6.39 21.74
C VAL B 594 67.79 6.64 20.47
N CYS B 595 68.13 5.90 19.42
CA CYS B 595 67.78 6.39 18.09
C CYS B 595 67.90 5.32 17.01
N ALA B 596 67.18 5.59 15.92
CA ALA B 596 67.39 4.97 14.61
C ALA B 596 68.43 5.79 13.87
N LEU B 597 69.51 5.15 13.45
CA LEU B 597 70.52 5.78 12.61
C LEU B 597 70.87 4.80 11.50
N ARG B 598 70.35 5.09 10.31
CA ARG B 598 70.63 4.37 9.10
C ARG B 598 71.65 5.11 8.25
N ALA B 599 72.24 4.37 7.32
CA ALA B 599 72.90 5.00 6.19
C ALA B 599 73.01 3.98 5.08
N VAL B 600 72.88 4.46 3.85
CA VAL B 600 72.64 3.62 2.69
C VAL B 600 73.55 4.09 1.57
N ASP B 601 74.07 3.13 0.82
CA ASP B 601 74.50 3.38 -0.54
C ASP B 601 73.23 3.58 -1.36
N GLN B 602 72.79 4.82 -1.52
CA GLN B 602 71.47 5.14 -2.06
C GLN B 602 71.42 5.05 -3.59
N SER B 603 72.33 4.32 -4.22
CA SER B 603 72.15 3.97 -5.63
C SER B 603 70.73 3.45 -5.89
N VAL B 604 70.39 2.31 -5.25
CA VAL B 604 69.13 1.65 -5.58
C VAL B 604 67.98 2.06 -4.67
N LEU B 605 68.16 3.08 -3.83
CA LEU B 605 67.06 3.71 -3.10
C LEU B 605 66.76 5.11 -3.63
N LEU B 606 67.68 5.67 -4.42
CA LEU B 606 67.34 6.69 -5.40
C LEU B 606 66.86 6.05 -6.72
N MET B 607 66.97 4.72 -6.85
CA MET B 607 66.31 4.01 -7.95
C MET B 607 64.81 3.90 -7.72
N LYS B 608 64.42 3.14 -6.70
CA LYS B 608 63.05 3.11 -6.19
C LYS B 608 63.04 3.78 -4.83
N PRO B 609 61.93 4.40 -4.42
CA PRO B 609 61.91 5.05 -3.11
C PRO B 609 61.75 4.10 -1.94
N ASP B 610 61.88 4.70 -0.76
CA ASP B 610 61.36 4.16 0.48
C ASP B 610 59.86 4.42 0.49
N ALA B 611 59.22 4.32 1.65
CA ALA B 611 57.80 4.67 1.71
C ALA B 611 57.40 4.98 3.13
N GLU B 612 56.66 6.08 3.29
CA GLU B 612 56.09 6.51 4.57
C GLU B 612 57.18 6.74 5.60
N LEU B 613 58.01 7.74 5.34
CA LEU B 613 59.22 7.99 6.11
C LEU B 613 59.51 9.49 6.17
N SER B 614 59.03 10.14 7.22
CA SER B 614 59.28 11.55 7.51
C SER B 614 58.65 11.88 8.84
N ALA B 615 58.92 13.11 9.31
CA ALA B 615 58.25 13.60 10.52
C ALA B 615 56.75 13.57 10.35
N SER B 616 56.29 13.86 9.13
CA SER B 616 54.88 13.76 8.84
C SER B 616 54.42 12.31 8.96
N SER B 617 55.30 11.36 8.62
CA SER B 617 54.97 9.97 8.81
C SER B 617 54.75 9.69 10.27
N VAL B 618 55.72 10.11 11.10
CA VAL B 618 55.64 9.92 12.54
C VAL B 618 54.33 10.48 13.06
N TYR B 619 53.89 11.58 12.48
CA TYR B 619 52.65 12.19 12.92
C TYR B 619 51.46 11.35 12.52
N ASN B 620 51.22 11.24 11.22
CA ASN B 620 49.93 10.71 10.78
C ASN B 620 49.81 9.26 11.14
N LEU B 621 50.93 8.57 11.30
CA LEU B 621 50.91 7.21 11.79
C LEU B 621 50.29 7.13 13.17
N LEU B 622 50.26 8.23 13.89
CA LEU B 622 49.41 8.35 15.05
C LEU B 622 47.98 8.00 14.68
N PRO B 623 47.35 7.05 15.34
CA PRO B 623 45.89 7.00 15.32
C PRO B 623 45.30 8.06 16.22
N GLU B 624 44.11 8.50 15.85
CA GLU B 624 43.45 9.64 16.47
C GLU B 624 44.26 10.92 16.24
N LYS B 625 44.52 11.20 14.95
CA LYS B 625 45.34 12.35 14.56
C LYS B 625 44.78 13.65 15.11
N ASP B 626 43.59 14.03 14.66
CA ASP B 626 42.83 15.13 15.25
C ASP B 626 41.67 14.49 15.99
N LEU B 627 41.88 14.18 17.26
CA LEU B 627 40.75 13.74 18.09
C LEU B 627 39.78 14.90 18.12
N THR B 628 38.64 14.73 17.45
CA THR B 628 37.77 15.85 17.14
C THR B 628 36.35 15.36 17.05
N GLY B 629 35.45 16.06 17.74
CA GLY B 629 34.05 15.72 17.70
C GLY B 629 33.71 14.43 18.40
N PHE B 630 32.46 14.33 18.81
CA PHE B 630 31.94 13.10 19.40
C PHE B 630 31.90 12.00 18.34
N PRO B 631 32.58 10.85 18.55
CA PRO B 631 32.48 9.78 17.54
C PRO B 631 31.11 9.16 17.40
N GLY B 632 31.06 8.10 16.60
CA GLY B 632 29.85 7.34 16.36
C GLY B 632 29.00 7.01 17.57
N PRO B 633 29.57 6.33 18.58
CA PRO B 633 28.71 5.70 19.61
C PRO B 633 27.92 6.69 20.44
N LEU B 634 28.49 7.84 20.77
CA LEU B 634 27.84 8.83 21.61
C LEU B 634 27.22 9.89 20.72
N ASN B 635 26.09 10.44 21.17
CA ASN B 635 25.48 11.59 20.51
C ASN B 635 25.85 12.89 21.21
N ASP B 636 25.42 13.05 22.46
CA ASP B 636 25.49 14.32 23.17
C ASP B 636 24.91 14.15 24.57
N GLN B 637 24.89 15.23 25.34
CA GLN B 637 24.03 15.33 26.51
C GLN B 637 22.63 15.74 26.07
N ASP B 638 21.62 15.14 26.70
CA ASP B 638 20.24 15.47 26.45
C ASP B 638 19.66 16.26 27.62
N ASN B 639 19.36 17.53 27.36
CA ASN B 639 18.75 18.42 28.34
C ASN B 639 17.27 18.57 28.03
N GLU B 640 16.45 18.50 29.08
CA GLU B 640 15.01 18.34 28.95
C GLU B 640 14.27 19.69 28.93
N ASP B 641 14.90 20.76 28.43
CA ASP B 641 14.18 22.02 28.28
C ASP B 641 13.08 21.85 27.26
N CYS B 642 11.83 21.81 27.73
CA CYS B 642 10.65 21.75 26.88
C CYS B 642 9.85 23.01 27.11
N ILE B 643 9.81 23.85 26.08
CA ILE B 643 9.18 25.17 26.11
C ILE B 643 7.83 25.03 25.40
N ASN B 644 7.26 23.82 25.44
CA ASN B 644 6.03 23.57 24.72
C ASN B 644 4.87 24.24 25.45
N ARG B 645 4.77 25.55 25.31
CA ARG B 645 3.53 26.24 25.62
C ARG B 645 2.50 25.79 24.58
N HIS B 646 1.22 25.96 24.88
CA HIS B 646 0.23 25.64 23.87
C HIS B 646 0.22 26.70 22.78
N ASN B 647 0.19 27.97 23.17
CA ASN B 647 0.61 29.08 22.33
C ASN B 647 1.75 29.80 23.04
N VAL B 648 2.72 30.27 22.27
CA VAL B 648 4.00 30.68 22.83
C VAL B 648 3.96 32.11 23.38
N TYR B 649 3.02 32.94 22.92
CA TYR B 649 3.07 34.38 23.16
C TYR B 649 4.37 34.97 22.62
N ILE B 650 4.61 34.71 21.33
CA ILE B 650 5.64 35.41 20.57
C ILE B 650 4.97 36.66 20.05
N ASN B 651 4.93 37.70 20.88
CA ASN B 651 4.05 38.86 20.67
C ASN B 651 4.29 39.58 19.33
N GLY B 652 3.27 39.57 18.47
CA GLY B 652 3.33 40.24 17.17
C GLY B 652 1.94 40.37 16.58
N ILE B 653 1.90 41.05 15.42
CA ILE B 653 0.63 41.27 14.71
C ILE B 653 -0.07 39.96 14.40
N THR B 654 0.69 38.88 14.22
CA THR B 654 0.12 37.54 14.16
C THR B 654 0.99 36.62 15.02
N TYR B 655 0.33 35.88 15.91
CA TYR B 655 1.04 34.97 16.78
C TYR B 655 1.72 33.90 15.94
N THR B 656 2.70 33.21 16.52
CA THR B 656 3.48 32.27 15.74
C THR B 656 4.14 31.25 16.65
N PRO B 657 4.18 29.95 16.27
CA PRO B 657 4.56 28.91 17.24
C PRO B 657 6.06 28.74 17.42
N VAL B 658 6.43 27.73 18.19
CA VAL B 658 7.82 27.36 18.42
C VAL B 658 8.44 26.82 17.13
N SER B 659 9.76 26.62 17.11
CA SER B 659 10.44 26.08 15.96
C SER B 659 11.74 25.41 16.43
N SER B 660 12.47 24.85 15.46
CA SER B 660 13.81 24.30 15.68
C SER B 660 14.78 25.07 14.78
N THR B 661 15.80 25.66 15.39
CA THR B 661 16.71 26.54 14.67
C THR B 661 17.86 25.74 14.07
N ASN B 662 18.78 26.47 13.44
CA ASN B 662 20.09 25.95 13.06
C ASN B 662 21.04 27.14 13.13
N GLU B 663 21.67 27.30 14.28
CA GLU B 663 22.60 28.40 14.51
C GLU B 663 23.75 27.89 15.35
N LYS B 664 24.71 28.78 15.61
CA LYS B 664 25.89 28.41 16.36
C LYS B 664 25.60 28.34 17.85
N ASP B 665 26.37 27.52 18.56
CA ASP B 665 26.28 27.39 20.01
C ASP B 665 27.67 27.16 20.60
N MET B 666 27.74 27.23 21.92
CA MET B 666 28.99 27.14 22.66
C MET B 666 29.24 25.72 23.13
N TYR B 667 28.15 25.05 23.53
CA TYR B 667 28.09 23.60 23.50
C TYR B 667 28.79 23.07 22.27
N SER B 668 28.44 23.64 21.12
CA SER B 668 29.03 23.22 19.86
C SER B 668 30.47 23.69 19.70
N PHE B 669 30.84 24.84 20.27
CA PHE B 669 32.25 25.23 20.25
C PHE B 669 33.10 24.17 20.91
N LEU B 670 32.63 23.67 22.05
CA LEU B 670 33.42 22.71 22.79
C LEU B 670 33.30 21.31 22.22
N GLU B 671 32.16 21.01 21.57
CA GLU B 671 32.05 19.73 20.87
C GLU B 671 32.97 19.71 19.66
N ASP B 672 33.16 20.85 19.02
CA ASP B 672 34.18 20.99 17.99
C ASP B 672 35.55 20.78 18.58
N MET B 673 35.84 21.52 19.66
CA MET B 673 37.07 21.35 20.40
C MET B 673 37.30 19.90 20.77
N GLY B 674 36.26 19.26 21.31
CA GLY B 674 36.31 17.86 21.69
C GLY B 674 36.17 17.61 23.18
N LEU B 675 36.71 18.49 24.01
CA LEU B 675 36.70 18.22 25.44
C LEU B 675 35.29 18.42 25.99
N LYS B 676 35.18 18.28 27.31
CA LYS B 676 33.90 18.21 27.99
C LYS B 676 33.96 18.98 29.29
N ALA B 677 32.79 19.36 29.82
CA ALA B 677 32.70 19.93 31.16
C ALA B 677 31.30 19.69 31.72
N PHE B 678 31.11 20.18 32.94
CA PHE B 678 30.01 19.77 33.81
C PHE B 678 29.55 21.03 34.54
N THR B 679 28.57 21.73 34.00
CA THR B 679 28.25 23.06 34.49
C THR B 679 26.79 23.36 34.16
N ASN B 680 26.23 24.33 34.87
CA ASN B 680 24.83 24.75 34.73
C ASN B 680 24.69 26.18 34.21
N SER B 681 25.66 26.68 33.45
CA SER B 681 25.62 28.04 32.93
C SER B 681 24.63 28.12 31.76
N LYS B 682 24.60 29.29 31.12
CA LYS B 682 23.80 29.50 29.92
C LYS B 682 24.58 28.95 28.73
N ILE B 683 24.33 27.70 28.39
CA ILE B 683 24.91 27.07 27.21
C ILE B 683 23.81 26.51 26.32
N ARG B 684 23.06 25.55 26.85
CA ARG B 684 22.07 24.86 26.05
C ARG B 684 20.86 25.74 25.80
N LYS B 685 20.52 25.88 24.52
CA LYS B 685 19.42 26.76 24.15
C LYS B 685 18.11 26.22 24.71
N PRO B 686 17.08 27.05 24.83
CA PRO B 686 15.75 26.49 25.10
C PRO B 686 15.13 25.92 23.84
N LYS B 687 15.70 24.83 23.34
CA LYS B 687 15.12 24.09 22.23
C LYS B 687 14.06 23.18 22.80
N MET B 688 12.80 23.55 22.58
CA MET B 688 11.67 22.85 23.15
C MET B 688 11.66 21.38 22.76
N CYS B 689 10.96 20.56 23.53
CA CYS B 689 10.87 19.15 23.25
C CYS B 689 9.78 18.91 22.20
N PRO B 690 10.01 17.99 21.23
CA PRO B 690 9.02 17.72 20.18
C PRO B 690 7.58 17.64 20.69
N GLN B 691 6.74 18.59 20.29
CA GLN B 691 5.32 18.61 20.72
C GLN B 691 4.60 17.36 20.20
N LEU B 692 4.92 16.94 18.97
CA LEU B 692 4.11 16.01 18.13
C LEU B 692 2.84 16.71 17.67
N GLN B 693 2.84 18.06 17.65
CA GLN B 693 1.68 18.88 17.19
C GLN B 693 0.73 19.17 18.35
N GLN B 694 -0.07 20.24 18.23
CA GLN B 694 -1.03 20.61 19.29
C GLN B 694 -2.41 20.84 18.66
N TYR B 695 -3.46 20.28 19.27
CA TYR B 695 -4.85 20.47 18.76
C TYR B 695 -5.18 21.98 18.73
N THR B 730 94.47 1.97 -3.01
CA THR B 730 93.83 2.90 -2.09
C THR B 730 92.35 2.57 -1.94
N VAL B 731 91.71 2.24 -3.06
CA VAL B 731 90.35 1.75 -3.06
C VAL B 731 90.40 0.26 -2.78
N ARG B 732 89.67 -0.16 -1.75
CA ARG B 732 89.41 -1.57 -1.50
C ARG B 732 87.89 -1.69 -1.35
N LYS B 733 87.26 -2.42 -2.26
CA LYS B 733 85.81 -2.53 -2.24
C LYS B 733 85.32 -3.16 -0.95
N TYR B 734 84.39 -2.48 -0.29
CA TYR B 734 83.68 -2.98 0.86
C TYR B 734 82.19 -3.01 0.52
N PHE B 735 81.45 -3.78 1.32
CA PHE B 735 80.09 -4.22 0.91
C PHE B 735 79.16 -3.03 1.02
N PRO B 736 78.37 -2.70 -0.02
CA PRO B 736 77.36 -1.64 0.09
C PRO B 736 76.18 -2.27 0.83
N GLU B 737 74.97 -2.07 0.32
CA GLU B 737 73.82 -2.86 0.78
C GLU B 737 73.65 -2.71 2.28
N THR B 738 74.54 -1.93 2.88
CA THR B 738 74.30 -1.22 4.18
C THR B 738 75.51 -0.31 4.47
N TRP B 739 75.29 1.00 4.60
CA TRP B 739 76.37 1.85 5.09
C TRP B 739 76.28 2.09 6.57
N ILE B 740 75.08 2.28 7.10
CA ILE B 740 74.84 2.26 8.52
C ILE B 740 73.45 1.73 8.77
N TRP B 741 73.33 0.94 9.83
CA TRP B 741 72.07 0.84 10.55
C TRP B 741 72.44 0.39 11.95
N ASP B 742 72.52 1.33 12.87
CA ASP B 742 73.03 1.05 14.21
C ASP B 742 72.51 2.15 15.14
N LEU B 743 72.99 2.14 16.39
CA LEU B 743 72.56 3.07 17.40
C LEU B 743 73.76 3.62 18.15
N VAL B 744 74.18 4.83 17.77
CA VAL B 744 75.01 5.68 18.62
C VAL B 744 74.07 6.62 19.34
N VAL B 745 74.37 6.90 20.60
CA VAL B 745 73.44 7.55 21.53
C VAL B 745 73.99 8.93 21.85
N VAL B 746 73.10 9.92 21.86
CA VAL B 746 73.48 11.31 22.07
C VAL B 746 73.76 11.54 23.55
N ASN B 747 74.92 12.10 23.84
CA ASN B 747 75.25 12.56 25.17
C ASN B 747 74.82 14.02 25.30
N SER B 748 75.27 14.70 26.35
CA SER B 748 74.91 16.09 26.58
C SER B 748 75.65 17.06 25.67
N ALA B 749 76.38 16.58 24.66
CA ALA B 749 76.99 17.44 23.66
C ALA B 749 76.83 16.85 22.25
N GLY B 750 75.78 16.05 22.04
CA GLY B 750 75.56 15.45 20.74
C GLY B 750 76.32 14.16 20.53
N VAL B 751 75.82 13.30 19.65
CA VAL B 751 76.49 12.04 19.31
C VAL B 751 77.49 12.28 18.19
N ALA B 752 78.38 11.31 17.97
CA ALA B 752 79.29 11.37 16.83
C ALA B 752 79.59 9.95 16.39
N GLU B 753 78.82 9.46 15.42
CA GLU B 753 79.14 8.20 14.79
C GLU B 753 80.30 8.38 13.84
N VAL B 754 81.21 7.42 13.84
CA VAL B 754 82.28 7.37 12.85
C VAL B 754 81.89 6.39 11.75
N GLY B 755 81.18 6.91 10.75
CA GLY B 755 80.98 6.12 9.55
C GLY B 755 82.30 5.90 8.85
N VAL B 756 82.31 5.01 7.88
CA VAL B 756 83.50 4.72 7.08
C VAL B 756 83.06 4.47 5.64
N THR B 757 83.51 5.36 4.75
CA THR B 757 83.05 5.37 3.36
C THR B 757 83.48 4.09 2.64
N VAL B 758 82.69 3.71 1.63
CA VAL B 758 82.94 2.51 0.82
C VAL B 758 83.69 2.92 -0.44
N PRO B 759 84.87 2.30 -0.75
CA PRO B 759 85.47 2.52 -2.08
C PRO B 759 84.89 1.64 -3.17
N ASP B 760 85.46 1.81 -4.36
CA ASP B 760 85.15 1.00 -5.53
C ASP B 760 83.66 0.98 -5.88
N THR B 761 82.94 2.04 -5.55
CA THR B 761 81.65 2.34 -6.18
C THR B 761 81.28 3.79 -5.89
N ILE B 762 80.96 4.56 -6.94
CA ILE B 762 80.58 5.96 -6.82
C ILE B 762 79.07 6.04 -7.02
N THR B 763 78.33 6.43 -5.98
CA THR B 763 76.87 6.50 -6.07
C THR B 763 76.32 7.27 -4.87
N GLU B 764 74.99 7.19 -4.69
CA GLU B 764 74.23 8.13 -3.89
C GLU B 764 74.03 7.62 -2.46
N TRP B 765 73.61 8.53 -1.58
CA TRP B 765 73.56 8.30 -0.13
C TRP B 765 72.32 8.97 0.46
N LYS B 766 71.73 8.31 1.47
CA LYS B 766 70.55 8.81 2.17
C LYS B 766 70.61 8.39 3.65
N ALA B 767 70.06 9.25 4.51
CA ALA B 767 69.96 9.01 5.95
C ALA B 767 68.54 8.60 6.33
N GLY B 768 68.39 7.33 6.74
CA GLY B 768 67.20 6.90 7.44
C GLY B 768 67.32 7.16 8.93
N ALA B 769 66.32 7.79 9.53
CA ALA B 769 66.45 8.38 10.86
C ALA B 769 65.18 8.26 11.68
N PHE B 770 65.37 8.12 13.00
CA PHE B 770 64.33 8.29 14.01
C PHE B 770 65.02 8.24 15.36
N CYS B 771 64.39 8.84 16.39
CA CYS B 771 65.02 9.03 17.69
C CYS B 771 64.03 8.93 18.84
N LEU B 772 64.57 8.73 20.05
CA LEU B 772 63.75 8.57 21.24
C LEU B 772 64.51 8.86 22.54
N SER B 773 63.73 9.23 23.56
CA SER B 773 64.12 9.25 24.96
C SER B 773 62.94 9.70 25.81
N GLU B 774 63.04 9.40 27.11
CA GLU B 774 62.04 9.85 28.06
C GLU B 774 62.11 11.35 28.28
N ASP B 775 63.32 11.90 28.34
CA ASP B 775 63.49 13.27 28.81
C ASP B 775 62.84 14.29 27.88
N ALA B 776 63.17 14.26 26.59
CA ALA B 776 62.84 15.35 25.68
C ALA B 776 61.74 15.03 24.67
N GLY B 777 61.20 13.81 24.66
CA GLY B 777 60.28 13.45 23.60
C GLY B 777 61.00 13.16 22.29
N LEU B 778 60.32 12.53 21.34
CA LEU B 778 60.96 12.02 20.13
C LEU B 778 61.32 13.16 19.18
N GLY B 779 61.70 12.82 17.95
CA GLY B 779 62.31 13.76 17.01
C GLY B 779 62.56 13.09 15.67
N ILE B 780 62.85 13.93 14.67
CA ILE B 780 63.05 13.47 13.30
C ILE B 780 64.18 14.27 12.67
N SER B 781 65.20 13.56 12.19
CA SER B 781 66.25 14.11 11.35
C SER B 781 65.88 13.88 9.88
N SER B 782 66.85 14.00 8.98
CA SER B 782 66.60 13.85 7.56
C SER B 782 67.92 13.58 6.84
N THR B 783 67.90 13.75 5.52
CA THR B 783 68.80 13.06 4.59
C THR B 783 70.16 13.71 4.55
N ALA B 784 71.15 12.99 5.05
CA ALA B 784 72.50 13.14 4.55
C ALA B 784 72.64 12.48 3.19
N SER B 785 73.30 13.16 2.28
CA SER B 785 73.68 12.57 1.00
C SER B 785 75.06 13.07 0.62
N LEU B 786 75.89 12.15 0.12
CA LEU B 786 77.33 12.27 0.27
C LEU B 786 78.08 11.80 -0.97
N ARG B 787 77.47 11.97 -2.15
CA ARG B 787 77.89 11.32 -3.39
C ARG B 787 79.39 11.33 -3.60
N ALA B 788 79.94 10.13 -3.76
CA ALA B 788 81.37 10.00 -3.92
C ALA B 788 81.79 10.54 -5.28
N PHE B 789 83.09 10.49 -5.52
CA PHE B 789 83.70 10.99 -6.73
C PHE B 789 85.16 10.60 -6.68
N GLN B 790 85.74 10.41 -7.84
CA GLN B 790 87.15 10.11 -7.95
C GLN B 790 87.60 10.80 -9.24
N PRO B 791 88.59 11.71 -9.21
CA PRO B 791 89.03 12.36 -10.47
C PRO B 791 89.44 11.40 -11.58
N PHE B 792 89.67 10.12 -11.29
CA PHE B 792 89.90 9.11 -12.31
C PHE B 792 89.29 7.81 -11.78
N PHE B 793 88.15 7.39 -12.36
CA PHE B 793 87.49 6.14 -11.98
C PHE B 793 87.12 5.31 -13.19
N VAL B 794 87.37 4.00 -13.07
CA VAL B 794 86.98 3.01 -14.07
C VAL B 794 85.66 2.40 -13.61
N GLU B 795 84.66 2.37 -14.50
CA GLU B 795 83.30 1.97 -14.19
C GLU B 795 82.87 0.82 -15.11
N LEU B 796 82.72 -0.38 -14.54
CA LEU B 796 82.33 -1.58 -15.29
C LEU B 796 80.83 -1.79 -15.14
N THR B 797 80.09 -1.62 -16.24
CA THR B 797 78.65 -1.83 -16.30
C THR B 797 78.33 -3.06 -17.15
N MET B 798 77.13 -3.62 -16.93
CA MET B 798 76.77 -4.89 -17.55
C MET B 798 75.30 -5.24 -17.30
N PRO B 799 74.78 -6.27 -17.98
CA PRO B 799 73.51 -6.86 -17.53
C PRO B 799 73.66 -7.56 -16.19
N TYR B 800 72.57 -8.09 -15.66
CA TYR B 800 72.61 -8.92 -14.46
C TYR B 800 72.12 -10.34 -14.70
N SER B 801 71.30 -10.57 -15.72
CA SER B 801 70.61 -11.84 -15.89
C SER B 801 71.22 -12.61 -17.05
N VAL B 802 72.34 -13.28 -16.77
CA VAL B 802 72.86 -14.32 -17.65
C VAL B 802 73.36 -15.44 -16.74
N ILE B 803 73.92 -16.48 -17.35
CA ILE B 803 74.31 -17.68 -16.62
C ILE B 803 75.70 -18.08 -17.07
N ARG B 804 76.34 -18.94 -16.25
CA ARG B 804 77.57 -19.58 -16.66
C ARG B 804 77.42 -20.28 -18.00
N GLY B 805 76.23 -20.80 -18.28
CA GLY B 805 76.01 -21.50 -19.54
C GLY B 805 76.21 -20.62 -20.75
N GLU B 806 75.87 -19.34 -20.64
CA GLU B 806 75.70 -18.47 -21.79
C GLU B 806 76.56 -17.22 -21.64
N ALA B 807 77.14 -16.81 -22.77
CA ALA B 807 78.04 -15.67 -22.80
C ALA B 807 77.25 -14.37 -22.84
N PHE B 808 78.01 -13.29 -22.79
CA PHE B 808 77.47 -11.94 -22.63
C PHE B 808 78.65 -11.00 -22.85
N THR B 809 78.45 -9.73 -22.53
CA THR B 809 79.49 -8.73 -22.71
C THR B 809 79.47 -7.77 -21.53
N LEU B 810 80.48 -6.90 -21.52
CA LEU B 810 80.67 -5.94 -20.44
C LEU B 810 81.45 -4.76 -21.01
N LYS B 811 80.95 -3.54 -20.78
CA LYS B 811 81.50 -2.33 -21.39
C LYS B 811 81.96 -1.39 -20.29
N ALA B 812 83.25 -1.44 -19.96
CA ALA B 812 83.84 -0.70 -18.85
C ALA B 812 84.34 0.65 -19.35
N THR B 813 83.65 1.71 -18.97
CA THR B 813 84.08 3.07 -19.25
C THR B 813 84.89 3.64 -18.09
N VAL B 814 85.87 4.46 -18.44
CA VAL B 814 86.64 5.24 -17.46
C VAL B 814 86.58 6.70 -17.90
N LEU B 815 86.16 7.57 -16.99
CA LEU B 815 85.73 8.92 -17.31
C LEU B 815 86.76 9.96 -16.87
N ASN B 816 86.62 11.17 -17.39
CA ASN B 816 87.36 12.34 -16.94
C ASN B 816 86.39 13.49 -16.86
N TYR B 817 86.55 14.37 -15.85
CA TYR B 817 85.71 15.54 -15.69
C TYR B 817 86.47 16.81 -15.32
N LEU B 818 87.78 16.73 -15.07
CA LEU B 818 88.60 17.86 -14.66
C LEU B 818 89.38 18.39 -15.86
N PRO B 819 89.92 19.61 -15.79
CA PRO B 819 90.29 20.34 -17.02
C PRO B 819 91.39 19.70 -17.87
N LYS B 820 92.01 18.59 -17.43
CA LYS B 820 93.09 17.98 -18.18
C LYS B 820 92.56 16.85 -19.06
N CYS B 821 92.95 16.86 -20.34
CA CYS B 821 92.59 15.82 -21.30
C CYS B 821 93.80 14.90 -21.48
N ILE B 822 93.60 13.60 -21.27
CA ILE B 822 94.70 12.65 -21.05
C ILE B 822 94.46 11.37 -21.85
N ARG B 823 95.54 10.83 -22.41
CA ARG B 823 95.50 9.51 -23.01
C ARG B 823 95.36 8.46 -21.92
N VAL B 824 94.49 7.49 -22.15
CA VAL B 824 94.20 6.47 -21.16
C VAL B 824 93.51 5.30 -21.86
N SER B 825 93.88 4.09 -21.44
CA SER B 825 93.31 2.85 -21.96
C SER B 825 92.96 1.96 -20.77
N VAL B 826 91.71 1.55 -20.68
CA VAL B 826 91.27 0.63 -19.63
C VAL B 826 91.81 -0.75 -19.93
N GLN B 827 91.82 -1.61 -18.91
CA GLN B 827 92.28 -2.98 -19.02
C GLN B 827 91.48 -3.83 -18.05
N LEU B 828 91.79 -5.13 -18.02
CA LEU B 828 91.22 -6.05 -17.05
C LEU B 828 92.33 -6.97 -16.54
N GLU B 829 91.97 -7.77 -15.55
CA GLU B 829 92.76 -8.92 -15.10
C GLU B 829 91.80 -10.09 -15.07
N ALA B 830 91.66 -10.77 -16.20
CA ALA B 830 90.61 -11.77 -16.35
C ALA B 830 90.84 -12.93 -15.40
N SER B 831 89.83 -13.78 -15.28
CA SER B 831 89.73 -14.81 -14.27
C SER B 831 89.58 -16.17 -14.90
N PRO B 832 89.56 -17.24 -14.08
CA PRO B 832 88.98 -18.51 -14.55
C PRO B 832 87.48 -18.56 -14.40
N ALA B 833 86.90 -17.81 -13.46
CA ALA B 833 85.45 -17.81 -13.28
C ALA B 833 84.73 -17.26 -14.49
N PHE B 834 85.40 -16.46 -15.32
CA PHE B 834 84.88 -16.08 -16.63
C PHE B 834 86.02 -16.25 -17.62
N LEU B 835 85.78 -15.80 -18.86
CA LEU B 835 86.75 -15.95 -19.95
C LEU B 835 86.64 -14.69 -20.80
N ALA B 836 87.54 -13.74 -20.55
CA ALA B 836 87.44 -12.39 -21.08
C ALA B 836 88.63 -12.05 -21.97
N VAL B 837 88.32 -11.65 -23.20
CA VAL B 837 89.31 -11.20 -24.18
C VAL B 837 88.61 -10.11 -24.99
N PRO B 838 89.28 -9.02 -25.40
CA PRO B 838 88.57 -7.84 -25.90
C PRO B 838 88.25 -7.82 -27.39
N VAL B 839 87.65 -6.72 -27.83
CA VAL B 839 87.21 -6.52 -29.20
C VAL B 839 88.05 -5.47 -29.92
N GLU B 840 88.40 -4.37 -29.24
CA GLU B 840 89.13 -3.25 -29.84
C GLU B 840 90.20 -2.71 -28.90
N LYS B 841 90.80 -3.57 -28.06
CA LYS B 841 91.91 -3.10 -27.23
C LYS B 841 93.08 -2.63 -28.09
N GLU B 842 93.26 -3.22 -29.27
CA GLU B 842 94.34 -2.80 -30.15
C GLU B 842 94.12 -1.39 -30.65
N GLN B 843 92.88 -0.91 -30.62
CA GLN B 843 92.61 0.52 -30.76
C GLN B 843 93.45 1.27 -29.73
N ALA B 844 93.98 2.41 -30.15
CA ALA B 844 94.68 3.32 -29.24
C ALA B 844 93.71 4.42 -28.85
N PRO B 845 93.02 4.32 -27.71
CA PRO B 845 92.21 5.47 -27.25
C PRO B 845 93.07 6.72 -27.16
N HIS B 846 92.74 7.68 -28.01
CA HIS B 846 93.50 8.94 -28.06
C HIS B 846 93.57 9.61 -26.69
N CYS B 847 92.41 9.98 -26.14
CA CYS B 847 92.31 10.63 -24.83
C CYS B 847 90.85 10.93 -24.55
N ILE B 848 90.59 11.29 -23.29
CA ILE B 848 89.27 11.67 -22.81
C ILE B 848 89.39 13.02 -22.13
N CYS B 849 88.59 13.98 -22.58
CA CYS B 849 88.48 15.28 -21.93
C CYS B 849 87.37 15.16 -20.87
N ALA B 850 86.90 16.30 -20.36
CA ALA B 850 85.89 16.29 -19.31
C ALA B 850 84.62 15.61 -19.80
N ASN B 851 84.08 14.72 -18.97
CA ASN B 851 83.05 13.74 -19.38
C ASN B 851 83.46 12.97 -20.62
N GLY B 852 84.78 12.76 -20.78
CA GLY B 852 85.28 12.02 -21.92
C GLY B 852 85.22 10.55 -21.63
N ARG B 853 84.51 9.81 -22.48
CA ARG B 853 84.26 8.40 -22.22
C ARG B 853 83.97 7.73 -23.56
N GLN B 854 84.97 7.05 -24.09
CA GLN B 854 84.83 6.15 -25.23
C GLN B 854 85.02 4.73 -24.73
N THR B 855 84.29 3.79 -25.34
CA THR B 855 84.14 2.46 -24.75
C THR B 855 84.22 1.38 -25.82
N VAL B 856 85.32 0.64 -25.82
CA VAL B 856 85.58 -0.53 -26.66
C VAL B 856 84.58 -1.63 -26.31
N SER B 857 84.40 -2.58 -27.23
CA SER B 857 83.47 -3.70 -27.03
C SER B 857 84.17 -4.89 -26.39
N TRP B 858 83.37 -5.94 -26.14
CA TRP B 858 83.79 -7.10 -25.37
C TRP B 858 82.81 -8.24 -25.62
N ALA B 859 83.19 -9.42 -25.13
CA ALA B 859 82.29 -10.57 -25.08
C ALA B 859 82.90 -11.60 -24.14
N VAL B 860 82.06 -12.25 -23.35
CA VAL B 860 82.53 -13.05 -22.22
C VAL B 860 81.41 -13.95 -21.73
N THR B 861 81.78 -15.03 -21.06
CA THR B 861 80.84 -15.91 -20.38
C THR B 861 81.35 -16.17 -18.96
N PRO B 862 80.47 -16.61 -18.06
CA PRO B 862 80.95 -17.13 -16.78
C PRO B 862 81.15 -18.63 -16.77
N LYS B 863 81.93 -19.07 -15.81
CA LYS B 863 82.08 -20.49 -15.49
C LYS B 863 81.89 -20.80 -14.02
N SER B 864 82.36 -19.93 -13.13
CA SER B 864 82.20 -20.17 -11.71
C SER B 864 80.80 -19.74 -11.26
N LEU B 865 80.39 -20.30 -10.12
CA LEU B 865 78.99 -20.12 -9.66
C LEU B 865 78.89 -19.39 -8.32
N GLY B 866 77.87 -18.55 -8.18
CA GLY B 866 77.58 -17.83 -6.95
C GLY B 866 77.90 -16.34 -6.94
N ASN B 867 78.19 -15.82 -5.75
CA ASN B 867 78.51 -14.37 -5.60
C ASN B 867 79.89 -14.05 -6.18
N VAL B 868 80.10 -14.29 -7.47
CA VAL B 868 81.38 -13.97 -8.14
C VAL B 868 81.50 -12.45 -8.31
N ASN B 869 82.69 -11.95 -8.62
CA ASN B 869 82.90 -10.48 -8.82
C ASN B 869 83.56 -10.24 -10.18
N PHE B 870 83.62 -8.98 -10.64
CA PHE B 870 84.32 -8.72 -11.89
C PHE B 870 85.20 -7.49 -11.73
N THR B 871 86.30 -7.45 -12.48
CA THR B 871 87.30 -6.40 -12.40
C THR B 871 87.66 -5.88 -13.79
N VAL B 872 87.83 -4.56 -13.87
CA VAL B 872 88.54 -3.87 -14.94
C VAL B 872 89.62 -2.99 -14.30
N SER B 873 90.36 -2.26 -15.13
CA SER B 873 91.40 -1.38 -14.60
C SER B 873 91.73 -0.31 -15.61
N ALA B 874 91.76 0.95 -15.17
CA ALA B 874 92.19 2.07 -15.98
C ALA B 874 93.31 2.81 -15.26
N GLU B 875 94.10 3.56 -16.02
CA GLU B 875 95.13 4.43 -15.45
C GLU B 875 95.58 5.42 -16.52
N ALA B 876 95.54 6.70 -16.18
CA ALA B 876 96.04 7.75 -17.06
C ALA B 876 97.51 7.49 -17.42
N LEU B 877 97.91 7.99 -18.59
CA LEU B 877 99.20 7.69 -19.19
C LEU B 877 99.98 8.97 -19.42
N GLU B 878 101.32 8.86 -19.37
CA GLU B 878 102.24 10.00 -19.47
C GLU B 878 103.15 9.86 -20.68
N SER B 879 103.53 11.02 -21.23
CA SER B 879 104.58 11.13 -22.25
C SER B 879 104.18 10.49 -23.57
N GLN B 880 102.95 10.78 -24.01
CA GLN B 880 102.49 10.43 -25.35
C GLN B 880 101.70 11.59 -25.95
N GLU B 881 102.29 12.77 -25.95
CA GLU B 881 101.62 14.01 -26.33
C GLU B 881 101.33 13.98 -27.83
N LEU B 882 100.19 13.37 -28.17
CA LEU B 882 99.70 13.28 -29.54
C LEU B 882 98.34 13.96 -29.72
N CYS B 883 97.34 13.58 -28.92
CA CYS B 883 95.98 14.09 -29.12
C CYS B 883 95.79 15.45 -28.48
N GLY B 884 95.90 15.52 -27.16
CA GLY B 884 95.65 16.73 -26.43
C GLY B 884 96.75 17.75 -26.64
N THR B 885 96.65 18.84 -25.87
CA THR B 885 97.72 19.84 -25.85
C THR B 885 98.86 19.42 -24.93
N GLU B 886 98.57 18.57 -23.95
CA GLU B 886 99.59 18.08 -23.02
C GLU B 886 98.99 16.89 -22.31
N VAL B 887 99.86 16.00 -21.84
CA VAL B 887 99.43 14.77 -21.16
C VAL B 887 100.35 14.50 -19.98
N PRO B 888 100.30 15.31 -18.91
CA PRO B 888 101.12 14.98 -17.72
C PRO B 888 100.69 13.69 -17.03
N SER B 889 99.40 13.53 -16.75
CA SER B 889 98.87 12.34 -16.09
C SER B 889 99.48 12.13 -14.71
N VAL B 890 99.15 13.07 -13.82
CA VAL B 890 99.50 12.94 -12.40
C VAL B 890 98.25 13.09 -11.54
N PRO B 891 97.35 12.10 -11.53
CA PRO B 891 96.38 12.04 -10.42
C PRO B 891 97.04 11.55 -9.16
N GLU B 892 96.24 11.27 -8.13
CA GLU B 892 96.76 10.93 -6.81
C GLU B 892 97.66 9.69 -6.87
N HIS B 893 98.39 9.47 -5.78
CA HIS B 893 99.31 8.33 -5.68
C HIS B 893 98.60 7.01 -5.97
N GLY B 894 97.31 6.91 -5.62
CA GLY B 894 96.47 5.82 -6.06
C GLY B 894 95.67 6.20 -7.28
N ARG B 895 96.33 6.91 -8.21
CA ARG B 895 95.73 7.30 -9.49
C ARG B 895 95.01 6.14 -10.17
N LYS B 896 95.60 4.94 -10.15
CA LYS B 896 95.00 3.80 -10.82
C LYS B 896 93.70 3.39 -10.12
N ASP B 897 92.65 3.21 -10.91
CA ASP B 897 91.36 2.71 -10.44
C ASP B 897 91.21 1.27 -10.92
N THR B 898 91.06 0.35 -9.97
CA THR B 898 90.88 -1.08 -10.24
C THR B 898 89.68 -1.51 -9.39
N VAL B 899 88.50 -1.40 -9.96
CA VAL B 899 87.23 -1.53 -9.23
C VAL B 899 86.73 -2.96 -9.43
N ILE B 900 86.49 -3.65 -8.31
CA ILE B 900 85.90 -4.98 -8.30
C ILE B 900 84.46 -4.82 -7.81
N LYS B 901 83.50 -5.30 -8.60
CA LYS B 901 82.08 -5.13 -8.33
C LYS B 901 81.38 -6.47 -8.28
N PRO B 902 80.28 -6.58 -7.54
CA PRO B 902 79.67 -7.88 -7.29
C PRO B 902 78.69 -8.30 -8.39
N LEU B 903 78.26 -9.55 -8.29
CA LEU B 903 77.35 -10.17 -9.23
C LEU B 903 77.04 -11.56 -8.73
N LEU B 904 75.91 -12.11 -9.16
CA LEU B 904 75.44 -13.41 -8.71
C LEU B 904 74.93 -14.20 -9.91
N VAL B 905 75.53 -15.37 -10.15
CA VAL B 905 75.25 -16.19 -11.33
C VAL B 905 74.64 -17.53 -10.92
N GLU B 906 73.92 -18.13 -11.85
CA GLU B 906 73.33 -19.45 -11.72
C GLU B 906 74.15 -20.48 -12.45
N PRO B 907 73.83 -21.76 -12.27
CA PRO B 907 74.35 -22.77 -13.20
C PRO B 907 73.51 -22.84 -14.46
N GLU B 908 74.19 -23.25 -15.54
CA GLU B 908 73.69 -23.10 -16.91
C GLU B 908 72.26 -23.60 -17.10
N GLY B 909 71.44 -22.76 -17.72
CA GLY B 909 70.22 -23.24 -18.35
C GLY B 909 69.00 -23.27 -17.45
N LEU B 910 68.28 -24.39 -17.57
CA LEU B 910 66.89 -24.47 -17.14
C LEU B 910 66.74 -25.36 -15.91
N GLU B 911 66.85 -24.76 -14.74
CA GLU B 911 66.32 -25.38 -13.53
C GLU B 911 64.83 -25.68 -13.75
N LYS B 912 64.35 -26.79 -13.21
CA LYS B 912 62.95 -27.19 -13.44
C LYS B 912 62.32 -27.68 -12.14
N GLU B 913 61.06 -28.11 -12.23
CA GLU B 913 60.24 -28.49 -11.09
C GLU B 913 60.43 -29.96 -10.77
N THR B 914 60.65 -30.24 -9.49
CA THR B 914 61.05 -31.57 -9.06
C THR B 914 60.60 -31.72 -7.61
N THR B 915 59.46 -32.38 -7.40
CA THR B 915 58.78 -32.35 -6.10
C THR B 915 58.03 -33.65 -5.85
N PHE B 916 57.36 -33.70 -4.68
CA PHE B 916 56.60 -34.86 -4.24
C PHE B 916 55.74 -34.46 -3.04
N ASN B 917 54.73 -35.27 -2.76
CA ASN B 917 53.93 -35.17 -1.55
C ASN B 917 53.96 -36.49 -0.80
N SER B 918 54.61 -36.49 0.36
CA SER B 918 54.50 -37.61 1.29
C SER B 918 54.46 -37.04 2.70
N LEU B 919 53.81 -37.78 3.59
CA LEU B 919 53.41 -37.24 4.88
C LEU B 919 52.99 -38.41 5.75
N LEU B 920 53.18 -38.25 7.06
CA LEU B 920 52.86 -39.27 8.05
C LEU B 920 52.38 -38.58 9.32
N CYS B 921 51.89 -39.38 10.27
CA CYS B 921 51.36 -38.85 11.52
C CYS B 921 51.44 -39.86 12.66
N PRO B 922 52.35 -39.70 13.64
CA PRO B 922 52.31 -40.57 14.82
C PRO B 922 51.08 -40.35 15.69
N SER B 923 50.27 -41.41 15.83
CA SER B 923 49.14 -41.42 16.75
C SER B 923 49.44 -42.46 17.85
N GLY B 924 49.91 -41.95 18.99
CA GLY B 924 50.38 -42.80 20.05
C GLY B 924 51.55 -43.67 19.68
N GLY B 925 52.30 -43.30 18.64
CA GLY B 925 53.43 -44.09 18.20
C GLY B 925 54.46 -43.30 17.41
N GLU B 926 55.00 -43.91 16.36
CA GLU B 926 56.04 -43.30 15.54
C GLU B 926 55.87 -43.75 14.11
N VAL B 927 56.00 -42.79 13.18
CA VAL B 927 55.93 -43.08 11.75
C VAL B 927 57.17 -42.48 11.11
N SER B 928 57.58 -43.06 9.99
CA SER B 928 58.84 -42.72 9.37
C SER B 928 58.80 -43.11 7.92
N GLU B 929 59.76 -42.61 7.16
CA GLU B 929 59.79 -42.87 5.74
C GLU B 929 61.20 -42.64 5.23
N GLU B 930 61.43 -43.07 4.00
CA GLU B 930 62.56 -42.66 3.19
C GLU B 930 62.01 -42.50 1.78
N LEU B 931 62.63 -41.62 0.99
CA LEU B 931 62.16 -41.46 -0.37
C LEU B 931 63.24 -40.79 -1.21
N SER B 932 63.13 -40.94 -2.53
CA SER B 932 64.21 -40.52 -3.46
C SER B 932 63.88 -39.14 -4.05
N LEU B 933 64.81 -38.19 -3.92
CA LEU B 933 64.81 -37.02 -4.81
C LEU B 933 66.07 -37.25 -5.64
N LYS B 934 65.94 -38.12 -6.63
CA LYS B 934 67.09 -38.63 -7.38
C LYS B 934 66.61 -38.97 -8.78
N LEU B 935 66.93 -38.11 -9.73
CA LEU B 935 66.68 -38.33 -11.14
C LEU B 935 67.68 -37.46 -11.90
N PRO B 936 68.86 -37.97 -12.24
CA PRO B 936 69.90 -37.14 -12.88
C PRO B 936 69.98 -37.26 -14.40
N PRO B 937 68.96 -37.82 -15.15
CA PRO B 937 69.22 -38.05 -16.58
C PRO B 937 69.50 -36.75 -17.33
N ASN B 938 70.68 -36.66 -17.94
CA ASN B 938 71.19 -35.43 -18.54
C ASN B 938 71.40 -34.36 -17.47
N VAL B 939 72.24 -34.70 -16.49
CA VAL B 939 72.61 -33.80 -15.41
C VAL B 939 73.92 -33.11 -15.78
N VAL B 940 74.09 -31.90 -15.24
CA VAL B 940 75.31 -31.12 -15.42
C VAL B 940 75.84 -30.76 -14.03
N GLU B 941 77.14 -30.46 -13.99
CA GLU B 941 77.87 -30.39 -12.73
C GLU B 941 77.45 -29.20 -11.88
N GLU B 942 77.37 -29.44 -10.57
CA GLU B 942 77.28 -28.38 -9.56
C GLU B 942 76.11 -27.44 -9.80
N SER B 943 74.91 -28.01 -10.00
CA SER B 943 73.71 -27.22 -10.27
C SER B 943 72.51 -27.56 -9.40
N ALA B 944 72.30 -28.83 -9.06
CA ALA B 944 71.11 -29.21 -8.31
C ALA B 944 71.17 -28.64 -6.89
N ARG B 945 70.00 -28.30 -6.37
CA ARG B 945 69.86 -27.81 -5.01
C ARG B 945 68.40 -27.93 -4.59
N ALA B 946 68.15 -28.69 -3.52
CA ALA B 946 66.79 -29.12 -3.17
C ALA B 946 66.56 -28.87 -1.69
N SER B 947 65.36 -29.23 -1.23
CA SER B 947 64.97 -28.84 0.12
C SER B 947 63.64 -29.47 0.47
N VAL B 948 63.47 -29.79 1.76
CA VAL B 948 62.16 -29.89 2.39
C VAL B 948 61.98 -28.67 3.28
N SER B 949 60.74 -28.48 3.73
CA SER B 949 60.42 -27.46 4.76
C SER B 949 59.33 -28.02 5.68
N VAL B 950 59.38 -27.68 6.97
CA VAL B 950 58.79 -28.51 8.00
C VAL B 950 57.98 -27.65 8.96
N LEU B 951 56.68 -27.98 9.09
CA LEU B 951 55.72 -27.27 9.92
C LEU B 951 54.34 -27.93 9.76
N GLY B 952 53.33 -27.50 10.51
CA GLY B 952 51.97 -27.98 10.33
C GLY B 952 51.19 -27.09 9.37
N ASP B 953 49.92 -27.43 9.16
CA ASP B 953 49.14 -26.85 8.06
C ASP B 953 47.71 -26.43 8.41
N ILE B 954 47.53 -25.63 9.47
CA ILE B 954 46.23 -25.00 9.66
C ILE B 954 46.32 -23.51 9.98
N LEU B 955 47.51 -23.03 10.39
CA LEU B 955 47.70 -21.62 10.72
C LEU B 955 48.35 -20.81 9.60
N GLY B 956 48.54 -21.39 8.41
CA GLY B 956 49.40 -20.75 7.43
C GLY B 956 48.82 -19.49 6.83
N SER B 957 47.59 -19.58 6.30
CA SER B 957 46.91 -18.42 5.75
C SER B 957 45.44 -18.38 6.15
N ALA B 958 45.07 -19.06 7.24
CA ALA B 958 43.69 -19.15 7.71
C ALA B 958 43.41 -18.21 8.89
N MET B 959 43.98 -17.01 8.88
CA MET B 959 43.60 -15.98 9.85
C MET B 959 42.51 -15.10 9.29
N GLN B 960 42.79 -14.53 8.10
CA GLN B 960 41.93 -13.50 7.54
C GLN B 960 40.53 -14.02 7.34
N ASN B 961 40.37 -15.06 6.51
CA ASN B 961 39.05 -15.62 6.21
C ASN B 961 38.34 -16.06 7.48
N THR B 962 39.08 -16.77 8.33
CA THR B 962 38.48 -17.38 9.51
C THR B 962 37.85 -16.34 10.43
N GLN B 963 38.63 -15.35 10.87
CA GLN B 963 38.03 -14.36 11.74
C GLN B 963 37.16 -13.38 10.97
N ASN B 964 37.31 -13.33 9.63
CA ASN B 964 36.46 -12.43 8.86
C ASN B 964 35.02 -12.92 8.85
N LEU B 965 34.79 -14.11 8.32
CA LEU B 965 33.44 -14.50 7.91
C LEU B 965 32.65 -14.79 9.18
N LEU B 966 31.97 -13.76 9.66
CA LEU B 966 31.40 -13.76 11.00
C LEU B 966 30.27 -12.75 10.98
N GLN B 967 29.03 -13.21 10.80
CA GLN B 967 28.01 -12.41 10.17
C GLN B 967 26.67 -12.54 10.88
N MET B 968 25.73 -11.72 10.42
CA MET B 968 24.54 -11.32 11.15
C MET B 968 23.39 -11.16 10.15
N PRO B 969 22.11 -11.54 10.48
CA PRO B 969 21.01 -11.92 9.51
C PRO B 969 20.28 -10.74 8.85
N TYR B 970 20.14 -10.79 7.51
CA TYR B 970 19.02 -10.17 6.82
C TYR B 970 18.84 -10.94 5.51
N GLY B 971 17.59 -11.22 5.18
CA GLY B 971 17.24 -11.74 3.86
C GLY B 971 16.38 -13.00 3.92
N CYS B 972 15.97 -13.43 2.73
CA CYS B 972 15.11 -14.58 2.57
C CYS B 972 15.89 -15.87 2.72
N GLY B 973 15.14 -16.97 2.81
CA GLY B 973 15.66 -18.21 3.36
C GLY B 973 17.00 -18.64 2.77
N GLU B 974 17.18 -18.40 1.48
CA GLU B 974 18.44 -18.75 0.82
C GLU B 974 19.62 -17.99 1.41
N GLN B 975 19.62 -16.68 1.21
CA GLN B 975 20.72 -15.89 1.74
C GLN B 975 20.62 -15.80 3.26
N ASN B 976 19.43 -16.02 3.80
CA ASN B 976 19.29 -16.15 5.24
C ASN B 976 20.16 -17.29 5.75
N MET B 977 20.11 -18.42 5.05
CA MET B 977 20.98 -19.53 5.40
C MET B 977 22.43 -19.19 5.11
N VAL B 978 22.70 -18.47 4.04
CA VAL B 978 24.08 -18.18 3.72
C VAL B 978 24.69 -17.29 4.79
N LEU B 979 23.87 -16.44 5.41
CA LEU B 979 24.32 -15.62 6.52
C LEU B 979 24.28 -16.34 7.85
N PHE B 980 23.54 -17.44 7.96
CA PHE B 980 23.47 -18.18 9.22
C PHE B 980 24.49 -19.32 9.27
N ALA B 981 24.36 -20.24 8.32
CA ALA B 981 25.02 -21.54 8.41
C ALA B 981 26.53 -21.48 8.39
N PRO B 982 27.18 -20.81 7.43
CA PRO B 982 28.65 -20.90 7.33
C PRO B 982 29.37 -20.38 8.56
N ASN B 983 28.71 -19.55 9.36
CA ASN B 983 29.28 -19.11 10.63
C ASN B 983 29.51 -20.28 11.56
N ILE B 984 28.79 -21.37 11.39
CA ILE B 984 29.00 -22.53 12.24
C ILE B 984 30.24 -23.30 11.82
N TYR B 985 30.51 -23.39 10.53
CA TYR B 985 31.69 -24.12 10.11
C TYR B 985 32.95 -23.34 10.45
N VAL B 986 32.92 -22.01 10.30
CA VAL B 986 34.08 -21.25 10.72
C VAL B 986 34.17 -21.19 12.25
N LEU B 987 33.03 -21.26 12.95
CA LEU B 987 33.06 -21.31 14.43
C LEU B 987 33.87 -22.55 14.82
N ASP B 988 33.51 -23.70 14.24
CA ASP B 988 34.24 -24.96 14.52
C ASP B 988 35.69 -24.79 14.05
N TYR B 989 35.89 -24.20 12.87
CA TYR B 989 37.25 -24.07 12.30
C TYR B 989 38.13 -23.24 13.24
N LEU B 990 37.60 -22.11 13.72
CA LEU B 990 38.38 -21.24 14.64
C LEU B 990 38.63 -21.99 15.95
N ASN B 991 37.60 -22.67 16.47
CA ASN B 991 37.75 -23.42 17.75
C ASN B 991 38.74 -24.56 17.57
N GLU B 992 38.68 -25.27 16.44
CA GLU B 992 39.58 -26.43 16.20
C GLU B 992 41.04 -25.95 16.16
N THR B 993 41.29 -24.80 15.53
CA THR B 993 42.68 -24.25 15.46
C THR B 993 43.18 -23.97 16.88
N GLN B 994 42.29 -23.50 17.78
CA GLN B 994 42.64 -23.21 19.20
C GLN B 994 43.11 -21.75 19.36
N GLN B 995 42.80 -20.89 18.39
CA GLN B 995 43.12 -19.46 18.51
C GLN B 995 41.81 -18.65 18.58
N LEU B 996 40.94 -19.11 19.48
CA LEU B 996 39.59 -18.52 19.51
C LEU B 996 39.42 -17.57 20.68
N THR B 997 38.17 -17.27 21.02
CA THR B 997 37.82 -16.39 22.10
C THR B 997 36.37 -16.66 22.50
N PRO B 998 36.03 -16.79 23.78
CA PRO B 998 34.61 -16.94 24.14
C PRO B 998 33.73 -15.72 23.82
N GLU B 999 34.30 -14.60 23.36
CA GLU B 999 33.48 -13.44 23.03
C GLU B 999 32.89 -13.57 21.63
N ILE B 1000 33.71 -13.88 20.63
CA ILE B 1000 33.19 -14.22 19.31
C ILE B 1000 32.24 -15.41 19.44
N LYS B 1001 32.53 -16.31 20.39
CA LYS B 1001 31.66 -17.43 20.69
C LYS B 1001 30.29 -16.97 21.15
N SER B 1002 30.24 -16.10 22.16
CA SER B 1002 28.94 -15.75 22.74
C SER B 1002 28.15 -14.86 21.80
N LYS B 1003 28.81 -13.89 21.18
CA LYS B 1003 28.13 -13.12 20.16
C LYS B 1003 27.75 -14.01 18.97
N ALA B 1004 28.40 -15.16 18.82
CA ALA B 1004 27.97 -16.13 17.82
C ALA B 1004 26.79 -16.95 18.31
N ILE B 1005 26.65 -17.15 19.63
CA ILE B 1005 25.39 -17.66 20.15
C ILE B 1005 24.27 -16.76 19.69
N GLY B 1006 24.48 -15.45 19.82
CA GLY B 1006 23.49 -14.50 19.34
C GLY B 1006 23.23 -14.62 17.84
N TYR B 1007 24.32 -14.62 17.04
CA TYR B 1007 24.22 -14.93 15.61
C TYR B 1007 23.33 -16.13 15.37
N LEU B 1008 23.60 -17.23 16.08
CA LEU B 1008 22.99 -18.49 15.76
C LEU B 1008 21.53 -18.48 16.10
N ASN B 1009 21.19 -17.94 17.27
CA ASN B 1009 19.79 -17.87 17.65
C ASN B 1009 19.01 -17.02 16.67
N THR B 1010 19.51 -15.82 16.36
CA THR B 1010 18.79 -14.92 15.47
C THR B 1010 18.67 -15.52 14.07
N GLY B 1011 19.74 -16.15 13.59
CA GLY B 1011 19.76 -16.63 12.23
C GLY B 1011 18.89 -17.86 12.05
N TYR B 1012 19.03 -18.80 12.98
CA TYR B 1012 18.11 -19.91 13.13
C TYR B 1012 16.66 -19.44 13.06
N GLN B 1013 16.30 -18.53 13.97
CA GLN B 1013 14.93 -18.03 14.04
C GLN B 1013 14.49 -17.44 12.71
N ARG B 1014 15.38 -16.71 12.02
CA ARG B 1014 14.98 -16.10 10.77
C ARG B 1014 14.93 -17.14 9.64
N GLN B 1015 15.69 -18.23 9.74
CA GLN B 1015 15.41 -19.38 8.87
C GLN B 1015 13.98 -19.81 9.08
N LEU B 1016 13.53 -19.81 10.33
CA LEU B 1016 12.15 -20.20 10.59
C LEU B 1016 11.17 -19.16 10.09
N ASN B 1017 11.62 -17.91 9.90
CA ASN B 1017 10.77 -16.92 9.24
C ASN B 1017 10.37 -17.36 7.83
N TYR B 1018 11.19 -18.16 7.14
CA TYR B 1018 10.97 -18.51 5.75
C TYR B 1018 10.70 -19.99 5.51
N LYS B 1019 10.53 -20.79 6.56
CA LYS B 1019 10.27 -22.23 6.41
C LYS B 1019 8.79 -22.49 6.15
N HIS B 1020 8.38 -23.75 6.25
CA HIS B 1020 7.01 -24.18 5.99
C HIS B 1020 6.28 -24.50 7.28
N TYR B 1021 4.94 -24.47 7.20
CA TYR B 1021 4.11 -24.86 8.32
C TYR B 1021 4.15 -26.37 8.57
N ASP B 1022 4.62 -27.16 7.60
CA ASP B 1022 4.65 -28.60 7.74
C ASP B 1022 5.94 -29.11 8.35
N GLY B 1023 7.02 -28.34 8.21
CA GLY B 1023 8.35 -28.77 8.60
C GLY B 1023 9.36 -28.37 7.55
N SER B 1024 8.92 -28.36 6.30
CA SER B 1024 9.77 -28.12 5.17
C SER B 1024 10.34 -26.71 5.17
N TYR B 1025 11.12 -26.43 4.13
CA TYR B 1025 11.84 -25.18 3.99
C TYR B 1025 11.82 -24.74 2.53
N SER B 1026 11.28 -23.54 2.30
CA SER B 1026 11.45 -22.80 1.05
C SER B 1026 12.13 -21.48 1.35
N THR B 1027 12.22 -20.62 0.33
CA THR B 1027 12.88 -19.33 0.51
C THR B 1027 11.94 -18.31 1.15
N PHE B 1028 10.63 -18.53 1.01
CA PHE B 1028 9.63 -17.52 1.37
C PHE B 1028 8.82 -17.91 2.59
N GLY B 1029 8.16 -19.07 2.55
CA GLY B 1029 7.43 -19.55 3.69
C GLY B 1029 6.20 -18.74 4.06
N GLU B 1030 6.29 -18.02 5.18
CA GLU B 1030 5.11 -17.40 5.78
C GLU B 1030 4.52 -16.34 4.86
N ARG B 1031 3.19 -16.23 4.92
CA ARG B 1031 2.34 -15.44 4.03
C ARG B 1031 2.22 -16.08 2.64
N TYR B 1032 2.92 -17.20 2.38
CA TYR B 1032 2.71 -18.03 1.21
C TYR B 1032 2.45 -19.41 1.79
N GLY B 1033 1.19 -19.66 2.17
CA GLY B 1033 0.88 -20.90 2.86
C GLY B 1033 0.98 -22.10 1.95
N ARG B 1034 0.26 -22.06 0.83
CA ARG B 1034 0.26 -23.16 -0.13
C ARG B 1034 1.57 -23.15 -0.88
N ASN B 1035 2.44 -24.12 -0.57
CA ASN B 1035 3.74 -24.22 -1.24
C ASN B 1035 4.40 -25.53 -0.86
N GLN B 1036 5.52 -25.79 -1.52
CA GLN B 1036 6.36 -26.95 -1.26
C GLN B 1036 7.80 -26.48 -1.17
N GLY B 1037 8.53 -27.01 -0.18
CA GLY B 1037 9.90 -26.60 0.04
C GLY B 1037 10.87 -26.97 -1.05
N ASN B 1038 12.16 -26.81 -0.77
CA ASN B 1038 13.22 -26.98 -1.75
C ASN B 1038 14.13 -28.11 -1.29
N THR B 1039 14.68 -28.82 -2.27
CA THR B 1039 15.35 -30.08 -2.03
C THR B 1039 16.81 -29.86 -1.65
N TRP B 1040 17.59 -29.23 -2.52
CA TRP B 1040 18.99 -29.01 -2.20
C TRP B 1040 19.11 -28.12 -0.99
N LEU B 1041 18.30 -27.05 -1.00
CA LEU B 1041 18.14 -26.20 0.18
C LEU B 1041 17.99 -27.00 1.45
N THR B 1042 16.90 -27.77 1.54
CA THR B 1042 16.64 -28.57 2.73
C THR B 1042 17.76 -29.57 3.03
N ALA B 1043 18.49 -30.03 2.03
CA ALA B 1043 19.64 -30.89 2.31
C ALA B 1043 20.68 -30.10 3.08
N PHE B 1044 20.97 -28.90 2.59
CA PHE B 1044 21.87 -27.99 3.29
C PHE B 1044 21.37 -27.70 4.69
N VAL B 1045 20.05 -27.52 4.86
CA VAL B 1045 19.57 -27.07 6.17
C VAL B 1045 19.64 -28.21 7.16
N LEU B 1046 19.42 -29.44 6.71
CA LEU B 1046 19.56 -30.56 7.63
C LEU B 1046 21.02 -30.75 8.00
N LYS B 1047 21.92 -30.61 7.01
CA LYS B 1047 23.34 -30.71 7.26
C LYS B 1047 23.77 -29.73 8.33
N THR B 1048 23.48 -28.47 8.10
CA THR B 1048 23.94 -27.44 9.00
C THR B 1048 23.15 -27.44 10.29
N PHE B 1049 21.94 -27.98 10.31
CA PHE B 1049 21.26 -28.19 11.57
C PHE B 1049 22.01 -29.23 12.38
N ALA B 1050 22.52 -30.25 11.68
CA ALA B 1050 23.36 -31.25 12.31
C ALA B 1050 24.54 -30.59 12.99
N GLN B 1051 25.32 -29.86 12.23
CA GLN B 1051 26.54 -29.29 12.79
C GLN B 1051 26.24 -28.18 13.80
N ALA B 1052 25.13 -27.46 13.63
CA ALA B 1052 24.84 -26.33 14.51
C ALA B 1052 24.33 -26.83 15.85
N ARG B 1053 23.51 -27.87 15.84
CA ARG B 1053 23.28 -28.58 17.08
C ARG B 1053 24.59 -29.13 17.64
N ALA B 1054 25.48 -29.58 16.75
CA ALA B 1054 26.73 -30.15 17.20
C ALA B 1054 27.56 -29.16 17.99
N TYR B 1055 27.29 -27.86 17.82
CA TYR B 1055 28.00 -26.87 18.67
C TYR B 1055 27.12 -26.45 19.85
N ILE B 1056 25.88 -26.06 19.59
CA ILE B 1056 25.04 -25.56 20.67
C ILE B 1056 23.69 -26.26 20.63
N PHE B 1057 22.83 -25.90 21.57
CA PHE B 1057 21.54 -26.55 21.72
C PHE B 1057 20.64 -26.23 20.53
N ILE B 1058 20.00 -27.28 20.01
CA ILE B 1058 18.88 -27.14 19.09
C ILE B 1058 17.72 -27.90 19.72
N ASP B 1059 16.56 -27.84 19.06
CA ASP B 1059 15.46 -28.73 19.41
C ASP B 1059 15.39 -29.88 18.41
N GLU B 1060 15.15 -31.10 18.92
CA GLU B 1060 15.26 -32.31 18.09
C GLU B 1060 14.20 -32.37 17.01
N ALA B 1061 13.03 -31.77 17.26
CA ALA B 1061 11.94 -31.88 16.30
C ALA B 1061 12.30 -31.32 14.94
N HIS B 1062 13.16 -30.31 14.88
CA HIS B 1062 13.52 -29.74 13.58
C HIS B 1062 14.25 -30.78 12.73
N ILE B 1063 15.33 -31.37 13.26
CA ILE B 1063 16.06 -32.37 12.50
C ILE B 1063 15.17 -33.56 12.20
N THR B 1064 14.29 -33.90 13.16
CA THR B 1064 13.37 -34.99 12.96
C THR B 1064 12.51 -34.76 11.73
N GLN B 1065 11.73 -33.69 11.76
CA GLN B 1065 10.76 -33.41 10.72
C GLN B 1065 11.44 -33.16 9.37
N ALA B 1066 12.69 -32.67 9.37
CA ALA B 1066 13.35 -32.39 8.09
C ALA B 1066 13.99 -33.65 7.51
N LEU B 1067 14.66 -34.42 8.35
CA LEU B 1067 15.17 -35.72 7.95
C LEU B 1067 14.06 -36.57 7.35
N ILE B 1068 12.87 -36.54 7.98
CA ILE B 1068 11.76 -37.31 7.44
C ILE B 1068 11.10 -36.63 6.24
N TRP B 1069 11.25 -35.31 6.09
CA TRP B 1069 10.86 -34.66 4.83
C TRP B 1069 11.63 -35.27 3.67
N LEU B 1070 12.96 -35.29 3.78
CA LEU B 1070 13.76 -35.88 2.71
C LEU B 1070 13.45 -37.37 2.60
N SER B 1071 13.10 -38.01 3.72
CA SER B 1071 12.73 -39.43 3.69
C SER B 1071 11.50 -39.67 2.84
N GLN B 1072 10.42 -38.89 3.03
CA GLN B 1072 9.27 -39.11 2.18
C GLN B 1072 9.54 -38.60 0.77
N ARG B 1073 10.57 -37.78 0.54
CA ARG B 1073 10.74 -37.30 -0.83
C ARG B 1073 11.15 -38.45 -1.73
N GLN B 1074 10.19 -39.37 -1.91
CA GLN B 1074 10.40 -40.75 -2.27
C GLN B 1074 9.10 -41.33 -2.77
N LYS B 1075 9.02 -41.47 -4.07
CA LYS B 1075 8.06 -42.34 -4.73
C LYS B 1075 8.80 -43.68 -4.95
N ASP B 1076 8.30 -44.53 -5.83
CA ASP B 1076 8.81 -45.90 -5.98
C ASP B 1076 10.33 -46.03 -6.03
N ASN B 1077 10.99 -45.53 -7.07
CA ASN B 1077 12.42 -45.78 -7.25
C ASN B 1077 13.26 -44.52 -7.40
N GLY B 1078 12.85 -43.59 -8.25
CA GLY B 1078 13.76 -42.65 -8.87
C GLY B 1078 14.66 -41.82 -7.98
N CYS B 1079 15.77 -41.34 -8.56
CA CYS B 1079 16.65 -40.36 -7.94
C CYS B 1079 16.07 -38.97 -8.20
N PHE B 1080 15.52 -38.33 -7.17
CA PHE B 1080 14.80 -37.09 -7.40
C PHE B 1080 15.70 -35.95 -7.83
N ARG B 1081 15.08 -34.87 -8.29
CA ARG B 1081 15.74 -33.70 -8.86
C ARG B 1081 15.35 -32.49 -8.00
N SER B 1082 15.81 -31.31 -8.39
CA SER B 1082 15.40 -30.08 -7.74
C SER B 1082 13.95 -29.75 -8.06
N SER B 1083 13.16 -29.46 -7.02
CA SER B 1083 11.89 -28.76 -7.18
C SER B 1083 12.24 -27.30 -7.41
N GLY B 1084 12.53 -26.97 -8.67
CA GLY B 1084 13.09 -25.68 -9.00
C GLY B 1084 12.23 -24.52 -8.58
N SER B 1085 12.67 -23.87 -7.50
CA SER B 1085 12.12 -22.60 -7.03
C SER B 1085 13.24 -21.66 -6.61
N LEU B 1086 14.46 -21.90 -7.10
CA LEU B 1086 15.61 -21.11 -6.68
C LEU B 1086 15.39 -19.65 -7.06
N LEU B 1087 16.12 -18.80 -6.35
CA LEU B 1087 16.30 -17.41 -6.73
C LEU B 1087 17.73 -17.17 -7.18
N ASN B 1088 18.54 -18.23 -7.24
CA ASN B 1088 19.98 -18.11 -7.41
C ASN B 1088 20.57 -19.46 -7.76
N ASN B 1089 21.14 -19.57 -8.96
CA ASN B 1089 21.74 -20.82 -9.39
C ASN B 1089 23.15 -21.04 -8.86
N ALA B 1090 23.74 -20.05 -8.20
CA ALA B 1090 25.13 -20.12 -7.74
C ALA B 1090 25.24 -20.52 -6.28
N ILE B 1091 24.23 -20.20 -5.47
CA ILE B 1091 24.22 -20.61 -4.07
C ILE B 1091 24.37 -22.13 -3.96
N LYS B 1092 23.79 -22.86 -4.91
CA LYS B 1092 24.08 -24.27 -5.15
C LYS B 1092 25.10 -24.32 -6.27
N GLY B 1093 26.37 -24.52 -5.92
CA GLY B 1093 27.43 -24.53 -6.89
C GLY B 1093 27.31 -25.62 -7.95
N GLY B 1094 26.44 -26.61 -7.74
CA GLY B 1094 26.30 -27.72 -8.66
C GLY B 1094 25.83 -27.35 -10.05
N VAL B 1095 25.55 -28.37 -10.87
CA VAL B 1095 25.15 -28.21 -12.26
C VAL B 1095 23.78 -28.83 -12.56
N GLU B 1096 22.96 -29.03 -11.53
CA GLU B 1096 21.54 -29.35 -11.57
C GLU B 1096 21.25 -30.83 -11.89
N ASP B 1097 22.24 -31.66 -12.23
CA ASP B 1097 21.96 -33.06 -12.44
C ASP B 1097 21.55 -33.72 -11.13
N GLU B 1098 20.54 -34.59 -11.20
CA GLU B 1098 20.15 -35.38 -10.04
C GLU B 1098 21.28 -36.26 -9.54
N VAL B 1099 22.28 -36.51 -10.37
CA VAL B 1099 23.46 -37.28 -10.01
C VAL B 1099 24.08 -36.68 -8.76
N THR B 1100 24.59 -35.49 -8.91
CA THR B 1100 25.35 -34.88 -7.85
C THR B 1100 24.44 -34.28 -6.80
N LEU B 1101 23.20 -33.98 -7.15
CA LEU B 1101 22.22 -33.65 -6.14
C LEU B 1101 22.04 -34.81 -5.17
N SER B 1102 21.61 -35.95 -5.68
CA SER B 1102 21.46 -37.16 -4.90
C SER B 1102 22.72 -37.49 -4.11
N ALA B 1103 23.89 -37.25 -4.70
CA ALA B 1103 25.11 -37.50 -3.95
C ALA B 1103 25.27 -36.49 -2.81
N TYR B 1104 24.80 -35.27 -3.03
CA TYR B 1104 24.74 -34.31 -1.93
C TYR B 1104 23.84 -34.83 -0.83
N ILE B 1105 22.71 -35.44 -1.20
CA ILE B 1105 21.83 -36.00 -0.18
C ILE B 1105 22.57 -37.06 0.62
N THR B 1106 23.25 -37.98 -0.05
CA THR B 1106 23.79 -39.10 0.70
C THR B 1106 24.90 -38.65 1.64
N ILE B 1107 25.77 -37.76 1.18
CA ILE B 1107 26.80 -37.27 2.09
C ILE B 1107 26.18 -36.45 3.22
N ALA B 1108 25.33 -35.49 2.88
CA ALA B 1108 24.80 -34.55 3.86
C ALA B 1108 23.95 -35.28 4.90
N LEU B 1109 23.48 -36.47 4.57
CA LEU B 1109 22.63 -37.26 5.43
C LEU B 1109 23.37 -38.43 6.07
N LEU B 1110 24.63 -38.68 5.69
CA LEU B 1110 25.49 -39.63 6.39
C LEU B 1110 26.50 -38.99 7.34
N GLU B 1111 26.79 -37.69 7.21
CA GLU B 1111 27.87 -37.11 8.03
C GLU B 1111 27.48 -37.07 9.51
N ILE B 1112 26.19 -37.15 9.81
CA ILE B 1112 25.57 -37.58 11.08
C ILE B 1112 26.32 -37.21 12.35
N PRO B 1113 26.44 -35.91 12.70
CA PRO B 1113 27.05 -35.56 14.00
C PRO B 1113 26.13 -35.76 15.19
N LEU B 1114 26.31 -36.88 15.91
CA LEU B 1114 25.74 -37.14 17.23
C LEU B 1114 24.23 -37.37 17.26
N THR B 1115 23.52 -37.11 16.17
CA THR B 1115 22.15 -37.57 16.03
C THR B 1115 22.12 -38.89 15.28
N VAL B 1116 20.91 -39.26 14.84
CA VAL B 1116 20.72 -40.41 13.99
C VAL B 1116 20.37 -39.94 12.58
N THR B 1117 20.78 -40.72 11.60
CA THR B 1117 20.29 -40.60 10.24
C THR B 1117 19.75 -41.97 9.85
N HIS B 1118 18.44 -42.16 9.95
CA HIS B 1118 17.85 -43.52 9.86
C HIS B 1118 17.53 -43.90 8.41
N PRO B 1119 16.25 -43.88 7.98
CA PRO B 1119 15.87 -44.31 6.62
C PRO B 1119 16.60 -43.56 5.50
N VAL B 1120 16.46 -42.23 5.46
CA VAL B 1120 16.58 -41.49 4.20
C VAL B 1120 17.86 -41.74 3.42
N VAL B 1121 18.99 -42.05 4.10
CA VAL B 1121 20.29 -41.82 3.48
C VAL B 1121 20.78 -43.04 2.71
N ARG B 1122 20.33 -44.24 3.07
CA ARG B 1122 20.86 -45.40 2.39
C ARG B 1122 20.33 -45.50 0.96
N ASN B 1123 19.06 -45.21 0.77
CA ASN B 1123 18.55 -45.25 -0.59
C ASN B 1123 19.16 -44.14 -1.43
N ALA B 1124 19.62 -43.07 -0.79
CA ALA B 1124 20.54 -42.13 -1.44
C ALA B 1124 21.79 -42.84 -1.89
N LEU B 1125 22.36 -43.71 -1.05
CA LEU B 1125 23.48 -44.53 -1.49
C LEU B 1125 23.08 -45.44 -2.64
N PHE B 1126 21.81 -45.83 -2.68
CA PHE B 1126 21.36 -46.80 -3.66
C PHE B 1126 21.26 -46.17 -5.04
N CYS B 1127 20.47 -45.12 -5.16
CA CYS B 1127 20.55 -44.26 -6.34
C CYS B 1127 21.97 -43.82 -6.67
N LEU B 1128 22.82 -43.61 -5.67
CA LEU B 1128 24.20 -43.20 -5.92
C LEU B 1128 24.94 -44.28 -6.68
N GLU B 1129 24.78 -45.52 -6.24
CA GLU B 1129 25.35 -46.65 -6.97
C GLU B 1129 24.75 -46.76 -8.36
N SER B 1130 23.46 -46.43 -8.48
CA SER B 1130 22.79 -46.53 -9.78
C SER B 1130 23.39 -45.57 -10.77
N ALA B 1131 23.45 -44.29 -10.40
CA ALA B 1131 24.09 -43.29 -11.24
C ALA B 1131 25.56 -43.63 -11.46
N TRP B 1132 26.20 -44.30 -10.51
CA TRP B 1132 27.58 -44.68 -10.74
C TRP B 1132 27.67 -45.73 -11.83
N LYS B 1133 26.72 -46.65 -11.84
CA LYS B 1133 26.67 -47.64 -12.89
C LYS B 1133 26.48 -46.97 -14.23
N THR B 1134 25.55 -46.01 -14.29
CA THR B 1134 25.31 -45.28 -15.52
C THR B 1134 26.56 -44.55 -15.99
N ALA B 1135 27.33 -44.01 -15.04
CA ALA B 1135 28.49 -43.19 -15.39
C ALA B 1135 29.69 -44.06 -15.74
N GLN B 1136 30.13 -44.86 -14.78
CA GLN B 1136 31.32 -45.68 -14.97
C GLN B 1136 31.15 -46.67 -16.10
N GLU B 1137 29.91 -47.09 -16.37
CA GLU B 1137 29.68 -47.87 -17.59
C GLU B 1137 29.94 -47.02 -18.82
N GLY B 1138 29.72 -45.71 -18.71
CA GLY B 1138 30.23 -44.77 -19.69
C GLY B 1138 31.66 -44.40 -19.37
N ASP B 1139 32.10 -43.22 -19.82
CA ASP B 1139 33.42 -42.72 -19.43
C ASP B 1139 33.42 -41.23 -19.16
N HIS B 1140 32.26 -40.57 -19.13
CA HIS B 1140 32.21 -39.11 -19.03
C HIS B 1140 31.02 -38.65 -18.20
N GLY B 1141 31.31 -37.93 -17.12
CA GLY B 1141 30.31 -37.30 -16.29
C GLY B 1141 30.80 -35.92 -15.87
N SER B 1142 31.55 -35.27 -16.77
CA SER B 1142 32.48 -34.17 -16.56
C SER B 1142 33.84 -34.68 -16.07
N HIS B 1143 34.00 -35.99 -15.83
CA HIS B 1143 35.27 -36.66 -15.55
C HIS B 1143 35.91 -36.32 -14.21
N VAL B 1144 35.36 -35.36 -13.46
CA VAL B 1144 35.85 -35.06 -12.11
C VAL B 1144 34.67 -35.01 -11.14
N TYR B 1145 33.59 -34.36 -11.56
CA TYR B 1145 32.62 -33.79 -10.62
C TYR B 1145 31.75 -34.88 -10.01
N THR B 1146 31.02 -35.59 -10.85
CA THR B 1146 30.08 -36.59 -10.37
C THR B 1146 30.80 -37.73 -9.67
N LYS B 1147 31.86 -38.27 -10.29
CA LYS B 1147 32.55 -39.41 -9.67
C LYS B 1147 33.31 -38.99 -8.41
N ALA B 1148 33.76 -37.74 -8.30
CA ALA B 1148 34.33 -37.30 -7.04
C ALA B 1148 33.27 -37.24 -5.95
N LEU B 1149 32.05 -36.81 -6.32
CA LEU B 1149 30.99 -36.84 -5.32
C LEU B 1149 30.66 -38.27 -4.94
N LEU B 1150 30.80 -39.19 -5.90
CA LEU B 1150 30.67 -40.61 -5.57
C LEU B 1150 31.72 -41.03 -4.57
N ALA B 1151 32.96 -40.56 -4.76
CA ALA B 1151 34.03 -40.87 -3.84
C ALA B 1151 33.66 -40.51 -2.42
N TYR B 1152 33.37 -39.22 -2.18
CA TYR B 1152 33.10 -38.83 -0.78
C TYR B 1152 31.78 -39.41 -0.25
N ALA B 1153 30.80 -39.67 -1.13
CA ALA B 1153 29.56 -40.31 -0.71
C ALA B 1153 29.82 -41.73 -0.21
N PHE B 1154 30.44 -42.56 -1.05
CA PHE B 1154 30.89 -43.87 -0.62
C PHE B 1154 31.83 -43.82 0.58
N ALA B 1155 32.57 -42.72 0.74
CA ALA B 1155 33.54 -42.62 1.84
C ALA B 1155 32.86 -42.47 3.18
N LEU B 1156 32.04 -41.44 3.37
CA LEU B 1156 31.27 -41.38 4.61
C LEU B 1156 30.23 -42.49 4.68
N ALA B 1157 29.98 -43.23 3.59
CA ALA B 1157 29.36 -44.54 3.70
C ALA B 1157 30.36 -45.60 4.08
N GLY B 1158 31.55 -45.53 3.50
CA GLY B 1158 32.56 -46.54 3.70
C GLY B 1158 32.47 -47.71 2.74
N ASN B 1159 31.95 -47.50 1.54
CA ASN B 1159 31.96 -48.55 0.53
C ASN B 1159 33.40 -48.66 0.03
N GLN B 1160 34.20 -49.37 0.84
CA GLN B 1160 35.65 -49.25 0.80
C GLN B 1160 36.20 -49.58 -0.58
N ASP B 1161 35.82 -50.72 -1.15
CA ASP B 1161 36.25 -51.04 -2.49
C ASP B 1161 35.66 -50.07 -3.51
N LYS B 1162 34.47 -49.54 -3.20
CA LYS B 1162 33.74 -48.76 -4.20
C LYS B 1162 34.17 -47.30 -4.17
N ARG B 1163 34.21 -46.70 -2.98
CA ARG B 1163 34.90 -45.43 -2.81
C ARG B 1163 36.30 -45.51 -3.39
N LYS B 1164 36.98 -46.64 -3.19
CA LYS B 1164 38.35 -46.75 -3.66
C LYS B 1164 38.40 -46.74 -5.18
N GLU B 1165 37.52 -47.52 -5.81
CA GLU B 1165 37.47 -47.56 -7.27
C GLU B 1165 37.23 -46.18 -7.85
N VAL B 1166 36.26 -45.45 -7.30
CA VAL B 1166 35.91 -44.19 -7.93
C VAL B 1166 36.97 -43.12 -7.64
N LEU B 1167 37.47 -43.02 -6.40
CA LEU B 1167 38.52 -42.04 -6.15
C LEU B 1167 39.82 -42.41 -6.85
N LYS B 1168 39.99 -43.69 -7.20
CA LYS B 1168 41.19 -44.13 -7.88
C LYS B 1168 41.11 -43.82 -9.37
N SER B 1169 39.92 -43.96 -9.94
CA SER B 1169 39.69 -43.39 -11.26
C SER B 1169 39.97 -41.90 -11.26
N LEU B 1170 39.47 -41.19 -10.25
CA LEU B 1170 39.80 -39.77 -10.09
C LEU B 1170 41.31 -39.56 -10.02
N ASN B 1171 41.99 -40.41 -9.26
CA ASN B 1171 43.44 -40.31 -9.14
C ASN B 1171 44.10 -40.48 -10.50
N GLU B 1172 43.54 -41.33 -11.35
CA GLU B 1172 43.99 -41.38 -12.73
C GLU B 1172 43.63 -40.09 -13.45
N GLU B 1173 42.37 -39.67 -13.33
CA GLU B 1173 41.91 -38.43 -13.96
C GLU B 1173 42.45 -37.26 -13.15
N ALA B 1174 43.76 -37.02 -13.29
CA ALA B 1174 44.49 -36.09 -12.45
C ALA B 1174 44.64 -34.73 -13.12
N VAL B 1175 44.39 -33.67 -12.35
CA VAL B 1175 44.56 -32.29 -12.81
C VAL B 1175 45.41 -31.58 -11.77
N LYS B 1176 46.38 -32.29 -11.20
CA LYS B 1176 47.07 -31.79 -10.01
C LYS B 1176 47.89 -30.53 -10.32
N LYS B 1177 48.24 -29.81 -9.26
CA LYS B 1177 48.99 -28.56 -9.32
C LYS B 1177 50.48 -28.83 -9.19
N ASP B 1178 51.28 -27.84 -9.60
CA ASP B 1178 52.73 -27.98 -9.53
C ASP B 1178 53.22 -28.13 -8.09
N ASN B 1179 52.44 -27.65 -7.11
CA ASN B 1179 52.77 -27.77 -5.68
C ASN B 1179 51.66 -28.45 -4.91
N SER B 1180 50.66 -28.99 -5.58
CA SER B 1180 49.44 -29.43 -4.91
C SER B 1180 48.66 -30.30 -5.88
N VAL B 1181 47.42 -30.59 -5.54
CA VAL B 1181 46.52 -31.37 -6.37
C VAL B 1181 45.18 -30.67 -6.46
N HIS B 1182 44.47 -30.90 -7.55
CA HIS B 1182 43.15 -30.30 -7.78
C HIS B 1182 42.55 -30.96 -9.00
N TRP B 1183 41.26 -30.70 -9.22
CA TRP B 1183 40.48 -31.32 -10.27
C TRP B 1183 39.64 -30.26 -10.96
N GLU B 1184 39.30 -30.51 -12.23
CA GLU B 1184 38.58 -29.53 -13.02
C GLU B 1184 37.62 -30.22 -13.98
N ARG B 1185 36.40 -29.68 -14.06
CA ARG B 1185 35.49 -30.00 -15.15
C ARG B 1185 36.16 -29.60 -16.47
N PRO B 1186 35.65 -30.11 -17.63
CA PRO B 1186 36.37 -29.99 -18.91
C PRO B 1186 37.05 -28.66 -19.22
N GLN B 1187 36.49 -27.55 -18.72
CA GLN B 1187 37.02 -26.20 -18.85
C GLN B 1187 36.91 -25.66 -20.28
N LYS B 1188 36.43 -26.47 -21.23
CA LYS B 1188 36.22 -26.13 -22.62
C LYS B 1188 34.92 -26.81 -23.00
N PRO B 1189 33.85 -26.58 -22.23
CA PRO B 1189 32.77 -27.57 -22.12
C PRO B 1189 32.11 -27.89 -23.46
N LYS B 1190 31.60 -29.12 -23.56
CA LYS B 1190 31.13 -29.63 -24.84
C LYS B 1190 29.96 -28.80 -25.37
N ALA B 1191 29.05 -28.39 -24.48
CA ALA B 1191 28.02 -27.44 -24.85
C ALA B 1191 28.61 -26.03 -24.92
N PRO B 1192 28.02 -25.13 -25.70
CA PRO B 1192 28.58 -23.79 -25.79
C PRO B 1192 28.40 -23.03 -24.48
N VAL B 1193 29.37 -22.15 -24.19
CA VAL B 1193 29.43 -21.43 -22.93
C VAL B 1193 29.14 -19.96 -23.19
N GLY B 1194 28.95 -19.22 -22.10
CA GLY B 1194 28.57 -17.83 -22.16
C GLY B 1194 29.75 -16.89 -22.10
N HIS B 1195 29.54 -15.73 -21.48
CA HIS B 1195 30.46 -14.61 -21.56
C HIS B 1195 31.03 -14.21 -20.20
N PHE B 1196 30.19 -13.97 -19.20
CA PHE B 1196 30.59 -13.35 -17.94
C PHE B 1196 30.63 -14.41 -16.85
N TYR B 1197 31.83 -14.81 -16.44
CA TYR B 1197 32.03 -15.83 -15.41
C TYR B 1197 31.47 -17.20 -15.86
N GLU B 1198 31.24 -17.38 -17.16
CA GLU B 1198 30.60 -18.57 -17.71
C GLU B 1198 29.27 -18.80 -16.98
N PRO B 1199 28.23 -18.00 -17.26
CA PRO B 1199 26.99 -18.11 -16.49
C PRO B 1199 26.31 -19.46 -16.70
N GLN B 1200 25.26 -19.68 -15.92
CA GLN B 1200 24.51 -20.95 -15.91
C GLN B 1200 25.36 -22.11 -15.37
N ALA B 1201 26.54 -21.80 -14.85
CA ALA B 1201 27.51 -22.82 -14.43
C ALA B 1201 28.38 -22.21 -13.33
N PRO B 1202 28.13 -22.49 -12.04
CA PRO B 1202 28.96 -21.88 -11.00
C PRO B 1202 30.44 -22.23 -11.10
N SER B 1203 30.77 -23.33 -11.75
CA SER B 1203 32.09 -23.90 -11.98
C SER B 1203 32.62 -24.62 -10.73
N ALA B 1204 31.98 -24.45 -9.57
CA ALA B 1204 31.96 -25.39 -8.44
C ALA B 1204 33.30 -26.09 -8.16
N GLU B 1205 34.41 -25.37 -8.30
CA GLU B 1205 35.70 -26.03 -8.13
C GLU B 1205 36.01 -26.24 -6.66
N VAL B 1206 35.94 -25.18 -5.85
CA VAL B 1206 36.28 -25.32 -4.45
C VAL B 1206 35.23 -26.15 -3.72
N GLU B 1207 34.00 -26.25 -4.24
CA GLU B 1207 33.05 -27.19 -3.65
C GLU B 1207 33.34 -28.61 -4.13
N MET B 1208 33.56 -28.80 -5.43
CA MET B 1208 33.81 -30.16 -5.89
C MET B 1208 35.18 -30.63 -5.45
N THR B 1209 36.22 -29.79 -5.65
CA THR B 1209 37.56 -30.16 -5.24
C THR B 1209 37.63 -30.39 -3.75
N SER B 1210 36.81 -29.67 -2.98
CA SER B 1210 36.64 -30.05 -1.59
C SER B 1210 35.97 -31.41 -1.50
N TYR B 1211 34.93 -31.61 -2.31
CA TYR B 1211 34.27 -32.91 -2.32
C TYR B 1211 35.18 -33.94 -2.95
N VAL B 1212 36.18 -33.51 -3.71
CA VAL B 1212 37.28 -34.40 -4.06
C VAL B 1212 38.19 -34.60 -2.85
N LEU B 1213 38.58 -33.49 -2.20
CA LEU B 1213 39.40 -33.54 -0.99
C LEU B 1213 38.75 -34.39 0.08
N LEU B 1214 37.43 -34.38 0.13
CA LEU B 1214 36.72 -34.91 1.29
C LEU B 1214 36.68 -36.42 1.36
N ALA B 1215 36.76 -37.10 0.22
CA ALA B 1215 36.69 -38.56 0.23
C ALA B 1215 37.86 -39.17 0.99
N TYR B 1216 39.03 -38.54 0.89
CA TYR B 1216 40.25 -39.20 1.35
C TYR B 1216 40.33 -39.23 2.87
N LEU B 1217 39.93 -38.14 3.55
CA LEU B 1217 40.11 -38.06 5.00
C LEU B 1217 39.22 -39.03 5.77
N THR B 1218 38.29 -39.73 5.11
CA THR B 1218 37.21 -40.40 5.79
C THR B 1218 37.58 -41.84 6.10
N ALA B 1219 37.59 -42.16 7.39
CA ALA B 1219 37.55 -43.53 7.87
C ALA B 1219 37.35 -43.44 9.37
N GLN B 1220 36.39 -44.22 9.87
CA GLN B 1220 35.92 -43.94 11.22
C GLN B 1220 37.02 -44.18 12.26
N PRO B 1221 37.98 -45.15 12.09
CA PRO B 1221 39.22 -45.01 12.85
C PRO B 1221 40.24 -44.07 12.22
N ALA B 1222 40.58 -44.31 10.95
CA ALA B 1222 41.64 -43.59 10.26
C ALA B 1222 41.77 -44.05 8.83
N PRO B 1223 42.04 -43.16 7.88
CA PRO B 1223 42.56 -43.61 6.58
C PRO B 1223 44.07 -43.80 6.59
N THR B 1224 44.60 -44.01 5.40
CA THR B 1224 46.03 -44.02 5.16
C THR B 1224 46.59 -42.61 5.28
N SER B 1225 47.92 -42.53 5.40
CA SER B 1225 48.57 -41.22 5.40
C SER B 1225 48.66 -40.64 3.99
N GLU B 1226 48.45 -41.48 2.97
CA GLU B 1226 48.29 -40.97 1.61
C GLU B 1226 47.15 -39.97 1.56
N ASP B 1227 46.09 -40.26 2.31
CA ASP B 1227 44.96 -39.35 2.40
C ASP B 1227 45.39 -38.00 2.96
N LEU B 1228 46.27 -38.01 3.97
CA LEU B 1228 46.73 -36.75 4.58
C LEU B 1228 47.64 -35.98 3.63
N THR B 1229 48.50 -36.69 2.90
CA THR B 1229 49.32 -36.06 1.86
C THR B 1229 48.47 -35.32 0.85
N SER B 1230 47.61 -36.07 0.14
CA SER B 1230 46.76 -35.47 -0.87
C SER B 1230 45.86 -34.40 -0.28
N ALA B 1231 45.49 -34.56 1.00
CA ALA B 1231 44.66 -33.58 1.66
C ALA B 1231 45.38 -32.24 1.79
N THR B 1232 46.62 -32.25 2.28
CA THR B 1232 47.30 -30.96 2.40
C THR B 1232 47.72 -30.44 1.03
N ASN B 1233 47.87 -31.32 0.03
CA ASN B 1233 48.04 -30.85 -1.34
C ASN B 1233 46.82 -30.04 -1.79
N ILE B 1234 45.67 -30.70 -1.82
CA ILE B 1234 44.45 -30.05 -2.28
C ILE B 1234 44.05 -28.91 -1.37
N VAL B 1235 44.55 -28.85 -0.13
CA VAL B 1235 44.22 -27.73 0.74
C VAL B 1235 45.20 -26.56 0.58
N LYS B 1236 46.45 -26.82 0.21
CA LYS B 1236 47.27 -25.76 -0.35
C LYS B 1236 46.51 -25.10 -1.50
N TRP B 1237 45.92 -25.93 -2.35
CA TRP B 1237 45.10 -25.39 -3.44
C TRP B 1237 43.89 -24.63 -2.89
N ILE B 1238 43.25 -25.15 -1.83
CA ILE B 1238 42.10 -24.47 -1.23
C ILE B 1238 42.50 -23.07 -0.81
N THR B 1239 43.45 -22.98 0.11
CA THR B 1239 43.82 -21.69 0.68
C THR B 1239 44.37 -20.75 -0.37
N LYS B 1240 44.98 -21.28 -1.44
CA LYS B 1240 45.40 -20.39 -2.52
C LYS B 1240 44.20 -19.92 -3.34
N GLN B 1241 43.14 -20.71 -3.40
CA GLN B 1241 41.94 -20.34 -4.14
C GLN B 1241 41.00 -19.46 -3.35
N GLN B 1242 41.39 -19.04 -2.14
CA GLN B 1242 40.61 -18.13 -1.33
C GLN B 1242 41.05 -16.69 -1.60
N ASN B 1243 40.17 -15.76 -1.26
CA ASN B 1243 40.39 -14.34 -1.53
C ASN B 1243 40.12 -13.52 -0.28
N ALA B 1244 40.58 -12.26 -0.32
CA ALA B 1244 40.85 -11.48 0.89
C ALA B 1244 39.63 -11.25 1.77
N GLN B 1245 38.41 -11.45 1.25
CA GLN B 1245 37.23 -11.09 2.03
C GLN B 1245 36.92 -12.16 3.08
N GLY B 1246 36.68 -13.37 2.63
CA GLY B 1246 36.18 -14.43 3.49
C GLY B 1246 35.35 -15.40 2.66
N GLY B 1247 35.33 -16.64 3.10
CA GLY B 1247 34.74 -17.67 2.31
C GLY B 1247 35.38 -17.78 0.94
N PHE B 1248 34.62 -18.32 0.02
CA PHE B 1248 35.02 -18.53 -1.37
C PHE B 1248 33.92 -17.99 -2.28
N SER B 1249 33.98 -18.33 -3.58
CA SER B 1249 33.09 -17.73 -4.58
C SER B 1249 31.65 -18.23 -4.49
N SER B 1250 31.26 -18.98 -3.47
CA SER B 1250 29.86 -19.28 -3.19
C SER B 1250 29.72 -19.44 -1.68
N THR B 1251 28.58 -20.02 -1.26
CA THR B 1251 28.37 -20.45 0.12
C THR B 1251 28.58 -21.95 0.27
N GLN B 1252 28.26 -22.72 -0.76
CA GLN B 1252 28.43 -24.16 -0.71
C GLN B 1252 29.90 -24.50 -0.58
N ASP B 1253 30.71 -23.98 -1.50
CA ASP B 1253 32.14 -24.24 -1.46
C ASP B 1253 32.75 -23.78 -0.14
N THR B 1254 32.27 -22.65 0.38
CA THR B 1254 32.84 -22.12 1.61
C THR B 1254 32.53 -23.03 2.79
N VAL B 1255 31.25 -23.37 2.95
CA VAL B 1255 30.81 -24.30 4.00
C VAL B 1255 31.62 -25.56 3.95
N VAL B 1256 31.61 -26.21 2.80
CA VAL B 1256 32.13 -27.55 2.74
C VAL B 1256 33.67 -27.54 2.77
N ALA B 1257 34.30 -26.50 2.22
CA ALA B 1257 35.74 -26.33 2.40
C ALA B 1257 36.08 -26.21 3.87
N LEU B 1258 35.40 -25.30 4.56
CA LEU B 1258 35.73 -25.06 5.95
C LEU B 1258 35.51 -26.31 6.78
N HIS B 1259 34.50 -27.10 6.45
CA HIS B 1259 34.25 -28.30 7.24
C HIS B 1259 35.28 -29.37 6.92
N ALA B 1260 35.63 -29.53 5.64
CA ALA B 1260 36.68 -30.47 5.26
C ALA B 1260 37.96 -30.15 6.00
N LEU B 1261 38.33 -28.89 5.98
CA LEU B 1261 39.52 -28.42 6.67
C LEU B 1261 39.39 -28.66 8.17
N SER B 1262 38.19 -28.45 8.71
CA SER B 1262 37.99 -28.54 10.15
C SER B 1262 38.18 -29.96 10.63
N LYS B 1263 37.74 -30.93 9.85
CA LYS B 1263 37.77 -32.30 10.31
C LYS B 1263 39.00 -33.05 9.85
N TYR B 1264 39.65 -32.59 8.77
CA TYR B 1264 41.08 -32.84 8.62
C TYR B 1264 41.77 -32.53 9.94
N GLY B 1265 41.50 -31.35 10.49
CA GLY B 1265 42.09 -31.00 11.77
C GLY B 1265 41.64 -31.92 12.88
N ALA B 1266 40.32 -32.16 12.98
CA ALA B 1266 39.77 -32.99 14.05
C ALA B 1266 40.40 -34.36 14.06
N ALA B 1267 40.84 -34.83 12.90
CA ALA B 1267 41.75 -35.97 12.84
C ALA B 1267 43.09 -35.61 13.44
N THR B 1268 43.74 -34.59 12.89
CA THR B 1268 45.14 -34.33 13.20
C THR B 1268 45.35 -33.55 14.49
N PHE B 1269 44.28 -33.01 15.08
CA PHE B 1269 44.40 -32.11 16.23
C PHE B 1269 43.77 -32.75 17.47
N THR B 1270 44.53 -32.71 18.56
CA THR B 1270 44.03 -32.96 19.90
C THR B 1270 44.79 -32.06 20.86
N ARG B 1271 44.13 -31.69 21.97
CA ARG B 1271 44.64 -30.65 22.90
C ARG B 1271 46.02 -31.07 23.43
N THR B 1272 46.09 -32.17 24.19
CA THR B 1272 47.34 -32.59 24.80
C THR B 1272 48.32 -33.15 23.77
N GLY B 1273 47.88 -33.44 22.56
CA GLY B 1273 48.79 -33.98 21.57
C GLY B 1273 49.50 -32.88 20.84
N LYS B 1274 50.67 -32.53 21.37
CA LYS B 1274 51.51 -31.48 20.86
C LYS B 1274 52.98 -31.85 21.01
N ALA B 1275 53.33 -33.08 20.63
CA ALA B 1275 54.62 -33.64 21.00
C ALA B 1275 55.30 -34.33 19.83
N ALA B 1276 54.92 -33.97 18.61
CA ALA B 1276 55.46 -34.64 17.43
C ALA B 1276 56.95 -34.39 17.31
N GLN B 1277 57.76 -35.39 17.65
CA GLN B 1277 59.19 -35.38 17.48
C GLN B 1277 59.58 -35.97 16.13
N VAL B 1278 60.80 -35.64 15.68
CA VAL B 1278 61.23 -35.86 14.31
C VAL B 1278 62.69 -36.24 14.28
N THR B 1279 63.06 -37.02 13.27
CA THR B 1279 64.41 -36.97 12.73
C THR B 1279 64.39 -37.32 11.25
N ILE B 1280 65.42 -36.86 10.58
CA ILE B 1280 65.88 -37.44 9.33
C ILE B 1280 66.91 -38.48 9.71
N GLN B 1281 67.20 -39.39 8.78
CA GLN B 1281 68.34 -40.27 8.95
C GLN B 1281 68.91 -40.61 7.59
N SER B 1282 69.89 -39.81 7.17
CA SER B 1282 70.69 -40.06 5.98
C SER B 1282 72.03 -40.62 6.40
N SER B 1283 72.57 -41.54 5.61
CA SER B 1283 73.78 -42.25 5.99
C SER B 1283 75.05 -41.42 5.83
N GLY B 1284 74.95 -40.23 5.24
CA GLY B 1284 76.12 -39.41 5.01
C GLY B 1284 76.42 -38.45 6.14
N THR B 1285 76.18 -38.90 7.39
CA THR B 1285 76.30 -38.09 8.61
C THR B 1285 75.64 -36.71 8.46
N PHE B 1286 74.58 -36.65 7.67
CA PHE B 1286 73.93 -35.40 7.31
C PHE B 1286 72.42 -35.65 7.41
N SER B 1287 71.88 -35.42 8.59
CA SER B 1287 70.46 -35.58 8.88
C SER B 1287 70.01 -34.41 9.75
N SER B 1288 68.82 -34.53 10.33
CA SER B 1288 68.24 -33.39 11.04
C SER B 1288 67.15 -33.89 11.98
N LYS B 1289 67.22 -33.47 13.24
CA LYS B 1289 66.16 -33.70 14.21
C LYS B 1289 65.28 -32.47 14.28
N PHE B 1290 63.98 -32.69 14.45
CA PHE B 1290 63.02 -31.62 14.63
C PHE B 1290 62.00 -32.02 15.67
N GLN B 1291 61.17 -31.06 16.03
CA GLN B 1291 60.10 -31.21 16.99
C GLN B 1291 59.01 -30.25 16.59
N VAL B 1292 57.77 -30.61 16.90
CA VAL B 1292 56.63 -29.77 16.59
C VAL B 1292 55.62 -29.93 17.72
N ASP B 1293 54.96 -28.83 18.07
CA ASP B 1293 54.18 -28.74 19.30
C ASP B 1293 53.00 -27.82 19.04
N ASN B 1294 52.40 -27.31 20.12
CA ASN B 1294 51.25 -26.42 20.06
C ASN B 1294 51.64 -24.96 20.02
N ASN B 1295 52.85 -24.62 20.44
CA ASN B 1295 53.26 -23.24 20.67
C ASN B 1295 54.53 -22.87 19.91
N ASN B 1296 55.29 -23.87 19.45
CA ASN B 1296 56.16 -23.74 18.28
C ASN B 1296 55.46 -24.27 17.06
N ARG B 1297 54.15 -24.00 16.98
CA ARG B 1297 53.16 -24.87 16.30
C ARG B 1297 53.33 -24.81 14.78
N LEU B 1298 53.94 -23.75 14.26
CA LEU B 1298 54.04 -23.59 12.79
C LEU B 1298 55.17 -22.61 12.45
N LEU B 1299 56.42 -23.02 12.64
CA LEU B 1299 57.52 -22.37 11.94
C LEU B 1299 58.00 -23.23 10.77
N LEU B 1300 57.97 -22.63 9.59
CA LEU B 1300 58.57 -23.20 8.38
C LEU B 1300 60.07 -23.34 8.62
N GLN B 1301 60.61 -24.52 8.33
CA GLN B 1301 62.04 -24.77 8.46
C GLN B 1301 62.64 -24.95 7.07
N GLN B 1302 63.00 -23.83 6.43
CA GLN B 1302 63.57 -23.85 5.09
C GLN B 1302 64.98 -24.44 5.15
N VAL B 1303 65.15 -25.63 4.58
CA VAL B 1303 66.36 -26.43 4.79
C VAL B 1303 66.71 -27.14 3.49
N SER B 1304 67.98 -27.04 3.10
CA SER B 1304 68.48 -27.61 1.86
C SER B 1304 69.53 -28.68 2.11
N LEU B 1305 69.95 -29.32 1.02
CA LEU B 1305 70.68 -30.58 1.06
C LEU B 1305 71.86 -30.54 0.10
N PRO B 1306 73.05 -31.12 0.47
CA PRO B 1306 74.21 -31.03 -0.43
C PRO B 1306 74.29 -32.14 -1.47
N GLU B 1307 73.74 -33.31 -1.14
CA GLU B 1307 73.86 -34.46 -2.02
C GLU B 1307 73.04 -34.26 -3.29
N LEU B 1308 73.57 -34.74 -4.41
CA LEU B 1308 72.83 -34.75 -5.67
C LEU B 1308 71.55 -35.55 -5.50
N PRO B 1309 71.60 -36.78 -5.01
CA PRO B 1309 70.37 -37.49 -4.68
C PRO B 1309 69.90 -37.17 -3.27
N GLY B 1310 68.61 -37.36 -3.04
CA GLY B 1310 68.05 -37.28 -1.70
C GLY B 1310 67.67 -38.62 -1.13
N GLU B 1311 68.53 -39.12 -0.25
CA GLU B 1311 68.41 -40.43 0.37
C GLU B 1311 68.23 -40.27 1.85
N TYR B 1312 67.33 -39.37 2.21
CA TYR B 1312 67.22 -38.86 3.57
C TYR B 1312 66.01 -39.51 4.24
N SER B 1313 66.28 -40.48 5.11
CA SER B 1313 65.22 -41.30 5.67
C SER B 1313 64.54 -40.56 6.81
N MET B 1314 63.25 -40.35 6.66
CA MET B 1314 62.45 -39.62 7.63
C MET B 1314 62.35 -40.39 8.94
N LYS B 1315 61.93 -39.67 9.98
CA LYS B 1315 61.27 -40.31 11.10
C LYS B 1315 60.43 -39.31 11.87
N VAL B 1316 59.26 -39.76 12.34
CA VAL B 1316 58.30 -38.89 13.01
C VAL B 1316 57.70 -39.66 14.18
N THR B 1317 57.85 -39.12 15.38
CA THR B 1317 57.24 -39.70 16.56
C THR B 1317 56.56 -38.59 17.36
N GLY B 1318 55.59 -38.98 18.18
CA GLY B 1318 54.91 -38.07 19.08
C GLY B 1318 53.42 -37.91 18.82
N GLU B 1319 52.94 -36.67 18.81
CA GLU B 1319 51.51 -36.38 18.76
C GLU B 1319 51.24 -35.19 17.85
N GLY B 1320 50.24 -35.35 16.98
CA GLY B 1320 49.84 -34.32 16.05
C GLY B 1320 50.53 -34.45 14.69
N CYS B 1321 49.80 -34.15 13.61
CA CYS B 1321 50.33 -34.34 12.28
C CYS B 1321 51.04 -33.08 11.78
N VAL B 1322 51.81 -33.25 10.70
CA VAL B 1322 52.70 -32.21 10.19
C VAL B 1322 52.57 -32.17 8.69
N TYR B 1323 52.90 -31.03 8.09
CA TYR B 1323 52.97 -30.89 6.63
C TYR B 1323 54.38 -30.53 6.20
N LEU B 1324 54.97 -31.39 5.37
CA LEU B 1324 56.26 -31.12 4.76
C LEU B 1324 56.08 -31.07 3.26
N GLN B 1325 56.98 -30.38 2.59
CA GLN B 1325 56.93 -30.19 1.16
C GLN B 1325 58.36 -30.14 0.66
N THR B 1326 58.73 -31.13 -0.13
CA THR B 1326 60.09 -31.28 -0.59
C THR B 1326 60.14 -31.10 -2.09
N SER B 1327 61.22 -30.50 -2.55
CA SER B 1327 61.42 -30.39 -3.98
C SER B 1327 62.83 -29.94 -4.27
N LEU B 1328 63.14 -29.97 -5.55
CA LEU B 1328 64.47 -29.65 -6.06
C LEU B 1328 64.36 -28.56 -7.11
N LYS B 1329 65.49 -27.87 -7.32
CA LYS B 1329 65.77 -27.20 -8.57
C LYS B 1329 67.11 -27.69 -9.07
N TYR B 1330 67.15 -28.13 -10.32
CA TYR B 1330 68.39 -28.55 -10.94
C TYR B 1330 68.29 -28.32 -12.44
N ASN B 1331 69.38 -27.84 -13.02
CA ASN B 1331 69.44 -27.47 -14.43
C ASN B 1331 69.58 -28.69 -15.32
N ILE B 1332 69.29 -28.49 -16.61
CA ILE B 1332 69.25 -29.56 -17.61
C ILE B 1332 69.94 -29.11 -18.89
N LEU B 1333 69.76 -29.89 -19.97
CA LEU B 1333 70.17 -29.53 -21.32
C LEU B 1333 71.69 -29.44 -21.51
N PRO B 1334 72.41 -30.57 -21.47
CA PRO B 1334 73.82 -30.52 -21.89
C PRO B 1334 74.03 -30.13 -23.36
N GLU B 1335 73.50 -30.91 -24.32
CA GLU B 1335 73.68 -30.61 -25.74
C GLU B 1335 72.37 -30.43 -26.50
N LYS B 1336 71.52 -31.46 -26.57
CA LYS B 1336 70.35 -31.49 -27.45
C LYS B 1336 70.68 -31.01 -28.86
N GLU B 1337 71.51 -31.78 -29.55
CA GLU B 1337 71.83 -31.51 -30.94
C GLU B 1337 70.56 -31.56 -31.79
N LYS C 28 -5.44 63.04 12.26
CA LYS C 28 -5.52 62.40 10.96
C LYS C 28 -6.98 62.27 10.52
N PRO C 29 -7.24 61.87 9.25
CA PRO C 29 -8.63 61.92 8.75
C PRO C 29 -9.42 60.64 8.88
N GLN C 30 -10.73 60.69 8.58
CA GLN C 30 -11.58 59.51 8.58
C GLN C 30 -12.69 59.62 7.54
N TYR C 31 -13.25 58.46 7.20
CA TYR C 31 -14.42 58.31 6.35
C TYR C 31 -14.92 56.88 6.49
N MET C 32 -16.25 56.70 6.43
CA MET C 32 -16.81 55.37 6.67
C MET C 32 -18.18 55.30 6.01
N VAL C 33 -18.25 54.70 4.83
CA VAL C 33 -19.50 54.55 4.07
C VAL C 33 -20.00 53.14 4.27
N LEU C 34 -21.32 52.99 4.38
CA LEU C 34 -21.92 51.75 4.84
C LEU C 34 -23.01 51.36 3.86
N VAL C 35 -22.75 50.28 3.11
CA VAL C 35 -23.53 49.93 1.94
C VAL C 35 -23.98 48.47 2.03
N PRO C 36 -25.24 48.18 2.37
CA PRO C 36 -25.66 46.79 2.42
C PRO C 36 -25.56 46.16 1.05
N SER C 37 -24.86 45.02 0.99
CA SER C 37 -24.33 44.49 -0.27
C SER C 37 -25.40 43.91 -1.20
N LEU C 38 -26.66 43.96 -0.82
CA LEU C 38 -27.77 43.52 -1.65
C LEU C 38 -28.81 44.64 -1.65
N LEU C 39 -28.67 45.57 -2.60
CA LEU C 39 -29.61 46.67 -2.80
C LEU C 39 -30.96 46.12 -3.27
N HIS C 40 -31.92 47.04 -3.45
CA HIS C 40 -33.30 46.72 -3.80
C HIS C 40 -33.76 47.62 -4.96
N THR C 41 -35.02 47.45 -5.39
CA THR C 41 -35.62 48.20 -6.49
C THR C 41 -36.66 49.19 -5.98
N GLU C 42 -36.45 50.47 -6.25
CA GLU C 42 -37.39 51.57 -6.02
C GLU C 42 -37.63 51.86 -4.53
N THR C 43 -37.05 51.08 -3.60
CA THR C 43 -36.89 51.53 -2.23
C THR C 43 -35.57 52.26 -2.18
N THR C 44 -35.55 53.39 -1.48
CA THR C 44 -34.28 53.91 -1.06
C THR C 44 -33.71 52.94 -0.04
N GLU C 45 -32.56 52.37 -0.38
CA GLU C 45 -31.97 51.35 0.46
C GLU C 45 -31.27 52.07 1.60
N LYS C 46 -31.94 52.09 2.75
CA LYS C 46 -31.57 52.93 3.88
C LYS C 46 -30.16 52.57 4.31
N GLY C 47 -29.23 53.51 4.14
CA GLY C 47 -27.81 53.27 4.32
C GLY C 47 -27.13 54.54 4.76
N CYS C 48 -26.16 54.45 5.67
CA CYS C 48 -25.61 55.61 6.37
C CYS C 48 -24.11 55.70 6.14
N VAL C 49 -23.48 56.70 6.77
CA VAL C 49 -22.09 57.03 6.52
C VAL C 49 -21.59 57.95 7.62
N LEU C 50 -20.28 57.90 7.87
CA LEU C 50 -19.58 58.83 8.76
C LEU C 50 -18.54 59.59 7.97
N LEU C 51 -18.41 60.88 8.26
CA LEU C 51 -17.26 61.67 7.84
C LEU C 51 -16.76 62.50 9.02
N SER C 52 -15.51 62.98 8.89
CA SER C 52 -14.86 63.73 9.97
C SER C 52 -13.60 64.41 9.47
N TYR C 53 -12.99 65.27 10.29
CA TYR C 53 -11.55 65.47 10.19
C TYR C 53 -10.99 66.04 8.89
N LEU C 54 -10.70 67.36 8.89
CA LEU C 54 -10.06 68.04 7.72
C LEU C 54 -10.93 68.07 6.46
N ASN C 55 -10.72 69.07 5.59
CA ASN C 55 -11.43 69.08 4.29
C ASN C 55 -12.92 68.88 4.52
N GLU C 56 -13.54 69.69 5.37
CA GLU C 56 -14.98 69.50 5.74
C GLU C 56 -15.86 69.57 4.49
N THR C 57 -15.54 70.47 3.55
CA THR C 57 -16.35 70.63 2.32
C THR C 57 -15.90 69.54 1.33
N VAL C 58 -16.41 68.32 1.50
CA VAL C 58 -15.97 67.18 0.64
C VAL C 58 -17.13 66.75 -0.27
N THR C 59 -16.88 66.68 -1.59
CA THR C 59 -17.89 66.25 -2.54
C THR C 59 -17.67 64.77 -2.81
N VAL C 60 -18.74 63.98 -2.76
CA VAL C 60 -18.66 62.54 -2.94
C VAL C 60 -19.72 62.10 -3.95
N SER C 61 -19.37 61.10 -4.76
CA SER C 61 -20.17 60.66 -5.90
C SER C 61 -20.30 59.14 -5.94
N ALA C 62 -21.32 58.61 -5.28
CA ALA C 62 -21.56 57.16 -5.25
C ALA C 62 -22.14 56.74 -6.60
N SER C 63 -21.27 56.47 -7.55
CA SER C 63 -21.68 56.06 -8.89
C SER C 63 -21.79 54.53 -8.93
N LEU C 64 -23.02 54.03 -9.12
CA LEU C 64 -23.25 52.60 -9.36
C LEU C 64 -23.52 52.43 -10.85
N GLU C 65 -22.42 52.37 -11.61
CA GLU C 65 -22.42 52.05 -13.03
C GLU C 65 -22.16 50.55 -13.16
N SER C 66 -23.18 49.79 -13.58
CA SER C 66 -23.25 48.39 -13.20
C SER C 66 -22.30 47.51 -14.01
N VAL C 67 -22.49 46.19 -13.88
CA VAL C 67 -21.50 45.23 -14.35
C VAL C 67 -21.36 45.26 -15.87
N ARG C 68 -22.41 44.90 -16.58
CA ARG C 68 -22.32 44.41 -17.95
C ARG C 68 -23.15 45.32 -18.85
N GLY C 69 -22.46 46.04 -19.74
CA GLY C 69 -23.07 47.05 -20.58
C GLY C 69 -22.56 48.43 -20.24
N ASN C 70 -23.51 49.36 -20.07
CA ASN C 70 -23.18 50.75 -19.65
C ASN C 70 -24.46 51.39 -19.12
N ARG C 71 -24.62 51.46 -17.80
CA ARG C 71 -25.83 52.09 -17.19
C ARG C 71 -25.37 52.76 -15.89
N SER C 72 -26.26 53.51 -15.21
CA SER C 72 -25.90 54.11 -13.94
C SER C 72 -27.12 54.46 -13.11
N LEU C 73 -27.15 54.01 -11.86
CA LEU C 73 -27.97 54.64 -10.83
C LEU C 73 -27.12 55.63 -10.04
N PHE C 74 -26.49 56.51 -10.80
CA PHE C 74 -25.59 57.53 -10.28
C PHE C 74 -26.20 58.23 -9.08
N THR C 75 -25.53 58.10 -7.95
CA THR C 75 -26.06 58.46 -6.64
C THR C 75 -25.08 59.42 -6.00
N ASP C 76 -25.57 60.61 -5.64
CA ASP C 76 -24.73 61.72 -5.20
C ASP C 76 -24.96 61.96 -3.70
N LEU C 77 -23.98 62.61 -3.08
CA LEU C 77 -24.02 62.89 -1.65
C LEU C 77 -22.99 63.95 -1.34
N GLU C 78 -23.23 64.68 -0.26
CA GLU C 78 -22.27 65.63 0.30
C GLU C 78 -22.23 65.47 1.82
N ALA C 79 -21.06 65.74 2.38
CA ALA C 79 -20.80 65.43 3.78
C ALA C 79 -19.88 66.46 4.40
N GLU C 80 -19.82 66.44 5.74
CA GLU C 80 -18.88 67.26 6.50
C GLU C 80 -18.50 66.56 7.80
N ASN C 81 -17.92 67.30 8.75
CA ASN C 81 -17.46 66.69 9.99
C ASN C 81 -18.59 66.02 10.77
N ASP C 82 -18.33 64.76 11.14
CA ASP C 82 -19.12 63.97 12.08
C ASP C 82 -20.63 64.13 11.90
N VAL C 83 -21.06 64.18 10.66
CA VAL C 83 -22.47 64.20 10.30
C VAL C 83 -22.84 62.80 9.87
N LEU C 84 -23.79 62.20 10.58
CA LEU C 84 -24.28 60.85 10.27
C LEU C 84 -25.49 60.98 9.36
N HIS C 85 -25.31 61.74 8.29
CA HIS C 85 -26.35 61.91 7.31
C HIS C 85 -26.43 60.68 6.42
N CYS C 86 -27.66 60.24 6.17
CA CYS C 86 -27.93 59.07 5.37
C CYS C 86 -28.68 59.50 4.12
N VAL C 87 -28.09 59.20 2.96
CA VAL C 87 -28.56 59.72 1.68
C VAL C 87 -29.49 58.70 1.05
N ALA C 88 -30.45 59.20 0.25
CA ALA C 88 -31.55 58.39 -0.25
C ALA C 88 -31.59 58.41 -1.77
N PHE C 89 -31.17 57.32 -2.38
CA PHE C 89 -31.33 57.07 -3.80
C PHE C 89 -32.62 56.26 -3.99
N ALA C 90 -32.80 55.69 -5.18
CA ALA C 90 -33.72 54.59 -5.39
C ALA C 90 -33.28 53.89 -6.67
N VAL C 91 -34.07 52.90 -7.10
CA VAL C 91 -33.60 51.95 -8.11
C VAL C 91 -34.73 51.63 -9.08
N PRO C 92 -34.45 51.48 -10.40
CA PRO C 92 -35.54 51.50 -11.39
C PRO C 92 -36.07 50.13 -11.77
N LYS C 93 -36.96 50.09 -12.76
CA LYS C 93 -37.34 48.84 -13.41
C LYS C 93 -36.26 48.41 -14.40
N SER C 94 -36.01 47.11 -14.45
CA SER C 94 -35.11 46.52 -15.44
C SER C 94 -35.70 45.20 -15.92
N SER C 95 -35.64 44.99 -17.23
CA SER C 95 -36.32 43.85 -17.83
C SER C 95 -35.70 42.53 -17.41
N SER C 96 -34.42 42.33 -17.73
CA SER C 96 -33.75 41.09 -17.38
C SER C 96 -33.77 40.88 -15.89
N ASN C 97 -34.11 39.66 -15.49
CA ASN C 97 -34.46 39.40 -14.11
C ASN C 97 -33.27 39.32 -13.16
N GLU C 98 -32.05 39.67 -13.60
CA GLU C 98 -30.92 39.69 -12.69
C GLU C 98 -29.72 40.35 -13.36
N GLU C 99 -28.90 41.01 -12.55
CA GLU C 99 -27.58 41.47 -12.92
C GLU C 99 -26.82 41.71 -11.62
N VAL C 100 -25.67 42.37 -11.71
CA VAL C 100 -24.97 42.92 -10.56
C VAL C 100 -24.39 44.25 -11.00
N MET C 101 -23.66 44.93 -10.11
CA MET C 101 -23.30 46.32 -10.36
C MET C 101 -21.99 46.71 -9.69
N PHE C 102 -20.93 46.95 -10.48
CA PHE C 102 -19.80 47.72 -9.99
C PHE C 102 -20.29 48.96 -9.26
N LEU C 103 -19.61 49.32 -8.17
CA LEU C 103 -19.85 50.56 -7.47
C LEU C 103 -18.59 51.42 -7.43
N THR C 104 -18.78 52.72 -7.20
CA THR C 104 -17.67 53.67 -7.25
C THR C 104 -18.03 54.94 -6.48
N VAL C 105 -17.04 55.47 -5.75
CA VAL C 105 -17.15 56.72 -5.02
C VAL C 105 -15.92 57.57 -5.33
N GLN C 106 -16.02 58.85 -4.99
CA GLN C 106 -14.91 59.77 -5.21
C GLN C 106 -14.98 60.92 -4.20
N VAL C 107 -14.22 60.80 -3.11
CA VAL C 107 -14.07 61.87 -2.12
C VAL C 107 -13.29 63.00 -2.79
N LYS C 108 -14.03 64.01 -3.24
CA LYS C 108 -13.37 65.04 -4.08
C LYS C 108 -13.26 66.39 -3.39
N GLY C 109 -12.98 66.39 -2.09
CA GLY C 109 -12.68 67.69 -1.47
C GLY C 109 -11.43 68.14 -2.19
N PRO C 110 -11.21 69.43 -2.51
CA PRO C 110 -10.06 69.82 -3.30
C PRO C 110 -8.82 69.30 -2.56
N THR C 111 -8.89 69.11 -1.24
CA THR C 111 -7.71 68.69 -0.45
C THR C 111 -7.82 67.23 0.04
N GLN C 112 -8.97 66.58 -0.12
CA GLN C 112 -9.17 65.19 0.41
C GLN C 112 -9.19 64.18 -0.74
N GLU C 113 -8.91 62.90 -0.48
CA GLU C 113 -8.82 61.90 -1.59
C GLU C 113 -9.19 60.46 -1.22
N PHE C 114 -10.21 59.88 -1.88
CA PHE C 114 -10.56 58.47 -1.78
C PHE C 114 -11.48 58.09 -2.93
N LYS C 115 -11.42 56.81 -3.34
CA LYS C 115 -12.24 56.28 -4.42
C LYS C 115 -12.18 54.75 -4.42
N LYS C 116 -13.32 54.07 -4.46
CA LYS C 116 -13.37 52.68 -4.03
C LYS C 116 -14.60 51.96 -4.61
N ARG C 117 -14.49 50.65 -4.78
CA ARG C 117 -15.46 49.89 -5.63
C ARG C 117 -16.05 48.67 -4.87
N THR C 118 -17.33 48.39 -5.08
CA THR C 118 -17.97 47.19 -4.46
C THR C 118 -19.15 46.75 -5.33
N THR C 119 -19.04 45.58 -5.97
CA THR C 119 -19.90 45.22 -7.08
C THR C 119 -21.27 44.91 -6.50
N VAL C 120 -22.14 45.90 -6.48
CA VAL C 120 -23.44 45.78 -5.83
C VAL C 120 -24.32 44.84 -6.66
N MET C 121 -25.11 44.03 -5.95
CA MET C 121 -25.87 42.91 -6.51
C MET C 121 -27.36 43.22 -6.42
N VAL C 122 -28.08 43.07 -7.54
CA VAL C 122 -29.46 43.56 -7.66
C VAL C 122 -30.42 42.40 -7.36
N LYS C 123 -30.77 42.23 -6.08
CA LYS C 123 -31.94 41.42 -5.71
C LYS C 123 -33.17 42.27 -6.01
N ASN C 124 -33.46 42.39 -7.31
CA ASN C 124 -34.61 43.15 -7.73
C ASN C 124 -35.86 42.58 -7.11
N GLU C 125 -36.61 43.45 -6.45
CA GLU C 125 -37.52 42.99 -5.44
C GLU C 125 -38.62 42.17 -6.06
N ASP C 126 -39.38 41.55 -5.18
CA ASP C 126 -40.71 41.11 -5.50
C ASP C 126 -41.54 41.38 -4.28
N SER C 127 -42.75 40.89 -4.29
CA SER C 127 -43.66 41.04 -3.17
C SER C 127 -43.79 39.76 -2.40
N LEU C 128 -43.72 39.88 -1.08
CA LEU C 128 -44.24 38.82 -0.23
C LEU C 128 -45.74 38.91 -0.36
N VAL C 129 -46.25 38.11 -1.27
CA VAL C 129 -47.67 38.00 -1.52
C VAL C 129 -48.15 36.77 -0.80
N PHE C 130 -49.42 36.78 -0.47
CA PHE C 130 -49.86 35.88 0.57
C PHE C 130 -51.36 36.02 0.68
N VAL C 131 -52.02 34.93 1.03
CA VAL C 131 -53.46 34.88 1.02
C VAL C 131 -54.03 34.53 2.37
N GLN C 132 -55.22 35.09 2.61
CA GLN C 132 -56.15 34.65 3.63
C GLN C 132 -57.50 34.51 2.94
N THR C 133 -58.28 33.55 3.39
CA THR C 133 -59.52 33.17 2.72
C THR C 133 -60.59 32.98 3.77
N ASP C 134 -61.85 33.06 3.32
CA ASP C 134 -62.94 32.94 4.29
C ASP C 134 -63.02 31.55 4.89
N LYS C 135 -62.68 30.50 4.13
CA LYS C 135 -62.92 29.12 4.54
C LYS C 135 -61.75 28.24 4.10
N SER C 136 -61.57 27.12 4.81
CA SER C 136 -60.53 26.15 4.51
C SER C 136 -61.04 24.89 3.82
N ILE C 137 -62.29 24.48 4.08
CA ILE C 137 -62.96 23.41 3.34
C ILE C 137 -64.37 23.88 2.98
N TYR C 138 -64.95 23.25 1.94
CA TYR C 138 -66.18 23.76 1.32
C TYR C 138 -67.25 22.67 1.21
N LYS C 139 -68.50 23.10 1.21
CA LYS C 139 -69.59 22.22 0.78
C LYS C 139 -69.60 22.18 -0.75
N PRO C 140 -69.93 21.03 -1.35
CA PRO C 140 -69.75 20.91 -2.79
C PRO C 140 -70.71 21.82 -3.53
N GLY C 141 -70.18 22.93 -4.03
CA GLY C 141 -70.95 24.02 -4.54
C GLY C 141 -70.53 25.36 -3.98
N GLN C 142 -70.12 25.38 -2.70
CA GLN C 142 -69.69 26.65 -2.00
C GLN C 142 -68.62 27.41 -2.80
N THR C 143 -68.51 28.73 -2.58
CA THR C 143 -67.57 29.57 -3.38
C THR C 143 -66.34 29.94 -2.54
N VAL C 144 -65.16 29.91 -3.17
CA VAL C 144 -63.89 30.23 -2.55
C VAL C 144 -63.74 31.74 -2.56
N LYS C 145 -63.56 32.34 -1.38
CA LYS C 145 -63.24 33.76 -1.23
C LYS C 145 -61.83 33.88 -0.66
N PHE C 146 -60.96 34.61 -1.36
CA PHE C 146 -59.60 34.84 -0.90
C PHE C 146 -59.23 36.29 -1.09
N ARG C 147 -58.09 36.66 -0.50
CA ARG C 147 -57.49 37.98 -0.70
C ARG C 147 -55.98 37.82 -0.67
N VAL C 148 -55.30 38.21 -1.76
CA VAL C 148 -53.84 38.23 -1.85
C VAL C 148 -53.35 39.68 -1.99
N VAL C 149 -52.02 39.87 -1.87
CA VAL C 149 -51.37 41.17 -1.67
C VAL C 149 -50.17 41.32 -2.62
N SER C 150 -49.70 42.57 -2.80
CA SER C 150 -48.35 42.85 -3.26
C SER C 150 -47.72 43.87 -2.32
N MET C 151 -46.38 44.00 -2.37
CA MET C 151 -45.62 44.64 -1.27
C MET C 151 -44.20 45.01 -1.75
N ASP C 152 -43.39 45.57 -0.84
CA ASP C 152 -41.97 45.86 -1.07
C ASP C 152 -41.29 46.16 0.27
N GLU C 153 -40.03 46.65 0.23
CA GLU C 153 -39.16 46.76 1.40
C GLU C 153 -39.78 47.55 2.53
N ASN C 154 -39.94 48.83 2.32
CA ASN C 154 -40.71 49.62 3.23
C ASN C 154 -42.17 49.28 3.01
N PHE C 155 -42.89 49.08 4.10
CA PHE C 155 -44.14 48.34 4.03
C PHE C 155 -45.29 49.15 3.46
N HIS C 156 -44.98 50.25 2.78
CA HIS C 156 -45.90 50.96 1.90
C HIS C 156 -46.73 49.97 1.11
N PRO C 157 -48.03 49.97 1.24
CA PRO C 157 -48.84 49.27 0.25
C PRO C 157 -48.78 49.98 -1.10
N LEU C 158 -47.97 49.48 -2.03
CA LEU C 158 -47.97 49.92 -3.42
C LEU C 158 -48.84 48.97 -4.23
N ASN C 159 -49.45 49.54 -5.25
CA ASN C 159 -50.43 48.85 -6.07
C ASN C 159 -49.92 48.84 -7.50
N GLU C 160 -49.41 47.67 -7.92
CA GLU C 160 -48.84 47.48 -9.24
C GLU C 160 -49.51 46.26 -9.86
N LEU C 161 -48.97 45.79 -10.98
CA LEU C 161 -49.68 44.91 -11.91
C LEU C 161 -49.11 43.50 -11.88
N ILE C 162 -49.97 42.53 -11.61
CA ILE C 162 -49.57 41.15 -11.39
C ILE C 162 -50.01 40.33 -12.59
N PRO C 163 -49.08 39.67 -13.32
CA PRO C 163 -49.51 38.87 -14.48
C PRO C 163 -50.51 37.78 -14.18
N LEU C 164 -50.42 37.10 -13.04
CA LEU C 164 -51.23 35.91 -12.84
C LEU C 164 -51.58 35.69 -11.37
N VAL C 165 -52.86 35.38 -11.13
CA VAL C 165 -53.39 34.86 -9.88
C VAL C 165 -54.54 33.93 -10.26
N TYR C 166 -54.45 32.64 -9.87
CA TYR C 166 -55.41 31.64 -10.35
C TYR C 166 -55.46 30.44 -9.41
N ILE C 167 -56.51 29.62 -9.59
CA ILE C 167 -56.74 28.39 -8.83
C ILE C 167 -56.18 27.23 -9.63
N GLN C 168 -55.37 26.38 -9.00
CA GLN C 168 -54.96 25.11 -9.60
C GLN C 168 -55.77 24.00 -8.96
N ASP C 169 -56.40 23.18 -9.80
CA ASP C 169 -57.23 22.09 -9.32
C ASP C 169 -56.34 20.99 -8.75
N PRO C 170 -56.94 20.05 -8.01
CA PRO C 170 -56.22 18.80 -7.76
C PRO C 170 -55.93 18.09 -9.06
N LYS C 171 -56.80 18.28 -10.05
CA LYS C 171 -56.60 17.85 -11.42
C LYS C 171 -55.64 18.76 -12.20
N GLY C 172 -55.02 19.74 -11.55
CA GLY C 172 -54.10 20.64 -12.24
C GLY C 172 -54.73 21.35 -13.41
N ASN C 173 -55.78 22.13 -13.17
CA ASN C 173 -56.70 22.56 -14.20
C ASN C 173 -57.21 23.95 -13.88
N ARG C 174 -57.04 24.87 -14.82
CA ARG C 174 -57.54 26.23 -14.65
C ARG C 174 -59.05 26.22 -14.89
N ILE C 175 -59.79 25.65 -13.94
CA ILE C 175 -61.23 25.84 -13.88
C ILE C 175 -61.60 27.27 -13.54
N ALA C 176 -60.65 28.08 -13.08
CA ALA C 176 -60.86 29.49 -12.79
C ALA C 176 -59.50 30.18 -12.90
N GLN C 177 -59.54 31.50 -13.03
CA GLN C 177 -58.32 32.30 -13.13
C GLN C 177 -58.68 33.77 -13.17
N TRP C 178 -57.78 34.62 -12.68
CA TRP C 178 -58.00 36.06 -12.63
C TRP C 178 -56.66 36.70 -12.90
N GLN C 179 -56.43 37.03 -14.15
CA GLN C 179 -55.10 37.20 -14.69
C GLN C 179 -54.79 38.67 -14.97
N SER C 180 -53.50 38.95 -14.97
CA SER C 180 -52.91 40.21 -15.41
C SER C 180 -53.61 41.43 -14.83
N PHE C 181 -53.87 41.44 -13.52
CA PHE C 181 -54.59 42.52 -12.87
C PHE C 181 -53.64 43.42 -12.08
N GLN C 182 -54.25 44.42 -11.42
CA GLN C 182 -53.56 45.40 -10.61
C GLN C 182 -54.28 45.55 -9.28
N LEU C 183 -53.52 45.89 -8.23
CA LEU C 183 -54.09 46.24 -6.95
C LEU C 183 -54.59 47.68 -6.96
N GLU C 184 -55.37 48.04 -5.93
CA GLU C 184 -55.62 49.44 -5.60
C GLU C 184 -55.40 49.69 -4.11
N GLY C 185 -55.73 48.72 -3.28
CA GLY C 185 -55.55 48.82 -1.85
C GLY C 185 -54.36 48.03 -1.38
N GLY C 186 -53.69 47.32 -2.28
CA GLY C 186 -52.64 46.42 -1.89
C GLY C 186 -53.14 45.08 -1.44
N LEU C 187 -54.45 44.90 -1.24
CA LEU C 187 -55.05 43.58 -1.15
C LEU C 187 -56.33 43.63 -1.98
N LYS C 188 -56.34 42.89 -3.09
CA LYS C 188 -57.50 42.72 -3.94
C LYS C 188 -57.99 41.27 -3.84
N GLN C 189 -59.29 41.08 -4.06
CA GLN C 189 -59.92 39.78 -3.88
C GLN C 189 -60.50 39.27 -5.20
N PHE C 190 -60.64 37.95 -5.26
CA PHE C 190 -61.27 37.24 -6.36
C PHE C 190 -62.02 36.07 -5.75
N SER C 191 -62.74 35.30 -6.58
CA SER C 191 -63.59 34.27 -6.01
C SER C 191 -64.12 33.36 -7.11
N PHE C 192 -64.32 32.10 -6.74
CA PHE C 192 -64.76 31.04 -7.66
C PHE C 192 -65.80 30.11 -7.02
N PRO C 193 -66.96 29.88 -7.69
CA PRO C 193 -67.92 28.89 -7.19
C PRO C 193 -67.76 27.53 -7.84
N LEU C 194 -68.46 26.53 -7.32
CA LEU C 194 -68.33 25.15 -7.75
C LEU C 194 -69.65 24.63 -8.32
N SER C 195 -69.55 23.72 -9.30
CA SER C 195 -70.75 23.22 -10.00
C SER C 195 -71.46 22.17 -9.15
N SER C 196 -72.39 21.43 -9.76
CA SER C 196 -73.30 20.57 -9.00
C SER C 196 -72.56 19.40 -8.35
N GLU C 197 -72.02 18.48 -9.16
CA GLU C 197 -71.12 17.44 -8.67
C GLU C 197 -69.97 17.27 -9.65
N PRO C 198 -69.10 18.29 -9.77
CA PRO C 198 -67.86 18.15 -10.56
C PRO C 198 -66.81 17.34 -9.81
N PHE C 199 -65.56 17.44 -10.26
CA PHE C 199 -64.40 16.75 -9.69
C PHE C 199 -64.50 16.63 -8.17
N GLN C 200 -64.36 15.40 -7.67
CA GLN C 200 -64.28 15.17 -6.24
C GLN C 200 -62.82 15.26 -5.81
N GLY C 201 -62.47 16.38 -5.18
CA GLY C 201 -61.07 16.67 -4.88
C GLY C 201 -60.94 17.62 -3.70
N SER C 202 -59.77 18.27 -3.61
CA SER C 202 -59.46 19.39 -2.69
C SER C 202 -58.53 20.37 -3.42
N TYR C 203 -58.87 21.66 -3.47
CA TYR C 203 -58.11 22.63 -4.31
C TYR C 203 -56.66 22.92 -3.88
N LYS C 204 -55.96 23.53 -4.84
CA LYS C 204 -54.70 24.27 -4.75
C LYS C 204 -54.91 25.68 -5.28
N VAL C 205 -54.00 26.56 -4.89
CA VAL C 205 -53.92 27.90 -5.43
C VAL C 205 -52.46 28.26 -5.65
N VAL C 206 -52.21 28.98 -6.74
CA VAL C 206 -50.91 28.99 -7.39
C VAL C 206 -50.76 30.33 -8.07
N VAL C 207 -49.56 30.90 -8.01
CA VAL C 207 -49.32 32.20 -8.60
C VAL C 207 -47.96 32.21 -9.30
N GLN C 208 -47.65 33.39 -9.84
CA GLN C 208 -46.57 33.59 -10.79
C GLN C 208 -46.35 35.10 -10.90
N LYS C 209 -45.13 35.51 -11.23
CA LYS C 209 -44.81 36.91 -11.48
C LYS C 209 -43.89 37.03 -12.68
N LYS C 210 -44.05 38.14 -13.40
CA LYS C 210 -43.36 38.33 -14.68
C LYS C 210 -41.85 38.36 -14.54
N SER C 211 -41.33 38.42 -13.31
CA SER C 211 -39.89 38.37 -13.07
C SER C 211 -39.45 37.16 -12.27
N GLY C 212 -40.35 36.23 -11.95
CA GLY C 212 -40.00 34.83 -11.75
C GLY C 212 -40.39 34.19 -10.42
N GLY C 213 -40.22 34.84 -9.29
CA GLY C 213 -40.47 34.15 -8.02
C GLY C 213 -41.90 33.72 -7.78
N ARG C 214 -42.14 32.42 -7.67
CA ARG C 214 -43.48 31.86 -7.63
C ARG C 214 -43.96 31.69 -6.20
N THR C 215 -45.19 31.18 -6.07
CA THR C 215 -45.82 30.97 -4.79
C THR C 215 -47.14 30.26 -5.01
N GLU C 216 -47.48 29.38 -4.08
CA GLU C 216 -48.68 28.57 -4.22
C GLU C 216 -49.28 28.30 -2.86
N HIS C 217 -50.50 27.77 -2.89
CA HIS C 217 -51.46 27.94 -1.81
C HIS C 217 -52.57 26.89 -1.81
N PRO C 218 -52.46 25.82 -1.01
CA PRO C 218 -53.53 24.82 -0.96
C PRO C 218 -54.56 24.97 0.13
N PHE C 219 -55.60 24.16 0.03
CA PHE C 219 -56.72 24.12 0.96
C PHE C 219 -57.65 22.99 0.51
N THR C 220 -58.75 22.82 1.25
CA THR C 220 -59.53 21.60 1.21
C THR C 220 -60.90 21.73 0.55
N VAL C 221 -61.48 20.58 0.22
CA VAL C 221 -62.87 20.42 -0.19
C VAL C 221 -63.34 19.04 0.22
N GLU C 222 -64.60 18.91 0.64
CA GLU C 222 -65.20 17.59 0.84
C GLU C 222 -66.70 17.74 1.11
N GLU C 223 -67.34 16.59 1.31
CA GLU C 223 -68.69 16.52 1.88
C GLU C 223 -68.61 15.95 3.30
N PHE C 224 -69.24 16.63 4.27
CA PHE C 224 -69.01 16.28 5.67
C PHE C 224 -69.93 17.06 6.59
N VAL C 225 -70.06 16.56 7.83
CA VAL C 225 -70.73 17.25 8.93
C VAL C 225 -69.66 17.93 9.76
N LEU C 226 -70.06 18.94 10.53
CA LEU C 226 -69.14 19.83 11.22
C LEU C 226 -69.18 19.65 12.74
N PRO C 227 -68.05 19.77 13.45
CA PRO C 227 -68.10 19.79 14.92
C PRO C 227 -68.63 21.09 15.52
N LYS C 228 -68.95 21.02 16.81
CA LYS C 228 -69.41 22.15 17.61
C LYS C 228 -68.41 22.56 18.68
N PHE C 229 -67.25 21.92 18.74
CA PHE C 229 -66.45 22.00 19.96
C PHE C 229 -65.06 21.46 19.69
N GLU C 230 -64.05 22.24 20.07
CA GLU C 230 -62.66 21.82 19.96
C GLU C 230 -62.17 21.38 21.34
N VAL C 231 -62.40 20.11 21.67
CA VAL C 231 -61.66 19.53 22.78
C VAL C 231 -60.21 19.39 22.35
N GLN C 232 -59.32 20.01 23.12
CA GLN C 232 -57.92 20.13 22.79
C GLN C 232 -57.12 19.67 23.99
N VAL C 233 -56.66 18.42 23.96
CA VAL C 233 -56.08 17.77 25.12
C VAL C 233 -54.89 18.55 25.62
N THR C 234 -54.53 18.28 26.87
CA THR C 234 -53.58 19.08 27.63
C THR C 234 -52.59 18.08 28.25
N VAL C 235 -51.55 17.75 27.47
CA VAL C 235 -50.52 16.80 27.84
C VAL C 235 -49.33 17.38 27.08
N PRO C 236 -48.07 17.09 27.40
CA PRO C 236 -47.01 17.97 26.91
C PRO C 236 -46.75 17.81 25.43
N LYS C 237 -46.38 18.90 24.77
CA LYS C 237 -45.69 18.77 23.49
C LYS C 237 -44.36 18.07 23.73
N ILE C 238 -43.78 18.24 24.92
CA ILE C 238 -42.44 17.76 25.22
C ILE C 238 -42.46 17.10 26.59
N ILE C 239 -42.46 15.77 26.61
CA ILE C 239 -42.02 14.99 27.75
C ILE C 239 -40.58 14.59 27.44
N THR C 240 -39.89 14.00 28.42
CA THR C 240 -38.48 13.65 28.25
C THR C 240 -38.27 12.20 28.67
N ILE C 241 -37.00 11.81 28.81
CA ILE C 241 -36.62 10.40 28.87
C ILE C 241 -37.18 9.75 30.13
N LEU C 242 -36.71 10.21 31.29
CA LEU C 242 -37.00 9.54 32.56
C LEU C 242 -38.48 9.70 32.87
N GLU C 243 -39.25 8.66 32.62
CA GLU C 243 -40.68 8.65 32.89
C GLU C 243 -41.06 7.33 33.51
N GLU C 244 -42.03 7.37 34.42
CA GLU C 244 -42.60 6.18 35.01
C GLU C 244 -44.12 6.21 35.04
N GLU C 245 -44.73 7.40 34.98
CA GLU C 245 -46.17 7.57 34.81
C GLU C 245 -46.38 8.78 33.91
N MET C 246 -47.57 8.85 33.30
CA MET C 246 -47.91 9.97 32.43
C MET C 246 -49.30 10.46 32.80
N ASN C 247 -49.33 11.64 33.43
CA ASN C 247 -50.61 12.27 33.86
C ASN C 247 -51.28 12.87 32.61
N VAL C 248 -52.61 12.77 32.53
CA VAL C 248 -53.36 13.22 31.36
C VAL C 248 -54.62 13.91 31.82
N SER C 249 -55.02 14.95 31.07
CA SER C 249 -56.25 15.67 31.34
C SER C 249 -56.87 16.08 30.01
N VAL C 250 -58.19 16.22 30.00
CA VAL C 250 -58.89 16.59 28.79
C VAL C 250 -60.22 17.24 29.15
N CYS C 251 -60.47 18.40 28.55
CA CYS C 251 -61.81 18.99 28.50
C CYS C 251 -61.80 20.22 27.59
N GLY C 252 -62.81 20.32 26.75
CA GLY C 252 -62.83 21.32 25.70
C GLY C 252 -63.67 22.54 26.05
N LEU C 253 -63.27 23.68 25.48
CA LEU C 253 -64.17 24.81 25.43
C LEU C 253 -65.23 24.56 24.38
N TYR C 254 -66.49 24.48 24.83
CA TYR C 254 -67.64 24.16 24.00
C TYR C 254 -68.17 25.45 23.39
N THR C 255 -69.22 25.30 22.58
CA THR C 255 -70.02 26.43 22.16
C THR C 255 -70.34 27.29 23.38
N TYR C 256 -69.78 28.50 23.44
CA TYR C 256 -69.82 29.37 24.62
C TYR C 256 -69.08 28.76 25.81
N GLY C 257 -68.16 27.84 25.57
CA GLY C 257 -67.42 27.22 26.64
C GLY C 257 -68.23 26.35 27.57
N LYS C 258 -69.46 25.99 27.18
CA LYS C 258 -70.37 25.25 28.04
C LYS C 258 -69.90 23.82 28.20
N PRO C 259 -70.61 22.99 28.96
CA PRO C 259 -70.39 21.54 28.93
C PRO C 259 -71.32 20.79 27.98
N VAL C 260 -71.05 19.50 27.83
CA VAL C 260 -72.00 18.51 27.31
C VAL C 260 -71.41 17.13 27.62
N PRO C 261 -72.18 16.16 28.11
CA PRO C 261 -71.59 14.93 28.64
C PRO C 261 -71.49 13.81 27.60
N GLY C 262 -70.87 12.72 28.03
CA GLY C 262 -70.77 11.53 27.19
C GLY C 262 -69.81 10.51 27.78
N HIS C 263 -69.27 9.67 26.89
CA HIS C 263 -68.29 8.65 27.23
C HIS C 263 -67.01 8.90 26.43
N VAL C 264 -65.86 8.84 27.12
CA VAL C 264 -64.57 9.14 26.52
C VAL C 264 -63.77 7.85 26.43
N THR C 265 -62.96 7.72 25.37
CA THR C 265 -62.08 6.58 25.15
C THR C 265 -60.72 7.15 24.75
N VAL C 266 -59.84 7.30 25.73
CA VAL C 266 -58.52 7.87 25.50
C VAL C 266 -57.61 6.80 24.89
N SER C 267 -56.70 7.26 24.02
CA SER C 267 -55.86 6.38 23.20
C SER C 267 -54.40 6.58 23.58
N ILE C 268 -53.64 5.48 23.64
CA ILE C 268 -52.23 5.51 23.98
C ILE C 268 -51.52 4.41 23.20
N CYS C 269 -50.59 4.79 22.34
CA CYS C 269 -49.88 3.85 21.49
C CYS C 269 -48.56 4.49 21.08
N ARG C 270 -47.57 3.65 20.77
CA ARG C 270 -46.30 4.11 20.21
C ARG C 270 -46.24 3.81 18.71
N LYS C 271 -45.40 4.57 18.01
CA LYS C 271 -45.31 4.54 16.55
C LYS C 271 -43.98 3.91 16.12
N TYR C 272 -43.98 3.38 14.90
CA TYR C 272 -42.80 2.73 14.30
C TYR C 272 -42.45 1.48 15.10
N SER C 273 -43.44 0.61 15.24
CA SER C 273 -43.27 -0.57 16.08
C SER C 273 -42.29 -1.54 15.43
N ASP C 274 -42.14 -2.71 16.06
CA ASP C 274 -41.06 -3.62 15.73
C ASP C 274 -41.43 -4.59 14.62
N ALA C 275 -42.34 -4.21 13.72
CA ALA C 275 -42.96 -5.16 12.82
C ALA C 275 -42.35 -5.11 11.42
N SER C 276 -41.25 -5.86 11.26
CA SER C 276 -40.72 -6.27 9.97
C SER C 276 -39.98 -5.19 9.18
N ASP C 277 -40.07 -3.92 9.59
CA ASP C 277 -39.11 -2.83 9.35
C ASP C 277 -38.89 -2.41 7.89
N CYS C 278 -39.41 -3.15 6.91
CA CYS C 278 -39.44 -2.68 5.53
C CYS C 278 -40.82 -2.92 4.91
N HIS C 279 -41.52 -3.97 5.36
CA HIS C 279 -42.84 -4.35 4.88
C HIS C 279 -43.70 -4.51 6.13
N GLY C 280 -44.32 -3.41 6.55
CA GLY C 280 -45.02 -3.35 7.82
C GLY C 280 -46.16 -4.33 7.98
N GLU C 281 -46.25 -4.91 9.17
CA GLU C 281 -47.34 -5.80 9.57
C GLU C 281 -48.25 -5.19 10.62
N ASP C 282 -47.68 -4.78 11.75
CA ASP C 282 -48.41 -4.22 12.88
C ASP C 282 -47.66 -2.98 13.40
N SER C 283 -47.36 -2.03 12.51
CA SER C 283 -46.58 -0.85 12.88
C SER C 283 -47.18 -0.09 14.07
N GLN C 284 -48.47 -0.24 14.33
CA GLN C 284 -49.05 0.22 15.58
C GLN C 284 -48.55 -0.67 16.72
N ALA C 285 -48.08 -0.05 17.79
CA ALA C 285 -47.43 -0.78 18.88
C ALA C 285 -48.47 -1.45 19.75
N PHE C 286 -48.03 -1.98 20.89
CA PHE C 286 -48.93 -2.66 21.82
C PHE C 286 -49.79 -1.60 22.50
N CYS C 287 -51.01 -1.41 21.99
CA CYS C 287 -51.87 -0.33 22.43
C CYS C 287 -52.59 -0.68 23.72
N GLU C 288 -53.11 0.35 24.38
CA GLU C 288 -53.79 0.21 25.67
C GLU C 288 -55.12 0.95 25.62
N LYS C 289 -55.93 0.74 26.65
CA LYS C 289 -57.30 1.23 26.72
C LYS C 289 -57.52 1.93 28.06
N PHE C 290 -57.71 3.25 28.01
CA PHE C 290 -58.12 4.04 29.16
C PHE C 290 -59.44 4.72 28.81
N SER C 291 -60.54 4.01 29.04
CA SER C 291 -61.88 4.55 28.79
C SER C 291 -62.34 5.36 29.99
N GLY C 292 -63.24 6.31 29.74
CA GLY C 292 -63.80 7.12 30.80
C GLY C 292 -65.21 7.56 30.47
N GLN C 293 -65.90 7.99 31.52
CA GLN C 293 -67.23 8.57 31.41
C GLN C 293 -67.08 10.09 31.52
N LEU C 294 -67.24 10.79 30.40
CA LEU C 294 -67.20 12.25 30.43
C LEU C 294 -68.35 12.76 31.28
N ASN C 295 -68.04 13.21 32.50
CA ASN C 295 -69.07 13.61 33.43
C ASN C 295 -69.71 14.92 33.00
N SER C 296 -70.89 15.20 33.56
CA SER C 296 -71.59 16.44 33.23
C SER C 296 -70.81 17.65 33.73
N HIS C 297 -70.32 17.58 34.96
CA HIS C 297 -69.55 18.66 35.58
C HIS C 297 -68.09 18.27 35.68
N GLY C 298 -67.22 19.11 35.14
CA GLY C 298 -65.78 18.92 35.25
C GLY C 298 -65.17 18.26 34.03
N CYS C 299 -63.86 18.15 34.09
CA CYS C 299 -63.05 17.56 33.03
C CYS C 299 -62.84 16.07 33.29
N PHE C 300 -62.22 15.41 32.32
CA PHE C 300 -61.77 14.03 32.47
C PHE C 300 -60.27 14.00 32.64
N TYR C 301 -59.78 13.18 33.56
CA TYR C 301 -58.37 12.99 33.82
C TYR C 301 -58.01 11.52 33.62
N GLN C 302 -56.74 11.28 33.33
CA GLN C 302 -56.22 9.92 33.26
C GLN C 302 -54.74 9.94 33.62
N GLN C 303 -54.31 8.87 34.27
CA GLN C 303 -52.93 8.67 34.68
C GLN C 303 -52.50 7.34 34.10
N VAL C 304 -52.03 7.37 32.86
CA VAL C 304 -51.59 6.18 32.14
C VAL C 304 -50.17 5.86 32.53
N LYS C 305 -49.91 4.59 32.85
CA LYS C 305 -48.58 4.15 33.23
C LYS C 305 -47.66 4.13 32.02
N THR C 306 -46.35 4.06 32.28
CA THR C 306 -45.33 3.99 31.24
C THR C 306 -44.32 2.87 31.47
N LYS C 307 -44.40 2.17 32.60
CA LYS C 307 -43.37 1.21 32.99
C LYS C 307 -43.44 -0.07 32.16
N VAL C 308 -44.57 -0.29 31.46
CA VAL C 308 -44.68 -1.42 30.54
C VAL C 308 -44.55 -0.99 29.08
N PHE C 309 -44.46 0.32 28.82
CA PHE C 309 -44.68 0.83 27.47
C PHE C 309 -43.41 0.90 26.62
N GLN C 310 -42.35 0.18 26.99
CA GLN C 310 -41.13 0.09 26.19
C GLN C 310 -40.51 1.49 26.02
N LEU C 311 -40.06 2.03 27.15
CA LEU C 311 -39.46 3.36 27.19
C LEU C 311 -37.94 3.22 27.04
N LYS C 312 -37.48 3.24 25.78
CA LYS C 312 -36.07 3.10 25.47
C LYS C 312 -35.70 3.97 24.27
N ARG C 313 -34.46 3.83 23.81
CA ARG C 313 -33.96 4.63 22.70
C ARG C 313 -34.75 4.37 21.43
N LYS C 314 -34.69 3.15 20.92
CA LYS C 314 -35.27 2.83 19.61
C LYS C 314 -36.77 2.53 19.74
N GLU C 315 -37.47 3.43 20.40
CA GLU C 315 -38.88 3.72 20.20
C GLU C 315 -38.95 5.19 19.81
N TYR C 316 -39.85 5.50 18.90
CA TYR C 316 -39.68 6.71 18.10
C TYR C 316 -40.56 7.83 18.66
N GLU C 317 -40.61 8.95 17.95
CA GLU C 317 -41.30 10.13 18.43
C GLU C 317 -42.73 9.78 18.78
N MET C 318 -43.02 9.75 20.08
CA MET C 318 -44.16 9.08 20.66
C MET C 318 -45.43 9.87 20.36
N LYS C 319 -46.54 9.17 20.20
CA LYS C 319 -47.68 9.70 19.45
C LYS C 319 -49.00 9.46 20.16
N LEU C 320 -49.85 10.48 20.09
CA LEU C 320 -50.92 10.68 21.03
C LEU C 320 -52.17 11.13 20.29
N HIS C 321 -53.33 10.73 20.82
CA HIS C 321 -54.59 11.05 20.19
C HIS C 321 -55.67 11.09 21.25
N THR C 322 -56.91 11.34 20.83
CA THR C 322 -58.00 11.65 21.74
C THR C 322 -59.33 11.38 21.06
N GLU C 323 -60.15 10.54 21.69
CA GLU C 323 -61.37 10.04 21.08
C GLU C 323 -62.48 10.04 22.12
N ALA C 324 -63.53 10.82 21.85
CA ALA C 324 -64.66 10.98 22.75
C ALA C 324 -65.94 10.61 22.01
N GLN C 325 -66.79 9.81 22.67
CA GLN C 325 -68.08 9.38 22.13
C GLN C 325 -69.18 10.04 22.95
N ILE C 326 -69.75 11.12 22.43
CA ILE C 326 -70.83 11.82 23.11
C ILE C 326 -72.13 11.07 22.84
N GLN C 327 -72.83 10.72 23.92
CA GLN C 327 -74.08 10.01 23.79
C GLN C 327 -75.14 10.91 23.15
N GLU C 328 -76.13 10.26 22.55
CA GLU C 328 -77.35 10.83 21.97
C GLU C 328 -77.13 11.54 20.64
N GLU C 329 -75.87 11.79 20.23
CA GLU C 329 -75.59 12.29 18.88
C GLU C 329 -74.38 11.63 18.21
N GLY C 330 -73.42 11.09 18.95
CA GLY C 330 -72.37 10.26 18.37
C GLY C 330 -71.38 10.95 17.44
N THR C 331 -70.52 11.81 17.96
CA THR C 331 -69.55 12.55 17.16
C THR C 331 -68.15 11.96 17.30
N VAL C 332 -67.35 12.12 16.25
CA VAL C 332 -65.97 11.65 16.24
C VAL C 332 -65.14 12.49 15.28
N VAL C 333 -64.10 13.13 15.81
CA VAL C 333 -63.01 13.72 15.02
C VAL C 333 -61.76 13.61 15.88
N GLU C 334 -60.60 13.83 15.26
CA GLU C 334 -59.35 13.86 16.01
C GLU C 334 -58.29 14.61 15.19
N LEU C 335 -57.18 14.90 15.85
CA LEU C 335 -56.15 15.78 15.35
C LEU C 335 -54.86 15.01 15.12
N THR C 336 -53.89 15.68 14.51
CA THR C 336 -52.52 15.17 14.45
C THR C 336 -51.96 15.37 15.85
N GLY C 337 -52.31 14.42 16.73
CA GLY C 337 -52.46 14.63 18.18
C GLY C 337 -51.15 14.93 18.90
N ARG C 338 -50.82 16.21 19.04
CA ARG C 338 -49.56 16.68 19.61
C ARG C 338 -48.47 15.65 19.27
N GLN C 339 -48.50 15.23 18.00
CA GLN C 339 -47.97 13.91 17.56
C GLN C 339 -46.55 13.70 18.07
N SER C 340 -45.54 14.17 17.31
CA SER C 340 -44.14 13.85 17.60
C SER C 340 -43.67 14.81 18.69
N SER C 341 -42.74 14.34 19.53
CA SER C 341 -42.32 15.07 20.73
C SER C 341 -40.81 15.09 20.90
N GLU C 342 -40.33 16.02 21.74
CA GLU C 342 -38.90 16.25 21.97
C GLU C 342 -38.44 15.58 23.28
N ILE C 343 -38.56 14.25 23.34
CA ILE C 343 -37.78 13.48 24.33
C ILE C 343 -36.39 13.34 23.72
N THR C 344 -35.37 13.36 24.57
CA THR C 344 -34.00 13.54 24.11
C THR C 344 -33.03 12.66 24.89
N ARG C 345 -32.32 11.76 24.20
CA ARG C 345 -31.15 11.19 24.82
C ARG C 345 -30.10 12.26 25.05
N THR C 346 -30.11 13.34 24.27
CA THR C 346 -29.40 14.56 24.64
C THR C 346 -30.17 15.10 25.85
N ILE C 347 -29.91 14.48 27.00
CA ILE C 347 -30.82 14.48 28.14
C ILE C 347 -30.24 15.40 29.22
N THR C 348 -31.04 15.68 30.24
CA THR C 348 -30.63 16.55 31.34
C THR C 348 -30.30 17.95 30.80
N LYS C 349 -31.28 18.54 30.15
CA LYS C 349 -31.10 19.70 29.28
C LYS C 349 -30.75 20.92 30.13
N LEU C 350 -29.48 21.29 30.14
CA LEU C 350 -29.07 22.61 30.60
C LEU C 350 -28.87 23.50 29.38
N SER C 351 -28.38 24.71 29.58
CA SER C 351 -27.95 25.54 28.47
C SER C 351 -27.04 26.63 28.97
N PHE C 352 -26.56 27.43 28.04
CA PHE C 352 -26.15 28.80 28.30
C PHE C 352 -27.36 29.71 28.23
N VAL C 353 -27.21 30.91 28.79
CA VAL C 353 -28.11 32.01 28.43
C VAL C 353 -27.30 33.22 27.95
N LYS C 354 -26.53 33.84 28.83
CA LYS C 354 -25.77 35.04 28.51
C LYS C 354 -24.28 34.75 28.34
N VAL C 355 -23.90 33.83 27.47
CA VAL C 355 -22.51 33.47 27.28
C VAL C 355 -21.99 34.20 26.04
N ASP C 356 -20.85 34.88 26.17
CA ASP C 356 -20.27 35.61 25.06
C ASP C 356 -19.32 34.72 24.29
N SER C 357 -19.42 34.82 22.97
CA SER C 357 -18.53 34.08 22.10
C SER C 357 -17.21 34.79 21.86
N HIS C 358 -16.93 35.87 22.58
CA HIS C 358 -15.66 36.57 22.44
C HIS C 358 -15.20 37.08 23.80
N PHE C 359 -14.05 37.75 23.75
CA PHE C 359 -13.32 38.27 24.90
C PHE C 359 -12.15 39.02 24.30
N ARG C 360 -11.32 39.65 25.14
CA ARG C 360 -10.23 40.48 24.62
C ARG C 360 -9.13 40.61 25.67
N GLN C 361 -7.99 41.15 25.22
CA GLN C 361 -6.80 41.23 26.07
C GLN C 361 -7.01 42.16 27.24
N GLY C 362 -7.69 43.28 27.05
CA GLY C 362 -7.77 44.31 28.06
C GLY C 362 -9.06 44.23 28.84
N ILE C 363 -9.73 43.07 28.86
CA ILE C 363 -11.09 43.02 29.50
C ILE C 363 -11.45 41.60 29.95
N PRO C 364 -12.00 41.41 31.18
CA PRO C 364 -12.50 40.10 31.61
C PRO C 364 -13.97 39.98 31.15
N PHE C 365 -14.38 38.81 30.68
CA PHE C 365 -15.73 38.64 30.14
C PHE C 365 -16.53 37.74 31.08
N PHE C 366 -17.63 38.30 31.57
CA PHE C 366 -18.60 37.61 32.42
C PHE C 366 -19.86 37.32 31.65
N GLY C 367 -20.57 36.32 32.11
CA GLY C 367 -21.85 35.97 31.54
C GLY C 367 -22.47 34.90 32.40
N GLN C 368 -23.63 34.43 31.96
CA GLN C 368 -24.50 33.57 32.74
C GLN C 368 -24.81 32.32 31.95
N VAL C 369 -24.86 31.18 32.64
CA VAL C 369 -25.06 29.87 32.02
C VAL C 369 -26.17 29.14 32.76
N ARG C 370 -26.96 28.37 32.03
CA ARG C 370 -28.29 27.97 32.46
C ARG C 370 -28.32 26.50 32.86
N LEU C 371 -29.27 26.18 33.74
CA LEU C 371 -29.74 24.82 33.96
C LEU C 371 -31.24 24.73 33.74
N VAL C 372 -31.66 23.60 33.18
CA VAL C 372 -33.04 23.14 33.14
C VAL C 372 -32.96 21.63 33.34
N ASP C 373 -34.10 21.00 33.59
CA ASP C 373 -34.20 19.55 33.62
C ASP C 373 -35.25 19.18 32.57
N GLY C 374 -34.82 19.08 31.31
CA GLY C 374 -35.69 18.51 30.32
C GLY C 374 -36.93 19.33 30.12
N LYS C 375 -38.03 18.89 30.73
CA LYS C 375 -39.37 19.49 30.49
C LYS C 375 -39.49 20.99 30.79
N GLY C 376 -38.47 21.62 31.36
CA GLY C 376 -38.63 23.02 31.72
C GLY C 376 -38.59 23.11 33.23
N VAL C 377 -37.83 22.22 33.85
CA VAL C 377 -37.81 22.03 35.30
C VAL C 377 -36.40 22.37 35.77
N PRO C 378 -36.24 23.16 36.83
CA PRO C 378 -34.96 23.18 37.53
C PRO C 378 -35.00 22.24 38.72
N ILE C 379 -33.83 21.67 39.02
CA ILE C 379 -33.58 21.08 40.33
C ILE C 379 -32.54 22.03 40.92
N PRO C 380 -32.93 23.25 41.27
CA PRO C 380 -31.94 24.32 41.43
C PRO C 380 -31.04 24.09 42.63
N ASN C 381 -29.96 24.86 42.67
CA ASN C 381 -28.89 24.70 43.66
C ASN C 381 -28.33 23.29 43.61
N LYS C 382 -27.82 22.93 42.43
CA LYS C 382 -26.98 21.77 42.26
C LYS C 382 -25.66 22.26 41.73
N VAL C 383 -24.58 21.85 42.44
CA VAL C 383 -23.19 22.30 42.12
C VAL C 383 -22.83 22.02 40.67
N ILE C 384 -22.13 22.96 40.04
CA ILE C 384 -21.75 22.85 38.63
C ILE C 384 -20.35 23.42 38.47
N PHE C 385 -19.66 22.95 37.43
CA PHE C 385 -18.20 22.88 37.42
C PHE C 385 -17.64 23.74 36.30
N ILE C 386 -17.30 24.97 36.62
CA ILE C 386 -16.66 25.87 35.67
C ILE C 386 -15.30 25.30 35.29
N ARG C 387 -14.89 25.52 34.05
CA ARG C 387 -13.70 24.92 33.50
C ARG C 387 -12.93 25.93 32.69
N GLY C 388 -11.82 26.41 33.25
CA GLY C 388 -10.90 27.17 32.46
C GLY C 388 -9.93 26.26 31.75
N ASN C 389 -10.27 25.92 30.52
CA ASN C 389 -9.49 25.03 29.67
C ASN C 389 -8.63 25.92 28.80
N GLU C 390 -7.37 26.10 29.23
CA GLU C 390 -6.47 27.19 28.80
C GLU C 390 -6.99 28.55 29.23
N ALA C 391 -7.98 28.57 30.12
CA ALA C 391 -8.35 29.80 30.80
C ALA C 391 -7.63 29.93 32.13
N ASN C 392 -6.99 28.87 32.60
CA ASN C 392 -6.32 28.89 33.89
C ASN C 392 -7.33 29.18 34.99
N TYR C 393 -8.55 28.69 34.81
CA TYR C 393 -9.71 29.09 35.59
C TYR C 393 -10.58 27.87 35.91
N TYR C 394 -10.26 27.20 37.01
CA TYR C 394 -11.12 26.14 37.53
C TYR C 394 -11.98 26.75 38.63
N SER C 395 -13.27 26.90 38.35
CA SER C 395 -14.23 27.41 39.32
C SER C 395 -15.35 26.39 39.49
N ASN C 396 -16.30 26.77 40.37
CA ASN C 396 -17.48 25.91 40.67
C ASN C 396 -18.63 26.83 41.10
N ALA C 397 -19.87 26.52 40.72
CA ALA C 397 -21.03 27.33 41.04
C ALA C 397 -22.22 26.40 41.18
N THR C 398 -23.40 26.96 41.37
CA THR C 398 -24.59 26.14 41.60
C THR C 398 -25.83 26.91 41.22
N THR C 399 -26.83 26.16 40.77
CA THR C 399 -28.01 26.73 40.14
C THR C 399 -28.77 27.67 41.08
N ASP C 400 -29.19 28.81 40.54
CA ASP C 400 -30.21 29.61 41.18
C ASP C 400 -31.57 29.00 40.82
N GLU C 401 -32.66 29.70 41.14
CA GLU C 401 -33.98 29.15 40.81
C GLU C 401 -34.19 29.06 39.31
N HIS C 402 -33.61 29.98 38.55
CA HIS C 402 -33.63 29.92 37.09
C HIS C 402 -32.55 29.00 36.54
N GLY C 403 -31.79 28.33 37.39
CA GLY C 403 -30.74 27.45 36.94
C GLY C 403 -29.48 28.16 36.48
N LEU C 404 -29.13 29.27 37.13
CA LEU C 404 -28.15 30.21 36.61
C LEU C 404 -26.95 30.33 37.53
N VAL C 405 -25.77 30.42 36.92
CA VAL C 405 -24.57 30.90 37.59
C VAL C 405 -23.91 31.84 36.60
N GLN C 406 -23.01 32.66 37.10
CA GLN C 406 -22.55 33.83 36.38
C GLN C 406 -21.03 33.82 36.38
N PHE C 407 -20.45 33.30 35.30
CA PHE C 407 -19.01 33.21 35.21
C PHE C 407 -18.42 34.61 35.12
N SER C 408 -17.08 34.65 35.08
CA SER C 408 -16.31 35.91 34.91
C SER C 408 -14.86 35.49 34.74
N ILE C 409 -14.28 35.64 33.54
CA ILE C 409 -12.92 35.11 33.31
C ILE C 409 -11.93 36.24 32.99
N ASN C 410 -10.85 36.36 33.78
CA ASN C 410 -9.79 37.36 33.47
C ASN C 410 -9.07 36.91 32.20
N THR C 411 -8.72 37.84 31.31
CA THR C 411 -8.13 37.43 30.01
C THR C 411 -6.72 37.99 29.82
N THR C 412 -5.73 37.13 29.53
CA THR C 412 -4.31 37.53 29.28
C THR C 412 -3.52 36.22 29.27
N ASN C 413 -3.62 35.41 28.20
CA ASN C 413 -3.02 34.09 28.19
C ASN C 413 -3.01 33.60 26.74
N VAL C 414 -2.82 32.30 26.54
CA VAL C 414 -2.80 31.72 25.19
C VAL C 414 -4.08 32.09 24.42
N MET C 415 -3.97 32.03 23.08
CA MET C 415 -4.93 32.70 22.21
C MET C 415 -6.34 32.17 22.37
N GLY C 416 -6.54 30.89 22.10
CA GLY C 416 -7.85 30.31 22.15
C GLY C 416 -8.25 29.97 23.56
N THR C 417 -9.51 29.57 23.71
CA THR C 417 -10.04 29.27 25.02
C THR C 417 -11.37 28.56 24.86
N SER C 418 -11.50 27.41 25.51
CA SER C 418 -12.67 26.57 25.42
C SER C 418 -13.31 26.48 26.79
N LEU C 419 -14.61 26.72 26.82
CA LEU C 419 -15.39 26.78 28.03
C LEU C 419 -16.47 25.73 27.99
N THR C 420 -16.56 24.93 29.06
CA THR C 420 -17.72 24.07 29.28
C THR C 420 -17.91 23.92 30.79
N VAL C 421 -19.15 24.02 31.23
CA VAL C 421 -19.48 23.88 32.65
C VAL C 421 -20.26 22.59 32.83
N ARG C 422 -19.97 21.90 33.92
CA ARG C 422 -20.41 20.52 34.05
C ARG C 422 -20.93 20.26 35.45
N VAL C 423 -21.85 19.31 35.53
CA VAL C 423 -22.24 18.70 36.79
C VAL C 423 -21.87 17.24 36.84
N ASN C 424 -21.83 16.56 35.70
CA ASN C 424 -21.60 15.15 35.61
C ASN C 424 -20.40 14.93 34.70
N TYR C 425 -19.69 13.83 34.93
CA TYR C 425 -18.31 13.69 34.50
C TYR C 425 -18.26 13.35 33.01
N LYS C 426 -17.04 13.35 32.47
CA LYS C 426 -16.81 13.15 31.05
C LYS C 426 -16.86 11.64 30.77
N ASP C 427 -18.02 11.21 30.26
CA ASP C 427 -18.23 9.84 29.82
C ASP C 427 -18.01 8.87 30.99
N ARG C 428 -18.88 8.96 31.99
CA ARG C 428 -18.70 8.26 33.26
C ARG C 428 -18.53 6.76 33.06
N SER C 429 -17.92 6.11 34.06
CA SER C 429 -17.61 4.69 33.92
C SER C 429 -18.84 3.80 34.05
N PRO C 430 -19.63 3.84 35.12
CA PRO C 430 -20.95 3.20 35.06
C PRO C 430 -21.86 4.02 34.17
N CYS C 431 -22.66 3.34 33.36
CA CYS C 431 -23.40 3.98 32.27
C CYS C 431 -22.42 4.72 31.35
N TYR C 432 -21.54 3.95 30.71
CA TYR C 432 -20.67 4.53 29.70
C TYR C 432 -21.46 4.86 28.45
N GLY C 433 -22.33 3.95 28.01
CA GLY C 433 -23.27 4.23 26.97
C GLY C 433 -22.82 3.93 25.56
N TYR C 434 -22.06 2.85 25.37
CA TYR C 434 -21.34 2.68 24.11
C TYR C 434 -22.15 1.89 23.09
N GLN C 435 -23.48 2.00 23.18
CA GLN C 435 -24.43 1.22 22.37
C GLN C 435 -25.83 1.83 22.45
N TRP C 436 -26.84 1.09 21.97
CA TRP C 436 -28.20 1.54 21.65
C TRP C 436 -28.94 2.34 22.72
N VAL C 437 -28.45 2.42 23.96
CA VAL C 437 -29.20 3.11 25.02
C VAL C 437 -29.36 4.60 24.69
N SER C 438 -30.47 5.18 25.15
CA SER C 438 -30.74 6.61 25.09
C SER C 438 -30.44 7.27 26.44
N GLU C 439 -29.24 7.83 26.58
CA GLU C 439 -28.98 8.84 27.61
C GLU C 439 -27.66 9.53 27.25
N GLU C 440 -27.73 10.83 26.97
CA GLU C 440 -26.57 11.67 26.71
C GLU C 440 -26.77 12.98 27.46
N HIS C 441 -26.06 13.13 28.56
CA HIS C 441 -26.26 14.28 29.42
C HIS C 441 -25.68 15.51 28.71
N GLU C 442 -26.25 16.67 29.02
CA GLU C 442 -25.93 17.89 28.29
C GLU C 442 -24.47 18.27 28.49
N GLU C 443 -23.85 18.73 27.42
CA GLU C 443 -22.56 19.42 27.48
C GLU C 443 -22.66 20.66 26.60
N ALA C 444 -23.01 21.78 27.21
CA ALA C 444 -23.08 23.04 26.48
C ALA C 444 -21.64 23.47 26.26
N HIS C 445 -21.02 22.88 25.24
CA HIS C 445 -19.67 23.27 24.86
C HIS C 445 -19.65 24.75 24.53
N HIS C 446 -18.49 25.36 24.73
CA HIS C 446 -18.25 26.70 24.25
C HIS C 446 -16.77 26.84 23.99
N THR C 447 -16.45 27.41 22.85
CA THR C 447 -15.12 27.92 22.56
C THR C 447 -15.32 29.27 21.88
N ALA C 448 -14.32 30.14 21.97
CA ALA C 448 -14.53 31.54 21.63
C ALA C 448 -13.20 32.25 21.49
N TYR C 449 -13.22 33.36 20.75
CA TYR C 449 -11.99 34.03 20.33
C TYR C 449 -12.18 35.55 20.32
N LEU C 450 -11.04 36.25 20.27
CA LEU C 450 -10.95 37.68 20.51
C LEU C 450 -10.78 38.42 19.19
N VAL C 451 -10.46 39.71 19.27
CA VAL C 451 -10.32 40.60 18.12
C VAL C 451 -8.95 41.26 18.14
N PHE C 452 -8.40 41.47 16.95
CA PHE C 452 -7.18 42.24 16.77
C PHE C 452 -7.43 43.73 17.02
N SER C 453 -6.35 44.45 17.34
CA SER C 453 -6.25 45.89 17.15
C SER C 453 -4.77 46.31 17.20
N PRO C 454 -4.24 47.01 16.20
CA PRO C 454 -2.86 47.48 16.31
C PRO C 454 -2.74 48.75 17.14
N SER C 455 -3.87 49.32 17.56
CA SER C 455 -3.90 50.34 18.60
C SER C 455 -4.15 49.74 19.98
N LYS C 456 -4.23 48.42 20.10
CA LYS C 456 -4.71 47.72 21.31
C LYS C 456 -6.10 48.21 21.72
N SER C 457 -6.87 48.69 20.75
CA SER C 457 -8.10 49.43 20.97
C SER C 457 -9.30 48.56 20.63
N PHE C 458 -10.28 48.50 21.52
CA PHE C 458 -11.44 47.64 21.29
C PHE C 458 -12.61 48.10 22.15
N VAL C 459 -13.70 47.34 22.07
CA VAL C 459 -14.90 47.53 22.86
C VAL C 459 -15.39 46.17 23.32
N HIS C 460 -16.10 46.20 24.44
CA HIS C 460 -16.82 45.06 24.97
C HIS C 460 -18.30 45.40 24.97
N LEU C 461 -19.13 44.39 24.71
CA LEU C 461 -20.56 44.47 24.89
C LEU C 461 -21.01 43.42 25.90
N GLU C 462 -21.95 43.80 26.75
CA GLU C 462 -22.70 42.87 27.56
C GLU C 462 -24.13 42.91 27.05
N PRO C 463 -24.37 42.39 25.84
CA PRO C 463 -25.67 42.61 25.21
C PRO C 463 -26.77 41.85 25.92
N MET C 464 -27.97 42.46 25.89
CA MET C 464 -29.16 41.83 26.45
C MET C 464 -29.76 40.88 25.42
N SER C 465 -28.94 39.92 25.01
CA SER C 465 -29.26 39.06 23.88
C SER C 465 -30.33 38.06 24.26
N HIS C 466 -31.52 38.57 24.54
CA HIS C 466 -32.65 37.78 25.01
C HIS C 466 -33.90 38.34 24.34
N GLU C 467 -35.07 37.99 24.86
CA GLU C 467 -36.32 38.32 24.18
C GLU C 467 -36.64 39.80 24.33
N LEU C 468 -35.88 40.64 23.64
CA LEU C 468 -36.14 42.06 23.60
C LEU C 468 -37.51 42.33 22.96
N PRO C 469 -38.43 43.04 23.62
CA PRO C 469 -39.74 43.28 23.02
C PRO C 469 -39.77 44.56 22.19
N CYS C 470 -40.77 44.63 21.32
CA CYS C 470 -41.17 45.88 20.68
C CYS C 470 -42.36 46.45 21.43
N GLY C 471 -42.61 47.73 21.20
CA GLY C 471 -43.45 48.49 22.11
C GLY C 471 -42.72 48.96 23.35
N HIS C 472 -41.43 48.68 23.47
CA HIS C 472 -40.58 49.14 24.55
C HIS C 472 -39.31 49.73 23.95
N THR C 473 -38.37 50.07 24.82
CA THR C 473 -37.00 50.36 24.43
C THR C 473 -36.07 49.65 25.40
N GLN C 474 -34.77 49.85 25.20
CA GLN C 474 -33.78 49.21 26.04
C GLN C 474 -32.45 49.90 25.81
N THR C 475 -31.59 49.82 26.80
CA THR C 475 -30.28 50.43 26.76
C THR C 475 -29.21 49.35 26.71
N VAL C 476 -27.97 49.83 26.61
CA VAL C 476 -26.81 48.98 26.51
C VAL C 476 -25.72 49.61 27.36
N GLN C 477 -25.55 49.13 28.59
CA GLN C 477 -24.46 49.65 29.42
C GLN C 477 -23.14 49.32 28.75
N ALA C 478 -22.54 50.33 28.14
CA ALA C 478 -21.37 50.17 27.29
C ALA C 478 -20.12 50.34 28.13
N HIS C 479 -19.28 49.30 28.16
CA HIS C 479 -18.02 49.31 28.88
C HIS C 479 -16.91 49.43 27.84
N TYR C 480 -16.07 50.46 27.97
CA TYR C 480 -15.11 50.84 26.95
C TYR C 480 -13.72 51.00 27.54
N ILE C 481 -12.74 51.02 26.64
CA ILE C 481 -11.33 51.05 26.98
C ILE C 481 -10.59 51.83 25.91
N LEU C 482 -9.97 52.96 26.29
CA LEU C 482 -8.98 53.61 25.43
C LEU C 482 -7.59 53.15 25.88
N ASN C 483 -7.19 51.97 25.40
CA ASN C 483 -5.88 51.43 25.77
C ASN C 483 -4.80 52.23 25.05
N GLY C 484 -4.39 53.33 25.66
CA GLY C 484 -3.56 54.33 24.98
C GLY C 484 -4.45 55.25 24.21
N GLY C 485 -5.21 54.71 23.27
CA GLY C 485 -6.25 55.45 22.61
C GLY C 485 -5.70 56.64 21.89
N THR C 486 -5.96 57.80 22.48
CA THR C 486 -5.56 59.08 21.92
C THR C 486 -4.24 59.47 22.57
N LEU C 487 -3.18 59.57 21.77
CA LEU C 487 -1.82 59.53 22.29
C LEU C 487 -1.17 60.91 22.45
N LEU C 488 -1.42 61.88 21.55
CA LEU C 488 -1.26 63.30 21.87
C LEU C 488 -2.59 64.02 21.77
N GLY C 489 -3.25 63.96 20.62
CA GLY C 489 -4.68 64.17 20.44
C GLY C 489 -5.42 65.29 21.16
N LEU C 490 -6.69 64.99 21.45
CA LEU C 490 -7.73 65.97 21.71
C LEU C 490 -8.65 65.45 22.81
N LYS C 491 -9.82 66.09 23.02
CA LYS C 491 -10.69 65.78 24.14
C LYS C 491 -11.87 64.88 23.78
N LYS C 492 -12.36 64.91 22.55
CA LYS C 492 -13.69 64.38 22.28
C LYS C 492 -13.64 62.94 21.78
N LEU C 493 -14.66 62.18 22.16
CA LEU C 493 -14.91 60.85 21.65
C LEU C 493 -16.41 60.72 21.39
N SER C 494 -16.76 59.80 20.51
CA SER C 494 -18.16 59.58 20.16
C SER C 494 -18.36 58.13 19.77
N PHE C 495 -19.62 57.69 19.83
CA PHE C 495 -19.96 56.29 19.56
C PHE C 495 -21.17 56.26 18.64
N TYR C 496 -21.00 55.68 17.46
CA TYR C 496 -21.97 55.77 16.38
C TYR C 496 -22.85 54.54 16.41
N TYR C 497 -24.12 54.72 16.80
CA TYR C 497 -25.04 53.61 16.94
C TYR C 497 -25.93 53.56 15.70
N LEU C 498 -25.85 52.45 14.96
CA LEU C 498 -26.59 52.26 13.72
C LEU C 498 -27.54 51.09 13.88
N ILE C 499 -28.75 51.29 13.38
CA ILE C 499 -29.89 50.43 13.66
C ILE C 499 -30.47 49.95 12.34
N MET C 500 -30.17 48.69 11.97
CA MET C 500 -30.77 48.07 10.79
C MET C 500 -31.55 46.83 11.18
N ALA C 501 -32.29 46.35 10.19
CA ALA C 501 -33.00 45.09 10.26
C ALA C 501 -33.59 44.84 8.90
N LYS C 502 -33.70 43.57 8.52
CA LYS C 502 -34.08 43.10 7.19
C LYS C 502 -32.95 43.27 6.16
N GLY C 503 -31.84 43.90 6.53
CA GLY C 503 -30.64 43.94 5.71
C GLY C 503 -30.24 45.30 5.16
N GLY C 504 -30.65 46.39 5.80
CA GLY C 504 -30.40 47.73 5.30
C GLY C 504 -30.03 48.65 6.44
N ILE C 505 -30.83 49.71 6.61
CA ILE C 505 -30.92 50.44 7.87
C ILE C 505 -32.40 50.61 8.15
N VAL C 506 -32.74 50.78 9.44
CA VAL C 506 -34.06 51.24 9.85
C VAL C 506 -33.98 52.59 10.53
N ARG C 507 -32.96 52.82 11.35
CA ARG C 507 -32.63 54.13 11.89
C ARG C 507 -31.14 54.17 12.20
N THR C 508 -30.70 55.30 12.74
CA THR C 508 -29.28 55.55 12.88
C THR C 508 -29.06 56.49 14.06
N GLY C 509 -27.79 56.71 14.37
CA GLY C 509 -27.46 57.73 15.36
C GLY C 509 -26.07 57.55 15.91
N THR C 510 -25.78 58.37 16.91
CA THR C 510 -24.47 58.33 17.53
C THR C 510 -24.53 58.95 18.91
N HIS C 511 -23.45 58.74 19.67
CA HIS C 511 -23.32 59.19 21.05
C HIS C 511 -22.01 59.95 21.15
N GLY C 512 -21.95 60.90 22.07
CA GLY C 512 -20.76 61.72 22.25
C GLY C 512 -20.18 61.52 23.63
N LEU C 513 -18.88 61.75 23.74
CA LEU C 513 -18.20 61.54 25.01
C LEU C 513 -16.86 62.26 25.00
N LEU C 514 -16.66 63.21 25.90
CA LEU C 514 -15.34 63.78 26.09
C LEU C 514 -14.47 62.79 26.86
N VAL C 515 -13.19 62.78 26.54
CA VAL C 515 -12.26 61.75 27.02
C VAL C 515 -11.46 62.29 28.20
N LYS C 516 -11.18 61.41 29.16
CA LYS C 516 -10.05 61.65 30.02
C LYS C 516 -8.79 61.70 29.17
N GLN C 517 -7.91 62.68 29.46
CA GLN C 517 -6.86 63.04 28.51
C GLN C 517 -5.91 61.88 28.26
N GLU C 518 -5.53 61.16 29.31
CA GLU C 518 -4.51 60.12 29.21
C GLU C 518 -4.93 58.88 30.00
N ASP C 519 -6.16 58.42 29.82
CA ASP C 519 -6.68 57.27 30.54
C ASP C 519 -7.58 56.44 29.63
N MET C 520 -8.10 55.34 30.20
CA MET C 520 -8.82 54.30 29.49
C MET C 520 -10.22 54.09 30.07
N LYS C 521 -10.98 55.18 30.21
CA LYS C 521 -12.20 55.22 31.01
C LYS C 521 -13.16 54.08 30.70
N GLY C 522 -13.96 53.74 31.70
CA GLY C 522 -14.61 52.44 31.74
C GLY C 522 -16.00 52.30 31.13
N HIS C 523 -17.00 53.05 31.62
CA HIS C 523 -18.39 52.66 31.48
C HIS C 523 -19.25 53.81 30.97
N PHE C 524 -20.39 53.43 30.37
CA PHE C 524 -21.57 54.29 30.17
C PHE C 524 -22.68 53.40 29.64
N SER C 525 -23.80 54.00 29.28
CA SER C 525 -24.91 53.27 28.68
C SER C 525 -25.52 54.05 27.52
N ILE C 526 -26.29 53.33 26.70
CA ILE C 526 -26.79 53.83 25.44
C ILE C 526 -27.98 52.97 25.00
N SER C 527 -28.93 53.62 24.33
CA SER C 527 -30.21 53.00 23.99
C SER C 527 -30.69 53.53 22.65
N ILE C 528 -31.86 53.02 22.26
CA ILE C 528 -32.60 53.36 21.04
C ILE C 528 -34.01 52.80 21.18
N PRO C 529 -34.97 53.25 20.37
CA PRO C 529 -36.33 52.71 20.45
C PRO C 529 -36.53 51.52 19.52
N VAL C 530 -37.74 50.97 19.58
CA VAL C 530 -38.07 49.70 18.92
C VAL C 530 -39.40 49.77 18.15
N LYS C 531 -39.78 50.95 17.66
CA LYS C 531 -41.14 51.09 17.13
C LYS C 531 -41.38 50.21 15.89
N SER C 532 -40.82 50.59 14.73
CA SER C 532 -41.16 49.93 13.48
C SER C 532 -40.29 50.43 12.33
N ASP C 533 -40.74 50.21 11.09
CA ASP C 533 -39.90 50.26 9.91
C ASP C 533 -38.80 49.20 10.00
N ILE C 534 -39.10 48.12 10.72
CA ILE C 534 -38.09 47.22 11.25
C ILE C 534 -38.55 45.78 11.04
N ALA C 535 -37.59 44.84 11.17
CA ALA C 535 -37.78 43.45 10.75
C ALA C 535 -37.87 42.49 11.94
N PRO C 536 -38.08 41.20 11.69
CA PRO C 536 -37.96 40.20 12.78
C PRO C 536 -36.62 40.23 13.48
N VAL C 537 -35.58 40.71 12.83
CA VAL C 537 -34.28 40.93 13.45
C VAL C 537 -34.29 42.30 14.08
N ALA C 538 -33.35 42.50 15.00
CA ALA C 538 -32.93 43.82 15.44
C ALA C 538 -31.42 43.84 15.36
N ARG C 539 -30.91 44.14 14.17
CA ARG C 539 -29.48 44.11 13.91
C ARG C 539 -28.81 45.36 14.42
N LEU C 540 -27.56 45.23 14.87
CA LEU C 540 -27.00 46.29 15.69
C LEU C 540 -25.48 46.21 15.81
N LEU C 541 -24.87 47.38 16.00
CA LEU C 541 -23.54 47.50 16.58
C LEU C 541 -23.33 48.94 16.97
N ILE C 542 -22.10 49.25 17.40
CA ILE C 542 -21.64 50.61 17.65
C ILE C 542 -20.13 50.60 17.68
N TYR C 543 -19.52 51.61 17.05
CA TYR C 543 -18.08 51.72 16.96
C TYR C 543 -17.66 53.07 17.50
N ALA C 544 -16.36 53.38 17.37
CA ALA C 544 -15.81 54.66 17.79
C ALA C 544 -14.51 54.86 17.03
N VAL C 545 -14.49 55.88 16.18
CA VAL C 545 -13.43 56.10 15.20
C VAL C 545 -12.72 57.41 15.52
N LEU C 546 -11.41 57.45 15.25
CA LEU C 546 -10.50 58.50 15.71
C LEU C 546 -9.80 59.20 14.55
N PRO C 547 -9.18 60.37 14.80
CA PRO C 547 -8.35 61.00 13.78
C PRO C 547 -6.93 60.47 13.81
N THR C 548 -6.78 59.15 13.75
CA THR C 548 -5.46 58.53 13.76
C THR C 548 -5.30 57.35 12.82
N GLY C 549 -6.39 56.76 12.33
CA GLY C 549 -6.31 55.57 11.48
C GLY C 549 -6.71 54.27 12.15
N ASP C 550 -7.79 54.28 12.93
CA ASP C 550 -8.26 53.07 13.62
C ASP C 550 -9.70 53.30 14.03
N VAL C 551 -10.33 52.22 14.51
CA VAL C 551 -11.64 52.25 15.12
C VAL C 551 -11.64 51.19 16.21
N ILE C 552 -12.74 51.12 16.95
CA ILE C 552 -13.01 50.03 17.87
C ILE C 552 -14.49 49.66 17.75
N GLY C 553 -14.86 48.53 18.34
CA GLY C 553 -16.26 48.18 18.44
C GLY C 553 -16.48 46.68 18.45
N ASP C 554 -17.66 46.32 18.94
CA ASP C 554 -18.28 45.01 18.73
C ASP C 554 -19.78 45.18 18.63
N SER C 555 -20.46 44.14 18.15
CA SER C 555 -21.80 44.28 17.61
C SER C 555 -22.82 43.47 18.40
N ALA C 556 -24.07 43.59 17.97
CA ALA C 556 -25.19 43.01 18.68
C ALA C 556 -26.31 42.69 17.70
N LYS C 557 -27.27 41.92 18.17
CA LYS C 557 -28.43 41.54 17.37
C LYS C 557 -29.47 40.99 18.32
N TYR C 558 -30.74 41.29 18.06
CA TYR C 558 -31.83 40.89 18.94
C TYR C 558 -33.05 40.51 18.13
N ASP C 559 -33.88 39.65 18.72
CA ASP C 559 -35.06 39.10 18.06
C ASP C 559 -36.25 40.01 18.29
N VAL C 560 -37.07 40.17 17.25
CA VAL C 560 -38.27 40.98 17.30
C VAL C 560 -39.50 40.08 17.29
N GLU C 561 -40.47 40.44 18.14
CA GLU C 561 -41.74 39.73 18.20
C GLU C 561 -42.65 40.27 17.10
N ASN C 562 -43.78 39.61 16.89
CA ASN C 562 -44.68 39.95 15.79
C ASN C 562 -45.22 41.36 15.99
N CYS C 563 -44.62 42.33 15.30
CA CYS C 563 -45.06 43.70 15.38
C CYS C 563 -44.65 44.48 14.14
N LEU C 564 -45.64 44.87 13.34
CA LEU C 564 -45.47 45.76 12.20
C LEU C 564 -45.55 47.22 12.71
N ALA C 565 -45.70 48.20 11.79
CA ALA C 565 -45.89 49.60 12.18
C ALA C 565 -47.29 49.85 12.72
N ASN C 566 -48.30 49.31 12.06
CA ASN C 566 -49.66 49.58 12.47
C ASN C 566 -50.00 48.84 13.75
N LYS C 567 -49.73 49.45 14.88
CA LYS C 567 -50.38 48.99 16.09
C LYS C 567 -51.88 49.11 15.91
N VAL C 568 -52.58 48.05 16.23
CA VAL C 568 -53.87 47.79 15.61
C VAL C 568 -54.60 46.72 16.38
N ASP C 569 -55.93 46.82 16.46
CA ASP C 569 -56.70 45.74 17.05
C ASP C 569 -58.17 45.99 16.81
N LEU C 570 -58.87 44.88 16.65
CA LEU C 570 -60.31 44.84 16.52
C LEU C 570 -60.97 45.18 17.84
N SER C 571 -62.28 45.30 17.78
CA SER C 571 -63.15 45.37 18.93
C SER C 571 -64.53 45.06 18.43
N PHE C 572 -65.47 44.83 19.35
CA PHE C 572 -66.73 44.22 18.95
C PHE C 572 -67.66 44.14 20.14
N SER C 573 -68.95 44.14 19.86
CA SER C 573 -69.91 43.70 20.85
C SER C 573 -69.75 42.19 21.02
N PRO C 574 -69.72 41.66 22.24
CA PRO C 574 -69.36 40.25 22.41
C PRO C 574 -70.37 39.33 21.76
N SER C 575 -69.89 38.16 21.38
CA SER C 575 -70.75 37.11 20.89
C SER C 575 -71.86 36.83 21.88
N GLN C 576 -73.08 37.16 21.46
CA GLN C 576 -74.21 37.26 22.35
C GLN C 576 -75.21 36.17 22.02
N SER C 577 -75.60 35.40 23.03
CA SER C 577 -76.70 34.47 22.89
C SER C 577 -78.00 35.24 22.64
N LEU C 578 -79.11 34.51 22.49
CA LEU C 578 -80.34 35.12 22.00
C LEU C 578 -80.05 35.79 20.67
N PRO C 579 -80.14 35.05 19.55
CA PRO C 579 -79.34 35.33 18.36
C PRO C 579 -79.41 36.72 17.73
N ALA C 580 -80.20 37.64 18.31
CA ALA C 580 -80.27 39.03 17.90
C ALA C 580 -78.94 39.60 17.44
N SER C 581 -78.95 40.26 16.28
CA SER C 581 -77.77 40.38 15.42
C SER C 581 -76.63 41.22 15.99
N HIS C 582 -76.78 41.66 17.24
CA HIS C 582 -76.02 42.83 17.74
C HIS C 582 -74.58 42.45 18.12
N ALA C 583 -73.96 41.54 17.37
CA ALA C 583 -72.52 41.26 17.60
C ALA C 583 -71.75 42.12 16.60
N HIS C 584 -71.02 43.11 17.09
CA HIS C 584 -70.66 44.28 16.28
C HIS C 584 -69.18 44.20 15.92
N LEU C 585 -68.64 45.29 15.37
CA LEU C 585 -67.20 45.43 15.26
C LEU C 585 -66.78 46.87 15.52
N ARG C 586 -65.57 47.01 16.04
CA ARG C 586 -64.89 48.28 16.25
C ARG C 586 -63.40 47.96 16.25
N VAL C 587 -62.55 48.96 15.98
CA VAL C 587 -61.15 48.70 15.67
C VAL C 587 -60.27 49.79 16.24
N THR C 588 -58.98 49.48 16.33
CA THR C 588 -57.90 50.46 16.39
C THR C 588 -56.94 50.18 15.24
N ALA C 589 -56.43 51.22 14.61
CA ALA C 589 -55.46 51.10 13.53
C ALA C 589 -54.81 52.45 13.28
N ALA C 590 -53.90 52.47 12.31
CA ALA C 590 -53.25 53.69 11.84
C ALA C 590 -54.30 54.60 11.20
N PRO C 591 -53.98 55.88 10.92
CA PRO C 591 -55.06 56.84 10.66
C PRO C 591 -55.76 56.67 9.31
N GLN C 592 -55.03 56.53 8.20
CA GLN C 592 -55.63 56.40 6.87
C GLN C 592 -55.41 54.95 6.48
N SER C 593 -56.33 54.09 6.91
CA SER C 593 -56.01 52.68 7.09
C SER C 593 -57.22 51.82 6.77
N VAL C 594 -57.03 50.87 5.84
CA VAL C 594 -58.03 49.88 5.48
C VAL C 594 -57.46 48.49 5.74
N CYS C 595 -58.36 47.52 5.91
CA CYS C 595 -58.02 46.27 6.57
C CYS C 595 -58.89 45.14 6.07
N ALA C 596 -58.27 43.98 5.86
CA ALA C 596 -59.01 42.78 5.54
C ALA C 596 -59.27 41.92 6.76
N LEU C 597 -60.25 41.05 6.62
CA LEU C 597 -60.99 40.48 7.73
C LEU C 597 -61.24 39.00 7.53
N ARG C 598 -60.96 38.21 8.57
CA ARG C 598 -61.55 36.88 8.68
C ARG C 598 -62.44 36.84 9.90
N ALA C 599 -63.67 36.37 9.69
CA ALA C 599 -64.57 35.97 10.76
C ALA C 599 -65.11 34.61 10.36
N VAL C 600 -64.87 33.64 11.17
CA VAL C 600 -65.03 32.25 10.82
C VAL C 600 -66.06 31.64 11.73
N ASP C 601 -66.64 30.54 11.31
CA ASP C 601 -67.24 29.57 12.21
C ASP C 601 -66.21 28.47 12.39
N GLN C 602 -65.64 28.39 13.59
CA GLN C 602 -64.33 27.77 13.77
C GLN C 602 -64.39 26.25 13.79
N SER C 603 -65.06 25.62 12.82
CA SER C 603 -65.24 24.17 12.79
C SER C 603 -64.37 23.53 11.72
N VAL C 604 -64.54 23.98 10.48
CA VAL C 604 -63.62 23.63 9.40
C VAL C 604 -62.20 23.96 9.82
N LEU C 605 -62.03 25.03 10.57
CA LEU C 605 -60.75 25.46 11.07
C LEU C 605 -60.51 24.99 12.51
N LEU C 606 -61.51 24.34 13.15
CA LEU C 606 -61.19 23.36 14.19
C LEU C 606 -60.25 22.32 13.64
N MET C 607 -60.68 21.64 12.57
CA MET C 607 -59.82 20.64 11.96
C MET C 607 -58.84 21.25 10.95
N LYS C 608 -58.56 22.54 11.08
CA LYS C 608 -57.51 23.11 10.19
C LYS C 608 -56.85 24.35 10.79
N PRO C 609 -55.82 24.23 11.65
CA PRO C 609 -55.09 25.40 12.11
C PRO C 609 -54.27 25.70 10.84
N ASP C 610 -54.30 26.95 10.35
CA ASP C 610 -54.10 27.22 8.94
C ASP C 610 -52.66 26.90 8.53
N ALA C 611 -52.32 27.21 7.28
CA ALA C 611 -51.03 26.87 6.68
C ALA C 611 -50.46 28.10 6.00
N GLU C 612 -49.32 28.58 6.51
CA GLU C 612 -48.74 29.90 6.25
C GLU C 612 -49.81 30.96 6.09
N LEU C 613 -50.74 30.97 7.03
CA LEU C 613 -51.53 32.15 7.34
C LEU C 613 -51.21 32.46 8.79
N SER C 614 -50.44 33.52 8.98
CA SER C 614 -50.13 34.07 10.28
C SER C 614 -49.27 35.30 10.04
N ALA C 615 -49.18 36.16 11.05
CA ALA C 615 -48.19 37.22 10.99
C ALA C 615 -46.79 36.63 10.90
N SER C 616 -46.58 35.52 11.60
CA SER C 616 -45.36 34.76 11.40
C SER C 616 -45.28 34.22 9.99
N SER C 617 -46.41 33.84 9.38
CA SER C 617 -46.37 33.42 7.98
C SER C 617 -45.94 34.57 7.09
N VAL C 618 -46.37 35.80 7.42
CA VAL C 618 -45.91 36.95 6.66
C VAL C 618 -44.41 37.08 6.80
N TYR C 619 -43.93 37.21 8.03
CA TYR C 619 -42.52 37.47 8.29
C TYR C 619 -41.60 36.29 7.98
N ASN C 620 -42.14 35.11 7.66
CA ASN C 620 -41.31 33.94 7.36
C ASN C 620 -41.39 33.50 5.91
N LEU C 621 -42.51 33.76 5.23
CA LEU C 621 -42.51 33.74 3.77
C LEU C 621 -42.02 35.08 3.23
N LEU C 622 -41.76 36.04 4.12
CA LEU C 622 -40.92 37.22 3.92
C LEU C 622 -39.57 36.85 3.33
N PRO C 623 -38.89 37.77 2.64
CA PRO C 623 -37.47 37.57 2.37
C PRO C 623 -36.62 38.22 3.42
N GLU C 624 -35.31 37.99 3.32
CA GLU C 624 -34.30 38.72 4.08
C GLU C 624 -34.68 38.91 5.54
N LYS C 625 -34.91 37.78 6.22
CA LYS C 625 -35.06 37.82 7.67
C LYS C 625 -33.70 38.05 8.31
N ASP C 626 -32.68 37.32 7.85
CA ASP C 626 -31.28 37.59 8.17
C ASP C 626 -30.50 37.51 6.85
N LEU C 627 -30.50 38.62 6.09
CA LEU C 627 -29.73 38.69 4.85
C LEU C 627 -28.33 39.16 5.21
N THR C 628 -27.65 38.32 5.96
CA THR C 628 -26.34 38.61 6.54
C THR C 628 -25.29 37.76 5.84
N GLY C 629 -24.17 38.38 5.50
CA GLY C 629 -23.15 37.73 4.71
C GLY C 629 -23.46 37.89 3.23
N PHE C 630 -22.47 38.27 2.45
CA PHE C 630 -22.74 38.64 1.07
C PHE C 630 -23.01 37.38 0.24
N PRO C 631 -24.03 37.39 -0.65
CA PRO C 631 -24.26 36.20 -1.48
C PRO C 631 -23.19 35.96 -2.53
N GLY C 632 -23.47 35.00 -3.41
CA GLY C 632 -22.53 34.44 -4.34
C GLY C 632 -21.53 35.34 -5.05
N PRO C 633 -22.00 36.35 -5.79
CA PRO C 633 -21.23 36.85 -6.95
C PRO C 633 -19.78 37.21 -6.71
N LEU C 634 -19.49 37.99 -5.68
CA LEU C 634 -18.19 38.65 -5.59
C LEU C 634 -17.11 37.66 -5.17
N ASN C 635 -15.97 38.21 -4.77
CA ASN C 635 -15.07 37.55 -3.85
C ASN C 635 -14.93 38.33 -2.56
N ASP C 636 -14.52 39.59 -2.64
CA ASP C 636 -14.04 40.32 -1.48
C ASP C 636 -13.59 41.70 -1.92
N GLN C 637 -13.12 42.50 -0.98
CA GLN C 637 -12.14 43.55 -1.23
C GLN C 637 -10.87 43.12 -0.51
N ASP C 638 -9.73 43.15 -1.20
CA ASP C 638 -8.47 42.68 -0.64
C ASP C 638 -7.38 43.73 -0.73
N ASN C 639 -6.56 43.78 0.32
CA ASN C 639 -5.37 44.62 0.36
C ASN C 639 -4.15 43.76 0.05
N GLU C 640 -2.98 44.39 -0.09
CA GLU C 640 -1.81 43.68 -0.61
C GLU C 640 -0.50 44.07 0.06
N ASP C 641 -0.52 44.55 1.30
CA ASP C 641 0.73 44.83 2.01
C ASP C 641 1.49 43.52 2.26
N CYS C 642 2.70 43.42 1.71
CA CYS C 642 3.53 42.22 1.86
C CYS C 642 4.48 42.46 3.00
N ILE C 643 4.39 41.60 4.00
CA ILE C 643 4.89 41.92 5.34
C ILE C 643 5.80 40.84 5.90
N ASN C 644 5.73 39.61 5.40
CA ASN C 644 6.49 38.52 6.01
C ASN C 644 7.98 38.72 5.77
N ARG C 645 8.73 38.81 6.88
CA ARG C 645 10.19 38.83 6.81
C ARG C 645 10.69 37.52 6.20
N HIS C 646 11.96 37.53 5.78
CA HIS C 646 12.59 36.30 5.29
C HIS C 646 12.53 35.21 6.35
N ASN C 647 12.60 35.59 7.62
CA ASN C 647 12.33 34.72 8.74
C ASN C 647 11.71 35.57 9.83
N VAL C 648 10.80 34.97 10.60
CA VAL C 648 10.19 35.69 11.70
C VAL C 648 11.20 36.00 12.80
N TYR C 649 12.34 35.32 12.80
CA TYR C 649 13.55 35.85 13.40
C TYR C 649 13.42 36.00 14.91
N ILE C 650 13.02 34.94 15.59
CA ILE C 650 12.98 34.91 17.06
C ILE C 650 14.35 34.45 17.53
N ASN C 651 15.20 35.41 17.82
CA ASN C 651 16.28 35.17 18.77
C ASN C 651 15.65 35.05 20.15
N GLY C 652 15.52 33.83 20.64
CA GLY C 652 14.64 33.53 21.74
C GLY C 652 14.53 32.03 21.95
N ILE C 653 13.30 31.51 22.00
CA ILE C 653 13.12 30.06 22.07
C ILE C 653 13.77 29.39 20.86
N THR C 654 13.54 29.93 19.67
CA THR C 654 13.97 29.41 18.38
C THR C 654 13.41 30.34 17.32
N TYR C 655 14.12 30.47 16.20
CA TYR C 655 13.67 31.37 15.15
C TYR C 655 12.35 30.88 14.60
N THR C 656 11.32 31.58 14.97
CA THR C 656 9.97 31.06 14.94
C THR C 656 9.43 31.04 13.51
N PRO C 657 8.40 30.24 13.21
CA PRO C 657 7.88 30.22 11.84
C PRO C 657 6.97 31.40 11.58
N VAL C 658 6.33 31.46 10.40
CA VAL C 658 5.23 32.39 10.17
C VAL C 658 3.92 31.62 10.30
N SER C 659 2.92 32.28 10.85
CA SER C 659 1.55 31.78 10.79
C SER C 659 0.62 32.95 11.12
N SER C 660 -0.21 33.32 10.15
CA SER C 660 -1.10 34.44 10.36
C SER C 660 -2.08 34.14 11.49
N THR C 661 -2.72 35.20 12.00
CA THR C 661 -3.38 35.15 13.29
C THR C 661 -4.66 34.32 13.25
N ASN C 662 -5.33 34.31 14.39
CA ASN C 662 -6.66 33.72 14.56
C ASN C 662 -7.38 34.58 15.60
N GLU C 663 -8.12 35.58 15.12
CA GLU C 663 -8.94 36.43 15.98
C GLU C 663 -9.96 37.14 15.10
N LYS C 664 -10.72 38.02 15.73
CA LYS C 664 -11.81 38.76 15.10
C LYS C 664 -11.29 40.08 14.54
N ASP C 665 -12.15 40.80 13.83
CA ASP C 665 -11.84 42.14 13.33
C ASP C 665 -13.15 42.87 13.04
N MET C 666 -13.06 44.19 12.94
CA MET C 666 -14.26 45.01 12.75
C MET C 666 -14.72 45.00 11.31
N TYR C 667 -13.79 44.71 10.40
CA TYR C 667 -14.16 44.57 9.02
C TYR C 667 -15.11 43.42 8.86
N SER C 668 -14.83 42.33 9.55
CA SER C 668 -15.77 41.23 9.62
C SER C 668 -17.07 41.66 10.29
N PHE C 669 -17.02 42.59 11.23
CA PHE C 669 -18.25 43.01 11.89
C PHE C 669 -19.15 43.78 10.95
N LEU C 670 -18.59 44.52 10.02
CA LEU C 670 -19.40 45.21 9.03
C LEU C 670 -19.79 44.29 7.90
N GLU C 671 -18.89 43.39 7.53
CA GLU C 671 -19.24 42.38 6.56
C GLU C 671 -20.39 41.51 7.06
N ASP C 672 -20.41 41.24 8.36
CA ASP C 672 -21.51 40.53 9.01
C ASP C 672 -22.71 41.43 9.22
N MET C 673 -22.48 42.74 9.31
CA MET C 673 -23.55 43.70 9.27
C MET C 673 -24.32 43.63 7.95
N GLY C 674 -23.73 43.05 6.93
CA GLY C 674 -24.38 42.82 5.66
C GLY C 674 -23.97 43.79 4.62
N LEU C 675 -22.87 44.50 4.81
CA LEU C 675 -22.52 45.63 3.96
C LEU C 675 -21.04 45.57 3.62
N LYS C 676 -20.71 46.20 2.50
CA LYS C 676 -19.35 46.62 2.22
C LYS C 676 -19.17 48.01 2.80
N ALA C 677 -17.92 48.43 2.87
CA ALA C 677 -17.66 49.70 3.54
C ALA C 677 -16.20 50.02 3.40
N PHE C 678 -15.90 51.32 3.42
CA PHE C 678 -14.56 51.81 3.08
C PHE C 678 -14.09 52.82 4.13
N THR C 679 -12.94 52.54 4.72
CA THR C 679 -12.23 53.43 5.63
C THR C 679 -10.76 53.44 5.20
N ASN C 680 -9.99 54.46 5.64
CA ASN C 680 -8.53 54.44 5.52
C ASN C 680 -7.85 53.92 6.78
N SER C 681 -8.45 54.13 7.93
CA SER C 681 -8.14 53.32 9.10
C SER C 681 -8.17 51.86 8.68
N LYS C 682 -7.01 51.22 8.68
CA LYS C 682 -6.93 49.89 8.09
C LYS C 682 -7.47 48.88 9.07
N ILE C 683 -8.62 48.32 8.75
CA ILE C 683 -9.27 47.34 9.60
C ILE C 683 -8.70 45.97 9.28
N ARG C 684 -7.87 45.91 8.25
CA ARG C 684 -7.64 44.71 7.49
C ARG C 684 -6.15 44.40 7.64
N LYS C 685 -5.84 43.64 8.69
CA LYS C 685 -4.46 43.33 9.02
C LYS C 685 -3.76 42.69 7.83
N PRO C 686 -2.50 43.07 7.52
CA PRO C 686 -1.79 42.37 6.45
C PRO C 686 -1.46 40.94 6.82
N LYS C 687 -2.47 40.09 6.71
CA LYS C 687 -2.28 38.64 6.53
C LYS C 687 -1.07 38.38 5.65
N MET C 688 -0.12 37.60 6.17
CA MET C 688 1.23 37.54 5.63
C MET C 688 1.23 37.18 4.14
N CYS C 689 2.03 37.92 3.36
CA CYS C 689 2.12 37.63 1.94
C CYS C 689 2.71 36.23 1.72
N PRO C 690 2.18 35.49 0.74
CA PRO C 690 2.53 34.06 0.65
C PRO C 690 3.95 33.86 0.13
N GLN C 691 4.53 32.71 0.53
CA GLN C 691 5.88 32.36 0.12
C GLN C 691 5.88 32.01 -1.37
N LEU C 692 6.85 32.55 -2.11
CA LEU C 692 6.90 32.40 -3.56
C LEU C 692 7.76 31.22 -4.01
N GLN C 693 7.96 30.20 -3.17
CA GLN C 693 8.73 29.02 -3.54
C GLN C 693 7.77 27.87 -3.87
N GLN C 694 7.87 27.33 -5.09
CA GLN C 694 7.06 26.19 -5.49
C GLN C 694 7.62 25.60 -6.78
N TYR C 695 7.31 24.33 -7.02
CA TYR C 695 7.61 23.63 -8.27
C TYR C 695 6.82 24.24 -9.42
N THR C 730 -88.77 30.48 15.89
CA THR C 730 -88.50 31.90 15.81
C THR C 730 -87.02 32.18 15.53
N VAL C 731 -86.38 31.25 14.79
CA VAL C 731 -85.00 31.41 14.34
C VAL C 731 -84.95 31.08 12.86
N ARG C 732 -84.27 31.94 12.09
CA ARG C 732 -84.15 31.80 10.64
C ARG C 732 -82.67 31.66 10.30
N LYS C 733 -82.29 30.50 9.79
CA LYS C 733 -80.90 30.23 9.47
C LYS C 733 -80.48 31.06 8.27
N TYR C 734 -79.77 32.15 8.52
CA TYR C 734 -79.07 32.88 7.47
C TYR C 734 -77.76 32.15 7.24
N PHE C 735 -76.90 32.66 6.36
CA PHE C 735 -75.84 31.78 5.82
C PHE C 735 -74.90 31.30 6.92
N PRO C 736 -74.65 30.01 7.06
CA PRO C 736 -73.52 29.57 7.89
C PRO C 736 -72.22 29.85 7.14
N GLU C 737 -71.11 29.59 7.82
CA GLU C 737 -69.78 29.52 7.25
C GLU C 737 -69.18 30.88 6.92
N THR C 738 -69.93 31.97 7.08
CA THR C 738 -69.36 33.31 6.98
C THR C 738 -70.01 34.18 8.04
N TRP C 739 -69.22 35.06 8.63
CA TRP C 739 -69.69 36.22 9.38
C TRP C 739 -69.07 37.51 8.87
N ILE C 740 -67.94 37.42 8.17
CA ILE C 740 -67.31 38.56 7.54
C ILE C 740 -66.71 38.10 6.21
N TRP C 741 -66.93 38.89 5.17
CA TRP C 741 -65.99 38.97 4.06
C TRP C 741 -66.05 40.39 3.51
N ASP C 742 -65.21 41.27 4.03
CA ASP C 742 -65.16 42.65 3.56
C ASP C 742 -63.89 43.31 4.09
N LEU C 743 -63.74 44.60 3.78
CA LEU C 743 -62.87 45.52 4.48
C LEU C 743 -63.70 46.72 4.92
N VAL C 744 -63.34 47.29 6.07
CA VAL C 744 -63.87 48.58 6.49
C VAL C 744 -62.66 49.43 6.85
N VAL C 745 -62.68 50.69 6.43
CA VAL C 745 -61.48 51.51 6.50
C VAL C 745 -61.44 52.23 7.84
N VAL C 746 -60.35 52.08 8.56
CA VAL C 746 -60.11 52.89 9.74
C VAL C 746 -59.76 54.29 9.23
N ASN C 747 -60.74 55.18 9.30
CA ASN C 747 -60.54 56.61 9.17
C ASN C 747 -59.66 57.08 10.32
N SER C 748 -59.32 58.36 10.35
CA SER C 748 -58.30 58.87 11.25
C SER C 748 -58.66 58.77 12.74
N ALA C 749 -59.80 58.16 13.11
CA ALA C 749 -60.13 57.91 14.52
C ALA C 749 -60.70 56.53 14.79
N GLY C 750 -60.87 55.68 13.77
CA GLY C 750 -61.38 54.32 13.97
C GLY C 750 -62.63 53.98 13.20
N VAL C 751 -62.60 52.83 12.54
CA VAL C 751 -63.74 52.27 11.83
C VAL C 751 -64.65 51.54 12.81
N ALA C 752 -65.83 51.15 12.33
CA ALA C 752 -66.55 50.06 12.92
C ALA C 752 -67.24 49.28 11.80
N GLU C 753 -67.67 48.09 12.12
CA GLU C 753 -68.50 47.27 11.27
C GLU C 753 -69.43 46.49 12.18
N VAL C 754 -70.37 45.77 11.61
CA VAL C 754 -71.19 44.82 12.34
C VAL C 754 -71.50 43.66 11.40
N GLY C 755 -71.38 42.45 11.94
CA GLY C 755 -71.99 41.29 11.33
C GLY C 755 -73.19 40.87 12.16
N VAL C 756 -73.89 39.85 11.68
CA VAL C 756 -75.19 39.47 12.25
C VAL C 756 -74.99 38.26 13.13
N THR C 757 -75.24 38.43 14.43
CA THR C 757 -75.37 37.28 15.30
C THR C 757 -76.44 36.35 14.76
N VAL C 758 -76.14 35.05 14.80
CA VAL C 758 -76.87 34.06 14.02
C VAL C 758 -77.39 32.97 14.98
N PRO C 759 -78.67 32.56 14.90
CA PRO C 759 -79.10 31.40 15.69
C PRO C 759 -78.78 30.08 14.99
N ASP C 760 -78.94 29.01 15.74
CA ASP C 760 -78.85 27.63 15.26
C ASP C 760 -77.43 27.21 14.90
N THR C 761 -76.45 28.13 14.96
CA THR C 761 -75.03 27.82 14.92
C THR C 761 -74.37 28.56 16.08
N ILE C 762 -74.47 27.98 17.27
CA ILE C 762 -73.70 28.43 18.42
C ILE C 762 -72.49 27.55 18.49
N THR C 763 -71.32 28.14 18.30
CA THR C 763 -70.06 27.43 18.49
C THR C 763 -68.92 28.43 18.42
N GLU C 764 -67.69 27.95 18.40
CA GLU C 764 -66.56 28.87 18.29
C GLU C 764 -66.53 29.49 16.90
N TRP C 765 -66.35 30.81 16.86
CA TRP C 765 -66.33 31.59 15.63
C TRP C 765 -65.21 32.63 15.80
N LYS C 766 -64.00 32.29 15.39
CA LYS C 766 -62.88 33.18 15.63
C LYS C 766 -62.95 34.35 14.64
N ALA C 767 -61.98 35.25 14.74
CA ALA C 767 -62.00 36.50 14.00
C ALA C 767 -60.60 36.90 13.55
N GLY C 768 -60.23 36.47 12.37
CA GLY C 768 -58.85 36.50 11.96
C GLY C 768 -58.51 37.78 11.24
N ALA C 769 -57.48 38.43 11.73
CA ALA C 769 -57.24 39.81 11.38
C ALA C 769 -56.38 39.93 10.14
N PHE C 770 -56.30 41.17 9.65
CA PHE C 770 -55.34 41.64 8.67
C PHE C 770 -55.49 43.14 8.56
N CYS C 771 -54.42 43.88 8.25
CA CYS C 771 -54.57 45.30 7.93
C CYS C 771 -53.57 45.80 6.91
N LEU C 772 -53.97 46.92 6.29
CA LEU C 772 -53.20 47.68 5.32
C LEU C 772 -53.12 49.12 5.77
N SER C 773 -52.07 49.81 5.35
CA SER C 773 -52.00 51.24 5.60
C SER C 773 -50.85 51.88 4.84
N GLU C 774 -51.12 52.93 4.07
CA GLU C 774 -50.06 53.66 3.41
C GLU C 774 -49.10 54.35 4.39
N ASP C 775 -49.49 54.54 5.66
CA ASP C 775 -48.65 55.19 6.67
C ASP C 775 -47.94 54.17 7.55
N ALA C 776 -48.70 53.31 8.23
CA ALA C 776 -48.17 52.27 9.10
C ALA C 776 -48.09 50.91 8.41
N GLY C 777 -48.13 50.88 7.07
CA GLY C 777 -47.93 49.63 6.33
C GLY C 777 -49.05 48.65 6.55
N LEU C 778 -48.67 47.42 6.87
CA LEU C 778 -49.57 46.37 7.34
C LEU C 778 -49.36 46.21 8.84
N GLY C 779 -49.96 45.16 9.41
CA GLY C 779 -49.83 44.85 10.82
C GLY C 779 -51.12 44.34 11.38
N ILE C 780 -51.05 43.21 12.07
CA ILE C 780 -52.21 42.36 12.20
C ILE C 780 -52.33 41.87 13.62
N SER C 781 -53.56 41.66 14.05
CA SER C 781 -53.93 41.39 15.42
C SER C 781 -54.34 39.93 15.58
N SER C 782 -54.79 39.60 16.78
CA SER C 782 -55.18 38.26 17.14
C SER C 782 -56.66 38.06 16.83
N THR C 783 -57.23 36.95 17.31
CA THR C 783 -58.57 36.52 16.95
C THR C 783 -59.56 36.88 18.05
N ALA C 784 -60.65 37.54 17.65
CA ALA C 784 -61.77 37.77 18.54
C ALA C 784 -62.56 36.48 18.71
N SER C 785 -62.32 35.79 19.82
CA SER C 785 -63.00 34.53 20.10
C SER C 785 -64.45 34.79 20.47
N LEU C 786 -65.25 34.99 19.42
CA LEU C 786 -66.69 35.22 19.55
C LEU C 786 -67.41 33.91 19.84
N ARG C 787 -67.78 33.74 21.12
CA ARG C 787 -68.43 32.54 21.61
C ARG C 787 -69.87 32.85 22.03
N ALA C 788 -70.80 32.04 21.56
CA ALA C 788 -72.23 32.30 21.73
C ALA C 788 -72.96 31.06 22.18
N PHE C 789 -74.08 31.28 22.87
CA PHE C 789 -74.94 30.23 23.40
C PHE C 789 -76.34 30.45 22.84
N GLN C 790 -77.25 29.51 23.11
CA GLN C 790 -78.67 29.72 22.94
C GLN C 790 -79.36 29.11 24.16
N PRO C 791 -80.32 29.81 24.83
CA PRO C 791 -80.87 29.26 26.08
C PRO C 791 -81.73 28.02 25.92
N PHE C 792 -82.78 28.11 25.07
CA PHE C 792 -83.77 27.04 24.88
C PHE C 792 -83.78 26.78 23.38
N PHE C 793 -83.05 25.76 22.96
CA PHE C 793 -82.84 25.48 21.55
C PHE C 793 -82.77 23.98 21.32
N VAL C 794 -82.88 23.61 20.04
CA VAL C 794 -82.76 22.24 19.59
C VAL C 794 -81.48 22.14 18.77
N GLU C 795 -80.52 21.36 19.27
CA GLU C 795 -79.27 21.10 18.56
C GLU C 795 -79.44 19.82 17.77
N LEU C 796 -79.71 19.96 16.48
CA LEU C 796 -79.89 18.84 15.58
C LEU C 796 -78.57 18.53 14.89
N THR C 797 -78.10 17.29 15.03
CA THR C 797 -76.91 16.83 14.34
C THR C 797 -77.18 15.46 13.76
N MET C 798 -76.50 15.16 12.68
CA MET C 798 -76.85 14.06 11.82
C MET C 798 -75.76 13.93 10.77
N PRO C 799 -75.79 12.90 9.94
CA PRO C 799 -74.94 12.89 8.76
C PRO C 799 -75.20 14.09 7.86
N TYR C 800 -74.32 14.23 6.87
CA TYR C 800 -74.31 15.43 6.05
C TYR C 800 -75.16 15.24 4.79
N SER C 801 -74.99 14.12 4.11
CA SER C 801 -75.68 13.85 2.85
C SER C 801 -76.25 12.45 2.91
N VAL C 802 -77.51 12.31 2.49
CA VAL C 802 -78.27 11.08 2.56
C VAL C 802 -78.69 10.68 1.16
N ILE C 803 -79.44 9.57 1.06
CA ILE C 803 -79.89 9.02 -0.22
C ILE C 803 -81.41 8.88 -0.17
N ARG C 804 -82.05 9.07 -1.33
CA ARG C 804 -83.51 9.07 -1.39
C ARG C 804 -84.07 7.67 -1.12
N GLY C 805 -83.48 6.64 -1.71
CA GLY C 805 -84.07 5.31 -1.73
C GLY C 805 -84.31 4.69 -0.37
N GLU C 806 -83.25 4.34 0.35
CA GLU C 806 -83.39 3.67 1.62
C GLU C 806 -83.85 4.63 2.71
N ALA C 807 -84.42 4.06 3.77
CA ALA C 807 -84.87 4.82 4.92
C ALA C 807 -83.74 4.91 5.96
N PHE C 808 -83.98 5.69 7.01
CA PHE C 808 -83.00 5.90 8.08
C PHE C 808 -83.68 6.69 9.18
N THR C 809 -82.93 6.92 10.26
CA THR C 809 -83.40 7.75 11.37
C THR C 809 -82.39 8.86 11.65
N LEU C 810 -82.86 9.88 12.35
CA LEU C 810 -82.01 10.96 12.82
C LEU C 810 -82.45 11.31 14.22
N LYS C 811 -81.57 11.96 14.97
CA LYS C 811 -81.78 12.20 16.39
C LYS C 811 -81.29 13.61 16.72
N ALA C 812 -82.22 14.48 17.08
CA ALA C 812 -81.96 15.87 17.44
C ALA C 812 -82.40 16.07 18.88
N THR C 813 -81.71 16.97 19.59
CA THR C 813 -81.85 17.12 21.02
C THR C 813 -82.16 18.57 21.37
N VAL C 814 -83.00 18.75 22.39
CA VAL C 814 -83.33 20.05 22.94
C VAL C 814 -82.57 20.22 24.25
N LEU C 815 -81.99 21.41 24.45
CA LEU C 815 -80.97 21.65 25.45
C LEU C 815 -81.43 22.73 26.42
N ASN C 816 -81.41 22.41 27.72
CA ASN C 816 -81.80 23.32 28.79
C ASN C 816 -80.63 23.44 29.77
N TYR C 817 -79.91 24.54 29.69
CA TYR C 817 -78.84 24.85 30.65
C TYR C 817 -79.35 25.66 31.83
N LEU C 818 -80.66 25.62 32.09
CA LEU C 818 -81.34 26.42 33.09
C LEU C 818 -81.82 25.51 34.21
N PRO C 819 -81.62 25.84 35.50
CA PRO C 819 -82.16 24.98 36.55
C PRO C 819 -83.67 24.83 36.52
N LYS C 820 -84.40 25.71 35.84
CA LYS C 820 -85.84 25.49 35.69
C LYS C 820 -86.05 24.26 34.82
N CYS C 821 -86.69 23.24 35.40
CA CYS C 821 -86.78 21.91 34.81
C CYS C 821 -88.08 21.81 34.02
N ILE C 822 -87.96 21.66 32.71
CA ILE C 822 -89.05 21.86 31.76
C ILE C 822 -89.36 20.55 31.08
N ARG C 823 -90.64 20.20 31.02
CA ARG C 823 -91.10 19.23 30.04
C ARG C 823 -91.18 19.93 28.68
N VAL C 824 -90.51 19.36 27.69
CA VAL C 824 -90.46 19.91 26.35
C VAL C 824 -91.02 18.88 25.38
N SER C 825 -91.94 19.33 24.52
CA SER C 825 -92.63 18.49 23.55
C SER C 825 -91.97 18.73 22.20
N VAL C 826 -90.98 17.91 21.88
CA VAL C 826 -90.21 18.04 20.66
C VAL C 826 -90.95 17.35 19.52
N GLN C 827 -90.88 17.95 18.35
CA GLN C 827 -91.51 17.41 17.15
C GLN C 827 -90.80 18.03 15.96
N LEU C 828 -91.20 17.64 14.75
CA LEU C 828 -90.70 18.25 13.52
C LEU C 828 -91.88 18.43 12.56
N GLU C 829 -91.84 19.52 11.82
CA GLU C 829 -92.86 19.81 10.81
C GLU C 829 -92.39 19.23 9.48
N ALA C 830 -93.03 18.14 9.06
CA ALA C 830 -92.61 17.41 7.87
C ALA C 830 -93.38 17.88 6.65
N SER C 831 -92.64 18.19 5.60
CA SER C 831 -93.21 18.58 4.31
C SER C 831 -93.57 17.33 3.52
N PRO C 832 -94.26 17.48 2.38
CA PRO C 832 -94.46 16.32 1.49
C PRO C 832 -93.18 15.79 0.86
N ALA C 833 -92.04 16.48 1.01
CA ALA C 833 -90.75 15.99 0.54
C ALA C 833 -90.35 14.67 1.22
N PHE C 834 -90.88 14.37 2.40
CA PHE C 834 -90.56 13.14 3.10
C PHE C 834 -91.73 12.78 4.00
N LEU C 835 -91.74 11.53 4.48
CA LEU C 835 -92.72 11.03 5.42
C LEU C 835 -91.98 10.68 6.71
N ALA C 836 -92.59 11.01 7.84
CA ALA C 836 -91.99 10.81 9.16
C ALA C 836 -92.81 9.81 9.95
N VAL C 837 -92.11 8.91 10.63
CA VAL C 837 -92.72 7.93 11.52
C VAL C 837 -91.83 7.84 12.76
N PRO C 838 -92.32 8.11 13.98
CA PRO C 838 -91.44 8.10 15.15
C PRO C 838 -91.34 6.71 15.76
N VAL C 839 -90.47 6.62 16.77
CA VAL C 839 -90.27 5.39 17.53
C VAL C 839 -90.51 5.58 19.03
N GLU C 840 -90.49 6.82 19.54
CA GLU C 840 -90.72 7.08 20.96
C GLU C 840 -91.59 8.31 21.15
N LYS C 841 -92.64 8.45 20.35
CA LYS C 841 -93.58 9.57 20.45
C LYS C 841 -94.84 9.22 21.20
N GLU C 842 -95.16 7.93 21.35
CA GLU C 842 -96.34 7.54 22.11
C GLU C 842 -96.21 7.97 23.56
N GLN C 843 -95.00 7.88 24.11
CA GLN C 843 -94.74 8.33 25.48
C GLN C 843 -94.37 9.82 25.46
N ALA C 844 -94.87 10.56 26.44
CA ALA C 844 -94.55 11.98 26.54
C ALA C 844 -93.21 12.15 27.26
N PRO C 845 -92.38 13.13 26.87
CA PRO C 845 -91.17 13.40 27.65
C PRO C 845 -91.52 13.88 29.05
N HIS C 846 -90.53 13.80 29.95
CA HIS C 846 -90.76 14.01 31.38
C HIS C 846 -90.34 15.41 31.85
N CYS C 847 -89.06 15.75 31.74
CA CYS C 847 -88.56 17.09 32.08
C CYS C 847 -87.07 17.15 31.78
N ILE C 848 -86.54 18.38 31.73
CA ILE C 848 -85.11 18.62 31.50
C ILE C 848 -84.65 19.78 32.39
N CYS C 849 -83.88 19.46 33.43
CA CYS C 849 -83.35 20.43 34.36
C CYS C 849 -82.11 21.10 33.76
N ALA C 850 -81.34 21.81 34.57
CA ALA C 850 -80.11 22.44 34.13
C ALA C 850 -79.19 21.43 33.47
N ASN C 851 -78.95 21.63 32.18
CA ASN C 851 -78.17 20.74 31.33
C ASN C 851 -78.83 19.38 31.15
N GLY C 852 -80.12 19.28 31.41
CA GLY C 852 -80.89 18.07 31.10
C GLY C 852 -81.36 18.15 29.66
N ARG C 853 -81.63 16.99 29.07
CA ARG C 853 -81.93 16.93 27.65
C ARG C 853 -82.78 15.71 27.34
N GLN C 854 -83.91 15.95 26.68
CA GLN C 854 -84.82 14.92 26.21
C GLN C 854 -84.69 14.79 24.70
N THR C 855 -84.29 13.59 24.26
CA THR C 855 -83.98 13.33 22.86
C THR C 855 -84.83 12.19 22.36
N VAL C 856 -85.28 12.31 21.11
CA VAL C 856 -86.23 11.39 20.50
C VAL C 856 -85.77 11.11 19.08
N SER C 857 -85.83 9.85 18.68
CA SER C 857 -85.42 9.40 17.36
C SER C 857 -86.60 9.39 16.40
N TRP C 858 -86.31 9.59 15.12
CA TRP C 858 -87.33 9.70 14.09
C TRP C 858 -86.82 8.99 12.84
N ALA C 859 -87.34 7.78 12.58
CA ALA C 859 -87.11 7.14 11.30
C ALA C 859 -87.57 8.07 10.18
N VAL C 860 -86.92 7.98 9.02
CA VAL C 860 -87.06 8.98 7.97
C VAL C 860 -86.65 8.37 6.64
N THR C 861 -87.37 8.76 5.59
CA THR C 861 -87.03 8.41 4.22
C THR C 861 -87.41 9.60 3.34
N PRO C 862 -86.47 10.19 2.58
CA PRO C 862 -86.83 11.35 1.77
C PRO C 862 -87.31 10.95 0.38
N LYS C 863 -87.93 11.92 -0.30
CA LYS C 863 -88.40 11.77 -1.66
C LYS C 863 -87.93 12.88 -2.58
N SER C 864 -87.69 14.08 -2.05
CA SER C 864 -87.26 15.22 -2.86
C SER C 864 -85.77 15.10 -3.14
N LEU C 865 -85.19 16.16 -3.70
CA LEU C 865 -83.79 16.17 -4.10
C LEU C 865 -83.22 17.58 -3.96
N GLY C 866 -81.89 17.66 -4.05
CA GLY C 866 -81.23 18.94 -4.17
C GLY C 866 -80.84 19.54 -2.82
N ASN C 867 -80.60 20.86 -2.87
CA ASN C 867 -80.29 21.62 -1.64
C ASN C 867 -81.62 21.85 -0.95
N VAL C 868 -81.92 21.07 0.08
CA VAL C 868 -83.23 21.10 0.73
C VAL C 868 -83.05 21.50 2.19
N ASN C 869 -84.11 22.09 2.75
CA ASN C 869 -84.06 22.56 4.15
C ASN C 869 -84.48 21.45 5.11
N PHE C 870 -84.20 21.64 6.39
CA PHE C 870 -84.52 20.66 7.43
C PHE C 870 -85.13 21.33 8.65
N THR C 871 -86.18 20.70 9.20
CA THR C 871 -87.07 21.34 10.16
C THR C 871 -87.04 20.61 11.52
N VAL C 872 -87.10 21.39 12.60
CA VAL C 872 -87.28 20.88 13.96
C VAL C 872 -88.04 21.91 14.78
N SER C 873 -88.36 21.54 16.04
CA SER C 873 -89.15 22.38 16.93
C SER C 873 -88.63 22.29 18.36
N ALA C 874 -89.00 23.30 19.16
CA ALA C 874 -88.66 23.36 20.58
C ALA C 874 -89.41 24.51 21.23
N GLU C 875 -89.88 24.29 22.46
CA GLU C 875 -90.44 25.35 23.30
C GLU C 875 -90.73 24.77 24.69
N ALA C 876 -90.62 25.63 25.70
CA ALA C 876 -91.05 25.29 27.05
C ALA C 876 -92.57 25.21 27.13
N LEU C 877 -93.07 24.53 28.17
CA LEU C 877 -94.50 24.34 28.39
C LEU C 877 -94.86 24.59 29.85
N GLU C 878 -96.09 25.04 30.06
CA GLU C 878 -96.61 25.41 31.36
C GLU C 878 -97.57 24.35 31.89
N SER C 879 -97.69 24.28 33.21
CA SER C 879 -98.69 23.44 33.90
C SER C 879 -98.54 21.96 33.55
N GLN C 880 -97.40 21.40 33.95
CA GLN C 880 -97.18 19.95 33.91
C GLN C 880 -96.44 19.49 35.16
N GLU C 881 -96.89 19.95 36.32
CA GLU C 881 -96.19 19.71 37.58
C GLU C 881 -96.29 18.23 37.95
N LEU C 882 -95.42 17.43 37.33
CA LEU C 882 -95.30 16.01 37.65
C LEU C 882 -93.85 15.54 37.79
N CYS C 883 -92.88 16.19 37.15
CA CYS C 883 -91.50 15.73 37.14
C CYS C 883 -90.68 16.38 38.25
N GLY C 884 -90.58 17.72 38.23
CA GLY C 884 -89.78 18.47 39.16
C GLY C 884 -90.61 19.16 40.22
N THR C 885 -90.12 20.33 40.66
CA THR C 885 -90.83 21.12 41.66
C THR C 885 -91.71 22.18 41.01
N GLU C 886 -91.24 22.79 39.91
CA GLU C 886 -92.00 23.82 39.22
C GLU C 886 -91.52 23.91 37.77
N VAL C 887 -92.20 24.76 37.00
CA VAL C 887 -91.88 24.98 35.60
C VAL C 887 -92.43 26.34 35.16
N PRO C 888 -91.70 27.45 35.37
CA PRO C 888 -92.17 28.73 34.84
C PRO C 888 -92.38 28.71 33.34
N SER C 889 -91.42 28.17 32.58
CA SER C 889 -91.53 28.01 31.13
C SER C 889 -91.78 29.35 30.44
N VAL C 890 -90.79 30.24 30.58
CA VAL C 890 -90.82 31.52 29.87
C VAL C 890 -89.39 31.97 29.58
N PRO C 891 -88.77 31.45 28.53
CA PRO C 891 -87.56 32.09 28.00
C PRO C 891 -87.91 33.40 27.31
N GLU C 892 -86.94 34.01 26.64
CA GLU C 892 -87.11 35.29 25.97
C GLU C 892 -88.25 35.25 24.95
N HIS C 893 -88.63 36.42 24.41
CA HIS C 893 -89.74 36.50 23.45
C HIS C 893 -89.57 35.53 22.30
N GLY C 894 -88.32 35.22 21.92
CA GLY C 894 -88.04 34.14 21.02
C GLY C 894 -87.80 32.85 21.78
N ARG C 895 -88.74 32.49 22.66
CA ARG C 895 -88.53 31.33 23.52
C ARG C 895 -88.58 30.02 22.73
N LYS C 896 -89.51 29.90 21.80
CA LYS C 896 -89.59 28.71 20.94
C LYS C 896 -88.49 28.79 19.89
N ASP C 897 -87.76 27.68 19.71
CA ASP C 897 -86.65 27.60 18.77
C ASP C 897 -87.03 26.66 17.63
N THR C 898 -87.18 27.21 16.43
CA THR C 898 -87.56 26.49 15.23
C THR C 898 -86.43 26.61 14.22
N VAL C 899 -85.54 25.61 14.20
CA VAL C 899 -84.34 25.66 13.37
C VAL C 899 -84.68 25.17 11.97
N ILE C 900 -84.02 25.76 10.98
CA ILE C 900 -84.19 25.44 9.57
C ILE C 900 -82.78 25.21 9.01
N LYS C 901 -82.43 23.94 8.66
CA LYS C 901 -81.05 23.63 8.22
C LYS C 901 -81.02 23.03 6.82
N PRO C 902 -79.89 23.23 6.07
CA PRO C 902 -79.84 22.79 4.67
C PRO C 902 -79.52 21.30 4.51
N LEU C 903 -79.55 20.81 3.26
CA LEU C 903 -79.16 19.44 2.95
C LEU C 903 -79.01 19.20 1.45
N LEU C 904 -77.86 18.68 1.02
CA LEU C 904 -77.71 18.09 -0.30
C LEU C 904 -77.91 16.59 -0.19
N VAL C 905 -78.70 16.05 -1.12
CA VAL C 905 -79.09 14.65 -1.12
C VAL C 905 -78.78 14.05 -2.48
N GLU C 906 -77.56 13.50 -2.65
CA GLU C 906 -77.17 12.77 -3.84
C GLU C 906 -78.06 11.54 -4.03
N PRO C 907 -78.10 10.95 -5.23
CA PRO C 907 -79.18 10.02 -5.55
C PRO C 907 -78.87 8.56 -5.23
N GLU C 908 -79.92 7.74 -5.32
CA GLU C 908 -79.87 6.30 -5.17
C GLU C 908 -79.45 5.64 -6.49
N GLY C 909 -78.87 4.45 -6.37
CA GLY C 909 -78.57 3.60 -7.50
C GLY C 909 -77.08 3.51 -7.78
N LEU C 910 -76.74 2.67 -8.75
CA LEU C 910 -75.36 2.38 -9.11
C LEU C 910 -74.84 3.50 -10.00
N GLU C 911 -73.95 4.33 -9.47
CA GLU C 911 -73.36 5.40 -10.24
C GLU C 911 -72.20 4.86 -11.08
N LYS C 912 -72.49 4.53 -12.33
CA LYS C 912 -71.48 4.29 -13.36
C LYS C 912 -71.50 5.49 -14.30
N GLU C 913 -70.57 5.52 -15.24
CA GLU C 913 -70.34 6.70 -16.06
C GLU C 913 -70.28 6.33 -17.53
N THR C 914 -70.19 7.37 -18.35
CA THR C 914 -70.05 7.24 -19.78
C THR C 914 -69.21 8.41 -20.28
N THR C 915 -68.31 8.14 -21.21
CA THR C 915 -67.38 9.16 -21.63
C THR C 915 -66.64 8.70 -22.89
N PHE C 916 -66.57 9.58 -23.89
CA PHE C 916 -65.64 9.46 -25.01
C PHE C 916 -64.96 10.82 -25.20
N ASN C 917 -64.20 10.95 -26.29
CA ASN C 917 -63.43 12.16 -26.52
C ASN C 917 -62.93 12.16 -27.96
N SER C 918 -62.18 13.20 -28.31
CA SER C 918 -61.73 13.42 -29.68
C SER C 918 -60.84 14.65 -29.71
N LEU C 919 -60.11 14.79 -30.81
CA LEU C 919 -59.18 15.91 -31.02
C LEU C 919 -59.32 16.34 -32.47
N LEU C 920 -59.50 17.63 -32.69
CA LEU C 920 -59.62 18.20 -34.02
C LEU C 920 -58.77 19.47 -34.13
N CYS C 921 -58.00 19.56 -35.22
CA CYS C 921 -57.26 20.79 -35.49
C CYS C 921 -56.89 20.95 -36.97
N PRO C 922 -57.48 21.95 -37.69
CA PRO C 922 -56.92 22.35 -38.98
C PRO C 922 -56.00 23.55 -38.81
N SER C 923 -55.08 23.75 -39.74
CA SER C 923 -54.27 24.97 -39.82
C SER C 923 -54.57 25.60 -41.17
N GLY C 924 -55.66 26.37 -41.20
CA GLY C 924 -56.18 26.93 -42.41
C GLY C 924 -57.63 26.61 -42.70
N GLY C 925 -58.38 26.08 -41.74
CA GLY C 925 -59.76 25.74 -41.99
C GLY C 925 -60.56 25.35 -40.77
N GLU C 926 -61.38 24.32 -40.89
CA GLU C 926 -62.35 23.93 -39.87
C GLU C 926 -62.51 22.41 -39.87
N VAL C 927 -62.93 21.88 -38.73
CA VAL C 927 -63.20 20.46 -38.52
C VAL C 927 -64.51 20.40 -37.74
N SER C 928 -64.93 19.20 -37.32
CA SER C 928 -66.11 19.14 -36.46
C SER C 928 -66.25 17.76 -35.83
N GLU C 929 -66.67 17.76 -34.56
CA GLU C 929 -66.88 16.54 -33.79
C GLU C 929 -68.38 16.40 -33.52
N GLU C 930 -68.74 15.23 -33.03
CA GLU C 930 -70.11 14.92 -32.64
C GLU C 930 -70.04 13.73 -31.70
N LEU C 931 -70.45 13.92 -30.46
CA LEU C 931 -70.59 12.81 -29.52
C LEU C 931 -71.98 12.85 -28.92
N SER C 932 -72.62 11.68 -28.88
CA SER C 932 -74.00 11.53 -28.52
C SER C 932 -74.26 10.09 -28.14
N LEU C 933 -74.52 9.86 -26.86
CA LEU C 933 -74.51 8.53 -26.27
C LEU C 933 -75.89 8.27 -25.67
N LYS C 934 -76.69 7.47 -26.37
CA LYS C 934 -78.05 7.11 -25.97
C LYS C 934 -77.95 5.78 -25.24
N LEU C 935 -78.05 5.83 -23.91
CA LEU C 935 -77.89 4.64 -23.06
C LEU C 935 -79.00 4.59 -22.02
N PRO C 936 -80.26 4.42 -22.45
CA PRO C 936 -81.34 4.17 -21.49
C PRO C 936 -81.74 2.70 -21.39
N PRO C 937 -80.91 1.81 -20.78
CA PRO C 937 -81.42 0.45 -20.48
C PRO C 937 -82.17 0.40 -19.15
N ASN C 938 -83.50 0.36 -19.22
CA ASN C 938 -84.40 0.10 -18.09
C ASN C 938 -84.00 0.92 -16.85
N VAL C 939 -84.12 2.24 -17.00
CA VAL C 939 -83.39 3.17 -16.16
C VAL C 939 -84.26 3.74 -15.06
N VAL C 940 -83.59 4.36 -14.07
CA VAL C 940 -84.20 5.29 -13.12
C VAL C 940 -83.93 6.69 -13.64
N GLU C 941 -84.98 7.52 -13.68
CA GLU C 941 -84.87 8.82 -14.33
C GLU C 941 -84.12 9.82 -13.44
N GLU C 942 -83.86 10.98 -14.01
CA GLU C 942 -83.20 12.11 -13.33
C GLU C 942 -81.80 11.76 -12.83
N SER C 943 -81.08 10.87 -13.53
CA SER C 943 -79.75 10.45 -13.13
C SER C 943 -78.65 11.05 -14.00
N ALA C 944 -78.95 11.36 -15.26
CA ALA C 944 -77.93 11.70 -16.24
C ALA C 944 -77.26 13.02 -15.87
N ARG C 945 -75.95 13.08 -16.07
CA ARG C 945 -75.22 14.34 -16.01
C ARG C 945 -73.83 14.17 -16.57
N ALA C 946 -73.42 15.11 -17.42
CA ALA C 946 -72.04 15.21 -17.84
C ALA C 946 -71.57 16.65 -17.62
N SER C 947 -70.26 16.82 -17.74
CA SER C 947 -69.63 18.10 -17.45
C SER C 947 -68.33 18.13 -18.26
N VAL C 948 -68.28 18.99 -19.27
CA VAL C 948 -67.41 18.71 -20.40
C VAL C 948 -66.08 19.38 -20.24
N SER C 949 -65.21 19.11 -21.18
CA SER C 949 -63.89 19.68 -21.19
C SER C 949 -63.50 19.93 -22.62
N VAL C 950 -63.30 21.22 -22.95
CA VAL C 950 -62.43 21.65 -24.09
C VAL C 950 -61.06 22.00 -23.51
N LEU C 951 -60.02 21.27 -23.93
CA LEU C 951 -58.79 21.17 -23.16
C LEU C 951 -57.64 20.78 -24.08
N GLY C 952 -56.46 21.29 -23.74
CA GLY C 952 -55.21 20.70 -24.21
C GLY C 952 -54.34 20.41 -23.00
N ASP C 953 -54.12 19.13 -22.71
CA ASP C 953 -53.48 18.74 -21.45
C ASP C 953 -51.97 18.70 -21.57
N ILE C 954 -51.41 19.43 -22.54
CA ILE C 954 -49.97 19.61 -22.62
C ILE C 954 -49.39 20.07 -21.29
N LEU C 955 -50.03 21.01 -20.57
CA LEU C 955 -49.46 21.58 -19.35
C LEU C 955 -50.49 21.78 -18.25
N GLY C 956 -51.35 20.80 -17.99
CA GLY C 956 -52.26 20.89 -16.85
C GLY C 956 -51.56 21.26 -15.56
N SER C 957 -50.58 20.47 -15.15
CA SER C 957 -49.74 20.78 -14.00
C SER C 957 -48.29 20.47 -14.30
N ALA C 958 -47.82 20.85 -15.48
CA ALA C 958 -46.53 20.39 -16.00
C ALA C 958 -45.42 21.42 -15.86
N MET C 959 -45.40 22.21 -14.78
CA MET C 959 -44.37 23.24 -14.62
C MET C 959 -43.10 22.66 -14.00
N GLN C 960 -43.27 21.67 -13.13
CA GLN C 960 -42.25 21.33 -12.15
C GLN C 960 -41.18 20.44 -12.77
N ASN C 961 -41.56 19.48 -13.60
CA ASN C 961 -40.58 18.76 -14.40
C ASN C 961 -39.87 19.72 -15.36
N THR C 962 -40.63 20.68 -15.91
CA THR C 962 -40.13 21.50 -17.01
C THR C 962 -39.06 22.47 -16.53
N GLN C 963 -39.06 22.78 -15.23
CA GLN C 963 -37.96 23.56 -14.66
C GLN C 963 -37.21 22.84 -13.54
N ASN C 964 -37.43 21.53 -13.38
CA ASN C 964 -36.48 20.69 -12.64
C ASN C 964 -35.41 20.15 -13.56
N LEU C 965 -35.83 19.44 -14.60
CA LEU C 965 -34.96 18.48 -15.27
C LEU C 965 -33.88 19.19 -16.09
N LEU C 966 -32.97 19.87 -15.38
CA LEU C 966 -31.92 20.68 -15.98
C LEU C 966 -30.69 20.52 -15.11
N GLN C 967 -29.57 20.13 -15.70
CA GLN C 967 -28.37 19.84 -14.94
C GLN C 967 -27.16 19.88 -15.84
N MET C 968 -26.03 20.21 -15.26
CA MET C 968 -24.72 20.04 -15.86
C MET C 968 -24.20 18.65 -15.47
N PRO C 969 -23.77 17.81 -16.41
CA PRO C 969 -23.63 16.38 -16.11
C PRO C 969 -22.41 16.10 -15.25
N TYR C 970 -22.33 14.84 -14.83
CA TYR C 970 -21.28 14.39 -13.91
C TYR C 970 -21.01 12.92 -14.16
N GLY C 971 -19.77 12.52 -13.91
CA GLY C 971 -19.45 11.11 -13.78
C GLY C 971 -19.01 10.46 -15.09
N CYS C 972 -19.48 9.23 -15.29
CA CYS C 972 -19.04 8.44 -16.43
C CYS C 972 -19.86 8.83 -17.66
N GLY C 973 -19.76 8.01 -18.72
CA GLY C 973 -20.48 8.33 -19.94
C GLY C 973 -21.98 8.14 -19.80
N GLU C 974 -22.39 7.05 -19.14
CA GLU C 974 -23.82 6.79 -18.99
C GLU C 974 -24.45 7.81 -18.06
N GLN C 975 -23.73 8.19 -17.00
CA GLN C 975 -24.20 9.26 -16.12
C GLN C 975 -24.44 10.54 -16.91
N ASN C 976 -23.48 10.95 -17.74
CA ASN C 976 -23.69 12.16 -18.54
C ASN C 976 -24.83 11.96 -19.53
N MET C 977 -24.99 10.75 -20.07
CA MET C 977 -26.03 10.55 -21.06
C MET C 977 -27.40 10.72 -20.43
N VAL C 978 -27.58 10.22 -19.23
CA VAL C 978 -28.85 10.46 -18.54
C VAL C 978 -28.96 11.92 -18.13
N LEU C 979 -27.83 12.58 -17.85
CA LEU C 979 -27.85 13.98 -17.44
C LEU C 979 -27.98 14.95 -18.61
N PHE C 980 -27.91 14.45 -19.84
CA PHE C 980 -27.80 15.25 -21.05
C PHE C 980 -28.91 14.92 -22.05
N ALA C 981 -29.36 13.67 -22.14
CA ALA C 981 -30.36 13.24 -23.09
C ALA C 981 -31.76 13.79 -22.84
N PRO C 982 -32.29 13.77 -21.61
CA PRO C 982 -33.62 14.33 -21.42
C PRO C 982 -33.69 15.80 -21.75
N ASN C 983 -32.57 16.51 -21.65
CA ASN C 983 -32.59 17.96 -21.78
C ASN C 983 -32.89 18.39 -23.22
N ILE C 984 -32.46 17.59 -24.19
CA ILE C 984 -32.77 17.89 -25.59
C ILE C 984 -34.27 17.93 -25.79
N TYR C 985 -34.96 16.94 -25.24
CA TYR C 985 -36.39 16.81 -25.49
C TYR C 985 -37.21 17.58 -24.47
N VAL C 986 -36.58 18.06 -23.39
CA VAL C 986 -37.19 19.09 -22.55
C VAL C 986 -37.14 20.45 -23.26
N LEU C 987 -35.98 20.79 -23.83
CA LEU C 987 -35.82 22.07 -24.58
C LEU C 987 -36.83 22.05 -25.73
N ASP C 988 -36.89 20.92 -26.44
CA ASP C 988 -37.85 20.79 -27.57
C ASP C 988 -39.26 20.93 -27.01
N TYR C 989 -39.52 20.32 -25.85
CA TYR C 989 -40.88 20.36 -25.25
C TYR C 989 -41.24 21.82 -24.99
N LEU C 990 -40.32 22.59 -24.39
CA LEU C 990 -40.57 24.03 -24.17
C LEU C 990 -40.64 24.77 -25.51
N ASN C 991 -39.69 24.51 -26.42
CA ASN C 991 -39.64 25.24 -27.72
C ASN C 991 -40.90 24.94 -28.55
N GLU C 992 -41.30 23.67 -28.63
CA GLU C 992 -42.47 23.27 -29.43
C GLU C 992 -43.76 23.87 -28.85
N THR C 993 -43.86 23.96 -27.53
CA THR C 993 -45.09 24.46 -26.88
C THR C 993 -45.00 25.98 -26.73
N GLN C 994 -43.92 26.60 -27.23
CA GLN C 994 -43.72 28.06 -27.10
C GLN C 994 -43.61 28.40 -25.61
N GLN C 995 -42.79 27.64 -24.87
CA GLN C 995 -42.64 27.86 -23.44
C GLN C 995 -41.21 28.36 -23.21
N LEU C 996 -40.90 29.38 -24.01
CA LEU C 996 -39.47 29.72 -24.12
C LEU C 996 -38.93 30.81 -23.25
N THR C 997 -37.61 30.87 -23.27
CA THR C 997 -36.80 31.83 -22.53
C THR C 997 -35.31 31.70 -22.90
N PRO C 998 -34.55 32.80 -23.14
CA PRO C 998 -33.18 32.64 -23.69
C PRO C 998 -32.12 32.10 -22.72
N GLU C 999 -32.00 32.63 -21.52
CA GLU C 999 -30.83 32.26 -20.73
C GLU C 999 -30.95 30.87 -20.12
N ILE C 1000 -32.14 30.25 -20.14
CA ILE C 1000 -32.19 28.81 -19.93
C ILE C 1000 -31.54 28.10 -21.11
N LYS C 1001 -31.47 28.75 -22.28
CA LYS C 1001 -30.71 28.15 -23.40
C LYS C 1001 -29.22 28.33 -23.08
N SER C 1002 -28.80 29.48 -22.52
CA SER C 1002 -27.37 29.57 -22.14
C SER C 1002 -27.00 28.55 -21.06
N LYS C 1003 -27.90 28.36 -20.09
CA LYS C 1003 -27.82 27.28 -19.11
C LYS C 1003 -27.60 25.92 -19.77
N ALA C 1004 -28.55 25.54 -20.62
CA ALA C 1004 -28.44 24.28 -21.31
C ALA C 1004 -27.26 24.26 -22.27
N ILE C 1005 -26.65 25.40 -22.60
CA ILE C 1005 -25.47 25.39 -23.45
C ILE C 1005 -24.25 24.94 -22.69
N GLY C 1006 -24.05 25.55 -21.52
CA GLY C 1006 -23.06 24.99 -20.59
C GLY C 1006 -23.28 23.51 -20.39
N TYR C 1007 -24.54 23.13 -20.17
CA TYR C 1007 -24.89 21.72 -20.02
C TYR C 1007 -24.47 20.88 -21.22
N LEU C 1008 -24.98 21.21 -22.42
CA LEU C 1008 -24.81 20.31 -23.54
C LEU C 1008 -23.34 20.23 -23.96
N ASN C 1009 -22.60 21.33 -23.84
CA ASN C 1009 -21.18 21.28 -24.14
C ASN C 1009 -20.43 20.37 -23.18
N THR C 1010 -20.62 20.55 -21.85
CA THR C 1010 -19.86 19.73 -20.91
C THR C 1010 -20.22 18.26 -21.08
N GLY C 1011 -21.50 17.95 -21.34
CA GLY C 1011 -21.89 16.55 -21.56
C GLY C 1011 -21.37 15.98 -22.87
N TYR C 1012 -21.42 16.77 -23.93
CA TYR C 1012 -20.87 16.35 -25.22
C TYR C 1012 -19.42 15.93 -25.08
N GLN C 1013 -18.60 16.82 -24.52
CA GLN C 1013 -17.21 16.45 -24.35
C GLN C 1013 -17.04 15.38 -23.27
N ARG C 1014 -18.03 15.19 -22.40
CA ARG C 1014 -17.95 14.07 -21.47
C ARG C 1014 -18.06 12.77 -22.22
N GLN C 1015 -18.97 12.71 -23.17
CA GLN C 1015 -18.98 11.57 -24.08
C GLN C 1015 -17.69 11.43 -24.84
N LEU C 1016 -17.05 12.55 -25.20
CA LEU C 1016 -15.70 12.43 -25.75
C LEU C 1016 -14.74 11.78 -24.76
N ASN C 1017 -15.01 11.87 -23.46
CA ASN C 1017 -14.11 11.25 -22.49
C ASN C 1017 -14.16 9.72 -22.51
N TYR C 1018 -15.14 9.10 -23.18
CA TYR C 1018 -15.26 7.64 -23.12
C TYR C 1018 -15.62 6.98 -24.45
N LYS C 1019 -15.24 7.55 -25.59
CA LYS C 1019 -15.48 6.92 -26.89
C LYS C 1019 -14.23 6.14 -27.32
N HIS C 1020 -14.22 5.71 -28.58
CA HIS C 1020 -13.04 5.14 -29.22
C HIS C 1020 -12.71 5.94 -30.48
N TYR C 1021 -11.44 5.92 -30.86
CA TYR C 1021 -11.05 6.68 -32.04
C TYR C 1021 -11.53 6.01 -33.32
N ASP C 1022 -12.01 4.77 -33.25
CA ASP C 1022 -12.85 4.30 -34.33
C ASP C 1022 -14.16 5.05 -34.35
N GLY C 1023 -14.67 5.39 -33.16
CA GLY C 1023 -15.79 6.30 -33.03
C GLY C 1023 -16.81 5.99 -31.97
N SER C 1024 -16.95 4.73 -31.56
CA SER C 1024 -18.15 4.34 -30.82
C SER C 1024 -17.94 4.56 -29.33
N TYR C 1025 -18.91 4.11 -28.54
CA TYR C 1025 -19.12 4.59 -27.19
C TYR C 1025 -19.49 3.42 -26.28
N SER C 1026 -18.75 3.27 -25.18
CA SER C 1026 -19.09 2.34 -24.10
C SER C 1026 -18.91 3.03 -22.75
N THR C 1027 -18.88 2.26 -21.65
CA THR C 1027 -18.95 2.87 -20.32
C THR C 1027 -17.71 3.69 -19.97
N PHE C 1028 -16.50 3.20 -20.24
CA PHE C 1028 -15.28 3.83 -19.73
C PHE C 1028 -14.38 4.39 -20.83
N GLY C 1029 -13.95 3.56 -21.76
CA GLY C 1029 -13.45 4.08 -23.02
C GLY C 1029 -12.03 4.63 -23.11
N GLU C 1030 -11.93 5.96 -23.13
CA GLU C 1030 -10.78 6.67 -23.64
C GLU C 1030 -9.50 6.36 -22.87
N ARG C 1031 -8.34 6.63 -23.47
CA ARG C 1031 -6.96 6.33 -23.06
C ARG C 1031 -6.52 4.92 -23.44
N TYR C 1032 -7.35 4.08 -24.03
CA TYR C 1032 -6.96 2.70 -24.25
C TYR C 1032 -7.86 2.07 -25.30
N GLY C 1033 -7.47 0.86 -25.72
CA GLY C 1033 -8.18 0.10 -26.73
C GLY C 1033 -8.78 -1.21 -26.24
N ARG C 1034 -8.70 -1.47 -24.93
CA ARG C 1034 -9.16 -2.74 -24.37
C ARG C 1034 -10.66 -2.72 -24.07
N ASN C 1035 -11.44 -2.40 -25.10
CA ASN C 1035 -12.89 -2.26 -24.96
C ASN C 1035 -13.49 -2.03 -26.35
N GLN C 1036 -14.80 -2.22 -26.43
CA GLN C 1036 -15.60 -2.00 -27.63
C GLN C 1036 -16.85 -1.21 -27.24
N GLY C 1037 -17.53 -0.65 -28.26
CA GLY C 1037 -18.65 0.25 -28.05
C GLY C 1037 -19.93 -0.41 -27.61
N ASN C 1038 -21.09 0.16 -27.98
CA ASN C 1038 -22.38 -0.44 -27.62
C ASN C 1038 -23.48 0.05 -28.53
N THR C 1039 -24.14 -0.90 -29.21
CA THR C 1039 -25.36 -0.63 -29.98
C THR C 1039 -26.36 0.27 -29.24
N TRP C 1040 -26.83 -0.19 -28.09
CA TRP C 1040 -27.92 0.51 -27.42
C TRP C 1040 -27.50 1.89 -26.96
N LEU C 1041 -26.39 1.96 -26.25
CA LEU C 1041 -25.95 3.23 -25.69
C LEU C 1041 -25.50 4.18 -26.78
N THR C 1042 -24.74 3.68 -27.75
CA THR C 1042 -24.34 4.57 -28.83
C THR C 1042 -25.54 5.03 -29.65
N ALA C 1043 -26.63 4.27 -29.65
CA ALA C 1043 -27.87 4.76 -30.27
C ALA C 1043 -28.50 5.87 -29.45
N PHE C 1044 -28.52 5.71 -28.13
CA PHE C 1044 -29.02 6.76 -27.24
C PHE C 1044 -28.21 8.04 -27.47
N VAL C 1045 -26.88 7.89 -27.47
CA VAL C 1045 -25.94 8.94 -27.85
C VAL C 1045 -26.36 9.61 -29.16
N LEU C 1046 -26.51 8.83 -30.22
CA LEU C 1046 -26.61 9.45 -31.53
C LEU C 1046 -27.99 10.04 -31.78
N LYS C 1047 -29.03 9.53 -31.12
CA LYS C 1047 -30.30 10.23 -31.13
C LYS C 1047 -30.14 11.61 -30.51
N THR C 1048 -29.42 11.67 -29.39
CA THR C 1048 -29.22 12.97 -28.76
C THR C 1048 -28.31 13.86 -29.61
N PHE C 1049 -27.28 13.28 -30.24
CA PHE C 1049 -26.53 13.99 -31.27
C PHE C 1049 -27.44 14.66 -32.25
N ALA C 1050 -28.32 13.87 -32.89
CA ALA C 1050 -29.10 14.38 -34.01
C ALA C 1050 -30.02 15.49 -33.57
N GLN C 1051 -30.62 15.37 -32.38
CA GLN C 1051 -31.57 16.39 -31.98
C GLN C 1051 -30.91 17.65 -31.41
N ALA C 1052 -29.90 17.53 -30.53
CA ALA C 1052 -29.18 18.73 -30.12
C ALA C 1052 -28.29 19.26 -31.25
N ARG C 1053 -28.13 18.48 -32.31
CA ARG C 1053 -27.67 19.00 -33.59
C ARG C 1053 -28.78 19.78 -34.26
N ALA C 1054 -30.01 19.27 -34.19
CA ALA C 1054 -31.17 19.87 -34.83
C ALA C 1054 -31.55 21.21 -34.22
N TYR C 1055 -30.75 21.70 -33.27
CA TYR C 1055 -31.04 23.08 -32.80
C TYR C 1055 -29.81 23.94 -32.98
N ILE C 1056 -28.59 23.36 -33.02
CA ILE C 1056 -27.42 24.19 -32.92
C ILE C 1056 -26.27 23.48 -33.59
N PHE C 1057 -25.11 24.12 -33.57
CA PHE C 1057 -24.03 23.66 -34.42
C PHE C 1057 -23.45 22.33 -33.99
N ILE C 1058 -23.10 21.51 -34.98
CA ILE C 1058 -22.40 20.27 -34.76
C ILE C 1058 -21.27 20.15 -35.78
N ASP C 1059 -20.36 19.23 -35.54
CA ASP C 1059 -19.43 18.74 -36.55
C ASP C 1059 -19.76 17.27 -36.85
N GLU C 1060 -19.52 16.86 -38.11
CA GLU C 1060 -20.19 15.68 -38.67
C GLU C 1060 -19.32 14.43 -38.74
N ALA C 1061 -18.02 14.56 -38.98
CA ALA C 1061 -17.17 13.40 -39.26
C ALA C 1061 -17.19 12.37 -38.13
N HIS C 1062 -17.33 12.82 -36.89
CA HIS C 1062 -17.30 11.90 -35.75
C HIS C 1062 -18.46 10.90 -35.82
N ILE C 1063 -19.67 11.42 -35.70
CA ILE C 1063 -20.89 10.62 -35.86
C ILE C 1063 -20.92 9.89 -37.19
N THR C 1064 -20.26 10.43 -38.21
CA THR C 1064 -20.13 9.70 -39.47
C THR C 1064 -19.39 8.38 -39.27
N GLN C 1065 -18.20 8.44 -38.67
CA GLN C 1065 -17.48 7.17 -38.45
C GLN C 1065 -18.25 6.28 -37.48
N ALA C 1066 -19.00 6.86 -36.54
CA ALA C 1066 -19.87 6.06 -35.71
C ALA C 1066 -20.87 5.28 -36.57
N LEU C 1067 -21.33 5.92 -37.64
CA LEU C 1067 -22.22 5.23 -38.55
C LEU C 1067 -21.50 4.11 -39.28
N ILE C 1068 -20.20 4.29 -39.59
CA ILE C 1068 -19.50 3.19 -40.27
C ILE C 1068 -19.42 1.98 -39.34
N TRP C 1069 -19.21 2.25 -38.05
CA TRP C 1069 -19.18 1.18 -37.05
C TRP C 1069 -20.49 0.40 -37.05
N LEU C 1070 -21.59 1.12 -36.79
CA LEU C 1070 -22.91 0.48 -36.77
C LEU C 1070 -23.20 -0.25 -38.07
N SER C 1071 -22.68 0.27 -39.18
CA SER C 1071 -22.88 -0.38 -40.47
C SER C 1071 -22.20 -1.72 -40.52
N GLN C 1072 -20.97 -1.78 -40.01
CA GLN C 1072 -20.29 -3.07 -39.94
C GLN C 1072 -21.10 -4.08 -39.16
N ARG C 1073 -21.66 -3.68 -38.04
CA ARG C 1073 -22.03 -4.69 -37.04
C ARG C 1073 -23.44 -5.24 -37.20
N GLN C 1074 -23.80 -5.84 -38.34
CA GLN C 1074 -24.97 -6.71 -38.36
C GLN C 1074 -24.87 -7.66 -39.54
N LYS C 1075 -25.51 -8.82 -39.39
CA LYS C 1075 -25.48 -9.90 -40.36
C LYS C 1075 -25.96 -9.44 -41.73
N ASP C 1076 -25.67 -10.30 -42.70
CA ASP C 1076 -26.29 -10.20 -44.02
C ASP C 1076 -27.80 -10.16 -43.91
N ASN C 1077 -28.36 -11.13 -43.22
CA ASN C 1077 -29.80 -11.40 -43.24
C ASN C 1077 -30.40 -11.43 -41.85
N GLY C 1078 -29.58 -11.38 -40.79
CA GLY C 1078 -30.05 -11.36 -39.43
C GLY C 1078 -29.73 -10.06 -38.72
N CYS C 1079 -29.86 -10.08 -37.40
CA CYS C 1079 -30.13 -8.89 -36.61
C CYS C 1079 -28.85 -8.34 -35.98
N PHE C 1080 -29.01 -7.31 -35.16
CA PHE C 1080 -27.88 -6.69 -34.50
C PHE C 1080 -27.38 -7.53 -33.34
N ARG C 1081 -26.18 -7.18 -32.88
CA ARG C 1081 -25.53 -7.85 -31.78
C ARG C 1081 -25.37 -6.87 -30.62
N SER C 1082 -25.86 -7.26 -29.45
CA SER C 1082 -25.72 -6.46 -28.25
C SER C 1082 -24.33 -6.73 -27.68
N SER C 1083 -23.33 -6.13 -28.34
CA SER C 1083 -21.94 -6.28 -27.90
C SER C 1083 -21.78 -5.47 -26.62
N GLY C 1084 -22.27 -6.06 -25.54
CA GLY C 1084 -22.44 -5.34 -24.28
C GLY C 1084 -21.18 -5.08 -23.49
N SER C 1085 -20.90 -3.80 -23.26
CA SER C 1085 -19.93 -3.34 -22.28
C SER C 1085 -20.58 -2.27 -21.41
N LEU C 1086 -21.79 -2.57 -20.96
CA LEU C 1086 -22.68 -1.61 -20.32
C LEU C 1086 -22.28 -1.36 -18.88
N LEU C 1087 -23.16 -0.69 -18.14
CA LEU C 1087 -22.90 -0.24 -16.78
C LEU C 1087 -23.73 -0.96 -15.74
N ASN C 1088 -25.06 -0.91 -15.83
CA ASN C 1088 -25.96 -1.41 -14.79
C ASN C 1088 -27.19 -2.04 -15.41
N ASN C 1089 -28.06 -2.57 -14.55
CA ASN C 1089 -29.15 -3.45 -14.96
C ASN C 1089 -30.36 -2.73 -15.51
N ALA C 1090 -30.82 -1.64 -14.88
CA ALA C 1090 -32.06 -0.98 -15.25
C ALA C 1090 -31.86 0.43 -15.79
N ILE C 1091 -30.63 0.80 -16.16
CA ILE C 1091 -30.44 2.02 -16.93
C ILE C 1091 -31.29 1.99 -18.19
N LYS C 1092 -31.20 0.91 -18.94
CA LYS C 1092 -32.05 0.71 -20.11
C LYS C 1092 -33.43 0.28 -19.62
N GLY C 1093 -34.42 1.14 -19.80
CA GLY C 1093 -35.77 0.79 -19.45
C GLY C 1093 -36.40 -0.30 -20.27
N GLY C 1094 -35.77 -0.69 -21.39
CA GLY C 1094 -36.18 -1.85 -22.15
C GLY C 1094 -35.54 -3.08 -21.57
N VAL C 1095 -36.23 -4.21 -21.73
CA VAL C 1095 -35.86 -5.44 -21.07
C VAL C 1095 -34.84 -6.25 -21.88
N GLU C 1096 -34.24 -5.66 -22.91
CA GLU C 1096 -33.21 -6.30 -23.74
C GLU C 1096 -33.69 -7.60 -24.36
N ASP C 1097 -34.68 -7.51 -25.25
CA ASP C 1097 -34.86 -8.53 -26.27
C ASP C 1097 -33.87 -8.25 -27.40
N GLU C 1098 -33.36 -9.32 -28.01
CA GLU C 1098 -32.68 -9.15 -29.29
C GLU C 1098 -33.58 -8.45 -30.29
N VAL C 1099 -34.89 -8.70 -30.18
CA VAL C 1099 -35.90 -8.06 -31.02
C VAL C 1099 -35.75 -6.56 -30.94
N THR C 1100 -35.94 -5.99 -29.76
CA THR C 1100 -35.98 -4.55 -29.63
C THR C 1100 -34.59 -3.94 -29.61
N LEU C 1101 -33.58 -4.72 -29.23
CA LEU C 1101 -32.19 -4.37 -29.48
C LEU C 1101 -32.04 -3.91 -30.91
N SER C 1102 -32.23 -4.88 -31.79
CA SER C 1102 -31.96 -4.63 -33.20
C SER C 1102 -32.91 -3.61 -33.77
N ALA C 1103 -34.16 -3.62 -33.32
CA ALA C 1103 -35.12 -2.68 -33.86
C ALA C 1103 -34.76 -1.26 -33.47
N TYR C 1104 -34.65 -0.98 -32.16
CA TYR C 1104 -34.33 0.35 -31.70
C TYR C 1104 -33.07 0.89 -32.34
N ILE C 1105 -32.07 0.01 -32.56
CA ILE C 1105 -30.87 0.45 -33.27
C ILE C 1105 -31.29 0.97 -34.63
N THR C 1106 -31.93 0.11 -35.43
CA THR C 1106 -32.15 0.51 -36.82
C THR C 1106 -33.10 1.70 -36.92
N ILE C 1107 -34.05 1.81 -36.00
CA ILE C 1107 -35.10 2.82 -36.20
C ILE C 1107 -34.68 4.13 -35.56
N ALA C 1108 -33.75 4.13 -34.61
CA ALA C 1108 -33.09 5.38 -34.25
C ALA C 1108 -32.14 5.79 -35.35
N LEU C 1109 -31.49 4.81 -35.95
CA LEU C 1109 -30.66 5.06 -37.12
C LEU C 1109 -31.48 5.66 -38.25
N LEU C 1110 -32.77 5.32 -38.31
CA LEU C 1110 -33.69 5.99 -39.22
C LEU C 1110 -34.10 7.35 -38.72
N GLU C 1111 -34.20 7.50 -37.39
CA GLU C 1111 -34.49 8.78 -36.79
C GLU C 1111 -33.35 9.77 -37.03
N ILE C 1112 -32.21 9.29 -37.56
CA ILE C 1112 -31.17 10.12 -38.14
C ILE C 1112 -31.79 10.91 -39.30
N PRO C 1113 -31.24 12.06 -39.66
CA PRO C 1113 -31.46 12.59 -41.00
C PRO C 1113 -30.81 11.70 -42.06
N LEU C 1114 -31.43 10.56 -42.29
CA LEU C 1114 -30.94 9.61 -43.28
C LEU C 1114 -32.14 8.96 -43.95
N THR C 1115 -31.86 8.09 -44.91
CA THR C 1115 -32.88 7.60 -45.82
C THR C 1115 -33.86 6.73 -45.07
N VAL C 1116 -34.78 6.16 -45.84
CA VAL C 1116 -35.55 5.01 -45.43
C VAL C 1116 -35.35 3.97 -46.52
N THR C 1117 -34.17 3.99 -47.15
CA THR C 1117 -33.90 3.20 -48.35
C THR C 1117 -32.65 2.34 -48.27
N HIS C 1118 -31.69 2.66 -47.41
CA HIS C 1118 -30.38 2.02 -47.37
C HIS C 1118 -30.48 0.50 -47.20
N PRO C 1119 -29.60 -0.31 -47.86
CA PRO C 1119 -29.67 -1.76 -47.72
C PRO C 1119 -29.61 -2.24 -46.29
N VAL C 1120 -28.83 -1.50 -45.51
CA VAL C 1120 -28.67 -1.76 -44.10
C VAL C 1120 -30.01 -1.86 -43.43
N VAL C 1121 -30.77 -0.77 -43.48
CA VAL C 1121 -32.06 -0.76 -42.83
C VAL C 1121 -33.01 -1.73 -43.50
N ARG C 1122 -32.74 -2.13 -44.74
CA ARG C 1122 -33.56 -3.18 -45.32
C ARG C 1122 -33.28 -4.51 -44.62
N ASN C 1123 -32.03 -4.72 -44.24
CA ASN C 1123 -31.69 -5.92 -43.49
C ASN C 1123 -32.36 -5.85 -42.14
N ALA C 1124 -32.39 -4.65 -41.60
CA ALA C 1124 -33.14 -4.41 -40.40
C ALA C 1124 -34.61 -4.80 -40.58
N LEU C 1125 -35.24 -4.27 -41.63
CA LEU C 1125 -36.65 -4.56 -41.88
C LEU C 1125 -36.89 -6.04 -42.07
N PHE C 1126 -35.90 -6.73 -42.60
CA PHE C 1126 -35.99 -8.18 -42.70
C PHE C 1126 -36.07 -8.75 -41.29
N CYS C 1127 -35.18 -8.29 -40.42
CA CYS C 1127 -35.25 -8.71 -39.03
C CYS C 1127 -36.54 -8.26 -38.39
N LEU C 1128 -37.13 -7.20 -38.89
CA LEU C 1128 -38.35 -6.69 -38.29
C LEU C 1128 -39.50 -7.60 -38.58
N GLU C 1129 -39.61 -8.00 -39.84
CA GLU C 1129 -40.63 -8.96 -40.21
C GLU C 1129 -40.41 -10.26 -39.46
N SER C 1130 -39.15 -10.65 -39.30
CA SER C 1130 -38.81 -11.83 -38.54
C SER C 1130 -39.31 -11.70 -37.12
N ALA C 1131 -39.01 -10.57 -36.52
CA ALA C 1131 -39.31 -10.32 -35.13
C ALA C 1131 -40.81 -10.26 -34.92
N TRP C 1132 -41.53 -9.70 -35.88
CA TRP C 1132 -42.96 -9.61 -35.71
C TRP C 1132 -43.58 -10.99 -35.81
N LYS C 1133 -43.20 -11.78 -36.81
CA LYS C 1133 -43.86 -13.05 -36.99
C LYS C 1133 -43.52 -14.00 -35.85
N THR C 1134 -42.29 -13.96 -35.33
CA THR C 1134 -42.00 -14.77 -34.16
C THR C 1134 -42.76 -14.25 -32.94
N ALA C 1135 -42.98 -12.93 -32.89
CA ALA C 1135 -43.72 -12.38 -31.77
C ALA C 1135 -45.20 -12.75 -31.83
N GLN C 1136 -45.74 -12.90 -33.03
CA GLN C 1136 -47.17 -12.89 -33.27
C GLN C 1136 -47.76 -14.29 -33.45
N GLU C 1137 -47.04 -15.19 -34.12
CA GLU C 1137 -47.65 -16.48 -34.42
C GLU C 1137 -47.90 -17.29 -33.15
N GLY C 1138 -46.90 -17.38 -32.28
CA GLY C 1138 -47.05 -18.13 -31.05
C GLY C 1138 -47.96 -17.40 -30.06
N ASP C 1139 -47.96 -17.91 -28.83
CA ASP C 1139 -48.74 -17.33 -27.74
C ASP C 1139 -47.98 -16.26 -26.97
N HIS C 1140 -46.95 -15.65 -27.58
CA HIS C 1140 -46.06 -14.76 -26.86
C HIS C 1140 -45.14 -14.06 -27.85
N GLY C 1141 -44.91 -12.77 -27.63
CA GLY C 1141 -43.88 -12.04 -28.36
C GLY C 1141 -43.26 -10.94 -27.52
N SER C 1142 -43.42 -11.05 -26.20
CA SER C 1142 -43.40 -10.01 -25.18
C SER C 1142 -44.69 -9.21 -25.16
N HIS C 1143 -45.56 -9.35 -26.18
CA HIS C 1143 -46.89 -8.77 -26.24
C HIS C 1143 -46.93 -7.25 -26.28
N VAL C 1144 -45.79 -6.57 -26.12
CA VAL C 1144 -45.79 -5.12 -25.89
C VAL C 1144 -44.72 -4.37 -26.68
N TYR C 1145 -43.45 -4.69 -26.42
CA TYR C 1145 -42.37 -3.74 -26.68
C TYR C 1145 -41.76 -3.98 -28.05
N THR C 1146 -41.48 -5.25 -28.33
CA THR C 1146 -41.34 -5.76 -29.68
C THR C 1146 -42.38 -5.10 -30.58
N LYS C 1147 -43.65 -5.16 -30.17
CA LYS C 1147 -44.74 -4.69 -31.00
C LYS C 1147 -44.63 -3.20 -31.31
N ALA C 1148 -44.67 -2.35 -30.27
CA ALA C 1148 -44.72 -0.92 -30.55
C ALA C 1148 -43.43 -0.40 -31.17
N LEU C 1149 -42.28 -0.99 -30.86
CA LEU C 1149 -41.07 -0.56 -31.53
C LEU C 1149 -41.09 -0.98 -32.99
N LEU C 1150 -41.66 -2.14 -33.28
CA LEU C 1150 -41.91 -2.50 -34.66
C LEU C 1150 -42.86 -1.50 -35.32
N ALA C 1151 -43.83 -1.00 -34.57
CA ALA C 1151 -44.72 0.04 -35.09
C ALA C 1151 -43.91 1.27 -35.50
N TYR C 1152 -42.93 1.64 -34.67
CA TYR C 1152 -42.11 2.80 -34.95
C TYR C 1152 -41.27 2.58 -36.20
N ALA C 1153 -40.62 1.43 -36.26
CA ALA C 1153 -39.80 1.09 -37.41
C ALA C 1153 -40.64 0.94 -38.68
N PHE C 1154 -41.90 0.51 -38.55
CA PHE C 1154 -42.78 0.43 -39.71
C PHE C 1154 -43.22 1.82 -40.16
N ALA C 1155 -43.44 2.72 -39.20
CA ALA C 1155 -43.73 4.10 -39.54
C ALA C 1155 -42.62 4.71 -40.39
N LEU C 1156 -41.37 4.29 -40.15
CA LEU C 1156 -40.29 4.75 -41.04
C LEU C 1156 -40.05 3.88 -42.27
N ALA C 1157 -40.67 2.70 -42.33
CA ALA C 1157 -40.37 1.75 -43.43
C ALA C 1157 -41.09 2.19 -44.71
N GLY C 1158 -41.86 3.29 -44.68
CA GLY C 1158 -42.98 3.35 -45.59
C GLY C 1158 -44.10 2.44 -45.16
N ASN C 1159 -43.93 1.70 -44.07
CA ASN C 1159 -44.88 0.70 -43.63
C ASN C 1159 -45.90 1.38 -42.73
N GLN C 1160 -46.75 2.18 -43.36
CA GLN C 1160 -47.86 2.74 -42.63
C GLN C 1160 -48.85 1.67 -42.19
N ASP C 1161 -49.01 0.63 -43.01
CA ASP C 1161 -50.06 -0.36 -42.75
C ASP C 1161 -49.56 -1.49 -41.85
N LYS C 1162 -48.28 -1.86 -41.98
CA LYS C 1162 -47.74 -2.81 -41.01
C LYS C 1162 -47.68 -2.16 -39.64
N ARG C 1163 -47.23 -0.90 -39.59
CA ARG C 1163 -47.38 -0.08 -38.41
C ARG C 1163 -48.81 -0.10 -37.91
N LYS C 1164 -49.77 0.07 -38.83
CA LYS C 1164 -51.18 0.12 -38.44
C LYS C 1164 -51.59 -1.15 -37.71
N GLU C 1165 -51.28 -2.31 -38.29
CA GLU C 1165 -51.78 -3.55 -37.69
C GLU C 1165 -51.09 -3.80 -36.35
N VAL C 1166 -49.82 -3.42 -36.21
CA VAL C 1166 -49.20 -3.57 -34.89
C VAL C 1166 -49.81 -2.58 -33.91
N LEU C 1167 -50.09 -1.37 -34.37
CA LEU C 1167 -50.78 -0.39 -33.55
C LEU C 1167 -52.12 -0.93 -33.03
N LYS C 1168 -52.87 -1.63 -33.88
CA LYS C 1168 -54.16 -2.18 -33.45
C LYS C 1168 -53.96 -3.35 -32.50
N SER C 1169 -52.95 -4.19 -32.77
CA SER C 1169 -52.57 -5.23 -31.80
C SER C 1169 -52.21 -4.60 -30.46
N LEU C 1170 -51.61 -3.42 -30.49
CA LEU C 1170 -51.19 -2.76 -29.27
C LEU C 1170 -52.37 -2.18 -28.49
N ASN C 1171 -53.35 -1.62 -29.21
CA ASN C 1171 -54.45 -0.94 -28.52
C ASN C 1171 -55.60 -1.87 -28.14
N GLU C 1172 -55.80 -2.98 -28.85
CA GLU C 1172 -56.94 -3.84 -28.54
C GLU C 1172 -56.84 -4.41 -27.13
N GLU C 1173 -55.62 -4.62 -26.64
CA GLU C 1173 -55.38 -5.03 -25.26
C GLU C 1173 -55.38 -3.79 -24.35
N ALA C 1174 -56.52 -3.12 -24.35
CA ALA C 1174 -56.67 -1.84 -23.68
C ALA C 1174 -56.59 -1.98 -22.17
N VAL C 1175 -55.99 -0.99 -21.52
CA VAL C 1175 -55.84 -0.93 -20.06
C VAL C 1175 -56.45 0.39 -19.59
N LYS C 1176 -57.57 0.78 -20.20
CA LYS C 1176 -58.15 2.12 -20.14
C LYS C 1176 -58.40 2.67 -18.74
N LYS C 1177 -58.61 3.98 -18.67
CA LYS C 1177 -59.17 4.67 -17.52
C LYS C 1177 -60.24 5.62 -18.04
N ASP C 1178 -60.67 6.57 -17.20
CA ASP C 1178 -61.88 7.35 -17.49
C ASP C 1178 -61.79 8.05 -18.84
N ASN C 1179 -60.72 8.81 -19.07
CA ASN C 1179 -60.50 9.42 -20.37
C ASN C 1179 -59.01 9.39 -20.74
N SER C 1180 -58.24 8.51 -20.10
CA SER C 1180 -56.84 8.34 -20.37
C SER C 1180 -56.55 6.84 -20.40
N VAL C 1181 -55.47 6.47 -21.08
CA VAL C 1181 -55.12 5.06 -21.29
C VAL C 1181 -53.63 4.90 -21.10
N HIS C 1182 -53.18 3.64 -21.15
CA HIS C 1182 -51.75 3.30 -21.13
C HIS C 1182 -51.56 1.81 -21.34
N TRP C 1183 -50.29 1.38 -21.43
CA TRP C 1183 -50.00 -0.03 -21.64
C TRP C 1183 -48.70 -0.40 -20.94
N GLU C 1184 -48.65 -1.62 -20.41
CA GLU C 1184 -47.53 -2.20 -19.71
C GLU C 1184 -47.39 -3.64 -20.20
N ARG C 1185 -46.32 -4.35 -19.78
CA ARG C 1185 -46.22 -5.79 -19.99
C ARG C 1185 -47.43 -6.45 -19.33
N PRO C 1186 -47.75 -7.75 -19.57
CA PRO C 1186 -49.15 -8.19 -19.44
C PRO C 1186 -49.70 -8.21 -18.00
N GLN C 1187 -49.57 -7.08 -17.29
CA GLN C 1187 -50.01 -6.84 -15.92
C GLN C 1187 -49.18 -7.58 -14.87
N LYS C 1188 -48.38 -8.56 -15.28
CA LYS C 1188 -47.24 -9.13 -14.57
C LYS C 1188 -46.63 -10.12 -15.58
N PRO C 1189 -45.32 -10.15 -15.78
CA PRO C 1189 -44.73 -11.31 -16.49
C PRO C 1189 -45.13 -12.62 -15.84
N LYS C 1190 -45.40 -13.62 -16.67
CA LYS C 1190 -45.95 -14.88 -16.19
C LYS C 1190 -44.99 -15.57 -15.22
N ALA C 1191 -43.69 -15.46 -15.48
CA ALA C 1191 -42.70 -16.04 -14.60
C ALA C 1191 -42.55 -15.17 -13.36
N PRO C 1192 -41.91 -15.67 -12.30
CA PRO C 1192 -41.72 -14.85 -11.10
C PRO C 1192 -40.78 -13.67 -11.39
N VAL C 1193 -41.30 -12.46 -11.17
CA VAL C 1193 -40.52 -11.23 -11.29
C VAL C 1193 -41.02 -10.25 -10.23
N GLY C 1194 -40.17 -9.30 -9.92
CA GLY C 1194 -40.56 -8.16 -9.07
C GLY C 1194 -40.00 -8.33 -7.66
N HIS C 1195 -40.89 -8.22 -6.67
CA HIS C 1195 -40.58 -8.25 -5.21
C HIS C 1195 -39.98 -6.92 -4.77
N PHE C 1196 -39.05 -6.37 -5.54
CA PHE C 1196 -38.77 -4.93 -5.54
C PHE C 1196 -37.79 -4.69 -6.69
N TYR C 1197 -37.53 -3.43 -7.05
CA TYR C 1197 -36.56 -2.98 -8.05
C TYR C 1197 -36.93 -3.36 -9.48
N GLU C 1198 -37.99 -4.14 -9.71
CA GLU C 1198 -38.24 -4.79 -11.00
C GLU C 1198 -36.94 -5.44 -11.48
N PRO C 1199 -36.51 -6.53 -10.84
CA PRO C 1199 -35.17 -7.05 -11.07
C PRO C 1199 -35.07 -7.75 -12.43
N GLN C 1200 -34.01 -7.43 -13.16
CA GLN C 1200 -33.70 -8.02 -14.47
C GLN C 1200 -34.77 -7.73 -15.53
N ALA C 1201 -35.77 -6.88 -15.23
CA ALA C 1201 -36.86 -6.65 -16.15
C ALA C 1201 -37.57 -5.34 -15.78
N PRO C 1202 -37.13 -4.17 -16.28
CA PRO C 1202 -37.65 -2.89 -15.77
C PRO C 1202 -39.01 -2.48 -16.33
N SER C 1203 -39.73 -3.41 -16.95
CA SER C 1203 -41.14 -3.33 -17.31
C SER C 1203 -41.44 -2.52 -18.56
N ALA C 1204 -40.47 -1.77 -19.10
CA ALA C 1204 -40.56 -1.24 -20.47
C ALA C 1204 -41.87 -0.49 -20.75
N GLU C 1205 -42.55 -0.02 -19.71
CA GLU C 1205 -43.99 0.24 -19.78
C GLU C 1205 -44.35 1.67 -20.14
N VAL C 1206 -43.51 2.63 -19.80
CA VAL C 1206 -43.78 4.03 -20.15
C VAL C 1206 -43.11 4.38 -21.46
N GLU C 1207 -41.84 3.98 -21.61
CA GLU C 1207 -41.09 4.24 -22.83
C GLU C 1207 -41.79 3.64 -24.04
N MET C 1208 -42.47 2.50 -23.85
CA MET C 1208 -43.20 1.93 -24.97
C MET C 1208 -44.35 2.85 -25.36
N THR C 1209 -45.15 3.27 -24.39
CA THR C 1209 -46.14 4.30 -24.62
C THR C 1209 -45.50 5.57 -25.17
N SER C 1210 -44.24 5.83 -24.83
CA SER C 1210 -43.50 6.89 -25.52
C SER C 1210 -43.37 6.55 -26.99
N TYR C 1211 -42.80 5.40 -27.27
CA TYR C 1211 -42.67 4.97 -28.64
C TYR C 1211 -43.98 4.49 -29.23
N VAL C 1212 -45.05 4.42 -28.44
CA VAL C 1212 -46.39 4.45 -29.01
C VAL C 1212 -46.80 5.89 -29.28
N LEU C 1213 -46.31 6.83 -28.47
CA LEU C 1213 -46.57 8.26 -28.66
C LEU C 1213 -45.62 8.90 -29.68
N LEU C 1214 -44.66 8.14 -30.23
CA LEU C 1214 -43.71 8.65 -31.21
C LEU C 1214 -44.05 8.22 -32.63
N ALA C 1215 -44.37 6.95 -32.80
CA ALA C 1215 -44.62 6.42 -34.13
C ALA C 1215 -45.78 7.13 -34.79
N TYR C 1216 -46.78 7.51 -33.99
CA TYR C 1216 -47.98 8.05 -34.59
C TYR C 1216 -47.74 9.40 -35.25
N LEU C 1217 -46.61 10.05 -34.98
CA LEU C 1217 -46.47 11.47 -35.16
C LEU C 1217 -45.35 11.89 -36.08
N THR C 1218 -44.42 11.01 -36.42
CA THR C 1218 -43.32 11.46 -37.25
C THR C 1218 -43.84 11.71 -38.65
N ALA C 1219 -44.41 12.89 -38.85
CA ALA C 1219 -45.18 13.19 -40.05
C ALA C 1219 -44.40 14.14 -40.92
N GLN C 1220 -43.91 13.63 -42.06
CA GLN C 1220 -43.51 14.53 -43.14
C GLN C 1220 -44.64 15.51 -43.43
N PRO C 1221 -45.82 15.07 -43.90
CA PRO C 1221 -46.97 15.98 -43.92
C PRO C 1221 -47.68 16.21 -42.59
N ALA C 1222 -48.23 15.15 -41.97
CA ALA C 1222 -49.24 15.36 -40.95
C ALA C 1222 -49.80 14.07 -40.32
N PRO C 1223 -50.29 14.11 -39.08
CA PRO C 1223 -51.06 12.98 -38.54
C PRO C 1223 -52.54 13.03 -38.92
N THR C 1224 -53.29 12.14 -38.28
CA THR C 1224 -54.73 11.95 -38.45
C THR C 1224 -55.43 11.99 -37.09
N SER C 1225 -56.70 11.55 -37.08
CA SER C 1225 -57.54 11.72 -35.90
C SER C 1225 -57.32 10.64 -34.84
N GLU C 1226 -57.63 9.38 -35.18
CA GLU C 1226 -57.81 8.38 -34.12
C GLU C 1226 -56.48 8.02 -33.48
N ASP C 1227 -55.41 7.97 -34.29
CA ASP C 1227 -54.07 7.82 -33.76
C ASP C 1227 -53.76 8.85 -32.68
N LEU C 1228 -53.90 10.14 -33.00
CA LEU C 1228 -53.60 11.16 -31.99
C LEU C 1228 -54.65 11.22 -30.89
N THR C 1229 -55.80 10.56 -31.05
CA THR C 1229 -56.72 10.41 -29.91
C THR C 1229 -56.15 9.44 -28.88
N SER C 1230 -55.75 8.25 -29.32
CA SER C 1230 -55.06 7.32 -28.42
C SER C 1230 -53.81 7.98 -27.83
N ALA C 1231 -53.12 8.79 -28.64
CA ALA C 1231 -51.99 9.57 -28.16
C ALA C 1231 -52.43 10.50 -27.03
N THR C 1232 -53.51 11.24 -27.24
CA THR C 1232 -54.01 12.17 -26.23
C THR C 1232 -54.29 11.45 -24.92
N ASN C 1233 -54.86 10.25 -25.01
CA ASN C 1233 -55.18 9.52 -23.79
C ASN C 1233 -53.91 9.09 -23.04
N ILE C 1234 -52.95 8.47 -23.74
CA ILE C 1234 -51.74 8.10 -23.00
C ILE C 1234 -50.95 9.32 -22.58
N VAL C 1235 -51.12 10.46 -23.26
CA VAL C 1235 -50.43 11.65 -22.85
C VAL C 1235 -51.05 12.19 -21.56
N LYS C 1236 -52.38 12.10 -21.43
CA LYS C 1236 -53.02 12.37 -20.16
C LYS C 1236 -52.44 11.47 -19.07
N TRP C 1237 -52.30 10.19 -19.39
CA TRP C 1237 -51.72 9.27 -18.42
C TRP C 1237 -50.27 9.62 -18.11
N ILE C 1238 -49.55 10.12 -19.11
CA ILE C 1238 -48.16 10.52 -18.92
C ILE C 1238 -48.08 11.69 -17.95
N THR C 1239 -48.95 12.67 -18.12
CA THR C 1239 -48.92 13.84 -17.25
C THR C 1239 -49.37 13.47 -15.84
N LYS C 1240 -50.36 12.57 -15.72
CA LYS C 1240 -50.76 12.11 -14.41
C LYS C 1240 -49.75 11.13 -13.80
N GLN C 1241 -48.81 10.64 -14.60
CA GLN C 1241 -47.69 9.84 -14.11
C GLN C 1241 -46.41 10.66 -14.02
N GLN C 1242 -46.31 11.75 -14.77
CA GLN C 1242 -45.16 12.64 -14.71
C GLN C 1242 -44.92 13.08 -13.28
N ASN C 1243 -43.80 12.64 -12.72
CA ASN C 1243 -43.60 12.63 -11.27
C ASN C 1243 -43.26 14.01 -10.73
N ALA C 1244 -43.29 14.13 -9.40
CA ALA C 1244 -43.15 15.43 -8.74
C ALA C 1244 -41.69 15.87 -8.56
N GLN C 1245 -40.72 15.02 -8.92
CA GLN C 1245 -39.33 15.29 -8.63
C GLN C 1245 -38.58 15.85 -9.83
N GLY C 1246 -38.94 15.42 -11.02
CA GLY C 1246 -38.12 15.69 -12.18
C GLY C 1246 -38.20 14.57 -13.19
N GLY C 1247 -38.41 14.93 -14.45
CA GLY C 1247 -38.67 13.93 -15.46
C GLY C 1247 -39.83 13.04 -15.06
N PHE C 1248 -39.76 11.77 -15.49
CA PHE C 1248 -40.70 10.71 -15.14
C PHE C 1248 -39.93 9.67 -14.31
N SER C 1249 -40.55 8.51 -14.08
CA SER C 1249 -40.10 7.57 -13.05
C SER C 1249 -38.66 7.11 -13.28
N SER C 1250 -38.41 6.36 -14.36
CA SER C 1250 -37.06 6.08 -14.80
C SER C 1250 -36.64 7.12 -15.83
N THR C 1251 -35.33 7.24 -16.05
CA THR C 1251 -34.85 8.27 -16.96
C THR C 1251 -35.00 7.88 -18.43
N GLN C 1252 -35.03 6.57 -18.74
CA GLN C 1252 -35.22 6.12 -20.11
C GLN C 1252 -36.53 6.65 -20.68
N ASP C 1253 -37.63 6.18 -20.12
CA ASP C 1253 -38.95 6.67 -20.50
C ASP C 1253 -39.06 8.18 -20.37
N THR C 1254 -38.34 8.81 -19.44
CA THR C 1254 -38.36 10.28 -19.35
C THR C 1254 -37.87 10.89 -20.64
N VAL C 1255 -36.67 10.50 -21.09
CA VAL C 1255 -36.09 11.09 -22.30
C VAL C 1255 -36.99 10.79 -23.49
N VAL C 1256 -37.38 9.51 -23.65
CA VAL C 1256 -38.12 9.17 -24.86
C VAL C 1256 -39.56 9.66 -24.80
N ALA C 1257 -40.11 9.95 -23.61
CA ALA C 1257 -41.48 10.44 -23.51
C ALA C 1257 -41.57 11.94 -23.67
N LEU C 1258 -40.56 12.70 -23.26
CA LEU C 1258 -40.56 14.11 -23.64
C LEU C 1258 -40.25 14.26 -25.13
N HIS C 1259 -39.38 13.41 -25.66
CA HIS C 1259 -39.25 13.23 -27.11
C HIS C 1259 -40.61 12.97 -27.78
N ALA C 1260 -41.43 12.11 -27.16
CA ALA C 1260 -42.75 11.76 -27.72
C ALA C 1260 -43.75 12.92 -27.62
N LEU C 1261 -43.80 13.56 -26.46
CA LEU C 1261 -44.72 14.67 -26.30
C LEU C 1261 -44.32 15.82 -27.20
N SER C 1262 -43.01 15.99 -27.41
CA SER C 1262 -42.54 16.96 -28.38
C SER C 1262 -43.00 16.59 -29.79
N LYS C 1263 -43.04 15.30 -30.12
CA LYS C 1263 -43.57 14.92 -31.43
C LYS C 1263 -45.05 15.31 -31.53
N TYR C 1264 -45.85 14.93 -30.54
CA TYR C 1264 -47.26 15.30 -30.45
C TYR C 1264 -47.46 16.80 -30.68
N GLY C 1265 -46.74 17.61 -29.93
CA GLY C 1265 -47.04 19.02 -29.87
C GLY C 1265 -46.40 19.77 -31.01
N ALA C 1266 -45.23 19.31 -31.45
CA ALA C 1266 -44.64 19.86 -32.64
C ALA C 1266 -45.49 19.57 -33.86
N ALA C 1267 -46.38 18.56 -33.79
CA ALA C 1267 -47.33 18.36 -34.90
C ALA C 1267 -48.54 19.29 -34.79
N THR C 1268 -49.36 19.14 -33.74
CA THR C 1268 -50.69 19.76 -33.85
C THR C 1268 -50.63 21.30 -33.77
N PHE C 1269 -50.21 21.82 -32.63
CA PHE C 1269 -50.43 23.23 -32.33
C PHE C 1269 -49.36 24.10 -32.97
N THR C 1270 -49.75 25.33 -33.30
CA THR C 1270 -48.86 26.32 -33.88
C THR C 1270 -49.09 27.65 -33.20
N ARG C 1271 -48.45 28.70 -33.69
CA ARG C 1271 -48.17 29.88 -32.86
C ARG C 1271 -48.28 31.24 -33.57
N THR C 1272 -48.71 31.29 -34.83
CA THR C 1272 -49.07 32.54 -35.48
C THR C 1272 -50.58 32.75 -35.31
N GLY C 1273 -51.20 33.50 -36.24
CA GLY C 1273 -52.62 33.91 -36.20
C GLY C 1273 -53.59 32.85 -35.70
N LYS C 1274 -54.63 33.27 -34.97
CA LYS C 1274 -55.30 32.45 -33.96
C LYS C 1274 -56.81 32.50 -34.13
N ALA C 1275 -57.30 32.20 -35.32
CA ALA C 1275 -58.59 32.70 -35.74
C ALA C 1275 -59.68 31.64 -35.65
N ALA C 1276 -59.69 30.87 -34.57
CA ALA C 1276 -60.68 29.81 -34.37
C ALA C 1276 -61.74 30.23 -33.37
N GLN C 1277 -62.73 29.35 -33.25
CA GLN C 1277 -63.98 29.64 -32.55
C GLN C 1277 -64.80 28.36 -32.60
N VAL C 1278 -65.82 28.29 -31.74
CA VAL C 1278 -66.63 27.10 -31.59
C VAL C 1278 -68.09 27.52 -31.50
N THR C 1279 -68.99 26.54 -31.68
CA THR C 1279 -70.39 26.65 -31.30
C THR C 1279 -70.97 25.25 -31.34
N ILE C 1280 -71.58 24.80 -30.24
CA ILE C 1280 -72.20 23.47 -30.17
C ILE C 1280 -73.68 23.61 -30.49
N GLN C 1281 -74.11 23.00 -31.61
CA GLN C 1281 -75.47 23.13 -32.11
C GLN C 1281 -76.25 21.84 -31.83
N SER C 1282 -77.49 22.00 -31.36
CA SER C 1282 -78.24 20.91 -30.76
C SER C 1282 -79.57 20.69 -31.47
N SER C 1283 -80.12 19.50 -31.25
CA SER C 1283 -81.52 19.23 -31.58
C SER C 1283 -82.45 19.72 -30.48
N GLY C 1284 -82.02 19.64 -29.23
CA GLY C 1284 -82.81 20.12 -28.10
C GLY C 1284 -82.61 21.60 -27.81
N THR C 1285 -82.04 22.34 -28.76
CA THR C 1285 -81.86 23.79 -28.63
C THR C 1285 -80.91 24.16 -27.50
N PHE C 1286 -80.10 23.20 -27.05
CA PHE C 1286 -78.97 23.47 -26.17
C PHE C 1286 -77.87 24.13 -26.98
N SER C 1287 -77.00 24.89 -26.30
CA SER C 1287 -75.83 25.42 -26.97
C SER C 1287 -74.67 25.52 -25.98
N SER C 1288 -73.48 25.37 -26.54
CA SER C 1288 -72.23 25.70 -25.86
C SER C 1288 -71.32 26.33 -26.89
N LYS C 1289 -70.37 27.12 -26.42
CA LYS C 1289 -69.57 27.94 -27.31
C LYS C 1289 -68.39 28.54 -26.57
N PHE C 1290 -67.20 28.36 -27.14
CA PHE C 1290 -65.95 28.78 -26.52
C PHE C 1290 -64.98 29.23 -27.60
N GLN C 1291 -63.85 29.77 -27.15
CA GLN C 1291 -62.78 30.16 -28.04
C GLN C 1291 -61.46 29.96 -27.33
N VAL C 1292 -60.42 29.76 -28.13
CA VAL C 1292 -59.06 29.57 -27.63
C VAL C 1292 -58.13 30.46 -28.45
N ASP C 1293 -57.18 31.06 -27.75
CA ASP C 1293 -56.23 32.01 -28.35
C ASP C 1293 -54.95 31.94 -27.52
N ASN C 1294 -54.03 32.87 -27.79
CA ASN C 1294 -52.70 32.86 -27.16
C ASN C 1294 -52.74 32.73 -25.65
N ASN C 1295 -53.78 33.23 -25.01
CA ASN C 1295 -53.74 33.59 -23.61
C ASN C 1295 -54.92 33.06 -22.82
N ASN C 1296 -55.60 32.03 -23.34
CA ASN C 1296 -56.45 31.17 -22.48
C ASN C 1296 -55.78 29.80 -22.45
N ARG C 1297 -54.46 29.80 -22.28
CA ARG C 1297 -53.64 28.73 -22.82
C ARG C 1297 -53.55 27.52 -21.89
N LEU C 1298 -54.44 27.40 -20.91
CA LEU C 1298 -54.78 26.13 -20.26
C LEU C 1298 -56.27 26.03 -20.00
N LEU C 1299 -57.06 26.97 -20.53
CA LEU C 1299 -58.41 27.20 -20.08
C LEU C 1299 -59.28 25.95 -20.14
N LEU C 1300 -59.78 25.55 -18.98
CA LEU C 1300 -60.84 24.56 -18.89
C LEU C 1300 -62.19 25.20 -19.16
N GLN C 1301 -62.75 24.92 -20.34
CA GLN C 1301 -64.12 25.31 -20.69
C GLN C 1301 -65.03 24.12 -20.47
N GLN C 1302 -65.89 24.20 -19.44
CA GLN C 1302 -66.82 23.14 -19.07
C GLN C 1302 -68.25 23.62 -19.26
N VAL C 1303 -69.16 22.68 -19.49
CA VAL C 1303 -70.60 22.97 -19.57
C VAL C 1303 -71.33 21.86 -18.83
N SER C 1304 -72.19 22.24 -17.89
CA SER C 1304 -72.96 21.27 -17.10
C SER C 1304 -74.18 20.81 -17.88
N LEU C 1305 -74.35 19.50 -18.00
CA LEU C 1305 -75.27 18.89 -18.98
C LEU C 1305 -76.34 18.06 -18.29
N PRO C 1306 -77.59 18.55 -18.15
CA PRO C 1306 -78.63 17.70 -17.58
C PRO C 1306 -79.20 16.68 -18.56
N GLU C 1307 -78.91 16.83 -19.85
CA GLU C 1307 -79.67 16.13 -20.87
C GLU C 1307 -79.42 14.63 -20.81
N LEU C 1308 -80.51 13.86 -20.82
CA LEU C 1308 -80.39 12.40 -20.78
C LEU C 1308 -79.73 11.86 -22.05
N PRO C 1309 -80.25 12.10 -23.25
CA PRO C 1309 -79.52 11.69 -24.44
C PRO C 1309 -78.45 12.70 -24.81
N GLY C 1310 -77.43 12.23 -25.52
CA GLY C 1310 -76.40 13.09 -26.04
C GLY C 1310 -76.76 13.47 -27.47
N GLU C 1311 -76.55 14.73 -27.79
CA GLU C 1311 -76.74 15.23 -29.15
C GLU C 1311 -75.68 16.27 -29.51
N TYR C 1312 -74.53 16.22 -28.85
CA TYR C 1312 -73.61 17.34 -28.85
C TYR C 1312 -72.70 17.29 -30.06
N SER C 1313 -72.62 18.41 -30.76
CA SER C 1313 -72.19 18.48 -32.14
C SER C 1313 -71.27 19.68 -32.27
N MET C 1314 -70.02 19.41 -32.60
CA MET C 1314 -68.94 20.38 -32.42
C MET C 1314 -68.62 21.04 -33.73
N LYS C 1315 -68.95 22.33 -33.84
CA LYS C 1315 -68.62 23.14 -35.01
C LYS C 1315 -67.37 23.93 -34.64
N VAL C 1316 -66.22 23.49 -35.17
CA VAL C 1316 -64.92 23.91 -34.66
C VAL C 1316 -64.05 24.31 -35.83
N THR C 1317 -63.39 25.46 -35.69
CA THR C 1317 -63.03 26.26 -36.86
C THR C 1317 -61.61 26.78 -36.76
N GLY C 1318 -61.24 27.53 -37.81
CA GLY C 1318 -60.10 28.43 -37.77
C GLY C 1318 -58.78 27.76 -37.49
N GLU C 1319 -57.92 28.49 -36.79
CA GLU C 1319 -56.51 28.19 -36.66
C GLU C 1319 -56.13 28.09 -35.18
N GLY C 1320 -55.70 26.91 -34.74
CA GLY C 1320 -55.30 26.66 -33.36
C GLY C 1320 -55.83 25.34 -32.81
N CYS C 1321 -55.12 24.73 -31.85
CA CYS C 1321 -55.38 23.38 -31.42
C CYS C 1321 -55.71 23.28 -29.94
N VAL C 1322 -56.79 22.55 -29.66
CA VAL C 1322 -57.04 21.94 -28.37
C VAL C 1322 -57.66 20.57 -28.62
N TYR C 1323 -58.03 19.92 -27.53
CA TYR C 1323 -58.70 18.64 -27.50
C TYR C 1323 -59.98 18.85 -26.68
N LEU C 1324 -60.85 17.83 -26.64
CA LEU C 1324 -62.13 17.90 -25.97
C LEU C 1324 -62.34 16.65 -25.14
N GLN C 1325 -63.14 16.76 -24.10
CA GLN C 1325 -63.37 15.63 -23.22
C GLN C 1325 -64.55 15.92 -22.31
N THR C 1326 -65.12 14.85 -21.77
CA THR C 1326 -66.16 14.90 -20.75
C THR C 1326 -66.13 13.55 -20.04
N SER C 1327 -66.91 13.45 -18.98
CA SER C 1327 -67.46 12.18 -18.55
C SER C 1327 -68.83 12.42 -17.94
N LEU C 1328 -69.56 11.33 -17.74
CA LEU C 1328 -70.99 11.38 -17.45
C LEU C 1328 -71.28 10.74 -16.09
N LYS C 1329 -72.46 11.06 -15.56
CA LYS C 1329 -72.93 10.54 -14.28
C LYS C 1329 -74.39 10.12 -14.42
N TYR C 1330 -74.68 8.85 -14.11
CA TYR C 1330 -76.04 8.32 -14.22
C TYR C 1330 -76.15 7.03 -13.41
N ASN C 1331 -77.38 6.53 -13.29
CA ASN C 1331 -77.75 5.47 -12.36
C ASN C 1331 -78.37 4.28 -13.07
N ILE C 1332 -78.15 3.08 -12.51
CA ILE C 1332 -78.76 1.83 -13.00
C ILE C 1332 -79.24 1.00 -11.80
N LEU C 1333 -79.62 -0.28 -12.06
CA LEU C 1333 -80.08 -1.26 -11.07
C LEU C 1333 -81.42 -0.90 -10.42
N PRO C 1334 -82.53 -0.98 -11.16
CA PRO C 1334 -83.86 -1.04 -10.54
C PRO C 1334 -84.49 -2.43 -10.43
N GLU C 1335 -83.82 -3.49 -10.89
CA GLU C 1335 -84.41 -4.81 -11.03
C GLU C 1335 -83.35 -5.83 -10.63
N LYS C 1336 -83.51 -7.08 -11.10
CA LYS C 1336 -82.77 -8.28 -10.63
C LYS C 1336 -83.29 -8.72 -9.27
N GLU C 1337 -84.61 -8.70 -9.12
CA GLU C 1337 -85.33 -9.27 -7.99
C GLU C 1337 -86.44 -10.14 -8.58
N GLU C 1338 -86.10 -11.39 -8.90
CA GLU C 1338 -86.98 -12.35 -9.53
C GLU C 1338 -87.25 -13.49 -8.54
N PRO D 29 8.47 -56.05 -18.02
CA PRO D 29 8.95 -55.99 -16.63
C PRO D 29 7.86 -55.49 -15.67
N GLN D 30 6.93 -56.37 -15.29
CA GLN D 30 5.87 -55.98 -14.36
C GLN D 30 6.20 -56.49 -12.97
N TYR D 31 6.08 -55.61 -11.98
CA TYR D 31 6.25 -55.96 -10.58
C TYR D 31 5.83 -54.78 -9.72
N MET D 32 5.08 -55.06 -8.66
CA MET D 32 4.61 -54.00 -7.77
C MET D 32 4.53 -54.56 -6.36
N VAL D 33 5.27 -53.95 -5.44
CA VAL D 33 5.36 -54.38 -4.05
C VAL D 33 4.61 -53.34 -3.21
N LEU D 34 3.38 -53.67 -2.83
CA LEU D 34 2.62 -52.82 -1.94
C LEU D 34 3.27 -52.88 -0.57
N VAL D 35 4.05 -51.86 -0.21
CA VAL D 35 4.75 -51.81 1.07
C VAL D 35 4.05 -50.74 1.93
N PRO D 36 3.21 -51.12 2.89
CA PRO D 36 2.68 -50.12 3.83
C PRO D 36 3.80 -49.48 4.64
N SER D 37 3.77 -48.15 4.68
CA SER D 37 4.86 -47.36 5.24
C SER D 37 4.70 -47.07 6.73
N LEU D 38 3.60 -47.48 7.34
CA LEU D 38 3.36 -47.24 8.75
C LEU D 38 3.82 -48.44 9.57
N LEU D 39 4.29 -48.17 10.79
CA LEU D 39 5.05 -49.13 11.56
C LEU D 39 4.42 -49.40 12.91
N HIS D 40 4.47 -50.68 13.32
CA HIS D 40 4.25 -51.09 14.69
C HIS D 40 5.21 -52.23 14.99
N THR D 41 6.27 -51.94 15.75
CA THR D 41 7.40 -52.84 15.85
C THR D 41 7.02 -54.14 16.56
N GLU D 42 7.60 -55.23 16.05
CA GLU D 42 7.41 -56.59 16.57
C GLU D 42 5.94 -56.90 16.82
N THR D 43 5.13 -56.61 15.82
CA THR D 43 3.73 -56.99 15.80
C THR D 43 3.26 -56.95 14.35
N THR D 44 2.09 -57.54 14.12
CA THR D 44 1.73 -58.05 12.80
C THR D 44 1.66 -56.95 11.75
N GLU D 45 2.35 -57.16 10.62
CA GLU D 45 2.23 -56.30 9.45
C GLU D 45 2.49 -57.14 8.21
N LYS D 46 1.42 -57.65 7.59
CA LYS D 46 1.50 -58.59 6.49
C LYS D 46 1.80 -57.87 5.18
N GLY D 47 2.52 -58.55 4.26
CA GLY D 47 2.95 -57.93 3.02
C GLY D 47 3.11 -58.86 1.83
N CYS D 48 2.68 -58.42 0.65
CA CYS D 48 2.74 -59.22 -0.58
C CYS D 48 3.06 -58.33 -1.77
N VAL D 49 3.64 -58.97 -2.80
CA VAL D 49 4.15 -58.30 -3.98
C VAL D 49 3.44 -58.87 -5.22
N LEU D 50 3.24 -58.01 -6.20
CA LEU D 50 2.39 -58.30 -7.35
C LEU D 50 3.23 -58.69 -8.57
N LEU D 51 2.72 -59.66 -9.33
CA LEU D 51 3.27 -59.98 -10.64
C LEU D 51 2.18 -60.64 -11.47
N SER D 52 2.22 -60.36 -12.76
CA SER D 52 1.50 -61.14 -13.76
C SER D 52 2.32 -61.08 -15.04
N TYR D 53 1.91 -61.86 -16.04
CA TYR D 53 2.57 -61.84 -17.34
C TYR D 53 4.04 -62.23 -17.20
N LEU D 54 4.24 -63.53 -16.90
CA LEU D 54 5.54 -64.12 -16.59
C LEU D 54 6.68 -63.55 -17.41
N ASN D 55 7.75 -63.14 -16.71
CA ASN D 55 8.97 -62.62 -17.40
C ASN D 55 10.08 -63.65 -17.23
N GLU D 56 11.35 -63.22 -17.19
CA GLU D 56 12.43 -64.19 -16.90
C GLU D 56 12.21 -64.71 -15.48
N THR D 57 12.44 -63.89 -14.46
CA THR D 57 12.16 -64.25 -13.07
C THR D 57 12.22 -62.97 -12.26
N VAL D 58 11.39 -62.91 -11.22
CA VAL D 58 11.39 -61.78 -10.28
C VAL D 58 11.23 -62.35 -8.88
N THR D 59 12.20 -62.05 -8.02
CA THR D 59 12.16 -62.47 -6.62
C THR D 59 12.64 -61.34 -5.73
N VAL D 60 12.07 -60.15 -5.92
CA VAL D 60 12.49 -58.91 -5.28
C VAL D 60 12.58 -59.05 -3.76
N SER D 61 13.57 -58.37 -3.17
CA SER D 61 13.71 -58.26 -1.73
C SER D 61 13.46 -56.80 -1.37
N ALA D 62 12.37 -56.54 -0.64
CA ALA D 62 12.15 -55.23 -0.02
C ALA D 62 12.98 -55.19 1.26
N SER D 63 14.28 -55.11 1.08
CA SER D 63 15.26 -55.32 2.14
C SER D 63 15.40 -54.08 3.00
N LEU D 64 16.27 -54.18 4.00
CA LEU D 64 16.68 -53.04 4.83
C LEU D 64 18.19 -53.09 5.08
N GLU D 65 18.97 -53.56 4.10
CA GLU D 65 20.42 -53.66 4.24
C GLU D 65 21.03 -52.28 4.38
N SER D 66 21.88 -52.15 5.40
CA SER D 66 22.39 -50.82 5.81
C SER D 66 23.50 -50.22 4.98
N VAL D 67 23.97 -49.03 5.38
CA VAL D 67 25.10 -48.33 4.77
C VAL D 67 26.30 -49.26 4.69
N ARG D 68 26.44 -50.16 5.67
CA ARG D 68 27.52 -51.18 5.61
C ARG D 68 26.85 -52.56 5.44
N GLY D 69 25.53 -52.65 5.66
CA GLY D 69 24.79 -53.91 5.48
C GLY D 69 24.73 -54.77 6.73
N ASN D 70 25.20 -54.24 7.87
CA ASN D 70 25.27 -55.05 9.12
C ASN D 70 23.87 -55.48 9.59
N ARG D 71 22.87 -54.60 9.57
CA ARG D 71 21.54 -54.95 10.13
C ARG D 71 20.44 -54.79 9.06
N SER D 72 19.55 -55.78 8.93
CA SER D 72 18.49 -55.73 7.90
C SER D 72 17.26 -56.55 8.30
N LEU D 73 16.15 -56.39 7.57
CA LEU D 73 14.92 -57.15 7.84
C LEU D 73 14.60 -57.98 6.60
N PHE D 74 15.63 -58.69 6.15
CA PHE D 74 15.61 -59.25 4.82
C PHE D 74 14.65 -60.43 4.74
N THR D 75 13.39 -60.13 4.44
CA THR D 75 12.38 -61.13 4.14
C THR D 75 12.02 -60.95 2.67
N ASP D 76 12.83 -61.55 1.80
CA ASP D 76 12.58 -61.53 0.37
C ASP D 76 11.35 -62.39 0.07
N LEU D 77 10.59 -61.96 -0.93
CA LEU D 77 9.51 -62.76 -1.49
C LEU D 77 9.81 -63.01 -2.96
N GLU D 78 9.69 -64.28 -3.34
CA GLU D 78 9.63 -64.60 -4.75
C GLU D 78 8.45 -63.91 -5.40
N ALA D 79 8.45 -63.89 -6.72
CA ALA D 79 7.33 -63.32 -7.48
C ALA D 79 6.96 -64.31 -8.57
N GLU D 80 5.75 -64.84 -8.46
CA GLU D 80 5.12 -65.64 -9.49
C GLU D 80 3.84 -64.90 -9.92
N ASN D 81 3.20 -65.40 -10.97
CA ASN D 81 2.18 -64.64 -11.65
C ASN D 81 0.79 -64.92 -11.09
N ASP D 82 -0.08 -63.93 -11.27
CA ASP D 82 -1.53 -63.96 -10.99
C ASP D 82 -1.89 -64.66 -9.68
N VAL D 83 -1.08 -64.43 -8.64
CA VAL D 83 -1.41 -64.79 -7.27
C VAL D 83 -0.74 -63.77 -6.34
N LEU D 84 -1.05 -63.90 -5.04
CA LEU D 84 -0.40 -63.05 -4.02
C LEU D 84 -0.21 -63.93 -2.78
N HIS D 85 1.00 -63.87 -2.21
CA HIS D 85 1.37 -64.60 -1.00
C HIS D 85 1.88 -63.59 0.03
N CYS D 86 1.01 -63.21 0.96
CA CYS D 86 1.31 -62.12 1.89
C CYS D 86 1.98 -62.66 3.15
N VAL D 87 3.02 -61.94 3.58
CA VAL D 87 3.90 -62.36 4.67
C VAL D 87 4.08 -61.19 5.62
N ALA D 88 4.14 -61.49 6.92
CA ALA D 88 4.25 -60.46 7.95
C ALA D 88 5.62 -60.49 8.62
N PHE D 89 6.53 -59.75 8.00
CA PHE D 89 7.81 -59.46 8.63
C PHE D 89 7.62 -58.32 9.63
N ALA D 90 7.45 -58.68 10.89
CA ALA D 90 7.37 -57.74 12.00
C ALA D 90 8.75 -57.55 12.61
N VAL D 91 9.05 -56.29 12.95
CA VAL D 91 10.43 -55.82 12.99
C VAL D 91 10.62 -55.00 14.26
N PRO D 92 11.84 -54.65 14.66
CA PRO D 92 12.09 -54.26 16.05
C PRO D 92 12.01 -52.76 16.26
N LYS D 93 12.03 -52.40 17.55
CA LYS D 93 12.44 -51.07 17.94
C LYS D 93 13.96 -50.97 17.88
N SER D 94 14.43 -50.11 16.99
CA SER D 94 15.85 -49.79 16.89
C SER D 94 16.13 -48.64 17.85
N SER D 95 17.13 -47.83 17.48
CA SER D 95 17.81 -46.86 18.39
C SER D 95 16.86 -45.74 18.83
N SER D 96 17.43 -44.66 19.34
CA SER D 96 16.73 -43.71 20.23
C SER D 96 15.30 -43.39 19.78
N ASN D 97 15.13 -42.77 18.61
CA ASN D 97 13.86 -42.82 17.89
C ASN D 97 14.02 -43.86 16.79
N GLU D 98 12.90 -44.25 16.20
CA GLU D 98 12.89 -45.45 15.37
C GLU D 98 13.81 -45.30 14.18
N GLU D 99 14.80 -46.18 14.12
CA GLU D 99 15.74 -46.26 13.03
C GLU D 99 15.42 -47.53 12.25
N VAL D 100 15.32 -47.37 10.92
CA VAL D 100 15.05 -48.52 10.06
C VAL D 100 16.33 -49.26 9.68
N MET D 101 17.48 -48.80 10.18
CA MET D 101 18.80 -49.34 9.88
C MET D 101 19.18 -49.14 8.41
N PHE D 102 19.13 -47.90 7.93
CA PHE D 102 19.73 -47.55 6.65
C PHE D 102 19.11 -48.35 5.51
N LEU D 103 17.87 -48.02 5.15
CA LEU D 103 17.04 -48.86 4.27
C LEU D 103 17.56 -48.90 2.84
N THR D 104 17.51 -50.09 2.24
CA THR D 104 17.77 -50.28 0.82
C THR D 104 16.87 -51.39 0.30
N VAL D 105 16.43 -51.29 -0.96
CA VAL D 105 15.58 -52.32 -1.58
C VAL D 105 16.07 -52.58 -2.99
N GLN D 106 16.52 -53.81 -3.25
CA GLN D 106 17.08 -54.19 -4.54
C GLN D 106 16.11 -55.08 -5.31
N VAL D 107 15.83 -54.71 -6.56
CA VAL D 107 14.98 -55.54 -7.43
C VAL D 107 15.82 -56.68 -7.98
N LYS D 108 15.38 -57.91 -7.72
CA LYS D 108 16.16 -59.11 -8.03
C LYS D 108 15.84 -59.60 -9.44
N GLY D 109 16.58 -59.07 -10.40
CA GLY D 109 16.49 -59.47 -11.79
C GLY D 109 17.66 -60.34 -12.17
N PRO D 110 17.44 -61.34 -13.05
CA PRO D 110 18.54 -62.25 -13.37
C PRO D 110 19.57 -61.60 -14.27
N THR D 111 19.12 -60.88 -15.31
CA THR D 111 20.05 -60.14 -16.18
C THR D 111 19.70 -58.65 -16.14
N GLN D 112 19.37 -58.15 -14.94
CA GLN D 112 18.97 -56.75 -14.83
C GLN D 112 19.23 -56.25 -13.42
N GLU D 113 19.60 -54.97 -13.35
CA GLU D 113 19.63 -54.21 -12.10
C GLU D 113 18.92 -52.89 -12.38
N PHE D 114 17.58 -52.91 -12.30
CA PHE D 114 16.76 -51.70 -12.38
C PHE D 114 16.38 -51.35 -10.95
N LYS D 115 17.00 -50.30 -10.41
CA LYS D 115 17.08 -50.13 -8.96
C LYS D 115 17.41 -48.69 -8.61
N LYS D 116 16.56 -48.05 -7.79
CA LYS D 116 16.78 -46.67 -7.32
C LYS D 116 16.10 -46.52 -5.94
N ARG D 117 15.87 -45.27 -5.54
CA ARG D 117 15.84 -44.81 -4.15
C ARG D 117 14.43 -44.70 -3.57
N THR D 118 14.21 -45.22 -2.35
CA THR D 118 12.96 -45.02 -1.58
C THR D 118 13.06 -45.63 -0.18
N THR D 119 12.40 -44.99 0.82
CA THR D 119 12.61 -45.23 2.24
C THR D 119 11.32 -45.67 2.96
N VAL D 120 11.34 -45.68 4.30
CA VAL D 120 10.19 -46.07 5.12
C VAL D 120 10.05 -45.08 6.27
N MET D 121 8.84 -45.00 6.83
CA MET D 121 8.56 -44.19 8.00
C MET D 121 8.71 -44.99 9.28
N VAL D 122 8.96 -44.29 10.39
CA VAL D 122 9.66 -44.87 11.53
C VAL D 122 9.10 -44.34 12.85
N LYS D 123 8.63 -45.25 13.69
CA LYS D 123 8.28 -45.00 15.08
C LYS D 123 8.29 -46.30 15.90
N ASN D 124 8.40 -46.17 17.23
CA ASN D 124 8.47 -47.29 18.18
C ASN D 124 7.09 -47.56 18.78
N GLU D 125 6.64 -48.83 18.72
CA GLU D 125 5.31 -49.17 19.25
C GLU D 125 5.48 -49.55 20.72
N ASP D 126 5.14 -48.63 21.59
CA ASP D 126 4.90 -49.00 22.98
C ASP D 126 3.80 -50.06 23.08
N SER D 127 3.63 -50.62 24.26
CA SER D 127 2.44 -51.39 24.57
C SER D 127 1.40 -50.43 25.13
N LEU D 128 0.26 -50.40 24.48
CA LEU D 128 -0.60 -49.23 24.58
C LEU D 128 -1.67 -49.39 25.63
N VAL D 129 -1.85 -48.30 26.37
CA VAL D 129 -2.39 -48.31 27.71
C VAL D 129 -3.48 -47.24 27.78
N PHE D 130 -4.23 -47.29 28.85
CA PHE D 130 -5.27 -46.31 29.09
C PHE D 130 -5.71 -46.46 30.54
N VAL D 131 -6.80 -45.79 30.88
CA VAL D 131 -7.38 -45.83 32.20
C VAL D 131 -8.89 -45.84 32.06
N GLN D 132 -9.53 -46.54 32.98
CA GLN D 132 -10.92 -46.33 33.31
C GLN D 132 -11.00 -46.05 34.80
N THR D 133 -12.18 -45.70 35.27
CA THR D 133 -12.32 -45.16 36.61
C THR D 133 -13.73 -45.42 37.11
N ASP D 134 -13.89 -45.30 38.43
CA ASP D 134 -15.24 -45.17 38.97
C ASP D 134 -15.86 -43.89 38.46
N LYS D 135 -15.26 -42.77 38.84
CA LYS D 135 -15.71 -41.44 38.50
C LYS D 135 -14.48 -40.61 38.21
N SER D 136 -14.68 -39.34 37.87
CA SER D 136 -13.65 -38.33 37.98
C SER D 136 -13.93 -37.43 39.17
N ILE D 137 -15.10 -36.78 39.13
CA ILE D 137 -15.79 -36.23 40.28
C ILE D 137 -15.77 -37.21 41.45
N TYR D 138 -15.37 -36.71 42.63
CA TYR D 138 -15.31 -37.52 43.84
C TYR D 138 -15.68 -36.64 45.04
N LYS D 139 -16.20 -37.29 46.09
CA LYS D 139 -16.48 -36.64 47.36
C LYS D 139 -15.29 -36.86 48.29
N PRO D 140 -14.54 -35.82 48.66
CA PRO D 140 -13.62 -35.96 49.78
C PRO D 140 -14.34 -36.44 51.05
N GLY D 141 -13.73 -37.40 51.73
CA GLY D 141 -14.36 -38.13 52.82
C GLY D 141 -14.35 -39.63 52.62
N GLN D 142 -14.20 -40.08 51.38
CA GLN D 142 -14.06 -41.50 51.04
C GLN D 142 -12.75 -41.68 50.27
N THR D 143 -12.55 -42.88 49.75
CA THR D 143 -11.33 -43.27 49.05
C THR D 143 -11.56 -43.28 47.54
N VAL D 144 -10.55 -43.76 46.83
CA VAL D 144 -10.60 -43.88 45.38
C VAL D 144 -10.14 -45.29 45.00
N LYS D 145 -10.56 -45.74 43.82
CA LYS D 145 -10.28 -47.10 43.36
C LYS D 145 -10.35 -47.11 41.83
N PHE D 146 -9.36 -47.72 41.20
CA PHE D 146 -8.98 -47.38 39.84
C PHE D 146 -8.15 -48.53 39.24
N ARG D 147 -8.18 -48.63 37.90
CA ARG D 147 -7.50 -49.71 37.18
C ARG D 147 -6.84 -49.18 35.91
N VAL D 148 -5.96 -50.00 35.35
CA VAL D 148 -5.11 -49.64 34.22
C VAL D 148 -5.00 -50.85 33.30
N VAL D 149 -4.65 -50.59 32.02
CA VAL D 149 -4.59 -51.61 30.99
C VAL D 149 -3.37 -51.34 30.11
N SER D 150 -2.89 -52.39 29.42
CA SER D 150 -1.91 -52.24 28.36
C SER D 150 -2.09 -53.32 27.31
N MET D 151 -2.01 -52.93 26.04
CA MET D 151 -2.17 -53.84 24.90
C MET D 151 -1.14 -53.44 23.85
N ASP D 152 -1.31 -53.95 22.62
CA ASP D 152 -0.32 -53.79 21.56
C ASP D 152 -1.00 -53.17 20.35
N GLU D 153 -0.31 -53.24 19.20
CA GLU D 153 -0.95 -52.99 17.90
C GLU D 153 -2.30 -53.67 17.84
N ASN D 154 -2.30 -54.97 18.04
CA ASN D 154 -3.53 -55.74 18.14
C ASN D 154 -4.12 -55.50 19.52
N PHE D 155 -5.28 -56.08 19.79
CA PHE D 155 -6.10 -55.68 20.92
C PHE D 155 -6.25 -56.85 21.88
N HIS D 156 -5.13 -57.46 22.21
CA HIS D 156 -5.02 -58.58 23.13
C HIS D 156 -4.08 -58.20 24.27
N PRO D 157 -4.22 -58.83 25.44
CA PRO D 157 -3.60 -58.28 26.64
C PRO D 157 -2.09 -58.38 26.59
N LEU D 158 -1.47 -57.86 27.64
CA LEU D 158 -0.02 -57.74 27.69
C LEU D 158 0.41 -57.62 29.14
N ASN D 159 1.30 -58.51 29.55
CA ASN D 159 1.86 -58.50 30.90
C ASN D 159 3.33 -58.08 30.81
N GLU D 160 3.57 -56.80 31.06
CA GLU D 160 4.90 -56.21 31.02
C GLU D 160 4.91 -55.07 32.02
N LEU D 161 6.08 -54.83 32.62
CA LEU D 161 6.16 -53.90 33.72
C LEU D 161 5.96 -52.46 33.23
N ILE D 162 6.09 -51.54 34.17
CA ILE D 162 6.19 -50.11 33.88
C ILE D 162 7.47 -49.62 34.55
N PRO D 163 7.97 -48.44 34.16
CA PRO D 163 8.96 -47.79 35.04
C PRO D 163 8.32 -47.21 36.29
N LEU D 164 7.23 -46.45 36.17
CA LEU D 164 6.63 -45.84 37.35
C LEU D 164 5.29 -45.20 36.96
N VAL D 165 4.55 -44.78 37.99
CA VAL D 165 3.25 -44.15 37.85
C VAL D 165 2.93 -43.51 39.19
N TYR D 166 2.22 -42.38 39.18
CA TYR D 166 1.98 -41.66 40.42
C TYR D 166 0.85 -40.67 40.23
N ILE D 167 -0.08 -40.64 41.21
CA ILE D 167 -1.18 -39.69 41.20
C ILE D 167 -0.63 -38.30 41.38
N GLN D 168 -1.15 -37.34 40.61
CA GLN D 168 -0.65 -35.97 40.59
C GLN D 168 -1.53 -35.10 41.48
N ASP D 169 -0.87 -34.31 42.31
CA ASP D 169 -1.45 -33.17 43.01
C ASP D 169 -1.31 -31.93 42.12
N PRO D 170 -2.26 -30.99 42.08
CA PRO D 170 -2.26 -30.00 40.99
C PRO D 170 -1.10 -29.01 41.04
N LYS D 171 -0.28 -29.03 42.09
CA LYS D 171 0.75 -28.02 42.31
C LYS D 171 2.11 -28.46 41.79
N GLY D 172 2.16 -29.23 40.72
CA GLY D 172 3.43 -29.70 40.18
C GLY D 172 4.08 -30.69 41.11
N ASN D 173 3.31 -31.69 41.54
CA ASN D 173 3.75 -32.61 42.59
C ASN D 173 2.95 -33.90 42.46
N ARG D 174 3.36 -34.89 43.26
CA ARG D 174 2.91 -36.28 43.12
C ARG D 174 2.45 -36.74 44.50
N ILE D 175 1.27 -37.35 44.57
CA ILE D 175 0.62 -37.62 45.85
C ILE D 175 0.52 -39.12 46.17
N ALA D 176 0.23 -39.96 45.17
CA ALA D 176 0.26 -41.41 45.32
C ALA D 176 1.31 -41.97 44.38
N GLN D 177 1.77 -43.18 44.66
CA GLN D 177 2.71 -43.80 43.73
C GLN D 177 2.85 -45.28 44.04
N TRP D 178 2.93 -46.06 42.97
CA TRP D 178 3.31 -47.46 43.02
C TRP D 178 4.32 -47.69 41.91
N GLN D 179 5.60 -47.80 42.28
CA GLN D 179 6.72 -47.66 41.31
C GLN D 179 6.96 -48.99 40.58
N SER D 180 7.12 -48.95 39.26
CA SER D 180 7.43 -50.17 38.47
C SER D 180 6.40 -51.28 38.70
N PHE D 181 5.11 -50.92 38.71
CA PHE D 181 4.03 -51.94 38.87
C PHE D 181 3.97 -52.82 37.61
N GLN D 182 3.50 -54.06 37.75
CA GLN D 182 3.38 -54.98 36.59
C GLN D 182 1.95 -55.53 36.55
N LEU D 183 1.45 -55.90 35.37
CA LEU D 183 0.03 -56.35 35.24
C LEU D 183 -0.13 -57.83 35.65
N GLU D 184 -1.38 -58.25 35.86
CA GLU D 184 -1.76 -59.59 36.23
C GLU D 184 -2.38 -60.38 35.09
N GLY D 185 -3.28 -59.76 34.33
CA GLY D 185 -3.91 -60.36 33.18
C GLY D 185 -4.02 -59.33 32.08
N GLY D 186 -3.08 -58.40 32.07
CA GLY D 186 -3.22 -57.16 31.35
C GLY D 186 -3.84 -56.05 32.15
N LEU D 187 -4.03 -56.22 33.46
CA LEU D 187 -4.71 -55.24 34.30
C LEU D 187 -4.04 -55.15 35.64
N LYS D 188 -4.60 -54.27 36.47
CA LYS D 188 -4.26 -54.12 37.87
C LYS D 188 -5.26 -53.17 38.49
N GLN D 189 -5.58 -53.37 39.77
CA GLN D 189 -6.42 -52.46 40.52
C GLN D 189 -5.77 -52.12 41.85
N PHE D 190 -5.81 -50.84 42.19
CA PHE D 190 -5.44 -50.35 43.52
C PHE D 190 -6.67 -49.72 44.14
N SER D 191 -6.48 -49.14 45.31
CA SER D 191 -7.47 -48.24 45.87
C SER D 191 -6.75 -47.29 46.82
N PHE D 192 -6.74 -46.03 46.45
CA PHE D 192 -5.98 -44.99 47.12
C PHE D 192 -6.97 -44.10 47.87
N PRO D 193 -6.56 -43.47 48.97
CA PRO D 193 -7.48 -42.56 49.66
C PRO D 193 -7.69 -41.22 48.98
N LEU D 194 -8.41 -40.32 49.65
CA LEU D 194 -8.38 -38.91 49.30
C LEU D 194 -8.77 -38.12 50.54
N SER D 195 -7.90 -37.19 50.96
CA SER D 195 -8.16 -36.38 52.14
C SER D 195 -9.47 -35.64 51.99
N SER D 196 -10.12 -35.38 53.12
CA SER D 196 -11.45 -34.78 53.06
C SER D 196 -11.41 -33.28 52.75
N GLU D 197 -10.23 -32.67 52.66
CA GLU D 197 -10.08 -31.32 52.08
C GLU D 197 -8.79 -31.24 51.27
N PRO D 198 -8.80 -31.70 50.02
CA PRO D 198 -7.65 -31.44 49.15
C PRO D 198 -7.84 -30.12 48.43
N PHE D 199 -6.92 -29.77 47.53
CA PHE D 199 -7.22 -28.69 46.59
C PHE D 199 -8.41 -29.16 45.76
N GLN D 200 -9.27 -28.22 45.39
CA GLN D 200 -10.49 -28.62 44.70
C GLN D 200 -10.24 -28.76 43.21
N GLY D 201 -10.74 -29.85 42.64
CA GLY D 201 -10.95 -29.93 41.21
C GLY D 201 -10.21 -31.12 40.63
N SER D 202 -9.85 -30.96 39.36
CA SER D 202 -9.22 -32.01 38.59
C SER D 202 -7.92 -32.44 39.25
N TYR D 203 -7.74 -33.76 39.39
CA TYR D 203 -6.55 -34.35 39.95
C TYR D 203 -6.04 -35.43 39.00
N LYS D 204 -4.94 -35.14 38.32
CA LYS D 204 -4.44 -35.99 37.26
C LYS D 204 -3.78 -37.25 37.81
N VAL D 205 -3.81 -38.31 36.99
CA VAL D 205 -2.96 -39.48 37.15
C VAL D 205 -2.39 -39.79 35.78
N VAL D 206 -1.09 -40.10 35.72
CA VAL D 206 -0.44 -40.46 34.47
C VAL D 206 0.53 -41.59 34.69
N VAL D 207 0.52 -42.52 33.73
CA VAL D 207 1.53 -43.55 33.58
C VAL D 207 2.49 -43.10 32.51
N GLN D 208 3.77 -43.39 32.68
CA GLN D 208 4.76 -43.14 31.66
C GLN D 208 5.65 -44.37 31.51
N LYS D 209 5.99 -44.66 30.28
CA LYS D 209 6.65 -45.90 29.89
C LYS D 209 8.16 -45.68 29.81
N LYS D 210 8.91 -46.77 29.62
CA LYS D 210 10.36 -46.62 29.52
C LYS D 210 10.78 -45.89 28.25
N SER D 211 9.87 -45.69 27.30
CA SER D 211 10.03 -44.63 26.30
C SER D 211 9.44 -43.32 26.81
N GLY D 212 8.32 -43.40 27.55
CA GLY D 212 7.73 -42.23 28.18
C GLY D 212 6.34 -41.89 27.68
N GLY D 213 5.60 -42.91 27.23
CA GLY D 213 4.25 -42.67 26.74
C GLY D 213 3.33 -42.26 27.86
N ARG D 214 2.87 -41.01 27.83
CA ARG D 214 2.11 -40.41 28.92
C ARG D 214 0.62 -40.59 28.64
N THR D 215 -0.09 -41.19 29.60
CA THR D 215 -1.51 -41.50 29.48
C THR D 215 -2.26 -40.96 30.68
N GLU D 216 -3.14 -39.99 30.41
CA GLU D 216 -3.55 -39.00 31.39
C GLU D 216 -5.05 -39.10 31.65
N HIS D 217 -5.45 -39.04 32.92
CA HIS D 217 -6.86 -39.19 33.35
C HIS D 217 -7.01 -38.45 34.69
N PRO D 218 -7.95 -37.51 34.83
CA PRO D 218 -8.10 -36.81 36.10
C PRO D 218 -9.10 -37.48 37.04
N PHE D 219 -9.17 -36.93 38.25
CA PHE D 219 -10.37 -37.09 39.06
C PHE D 219 -10.72 -35.75 39.65
N THR D 220 -11.83 -35.19 39.17
CA THR D 220 -12.38 -33.97 39.73
C THR D 220 -12.66 -34.14 41.21
N VAL D 221 -12.42 -33.07 41.96
CA VAL D 221 -12.59 -33.04 43.40
C VAL D 221 -13.18 -31.70 43.75
N GLU D 222 -14.48 -31.67 44.02
CA GLU D 222 -15.13 -30.41 44.34
C GLU D 222 -16.24 -30.65 45.33
N GLU D 223 -16.31 -29.79 46.34
CA GLU D 223 -17.34 -29.86 47.37
C GLU D 223 -18.52 -28.99 47.02
N PHE D 224 -19.04 -29.16 45.80
CA PHE D 224 -20.26 -28.44 45.44
C PHE D 224 -21.41 -28.97 46.27
N VAL D 225 -22.32 -28.06 46.66
CA VAL D 225 -23.43 -28.44 47.52
C VAL D 225 -24.33 -29.44 46.79
N LEU D 226 -25.24 -30.03 47.56
CA LEU D 226 -26.42 -30.66 46.98
C LEU D 226 -27.49 -29.58 46.99
N PRO D 227 -27.67 -28.81 45.91
CA PRO D 227 -28.58 -27.67 45.97
C PRO D 227 -30.02 -28.14 46.16
N LYS D 228 -30.68 -27.55 47.14
CA LYS D 228 -32.00 -28.03 47.54
C LYS D 228 -33.11 -27.33 46.75
N PHE D 229 -32.92 -27.25 45.43
CA PHE D 229 -33.93 -26.77 44.48
C PHE D 229 -33.45 -27.10 43.09
N GLU D 230 -34.41 -27.43 42.23
CA GLU D 230 -34.13 -27.64 40.81
C GLU D 230 -35.26 -27.04 40.00
N VAL D 231 -34.90 -26.36 38.92
CA VAL D 231 -35.84 -25.88 37.90
C VAL D 231 -35.09 -25.90 36.58
N GLN D 232 -35.67 -26.57 35.58
CA GLN D 232 -34.97 -26.85 34.32
C GLN D 232 -35.89 -26.50 33.17
N VAL D 233 -35.59 -25.40 32.51
CA VAL D 233 -36.31 -24.95 31.33
C VAL D 233 -35.94 -25.86 30.18
N THR D 234 -36.89 -26.01 29.26
CA THR D 234 -36.58 -26.28 27.88
C THR D 234 -37.00 -25.06 27.09
N VAL D 235 -36.18 -24.68 26.13
CA VAL D 235 -36.30 -23.37 25.51
C VAL D 235 -35.43 -23.42 24.26
N PRO D 236 -35.78 -22.74 23.18
CA PRO D 236 -34.96 -22.87 21.96
C PRO D 236 -33.59 -22.28 22.18
N LYS D 237 -32.59 -23.15 22.21
CA LYS D 237 -31.25 -22.73 21.83
C LYS D 237 -31.31 -22.10 20.45
N ILE D 238 -32.13 -22.69 19.58
CA ILE D 238 -32.36 -22.19 18.24
C ILE D 238 -33.83 -21.84 18.10
N ILE D 239 -34.18 -20.61 18.38
CA ILE D 239 -35.34 -19.98 17.77
C ILE D 239 -34.81 -19.10 16.64
N THR D 240 -35.47 -19.19 15.49
CA THR D 240 -35.00 -18.56 14.26
C THR D 240 -36.10 -17.66 13.75
N ILE D 241 -36.02 -17.23 12.49
CA ILE D 241 -36.80 -16.08 12.05
C ILE D 241 -38.27 -16.45 12.10
N LEU D 242 -38.75 -17.23 11.13
CA LEU D 242 -40.18 -17.39 10.97
C LEU D 242 -40.65 -18.61 11.75
N GLU D 243 -41.27 -18.34 12.89
CA GLU D 243 -41.76 -19.38 13.79
C GLU D 243 -43.13 -18.99 14.32
N GLU D 244 -43.97 -20.01 14.55
CA GLU D 244 -45.38 -19.81 14.88
C GLU D 244 -45.68 -19.87 16.36
N GLU D 245 -45.11 -20.86 17.06
CA GLU D 245 -45.41 -21.04 18.51
C GLU D 245 -44.23 -21.71 19.23
N MET D 246 -43.70 -21.07 20.27
CA MET D 246 -42.63 -21.65 21.09
C MET D 246 -43.29 -22.16 22.37
N ASN D 247 -43.02 -23.44 22.67
CA ASN D 247 -43.57 -24.06 23.91
C ASN D 247 -42.41 -24.35 24.86
N VAL D 248 -41.92 -23.35 25.60
CA VAL D 248 -40.79 -23.53 26.51
C VAL D 248 -41.23 -24.48 27.62
N SER D 249 -40.67 -25.68 27.63
CA SER D 249 -41.11 -26.75 28.52
C SER D 249 -40.20 -26.81 29.73
N VAL D 250 -40.78 -26.60 30.91
CA VAL D 250 -40.01 -26.28 32.11
C VAL D 250 -40.57 -27.10 33.26
N CYS D 251 -39.81 -28.08 33.73
CA CYS D 251 -40.07 -28.69 35.04
C CYS D 251 -38.79 -29.32 35.55
N GLY D 252 -38.23 -28.71 36.59
CA GLY D 252 -37.18 -29.31 37.38
C GLY D 252 -37.68 -29.50 38.80
N LEU D 253 -37.32 -30.62 39.42
CA LEU D 253 -37.86 -31.04 40.72
C LEU D 253 -36.72 -31.06 41.72
N TYR D 254 -36.95 -30.48 42.89
CA TYR D 254 -35.84 -30.26 43.84
C TYR D 254 -35.23 -31.57 44.29
N THR D 255 -36.00 -32.67 44.24
CA THR D 255 -35.47 -34.01 44.48
C THR D 255 -35.98 -35.01 43.44
N TYR D 256 -36.35 -34.52 42.24
CA TYR D 256 -36.70 -35.34 41.09
C TYR D 256 -38.07 -36.00 41.20
N GLY D 257 -38.75 -35.86 42.34
CA GLY D 257 -40.07 -36.44 42.50
C GLY D 257 -40.99 -35.57 43.33
N LYS D 258 -40.62 -34.31 43.56
CA LYS D 258 -41.32 -33.44 44.49
C LYS D 258 -41.33 -32.02 43.93
N PRO D 259 -42.27 -31.70 43.05
CA PRO D 259 -42.51 -30.31 42.66
C PRO D 259 -43.62 -29.65 43.49
N VAL D 260 -43.76 -28.34 43.29
CA VAL D 260 -44.72 -27.54 44.05
C VAL D 260 -46.02 -27.39 43.26
N PRO D 261 -47.19 -27.37 43.92
CA PRO D 261 -48.36 -26.72 43.32
C PRO D 261 -48.26 -25.21 43.53
N GLY D 262 -47.92 -24.49 42.46
CA GLY D 262 -47.52 -23.12 42.61
C GLY D 262 -47.63 -22.26 41.37
N HIS D 263 -46.64 -21.39 41.18
CA HIS D 263 -46.55 -20.53 40.02
C HIS D 263 -45.09 -20.41 39.60
N VAL D 264 -44.87 -20.25 38.30
CA VAL D 264 -43.56 -19.95 37.76
C VAL D 264 -43.70 -18.92 36.65
N THR D 265 -42.82 -17.94 36.66
CA THR D 265 -42.50 -17.15 35.49
C THR D 265 -41.06 -17.40 35.11
N VAL D 266 -40.62 -16.72 34.06
CA VAL D 266 -39.32 -16.96 33.48
C VAL D 266 -38.99 -15.81 32.55
N SER D 267 -37.74 -15.36 32.57
CA SER D 267 -37.34 -14.20 31.76
C SER D 267 -36.94 -14.65 30.36
N ILE D 268 -37.95 -15.06 29.59
CA ILE D 268 -37.79 -15.08 28.15
C ILE D 268 -37.65 -13.62 27.70
N CYS D 269 -36.45 -13.27 27.24
CA CYS D 269 -36.09 -11.90 26.92
C CYS D 269 -35.32 -11.84 25.61
N ARG D 270 -35.66 -10.85 24.78
CA ARG D 270 -34.86 -10.54 23.60
C ARG D 270 -33.74 -9.59 24.02
N LYS D 271 -32.49 -10.01 23.77
CA LYS D 271 -31.36 -9.59 24.57
C LYS D 271 -30.13 -9.44 23.68
N TYR D 272 -28.92 -9.54 24.25
CA TYR D 272 -27.70 -9.70 23.48
C TYR D 272 -27.41 -8.46 22.65
N SER D 273 -27.25 -7.36 23.35
CA SER D 273 -26.82 -6.10 22.76
C SER D 273 -26.06 -5.37 23.86
N ASP D 274 -24.74 -5.24 23.66
CA ASP D 274 -23.81 -4.92 24.74
C ASP D 274 -24.18 -3.61 25.43
N ALA D 275 -24.64 -3.68 26.68
CA ALA D 275 -25.24 -2.55 27.36
C ALA D 275 -24.42 -2.12 28.56
N SER D 276 -24.31 -0.79 28.72
CA SER D 276 -23.79 -0.24 29.97
C SER D 276 -24.87 -0.16 31.05
N ASP D 277 -26.09 -0.63 30.74
CA ASP D 277 -27.24 -0.49 31.61
C ASP D 277 -27.47 0.99 31.94
N CYS D 278 -27.22 1.86 30.96
CA CYS D 278 -27.57 3.27 31.12
C CYS D 278 -29.07 3.45 31.33
N HIS D 279 -29.87 2.55 30.76
CA HIS D 279 -31.32 2.61 30.99
C HIS D 279 -31.67 2.41 32.45
N GLY D 280 -30.80 1.75 33.21
CA GLY D 280 -31.16 1.21 34.50
C GLY D 280 -31.76 -0.18 34.42
N GLU D 281 -32.18 -0.61 33.23
CA GLU D 281 -32.59 -1.97 32.95
C GLU D 281 -31.55 -2.63 32.05
N ASP D 282 -31.46 -3.95 32.16
CA ASP D 282 -30.45 -4.71 31.41
C ASP D 282 -30.77 -4.65 29.90
N SER D 283 -29.96 -5.36 29.11
CA SER D 283 -29.90 -5.17 27.66
C SER D 283 -31.13 -5.64 26.89
N GLN D 284 -32.21 -6.01 27.57
CA GLN D 284 -33.38 -6.56 26.89
C GLN D 284 -33.94 -5.59 25.86
N ALA D 285 -33.98 -6.04 24.62
CA ALA D 285 -34.90 -5.42 23.66
C ALA D 285 -36.33 -5.80 24.00
N PHE D 286 -36.53 -6.98 24.58
CA PHE D 286 -37.81 -7.40 25.13
C PHE D 286 -37.56 -8.32 26.31
N CYS D 287 -38.46 -8.25 27.28
CA CYS D 287 -38.58 -9.29 28.31
C CYS D 287 -40.05 -9.67 28.39
N GLU D 288 -40.35 -10.89 27.96
CA GLU D 288 -41.72 -11.38 27.86
C GLU D 288 -42.01 -12.27 29.06
N LYS D 289 -43.27 -12.28 29.49
CA LYS D 289 -43.68 -12.95 30.72
C LYS D 289 -44.86 -13.86 30.40
N PHE D 290 -44.53 -15.07 29.95
CA PHE D 290 -45.51 -16.15 29.81
C PHE D 290 -45.46 -17.06 31.04
N SER D 291 -45.79 -16.43 32.18
CA SER D 291 -45.81 -17.12 33.49
C SER D 291 -47.11 -17.91 33.64
N GLY D 292 -47.06 -19.06 34.31
CA GLY D 292 -48.29 -19.85 34.55
C GLY D 292 -48.24 -20.50 35.92
N GLN D 293 -49.40 -20.80 36.50
CA GLN D 293 -49.41 -21.53 37.79
C GLN D 293 -48.80 -22.92 37.55
N LEU D 294 -47.90 -23.36 38.42
CA LEU D 294 -47.36 -24.74 38.28
C LEU D 294 -48.48 -25.71 38.64
N ASN D 295 -48.77 -26.67 37.77
CA ASN D 295 -49.91 -27.60 38.02
C ASN D 295 -49.56 -28.50 39.20
N SER D 296 -50.51 -28.71 40.11
CA SER D 296 -50.28 -29.64 41.25
C SER D 296 -50.08 -31.05 40.68
N HIS D 297 -50.86 -31.42 39.67
CA HIS D 297 -50.73 -32.76 39.04
C HIS D 297 -49.89 -32.66 37.77
N GLY D 298 -48.64 -33.12 37.83
CA GLY D 298 -47.79 -33.30 36.67
C GLY D 298 -46.77 -32.18 36.54
N CYS D 299 -45.96 -32.29 35.48
CA CYS D 299 -45.04 -31.21 35.13
C CYS D 299 -45.81 -30.07 34.47
N PHE D 300 -45.30 -28.86 34.65
CA PHE D 300 -45.93 -27.65 34.12
C PHE D 300 -45.25 -27.25 32.82
N TYR D 301 -46.07 -26.91 31.81
CA TYR D 301 -45.50 -26.57 30.48
C TYR D 301 -46.10 -25.22 30.05
N GLN D 302 -45.41 -24.48 29.17
CA GLN D 302 -45.92 -23.13 28.80
C GLN D 302 -45.91 -22.93 27.28
N GLN D 303 -46.82 -22.12 26.75
CA GLN D 303 -46.85 -21.81 25.29
C GLN D 303 -46.50 -20.32 25.11
N VAL D 304 -45.33 -20.03 24.55
CA VAL D 304 -44.90 -18.65 24.37
C VAL D 304 -44.82 -18.35 22.88
N LYS D 305 -45.56 -17.35 22.44
CA LYS D 305 -45.64 -17.05 21.01
C LYS D 305 -44.48 -16.15 20.63
N THR D 306 -43.87 -16.42 19.48
CA THR D 306 -42.72 -15.66 19.02
C THR D 306 -43.10 -14.43 18.18
N LYS D 307 -44.38 -14.17 17.99
CA LYS D 307 -44.82 -12.92 17.37
C LYS D 307 -44.41 -11.73 18.24
N VAL D 308 -44.94 -11.67 19.45
CA VAL D 308 -44.59 -10.58 20.37
C VAL D 308 -43.11 -10.62 20.72
N PHE D 309 -42.46 -11.77 20.54
CA PHE D 309 -41.02 -11.80 20.66
C PHE D 309 -40.37 -10.99 19.55
N GLN D 310 -41.09 -10.75 18.44
CA GLN D 310 -40.61 -9.94 17.34
C GLN D 310 -39.34 -10.57 16.74
N LEU D 311 -39.59 -11.72 16.12
CA LEU D 311 -38.56 -12.53 15.50
C LEU D 311 -37.94 -11.80 14.31
N LYS D 312 -37.16 -10.76 14.59
CA LYS D 312 -36.69 -9.81 13.59
C LYS D 312 -35.18 -9.89 13.39
N ARG D 313 -34.77 -9.47 12.19
CA ARG D 313 -33.36 -9.46 11.81
C ARG D 313 -32.54 -8.68 12.81
N LYS D 314 -32.83 -7.38 12.95
CA LYS D 314 -32.18 -6.57 13.98
C LYS D 314 -32.97 -6.57 15.26
N GLU D 315 -33.37 -7.76 15.69
CA GLU D 315 -33.67 -8.08 17.07
C GLU D 315 -32.82 -9.28 17.41
N TYR D 316 -32.10 -9.19 18.51
CA TYR D 316 -30.85 -9.95 18.66
C TYR D 316 -31.08 -11.16 19.55
N GLU D 317 -30.02 -11.94 19.72
CA GLU D 317 -30.05 -13.21 20.44
C GLU D 317 -30.59 -13.00 21.85
N MET D 318 -31.05 -14.08 22.47
CA MET D 318 -31.71 -13.99 23.77
C MET D 318 -30.75 -14.35 24.88
N LYS D 319 -31.11 -13.89 26.08
CA LYS D 319 -30.40 -14.21 27.31
C LYS D 319 -31.44 -14.35 28.41
N LEU D 320 -31.46 -15.54 29.01
CA LEU D 320 -32.65 -16.00 29.69
C LEU D 320 -32.30 -16.36 31.13
N HIS D 321 -33.16 -15.94 32.03
CA HIS D 321 -32.81 -15.92 33.43
C HIS D 321 -34.12 -16.04 34.21
N THR D 322 -34.44 -17.27 34.59
CA THR D 322 -35.76 -17.54 35.11
C THR D 322 -35.94 -16.85 36.44
N GLU D 323 -37.20 -16.54 36.73
CA GLU D 323 -37.61 -16.08 38.05
C GLU D 323 -38.54 -17.18 38.55
N ALA D 324 -37.96 -18.24 39.07
CA ALA D 324 -38.70 -19.40 39.52
C ALA D 324 -38.96 -19.25 41.01
N GLN D 325 -40.23 -19.20 41.40
CA GLN D 325 -40.63 -18.88 42.75
C GLN D 325 -41.09 -20.14 43.46
N ILE D 326 -40.87 -20.16 44.76
CA ILE D 326 -41.11 -21.33 45.60
C ILE D 326 -42.22 -20.98 46.57
N GLN D 327 -43.08 -21.95 46.84
CA GLN D 327 -44.38 -21.69 47.43
C GLN D 327 -44.31 -21.77 48.95
N GLU D 328 -44.73 -20.69 49.60
CA GLU D 328 -44.82 -20.60 51.05
C GLU D 328 -43.45 -20.72 51.73
N GLU D 329 -42.36 -20.54 50.98
CA GLU D 329 -41.00 -20.50 51.53
C GLU D 329 -40.37 -19.12 51.39
N GLY D 330 -40.62 -18.43 50.28
CA GLY D 330 -40.14 -17.07 50.10
C GLY D 330 -38.73 -16.93 49.60
N THR D 331 -37.92 -18.00 49.66
CA THR D 331 -36.55 -17.96 49.14
C THR D 331 -36.58 -18.22 47.62
N VAL D 332 -37.24 -17.29 46.93
CA VAL D 332 -37.51 -17.46 45.50
C VAL D 332 -36.20 -17.58 44.72
N VAL D 333 -36.21 -18.43 43.70
CA VAL D 333 -35.02 -18.78 42.94
C VAL D 333 -34.91 -17.86 41.73
N GLU D 334 -33.68 -17.50 41.37
CA GLU D 334 -33.38 -16.76 40.17
C GLU D 334 -31.98 -17.14 39.72
N LEU D 335 -31.80 -17.35 38.42
CA LEU D 335 -30.50 -17.65 37.86
C LEU D 335 -30.57 -17.57 36.34
N THR D 336 -29.40 -17.41 35.73
CA THR D 336 -29.25 -17.27 34.28
C THR D 336 -28.69 -18.58 33.74
N GLY D 337 -29.60 -19.50 33.42
CA GLY D 337 -29.25 -20.73 32.76
C GLY D 337 -30.07 -20.88 31.49
N ARG D 338 -29.58 -21.75 30.60
CA ARG D 338 -30.13 -21.86 29.24
C ARG D 338 -30.11 -20.49 28.55
N GLN D 339 -29.07 -19.70 28.83
CA GLN D 339 -29.04 -18.28 28.50
C GLN D 339 -28.22 -17.99 27.23
N SER D 340 -27.16 -18.77 27.01
CA SER D 340 -26.28 -18.58 25.86
C SER D 340 -26.80 -19.37 24.66
N SER D 341 -27.64 -18.73 23.84
CA SER D 341 -28.25 -19.35 22.68
C SER D 341 -27.41 -19.04 21.43
N GLU D 342 -27.96 -19.31 20.24
CA GLU D 342 -27.25 -19.24 18.97
C GLU D 342 -27.80 -18.10 18.11
N ILE D 343 -27.13 -17.87 16.98
CA ILE D 343 -27.50 -16.84 16.01
C ILE D 343 -27.84 -17.52 14.68
N THR D 344 -29.07 -17.29 14.20
CA THR D 344 -29.59 -17.96 13.01
C THR D 344 -29.42 -17.08 11.78
N ARG D 345 -28.18 -16.95 11.33
CA ARG D 345 -27.93 -16.08 10.18
C ARG D 345 -28.50 -16.66 8.91
N THR D 346 -28.43 -17.98 8.75
CA THR D 346 -28.88 -18.66 7.54
C THR D 346 -30.21 -19.37 7.81
N ILE D 347 -30.89 -19.73 6.73
CA ILE D 347 -32.17 -20.41 6.77
C ILE D 347 -32.11 -21.58 5.78
N THR D 348 -32.79 -22.68 6.10
CA THR D 348 -32.86 -23.86 5.23
C THR D 348 -31.47 -24.50 5.00
N LYS D 349 -30.95 -25.09 6.07
CA LYS D 349 -29.62 -25.72 6.04
C LYS D 349 -29.71 -27.10 5.37
N LEU D 350 -29.30 -27.16 4.10
CA LEU D 350 -29.34 -28.37 3.29
C LEU D 350 -28.18 -29.29 3.67
N SER D 351 -27.86 -30.27 2.82
CA SER D 351 -26.86 -31.28 3.15
C SER D 351 -26.03 -31.74 1.96
N PHE D 352 -25.28 -32.83 2.17
CA PHE D 352 -24.62 -33.61 1.12
C PHE D 352 -24.63 -35.04 1.62
N VAL D 353 -25.54 -35.85 1.12
CA VAL D 353 -25.84 -37.11 1.80
C VAL D 353 -24.79 -38.14 1.49
N LYS D 354 -24.74 -38.53 0.22
CA LYS D 354 -23.91 -39.63 -0.25
C LYS D 354 -23.21 -39.20 -1.54
N VAL D 355 -22.95 -37.91 -1.67
CA VAL D 355 -22.37 -37.38 -2.88
C VAL D 355 -20.96 -37.95 -3.06
N ASP D 356 -20.49 -37.87 -4.30
CA ASP D 356 -19.15 -38.34 -4.61
C ASP D 356 -18.12 -37.53 -3.85
N SER D 357 -17.29 -38.24 -3.08
CA SER D 357 -16.03 -37.67 -2.65
C SER D 357 -15.30 -37.10 -3.86
N HIS D 358 -15.08 -37.94 -4.86
CA HIS D 358 -14.79 -37.49 -6.22
C HIS D 358 -15.44 -38.48 -7.15
N PHE D 359 -15.18 -38.30 -8.44
CA PHE D 359 -15.92 -38.99 -9.48
C PHE D 359 -15.00 -39.23 -10.66
N ARG D 360 -15.58 -39.80 -11.71
CA ARG D 360 -14.87 -40.03 -12.97
C ARG D 360 -15.88 -39.86 -14.11
N GLN D 361 -15.36 -39.74 -15.34
CA GLN D 361 -16.14 -39.27 -16.47
C GLN D 361 -16.91 -40.35 -17.21
N GLY D 362 -16.51 -41.60 -17.12
CA GLY D 362 -17.09 -42.64 -17.94
C GLY D 362 -18.22 -43.36 -17.24
N ILE D 363 -18.90 -42.68 -16.33
CA ILE D 363 -19.95 -43.29 -15.53
C ILE D 363 -20.66 -42.14 -14.82
N PRO D 364 -21.99 -42.12 -14.75
CA PRO D 364 -22.66 -41.06 -14.00
C PRO D 364 -22.75 -41.40 -12.54
N PHE D 365 -22.01 -40.70 -11.68
CA PHE D 365 -22.28 -40.83 -10.27
C PHE D 365 -23.64 -40.22 -9.97
N PHE D 366 -24.23 -40.66 -8.88
CA PHE D 366 -25.52 -40.18 -8.44
C PHE D 366 -25.29 -39.24 -7.27
N GLY D 367 -25.72 -38.01 -7.40
CA GLY D 367 -25.72 -37.13 -6.27
C GLY D 367 -26.88 -37.41 -5.36
N GLN D 368 -26.66 -37.21 -4.07
CA GLN D 368 -27.71 -37.32 -3.08
C GLN D 368 -27.49 -36.30 -1.99
N VAL D 369 -28.56 -35.58 -1.67
CA VAL D 369 -28.51 -34.51 -0.69
C VAL D 369 -29.84 -34.50 0.06
N ARG D 370 -29.78 -34.13 1.33
CA ARG D 370 -30.95 -34.03 2.18
C ARG D 370 -31.03 -32.65 2.80
N LEU D 371 -31.96 -32.47 3.72
CA LEU D 371 -32.21 -31.19 4.33
C LEU D 371 -32.72 -31.39 5.74
N VAL D 372 -32.44 -30.42 6.58
CA VAL D 372 -33.12 -30.24 7.85
C VAL D 372 -33.23 -28.75 8.09
N ASP D 373 -34.28 -28.31 8.80
CA ASP D 373 -34.51 -26.88 8.99
C ASP D 373 -35.53 -26.68 10.10
N GLY D 374 -35.31 -25.66 10.92
CA GLY D 374 -36.27 -25.24 11.92
C GLY D 374 -36.60 -26.31 12.93
N LYS D 375 -37.86 -26.77 12.89
CA LYS D 375 -38.33 -27.87 13.72
C LYS D 375 -37.90 -29.24 13.20
N GLY D 376 -36.99 -29.30 12.23
CA GLY D 376 -36.63 -30.56 11.60
C GLY D 376 -37.67 -30.88 10.57
N VAL D 377 -38.00 -29.88 9.75
CA VAL D 377 -39.23 -29.89 8.97
C VAL D 377 -38.96 -29.56 7.50
N PRO D 378 -38.15 -30.32 6.77
CA PRO D 378 -38.21 -30.25 5.31
C PRO D 378 -39.58 -30.70 4.82
N ILE D 379 -40.15 -29.96 3.88
CA ILE D 379 -41.44 -30.40 3.33
C ILE D 379 -41.23 -31.74 2.65
N PRO D 380 -42.11 -32.70 2.82
CA PRO D 380 -42.15 -33.78 1.84
C PRO D 380 -42.52 -33.22 0.48
N ASN D 381 -41.55 -33.27 -0.43
CA ASN D 381 -41.69 -32.88 -1.82
C ASN D 381 -41.96 -31.40 -2.07
N LYS D 382 -41.05 -30.52 -1.61
CA LYS D 382 -40.94 -29.16 -2.13
C LYS D 382 -39.85 -29.16 -3.19
N VAL D 383 -40.11 -28.49 -4.31
CA VAL D 383 -39.31 -28.68 -5.50
C VAL D 383 -38.03 -27.87 -5.43
N ILE D 384 -37.03 -28.33 -6.17
CA ILE D 384 -35.72 -27.70 -6.26
C ILE D 384 -35.38 -27.54 -7.73
N PHE D 385 -34.20 -27.02 -8.02
CA PHE D 385 -33.74 -26.77 -9.39
C PHE D 385 -32.28 -27.21 -9.43
N ILE D 386 -32.07 -28.42 -9.90
CA ILE D 386 -30.82 -29.15 -9.67
C ILE D 386 -29.80 -28.68 -10.69
N ARG D 387 -28.83 -27.92 -10.21
CA ARG D 387 -27.96 -27.09 -11.03
C ARG D 387 -26.95 -27.93 -11.80
N GLY D 388 -27.38 -28.40 -12.97
CA GLY D 388 -26.45 -28.97 -13.92
C GLY D 388 -25.63 -27.88 -14.57
N ASN D 389 -24.34 -27.80 -14.25
CA ASN D 389 -23.50 -26.68 -14.61
C ASN D 389 -22.23 -27.15 -15.31
N GLU D 390 -22.14 -26.81 -16.60
CA GLU D 390 -20.94 -27.11 -17.45
C GLU D 390 -20.99 -28.56 -17.94
N ALA D 391 -21.68 -29.45 -17.22
CA ALA D 391 -22.24 -30.63 -17.85
C ALA D 391 -23.68 -30.41 -18.26
N ASN D 392 -24.35 -29.44 -17.64
CA ASN D 392 -25.63 -28.92 -18.10
C ASN D 392 -26.73 -29.96 -18.06
N TYR D 393 -26.60 -30.95 -17.18
CA TYR D 393 -27.68 -31.89 -16.91
C TYR D 393 -28.55 -31.32 -15.79
N TYR D 394 -29.06 -30.13 -16.04
CA TYR D 394 -30.02 -29.57 -15.11
C TYR D 394 -31.25 -30.47 -15.11
N SER D 395 -31.59 -30.98 -13.94
CA SER D 395 -32.70 -31.91 -13.83
C SER D 395 -33.34 -31.72 -12.47
N ASN D 396 -34.30 -30.80 -12.44
CA ASN D 396 -35.03 -30.48 -11.19
C ASN D 396 -35.70 -31.72 -10.60
N ALA D 397 -35.90 -31.72 -9.29
CA ALA D 397 -36.51 -32.83 -8.59
C ALA D 397 -37.07 -32.27 -7.29
N THR D 398 -37.34 -33.15 -6.34
CA THR D 398 -37.61 -32.73 -4.99
C THR D 398 -37.15 -33.80 -4.02
N THR D 399 -37.17 -33.43 -2.74
CA THR D 399 -36.86 -34.34 -1.67
C THR D 399 -37.82 -35.51 -1.61
N ASP D 400 -37.41 -36.50 -0.83
CA ASP D 400 -38.31 -37.47 -0.24
C ASP D 400 -38.72 -36.92 1.13
N GLU D 401 -39.35 -37.77 1.96
CA GLU D 401 -39.68 -37.32 3.30
C GLU D 401 -38.42 -37.08 4.13
N HIS D 402 -37.37 -37.86 3.91
CA HIS D 402 -36.13 -37.76 4.68
C HIS D 402 -35.32 -36.51 4.38
N GLY D 403 -35.72 -35.70 3.39
CA GLY D 403 -34.83 -34.76 2.76
C GLY D 403 -34.17 -35.32 1.52
N LEU D 404 -34.04 -36.65 1.46
CA LEU D 404 -33.18 -37.28 0.48
C LEU D 404 -33.78 -37.13 -0.92
N VAL D 405 -32.90 -37.23 -1.91
CA VAL D 405 -33.28 -37.41 -3.29
C VAL D 405 -32.04 -37.85 -4.03
N GLN D 406 -32.23 -38.61 -5.12
CA GLN D 406 -31.13 -39.15 -5.90
C GLN D 406 -31.20 -38.58 -7.30
N PHE D 407 -30.03 -38.30 -7.85
CA PHE D 407 -29.93 -37.54 -9.08
C PHE D 407 -28.50 -37.67 -9.57
N SER D 408 -28.35 -37.67 -10.89
CA SER D 408 -27.07 -37.88 -11.55
C SER D 408 -26.91 -36.83 -12.62
N ILE D 409 -25.86 -37.00 -13.45
CA ILE D 409 -25.58 -36.08 -14.54
C ILE D 409 -25.22 -36.87 -15.79
N ASN D 410 -25.02 -36.17 -16.90
CA ASN D 410 -24.60 -36.86 -18.17
C ASN D 410 -23.07 -36.94 -18.20
N THR D 411 -22.51 -37.68 -19.16
CA THR D 411 -21.03 -37.89 -19.19
C THR D 411 -20.43 -37.30 -20.48
N THR D 412 -19.43 -36.39 -20.37
CA THR D 412 -18.73 -35.74 -21.51
C THR D 412 -18.20 -34.39 -21.00
N ASN D 413 -17.18 -34.39 -20.14
CA ASN D 413 -16.76 -33.14 -19.53
C ASN D 413 -15.29 -33.24 -19.14
N VAL D 414 -14.64 -32.08 -19.09
CA VAL D 414 -13.32 -31.96 -18.50
C VAL D 414 -13.43 -32.12 -16.99
N MET D 415 -12.27 -32.19 -16.33
CA MET D 415 -12.22 -32.33 -14.89
C MET D 415 -13.02 -31.24 -14.18
N GLY D 416 -13.04 -30.04 -14.76
CA GLY D 416 -13.59 -28.91 -14.06
C GLY D 416 -15.10 -28.91 -14.01
N THR D 417 -15.66 -29.93 -13.37
CA THR D 417 -17.09 -30.04 -13.25
C THR D 417 -17.54 -29.46 -11.91
N SER D 418 -18.44 -28.50 -11.99
CA SER D 418 -18.94 -27.76 -10.84
C SER D 418 -20.42 -28.07 -10.69
N LEU D 419 -20.82 -28.46 -9.48
CA LEU D 419 -22.09 -29.11 -9.26
C LEU D 419 -22.69 -28.62 -7.95
N THR D 420 -24.01 -28.55 -7.90
CA THR D 420 -24.71 -27.89 -6.82
C THR D 420 -26.21 -28.01 -7.02
N VAL D 421 -26.95 -27.50 -6.05
CA VAL D 421 -28.36 -27.19 -6.21
C VAL D 421 -28.65 -25.96 -5.38
N ARG D 422 -29.64 -25.19 -5.82
CA ARG D 422 -30.27 -24.15 -5.02
C ARG D 422 -31.74 -24.51 -4.83
N VAL D 423 -32.33 -23.91 -3.80
CA VAL D 423 -33.73 -24.12 -3.48
C VAL D 423 -34.51 -22.82 -3.42
N ASN D 424 -33.86 -21.70 -3.17
CA ASN D 424 -34.48 -20.39 -3.09
C ASN D 424 -33.61 -19.43 -3.90
N TYR D 425 -33.86 -18.13 -3.77
CA TYR D 425 -33.29 -17.14 -4.69
C TYR D 425 -31.77 -17.04 -4.47
N LYS D 426 -31.10 -16.21 -5.29
CA LYS D 426 -29.65 -16.21 -5.41
C LYS D 426 -28.95 -15.08 -4.67
N ASP D 427 -29.37 -13.82 -4.86
CA ASP D 427 -28.61 -12.66 -4.42
C ASP D 427 -29.36 -11.94 -3.32
N ARG D 428 -28.68 -10.94 -2.73
CA ARG D 428 -29.17 -10.26 -1.52
C ARG D 428 -30.02 -9.04 -1.88
N SER D 429 -31.22 -9.33 -2.35
CA SER D 429 -32.07 -8.29 -2.91
C SER D 429 -32.67 -7.30 -1.89
N PRO D 430 -33.30 -7.75 -0.78
CA PRO D 430 -34.16 -6.83 -0.02
C PRO D 430 -33.48 -6.02 1.07
N CYS D 431 -33.67 -4.70 1.05
CA CYS D 431 -33.22 -3.77 2.10
C CYS D 431 -31.78 -4.03 2.53
N TYR D 432 -30.84 -3.85 1.59
CA TYR D 432 -29.52 -4.48 1.67
C TYR D 432 -28.36 -3.50 1.46
N GLY D 433 -28.58 -2.21 1.60
CA GLY D 433 -27.58 -1.20 1.27
C GLY D 433 -26.89 -0.54 2.44
N TYR D 434 -26.93 -1.13 3.63
CA TYR D 434 -26.53 -0.43 4.85
C TYR D 434 -25.15 -0.86 5.36
N GLN D 435 -24.65 -2.03 4.95
CA GLN D 435 -23.46 -2.70 5.46
C GLN D 435 -23.68 -3.34 6.84
N TRP D 436 -24.81 -3.08 7.49
CA TRP D 436 -25.29 -3.88 8.61
C TRP D 436 -26.34 -4.86 8.13
N VAL D 437 -26.02 -5.58 7.05
CA VAL D 437 -27.00 -6.24 6.20
C VAL D 437 -26.45 -7.60 5.76
N SER D 438 -27.22 -8.66 5.97
CA SER D 438 -26.94 -9.97 5.40
C SER D 438 -28.16 -10.86 5.62
N GLU D 439 -28.40 -11.75 4.67
CA GLU D 439 -29.47 -12.74 4.79
C GLU D 439 -29.20 -13.82 3.76
N GLU D 440 -29.18 -15.07 4.21
CA GLU D 440 -28.62 -16.17 3.43
C GLU D 440 -29.50 -17.40 3.56
N HIS D 441 -29.40 -18.28 2.56
CA HIS D 441 -29.75 -19.68 2.68
C HIS D 441 -28.49 -20.50 2.44
N GLU D 442 -28.57 -21.79 2.72
CA GLU D 442 -27.39 -22.63 2.63
C GLU D 442 -27.02 -22.89 1.18
N GLU D 443 -25.72 -23.06 0.95
CA GLU D 443 -25.19 -23.41 -0.36
C GLU D 443 -24.88 -24.91 -0.39
N ALA D 444 -25.42 -25.59 -1.39
CA ALA D 444 -24.98 -26.93 -1.75
C ALA D 444 -23.83 -26.76 -2.72
N HIS D 445 -22.70 -26.33 -2.20
CA HIS D 445 -21.52 -25.98 -2.98
C HIS D 445 -20.54 -27.16 -2.92
N HIS D 446 -20.73 -28.11 -3.83
CA HIS D 446 -19.86 -29.28 -3.95
C HIS D 446 -19.00 -29.18 -5.18
N THR D 447 -17.76 -29.63 -5.05
CA THR D 447 -16.87 -29.82 -6.19
C THR D 447 -16.16 -31.16 -6.03
N ALA D 448 -15.25 -31.40 -6.96
CA ALA D 448 -14.41 -32.59 -6.97
C ALA D 448 -13.45 -32.42 -8.13
N TYR D 449 -12.60 -33.42 -8.33
CA TYR D 449 -11.71 -33.44 -9.47
C TYR D 449 -11.75 -34.84 -10.05
N LEU D 450 -10.89 -35.07 -11.05
CA LEU D 450 -11.11 -36.10 -12.05
C LEU D 450 -9.91 -37.02 -12.09
N VAL D 451 -10.18 -38.31 -12.27
CA VAL D 451 -9.12 -39.28 -12.54
C VAL D 451 -8.28 -38.77 -13.69
N PHE D 452 -6.96 -38.92 -13.57
CA PHE D 452 -6.05 -38.72 -14.68
C PHE D 452 -5.74 -40.09 -15.23
N SER D 453 -6.58 -40.54 -16.16
CA SER D 453 -6.48 -41.94 -16.65
C SER D 453 -5.92 -41.96 -18.08
N PRO D 454 -4.60 -41.78 -18.31
CA PRO D 454 -4.04 -41.96 -19.65
C PRO D 454 -3.95 -43.48 -19.72
N SER D 455 -4.27 -44.12 -18.58
CA SER D 455 -4.61 -45.53 -18.48
C SER D 455 -5.99 -45.77 -19.06
N LYS D 456 -6.84 -44.77 -18.96
CA LYS D 456 -8.09 -44.56 -19.67
C LYS D 456 -9.22 -45.40 -19.11
N SER D 457 -8.96 -46.34 -18.20
CA SER D 457 -9.97 -47.10 -17.51
C SER D 457 -9.96 -46.75 -16.03
N PHE D 458 -10.92 -47.31 -15.30
CA PHE D 458 -11.02 -47.09 -13.87
C PHE D 458 -12.11 -48.00 -13.31
N VAL D 459 -12.33 -47.92 -11.99
CA VAL D 459 -13.43 -48.62 -11.31
C VAL D 459 -14.19 -47.61 -10.47
N HIS D 460 -15.49 -47.81 -10.36
CA HIS D 460 -16.40 -46.83 -9.75
C HIS D 460 -17.22 -47.53 -8.68
N LEU D 461 -16.97 -47.20 -7.43
CA LEU D 461 -17.36 -48.01 -6.30
C LEU D 461 -18.40 -47.28 -5.47
N GLU D 462 -19.19 -48.02 -4.75
CA GLU D 462 -20.36 -47.54 -4.04
C GLU D 462 -20.23 -47.84 -2.56
N PRO D 463 -20.99 -47.14 -1.71
CA PRO D 463 -20.57 -46.95 -0.32
C PRO D 463 -21.13 -47.89 0.74
N MET D 464 -20.59 -47.75 1.95
CA MET D 464 -21.17 -48.24 3.19
C MET D 464 -21.37 -47.12 4.19
N SER D 465 -21.28 -45.87 3.73
CA SER D 465 -20.89 -44.73 4.56
C SER D 465 -22.07 -44.33 5.44
N HIS D 466 -22.42 -45.24 6.35
CA HIS D 466 -23.59 -45.08 7.19
C HIS D 466 -23.55 -46.18 8.24
N GLU D 467 -24.65 -46.37 8.97
CA GLU D 467 -24.71 -47.47 9.93
C GLU D 467 -24.49 -48.81 9.23
N LEU D 468 -24.21 -49.86 10.02
CA LEU D 468 -23.54 -51.05 9.52
C LEU D 468 -23.92 -52.31 10.31
N PRO D 469 -24.35 -53.44 9.64
CA PRO D 469 -24.39 -54.73 10.37
C PRO D 469 -23.03 -55.42 10.37
N CYS D 470 -22.49 -55.73 11.55
CA CYS D 470 -21.16 -56.30 11.64
C CYS D 470 -21.23 -57.82 11.68
N GLY D 471 -20.06 -58.43 11.55
CA GLY D 471 -19.97 -59.87 11.44
C GLY D 471 -20.78 -60.31 10.24
N HIS D 472 -20.63 -59.56 9.16
CA HIS D 472 -21.46 -59.69 7.99
C HIS D 472 -20.63 -59.30 6.78
N THR D 473 -21.31 -59.21 5.65
CA THR D 473 -20.79 -58.55 4.47
C THR D 473 -21.98 -58.26 3.58
N GLN D 474 -21.71 -57.96 2.32
CA GLN D 474 -22.75 -57.81 1.32
C GLN D 474 -22.08 -57.99 -0.02
N THR D 475 -22.86 -58.36 -1.04
CA THR D 475 -22.28 -58.43 -2.38
C THR D 475 -21.79 -57.04 -2.71
N VAL D 476 -20.47 -56.86 -2.69
CA VAL D 476 -19.90 -55.55 -2.96
C VAL D 476 -20.02 -55.28 -4.45
N GLN D 477 -20.30 -54.03 -4.79
CA GLN D 477 -20.62 -53.64 -6.16
C GLN D 477 -19.94 -52.32 -6.50
N ALA D 478 -19.36 -52.27 -7.70
CA ALA D 478 -18.75 -51.08 -8.28
C ALA D 478 -19.15 -51.07 -9.75
N HIS D 479 -18.48 -50.26 -10.55
CA HIS D 479 -18.66 -50.32 -11.99
C HIS D 479 -17.29 -50.36 -12.66
N TYR D 480 -17.05 -51.43 -13.41
CA TYR D 480 -15.81 -51.62 -14.14
C TYR D 480 -15.94 -51.01 -15.53
N ILE D 481 -14.79 -50.85 -16.19
CA ILE D 481 -14.75 -50.54 -17.61
C ILE D 481 -13.53 -51.19 -18.24
N LEU D 482 -13.39 -51.00 -19.55
CA LEU D 482 -12.17 -51.29 -20.26
C LEU D 482 -12.16 -50.44 -21.52
N ASN D 483 -10.98 -50.21 -22.07
CA ASN D 483 -10.76 -49.11 -22.99
C ASN D 483 -10.22 -49.57 -24.33
N GLY D 484 -10.79 -49.00 -25.39
CA GLY D 484 -10.67 -49.55 -26.72
C GLY D 484 -11.22 -50.96 -26.68
N GLY D 485 -12.29 -51.13 -25.90
CA GLY D 485 -12.58 -52.44 -25.37
C GLY D 485 -11.34 -52.88 -24.62
N THR D 486 -10.60 -53.80 -25.23
CA THR D 486 -9.20 -54.02 -24.91
C THR D 486 -8.43 -53.96 -26.22
N LEU D 487 -7.30 -53.25 -26.22
CA LEU D 487 -6.57 -52.98 -27.45
C LEU D 487 -6.11 -54.28 -28.10
N LEU D 488 -5.32 -55.07 -27.39
CA LEU D 488 -5.09 -56.47 -27.70
C LEU D 488 -5.54 -57.38 -26.57
N GLY D 489 -5.21 -57.02 -25.34
CA GLY D 489 -5.78 -57.67 -24.18
C GLY D 489 -5.32 -59.10 -24.02
N LEU D 490 -6.25 -59.93 -23.58
CA LEU D 490 -5.96 -61.25 -23.09
C LEU D 490 -7.26 -62.04 -23.20
N LYS D 491 -7.33 -63.18 -22.51
CA LYS D 491 -8.60 -63.82 -22.22
C LYS D 491 -9.19 -63.40 -20.88
N LYS D 492 -8.34 -63.09 -19.91
CA LYS D 492 -8.77 -62.77 -18.55
C LYS D 492 -7.81 -61.74 -17.97
N LEU D 493 -8.23 -61.08 -16.90
CA LEU D 493 -7.34 -60.25 -16.09
C LEU D 493 -7.66 -60.44 -14.62
N SER D 494 -6.62 -60.33 -13.81
CA SER D 494 -6.73 -60.56 -12.38
C SER D 494 -7.15 -59.27 -11.69
N PHE D 495 -8.11 -59.40 -10.78
CA PHE D 495 -8.60 -58.29 -9.97
C PHE D 495 -8.57 -58.74 -8.52
N TYR D 496 -7.41 -58.63 -7.90
CA TYR D 496 -7.21 -59.03 -6.52
C TYR D 496 -7.32 -57.78 -5.66
N TYR D 497 -8.17 -57.85 -4.63
CA TYR D 497 -8.74 -56.66 -4.01
C TYR D 497 -7.99 -56.34 -2.72
N LEU D 498 -7.22 -55.25 -2.75
CA LEU D 498 -6.46 -54.75 -1.61
C LEU D 498 -7.38 -54.08 -0.61
N ILE D 499 -7.08 -54.25 0.67
CA ILE D 499 -7.83 -53.60 1.73
C ILE D 499 -6.83 -53.05 2.74
N MET D 500 -6.70 -51.74 2.79
CA MET D 500 -5.74 -51.11 3.69
C MET D 500 -6.20 -51.33 5.14
N ALA D 501 -5.58 -52.29 5.81
CA ALA D 501 -5.91 -52.70 7.18
C ALA D 501 -4.84 -52.24 8.17
N LYS D 502 -5.24 -51.45 9.17
CA LYS D 502 -4.35 -51.02 10.26
C LYS D 502 -3.06 -50.40 9.70
N GLY D 503 -3.22 -49.44 8.80
CA GLY D 503 -2.05 -48.89 8.14
C GLY D 503 -1.28 -49.86 7.29
N GLY D 504 -1.89 -50.96 6.90
CA GLY D 504 -1.28 -51.91 6.00
C GLY D 504 -2.35 -52.80 5.48
N ILE D 505 -2.06 -54.09 5.35
CA ILE D 505 -3.02 -55.09 4.87
C ILE D 505 -3.08 -56.24 5.88
N VAL D 506 -4.24 -56.90 5.95
CA VAL D 506 -4.43 -58.06 6.83
C VAL D 506 -4.95 -59.28 6.07
N ARG D 507 -5.96 -59.13 5.22
CA ARG D 507 -6.68 -60.26 4.63
C ARG D 507 -6.09 -60.64 3.27
N THR D 508 -6.51 -61.81 2.77
CA THR D 508 -6.19 -62.27 1.43
C THR D 508 -7.46 -62.71 0.70
N GLY D 509 -7.61 -62.21 -0.53
CA GLY D 509 -8.78 -62.51 -1.35
C GLY D 509 -8.60 -62.01 -2.77
N THR D 510 -9.03 -62.82 -3.75
CA THR D 510 -8.74 -62.60 -5.16
C THR D 510 -10.03 -62.45 -5.97
N HIS D 511 -9.94 -61.75 -7.10
CA HIS D 511 -10.99 -61.78 -8.11
C HIS D 511 -10.37 -61.60 -9.48
N GLY D 512 -11.21 -61.72 -10.50
CA GLY D 512 -10.81 -61.58 -11.89
C GLY D 512 -11.70 -62.45 -12.74
N LEU D 513 -11.88 -62.04 -14.00
CA LEU D 513 -12.78 -62.74 -14.91
C LEU D 513 -12.42 -62.35 -16.33
N LEU D 514 -13.18 -62.86 -17.29
CA LEU D 514 -12.84 -62.75 -18.70
C LEU D 514 -12.65 -61.30 -19.14
N VAL D 515 -12.01 -61.15 -20.28
CA VAL D 515 -12.10 -59.94 -21.09
C VAL D 515 -12.77 -60.31 -22.40
N LYS D 516 -13.82 -59.58 -22.76
CA LYS D 516 -14.34 -59.59 -24.11
C LYS D 516 -13.67 -58.45 -24.86
N GLN D 517 -13.25 -58.73 -26.08
CA GLN D 517 -12.25 -57.89 -26.75
C GLN D 517 -12.77 -56.47 -26.96
N GLU D 518 -14.02 -56.33 -27.39
CA GLU D 518 -14.53 -55.04 -27.86
C GLU D 518 -15.95 -54.80 -27.36
N ASP D 519 -16.18 -55.04 -26.07
CA ASP D 519 -17.44 -54.59 -25.46
C ASP D 519 -17.27 -54.57 -23.95
N MET D 520 -17.82 -53.52 -23.31
CA MET D 520 -17.64 -53.24 -21.89
C MET D 520 -19.00 -53.23 -21.18
N LYS D 521 -18.94 -53.46 -19.86
CA LYS D 521 -20.06 -53.27 -18.96
C LYS D 521 -19.51 -52.70 -17.66
N GLY D 522 -20.38 -52.59 -16.65
CA GLY D 522 -20.03 -52.04 -15.37
C GLY D 522 -20.49 -52.87 -14.18
N HIS D 523 -20.35 -54.19 -14.24
CA HIS D 523 -20.76 -55.07 -13.16
C HIS D 523 -19.60 -55.95 -12.73
N PHE D 524 -19.50 -56.22 -11.44
CA PHE D 524 -18.36 -56.89 -10.83
C PHE D 524 -18.80 -57.44 -9.48
N SER D 525 -18.57 -58.73 -9.25
CA SER D 525 -18.95 -59.40 -8.02
C SER D 525 -17.77 -59.46 -7.07
N ILE D 526 -18.00 -59.11 -5.81
CA ILE D 526 -16.97 -59.12 -4.77
C ILE D 526 -17.66 -58.97 -3.43
N SER D 527 -17.05 -59.46 -2.35
CA SER D 527 -17.53 -59.17 -1.01
C SER D 527 -16.43 -59.51 -0.02
N ILE D 528 -16.44 -58.77 1.09
CA ILE D 528 -15.37 -58.81 2.08
C ILE D 528 -16.05 -58.77 3.45
N PRO D 529 -15.56 -59.49 4.47
CA PRO D 529 -16.27 -59.52 5.75
C PRO D 529 -15.77 -58.49 6.75
N VAL D 530 -16.68 -58.07 7.61
CA VAL D 530 -16.40 -57.07 8.64
C VAL D 530 -16.25 -57.79 9.97
N LYS D 531 -15.02 -57.86 10.48
CA LYS D 531 -14.76 -58.53 11.74
C LYS D 531 -14.12 -57.65 12.80
N SER D 532 -12.87 -57.24 12.63
CA SER D 532 -12.01 -56.75 13.69
C SER D 532 -10.59 -56.76 13.11
N ASP D 533 -9.57 -56.49 13.92
CA ASP D 533 -8.18 -56.58 13.47
C ASP D 533 -7.95 -55.57 12.35
N ILE D 534 -8.44 -54.36 12.56
CA ILE D 534 -8.69 -53.44 11.46
C ILE D 534 -8.65 -52.02 12.00
N ALA D 535 -7.96 -51.14 11.29
CA ALA D 535 -8.17 -49.75 11.55
C ALA D 535 -9.61 -49.42 11.19
N PRO D 536 -10.35 -48.73 12.07
CA PRO D 536 -11.80 -48.69 11.91
C PRO D 536 -12.29 -47.72 10.84
N VAL D 537 -11.44 -47.28 9.92
CA VAL D 537 -11.87 -46.71 8.65
C VAL D 537 -11.59 -47.77 7.59
N ALA D 538 -12.64 -48.21 6.90
CA ALA D 538 -12.56 -49.37 6.01
C ALA D 538 -12.14 -48.91 4.63
N ARG D 539 -10.86 -49.09 4.34
CA ARG D 539 -10.22 -48.64 3.10
C ARG D 539 -10.09 -49.82 2.13
N LEU D 540 -11.12 -50.04 1.32
CA LEU D 540 -11.04 -51.07 0.29
C LEU D 540 -10.13 -50.59 -0.84
N LEU D 541 -9.64 -51.54 -1.63
CA LEU D 541 -8.89 -51.18 -2.83
C LEU D 541 -8.91 -52.35 -3.81
N ILE D 542 -8.83 -52.02 -5.10
CA ILE D 542 -8.97 -53.00 -6.18
C ILE D 542 -8.47 -52.35 -7.46
N TYR D 543 -7.98 -53.15 -8.40
CA TYR D 543 -7.41 -52.59 -9.63
C TYR D 543 -7.24 -53.69 -10.67
N ALA D 544 -6.88 -53.28 -11.88
CA ALA D 544 -6.49 -54.16 -12.96
C ALA D 544 -4.99 -54.45 -12.87
N VAL D 545 -4.64 -55.73 -12.97
CA VAL D 545 -3.24 -56.15 -12.90
C VAL D 545 -2.72 -56.00 -14.32
N LEU D 546 -2.37 -54.86 -14.65
CA LEU D 546 -2.28 -54.52 -16.05
C LEU D 546 -0.95 -54.96 -16.65
N PRO D 547 -0.93 -55.39 -17.94
CA PRO D 547 0.37 -55.69 -18.56
C PRO D 547 1.04 -54.46 -19.16
N THR D 548 0.26 -53.51 -19.64
CA THR D 548 0.80 -52.31 -20.23
C THR D 548 1.24 -51.28 -19.20
N GLY D 549 1.09 -51.58 -17.91
CA GLY D 549 1.71 -50.76 -16.90
C GLY D 549 0.89 -49.59 -16.38
N ASP D 550 -0.26 -49.87 -15.77
CA ASP D 550 -0.92 -48.84 -14.97
C ASP D 550 -1.93 -49.47 -14.03
N VAL D 551 -2.27 -48.70 -13.00
CA VAL D 551 -3.13 -49.14 -11.90
C VAL D 551 -4.31 -48.20 -11.82
N ILE D 552 -5.43 -48.72 -11.30
CA ILE D 552 -6.65 -47.94 -11.10
C ILE D 552 -7.18 -48.09 -9.69
N GLY D 553 -7.01 -47.07 -8.87
CA GLY D 553 -7.56 -47.07 -7.52
C GLY D 553 -7.81 -45.66 -7.04
N ASP D 554 -8.14 -45.50 -5.77
CA ASP D 554 -8.49 -44.21 -5.20
C ASP D 554 -8.76 -44.41 -3.72
N SER D 555 -8.95 -43.30 -3.05
CA SER D 555 -9.73 -43.33 -1.83
C SER D 555 -11.14 -43.77 -2.19
N ALA D 556 -11.45 -45.00 -1.81
CA ALA D 556 -12.77 -45.56 -2.04
C ALA D 556 -13.03 -46.48 -0.84
N LYS D 557 -13.64 -45.92 0.19
CA LYS D 557 -13.55 -46.44 1.54
C LYS D 557 -14.95 -46.75 2.08
N TYR D 558 -14.97 -47.27 3.30
CA TYR D 558 -16.20 -47.60 3.99
C TYR D 558 -16.02 -47.32 5.47
N ASP D 559 -16.98 -47.77 6.26
CA ASP D 559 -16.93 -47.54 7.70
C ASP D 559 -16.75 -48.85 8.46
N VAL D 560 -16.26 -48.73 9.69
CA VAL D 560 -16.18 -49.83 10.65
C VAL D 560 -16.64 -49.26 11.98
N GLU D 561 -17.94 -49.32 12.22
CA GLU D 561 -18.52 -48.79 13.44
C GLU D 561 -18.31 -49.81 14.56
N ASN D 562 -18.98 -49.59 15.69
CA ASN D 562 -18.73 -50.39 16.88
C ASN D 562 -19.16 -51.84 16.67
N CYS D 563 -18.19 -52.72 16.51
CA CYS D 563 -18.44 -54.15 16.65
C CYS D 563 -17.14 -54.80 17.10
N LEU D 564 -17.27 -55.92 17.80
CA LEU D 564 -16.24 -56.41 18.69
C LEU D 564 -15.76 -57.80 18.30
N ALA D 565 -14.57 -58.15 18.82
CA ALA D 565 -14.07 -59.51 18.69
C ALA D 565 -14.62 -60.41 19.79
N ASN D 566 -14.31 -60.08 21.04
CA ASN D 566 -14.86 -60.78 22.20
C ASN D 566 -16.05 -60.00 22.71
N LYS D 567 -17.14 -60.70 22.95
CA LYS D 567 -18.36 -60.13 23.49
C LYS D 567 -18.52 -60.51 24.95
N VAL D 568 -19.29 -59.70 25.67
CA VAL D 568 -19.70 -60.04 27.02
C VAL D 568 -20.85 -59.12 27.45
N ASP D 569 -21.84 -59.71 28.10
CA ASP D 569 -22.92 -58.91 28.71
C ASP D 569 -23.50 -59.71 29.86
N LEU D 570 -24.56 -59.17 30.46
CA LEU D 570 -24.90 -59.43 31.85
C LEU D 570 -26.34 -59.85 32.02
N SER D 571 -26.67 -60.15 33.28
CA SER D 571 -28.00 -60.51 33.73
C SER D 571 -27.98 -60.53 35.25
N PHE D 572 -29.02 -59.97 35.86
CA PHE D 572 -29.00 -59.65 37.28
C PHE D 572 -30.30 -60.05 37.96
N SER D 573 -30.21 -60.19 39.28
CA SER D 573 -31.40 -60.20 40.11
C SER D 573 -32.10 -58.85 40.00
N PRO D 574 -33.40 -58.78 40.22
CA PRO D 574 -34.18 -57.66 39.69
C PRO D 574 -34.08 -56.41 40.53
N SER D 575 -34.55 -55.32 39.94
CA SER D 575 -34.87 -54.13 40.70
C SER D 575 -35.84 -54.47 41.81
N GLN D 576 -35.42 -54.21 43.04
CA GLN D 576 -36.20 -54.58 44.21
C GLN D 576 -36.06 -53.49 45.26
N SER D 577 -36.87 -53.58 46.31
CA SER D 577 -37.00 -52.50 47.27
C SER D 577 -35.83 -52.56 48.27
N LEU D 578 -35.97 -51.82 49.38
CA LEU D 578 -34.95 -51.48 50.36
C LEU D 578 -33.97 -52.61 50.67
N PRO D 579 -34.45 -53.78 51.13
CA PRO D 579 -33.51 -54.75 51.72
C PRO D 579 -32.96 -55.77 50.73
N ALA D 580 -33.17 -55.56 49.43
CA ALA D 580 -32.81 -56.59 48.46
C ALA D 580 -31.30 -56.69 48.29
N SER D 581 -30.60 -57.08 49.35
CA SER D 581 -29.14 -57.13 49.31
C SER D 581 -28.66 -58.29 48.44
N HIS D 582 -29.05 -59.50 48.79
CA HIS D 582 -28.64 -60.66 48.00
C HIS D 582 -29.25 -60.57 46.62
N ALA D 583 -28.41 -60.23 45.64
CA ALA D 583 -28.82 -60.07 44.26
C ALA D 583 -27.74 -60.74 43.42
N HIS D 584 -27.81 -60.54 42.10
CA HIS D 584 -26.78 -61.08 41.22
C HIS D 584 -26.58 -60.13 40.06
N LEU D 585 -25.45 -60.33 39.39
CA LEU D 585 -25.22 -59.81 38.04
C LEU D 585 -24.40 -60.90 37.34
N ARG D 586 -25.09 -61.86 36.75
CA ARG D 586 -24.40 -62.93 36.04
C ARG D 586 -23.97 -62.42 34.67
N VAL D 587 -22.68 -62.48 34.42
CA VAL D 587 -22.07 -61.94 33.21
C VAL D 587 -21.20 -63.02 32.60
N THR D 588 -21.08 -62.98 31.27
CA THR D 588 -20.68 -64.14 30.49
C THR D 588 -19.73 -63.72 29.38
N ALA D 589 -18.54 -64.30 29.37
CA ALA D 589 -17.50 -63.99 28.38
C ALA D 589 -16.81 -65.31 28.01
N ALA D 590 -15.61 -65.21 27.43
CA ALA D 590 -14.78 -66.36 27.04
C ALA D 590 -14.51 -67.26 28.25
N PRO D 591 -13.90 -68.44 28.08
CA PRO D 591 -13.73 -69.31 29.26
C PRO D 591 -12.80 -68.73 30.31
N GLN D 592 -11.64 -68.22 29.90
CA GLN D 592 -10.58 -67.79 30.81
C GLN D 592 -10.30 -66.32 30.56
N SER D 593 -10.84 -65.45 31.41
CA SER D 593 -10.72 -64.01 31.20
C SER D 593 -10.95 -63.28 32.51
N VAL D 594 -9.92 -62.58 32.97
CA VAL D 594 -10.08 -61.65 34.08
C VAL D 594 -11.07 -60.57 33.67
N CYS D 595 -12.01 -60.23 34.56
CA CYS D 595 -13.08 -59.29 34.24
C CYS D 595 -13.54 -58.56 35.50
N ALA D 596 -14.37 -57.54 35.31
CA ALA D 596 -14.63 -56.54 36.35
C ALA D 596 -16.01 -56.68 36.97
N LEU D 597 -16.14 -56.13 38.19
CA LEU D 597 -17.40 -56.00 38.91
C LEU D 597 -17.47 -54.55 39.38
N ARG D 598 -17.85 -53.67 38.47
CA ARG D 598 -18.09 -52.27 38.79
C ARG D 598 -19.58 -51.99 38.78
N ALA D 599 -20.32 -52.64 39.67
CA ALA D 599 -21.75 -52.36 39.76
C ALA D 599 -21.96 -50.99 40.38
N VAL D 600 -22.82 -50.18 39.75
CA VAL D 600 -22.84 -48.75 40.00
C VAL D 600 -24.23 -48.17 39.85
N ASP D 601 -24.44 -47.04 40.53
CA ASP D 601 -25.49 -46.09 40.20
C ASP D 601 -25.10 -45.40 38.89
N GLN D 602 -26.01 -44.57 38.36
CA GLN D 602 -25.74 -43.84 37.13
C GLN D 602 -26.21 -42.39 37.14
N SER D 603 -26.71 -41.85 38.26
CA SER D 603 -27.16 -40.46 38.26
C SER D 603 -25.99 -39.49 38.10
N VAL D 604 -24.98 -39.62 38.96
CA VAL D 604 -23.79 -38.79 38.85
C VAL D 604 -23.08 -38.99 37.51
N LEU D 605 -23.37 -40.09 36.79
CA LEU D 605 -22.94 -40.20 35.39
C LEU D 605 -23.95 -39.56 34.43
N LEU D 606 -25.21 -39.42 34.81
CA LEU D 606 -26.10 -38.64 33.95
C LEU D 606 -25.68 -37.19 33.95
N MET D 607 -25.06 -36.74 35.02
CA MET D 607 -24.43 -35.42 35.00
C MET D 607 -23.39 -35.34 33.88
N LYS D 608 -22.45 -36.29 33.84
CA LYS D 608 -21.41 -36.35 32.80
C LYS D 608 -21.45 -37.75 32.19
N PRO D 609 -22.30 -37.98 31.18
CA PRO D 609 -22.39 -39.32 30.59
C PRO D 609 -21.11 -39.81 29.96
N ASP D 610 -21.19 -41.00 29.37
CA ASP D 610 -20.00 -41.74 28.95
C ASP D 610 -19.35 -41.01 27.78
N ALA D 611 -18.60 -39.96 28.12
CA ALA D 611 -18.04 -39.07 27.11
C ALA D 611 -16.90 -39.74 26.35
N GLU D 612 -15.88 -40.20 27.07
CA GLU D 612 -14.75 -40.93 26.50
C GLU D 612 -14.78 -42.39 26.92
N LEU D 613 -15.96 -42.92 27.19
CA LEU D 613 -16.16 -44.18 27.91
C LEU D 613 -16.96 -45.13 27.01
N SER D 614 -16.30 -45.81 26.07
CA SER D 614 -17.05 -46.65 25.14
C SER D 614 -16.08 -47.53 24.36
N ALA D 615 -16.68 -48.42 23.55
CA ALA D 615 -15.89 -49.27 22.66
C ALA D 615 -15.35 -48.46 21.48
N SER D 616 -16.12 -47.48 21.02
CA SER D 616 -15.54 -46.53 20.07
C SER D 616 -14.47 -45.70 20.77
N SER D 617 -14.59 -45.51 22.08
CA SER D 617 -13.50 -44.90 22.82
C SER D 617 -12.25 -45.75 22.71
N VAL D 618 -12.32 -47.00 23.15
CA VAL D 618 -11.11 -47.83 23.13
C VAL D 618 -10.61 -48.05 21.72
N TYR D 619 -11.49 -47.95 20.72
CA TYR D 619 -11.01 -47.88 19.34
C TYR D 619 -10.11 -46.66 19.16
N ASN D 620 -10.69 -45.47 19.31
CA ASN D 620 -10.01 -44.26 18.86
C ASN D 620 -9.05 -43.70 19.89
N LEU D 621 -8.92 -44.37 21.03
CA LEU D 621 -7.90 -44.04 21.98
C LEU D 621 -6.54 -44.58 21.54
N LEU D 622 -6.50 -45.33 20.45
CA LEU D 622 -5.25 -45.71 19.83
C LEU D 622 -4.51 -44.45 19.37
N PRO D 623 -3.17 -44.48 19.25
CA PRO D 623 -2.47 -43.36 18.63
C PRO D 623 -2.04 -43.60 17.19
N GLU D 624 -1.99 -42.53 16.39
CA GLU D 624 -1.31 -42.59 15.10
C GLU D 624 -1.97 -43.63 14.18
N LYS D 625 -3.30 -43.62 14.18
CA LYS D 625 -4.07 -44.68 13.54
C LYS D 625 -3.78 -44.83 12.06
N ASP D 626 -4.15 -43.83 11.26
CA ASP D 626 -3.97 -43.85 9.80
C ASP D 626 -3.37 -42.51 9.38
N LEU D 627 -2.05 -42.42 9.44
CA LEU D 627 -1.33 -41.23 8.99
C LEU D 627 -1.00 -41.45 7.53
N THR D 628 -1.70 -40.71 6.69
CA THR D 628 -1.92 -41.13 5.31
C THR D 628 -1.28 -40.17 4.33
N GLY D 629 -0.71 -40.75 3.27
CA GLY D 629 -0.24 -39.94 2.16
C GLY D 629 0.99 -39.14 2.53
N PHE D 630 0.79 -37.84 2.72
CA PHE D 630 1.85 -36.93 3.14
C PHE D 630 1.53 -36.44 4.55
N PRO D 631 1.97 -37.14 5.58
CA PRO D 631 1.81 -36.64 6.94
C PRO D 631 2.51 -35.32 7.21
N GLY D 632 2.53 -34.96 8.49
CA GLY D 632 3.00 -33.67 8.95
C GLY D 632 4.33 -33.30 8.32
N PRO D 633 5.40 -33.98 8.69
CA PRO D 633 6.70 -33.69 8.08
C PRO D 633 6.94 -34.52 6.82
N LEU D 634 6.00 -34.53 5.89
CA LEU D 634 6.01 -35.47 4.78
C LEU D 634 5.51 -34.79 3.52
N ASN D 635 6.00 -35.23 2.35
CA ASN D 635 5.93 -34.45 1.14
C ASN D 635 5.99 -35.26 -0.16
N ASP D 636 5.79 -34.59 -1.29
CA ASP D 636 5.96 -35.17 -2.61
C ASP D 636 7.42 -35.07 -3.03
N GLN D 637 7.71 -35.48 -4.26
CA GLN D 637 9.08 -35.67 -4.73
C GLN D 637 9.23 -35.18 -6.16
N ASP D 638 10.46 -34.80 -6.51
CA ASP D 638 10.79 -34.35 -7.85
C ASP D 638 11.14 -35.53 -8.74
N ASN D 639 10.13 -36.15 -9.34
CA ASN D 639 10.35 -37.16 -10.36
C ASN D 639 11.20 -36.56 -11.47
N GLU D 640 12.32 -37.25 -11.77
CA GLU D 640 13.32 -36.71 -12.68
C GLU D 640 12.77 -36.47 -14.08
N ASP D 641 11.62 -37.05 -14.42
CA ASP D 641 10.97 -36.77 -15.69
C ASP D 641 10.67 -35.27 -15.80
N CYS D 642 10.66 -34.78 -17.03
CA CYS D 642 10.30 -33.39 -17.25
C CYS D 642 9.83 -33.24 -18.70
N ILE D 643 8.87 -32.34 -18.89
CA ILE D 643 8.21 -32.13 -20.17
C ILE D 643 8.77 -30.81 -20.72
N ASN D 644 10.04 -30.54 -20.43
CA ASN D 644 10.64 -29.24 -20.72
C ASN D 644 11.18 -29.19 -22.15
N ARG D 645 10.54 -28.37 -22.97
CA ARG D 645 11.17 -27.74 -24.13
C ARG D 645 11.21 -26.24 -23.88
N HIS D 646 11.98 -25.53 -24.69
CA HIS D 646 12.39 -24.18 -24.31
C HIS D 646 11.28 -23.15 -24.43
N ASN D 647 10.06 -23.55 -24.81
CA ASN D 647 8.95 -22.61 -24.96
C ASN D 647 7.68 -23.18 -24.31
N VAL D 648 6.56 -22.49 -24.55
CA VAL D 648 5.34 -22.71 -23.77
C VAL D 648 4.77 -24.10 -24.06
N TYR D 649 4.77 -24.51 -25.33
CA TYR D 649 4.62 -25.91 -25.74
C TYR D 649 3.31 -26.54 -25.24
N ILE D 650 2.21 -26.12 -25.87
CA ILE D 650 1.03 -26.96 -25.98
C ILE D 650 0.61 -27.03 -27.45
N ASN D 651 0.40 -28.25 -27.92
CA ASN D 651 -0.06 -28.51 -29.28
C ASN D 651 -1.57 -28.42 -29.34
N GLY D 652 -2.13 -28.87 -30.47
CA GLY D 652 -3.55 -29.08 -30.59
C GLY D 652 -4.28 -27.90 -31.16
N ILE D 653 -4.90 -27.11 -30.28
CA ILE D 653 -5.81 -26.06 -30.70
C ILE D 653 -5.55 -24.75 -29.99
N THR D 654 -4.41 -24.63 -29.29
CA THR D 654 -4.24 -23.48 -28.43
C THR D 654 -2.76 -23.20 -28.13
N TYR D 655 -2.43 -21.91 -28.15
CA TYR D 655 -1.24 -21.42 -27.44
C TYR D 655 -1.52 -21.49 -25.96
N THR D 656 -0.73 -22.28 -25.26
CA THR D 656 -0.89 -22.37 -23.82
C THR D 656 0.42 -22.89 -23.22
N PRO D 657 1.09 -22.15 -22.33
CA PRO D 657 2.09 -22.79 -21.48
C PRO D 657 1.44 -23.94 -20.73
N VAL D 658 2.27 -24.95 -20.43
CA VAL D 658 1.77 -26.28 -20.07
C VAL D 658 0.72 -26.17 -18.98
N SER D 659 -0.50 -26.55 -19.34
CA SER D 659 -1.72 -25.99 -18.75
C SER D 659 -1.77 -26.37 -17.28
N SER D 660 -1.45 -25.40 -16.42
CA SER D 660 -1.32 -25.65 -15.00
C SER D 660 -2.63 -26.19 -14.44
N THR D 661 -2.61 -27.48 -14.08
CA THR D 661 -3.78 -28.20 -13.65
C THR D 661 -3.79 -28.36 -12.14
N ASN D 662 -4.94 -28.76 -11.62
CA ASN D 662 -5.09 -29.16 -10.23
C ASN D 662 -6.19 -30.19 -10.17
N GLU D 663 -5.82 -31.46 -10.26
CA GLU D 663 -6.78 -32.55 -10.23
C GLU D 663 -6.07 -33.79 -9.71
N LYS D 664 -6.69 -34.95 -9.87
CA LYS D 664 -6.31 -36.16 -9.16
C LYS D 664 -5.85 -37.24 -10.12
N ASP D 665 -4.61 -37.72 -9.90
CA ASP D 665 -4.02 -38.83 -10.64
C ASP D 665 -3.75 -39.98 -9.65
N MET D 666 -3.03 -41.00 -10.12
CA MET D 666 -3.01 -42.28 -9.42
C MET D 666 -1.88 -42.41 -8.42
N TYR D 667 -0.78 -41.66 -8.57
CA TYR D 667 0.23 -41.66 -7.52
C TYR D 667 -0.33 -41.13 -6.21
N SER D 668 -1.26 -40.18 -6.29
CA SER D 668 -1.95 -39.73 -5.09
C SER D 668 -3.02 -40.70 -4.64
N PHE D 669 -3.53 -41.53 -5.54
CA PHE D 669 -4.39 -42.63 -5.13
C PHE D 669 -3.62 -43.76 -4.52
N LEU D 670 -2.28 -43.75 -4.64
CA LEU D 670 -1.43 -44.55 -3.77
C LEU D 670 -1.23 -43.89 -2.42
N GLU D 671 -1.33 -42.56 -2.36
CA GLU D 671 -1.15 -41.84 -1.10
C GLU D 671 -2.39 -41.91 -0.22
N ASP D 672 -3.58 -41.93 -0.83
CA ASP D 672 -4.79 -41.64 -0.09
C ASP D 672 -5.22 -42.74 0.87
N MET D 673 -4.55 -43.89 0.89
CA MET D 673 -4.83 -44.95 1.86
C MET D 673 -3.83 -44.93 3.00
N GLY D 674 -2.55 -44.88 2.68
CA GLY D 674 -1.49 -44.75 3.67
C GLY D 674 -0.23 -45.52 3.36
N LEU D 675 -0.24 -46.37 2.34
CA LEU D 675 0.89 -47.24 2.04
C LEU D 675 1.87 -46.61 1.07
N LYS D 676 3.09 -47.11 1.13
CA LYS D 676 4.09 -46.95 0.10
C LYS D 676 3.92 -48.11 -0.88
N ALA D 677 4.68 -48.07 -1.96
CA ALA D 677 4.88 -49.23 -2.82
C ALA D 677 6.01 -48.90 -3.78
N PHE D 678 6.31 -49.84 -4.66
CA PHE D 678 7.29 -49.63 -5.74
C PHE D 678 6.63 -50.05 -7.05
N THR D 679 7.04 -49.38 -8.13
CA THR D 679 6.35 -49.50 -9.40
C THR D 679 7.24 -48.88 -10.48
N ASN D 680 7.58 -49.67 -11.49
CA ASN D 680 8.28 -49.17 -12.66
C ASN D 680 7.35 -48.44 -13.62
N SER D 681 6.05 -48.71 -13.55
CA SER D 681 5.11 -48.27 -14.56
C SER D 681 4.88 -46.76 -14.45
N LYS D 682 3.95 -46.30 -15.29
CA LYS D 682 3.56 -44.89 -15.36
C LYS D 682 2.25 -44.73 -14.60
N ILE D 683 2.35 -44.22 -13.37
CA ILE D 683 1.22 -44.03 -12.48
C ILE D 683 0.99 -42.57 -12.16
N ARG D 684 2.02 -41.73 -12.27
CA ARG D 684 1.98 -40.33 -11.88
C ARG D 684 1.86 -39.43 -13.10
N LYS D 685 1.26 -38.26 -12.90
CA LYS D 685 0.99 -37.37 -14.02
C LYS D 685 2.27 -36.71 -14.54
N PRO D 686 2.24 -36.17 -15.77
CA PRO D 686 3.41 -35.45 -16.29
C PRO D 686 3.37 -33.96 -15.94
N LYS D 687 3.64 -33.65 -14.67
CA LYS D 687 4.03 -32.30 -14.31
C LYS D 687 5.51 -32.16 -14.60
N MET D 688 5.91 -31.01 -15.13
CA MET D 688 7.28 -30.80 -15.55
C MET D 688 8.06 -30.03 -14.49
N CYS D 689 9.36 -29.94 -14.73
CA CYS D 689 10.28 -29.00 -14.12
C CYS D 689 10.22 -27.68 -14.89
N PRO D 690 10.12 -26.52 -14.25
CA PRO D 690 9.97 -25.28 -15.02
C PRO D 690 11.18 -24.97 -15.90
N GLN D 691 10.93 -24.19 -16.94
CA GLN D 691 11.91 -23.86 -17.95
C GLN D 691 12.70 -22.61 -17.53
N LEU D 692 13.60 -22.17 -18.40
CA LEU D 692 14.37 -20.94 -18.14
C LEU D 692 13.47 -19.71 -18.19
N GLN D 693 12.44 -19.74 -19.05
CA GLN D 693 11.58 -18.56 -19.22
C GLN D 693 10.53 -18.45 -18.12
N GLN D 694 9.75 -19.51 -17.90
CA GLN D 694 8.67 -19.52 -16.93
C GLN D 694 9.08 -20.36 -15.73
N TYR D 695 8.91 -19.80 -14.54
CA TYR D 695 9.15 -20.51 -13.28
C TYR D 695 8.01 -20.26 -12.31
N GLU D 729 -21.38 -25.48 33.45
CA GLU D 729 -22.52 -26.36 33.27
C GLU D 729 -23.39 -26.36 34.52
N THR D 730 -24.68 -26.66 34.36
CA THR D 730 -25.49 -26.96 35.52
C THR D 730 -24.90 -28.16 36.22
N VAL D 731 -24.82 -28.07 37.55
CA VAL D 731 -24.04 -29.01 38.37
C VAL D 731 -25.02 -29.90 39.12
N ARG D 732 -25.12 -31.15 38.68
CA ARG D 732 -26.22 -32.06 39.00
C ARG D 732 -25.65 -33.33 39.63
N LYS D 733 -25.43 -33.30 40.94
CA LYS D 733 -24.74 -34.37 41.67
C LYS D 733 -25.68 -35.02 42.69
N TYR D 734 -25.42 -36.30 42.96
CA TYR D 734 -26.11 -37.08 43.98
C TYR D 734 -25.05 -37.68 44.91
N PHE D 735 -25.48 -38.44 45.91
CA PHE D 735 -24.58 -38.82 46.98
C PHE D 735 -23.47 -39.75 46.47
N PRO D 736 -22.30 -39.75 47.14
CA PRO D 736 -21.08 -40.27 46.49
C PRO D 736 -20.62 -41.67 46.84
N GLU D 737 -21.19 -42.31 47.86
CA GLU D 737 -20.53 -43.46 48.47
C GLU D 737 -20.45 -44.64 47.50
N THR D 738 -19.42 -45.46 47.67
CA THR D 738 -19.10 -46.55 46.75
C THR D 738 -20.01 -47.74 47.01
N TRP D 739 -20.34 -48.45 45.92
CA TRP D 739 -21.27 -49.59 45.98
C TRP D 739 -20.59 -50.91 45.62
N ILE D 740 -20.04 -51.03 44.41
CA ILE D 740 -19.38 -52.25 43.95
C ILE D 740 -18.21 -51.87 43.06
N TRP D 741 -17.06 -52.48 43.34
CA TRP D 741 -15.86 -52.31 42.52
C TRP D 741 -14.94 -53.47 42.85
N ASP D 742 -14.78 -54.41 41.91
CA ASP D 742 -13.87 -55.51 42.14
C ASP D 742 -13.72 -56.30 40.85
N LEU D 743 -12.84 -57.29 40.88
CA LEU D 743 -12.49 -58.10 39.73
C LEU D 743 -12.64 -59.58 40.07
N VAL D 744 -13.26 -60.34 39.16
CA VAL D 744 -13.21 -61.79 39.15
C VAL D 744 -12.70 -62.24 37.79
N VAL D 745 -12.58 -63.55 37.61
CA VAL D 745 -12.21 -64.16 36.34
C VAL D 745 -13.34 -65.09 35.95
N VAL D 746 -13.75 -64.99 34.70
CA VAL D 746 -14.82 -65.83 34.18
C VAL D 746 -14.32 -67.27 34.09
N ASN D 747 -15.28 -68.18 33.94
CA ASN D 747 -15.03 -69.59 33.75
C ASN D 747 -15.61 -70.04 32.42
N SER D 748 -15.56 -71.35 32.18
CA SER D 748 -16.17 -71.90 30.98
C SER D 748 -17.70 -71.86 31.01
N ALA D 749 -18.30 -71.48 32.14
CA ALA D 749 -19.75 -71.48 32.32
C ALA D 749 -20.34 -70.13 32.67
N GLY D 750 -19.52 -69.12 32.97
CA GLY D 750 -20.02 -67.81 33.31
C GLY D 750 -20.28 -67.64 34.80
N VAL D 751 -19.52 -66.75 35.44
CA VAL D 751 -19.69 -66.54 36.86
C VAL D 751 -20.98 -65.78 37.12
N ALA D 752 -21.57 -66.03 38.29
CA ALA D 752 -22.78 -65.35 38.75
C ALA D 752 -22.43 -64.65 40.05
N GLU D 753 -21.80 -63.49 39.93
CA GLU D 753 -21.37 -62.75 41.09
C GLU D 753 -22.54 -62.03 41.74
N VAL D 754 -22.51 -61.94 43.06
CA VAL D 754 -23.60 -61.35 43.82
C VAL D 754 -23.36 -59.86 43.92
N GLY D 755 -24.16 -59.08 43.19
CA GLY D 755 -24.28 -57.67 43.53
C GLY D 755 -25.00 -57.51 44.85
N VAL D 756 -24.52 -56.57 45.65
CA VAL D 756 -25.03 -56.32 46.99
C VAL D 756 -25.56 -54.89 47.04
N THR D 757 -26.71 -54.72 47.69
CA THR D 757 -27.50 -53.50 47.53
C THR D 757 -27.05 -52.42 48.49
N VAL D 758 -27.08 -51.18 48.02
CA VAL D 758 -26.92 -50.00 48.86
C VAL D 758 -28.29 -49.33 48.98
N PRO D 759 -29.12 -49.72 49.96
CA PRO D 759 -30.41 -49.04 50.14
C PRO D 759 -30.27 -47.55 50.40
N ASP D 760 -31.41 -46.84 50.45
CA ASP D 760 -31.45 -45.39 50.55
C ASP D 760 -30.83 -44.72 49.33
N THR D 761 -31.09 -45.29 48.15
CA THR D 761 -30.52 -44.81 46.89
C THR D 761 -31.58 -44.99 45.82
N ILE D 762 -32.16 -43.87 45.38
CA ILE D 762 -33.39 -43.87 44.58
C ILE D 762 -33.06 -43.43 43.17
N THR D 763 -32.80 -44.40 42.30
CA THR D 763 -32.14 -44.10 41.03
C THR D 763 -32.05 -45.29 40.09
N GLU D 764 -31.42 -45.07 38.93
CA GLU D 764 -31.16 -46.11 37.94
C GLU D 764 -29.67 -46.41 37.89
N TRP D 765 -29.36 -47.68 37.64
CA TRP D 765 -28.08 -48.25 37.98
C TRP D 765 -27.48 -48.95 36.76
N LYS D 766 -26.23 -49.34 36.93
CA LYS D 766 -25.45 -49.92 35.84
C LYS D 766 -24.33 -50.74 36.47
N ALA D 767 -23.65 -51.52 35.65
CA ALA D 767 -22.36 -52.07 36.00
C ALA D 767 -21.40 -51.84 34.85
N GLY D 768 -20.57 -50.81 34.95
CA GLY D 768 -19.59 -50.55 33.93
C GLY D 768 -18.42 -51.52 34.03
N ALA D 769 -18.68 -52.78 33.72
CA ALA D 769 -17.65 -53.80 33.82
C ALA D 769 -16.69 -53.67 32.65
N PHE D 770 -15.82 -54.67 32.50
CA PHE D 770 -14.97 -54.88 31.33
C PHE D 770 -14.19 -56.17 31.56
N CYS D 771 -13.95 -56.90 30.48
CA CYS D 771 -13.23 -58.17 30.52
C CYS D 771 -12.13 -58.15 29.49
N LEU D 772 -11.17 -59.08 29.64
CA LEU D 772 -10.04 -59.13 28.71
C LEU D 772 -9.30 -60.46 28.89
N SER D 773 -8.72 -60.94 27.80
CA SER D 773 -7.91 -62.15 27.77
C SER D 773 -7.26 -62.27 26.40
N GLU D 774 -6.19 -63.06 26.35
CA GLU D 774 -5.50 -63.32 25.10
C GLU D 774 -6.10 -64.48 24.31
N ASP D 775 -6.89 -65.34 24.97
CA ASP D 775 -7.60 -66.37 24.24
C ASP D 775 -8.81 -65.83 23.49
N ALA D 776 -9.26 -64.60 23.81
CA ALA D 776 -10.43 -64.02 23.16
C ALA D 776 -10.28 -62.56 22.73
N GLY D 777 -9.37 -61.79 23.33
CA GLY D 777 -9.31 -60.37 23.07
C GLY D 777 -10.30 -59.58 23.92
N LEU D 778 -10.17 -58.25 23.83
CA LEU D 778 -10.92 -57.36 24.71
C LEU D 778 -12.42 -57.46 24.45
N GLY D 779 -13.20 -57.18 25.49
CA GLY D 779 -14.64 -57.25 25.44
C GLY D 779 -15.23 -56.44 26.56
N ILE D 780 -16.51 -56.08 26.40
CA ILE D 780 -17.13 -55.09 27.27
C ILE D 780 -18.64 -55.28 27.33
N SER D 781 -19.20 -55.20 28.54
CA SER D 781 -20.65 -55.17 28.75
C SER D 781 -21.05 -53.70 28.74
N SER D 782 -21.52 -53.22 27.59
CA SER D 782 -21.68 -51.79 27.41
C SER D 782 -22.87 -51.23 28.17
N THR D 783 -24.04 -51.86 28.05
CA THR D 783 -25.30 -51.21 28.44
C THR D 783 -26.19 -52.20 29.19
N ALA D 784 -26.69 -51.77 30.34
CA ALA D 784 -27.74 -52.46 31.08
C ALA D 784 -28.35 -51.48 32.07
N SER D 785 -29.49 -51.88 32.65
CA SER D 785 -30.30 -50.97 33.45
C SER D 785 -31.00 -51.74 34.57
N LEU D 786 -30.90 -51.21 35.79
CA LEU D 786 -31.69 -51.68 36.92
C LEU D 786 -32.09 -50.45 37.73
N ARG D 787 -33.39 -50.28 37.92
CA ARG D 787 -33.92 -49.12 38.62
C ARG D 787 -34.03 -49.42 40.11
N ALA D 788 -34.07 -48.35 40.91
CA ALA D 788 -34.33 -48.46 42.34
C ALA D 788 -35.39 -47.45 42.75
N PHE D 789 -36.50 -47.94 43.28
CA PHE D 789 -37.60 -47.08 43.68
C PHE D 789 -38.50 -47.83 44.66
N GLN D 790 -39.02 -47.10 45.65
CA GLN D 790 -40.01 -47.57 46.59
C GLN D 790 -41.10 -46.52 46.70
N PRO D 791 -42.39 -46.90 46.82
CA PRO D 791 -43.45 -45.88 46.93
C PRO D 791 -43.32 -44.97 48.15
N PHE D 792 -43.09 -45.57 49.31
CA PHE D 792 -43.13 -44.86 50.58
C PHE D 792 -41.71 -44.58 51.08
N PHE D 793 -41.50 -43.39 51.63
CA PHE D 793 -40.21 -43.03 52.23
C PHE D 793 -40.44 -42.03 53.35
N VAL D 794 -39.77 -42.25 54.47
CA VAL D 794 -39.94 -41.47 55.70
C VAL D 794 -38.96 -40.29 55.65
N GLU D 795 -39.39 -39.14 56.18
CA GLU D 795 -38.58 -37.93 56.24
C GLU D 795 -38.65 -37.36 57.66
N LEU D 796 -37.50 -36.92 58.18
CA LEU D 796 -37.36 -36.44 59.56
C LEU D 796 -36.41 -35.25 59.59
N THR D 797 -36.33 -34.60 60.75
CA THR D 797 -35.48 -33.42 60.96
C THR D 797 -34.14 -33.83 61.54
N MET D 798 -33.07 -33.19 61.06
CA MET D 798 -31.75 -33.28 61.68
C MET D 798 -31.76 -32.41 62.92
N PRO D 799 -31.88 -32.96 64.15
CA PRO D 799 -31.96 -32.04 65.29
C PRO D 799 -30.61 -31.39 65.56
N TYR D 800 -29.66 -32.21 66.04
CA TYR D 800 -28.18 -32.02 66.03
C TYR D 800 -27.65 -32.60 67.34
N SER D 801 -26.40 -32.30 67.70
CA SER D 801 -25.92 -32.73 69.04
C SER D 801 -26.57 -31.77 70.04
N VAL D 802 -27.66 -32.20 70.68
CA VAL D 802 -28.66 -31.25 71.19
C VAL D 802 -28.68 -31.11 72.71
N ILE D 803 -29.53 -30.19 73.18
CA ILE D 803 -29.64 -29.69 74.56
C ILE D 803 -30.54 -30.61 75.39
N ARG D 804 -30.63 -30.33 76.71
CA ARG D 804 -31.48 -31.04 77.65
C ARG D 804 -32.87 -31.41 77.10
N GLY D 805 -33.66 -30.42 76.71
CA GLY D 805 -35.04 -30.65 76.33
C GLY D 805 -35.20 -31.63 75.18
N GLU D 806 -35.79 -32.79 75.47
CA GLU D 806 -35.84 -33.91 74.54
C GLU D 806 -37.12 -33.94 73.71
N ALA D 807 -37.69 -32.77 73.41
CA ALA D 807 -38.90 -32.64 72.58
C ALA D 807 -38.64 -31.77 71.36
N PHE D 808 -37.56 -32.06 70.63
CA PHE D 808 -37.01 -31.13 69.63
C PHE D 808 -38.04 -30.74 68.58
N THR D 809 -38.42 -31.71 67.73
CA THR D 809 -39.44 -31.53 66.66
C THR D 809 -39.76 -32.91 66.06
N LEU D 810 -39.45 -33.99 66.79
CA LEU D 810 -39.67 -35.36 66.27
C LEU D 810 -41.03 -35.48 65.55
N LYS D 811 -40.97 -35.82 64.26
CA LYS D 811 -42.12 -36.13 63.44
C LYS D 811 -41.83 -37.38 62.62
N ALA D 812 -42.76 -37.68 61.73
CA ALA D 812 -42.52 -38.53 60.57
C ALA D 812 -43.57 -38.10 59.57
N THR D 813 -43.34 -38.37 58.29
CA THR D 813 -44.36 -38.17 57.27
C THR D 813 -44.27 -39.30 56.26
N VAL D 814 -45.24 -40.20 56.31
CA VAL D 814 -45.30 -41.30 55.35
C VAL D 814 -45.69 -40.68 54.01
N LEU D 815 -45.07 -41.15 52.93
CA LEU D 815 -45.18 -40.46 51.65
C LEU D 815 -45.08 -41.44 50.49
N ASN D 816 -46.25 -41.89 50.01
CA ASN D 816 -46.36 -42.88 48.95
C ASN D 816 -46.14 -42.22 47.59
N TYR D 817 -46.01 -43.06 46.54
CA TYR D 817 -45.94 -42.58 45.17
C TYR D 817 -46.86 -43.34 44.22
N LEU D 818 -47.45 -44.47 44.65
CA LEU D 818 -48.19 -45.36 43.76
C LEU D 818 -49.47 -44.69 43.27
N PRO D 819 -49.79 -44.76 41.96
CA PRO D 819 -51.06 -44.15 41.49
C PRO D 819 -52.30 -44.66 42.19
N LYS D 820 -52.42 -45.96 42.41
CA LYS D 820 -53.38 -46.50 43.36
C LYS D 820 -52.81 -46.26 44.76
N CYS D 821 -53.68 -46.05 45.74
CA CYS D 821 -53.23 -45.63 47.06
C CYS D 821 -53.94 -46.40 48.15
N ILE D 822 -53.29 -46.41 49.31
CA ILE D 822 -53.50 -47.44 50.33
C ILE D 822 -53.54 -46.79 51.70
N ARG D 823 -54.37 -47.35 52.57
CA ARG D 823 -54.41 -46.97 53.98
C ARG D 823 -53.10 -47.36 54.67
N VAL D 824 -52.56 -46.45 55.49
CA VAL D 824 -51.29 -46.66 56.19
C VAL D 824 -51.42 -46.15 57.63
N SER D 825 -51.37 -47.07 58.59
CA SER D 825 -51.43 -46.72 60.00
C SER D 825 -50.03 -46.48 60.55
N VAL D 826 -49.92 -45.57 61.52
CA VAL D 826 -48.66 -45.36 62.25
C VAL D 826 -49.02 -45.09 63.70
N GLN D 827 -48.47 -45.90 64.62
CA GLN D 827 -48.60 -45.70 66.06
C GLN D 827 -47.20 -45.61 66.67
N LEU D 828 -47.07 -44.76 67.70
CA LEU D 828 -45.81 -44.59 68.40
C LEU D 828 -45.76 -45.56 69.59
N GLU D 829 -44.54 -45.85 70.04
CA GLU D 829 -44.29 -46.86 71.06
C GLU D 829 -43.75 -46.18 72.31
N ALA D 830 -44.40 -46.41 73.45
CA ALA D 830 -43.83 -46.10 74.75
C ALA D 830 -42.84 -47.21 75.12
N SER D 831 -42.04 -46.96 76.16
CA SER D 831 -40.96 -47.86 76.52
C SER D 831 -40.75 -47.78 78.02
N PRO D 832 -40.03 -48.75 78.60
CA PRO D 832 -39.41 -48.53 79.92
C PRO D 832 -38.18 -47.65 79.86
N ALA D 833 -37.65 -47.36 78.66
CA ALA D 833 -36.49 -46.48 78.48
C ALA D 833 -36.87 -45.10 77.98
N PHE D 834 -38.14 -44.86 77.63
CA PHE D 834 -38.63 -43.52 77.32
C PHE D 834 -40.15 -43.57 77.29
N LEU D 835 -40.76 -42.39 77.20
CA LEU D 835 -42.18 -42.18 77.47
C LEU D 835 -42.86 -41.57 76.25
N ALA D 836 -43.72 -42.35 75.60
CA ALA D 836 -44.55 -41.83 74.51
C ALA D 836 -45.42 -40.69 75.02
N VAL D 837 -45.44 -39.58 74.29
CA VAL D 837 -46.29 -38.43 74.58
C VAL D 837 -47.01 -38.03 73.29
N PRO D 838 -48.28 -38.38 73.10
CA PRO D 838 -48.88 -38.18 71.77
C PRO D 838 -49.29 -36.74 71.51
N VAL D 839 -48.81 -36.20 70.38
CA VAL D 839 -49.33 -34.93 69.88
C VAL D 839 -50.60 -35.18 69.06
N GLU D 840 -50.48 -35.97 68.00
CA GLU D 840 -51.65 -36.48 67.28
C GLU D 840 -52.23 -37.60 68.14
N LYS D 841 -52.91 -37.17 69.20
CA LYS D 841 -53.48 -38.11 70.17
C LYS D 841 -54.85 -38.58 69.70
N GLU D 842 -55.75 -37.63 69.45
CA GLU D 842 -57.02 -37.96 68.82
C GLU D 842 -56.85 -38.36 67.35
N GLN D 843 -55.81 -37.87 66.69
CA GLN D 843 -55.57 -38.13 65.28
C GLN D 843 -54.58 -39.28 65.13
N ALA D 844 -54.94 -40.25 64.29
CA ALA D 844 -54.08 -41.38 63.95
C ALA D 844 -53.66 -41.22 62.49
N PRO D 845 -52.35 -41.22 62.17
CA PRO D 845 -51.95 -41.30 60.75
C PRO D 845 -52.63 -42.44 60.03
N HIS D 846 -53.40 -42.14 58.99
CA HIS D 846 -54.39 -43.06 58.45
C HIS D 846 -54.11 -43.48 57.02
N CYS D 847 -53.99 -42.53 56.10
CA CYS D 847 -53.93 -42.88 54.68
C CYS D 847 -53.39 -41.70 53.91
N ILE D 848 -52.78 -41.98 52.77
CA ILE D 848 -52.12 -40.98 51.93
C ILE D 848 -52.09 -41.50 50.51
N CYS D 849 -52.40 -40.63 49.56
CA CYS D 849 -52.37 -40.94 48.14
C CYS D 849 -51.21 -40.19 47.51
N ALA D 850 -50.73 -40.73 46.36
CA ALA D 850 -49.37 -40.57 45.85
C ALA D 850 -48.74 -39.21 46.13
N ASN D 851 -47.54 -39.24 46.71
CA ASN D 851 -46.91 -38.06 47.31
C ASN D 851 -47.86 -37.40 48.30
N GLY D 852 -48.53 -38.22 49.12
CA GLY D 852 -49.41 -37.74 50.16
C GLY D 852 -48.72 -37.74 51.50
N ARG D 853 -48.74 -36.58 52.17
CA ARG D 853 -48.13 -36.43 53.48
C ARG D 853 -49.15 -36.73 54.56
N GLN D 854 -48.70 -37.34 55.65
CA GLN D 854 -49.48 -37.45 56.86
C GLN D 854 -48.59 -37.08 58.03
N THR D 855 -49.00 -36.11 58.83
CA THR D 855 -48.12 -35.52 59.83
C THR D 855 -47.89 -36.55 60.93
N VAL D 856 -47.06 -37.55 60.62
CA VAL D 856 -46.89 -38.70 61.50
C VAL D 856 -45.91 -38.24 62.57
N SER D 857 -46.46 -37.61 63.61
CA SER D 857 -45.66 -36.87 64.57
C SER D 857 -46.32 -36.94 65.94
N TRP D 858 -45.55 -37.41 66.92
CA TRP D 858 -45.92 -37.35 68.33
C TRP D 858 -44.78 -36.69 69.10
N ALA D 859 -45.00 -36.47 70.38
CA ALA D 859 -43.98 -35.95 71.28
C ALA D 859 -43.39 -37.10 72.10
N VAL D 860 -42.27 -36.81 72.75
CA VAL D 860 -41.62 -37.79 73.62
C VAL D 860 -40.58 -37.06 74.45
N THR D 861 -40.41 -37.52 75.69
CA THR D 861 -39.43 -36.98 76.63
C THR D 861 -38.53 -38.11 77.11
N PRO D 862 -37.52 -38.50 76.31
CA PRO D 862 -36.54 -39.51 76.76
C PRO D 862 -35.90 -39.18 78.10
N LYS D 863 -35.78 -40.20 78.96
CA LYS D 863 -35.21 -40.06 80.28
C LYS D 863 -33.81 -40.63 80.41
N SER D 864 -33.43 -41.59 79.56
CA SER D 864 -32.07 -42.09 79.54
C SER D 864 -31.16 -41.11 78.80
N LEU D 865 -29.95 -40.95 79.31
CA LEU D 865 -28.99 -39.99 78.79
C LEU D 865 -28.28 -40.54 77.56
N GLY D 866 -28.09 -39.68 76.56
CA GLY D 866 -27.28 -39.99 75.39
C GLY D 866 -28.11 -40.36 74.18
N ASN D 867 -27.41 -40.90 73.17
CA ASN D 867 -28.04 -41.42 71.96
C ASN D 867 -29.13 -42.43 72.33
N VAL D 868 -30.27 -42.32 71.65
CA VAL D 868 -31.40 -43.21 71.87
C VAL D 868 -32.13 -43.40 70.55
N ASN D 869 -32.44 -44.67 70.27
CA ASN D 869 -33.10 -45.01 68.98
C ASN D 869 -34.60 -44.79 69.05
N PHE D 870 -35.21 -44.42 67.91
CA PHE D 870 -36.64 -44.17 67.81
C PHE D 870 -37.13 -44.72 66.48
N THR D 871 -38.16 -45.56 66.54
CA THR D 871 -38.65 -46.31 65.40
C THR D 871 -39.93 -45.70 64.86
N VAL D 872 -40.02 -45.61 63.54
CA VAL D 872 -41.27 -45.36 62.85
C VAL D 872 -41.70 -46.68 62.20
N SER D 873 -42.96 -46.74 61.78
CA SER D 873 -43.46 -47.89 61.04
C SER D 873 -44.72 -47.49 60.32
N ALA D 874 -44.67 -47.53 58.99
CA ALA D 874 -45.76 -47.09 58.12
C ALA D 874 -46.29 -48.30 57.34
N GLU D 875 -47.19 -49.07 57.96
CA GLU D 875 -47.65 -50.32 57.41
C GLU D 875 -49.07 -50.20 56.87
N ALA D 876 -49.36 -50.97 55.82
CA ALA D 876 -50.63 -50.95 55.11
C ALA D 876 -51.41 -52.24 55.38
N LEU D 877 -52.65 -52.30 54.87
CA LEU D 877 -53.53 -53.43 55.11
C LEU D 877 -54.55 -53.55 53.98
N GLU D 878 -55.06 -54.77 53.83
CA GLU D 878 -56.01 -55.18 52.80
C GLU D 878 -57.34 -55.53 53.48
N SER D 879 -58.38 -55.72 52.67
CA SER D 879 -59.77 -55.89 53.13
C SER D 879 -60.36 -54.59 53.66
N GLN D 880 -59.74 -53.46 53.33
CA GLN D 880 -60.17 -52.15 53.78
C GLN D 880 -60.11 -51.16 52.61
N GLU D 881 -60.75 -51.52 51.50
CA GLU D 881 -60.76 -50.67 50.32
C GLU D 881 -61.65 -49.45 50.58
N LEU D 882 -61.21 -48.58 51.50
CA LEU D 882 -62.03 -47.47 51.98
C LEU D 882 -61.33 -46.11 51.93
N CYS D 883 -60.00 -46.05 52.06
CA CYS D 883 -59.31 -44.76 52.03
C CYS D 883 -58.90 -44.35 50.61
N GLY D 884 -59.07 -45.23 49.62
CA GLY D 884 -58.89 -44.88 48.23
C GLY D 884 -60.07 -45.38 47.42
N THR D 885 -60.06 -45.14 46.10
CA THR D 885 -61.07 -45.76 45.25
C THR D 885 -61.02 -47.27 45.37
N GLU D 886 -59.82 -47.81 45.50
CA GLU D 886 -59.60 -49.21 45.87
C GLU D 886 -58.14 -49.36 46.25
N VAL D 887 -57.86 -49.84 47.44
CA VAL D 887 -56.50 -50.10 47.88
C VAL D 887 -56.12 -51.50 47.38
N PRO D 888 -55.08 -51.64 46.55
CA PRO D 888 -54.56 -52.99 46.34
C PRO D 888 -53.94 -53.54 47.60
N SER D 889 -53.26 -52.67 48.36
CA SER D 889 -52.58 -53.03 49.61
C SER D 889 -51.69 -54.24 49.40
N VAL D 890 -50.95 -54.21 48.30
CA VAL D 890 -49.96 -55.22 47.99
C VAL D 890 -48.68 -54.57 47.47
N PRO D 891 -47.98 -53.73 48.27
CA PRO D 891 -46.58 -53.42 47.93
C PRO D 891 -45.69 -54.64 48.06
N GLU D 892 -44.41 -54.48 47.77
CA GLU D 892 -43.49 -55.61 47.75
C GLU D 892 -43.04 -55.94 49.17
N HIS D 893 -42.03 -56.82 49.29
CA HIS D 893 -41.50 -57.21 50.59
C HIS D 893 -41.08 -56.03 51.45
N GLY D 894 -40.69 -54.92 50.84
CA GLY D 894 -40.58 -53.67 51.57
C GLY D 894 -41.96 -53.05 51.70
N ARG D 895 -42.76 -53.58 52.63
CA ARG D 895 -44.15 -53.18 52.82
C ARG D 895 -44.26 -51.92 53.67
N LYS D 896 -43.65 -51.93 54.85
CA LYS D 896 -43.75 -50.83 55.81
C LYS D 896 -42.41 -50.13 55.94
N ASP D 897 -42.44 -48.86 56.32
CA ASP D 897 -41.23 -48.07 56.52
C ASP D 897 -40.79 -48.18 57.97
N THR D 898 -40.05 -49.23 58.29
CA THR D 898 -39.42 -49.37 59.59
C THR D 898 -38.10 -48.63 59.57
N VAL D 899 -38.03 -47.51 60.29
CA VAL D 899 -36.89 -46.61 60.26
C VAL D 899 -36.52 -46.31 61.71
N ILE D 900 -35.38 -46.86 62.14
CA ILE D 900 -34.95 -46.84 63.54
C ILE D 900 -33.72 -45.95 63.61
N LYS D 901 -33.87 -44.79 64.25
CA LYS D 901 -32.91 -43.68 64.12
C LYS D 901 -32.40 -43.26 65.49
N PRO D 902 -31.06 -43.24 65.68
CA PRO D 902 -30.47 -42.73 66.91
C PRO D 902 -30.40 -41.21 66.82
N LEU D 903 -30.39 -40.52 67.97
CA LEU D 903 -30.35 -39.07 68.01
C LEU D 903 -29.35 -38.61 69.05
N LEU D 904 -28.26 -37.98 68.59
CA LEU D 904 -27.19 -37.56 69.48
C LEU D 904 -27.64 -36.39 70.32
N VAL D 905 -27.40 -36.47 71.62
CA VAL D 905 -27.83 -35.47 72.58
C VAL D 905 -26.62 -35.11 73.45
N GLU D 906 -26.46 -33.81 73.70
CA GLU D 906 -25.42 -33.31 74.61
C GLU D 906 -26.05 -32.98 75.96
N PRO D 907 -25.43 -33.34 77.08
CA PRO D 907 -26.14 -33.25 78.37
C PRO D 907 -26.28 -31.80 78.84
N GLU D 908 -27.02 -31.64 79.93
CA GLU D 908 -27.21 -30.34 80.55
C GLU D 908 -25.96 -29.97 81.34
N GLY D 909 -25.41 -28.79 81.04
CA GLY D 909 -24.22 -28.30 81.69
C GLY D 909 -22.97 -28.58 80.88
N LEU D 910 -21.84 -28.26 81.49
CA LEU D 910 -20.55 -28.32 80.81
C LEU D 910 -19.91 -29.67 81.07
N GLU D 911 -19.66 -30.43 80.01
CA GLU D 911 -19.12 -31.78 80.14
C GLU D 911 -17.61 -31.74 80.27
N LYS D 912 -17.08 -32.69 81.01
CA LYS D 912 -15.65 -32.84 81.24
C LYS D 912 -15.42 -34.24 81.79
N GLU D 913 -14.21 -34.47 82.29
CA GLU D 913 -13.93 -35.69 83.02
C GLU D 913 -12.74 -35.48 83.93
N THR D 914 -12.50 -36.47 84.78
CA THR D 914 -11.29 -36.58 85.59
C THR D 914 -10.79 -38.01 85.48
N THR D 915 -9.69 -38.30 86.16
CA THR D 915 -9.02 -39.58 86.04
C THR D 915 -7.82 -39.61 86.98
N PHE D 916 -7.19 -40.77 87.06
CA PHE D 916 -5.89 -40.92 87.71
C PHE D 916 -5.14 -42.05 87.01
N ASN D 917 -3.98 -41.74 86.46
CA ASN D 917 -3.12 -42.74 85.85
C ASN D 917 -2.65 -43.70 86.92
N SER D 918 -3.01 -44.98 86.76
CA SER D 918 -2.73 -46.00 87.75
C SER D 918 -2.00 -47.16 87.09
N LEU D 919 -1.12 -47.81 87.85
CA LEU D 919 -0.18 -48.76 87.27
C LEU D 919 0.25 -49.78 88.33
N LEU D 920 0.34 -51.04 87.91
CA LEU D 920 0.83 -52.13 88.76
C LEU D 920 1.97 -52.85 88.05
N CYS D 921 2.85 -53.48 88.82
CA CYS D 921 3.97 -54.24 88.25
C CYS D 921 4.50 -55.21 89.30
N PRO D 922 3.74 -56.28 89.58
CA PRO D 922 4.26 -57.32 90.46
C PRO D 922 5.21 -58.23 89.71
N SER D 923 6.40 -58.45 90.29
CA SER D 923 7.40 -59.36 89.71
C SER D 923 7.14 -60.77 90.24
N GLY D 924 6.00 -61.33 89.81
CA GLY D 924 5.59 -62.62 90.31
C GLY D 924 4.98 -62.56 91.69
N GLY D 925 4.39 -61.42 92.07
CA GLY D 925 3.79 -61.24 93.38
C GLY D 925 2.48 -60.48 93.35
N GLU D 926 2.37 -59.46 94.19
CA GLU D 926 1.12 -58.71 94.33
C GLU D 926 1.39 -57.46 95.15
N VAL D 927 0.60 -56.41 94.89
CA VAL D 927 0.75 -55.12 95.54
C VAL D 927 -0.63 -54.49 95.71
N SER D 928 -0.78 -53.71 96.78
CA SER D 928 -2.02 -53.02 97.09
C SER D 928 -1.77 -51.53 97.25
N GLU D 929 -2.78 -50.74 96.89
CA GLU D 929 -2.74 -49.30 97.05
C GLU D 929 -4.14 -48.76 96.79
N GLU D 930 -4.45 -47.64 97.44
CA GLU D 930 -5.77 -47.04 97.41
C GLU D 930 -5.74 -45.83 96.48
N LEU D 931 -6.21 -46.03 95.23
CA LEU D 931 -6.46 -44.93 94.30
C LEU D 931 -7.87 -44.43 94.57
N SER D 932 -7.99 -43.12 94.79
CA SER D 932 -9.28 -42.47 95.06
C SER D 932 -9.67 -41.61 93.86
N LEU D 933 -10.94 -41.70 93.48
CA LEU D 933 -11.52 -40.87 92.41
C LEU D 933 -12.89 -40.37 92.89
N LYS D 934 -12.98 -39.07 93.19
CA LYS D 934 -14.27 -38.44 93.45
C LYS D 934 -14.16 -36.98 93.06
N LEU D 935 -14.76 -36.59 91.94
CA LEU D 935 -14.72 -35.21 91.45
C LEU D 935 -16.09 -34.78 90.95
N PRO D 936 -17.09 -34.66 91.84
CA PRO D 936 -18.32 -33.94 91.51
C PRO D 936 -18.34 -32.52 92.07
N PRO D 937 -17.63 -31.55 91.45
CA PRO D 937 -17.84 -30.13 91.85
C PRO D 937 -18.86 -29.40 91.01
N ASN D 938 -19.64 -28.51 91.65
CA ASN D 938 -20.65 -27.68 90.99
C ASN D 938 -21.51 -28.53 90.05
N VAL D 939 -22.00 -29.65 90.57
CA VAL D 939 -22.60 -30.64 89.70
C VAL D 939 -24.02 -30.23 89.31
N VAL D 940 -24.39 -30.61 88.10
CA VAL D 940 -25.76 -30.85 87.76
C VAL D 940 -26.11 -32.16 88.44
N GLU D 941 -27.41 -32.38 88.68
CA GLU D 941 -27.85 -33.47 89.56
C GLU D 941 -27.34 -34.84 89.13
N GLU D 942 -26.48 -35.44 89.96
CA GLU D 942 -25.91 -36.78 89.73
C GLU D 942 -25.15 -36.81 88.39
N SER D 943 -24.05 -36.07 88.38
CA SER D 943 -23.31 -35.80 87.17
C SER D 943 -22.31 -36.88 86.77
N ALA D 944 -21.73 -37.60 87.73
CA ALA D 944 -20.48 -38.32 87.50
C ALA D 944 -20.68 -39.82 87.33
N ARG D 945 -20.12 -40.36 86.25
CA ARG D 945 -19.83 -41.78 86.06
C ARG D 945 -18.34 -41.91 85.79
N ALA D 946 -17.85 -43.13 85.52
CA ALA D 946 -16.43 -43.29 85.27
C ALA D 946 -16.16 -44.58 84.50
N SER D 947 -14.89 -44.94 84.41
CA SER D 947 -14.40 -46.01 83.56
C SER D 947 -12.92 -46.23 83.88
N VAL D 948 -12.48 -47.48 83.72
CA VAL D 948 -11.10 -47.86 84.03
C VAL D 948 -10.74 -49.08 83.21
N SER D 949 -9.54 -49.07 82.63
CA SER D 949 -9.14 -50.12 81.69
C SER D 949 -7.62 -50.13 81.49
N VAL D 950 -7.15 -51.20 80.84
CA VAL D 950 -5.73 -51.39 80.51
C VAL D 950 -5.61 -51.52 79.00
N LEU D 951 -4.49 -51.00 78.46
CA LEU D 951 -4.29 -50.88 77.02
C LEU D 951 -2.95 -51.47 76.62
N GLY D 952 -2.98 -52.40 75.66
CA GLY D 952 -1.81 -53.07 75.16
C GLY D 952 -1.80 -53.22 73.65
N ASP D 953 -2.31 -52.18 72.96
CA ASP D 953 -2.59 -52.20 71.52
C ASP D 953 -1.45 -52.81 70.70
N ILE D 954 -1.85 -53.56 69.68
CA ILE D 954 -0.98 -54.07 68.63
C ILE D 954 -1.92 -54.54 67.52
N LEU D 955 -1.41 -54.62 66.29
CA LEU D 955 -2.23 -54.81 65.09
C LEU D 955 -3.25 -53.67 64.95
N GLY D 956 -2.72 -52.49 64.68
CA GLY D 956 -3.56 -51.37 64.28
C GLY D 956 -4.39 -51.71 63.06
N SER D 957 -5.68 -51.36 63.08
CA SER D 957 -6.57 -51.74 61.98
C SER D 957 -6.13 -51.08 60.68
N ALA D 958 -6.15 -49.75 60.64
CA ALA D 958 -5.85 -49.00 59.41
C ALA D 958 -5.20 -47.67 59.78
N MET D 959 -4.93 -46.84 58.76
CA MET D 959 -4.04 -45.69 58.89
C MET D 959 -4.59 -44.46 58.18
N GLN D 960 -5.90 -44.24 58.26
CA GLN D 960 -6.56 -43.21 57.46
C GLN D 960 -6.05 -41.81 57.74
N ASN D 961 -5.37 -41.59 58.86
CA ASN D 961 -4.82 -40.29 59.22
C ASN D 961 -3.57 -39.93 58.43
N THR D 962 -3.04 -40.82 57.59
CA THR D 962 -1.71 -40.69 57.03
C THR D 962 -1.42 -39.40 56.26
N GLN D 963 -2.07 -39.20 55.11
CA GLN D 963 -1.56 -38.24 54.15
C GLN D 963 -2.29 -36.90 54.25
N ASN D 964 -1.51 -35.83 54.33
CA ASN D 964 -1.93 -34.44 54.23
C ASN D 964 -0.65 -33.63 54.33
N LEU D 965 -0.69 -32.39 53.84
CA LEU D 965 0.57 -31.67 53.70
C LEU D 965 0.34 -30.19 53.46
N LEU D 966 1.26 -29.38 53.98
CA LEU D 966 1.31 -27.94 53.78
C LEU D 966 2.35 -27.64 52.70
N GLN D 967 2.21 -26.46 52.08
CA GLN D 967 2.99 -26.08 50.90
C GLN D 967 3.49 -24.65 51.08
N MET D 968 4.09 -24.09 50.03
CA MET D 968 4.57 -22.71 50.03
C MET D 968 3.39 -21.80 50.37
N PRO D 969 3.32 -21.25 51.59
CA PRO D 969 2.05 -20.64 52.03
C PRO D 969 1.95 -19.18 51.61
N TYR D 970 0.75 -18.78 51.22
CA TYR D 970 0.47 -17.37 50.98
C TYR D 970 0.51 -16.57 52.28
N GLY D 971 0.39 -17.24 53.43
CA GLY D 971 0.28 -16.54 54.73
C GLY D 971 1.47 -15.66 55.09
N CYS D 972 2.55 -16.26 55.58
CA CYS D 972 3.69 -15.44 56.08
C CYS D 972 5.03 -16.19 55.94
N GLY D 973 6.14 -15.46 56.03
CA GLY D 973 7.47 -16.11 56.02
C GLY D 973 7.63 -16.97 57.26
N GLU D 974 6.93 -16.62 58.34
CA GLU D 974 7.00 -17.38 59.62
C GLU D 974 6.50 -18.82 59.39
N GLN D 975 5.53 -19.01 58.49
CA GLN D 975 4.95 -20.37 58.30
C GLN D 975 6.05 -21.34 57.86
N ASN D 976 7.02 -20.87 57.06
CA ASN D 976 8.16 -21.73 56.67
C ASN D 976 8.38 -22.83 57.71
N MET D 977 8.31 -22.50 59.01
CA MET D 977 8.54 -23.45 60.09
C MET D 977 7.53 -24.60 60.04
N VAL D 978 6.25 -24.30 59.82
CA VAL D 978 5.28 -25.39 59.75
C VAL D 978 5.48 -26.20 58.48
N LEU D 979 6.05 -25.61 57.43
CA LEU D 979 6.41 -26.42 56.28
C LEU D 979 7.44 -27.47 56.66
N PHE D 980 8.63 -27.03 57.11
CA PHE D 980 9.72 -27.99 57.27
C PHE D 980 9.76 -28.66 58.64
N ALA D 981 8.78 -28.42 59.54
CA ALA D 981 8.84 -29.05 60.85
C ALA D 981 8.57 -30.55 60.80
N PRO D 982 7.37 -31.01 60.44
CA PRO D 982 7.15 -32.48 60.36
C PRO D 982 8.00 -33.11 59.29
N ASN D 983 8.22 -32.40 58.19
CA ASN D 983 8.96 -32.87 57.03
C ASN D 983 10.32 -33.46 57.37
N ILE D 984 10.86 -33.19 58.56
CA ILE D 984 12.12 -33.75 59.00
C ILE D 984 11.94 -35.16 59.52
N TYR D 985 11.22 -35.31 60.63
CA TYR D 985 11.11 -36.62 61.27
C TYR D 985 10.14 -37.54 60.54
N VAL D 986 9.56 -37.12 59.41
CA VAL D 986 8.87 -38.10 58.50
C VAL D 986 9.68 -39.39 58.25
N LEU D 987 10.98 -39.41 58.57
CA LEU D 987 11.88 -40.47 58.02
C LEU D 987 11.70 -41.77 58.81
N ASP D 988 11.63 -41.63 60.14
CA ASP D 988 11.40 -42.82 61.00
C ASP D 988 10.04 -43.39 60.59
N TYR D 989 9.05 -42.51 60.42
CA TYR D 989 7.68 -42.99 60.10
C TYR D 989 7.78 -43.78 58.80
N LEU D 990 8.50 -43.21 57.83
CA LEU D 990 8.56 -43.85 56.49
C LEU D 990 9.17 -45.25 56.58
N ASN D 991 10.30 -45.41 57.26
CA ASN D 991 11.00 -46.73 57.34
C ASN D 991 10.39 -47.68 58.38
N GLU D 992 9.61 -47.19 59.37
CA GLU D 992 9.13 -48.08 60.46
C GLU D 992 7.67 -48.54 60.26
N THR D 993 6.88 -47.82 59.46
CA THR D 993 5.46 -48.15 59.20
C THR D 993 5.33 -49.22 58.11
N GLN D 994 4.30 -50.05 58.19
CA GLN D 994 4.04 -51.07 57.13
C GLN D 994 2.63 -50.81 56.59
N GLN D 995 1.93 -49.90 57.25
CA GLN D 995 0.60 -49.43 56.87
C GLN D 995 0.59 -48.12 56.11
N LEU D 996 1.59 -47.27 56.27
CA LEU D 996 1.47 -45.83 56.06
C LEU D 996 1.45 -45.49 54.57
N THR D 997 1.43 -44.19 54.26
CA THR D 997 1.54 -43.60 52.94
C THR D 997 2.88 -42.88 52.79
N PRO D 998 3.99 -43.57 52.55
CA PRO D 998 5.28 -42.88 52.56
C PRO D 998 5.60 -42.08 51.33
N GLU D 999 4.66 -41.88 50.40
CA GLU D 999 4.98 -41.20 49.15
C GLU D 999 4.64 -39.71 49.18
N ILE D 1000 3.66 -39.30 50.00
CA ILE D 1000 3.59 -37.88 50.33
C ILE D 1000 4.91 -37.46 51.00
N LYS D 1001 5.43 -38.42 51.78
CA LYS D 1001 6.73 -38.36 52.49
C LYS D 1001 7.88 -38.47 51.50
N SER D 1002 7.77 -39.32 50.47
CA SER D 1002 8.82 -39.33 49.41
C SER D 1002 8.75 -37.97 48.70
N LYS D 1003 7.52 -37.52 48.42
CA LYS D 1003 7.35 -36.17 47.83
C LYS D 1003 7.67 -35.11 48.88
N ALA D 1004 7.51 -35.42 50.17
CA ALA D 1004 7.91 -34.47 51.24
C ALA D 1004 9.43 -34.31 51.16
N ILE D 1005 10.16 -35.39 50.90
CA ILE D 1005 11.64 -35.34 50.71
C ILE D 1005 11.93 -34.53 49.45
N GLY D 1006 11.09 -34.66 48.41
CA GLY D 1006 11.26 -33.82 47.21
C GLY D 1006 11.08 -32.35 47.57
N TYR D 1007 10.10 -32.04 48.42
CA TYR D 1007 9.88 -30.64 48.91
C TYR D 1007 11.09 -30.20 49.72
N LEU D 1008 11.71 -31.11 50.49
CA LEU D 1008 12.93 -30.81 51.28
C LEU D 1008 14.08 -30.49 50.31
N ASN D 1009 14.08 -30.97 49.08
CA ASN D 1009 15.02 -30.32 48.11
C ASN D 1009 14.84 -28.79 48.21
N THR D 1010 13.64 -28.30 47.86
CA THR D 1010 13.36 -26.84 47.97
C THR D 1010 13.47 -26.44 49.45
N GLY D 1011 12.98 -27.29 50.35
CA GLY D 1011 13.05 -27.02 51.79
C GLY D 1011 14.49 -26.92 52.28
N TYR D 1012 15.37 -27.81 51.82
CA TYR D 1012 16.81 -27.75 52.19
C TYR D 1012 17.43 -26.47 51.64
N GLN D 1013 17.04 -26.06 50.43
CA GLN D 1013 17.55 -24.76 49.88
C GLN D 1013 17.09 -23.62 50.80
N ARG D 1014 15.83 -23.67 51.25
CA ARG D 1014 15.28 -22.62 52.16
C ARG D 1014 16.08 -22.62 53.47
N GLN D 1015 16.40 -23.82 53.98
CA GLN D 1015 17.18 -23.95 55.25
C GLN D 1015 18.57 -23.35 55.06
N LEU D 1016 19.20 -23.61 53.90
CA LEU D 1016 20.54 -23.05 53.62
C LEU D 1016 20.41 -21.52 53.62
N ASN D 1017 19.33 -21.00 53.05
CA ASN D 1017 19.08 -19.54 53.04
C ASN D 1017 18.89 -18.94 54.44
N TYR D 1018 18.14 -19.60 55.34
CA TYR D 1018 17.79 -18.95 56.65
C TYR D 1018 18.88 -18.99 57.74
N LYS D 1019 20.15 -18.82 57.36
CA LYS D 1019 21.24 -19.31 58.22
C LYS D 1019 22.04 -18.16 58.84
N HIS D 1020 22.87 -18.53 59.82
CA HIS D 1020 23.91 -17.67 60.38
C HIS D 1020 25.28 -18.13 59.89
N TYR D 1021 26.30 -17.30 60.17
CA TYR D 1021 27.68 -17.64 59.85
C TYR D 1021 28.40 -18.31 61.01
N ASP D 1022 27.94 -18.10 62.25
CA ASP D 1022 28.65 -18.60 63.42
C ASP D 1022 28.15 -19.97 63.87
N GLY D 1023 26.86 -20.24 63.71
CA GLY D 1023 26.29 -21.49 64.18
C GLY D 1023 24.87 -21.37 64.72
N SER D 1024 24.38 -20.15 64.91
CA SER D 1024 23.02 -19.98 65.40
C SER D 1024 22.00 -20.31 64.31
N TYR D 1025 20.80 -20.70 64.74
CA TYR D 1025 19.70 -21.10 63.83
C TYR D 1025 18.47 -20.30 64.21
N SER D 1026 18.35 -19.08 63.69
CA SER D 1026 17.24 -18.19 64.01
C SER D 1026 16.13 -18.31 62.98
N THR D 1027 15.13 -17.44 63.11
CA THR D 1027 13.92 -17.57 62.31
C THR D 1027 14.16 -17.16 60.86
N PHE D 1028 15.04 -16.18 60.61
CA PHE D 1028 15.50 -15.87 59.26
C PHE D 1028 17.02 -15.95 59.09
N GLY D 1029 17.76 -16.38 60.11
CA GLY D 1029 19.18 -16.59 59.97
C GLY D 1029 20.02 -15.41 60.39
N GLU D 1030 20.95 -15.02 59.52
CA GLU D 1030 21.95 -14.01 59.85
C GLU D 1030 21.25 -12.66 59.99
N ARG D 1031 22.05 -11.60 60.19
CA ARG D 1031 21.67 -10.24 60.58
C ARG D 1031 21.34 -10.17 62.08
N TYR D 1032 21.34 -11.28 62.80
CA TYR D 1032 21.36 -11.30 64.26
C TYR D 1032 22.72 -11.86 64.66
N GLY D 1033 23.71 -10.99 64.84
CA GLY D 1033 25.07 -11.42 65.05
C GLY D 1033 25.29 -12.14 66.38
N ARG D 1034 25.19 -11.41 67.48
CA ARG D 1034 25.39 -11.97 68.81
C ARG D 1034 24.04 -12.41 69.39
N ASN D 1035 23.61 -13.59 68.95
CA ASN D 1035 22.41 -14.20 69.50
C ASN D 1035 22.44 -15.69 69.28
N GLN D 1036 21.50 -16.38 69.92
CA GLN D 1036 21.11 -17.72 69.58
C GLN D 1036 19.70 -17.68 69.01
N GLY D 1037 19.47 -18.48 67.97
CA GLY D 1037 18.12 -18.73 67.51
C GLY D 1037 17.55 -19.88 68.32
N ASN D 1038 16.23 -19.98 68.32
CA ASN D 1038 15.57 -20.95 69.19
C ASN D 1038 15.99 -22.36 68.81
N THR D 1039 16.55 -23.07 69.79
CA THR D 1039 17.27 -24.30 69.52
C THR D 1039 16.36 -25.51 69.32
N TRP D 1040 15.03 -25.37 69.47
CA TRP D 1040 14.17 -26.51 69.16
C TRP D 1040 14.32 -26.91 67.70
N LEU D 1041 14.41 -25.93 66.80
CA LEU D 1041 14.46 -26.23 65.37
C LEU D 1041 15.70 -27.05 65.03
N THR D 1042 16.88 -26.49 65.31
CA THR D 1042 18.12 -27.18 64.98
C THR D 1042 18.27 -28.47 65.78
N ALA D 1043 17.77 -28.51 67.01
CA ALA D 1043 17.90 -29.72 67.82
C ALA D 1043 17.02 -30.83 67.25
N PHE D 1044 15.82 -30.48 66.79
CA PHE D 1044 14.91 -31.47 66.24
C PHE D 1044 15.32 -31.91 64.85
N VAL D 1045 16.19 -31.13 64.17
CA VAL D 1045 16.56 -31.48 62.80
C VAL D 1045 17.97 -32.06 62.67
N LEU D 1046 18.87 -31.84 63.63
CA LEU D 1046 20.27 -32.16 63.38
C LEU D 1046 20.51 -33.65 63.22
N LYS D 1047 19.72 -34.49 63.89
CA LYS D 1047 19.86 -35.92 63.65
C LYS D 1047 19.52 -36.25 62.20
N THR D 1048 18.60 -35.52 61.61
CA THR D 1048 18.23 -35.77 60.22
C THR D 1048 19.19 -35.11 59.24
N PHE D 1049 19.79 -33.98 59.63
CA PHE D 1049 20.98 -33.50 58.92
C PHE D 1049 22.00 -34.60 58.79
N ALA D 1050 22.20 -35.37 59.87
CA ALA D 1050 23.10 -36.51 59.78
C ALA D 1050 22.53 -37.63 58.91
N GLN D 1051 21.24 -37.93 59.05
CA GLN D 1051 20.66 -39.09 58.37
C GLN D 1051 20.67 -38.92 56.86
N ALA D 1052 20.00 -37.88 56.36
CA ALA D 1052 19.49 -37.85 54.99
C ALA D 1052 20.52 -37.34 53.98
N ARG D 1053 21.81 -37.53 54.25
CA ARG D 1053 22.84 -37.16 53.30
C ARG D 1053 22.91 -38.09 52.10
N ALA D 1054 22.26 -39.25 52.15
CA ALA D 1054 22.32 -40.20 51.04
C ALA D 1054 21.70 -39.63 49.77
N TYR D 1055 20.69 -38.76 49.91
CA TYR D 1055 20.06 -38.17 48.74
C TYR D 1055 20.91 -37.02 48.19
N ILE D 1056 21.23 -36.05 49.05
CA ILE D 1056 22.12 -34.96 48.71
C ILE D 1056 22.96 -34.67 49.95
N PHE D 1057 24.24 -34.36 49.74
CA PHE D 1057 25.25 -34.48 50.78
C PHE D 1057 25.42 -33.16 51.54
N ILE D 1058 25.26 -33.21 52.88
CA ILE D 1058 25.60 -32.10 53.77
C ILE D 1058 26.99 -32.38 54.34
N ASP D 1059 27.74 -31.31 54.57
CA ASP D 1059 29.10 -31.41 55.07
C ASP D 1059 29.12 -31.22 56.58
N GLU D 1060 30.23 -31.65 57.20
CA GLU D 1060 30.35 -31.61 58.64
C GLU D 1060 30.58 -30.19 59.16
N ALA D 1061 30.93 -29.25 58.28
CA ALA D 1061 31.10 -27.86 58.72
C ALA D 1061 29.80 -27.30 59.28
N HIS D 1062 28.68 -27.63 58.63
CA HIS D 1062 27.40 -26.99 58.95
C HIS D 1062 26.95 -27.32 60.35
N ILE D 1063 27.34 -28.49 60.86
CA ILE D 1063 26.96 -28.94 62.19
C ILE D 1063 28.10 -28.79 63.21
N THR D 1064 29.36 -28.82 62.79
CA THR D 1064 30.43 -28.59 63.75
C THR D 1064 30.55 -27.12 64.11
N GLN D 1065 30.22 -26.22 63.19
CA GLN D 1065 30.11 -24.81 63.58
C GLN D 1065 29.03 -24.64 64.62
N ALA D 1066 27.96 -25.43 64.54
CA ALA D 1066 26.92 -25.36 65.56
C ALA D 1066 27.42 -25.90 66.89
N LEU D 1067 28.10 -27.05 66.85
CA LEU D 1067 28.65 -27.61 68.09
C LEU D 1067 29.60 -26.63 68.75
N ILE D 1068 30.56 -26.11 68.00
CA ILE D 1068 31.55 -25.23 68.61
C ILE D 1068 30.88 -23.92 69.01
N TRP D 1069 29.85 -23.48 68.27
CA TRP D 1069 29.06 -22.35 68.69
C TRP D 1069 28.43 -22.58 70.05
N LEU D 1070 27.88 -23.77 70.28
CA LEU D 1070 27.25 -24.08 71.57
C LEU D 1070 28.30 -24.19 72.67
N SER D 1071 29.39 -24.92 72.40
CA SER D 1071 30.40 -25.15 73.42
C SER D 1071 31.10 -23.86 73.80
N GLN D 1072 31.37 -22.99 72.82
CA GLN D 1072 31.84 -21.65 73.12
C GLN D 1072 30.78 -20.89 73.91
N ARG D 1073 29.52 -20.97 73.47
CA ARG D 1073 28.41 -20.43 74.24
C ARG D 1073 28.22 -21.17 75.56
N GLN D 1074 28.66 -22.42 75.64
CA GLN D 1074 28.61 -23.15 76.89
C GLN D 1074 29.67 -22.59 77.82
N LYS D 1075 29.27 -22.25 79.04
CA LYS D 1075 30.19 -21.69 80.02
C LYS D 1075 30.83 -22.82 80.82
N ASP D 1076 31.90 -22.49 81.53
CA ASP D 1076 32.72 -23.49 82.20
C ASP D 1076 32.16 -23.88 83.57
N ASN D 1077 31.65 -22.92 84.34
CA ASN D 1077 31.16 -23.13 85.69
C ASN D 1077 29.65 -23.04 85.82
N GLY D 1078 29.05 -21.94 85.40
CA GLY D 1078 27.62 -21.76 85.51
C GLY D 1078 26.89 -22.23 84.26
N CYS D 1079 25.59 -22.47 84.44
CA CYS D 1079 24.72 -22.85 83.33
C CYS D 1079 24.56 -21.60 82.47
N PHE D 1080 25.01 -21.68 81.20
CA PHE D 1080 25.04 -20.50 80.33
C PHE D 1080 23.65 -19.88 80.20
N ARG D 1081 23.62 -18.61 79.82
CA ARG D 1081 22.38 -17.87 79.73
C ARG D 1081 21.93 -17.80 78.28
N SER D 1082 20.61 -17.74 78.07
CA SER D 1082 20.05 -17.57 76.74
C SER D 1082 18.62 -17.06 76.87
N SER D 1083 18.38 -15.81 76.45
CA SER D 1083 17.08 -15.17 76.60
C SER D 1083 16.20 -15.50 75.39
N GLY D 1084 15.07 -16.16 75.65
CA GLY D 1084 14.11 -16.49 74.62
C GLY D 1084 12.98 -15.50 74.52
N SER D 1085 13.06 -14.57 73.57
CA SER D 1085 11.94 -13.71 73.20
C SER D 1085 11.93 -13.53 71.69
N LEU D 1086 12.13 -14.64 70.99
CA LEU D 1086 12.53 -14.60 69.59
C LEU D 1086 11.32 -14.28 68.71
N LEU D 1087 11.49 -14.42 67.39
CA LEU D 1087 10.72 -13.69 66.41
C LEU D 1087 9.24 -14.09 66.33
N ASN D 1088 8.83 -15.15 66.99
CA ASN D 1088 7.41 -15.50 67.05
C ASN D 1088 7.21 -16.56 68.13
N ASN D 1089 6.01 -16.58 68.69
CA ASN D 1089 5.65 -17.49 69.78
C ASN D 1089 4.75 -18.63 69.32
N ALA D 1090 4.61 -18.85 68.02
CA ALA D 1090 3.81 -19.98 67.55
C ALA D 1090 4.61 -21.27 67.65
N ILE D 1091 5.85 -21.25 67.16
CA ILE D 1091 6.78 -22.34 67.42
C ILE D 1091 6.95 -22.54 68.93
N LYS D 1092 6.86 -21.47 69.71
CA LYS D 1092 7.09 -21.50 71.15
C LYS D 1092 5.75 -21.48 71.90
N GLY D 1093 5.18 -22.66 72.09
CA GLY D 1093 4.22 -22.86 73.15
C GLY D 1093 4.97 -23.04 74.46
N GLY D 1094 5.58 -21.95 74.94
CA GLY D 1094 6.26 -21.95 76.22
C GLY D 1094 6.50 -20.53 76.68
N VAL D 1095 6.98 -20.40 77.91
CA VAL D 1095 7.27 -19.12 78.54
C VAL D 1095 8.76 -18.84 78.64
N GLU D 1096 9.58 -19.58 77.89
CA GLU D 1096 10.97 -19.19 77.61
C GLU D 1096 11.81 -19.13 78.89
N ASP D 1097 11.98 -20.29 79.51
CA ASP D 1097 12.83 -20.43 80.69
C ASP D 1097 14.25 -20.83 80.26
N GLU D 1098 15.20 -20.67 81.18
CA GLU D 1098 16.62 -20.89 80.88
C GLU D 1098 17.03 -22.35 80.98
N VAL D 1099 16.47 -23.09 81.95
CA VAL D 1099 16.91 -24.46 82.19
C VAL D 1099 16.65 -25.32 80.96
N THR D 1100 15.46 -25.20 80.37
CA THR D 1100 15.07 -26.10 79.30
C THR D 1100 15.61 -25.69 77.93
N LEU D 1101 15.94 -24.42 77.69
CA LEU D 1101 16.67 -24.10 76.47
C LEU D 1101 18.14 -24.50 76.59
N SER D 1102 18.70 -24.36 77.79
CA SER D 1102 20.02 -24.94 78.04
C SER D 1102 20.00 -26.45 77.88
N ALA D 1103 18.85 -27.07 78.14
CA ALA D 1103 18.68 -28.49 77.86
C ALA D 1103 18.47 -28.75 76.37
N TYR D 1104 17.84 -27.82 75.66
CA TYR D 1104 17.63 -27.96 74.23
C TYR D 1104 18.94 -28.01 73.48
N ILE D 1105 19.81 -27.02 73.71
CA ILE D 1105 21.07 -27.01 72.96
C ILE D 1105 21.88 -28.26 73.27
N THR D 1106 21.74 -28.79 74.48
CA THR D 1106 22.63 -29.85 74.93
C THR D 1106 22.11 -31.24 74.60
N ILE D 1107 20.78 -31.42 74.50
CA ILE D 1107 20.29 -32.68 73.96
C ILE D 1107 20.46 -32.72 72.44
N ALA D 1108 20.75 -31.58 71.82
CA ALA D 1108 21.24 -31.57 70.44
C ALA D 1108 22.72 -31.93 70.39
N LEU D 1109 23.52 -31.31 71.25
CA LEU D 1109 24.93 -31.68 71.41
C LEU D 1109 25.10 -33.16 71.75
N LEU D 1110 24.09 -33.75 72.40
CA LEU D 1110 24.06 -35.19 72.65
C LEU D 1110 24.19 -35.98 71.36
N GLU D 1111 23.70 -35.43 70.25
CA GLU D 1111 23.84 -36.10 68.97
C GLU D 1111 25.30 -36.16 68.53
N ILE D 1112 26.15 -35.26 69.04
CA ILE D 1112 27.59 -35.27 68.72
C ILE D 1112 28.37 -35.87 69.90
N PRO D 1113 29.10 -37.00 69.72
CA PRO D 1113 29.95 -37.51 70.81
C PRO D 1113 31.39 -36.99 70.75
N LEU D 1114 31.57 -35.69 70.97
CA LEU D 1114 32.92 -35.13 71.01
C LEU D 1114 33.67 -35.56 72.26
N THR D 1115 32.97 -35.92 73.32
CA THR D 1115 33.46 -36.41 74.60
C THR D 1115 33.98 -35.27 75.49
N VAL D 1116 34.06 -34.03 74.99
CA VAL D 1116 34.09 -32.83 75.83
C VAL D 1116 32.69 -32.25 75.77
N THR D 1117 32.07 -32.38 74.60
CA THR D 1117 30.65 -32.07 74.45
C THR D 1117 29.80 -32.89 75.39
N HIS D 1118 30.21 -34.12 75.71
CA HIS D 1118 29.45 -34.90 76.69
C HIS D 1118 29.53 -34.29 78.09
N PRO D 1119 30.68 -33.83 78.57
CA PRO D 1119 30.68 -33.00 79.79
C PRO D 1119 29.82 -31.75 79.69
N VAL D 1120 29.83 -31.07 78.53
CA VAL D 1120 28.95 -29.91 78.33
C VAL D 1120 27.50 -30.31 78.60
N VAL D 1121 27.04 -31.36 77.93
CA VAL D 1121 25.63 -31.71 78.04
C VAL D 1121 25.33 -32.35 79.38
N ARG D 1122 26.33 -32.83 80.12
CA ARG D 1122 26.07 -33.26 81.49
C ARG D 1122 25.90 -32.07 82.42
N ASN D 1123 26.66 -30.99 82.19
CA ASN D 1123 26.39 -29.75 82.92
C ASN D 1123 24.96 -29.29 82.69
N ALA D 1124 24.52 -29.32 81.43
CA ALA D 1124 23.13 -28.95 81.16
C ALA D 1124 22.15 -29.97 81.74
N LEU D 1125 22.56 -31.24 81.81
CA LEU D 1125 21.74 -32.25 82.48
C LEU D 1125 21.55 -31.90 83.93
N PHE D 1126 22.54 -31.27 84.56
CA PHE D 1126 22.40 -30.91 85.97
C PHE D 1126 21.60 -29.62 86.15
N CYS D 1127 21.64 -28.71 85.18
CA CYS D 1127 20.62 -27.66 85.13
C CYS D 1127 19.22 -28.27 85.07
N LEU D 1128 19.00 -29.17 84.12
CA LEU D 1128 17.75 -29.91 84.05
C LEU D 1128 17.50 -30.76 85.29
N GLU D 1129 18.53 -31.12 86.05
CA GLU D 1129 18.31 -31.88 87.27
C GLU D 1129 17.74 -30.97 88.35
N SER D 1130 18.18 -29.72 88.38
CA SER D 1130 17.48 -28.71 89.17
C SER D 1130 16.02 -28.63 88.75
N ALA D 1131 15.79 -28.60 87.43
CA ALA D 1131 14.41 -28.60 86.94
C ALA D 1131 13.66 -29.89 87.33
N TRP D 1132 14.38 -31.00 87.46
CA TRP D 1132 13.76 -32.27 87.83
C TRP D 1132 13.41 -32.32 89.31
N LYS D 1133 14.22 -31.68 90.15
CA LYS D 1133 13.78 -31.40 91.51
C LYS D 1133 12.49 -30.60 91.49
N THR D 1134 12.48 -29.52 90.69
CA THR D 1134 11.29 -28.69 90.57
C THR D 1134 10.07 -29.49 90.10
N ALA D 1135 10.29 -30.52 89.28
CA ALA D 1135 9.20 -31.33 88.76
C ALA D 1135 8.72 -32.35 89.78
N GLN D 1136 9.66 -33.10 90.39
CA GLN D 1136 9.28 -34.07 91.42
C GLN D 1136 8.72 -33.43 92.66
N GLU D 1137 8.82 -32.10 92.80
CA GLU D 1137 7.94 -31.40 93.71
C GLU D 1137 6.48 -31.74 93.41
N GLY D 1138 6.14 -31.95 92.14
CA GLY D 1138 4.88 -32.56 91.77
C GLY D 1138 3.79 -31.58 91.43
N ASP D 1139 4.13 -30.32 91.17
CA ASP D 1139 3.17 -29.30 90.73
C ASP D 1139 3.56 -28.65 89.41
N HIS D 1140 4.85 -28.42 89.17
CA HIS D 1140 5.26 -27.83 87.90
C HIS D 1140 6.70 -28.21 87.59
N GLY D 1141 6.92 -28.60 86.33
CA GLY D 1141 8.23 -28.57 85.71
C GLY D 1141 8.08 -28.07 84.29
N SER D 1142 7.03 -27.25 84.08
CA SER D 1142 6.59 -26.70 82.79
C SER D 1142 5.93 -27.74 81.88
N HIS D 1143 5.99 -29.03 82.23
CA HIS D 1143 5.25 -30.11 81.58
C HIS D 1143 5.33 -30.09 80.05
N VAL D 1144 6.41 -29.55 79.48
CA VAL D 1144 6.63 -29.65 78.05
C VAL D 1144 8.05 -30.15 77.75
N TYR D 1145 9.06 -29.45 78.24
CA TYR D 1145 10.41 -29.62 77.72
C TYR D 1145 11.22 -30.60 78.55
N THR D 1146 10.99 -30.65 79.86
CA THR D 1146 11.55 -31.76 80.63
C THR D 1146 10.95 -33.07 80.18
N LYS D 1147 9.64 -33.08 79.91
CA LYS D 1147 9.01 -34.26 79.34
C LYS D 1147 9.58 -34.55 77.96
N ALA D 1148 10.03 -33.50 77.26
CA ALA D 1148 10.68 -33.68 75.97
C ALA D 1148 12.00 -34.41 76.13
N LEU D 1149 12.88 -33.90 76.99
CA LEU D 1149 14.29 -34.25 76.94
C LEU D 1149 14.74 -35.28 77.98
N LEU D 1150 13.92 -35.57 79.00
CA LEU D 1150 14.38 -36.39 80.11
C LEU D 1150 14.82 -37.79 79.67
N ALA D 1151 13.88 -38.59 79.19
CA ALA D 1151 14.23 -39.97 78.86
C ALA D 1151 15.08 -40.04 77.60
N TYR D 1152 14.99 -39.01 76.76
CA TYR D 1152 15.75 -39.01 75.51
C TYR D 1152 17.22 -38.77 75.77
N ALA D 1153 17.54 -37.98 76.79
CA ALA D 1153 18.94 -37.72 77.10
C ALA D 1153 19.65 -38.99 77.57
N PHE D 1154 18.91 -39.97 78.10
CA PHE D 1154 19.49 -41.14 78.74
C PHE D 1154 19.22 -42.45 78.02
N ALA D 1155 18.34 -42.46 77.02
CA ALA D 1155 18.08 -43.71 76.30
C ALA D 1155 19.32 -44.25 75.61
N LEU D 1156 20.32 -43.40 75.36
CA LEU D 1156 21.50 -43.82 74.61
C LEU D 1156 22.48 -44.63 75.44
N ALA D 1157 22.40 -44.55 76.78
CA ALA D 1157 23.38 -45.22 77.62
C ALA D 1157 23.15 -46.73 77.65
N GLY D 1158 21.98 -47.15 78.12
CA GLY D 1158 21.66 -48.53 78.39
C GLY D 1158 21.44 -48.86 79.84
N ASN D 1159 21.52 -47.87 80.74
CA ASN D 1159 21.30 -48.03 82.18
C ASN D 1159 20.34 -46.94 82.66
N GLN D 1160 19.19 -46.87 81.99
CA GLN D 1160 18.16 -45.86 82.25
C GLN D 1160 16.88 -46.50 82.78
N ASP D 1161 17.02 -47.49 83.68
CA ASP D 1161 15.85 -48.07 84.34
C ASP D 1161 15.26 -47.09 85.35
N LYS D 1162 16.13 -46.30 85.99
CA LYS D 1162 15.67 -45.10 86.70
C LYS D 1162 14.78 -44.23 85.83
N ARG D 1163 15.12 -44.11 84.55
CA ARG D 1163 14.28 -43.31 83.65
C ARG D 1163 13.00 -44.06 83.28
N LYS D 1164 13.06 -45.38 83.15
CA LYS D 1164 11.83 -46.16 83.04
C LYS D 1164 10.93 -45.93 84.25
N GLU D 1165 11.51 -45.69 85.42
CA GLU D 1165 10.75 -45.38 86.62
C GLU D 1165 10.09 -44.01 86.53
N VAL D 1166 10.87 -42.97 86.20
CA VAL D 1166 10.37 -41.60 86.33
C VAL D 1166 9.65 -41.07 85.08
N LEU D 1167 9.82 -41.71 83.92
CA LEU D 1167 8.99 -41.30 82.81
C LEU D 1167 7.54 -41.68 83.06
N LYS D 1168 7.27 -42.66 83.92
CA LYS D 1168 5.91 -42.86 84.40
C LYS D 1168 5.42 -41.64 85.17
N SER D 1169 6.29 -41.04 85.99
CA SER D 1169 5.92 -39.79 86.65
C SER D 1169 5.65 -38.69 85.63
N LEU D 1170 6.32 -38.72 84.48
CA LEU D 1170 5.93 -37.85 83.37
C LEU D 1170 4.57 -38.23 82.80
N ASN D 1171 4.24 -39.52 82.80
CA ASN D 1171 3.00 -40.01 82.20
C ASN D 1171 1.78 -39.63 83.04
N GLU D 1172 1.94 -39.56 84.36
CA GLU D 1172 0.79 -39.38 85.24
C GLU D 1172 0.06 -38.05 85.02
N GLU D 1173 0.64 -37.14 84.23
CA GLU D 1173 -0.07 -35.94 83.78
C GLU D 1173 -1.09 -36.37 82.74
N ALA D 1174 -2.34 -36.53 83.15
CA ALA D 1174 -3.38 -36.94 82.22
C ALA D 1174 -4.75 -36.61 82.76
N VAL D 1175 -5.53 -35.85 81.99
CA VAL D 1175 -6.98 -35.75 82.12
C VAL D 1175 -7.52 -36.07 80.75
N LYS D 1176 -8.17 -37.22 80.60
CA LYS D 1176 -8.35 -37.83 79.30
C LYS D 1176 -9.64 -38.62 79.18
N LYS D 1177 -10.06 -38.80 77.93
CA LYS D 1177 -11.03 -39.79 77.51
C LYS D 1177 -10.31 -41.13 77.50
N ASP D 1178 -10.87 -42.10 76.77
CA ASP D 1178 -10.13 -43.29 76.38
C ASP D 1178 -8.68 -43.00 75.98
N ASN D 1179 -8.45 -41.90 75.23
CA ASN D 1179 -7.12 -41.27 75.21
C ASN D 1179 -7.15 -39.77 75.32
N SER D 1180 -8.18 -39.11 74.84
CA SER D 1180 -8.09 -37.72 74.42
C SER D 1180 -8.42 -36.81 75.59
N VAL D 1181 -7.63 -35.76 75.77
CA VAL D 1181 -7.96 -34.75 76.75
C VAL D 1181 -9.13 -33.95 76.21
N HIS D 1182 -10.34 -34.31 76.64
CA HIS D 1182 -11.54 -33.70 76.07
C HIS D 1182 -11.59 -32.24 76.52
N TRP D 1183 -11.81 -31.99 77.82
CA TRP D 1183 -12.12 -30.59 78.20
C TRP D 1183 -11.48 -30.12 79.52
N GLU D 1184 -10.29 -29.50 79.45
CA GLU D 1184 -9.70 -28.87 80.66
C GLU D 1184 -9.07 -29.88 81.63
N ARG D 1185 -8.39 -29.39 82.68
CA ARG D 1185 -7.63 -30.27 83.61
C ARG D 1185 -8.42 -30.46 84.92
N PRO D 1186 -7.88 -31.16 85.93
CA PRO D 1186 -8.57 -31.39 87.20
C PRO D 1186 -8.60 -30.11 88.04
N GLN D 1187 -9.61 -29.94 88.91
CA GLN D 1187 -9.74 -28.72 89.75
C GLN D 1187 -8.39 -28.39 90.41
N LYS D 1188 -7.88 -27.18 90.15
CA LYS D 1188 -6.61 -26.72 90.73
C LYS D 1188 -6.81 -25.90 92.01
N PRO D 1189 -6.51 -26.44 93.22
CA PRO D 1189 -6.62 -25.62 94.43
C PRO D 1189 -5.40 -24.75 94.67
N LYS D 1190 -4.22 -25.27 94.37
CA LYS D 1190 -2.98 -24.51 94.52
C LYS D 1190 -2.97 -23.34 93.55
N ALA D 1191 -1.97 -22.45 93.70
CA ALA D 1191 -1.94 -21.26 92.85
C ALA D 1191 -1.47 -21.57 91.44
N PRO D 1192 -0.28 -22.15 91.22
CA PRO D 1192 0.22 -22.30 89.83
C PRO D 1192 -0.21 -23.63 89.23
N VAL D 1193 -0.43 -23.63 87.91
CA VAL D 1193 -0.55 -24.83 87.10
C VAL D 1193 0.56 -24.79 86.06
N GLY D 1194 1.21 -25.93 85.83
CA GLY D 1194 2.45 -25.90 85.07
C GLY D 1194 2.27 -25.56 83.60
N HIS D 1195 1.79 -26.49 82.79
CA HIS D 1195 1.41 -26.17 81.41
C HIS D 1195 0.50 -27.29 80.88
N PHE D 1196 -0.81 -27.07 81.01
CA PHE D 1196 -1.77 -27.86 80.24
C PHE D 1196 -2.96 -27.06 79.73
N TYR D 1197 -3.32 -25.95 80.36
CA TYR D 1197 -4.54 -25.21 80.07
C TYR D 1197 -4.20 -23.72 79.99
N GLU D 1198 -3.08 -23.44 79.33
CA GLU D 1198 -2.47 -22.13 79.15
C GLU D 1198 -2.92 -21.58 77.80
N PRO D 1199 -2.52 -20.35 77.40
CA PRO D 1199 -2.97 -19.87 76.07
C PRO D 1199 -2.46 -20.71 74.91
N GLN D 1200 -1.50 -21.61 75.15
CA GLN D 1200 -1.18 -22.67 74.21
C GLN D 1200 -2.41 -23.55 74.03
N ALA D 1201 -2.85 -23.75 72.80
CA ALA D 1201 -4.02 -24.57 72.51
C ALA D 1201 -3.74 -25.53 71.35
N PRO D 1202 -2.82 -26.50 71.54
CA PRO D 1202 -2.87 -27.71 70.70
C PRO D 1202 -3.77 -28.78 71.32
N SER D 1203 -4.91 -28.35 71.87
CA SER D 1203 -5.88 -29.20 72.56
C SER D 1203 -5.34 -29.93 73.80
N ALA D 1204 -4.08 -29.71 74.17
CA ALA D 1204 -3.44 -30.33 75.33
C ALA D 1204 -3.45 -31.86 75.28
N GLU D 1205 -3.64 -32.49 74.10
CA GLU D 1205 -3.42 -33.93 73.99
C GLU D 1205 -2.48 -34.33 72.86
N VAL D 1206 -2.59 -33.70 71.68
CA VAL D 1206 -1.96 -34.26 70.50
C VAL D 1206 -0.44 -34.08 70.57
N GLU D 1207 0.03 -32.83 70.56
CA GLU D 1207 1.48 -32.61 70.56
C GLU D 1207 2.11 -33.12 71.85
N MET D 1208 1.43 -32.92 72.98
CA MET D 1208 2.02 -33.34 74.25
C MET D 1208 2.22 -34.85 74.27
N THR D 1209 1.17 -35.61 73.93
CA THR D 1209 1.32 -37.05 73.93
C THR D 1209 2.26 -37.52 72.82
N SER D 1210 2.39 -36.74 71.74
CA SER D 1210 3.33 -37.09 70.68
C SER D 1210 4.76 -37.04 71.21
N TYR D 1211 5.11 -35.94 71.86
CA TYR D 1211 6.45 -35.86 72.41
C TYR D 1211 6.63 -36.81 73.58
N VAL D 1212 5.54 -37.17 74.27
CA VAL D 1212 5.61 -38.21 75.29
C VAL D 1212 6.07 -39.52 74.68
N LEU D 1213 5.45 -39.89 73.56
CA LEU D 1213 5.84 -41.13 72.91
C LEU D 1213 7.19 -41.02 72.23
N LEU D 1214 7.61 -39.82 71.81
CA LEU D 1214 9.01 -39.61 71.48
C LEU D 1214 9.90 -40.03 72.65
N ALA D 1215 9.49 -39.68 73.86
CA ALA D 1215 10.28 -40.03 75.03
C ALA D 1215 10.21 -41.53 75.32
N TYR D 1216 9.08 -42.18 75.07
CA TYR D 1216 8.89 -43.57 75.47
C TYR D 1216 9.83 -44.55 74.79
N LEU D 1217 9.67 -44.75 73.48
CA LEU D 1217 10.13 -45.98 72.84
C LEU D 1217 11.24 -45.77 71.84
N THR D 1218 12.24 -44.97 72.21
CA THR D 1218 13.59 -45.08 71.64
C THR D 1218 14.46 -46.02 72.48
N ALA D 1219 13.84 -47.00 73.14
CA ALA D 1219 14.50 -47.80 74.17
C ALA D 1219 15.57 -48.67 73.55
N GLN D 1220 16.82 -48.45 73.95
CA GLN D 1220 17.88 -49.43 73.71
C GLN D 1220 17.48 -50.84 74.16
N PRO D 1221 17.01 -51.06 75.38
CA PRO D 1221 16.59 -52.41 75.78
C PRO D 1221 15.17 -52.69 75.31
N ALA D 1222 14.66 -53.85 75.71
CA ALA D 1222 13.28 -54.22 75.44
C ALA D 1222 12.35 -53.21 76.09
N PRO D 1223 11.45 -52.53 75.33
CA PRO D 1223 10.47 -51.65 75.98
C PRO D 1223 9.23 -52.38 76.51
N THR D 1224 9.33 -53.69 76.76
CA THR D 1224 8.26 -54.46 77.40
C THR D 1224 7.68 -53.79 78.65
N SER D 1225 8.45 -52.94 79.32
CA SER D 1225 7.98 -52.22 80.51
C SER D 1225 6.87 -51.23 80.13
N GLU D 1226 6.41 -50.45 81.12
CA GLU D 1226 5.16 -49.69 80.99
C GLU D 1226 5.21 -48.65 79.86
N ASP D 1227 6.41 -48.30 79.39
CA ASP D 1227 6.49 -47.37 78.27
C ASP D 1227 5.74 -47.90 77.05
N LEU D 1228 5.80 -49.22 76.80
CA LEU D 1228 4.95 -49.77 75.73
C LEU D 1228 3.49 -49.57 76.05
N THR D 1229 2.99 -50.22 77.11
CA THR D 1229 1.56 -50.23 77.39
C THR D 1229 0.97 -48.83 77.62
N SER D 1230 1.81 -47.81 77.77
CA SER D 1230 1.37 -46.42 77.70
C SER D 1230 1.47 -45.85 76.29
N ALA D 1231 2.52 -46.18 75.55
CA ALA D 1231 2.62 -45.81 74.15
C ALA D 1231 1.44 -46.34 73.36
N THR D 1232 1.01 -47.54 73.67
CA THR D 1232 -0.13 -48.16 73.01
C THR D 1232 -1.43 -47.45 73.36
N ASN D 1233 -1.60 -47.09 74.63
CA ASN D 1233 -2.70 -46.24 75.04
C ASN D 1233 -2.70 -44.95 74.24
N ILE D 1234 -1.52 -44.35 74.05
CA ILE D 1234 -1.44 -43.11 73.28
C ILE D 1234 -1.81 -43.35 71.82
N VAL D 1235 -1.30 -44.44 71.24
CA VAL D 1235 -1.49 -44.70 69.81
C VAL D 1235 -2.93 -45.14 69.52
N LYS D 1236 -3.72 -45.52 70.53
CA LYS D 1236 -5.11 -45.93 70.27
C LYS D 1236 -5.92 -44.82 69.58
N TRP D 1237 -6.10 -43.67 70.23
CA TRP D 1237 -6.87 -42.62 69.57
C TRP D 1237 -6.14 -42.04 68.35
N ILE D 1238 -4.83 -42.25 68.23
CA ILE D 1238 -4.16 -41.97 66.97
C ILE D 1238 -4.68 -42.91 65.89
N THR D 1239 -4.89 -44.17 66.24
CA THR D 1239 -5.50 -45.16 65.36
C THR D 1239 -6.97 -44.85 65.11
N LYS D 1240 -7.59 -44.04 65.96
CA LYS D 1240 -8.97 -43.58 65.78
C LYS D 1240 -9.07 -42.19 65.18
N GLN D 1241 -7.96 -41.53 64.88
CA GLN D 1241 -7.99 -40.28 64.10
C GLN D 1241 -8.10 -40.62 62.62
N GLN D 1242 -9.07 -41.45 62.23
CA GLN D 1242 -9.03 -42.14 60.95
C GLN D 1242 -9.55 -41.23 59.84
N ASN D 1243 -8.83 -40.14 59.60
CA ASN D 1243 -9.15 -39.22 58.52
C ASN D 1243 -8.08 -38.14 58.47
N ALA D 1244 -7.83 -37.62 57.27
CA ALA D 1244 -6.88 -36.55 57.02
C ALA D 1244 -7.57 -35.38 56.33
N GLN D 1245 -8.71 -34.96 56.89
CA GLN D 1245 -9.37 -33.74 56.44
C GLN D 1245 -8.40 -32.56 56.43
N GLY D 1246 -7.44 -32.55 57.36
CA GLY D 1246 -6.49 -31.46 57.46
C GLY D 1246 -6.99 -30.27 58.23
N GLY D 1247 -8.30 -30.08 58.35
CA GLY D 1247 -8.86 -28.98 59.12
C GLY D 1247 -9.14 -29.39 60.55
N PHE D 1248 -8.09 -29.73 61.29
CA PHE D 1248 -8.24 -30.16 62.67
C PHE D 1248 -8.59 -28.95 63.53
N SER D 1249 -8.71 -29.18 64.84
CA SER D 1249 -8.49 -28.11 65.80
C SER D 1249 -7.20 -27.37 65.47
N SER D 1250 -6.17 -28.10 65.06
CA SER D 1250 -4.95 -27.55 64.50
C SER D 1250 -5.09 -27.39 62.99
N THR D 1251 -4.09 -26.75 62.38
CA THR D 1251 -3.78 -26.91 60.97
C THR D 1251 -2.69 -27.93 60.76
N GLN D 1252 -1.71 -27.93 61.66
CA GLN D 1252 -0.46 -28.64 61.48
C GLN D 1252 -0.40 -29.87 62.39
N ASP D 1253 -0.56 -29.67 63.70
CA ASP D 1253 -0.17 -30.60 64.75
C ASP D 1253 -0.52 -32.06 64.52
N THR D 1254 -1.54 -32.32 63.70
CA THR D 1254 -1.78 -33.70 63.33
C THR D 1254 -0.66 -34.27 62.47
N VAL D 1255 0.16 -33.42 61.84
CA VAL D 1255 1.37 -33.89 61.17
C VAL D 1255 2.24 -34.65 62.16
N VAL D 1256 2.27 -34.18 63.41
CA VAL D 1256 3.07 -34.79 64.45
C VAL D 1256 2.28 -35.87 65.17
N ALA D 1257 0.94 -35.82 65.09
CA ALA D 1257 0.12 -36.91 65.61
C ALA D 1257 0.50 -38.27 65.01
N LEU D 1258 1.13 -38.28 63.84
CA LEU D 1258 1.44 -39.52 63.15
C LEU D 1258 2.81 -40.07 63.50
N HIS D 1259 3.68 -39.29 64.13
CA HIS D 1259 4.88 -39.90 64.69
C HIS D 1259 4.54 -40.93 65.74
N ALA D 1260 3.36 -40.81 66.37
CA ALA D 1260 2.91 -41.78 67.36
C ALA D 1260 2.87 -43.17 66.76
N LEU D 1261 2.02 -43.35 65.76
CA LEU D 1261 1.94 -44.64 65.09
C LEU D 1261 3.23 -44.96 64.35
N SER D 1262 3.99 -43.94 63.92
CA SER D 1262 5.20 -44.21 63.16
C SER D 1262 6.26 -44.88 64.01
N LYS D 1263 6.72 -44.19 65.05
CA LYS D 1263 7.72 -44.77 65.94
C LYS D 1263 7.16 -45.96 66.71
N TYR D 1264 5.83 -46.09 66.82
CA TYR D 1264 5.24 -47.30 67.34
C TYR D 1264 5.45 -48.49 66.40
N GLY D 1265 5.93 -48.26 65.18
CA GLY D 1265 6.06 -49.36 64.18
C GLY D 1265 7.35 -50.16 64.32
N ALA D 1266 8.34 -49.68 65.08
CA ALA D 1266 9.56 -50.49 65.35
C ALA D 1266 9.33 -51.06 66.74
N ALA D 1267 8.34 -50.54 67.44
CA ALA D 1267 7.95 -50.97 68.77
C ALA D 1267 6.93 -52.10 68.74
N THR D 1268 6.16 -52.23 67.66
CA THR D 1268 5.22 -53.34 67.55
C THR D 1268 5.91 -54.67 67.26
N PHE D 1269 7.24 -54.67 67.15
CA PHE D 1269 8.05 -55.88 67.14
C PHE D 1269 8.20 -56.37 68.59
N THR D 1270 7.06 -56.71 69.20
CA THR D 1270 6.95 -56.80 70.66
C THR D 1270 6.25 -58.09 71.09
N ARG D 1271 6.35 -58.34 72.40
CA ARG D 1271 5.59 -59.39 73.08
C ARG D 1271 5.48 -59.01 74.56
N THR D 1272 4.43 -59.50 75.21
CA THR D 1272 4.38 -59.50 76.68
C THR D 1272 3.31 -60.48 77.10
N GLY D 1273 3.71 -61.61 77.68
CA GLY D 1273 2.75 -62.57 78.17
C GLY D 1273 3.10 -63.12 79.53
N LYS D 1274 2.23 -62.86 80.50
CA LYS D 1274 2.43 -63.29 81.88
C LYS D 1274 1.07 -63.41 82.53
N ALA D 1275 0.99 -64.28 83.53
CA ALA D 1275 -0.26 -64.55 84.23
C ALA D 1275 -0.62 -63.39 85.15
N ALA D 1276 -1.11 -62.32 84.54
CA ALA D 1276 -1.66 -61.19 85.27
C ALA D 1276 -3.13 -61.47 85.57
N GLN D 1277 -3.55 -61.22 86.80
CA GLN D 1277 -4.89 -61.56 87.28
C GLN D 1277 -5.39 -60.34 88.06
N VAL D 1278 -6.13 -59.46 87.38
CA VAL D 1278 -6.39 -58.11 87.83
C VAL D 1278 -7.77 -58.02 88.47
N THR D 1279 -7.93 -57.06 89.40
CA THR D 1279 -9.18 -56.81 90.10
C THR D 1279 -9.45 -55.31 90.18
N ILE D 1280 -10.74 -54.95 90.17
CA ILE D 1280 -11.18 -53.55 90.33
C ILE D 1280 -12.32 -53.58 91.33
N GLN D 1281 -12.02 -53.26 92.59
CA GLN D 1281 -12.98 -53.34 93.68
C GLN D 1281 -13.52 -51.96 94.06
N SER D 1282 -14.62 -51.96 94.81
CA SER D 1282 -15.27 -50.75 95.27
C SER D 1282 -15.98 -51.05 96.59
N SER D 1283 -16.86 -50.13 97.01
CA SER D 1283 -17.52 -50.20 98.30
C SER D 1283 -18.92 -50.81 98.24
N GLY D 1284 -19.62 -50.66 97.12
CA GLY D 1284 -20.98 -51.16 97.02
C GLY D 1284 -21.08 -52.63 96.65
N THR D 1285 -20.19 -53.45 97.20
CA THR D 1285 -20.13 -54.88 96.91
C THR D 1285 -20.06 -55.14 95.41
N PHE D 1286 -19.25 -54.33 94.72
CA PHE D 1286 -18.95 -54.50 93.31
C PHE D 1286 -17.46 -54.73 93.15
N SER D 1287 -17.10 -55.86 92.54
CA SER D 1287 -15.71 -56.15 92.21
C SER D 1287 -15.70 -57.26 91.17
N SER D 1288 -15.09 -56.97 90.02
CA SER D 1288 -15.01 -57.91 88.90
C SER D 1288 -13.56 -58.22 88.59
N LYS D 1289 -13.24 -59.50 88.42
CA LYS D 1289 -11.88 -59.94 88.15
C LYS D 1289 -11.58 -59.84 86.66
N PHE D 1290 -10.40 -59.31 86.35
CA PHE D 1290 -9.82 -59.34 85.01
C PHE D 1290 -8.54 -60.16 85.08
N GLN D 1291 -8.02 -60.53 83.92
CA GLN D 1291 -6.73 -61.23 83.87
C GLN D 1291 -6.12 -61.08 82.48
N VAL D 1292 -4.81 -61.24 82.42
CA VAL D 1292 -4.04 -61.00 81.20
C VAL D 1292 -2.99 -62.11 81.05
N ASP D 1293 -2.68 -62.43 79.80
CA ASP D 1293 -1.66 -63.39 79.40
C ASP D 1293 -1.02 -62.83 78.13
N ASN D 1294 -0.26 -63.67 77.42
CA ASN D 1294 0.23 -63.24 76.11
C ASN D 1294 -0.92 -62.92 75.17
N ASN D 1295 -1.94 -63.78 75.13
CA ASN D 1295 -3.08 -63.53 74.25
C ASN D 1295 -3.83 -62.26 74.67
N ASN D 1296 -4.04 -62.08 75.97
CA ASN D 1296 -4.71 -60.90 76.50
C ASN D 1296 -3.74 -59.77 76.83
N ARG D 1297 -2.50 -59.85 76.32
CA ARG D 1297 -1.59 -58.71 76.34
C ARG D 1297 -2.29 -57.46 75.84
N LEU D 1298 -2.87 -57.54 74.64
CA LEU D 1298 -3.54 -56.43 73.98
C LEU D 1298 -5.01 -56.32 74.36
N LEU D 1299 -5.39 -56.83 75.52
CA LEU D 1299 -6.79 -56.91 75.90
C LEU D 1299 -7.27 -55.56 76.44
N LEU D 1300 -8.55 -55.29 76.23
CA LEU D 1300 -9.22 -54.10 76.77
C LEU D 1300 -10.33 -54.58 77.70
N GLN D 1301 -10.20 -54.26 78.98
CA GLN D 1301 -11.08 -54.73 80.05
C GLN D 1301 -11.62 -53.51 80.79
N GLN D 1302 -12.87 -53.14 80.50
CA GLN D 1302 -13.47 -51.92 81.01
C GLN D 1302 -14.48 -52.23 82.10
N VAL D 1303 -14.58 -51.32 83.07
CA VAL D 1303 -15.60 -51.41 84.12
C VAL D 1303 -15.92 -50.01 84.60
N SER D 1304 -17.20 -49.67 84.64
CA SER D 1304 -17.69 -48.36 85.09
C SER D 1304 -18.43 -48.52 86.41
N LEU D 1305 -19.04 -47.42 86.88
CA LEU D 1305 -19.78 -47.44 88.13
C LEU D 1305 -20.71 -46.24 88.19
N PRO D 1306 -22.00 -46.41 88.57
CA PRO D 1306 -22.85 -45.25 88.87
C PRO D 1306 -22.90 -44.88 90.35
N GLU D 1307 -22.34 -45.73 91.21
CA GLU D 1307 -22.30 -45.46 92.64
C GLU D 1307 -21.59 -44.14 92.89
N LEU D 1308 -22.30 -43.20 93.50
CA LEU D 1308 -21.71 -41.89 93.76
C LEU D 1308 -20.47 -41.95 94.65
N PRO D 1309 -20.35 -42.84 95.64
CA PRO D 1309 -19.06 -42.98 96.32
C PRO D 1309 -17.97 -43.41 95.37
N GLY D 1310 -16.71 -43.19 95.79
CA GLY D 1310 -15.57 -43.45 94.93
C GLY D 1310 -14.31 -43.89 95.64
N GLU D 1311 -13.78 -45.03 95.21
CA GLU D 1311 -12.58 -45.63 95.80
C GLU D 1311 -12.11 -46.71 94.84
N TYR D 1312 -10.81 -46.72 94.53
CA TYR D 1312 -10.22 -47.70 93.61
C TYR D 1312 -8.99 -48.31 94.27
N SER D 1313 -9.18 -49.46 94.90
CA SER D 1313 -8.07 -50.33 95.29
C SER D 1313 -7.86 -51.33 94.17
N MET D 1314 -6.58 -51.55 93.81
CA MET D 1314 -6.23 -52.32 92.63
C MET D 1314 -5.19 -53.38 93.00
N LYS D 1315 -5.21 -54.48 92.25
CA LYS D 1315 -4.40 -55.65 92.57
C LYS D 1315 -4.25 -56.57 91.37
N VAL D 1316 -3.01 -56.89 90.99
CA VAL D 1316 -2.71 -57.81 89.89
C VAL D 1316 -1.62 -58.78 90.35
N THR D 1317 -1.20 -59.65 89.44
CA THR D 1317 -0.15 -60.61 89.72
C THR D 1317 0.62 -60.87 88.42
N GLY D 1318 1.37 -61.97 88.37
CA GLY D 1318 2.16 -62.28 87.20
C GLY D 1318 3.47 -61.52 87.20
N GLU D 1319 4.01 -61.27 86.02
CA GLU D 1319 5.28 -60.57 85.85
C GLU D 1319 5.12 -59.51 84.77
N GLY D 1320 6.22 -58.80 84.51
CA GLY D 1320 6.13 -57.59 83.71
C GLY D 1320 5.39 -56.51 84.47
N CYS D 1321 5.18 -55.39 83.80
CA CYS D 1321 4.45 -54.25 84.35
C CYS D 1321 3.16 -54.04 83.58
N VAL D 1322 2.20 -53.39 84.23
CA VAL D 1322 0.89 -53.12 83.65
C VAL D 1322 0.44 -51.72 84.09
N TYR D 1323 0.02 -50.92 83.13
CA TYR D 1323 -0.51 -49.58 83.37
C TYR D 1323 -1.95 -49.54 82.87
N LEU D 1324 -2.89 -49.21 83.77
CA LEU D 1324 -4.31 -49.16 83.45
C LEU D 1324 -4.79 -47.72 83.62
N GLN D 1325 -5.45 -47.20 82.58
CA GLN D 1325 -5.91 -45.83 82.56
C GLN D 1325 -7.34 -45.73 83.03
N THR D 1326 -7.65 -44.62 83.70
CA THR D 1326 -8.96 -44.34 84.25
C THR D 1326 -9.57 -43.15 83.53
N SER D 1327 -10.90 -43.06 83.58
CA SER D 1327 -11.61 -41.89 83.06
C SER D 1327 -12.89 -41.72 83.86
N LEU D 1328 -13.13 -40.49 84.32
CA LEU D 1328 -14.27 -40.18 85.19
C LEU D 1328 -15.03 -39.03 84.56
N LYS D 1329 -15.96 -39.36 83.68
CA LYS D 1329 -16.82 -38.35 83.09
C LYS D 1329 -17.79 -37.79 84.10
N TYR D 1330 -18.02 -36.48 84.04
CA TYR D 1330 -18.98 -35.83 84.92
C TYR D 1330 -19.24 -34.43 84.39
N ASN D 1331 -20.48 -34.00 84.55
CA ASN D 1331 -20.89 -32.66 84.16
C ASN D 1331 -20.68 -31.67 85.30
N ILE D 1332 -20.49 -30.41 84.93
CA ILE D 1332 -20.47 -29.30 85.85
C ILE D 1332 -21.32 -28.20 85.23
N LEU D 1333 -21.35 -27.02 85.84
CA LEU D 1333 -22.07 -25.87 85.31
C LEU D 1333 -23.55 -26.18 85.15
N PRO D 1334 -24.31 -26.29 86.24
CA PRO D 1334 -25.75 -26.06 86.14
C PRO D 1334 -25.99 -24.59 85.87
N GLU D 1335 -25.25 -23.76 86.61
CA GLU D 1335 -25.16 -22.33 86.32
C GLU D 1335 -23.94 -21.81 87.05
N LYS D 1336 -22.93 -21.36 86.30
CA LYS D 1336 -21.69 -20.89 86.88
C LYS D 1336 -21.76 -19.39 87.13
N GLU D 1337 -20.73 -18.88 87.81
CA GLU D 1337 -20.63 -17.46 88.12
C GLU D 1337 -19.67 -16.80 87.14
N GLU D 1338 -19.98 -15.54 86.82
CA GLU D 1338 -19.18 -14.77 85.88
C GLU D 1338 -17.74 -14.63 86.37
N PHE D 1339 -16.83 -14.39 85.43
CA PHE D 1339 -15.43 -14.15 85.75
C PHE D 1339 -14.88 -13.12 84.74
N PRO D 1340 -13.76 -12.48 85.06
CA PRO D 1340 -13.43 -11.20 84.38
C PRO D 1340 -13.28 -11.26 82.86
N PHE D 1341 -13.11 -12.44 82.27
CA PHE D 1341 -12.93 -12.53 80.83
C PHE D 1341 -14.16 -11.99 80.12
N ALA D 1342 -13.94 -11.29 79.02
CA ALA D 1342 -14.99 -10.62 78.26
C ALA D 1342 -15.33 -11.48 77.05
N LEU D 1343 -16.18 -12.48 77.27
CA LEU D 1343 -16.91 -13.11 76.18
C LEU D 1343 -18.20 -12.33 76.03
N GLY D 1344 -18.10 -11.20 75.33
CA GLY D 1344 -19.26 -10.36 75.21
C GLY D 1344 -20.11 -10.88 74.08
N VAL D 1345 -21.07 -11.73 74.43
CA VAL D 1345 -22.00 -12.32 73.48
C VAL D 1345 -23.32 -11.58 73.61
N GLN D 1346 -23.76 -10.99 72.51
CA GLN D 1346 -25.11 -10.48 72.37
C GLN D 1346 -25.85 -11.39 71.41
N THR D 1347 -26.64 -12.30 71.96
CA THR D 1347 -27.25 -13.36 71.18
C THR D 1347 -28.27 -12.82 70.19
N LEU D 1348 -29.03 -11.82 70.61
CA LEU D 1348 -30.22 -11.40 69.90
C LEU D 1348 -30.64 -10.08 70.56
N PRO D 1349 -31.66 -9.37 70.07
CA PRO D 1349 -32.01 -8.08 70.71
C PRO D 1349 -32.70 -8.21 72.08
N GLN D 1350 -32.05 -8.91 73.01
CA GLN D 1350 -32.42 -9.02 74.43
C GLN D 1350 -33.67 -9.86 74.71
N THR D 1351 -34.42 -10.21 73.69
CA THR D 1351 -35.56 -11.12 73.72
C THR D 1351 -36.11 -11.18 72.31
N CYS D 1352 -36.89 -12.21 72.02
CA CYS D 1352 -37.44 -12.34 70.67
C CYS D 1352 -38.59 -11.36 70.49
N ASP D 1353 -39.70 -11.59 71.21
CA ASP D 1353 -40.81 -10.65 71.31
C ASP D 1353 -41.31 -10.17 69.95
N GLU D 1354 -41.35 -11.08 68.99
CA GLU D 1354 -41.86 -10.76 67.66
C GLU D 1354 -42.09 -12.05 66.89
N PRO D 1355 -42.97 -12.06 65.87
CA PRO D 1355 -43.18 -13.31 65.13
C PRO D 1355 -42.02 -13.72 64.24
N LYS D 1356 -40.99 -12.87 64.10
CA LYS D 1356 -39.84 -13.15 63.25
C LYS D 1356 -38.61 -13.65 64.01
N ALA D 1357 -38.57 -13.48 65.33
CA ALA D 1357 -37.44 -13.92 66.14
C ALA D 1357 -37.70 -15.32 66.69
N HIS D 1358 -36.77 -15.83 67.50
CA HIS D 1358 -36.52 -17.24 67.79
C HIS D 1358 -35.92 -17.98 66.59
N THR D 1359 -35.76 -17.30 65.45
CA THR D 1359 -35.26 -17.89 64.23
C THR D 1359 -34.01 -17.19 63.73
N SER D 1360 -34.06 -15.87 63.60
CA SER D 1360 -33.02 -15.08 62.96
C SER D 1360 -32.54 -14.03 63.94
N PHE D 1361 -31.36 -14.25 64.51
CA PHE D 1361 -30.74 -13.26 65.39
C PHE D 1361 -29.23 -13.40 65.28
N GLN D 1362 -28.56 -12.31 64.93
CA GLN D 1362 -27.11 -12.31 64.86
C GLN D 1362 -26.56 -12.41 66.27
N ILE D 1363 -25.94 -13.54 66.59
CA ILE D 1363 -25.35 -13.74 67.90
C ILE D 1363 -24.01 -13.02 67.86
N SER D 1364 -24.04 -11.75 68.25
CA SER D 1364 -22.89 -10.86 68.11
C SER D 1364 -21.91 -11.09 69.26
N LEU D 1365 -20.75 -11.67 68.95
CA LEU D 1365 -19.72 -11.96 69.93
C LEU D 1365 -18.52 -11.05 69.70
N SER D 1366 -18.18 -10.26 70.72
CA SER D 1366 -16.99 -9.42 70.73
C SER D 1366 -16.14 -9.87 71.91
N VAL D 1367 -15.10 -10.65 71.62
CA VAL D 1367 -14.45 -11.49 72.63
C VAL D 1367 -12.94 -11.38 72.48
N SER D 1368 -12.24 -11.43 73.61
CA SER D 1368 -10.78 -11.46 73.61
C SER D 1368 -10.28 -11.59 75.04
N TYR D 1369 -8.99 -11.86 75.16
CA TYR D 1369 -8.29 -11.80 76.44
C TYR D 1369 -6.97 -11.05 76.25
N THR D 1370 -6.52 -10.38 77.31
CA THR D 1370 -5.34 -9.53 77.22
C THR D 1370 -4.04 -10.32 77.24
N GLY D 1371 -3.78 -11.05 78.34
CA GLY D 1371 -2.46 -11.57 78.63
C GLY D 1371 -1.86 -12.51 77.59
N SER D 1372 -0.74 -12.09 76.97
CA SER D 1372 -0.03 -12.91 75.99
C SER D 1372 1.49 -12.75 76.09
N ARG D 1373 2.03 -12.57 77.30
CA ARG D 1373 3.45 -12.26 77.46
C ARG D 1373 4.27 -13.49 77.09
N SER D 1374 4.74 -13.54 75.84
CA SER D 1374 5.70 -14.55 75.37
C SER D 1374 5.22 -15.98 75.65
N ALA D 1375 3.91 -16.16 75.82
CA ALA D 1375 3.37 -17.46 76.18
C ALA D 1375 3.24 -18.33 74.94
N SER D 1376 2.55 -17.84 73.93
CA SER D 1376 2.41 -18.55 72.66
C SER D 1376 1.79 -17.58 71.66
N ASN D 1377 1.67 -18.04 70.42
CA ASN D 1377 0.83 -17.36 69.46
C ASN D 1377 -0.62 -17.77 69.67
N MET D 1378 -1.52 -17.01 69.06
CA MET D 1378 -2.95 -17.19 69.30
C MET D 1378 -3.40 -18.55 68.78
N ALA D 1379 -3.81 -19.42 69.71
CA ALA D 1379 -4.14 -20.81 69.41
C ALA D 1379 -5.58 -21.16 69.74
N ILE D 1380 -6.08 -20.76 70.90
CA ILE D 1380 -7.40 -21.20 71.34
C ILE D 1380 -8.47 -20.60 70.44
N VAL D 1381 -9.42 -21.43 70.01
CA VAL D 1381 -10.59 -20.94 69.31
C VAL D 1381 -11.71 -21.97 69.40
N ASP D 1382 -12.89 -21.54 69.85
CA ASP D 1382 -14.06 -22.41 69.97
C ASP D 1382 -15.32 -21.55 69.98
N VAL D 1383 -16.20 -21.72 68.99
CA VAL D 1383 -17.57 -21.21 69.01
C VAL D 1383 -18.44 -22.16 68.18
N LYS D 1384 -19.54 -22.64 68.75
CA LYS D 1384 -20.51 -23.48 68.03
C LYS D 1384 -21.83 -22.73 67.92
N MET D 1385 -22.75 -23.33 67.16
CA MET D 1385 -24.05 -22.73 66.89
C MET D 1385 -25.08 -23.22 67.90
N VAL D 1386 -26.20 -22.49 67.98
CA VAL D 1386 -27.31 -22.93 68.81
C VAL D 1386 -27.86 -24.23 68.25
N SER D 1387 -28.51 -25.01 69.11
CA SER D 1387 -28.67 -26.46 69.00
C SER D 1387 -29.01 -27.00 67.61
N GLY D 1388 -30.21 -26.70 67.12
CA GLY D 1388 -30.58 -27.06 65.75
C GLY D 1388 -30.41 -25.92 64.79
N PHE D 1389 -30.03 -24.75 65.29
CA PHE D 1389 -29.80 -23.58 64.46
C PHE D 1389 -28.53 -23.84 63.66
N ILE D 1390 -28.69 -24.31 62.43
CA ILE D 1390 -27.57 -24.79 61.64
C ILE D 1390 -27.02 -23.62 60.85
N PRO D 1391 -25.71 -23.53 60.58
CA PRO D 1391 -25.18 -22.33 59.90
C PRO D 1391 -25.13 -22.47 58.38
N LEU D 1392 -25.48 -21.37 57.71
CA LEU D 1392 -25.35 -21.25 56.26
C LEU D 1392 -24.34 -20.18 55.88
N LYS D 1393 -24.55 -18.94 56.29
CA LYS D 1393 -23.65 -17.83 56.01
C LYS D 1393 -22.33 -17.84 56.79
N PRO D 1394 -22.25 -18.45 58.01
CA PRO D 1394 -20.94 -18.55 58.69
C PRO D 1394 -19.80 -19.10 57.84
N THR D 1395 -20.09 -19.96 56.86
CA THR D 1395 -19.07 -20.30 55.88
C THR D 1395 -18.62 -19.07 55.11
N VAL D 1396 -19.57 -18.21 54.74
CA VAL D 1396 -19.25 -17.03 53.94
C VAL D 1396 -18.40 -16.06 54.76
N LYS D 1397 -18.80 -15.79 56.01
CA LYS D 1397 -18.03 -14.86 56.83
C LYS D 1397 -16.71 -15.48 57.28
N MET D 1398 -16.61 -16.81 57.29
CA MET D 1398 -15.32 -17.45 57.52
C MET D 1398 -14.38 -17.17 56.36
N LEU D 1399 -14.87 -17.33 55.13
CA LEU D 1399 -14.03 -17.08 53.96
C LEU D 1399 -13.70 -15.61 53.80
N GLU D 1400 -14.59 -14.71 54.23
CA GLU D 1400 -14.47 -13.30 53.89
C GLU D 1400 -13.29 -12.65 54.60
N ARG D 1401 -13.24 -12.75 55.93
CA ARG D 1401 -12.31 -11.95 56.72
C ARG D 1401 -10.88 -12.47 56.59
N SER D 1402 -9.94 -11.55 56.32
CA SER D 1402 -8.52 -11.88 56.26
C SER D 1402 -7.75 -10.61 56.55
N ASN D 1403 -7.05 -10.55 57.69
CA ASN D 1403 -6.47 -9.32 58.23
C ASN D 1403 -4.99 -9.53 58.56
N HIS D 1404 -4.13 -9.32 57.56
CA HIS D 1404 -2.67 -9.14 57.70
C HIS D 1404 -1.90 -10.42 58.04
N VAL D 1405 -2.60 -11.47 58.45
CA VAL D 1405 -2.01 -12.79 58.72
C VAL D 1405 -3.17 -13.77 58.66
N SER D 1406 -2.99 -14.87 57.94
CA SER D 1406 -4.12 -15.70 57.56
C SER D 1406 -3.70 -17.16 57.46
N ARG D 1407 -4.65 -18.03 57.83
CA ARG D 1407 -4.48 -19.48 57.78
C ARG D 1407 -5.57 -20.16 56.95
N THR D 1408 -6.69 -19.48 56.69
CA THR D 1408 -7.93 -20.04 56.15
C THR D 1408 -8.26 -21.40 56.75
N GLU D 1409 -7.99 -21.59 58.04
CA GLU D 1409 -8.31 -22.83 58.70
C GLU D 1409 -9.78 -22.83 59.10
N VAL D 1410 -10.42 -23.99 58.89
CA VAL D 1410 -11.81 -24.18 59.23
C VAL D 1410 -12.05 -25.67 59.38
N SER D 1411 -12.69 -26.05 60.47
CA SER D 1411 -12.84 -27.46 60.84
C SER D 1411 -14.23 -28.02 60.54
N SER D 1412 -14.90 -27.49 59.50
CA SER D 1412 -16.15 -27.93 58.91
C SER D 1412 -17.37 -27.63 59.78
N ASN D 1413 -17.20 -27.18 61.03
CA ASN D 1413 -18.28 -26.67 61.85
C ASN D 1413 -17.89 -25.41 62.60
N HIS D 1414 -16.65 -24.93 62.45
CA HIS D 1414 -16.06 -23.91 63.29
C HIS D 1414 -15.41 -22.88 62.37
N VAL D 1415 -14.61 -21.99 62.95
CA VAL D 1415 -13.80 -21.02 62.19
C VAL D 1415 -12.52 -20.77 62.97
N LEU D 1416 -11.37 -20.78 62.28
CA LEU D 1416 -10.05 -20.70 62.91
C LEU D 1416 -9.18 -19.70 62.15
N ILE D 1417 -9.27 -18.41 62.47
CA ILE D 1417 -8.32 -17.41 61.97
C ILE D 1417 -8.01 -16.47 63.13
N TYR D 1418 -6.92 -16.75 63.86
CA TYR D 1418 -6.52 -15.99 65.04
C TYR D 1418 -5.04 -15.65 65.09
N LEU D 1419 -4.19 -16.37 64.36
CA LEU D 1419 -2.74 -16.29 64.57
C LEU D 1419 -2.21 -14.89 64.24
N ASP D 1420 -1.37 -14.36 65.13
CA ASP D 1420 -0.79 -13.03 65.00
C ASP D 1420 0.20 -12.83 66.16
N LYS D 1421 0.83 -11.65 66.19
CA LYS D 1421 1.68 -11.26 67.29
C LYS D 1421 0.85 -11.09 68.56
N VAL D 1422 1.51 -10.62 69.64
CA VAL D 1422 0.78 -10.36 70.92
C VAL D 1422 -0.36 -9.37 70.66
N SER D 1423 -1.62 -9.82 70.82
CA SER D 1423 -2.81 -8.94 70.59
C SER D 1423 -3.68 -8.93 71.84
N ASN D 1424 -4.09 -7.74 72.31
CA ASN D 1424 -4.91 -7.63 73.54
C ASN D 1424 -6.29 -7.05 73.20
N GLN D 1425 -6.50 -6.63 71.94
CA GLN D 1425 -7.75 -6.03 71.52
C GLN D 1425 -8.74 -7.10 71.06
N THR D 1426 -9.96 -6.66 70.77
CA THR D 1426 -10.99 -7.47 70.15
C THR D 1426 -11.53 -6.74 68.93
N LEU D 1427 -12.24 -7.48 68.09
CA LEU D 1427 -12.88 -6.94 66.91
C LEU D 1427 -14.36 -7.32 66.92
N SER D 1428 -15.05 -7.07 65.82
CA SER D 1428 -16.49 -7.30 65.75
C SER D 1428 -16.84 -7.89 64.39
N LEU D 1429 -17.94 -8.62 64.37
CA LEU D 1429 -18.53 -9.18 63.16
C LEU D 1429 -20.00 -9.45 63.46
N PHE D 1430 -20.67 -10.13 62.53
CA PHE D 1430 -22.08 -10.46 62.72
C PHE D 1430 -22.32 -11.80 62.04
N PHE D 1431 -22.90 -12.74 62.78
CA PHE D 1431 -23.26 -14.04 62.22
C PHE D 1431 -24.56 -14.53 62.85
N THR D 1432 -25.47 -14.97 62.00
CA THR D 1432 -26.72 -15.61 62.38
C THR D 1432 -26.71 -17.02 61.80
N VAL D 1433 -27.85 -17.72 61.91
CA VAL D 1433 -27.90 -19.18 61.79
C VAL D 1433 -29.21 -19.59 61.12
N LEU D 1434 -29.15 -20.70 60.38
CA LEU D 1434 -30.29 -21.26 59.66
C LEU D 1434 -31.03 -22.24 60.55
N GLN D 1435 -32.34 -22.37 60.34
CA GLN D 1435 -33.23 -23.07 61.25
C GLN D 1435 -33.46 -24.50 60.74
N ASP D 1436 -33.11 -25.47 61.58
CA ASP D 1436 -33.40 -26.88 61.28
C ASP D 1436 -34.60 -27.40 62.06
N VAL D 1437 -34.88 -26.82 63.23
CA VAL D 1437 -35.84 -27.37 64.19
C VAL D 1437 -36.75 -26.23 64.66
N PRO D 1438 -38.08 -26.43 64.76
CA PRO D 1438 -38.93 -25.36 65.33
C PRO D 1438 -38.56 -24.89 66.73
N VAL D 1439 -38.47 -25.80 67.71
CA VAL D 1439 -38.62 -25.46 69.12
C VAL D 1439 -37.27 -25.22 69.77
N ARG D 1440 -37.26 -24.41 70.84
CA ARG D 1440 -36.12 -24.29 71.74
C ARG D 1440 -36.62 -24.30 73.17
N ASP D 1441 -36.25 -25.34 73.92
CA ASP D 1441 -36.57 -25.40 75.35
C ASP D 1441 -35.69 -24.44 76.13
N LEU D 1442 -36.19 -24.00 77.29
CA LEU D 1442 -35.44 -23.05 78.09
C LEU D 1442 -34.25 -23.74 78.76
N LYS D 1443 -33.11 -23.70 78.08
CA LYS D 1443 -31.82 -24.15 78.60
C LYS D 1443 -30.80 -23.35 77.81
N PRO D 1444 -30.00 -22.50 78.46
CA PRO D 1444 -29.36 -21.39 77.75
C PRO D 1444 -28.33 -21.86 76.73
N ALA D 1445 -27.84 -20.91 75.95
CA ALA D 1445 -26.92 -21.16 74.85
C ALA D 1445 -25.62 -20.42 75.14
N ILE D 1446 -24.73 -21.07 75.88
CA ILE D 1446 -23.40 -20.55 76.17
C ILE D 1446 -22.40 -21.65 75.85
N VAL D 1447 -21.41 -21.33 75.01
CA VAL D 1447 -20.40 -22.27 74.54
C VAL D 1447 -19.05 -21.66 74.91
N LYS D 1448 -18.55 -21.99 76.10
CA LYS D 1448 -17.48 -21.24 76.75
C LYS D 1448 -16.29 -22.15 77.00
N VAL D 1449 -15.15 -21.81 76.41
CA VAL D 1449 -13.86 -22.37 76.78
C VAL D 1449 -12.97 -21.20 77.17
N TYR D 1450 -12.02 -21.45 78.07
CA TYR D 1450 -11.39 -20.33 78.79
C TYR D 1450 -10.02 -20.79 79.30
N ASP D 1451 -8.97 -20.30 78.66
CA ASP D 1451 -7.59 -20.66 79.04
C ASP D 1451 -6.63 -19.60 78.52
N TYR D 1452 -6.19 -18.70 79.41
CA TYR D 1452 -5.47 -17.50 78.99
C TYR D 1452 -4.21 -17.23 79.80
N TYR D 1453 -4.11 -17.75 81.03
CA TYR D 1453 -2.87 -17.65 81.76
C TYR D 1453 -2.92 -18.57 82.98
N GLU D 1454 -1.81 -19.27 83.22
CA GLU D 1454 -1.77 -20.29 84.25
C GLU D 1454 -2.09 -19.74 85.64
N THR D 1455 -1.71 -18.48 85.91
CA THR D 1455 -1.76 -17.98 87.29
C THR D 1455 -3.17 -17.58 87.69
N ASP D 1456 -3.74 -16.60 86.98
CA ASP D 1456 -5.08 -16.13 87.32
C ASP D 1456 -6.11 -17.24 87.07
N GLU D 1457 -7.31 -17.03 87.61
CA GLU D 1457 -8.41 -17.94 87.30
C GLU D 1457 -8.71 -17.85 85.81
N PHE D 1458 -9.05 -18.98 85.21
CA PHE D 1458 -9.06 -19.08 83.76
C PHE D 1458 -10.25 -18.38 83.13
N ALA D 1459 -11.12 -17.77 83.93
CA ALA D 1459 -12.01 -16.69 83.48
C ALA D 1459 -13.07 -17.17 82.49
N ILE D 1460 -14.06 -17.87 83.06
CA ILE D 1460 -15.32 -18.12 82.36
C ILE D 1460 -16.02 -16.79 82.07
N ALA D 1461 -16.88 -16.78 81.06
CA ALA D 1461 -17.64 -15.59 80.74
C ALA D 1461 -18.88 -15.96 79.95
N GLU D 1462 -20.06 -15.68 80.52
CA GLU D 1462 -21.32 -16.27 80.04
C GLU D 1462 -22.41 -15.21 79.86
N TYR D 1463 -23.35 -15.53 78.98
CA TYR D 1463 -24.62 -14.84 78.85
C TYR D 1463 -25.53 -15.68 77.96
N ASN D 1464 -26.77 -15.85 78.38
CA ASN D 1464 -27.70 -16.76 77.72
C ASN D 1464 -28.43 -16.07 76.57
N ALA D 1465 -28.94 -16.88 75.67
CA ALA D 1465 -29.90 -16.41 74.68
C ALA D 1465 -31.21 -16.16 75.41
N PRO D 1466 -31.61 -14.90 75.67
CA PRO D 1466 -32.80 -14.70 76.51
C PRO D 1466 -34.08 -15.17 75.88
N CYS D 1467 -34.08 -15.43 74.57
CA CYS D 1467 -35.22 -16.06 73.93
C CYS D 1467 -35.34 -17.46 74.48
N SER D 1468 -36.27 -17.67 75.39
CA SER D 1468 -36.25 -18.86 76.24
C SER D 1468 -37.58 -19.07 76.93
C1 NAG E . 26.08 37.93 -77.81
C2 NAG E . 25.40 38.03 -79.17
C3 NAG E . 23.90 38.16 -79.01
C4 NAG E . 23.36 37.05 -78.13
C5 NAG E . 24.13 36.99 -76.81
C6 NAG E . 23.66 35.83 -75.94
C7 NAG E . 26.01 40.39 -79.37
C8 NAG E . 27.26 41.15 -79.70
N2 NAG E . 25.92 39.17 -79.90
O3 NAG E . 23.30 38.11 -80.31
O4 NAG E . 21.98 37.34 -77.84
O5 NAG E . 25.54 36.88 -77.02
O6 NAG E . 23.69 36.20 -74.56
O7 NAG E . 25.14 40.85 -78.66
C1 NAG E . 21.12 36.34 -78.44
C2 NAG E . 19.68 36.65 -78.06
C3 NAG E . 18.71 35.67 -78.69
C4 NAG E . 18.96 35.58 -80.19
C5 NAG E . 20.43 35.27 -80.45
C6 NAG E . 20.71 35.22 -81.95
C7 NAG E . 18.38 36.64 -76.00
C8 NAG E . 18.25 35.68 -74.85
N2 NAG E . 19.56 36.64 -76.61
O3 NAG E . 17.36 36.11 -78.48
O4 NAG E . 18.14 34.56 -80.76
O5 NAG E . 21.25 36.28 -79.86
O6 NAG E . 22.07 34.81 -82.17
O7 NAG E . 17.46 37.35 -76.36
C1 NAG F . -15.93 36.68 -41.11
C2 NAG F . -17.08 36.32 -40.18
C3 NAG F . -18.27 37.16 -40.56
C4 NAG F . -17.95 38.64 -40.48
C5 NAG F . -16.58 39.02 -41.07
C6 NAG F . -16.07 40.30 -40.42
C7 NAG F . -17.02 34.05 -39.33
C8 NAG F . -17.01 34.57 -37.93
N2 NAG F . -17.40 34.92 -40.27
O3 NAG F . -19.36 36.86 -39.67
O4 NAG F . -19.04 39.36 -41.08
O5 NAG F . -15.55 38.04 -40.89
O6 NAG F . -15.28 41.03 -41.37
O7 NAG F . -16.68 32.91 -39.61
C1 NAG F . -18.83 39.71 -42.47
C2 NAG F . -19.99 39.26 -43.34
C3 NAG F . -19.91 39.76 -44.78
C4 NAG F . -19.52 41.22 -44.87
C5 NAG F . -18.37 41.51 -43.92
C6 NAG F . -17.95 42.98 -43.92
C7 NAG F . -19.56 37.06 -44.30
C8 NAG F . -18.06 37.10 -44.38
N2 NAG F . -20.12 37.81 -43.35
O3 NAG F . -21.18 39.53 -45.42
O4 NAG F . -19.04 41.47 -46.20
O5 NAG F . -18.69 41.12 -42.60
O6 NAG F . -16.63 43.09 -43.37
O7 NAG F . -20.22 36.38 -45.06
C1 BMA F . -19.99 42.19 -46.99
C2 BMA F . -19.25 43.29 -47.75
C3 BMA F . -20.16 44.01 -48.74
C4 BMA F . -20.86 42.98 -49.63
C5 BMA F . -21.59 41.96 -48.76
C6 BMA F . -22.28 40.92 -49.63
O2 BMA F . -18.14 42.72 -48.44
O3 BMA F . -19.38 44.89 -49.56
O4 BMA F . -21.81 43.66 -50.47
O5 BMA F . -20.66 41.31 -47.90
O6 BMA F . -23.00 40.00 -48.80
C1 NAG G . 84.40 -10.97 -5.20
C2 NAG G . 84.08 -12.30 -4.52
C3 NAG G . 83.07 -12.09 -3.39
C4 NAG G . 83.63 -11.06 -2.42
C5 NAG G . 83.95 -9.78 -3.17
C6 NAG G . 84.55 -8.71 -2.26
C7 NAG G . 84.25 -14.24 -5.96
C8 NAG G . 83.94 -15.59 -5.39
N2 NAG G . 83.52 -13.23 -5.48
O3 NAG G . 82.84 -13.34 -2.75
O4 NAG G . 82.67 -10.79 -1.38
O5 NAG G . 84.87 -10.02 -4.23
O6 NAG G . 85.78 -9.21 -1.70
O7 NAG G . 85.11 -14.07 -6.81
C1 NAG G . 83.13 -11.27 -0.10
C2 NAG G . 82.20 -12.37 0.41
C3 NAG G . 82.68 -12.96 1.73
C4 NAG G . 84.14 -13.35 1.60
C5 NAG G . 84.96 -12.16 1.15
C6 NAG G . 86.43 -12.52 1.02
C7 NAG G . 79.86 -12.64 0.94
C8 NAG G . 79.41 -13.67 -0.05
N2 NAG G . 80.86 -11.86 0.53
O3 NAG G . 81.91 -14.13 2.05
O4 NAG G . 84.63 -13.80 2.88
O5 NAG G . 84.50 -11.70 -0.12
O6 NAG G . 86.88 -13.12 2.25
O7 NAG G . 79.35 -12.53 2.04
C1 NAG H . 35.75 -26.92 20.49
C2 NAG H . 37.04 -27.73 20.41
C3 NAG H . 37.24 -28.64 21.61
C4 NAG H . 36.89 -27.95 22.92
C5 NAG H . 35.49 -27.36 22.86
C6 NAG H . 35.12 -26.61 24.13
C7 NAG H . 36.03 -28.88 18.50
C8 NAG H . 35.13 -29.88 19.15
N2 NAG H . 37.11 -28.51 19.19
O3 NAG H . 38.63 -29.01 21.63
O4 NAG H . 37.12 -28.80 24.08
O5 NAG H . 35.47 -26.39 21.80
O6 NAG H . 34.50 -27.51 25.07
O7 NAG H . 35.79 -28.43 17.39
C1 NAG H . 36.43 -30.08 24.12
C2 NAG H . 37.47 -31.21 24.12
C3 NAG H . 36.97 -32.54 24.65
C4 NAG H . 36.21 -32.34 25.95
C5 NAG H . 35.06 -31.40 25.65
C6 NAG H . 34.15 -31.25 26.86
C7 NAG H . 37.25 -32.16 21.90
C8 NAG H . 35.77 -32.10 22.10
N2 NAG H . 37.97 -31.47 22.79
O3 NAG H . 38.09 -33.41 24.80
O4 NAG H . 35.71 -33.58 26.46
O5 NAG H . 35.55 -30.13 25.27
O6 NAG H . 33.57 -32.51 27.20
O7 NAG H . 37.76 -32.79 21.00
C1 BMA H . 36.54 -34.03 27.55
C2 BMA H . 36.23 -33.28 28.84
C3 BMA H . 37.16 -33.75 29.96
C4 BMA H . 37.10 -35.27 30.08
C5 BMA H . 37.39 -35.92 28.73
C6 BMA H . 37.29 -37.43 28.82
O2 BMA H . 34.88 -33.51 29.22
O3 BMA H . 36.75 -33.16 31.20
O4 BMA H . 38.08 -35.70 31.03
O5 BMA H . 36.47 -35.45 27.74
O6 BMA H . 35.94 -37.80 29.13
C1 NAG I . -83.74 25.52 1.10
C2 NAG I . -84.63 26.70 0.75
C3 NAG I . -84.05 27.53 -0.39
C4 NAG I . -82.59 27.85 -0.12
C5 NAG I . -81.83 26.55 0.13
C6 NAG I . -80.34 26.77 0.37
C7 NAG I . -86.15 25.29 -0.52
C8 NAG I . -86.55 25.78 -1.89
N2 NAG I . -85.96 26.24 0.40
O3 NAG I . -84.82 28.73 -0.53
O4 NAG I . -82.03 28.55 -1.25
O5 NAG I . -82.37 25.91 1.28
O6 NAG I . -79.70 25.50 0.59
O7 NAG I . -86.01 24.11 -0.28
C1 NAG I . -81.70 29.89 -0.85
C2 NAG I . -80.72 30.50 -1.85
C3 NAG I . -80.37 31.93 -1.46
C4 NAG I . -81.64 32.73 -1.20
C5 NAG I . -82.53 32.02 -0.20
C6 NAG I . -83.82 32.78 0.06
C7 NAG I . -78.34 30.18 -2.17
C8 NAG I . -77.35 30.08 -1.05
N2 NAG I . -79.54 29.67 -1.92
O3 NAG I . -79.65 32.56 -2.53
O4 NAG I . -81.30 34.03 -0.69
O5 NAG I . -82.85 30.71 -0.68
O6 NAG I . -84.58 32.12 1.08
O7 NAG I . -78.05 30.69 -3.25
C1 NAG J . -36.22 26.38 -31.28
C2 NAG J . -34.70 26.31 -31.08
C3 NAG J . -33.90 26.73 -32.29
C4 NAG J . -34.42 25.97 -33.51
C5 NAG J . -35.92 26.20 -33.68
C6 NAG J . -36.47 25.44 -34.88
C7 NAG J . -34.18 26.55 -28.73
C8 NAG J . -32.95 25.71 -28.52
N2 NAG J . -34.31 27.10 -29.92
O3 NAG J . -32.53 26.40 -32.07
O4 NAG J . -33.69 26.27 -34.71
O5 NAG J . -36.62 25.76 -32.52
O6 NAG J . -37.72 26.04 -35.27
O7 NAG J . -35.02 26.70 -27.85
C1 NAG J . -33.55 27.70 -34.97
C2 NAG J . -32.17 27.89 -35.60
C3 NAG J . -31.97 29.22 -36.31
C4 NAG J . -33.17 29.51 -37.20
C5 NAG J . -34.42 29.48 -36.32
C6 NAG J . -35.68 29.89 -37.06
C7 NAG J . -30.59 28.74 -33.94
C8 NAG J . -31.53 29.59 -33.13
N2 NAG J . -31.12 27.71 -34.59
O3 NAG J . -30.77 29.16 -37.09
O4 NAG J . -33.04 30.81 -37.82
O5 NAG J . -34.59 28.15 -35.84
O6 NAG J . -36.79 29.91 -36.15
O7 NAG J . -29.40 28.98 -33.99
C1 BMA J . -32.85 30.62 -39.23
C2 BMA J . -33.34 31.87 -39.97
C3 BMA J . -33.14 31.71 -41.47
C4 BMA J . -31.69 31.33 -41.76
C5 BMA J . -31.31 30.09 -40.97
C6 BMA J . -29.85 29.71 -41.21
O2 BMA J . -32.60 33.01 -39.51
O3 BMA J . -33.46 32.93 -42.13
O4 BMA J . -31.53 31.08 -43.15
O5 BMA J . -31.51 30.32 -39.58
O6 BMA J . -29.55 28.51 -40.50
C1 NAG K . -47.80 -26.33 22.39
C2 NAG K . -48.75 -26.80 23.49
C3 NAG K . -50.12 -27.13 22.91
C4 NAG K . -50.63 -25.88 22.21
C5 NAG K . -49.64 -25.43 21.15
C6 NAG K . -50.10 -24.14 20.47
C7 NAG K . -47.74 -27.79 25.46
C8 NAG K . -48.28 -28.75 26.47
N2 NAG K . -48.20 -27.93 24.22
O3 NAG K . -50.97 -27.52 23.99
O4 NAG K . -51.91 -26.15 21.62
O5 NAG K . -48.34 -25.20 21.71
O6 NAG K . -50.26 -23.12 21.46
O7 NAG K . -46.92 -26.93 25.75
C1 NAG K . -52.96 -25.43 22.29
C2 NAG K . -53.98 -26.41 22.85
C3 NAG K . -55.09 -25.70 23.62
C4 NAG K . -54.47 -24.76 24.65
C5 NAG K . -53.50 -23.81 23.97
C6 NAG K . -52.86 -22.87 24.99
C7 NAG K . -54.09 -28.43 21.51
C8 NAG K . -54.47 -29.50 22.49
N2 NAG K . -54.56 -27.21 21.80
O3 NAG K . -55.91 -26.67 24.28
O4 NAG K . -55.50 -24.02 25.31
O5 NAG K . -52.48 -24.54 23.30
O6 NAG K . -52.01 -21.94 24.29
O7 NAG K . -53.42 -28.65 20.53
C1 NAG L . -37.95 -31.26 -14.15
C2 NAG L . -39.46 -31.22 -13.94
C3 NAG L . -40.19 -31.85 -15.12
C4 NAG L . -39.71 -31.25 -16.45
C5 NAG L . -38.19 -31.25 -16.52
C6 NAG L . -37.68 -30.54 -17.77
C7 NAG L . -41.02 -31.86 -12.21
C8 NAG L . -41.24 -30.95 -11.05
N2 NAG L . -39.80 -31.88 -12.71
O3 NAG L . -41.59 -31.65 -14.95
O4 NAG L . -40.18 -32.06 -17.54
O5 NAG L . -37.61 -30.61 -15.38
O6 NAG L . -38.05 -29.15 -17.72
O7 NAG L . -41.93 -32.54 -12.68
C1 NAG L . -41.39 -31.53 -18.11
C2 NAG L . -41.24 -31.52 -19.64
C3 NAG L . -42.54 -31.44 -20.42
C4 NAG L . -43.68 -32.21 -19.77
C5 NAG L . -43.74 -31.91 -18.28
C6 NAG L . -44.87 -32.68 -17.60
C7 NAG L . -40.81 -29.15 -19.80
C8 NAG L . -41.37 -28.41 -20.98
N2 NAG L . -40.42 -30.39 -20.03
O3 NAG L . -42.30 -31.97 -21.73
O4 NAG L . -44.94 -31.88 -20.38
O5 NAG L . -42.51 -32.30 -17.68
O6 NAG L . -44.65 -34.08 -17.77
O7 NAG L . -40.73 -28.63 -18.70
C1 BMA L . -45.06 -30.46 -20.63
C2 BMA L . -45.58 -30.23 -22.05
C3 BMA L . -45.68 -28.74 -22.34
C4 BMA L . -46.56 -28.10 -21.28
C5 BMA L . -46.03 -28.41 -19.88
C6 BMA L . -46.95 -27.84 -18.80
O2 BMA L . -46.87 -30.84 -22.19
O3 BMA L . -46.25 -28.54 -23.63
O4 BMA L . -46.58 -26.68 -21.48
O5 BMA L . -45.92 -29.82 -19.68
O6 BMA L . -47.51 -26.60 -19.24
C1 MAN L . -48.73 -26.35 -18.51
C2 MAN L . -49.82 -27.32 -18.93
C3 MAN L . -50.30 -27.03 -20.35
C4 MAN L . -50.65 -25.55 -20.50
C5 MAN L . -49.49 -24.69 -20.01
C6 MAN L . -49.83 -23.21 -20.12
O2 MAN L . -50.92 -27.22 -18.01
O3 MAN L . -51.45 -27.83 -20.65
O4 MAN L . -50.93 -25.25 -21.86
O5 MAN L . -49.18 -25.01 -18.65
O6 MAN L . -50.15 -22.89 -21.47
C1 NAG M . -25.64 -39.39 -21.35
C2 NAG M . -24.47 -40.08 -22.00
C3 NAG M . -24.94 -40.84 -23.24
C4 NAG M . -26.14 -41.74 -22.98
C5 NAG M . -27.17 -41.06 -22.07
C6 NAG M . -28.19 -42.05 -21.52
C7 NAG M . -22.96 -39.00 -23.58
C8 NAG M . -23.45 -37.82 -24.37
N2 NAG M . -23.46 -39.11 -22.34
O3 NAG M . -23.86 -41.64 -23.74
O4 NAG M . -26.77 -42.02 -24.25
O5 NAG M . -26.60 -40.38 -20.96
O6 NAG M . -29.36 -41.35 -21.10
O7 NAG M . -22.18 -39.81 -24.03
C1 NAG M . -26.69 -43.42 -24.63
C2 NAG M . -28.02 -43.79 -25.30
C3 NAG M . -28.01 -45.19 -25.92
C4 NAG M . -26.79 -45.37 -26.81
C5 NAG M . -25.54 -45.02 -26.01
C6 NAG M . -24.28 -45.17 -26.85
C7 NAG M . -30.34 -44.04 -24.62
C8 NAG M . -31.13 -43.06 -25.44
N2 NAG M . -29.10 -43.67 -24.34
O3 NAG M . -29.20 -45.36 -26.69
O4 NAG M . -26.74 -46.73 -27.29
O5 NAG M . -25.60 -43.67 -25.52
O6 NAG M . -24.31 -44.26 -27.95
O7 NAG M . -30.81 -45.10 -24.24
C1 BMA M . -26.95 -46.84 -28.72
C2 BMA M . -27.91 -47.97 -29.05
C3 BMA M . -28.11 -48.09 -30.55
C4 BMA M . -28.55 -46.73 -31.10
C5 BMA M . -27.53 -45.67 -30.73
C6 BMA M . -27.95 -44.30 -31.24
O2 BMA M . -29.17 -47.75 -28.41
O3 BMA M . -29.12 -49.07 -30.84
O4 BMA M . -28.65 -46.80 -32.53
O5 BMA M . -27.38 -45.61 -29.31
O6 BMA M . -28.10 -44.36 -32.66
C1 NAG N . -31.88 -25.83 -57.84
C2 NAG N . -32.88 -25.82 -59.00
C3 NAG N . -33.86 -26.98 -58.96
C4 NAG N . -33.11 -28.28 -58.72
C5 NAG N . -32.24 -28.15 -57.47
C6 NAG N . -31.54 -29.47 -57.18
C7 NAG N . -34.73 -24.36 -58.34
C8 NAG N . -34.62 -24.48 -56.85
N2 NAG N . -33.61 -24.56 -59.04
O3 NAG N . -34.56 -27.06 -60.20
O4 NAG N . -34.05 -29.35 -58.54
O5 NAG N . -31.28 -27.12 -57.67
O6 NAG N . -30.80 -29.90 -58.33
O7 NAG N . -35.78 -24.08 -58.88
C1 NAG O . -31.33 9.87 -52.51
C2 NAG O . -31.09 10.46 -53.91
C3 NAG O . -31.66 11.88 -54.01
C4 NAG O . -33.10 11.89 -53.54
C5 NAG O . -33.19 11.31 -52.13
C6 NAG O . -34.62 11.31 -51.63
C7 NAG O . -29.10 9.60 -55.01
C8 NAG O . -28.25 10.16 -56.10
N2 NAG O . -29.67 10.50 -54.22
O3 NAG O . -31.60 12.31 -55.37
O4 NAG O . -33.59 13.24 -53.52
O5 NAG O . -32.69 9.97 -52.13
O6 NAG O . -35.16 12.64 -51.70
O7 NAG O . -29.26 8.40 -54.85
C1 NAG P . 43.82 -3.83 -51.20
C2 NAG P . 43.31 -5.25 -51.36
C3 NAG P . 44.40 -6.27 -51.05
C4 NAG P . 45.66 -5.94 -51.82
C5 NAG P . 46.08 -4.50 -51.55
C6 NAG P . 47.34 -4.13 -52.31
C7 NAG P . 42.09 -5.06 -49.24
C8 NAG P . 42.76 -5.92 -48.22
N2 NAG P . 42.15 -5.49 -50.51
O3 NAG P . 43.94 -7.58 -51.42
O4 NAG P . 46.72 -6.82 -51.42
O5 NAG P . 45.03 -3.62 -51.94
O6 NAG P . 47.71 -2.78 -52.00
O7 NAG P . 41.53 -4.02 -48.95
C1 NAG Q . 29.11 -29.17 -36.53
C2 NAG Q . 30.16 -28.52 -35.63
C3 NAG Q . 31.40 -28.18 -36.43
C4 NAG Q . 31.88 -29.40 -37.19
C5 NAG Q . 30.75 -30.01 -38.01
C6 NAG Q . 31.21 -31.28 -38.73
C7 NAG Q . 30.18 -26.14 -35.13
C8 NAG Q . 29.75 -25.31 -36.30
N2 NAG Q . 29.59 -27.32 -35.03
O3 NAG Q . 32.43 -27.74 -35.55
O4 NAG Q . 32.95 -29.02 -38.08
O5 NAG Q . 29.64 -30.32 -37.17
O6 NAG Q . 30.16 -31.75 -39.57
O7 NAG Q . 31.03 -25.77 -34.33
C1 NAG R . 12.19 -34.78 -40.47
C2 NAG R . 13.42 -34.68 -41.37
C3 NAG R . 13.17 -35.34 -42.71
C4 NAG R . 12.60 -36.74 -42.52
C5 NAG R . 11.38 -36.69 -41.62
C6 NAG R . 10.79 -38.07 -41.42
C7 NAG R . 13.88 -32.72 -42.74
C8 NAG R . 12.60 -32.20 -43.34
N2 NAG R . 13.76 -33.28 -41.54
O3 NAG R . 14.40 -35.43 -43.44
O4 NAG R . 12.22 -37.27 -43.80
O5 NAG R . 11.73 -36.12 -40.36
O6 NAG R . 10.50 -38.66 -42.69
O7 NAG R . 14.95 -32.64 -43.32
C1 NAG S . 29.62 29.94 49.49
C2 NAG S . 28.12 29.85 49.26
C3 NAG S . 27.47 31.04 49.96
C4 NAG S . 27.87 31.05 51.43
C5 NAG S . 29.39 30.99 51.59
C6 NAG S . 29.77 30.85 53.07
C7 NAG S . 26.49 29.68 47.46
C8 NAG S . 25.63 28.73 48.24
N2 NAG S . 27.76 29.78 47.86
O3 NAG S . 26.04 30.97 49.87
O4 NAG S . 27.37 32.24 52.05
O5 NAG S . 29.94 29.89 50.88
O6 NAG S . 29.36 29.56 53.54
O7 NAG S . 26.05 30.31 46.52
C1 NAG T . 31.32 1.88 43.69
C2 NAG T . 32.32 2.99 43.35
C3 NAG T . 31.92 4.30 43.98
C4 NAG T . 30.49 4.63 43.58
C5 NAG T . 29.55 3.48 43.95
C6 NAG T . 28.13 3.78 43.50
C7 NAG T . 33.96 2.50 45.07
C8 NAG T . 34.91 3.56 45.59
N2 NAG T . 33.66 2.61 43.78
O3 NAG T . 32.79 5.34 43.52
O4 NAG T . 30.06 5.83 44.23
O5 NAG T . 29.98 2.26 43.35
O6 NAG T . 27.71 5.04 44.03
O7 NAG T . 33.53 1.62 45.77
C1 NAG U . 56.27 27.44 -21.43
C2 NAG U . 57.56 28.02 -22.01
C3 NAG U . 57.35 29.39 -22.63
C4 NAG U . 56.12 29.40 -23.52
C5 NAG U . 54.93 28.90 -22.71
C6 NAG U . 53.64 29.00 -23.52
C7 NAG U . 58.35 28.60 -19.80
C8 NAG U . 58.90 27.82 -18.64
N2 NAG U . 58.58 28.09 -21.00
O3 NAG U . 58.50 29.73 -23.42
O4 NAG U . 55.85 30.73 -23.97
O5 NAG U . 55.17 27.55 -22.32
O6 NAG U . 52.52 28.74 -22.65
O7 NAG U . 57.72 29.64 -19.64
C1 NAG V . 29.77 47.52 -8.34
C2 NAG V . 29.69 48.49 -9.52
C3 NAG V . 29.78 49.94 -9.04
C4 NAG V . 28.76 50.18 -7.93
C5 NAG V . 28.95 49.16 -6.82
C6 NAG V . 27.94 49.39 -5.70
C7 NAG V . 31.33 49.11 -11.23
C8 NAG V . 30.70 49.25 -12.59
N2 NAG V . 30.76 48.19 -10.44
O3 NAG V . 29.50 50.83 -10.13
O4 NAG V . 28.95 51.50 -7.40
O5 NAG V . 28.81 47.83 -7.33
O6 NAG V . 28.51 49.01 -4.45
O7 NAG V . 32.27 49.79 -10.86
C1 NAG W . 26.32 49.46 9.61
C2 NAG W . 26.78 50.30 10.80
C3 NAG W . 25.68 50.36 11.86
C4 NAG W . 24.37 50.81 11.23
C5 NAG W . 24.04 49.97 10.00
C6 NAG W . 22.77 50.45 9.33
C7 NAG W . 29.18 50.28 11.12
C8 NAG W . 29.20 51.77 10.98
N2 NAG W . 27.99 49.75 11.38
O3 NAG W . 26.06 51.28 12.88
O4 NAG W . 23.31 50.70 12.17
O5 NAG W . 25.12 50.01 9.06
O6 NAG W . 21.69 50.41 10.28
O7 NAG W . 30.18 49.60 11.02
C1 NAG X . -7.15 68.82 4.35
C2 NAG X . -6.11 68.04 3.54
C3 NAG X . -4.67 68.29 3.99
C4 NAG X . -4.41 69.76 4.21
C5 NAG X . -5.46 70.31 5.17
C6 NAG X . -5.19 71.79 5.46
C7 NAG X . -5.41 65.69 3.58
C8 NAG X . -5.20 64.94 4.85
N2 NAG X . -6.37 66.61 3.62
O3 NAG X . -3.77 67.81 2.97
O4 NAG X . -3.10 69.93 4.78
O5 NAG X . -6.74 70.17 4.59
O6 NAG X . -5.27 72.53 4.25
O7 NAG X . -4.75 65.49 2.58
C1 NAG Y . -23.14 53.94 -22.44
C2 NAG Y . -24.35 54.86 -22.62
C3 NAG Y . -24.75 55.11 -24.06
C4 NAG Y . -23.53 55.42 -24.91
C5 NAG Y . -22.52 54.28 -24.75
C6 NAG Y . -21.30 54.50 -25.63
C7 NAG Y . -26.23 53.34 -22.47
C8 NAG Y . -27.72 53.53 -22.37
N2 NAG Y . -25.50 54.30 -21.92
O3 NAG Y . -25.66 56.22 -24.12
O4 NAG Y . -23.91 55.51 -26.29
O5 NAG Y . -22.11 54.24 -23.39
O6 NAG Y . -21.72 54.70 -26.98
O7 NAG Y . -25.73 52.38 -23.03
C1 NAG Z . -48.08 16.37 34.72
C2 NAG Z . -48.54 17.82 34.59
C3 NAG Z . -47.38 18.73 34.20
C4 NAG Z . -46.20 18.51 35.12
C5 NAG Z . -45.83 17.04 35.16
C6 NAG Z . -44.66 16.78 36.10
C7 NAG Z . -49.69 17.26 32.48
C8 NAG Z . -48.56 17.46 31.52
N2 NAG Z . -49.62 17.96 33.62
O3 NAG Z . -47.81 20.10 34.28
O4 NAG Z . -45.08 19.26 34.66
O5 NAG Z . -46.95 16.25 35.59
O6 NAG Z . -44.19 15.45 35.91
O7 NAG Z . -50.62 16.52 32.25
C1 NAG AA . -14.87 23.72 42.76
C2 NAG AA . -14.78 23.06 44.13
C3 NAG AA . -13.83 23.80 45.05
C4 NAG AA . -12.50 24.04 44.35
C5 NAG AA . -12.73 24.73 43.00
C6 NAG AA . -11.41 24.94 42.28
C7 NAG AA . -16.30 22.48 45.94
C8 NAG AA . -16.62 21.02 46.00
N2 NAG AA . -16.10 22.97 44.72
O3 NAG AA . -13.60 23.04 46.24
O4 NAG AA . -11.66 24.86 45.17
O5 NAG AA . -13.58 23.93 42.19
O6 NAG AA . -11.61 25.78 41.14
O7 NAG AA . -16.22 23.17 46.94
C1 NAG BA . -5.87 39.79 35.18
C2 NAG BA . -5.81 40.76 36.37
C3 NAG BA . -4.86 41.90 36.05
C4 NAG BA . -3.50 41.33 35.64
C5 NAG BA . -3.67 40.34 34.49
C6 NAG BA . -2.32 39.73 34.10
C7 NAG BA . -7.43 42.55 36.69
C8 NAG BA . -8.20 43.09 35.53
N2 NAG BA . -7.15 41.25 36.63
O3 NAG BA . -4.68 42.71 37.22
O4 NAG BA . -2.65 42.40 35.23
O5 NAG BA . -4.57 39.29 34.85
O6 NAG BA . -1.45 40.76 33.65
O7 NAG BA . -7.10 43.25 37.63
C1 NAG CA . 10.82 -59.24 -18.25
C2 NAG CA . 11.32 -58.98 -19.67
C3 NAG CA . 12.83 -58.92 -19.75
C4 NAG CA . 13.37 -57.96 -18.71
C5 NAG CA . 12.84 -58.33 -17.34
C6 NAG CA . 13.39 -57.40 -16.27
C7 NAG CA . 10.97 -61.28 -20.43
C8 NAG CA . 9.97 -62.16 -21.12
N2 NAG CA . 10.80 -59.97 -20.60
O3 NAG CA . 13.23 -58.50 -21.06
O4 NAG CA . 14.80 -58.02 -18.71
O5 NAG CA . 11.41 -58.30 -17.34
O6 NAG CA . 13.36 -56.05 -16.73
O7 NAG CA . 11.88 -61.74 -19.77
C1 NAG DA . 27.25 -55.40 13.58
C2 NAG DA . 28.47 -56.33 13.62
C3 NAG DA . 28.52 -57.09 14.94
C4 NAG DA . 28.40 -56.12 16.11
C5 NAG DA . 27.16 -55.24 15.94
C6 NAG DA . 27.04 -54.25 17.09
C7 NAG DA . 28.62 -58.55 12.62
C8 NAG DA . 27.39 -59.40 12.57
N2 NAG DA . 28.41 -57.24 12.49
O3 NAG DA . 29.77 -57.79 15.04
O4 NAG DA . 28.29 -56.86 17.33
O5 NAG DA . 27.22 -54.53 14.71
O6 NAG DA . 27.01 -54.96 18.34
O7 NAG DA . 29.74 -59.01 12.77
C1 NAG EA . -29.20 -47.02 67.48
C2 NAG EA . -27.92 -47.03 68.32
C3 NAG EA . -26.70 -46.93 67.42
C4 NAG EA . -26.77 -47.97 66.31
C5 NAG EA . -28.10 -47.87 65.58
C6 NAG EA . -28.19 -48.93 64.47
C7 NAG EA . -28.33 -46.11 70.52
C8 NAG EA . -27.25 -46.48 71.49
N2 NAG EA . -27.93 -45.93 69.26
O3 NAG EA . -25.52 -47.12 68.19
O4 NAG EA . -25.70 -47.76 65.39
O5 NAG EA . -29.18 -48.05 66.49
O6 NAG EA . -28.19 -50.23 65.06
O7 NAG EA . -29.50 -45.96 70.86
C1 NAG FA . 13.65 -49.78 59.20
C2 NAG FA . 15.13 -49.74 59.54
C3 NAG FA . 15.54 -50.91 60.43
C4 NAG FA . 14.57 -51.06 61.59
C5 NAG FA . 13.14 -51.13 61.08
C6 NAG FA . 12.15 -51.30 62.23
C7 NAG FA . 17.24 -49.81 58.34
C8 NAG FA . 17.96 -48.55 58.72
N2 NAG FA . 15.91 -49.72 58.32
O3 NAG FA . 16.85 -50.67 60.95
O4 NAG FA . 14.88 -52.25 62.33
O5 NAG FA . 12.83 -49.95 60.36
O6 NAG FA . 10.81 -51.29 61.72
O7 NAG FA . 17.82 -50.84 58.05
C1 NAG GA . -0.58 -6.20 75.33
C2 NAG GA . 0.22 -4.95 74.99
C3 NAG GA . 1.71 -5.20 75.15
C4 NAG GA . 1.98 -5.77 76.53
C5 NAG GA . 1.13 -7.01 76.76
C6 NAG GA . 1.37 -7.59 78.15
C7 NAG GA . -0.05 -5.31 72.59
C8 NAG GA . -1.25 -5.23 71.68
N2 NAG GA . -0.08 -4.50 73.64
O3 NAG GA . 2.41 -3.96 74.99
O4 NAG GA . 3.37 -6.12 76.64
O5 NAG GA . -0.25 -6.70 76.63
O6 NAG GA . 2.78 -7.75 78.36
O7 NAG GA . 0.88 -6.07 72.38
#